data_5OA1
#
_entry.id   5OA1
#
loop_
_entity.id
_entity.type
_entity.pdbx_description
1 polymer 'DNA-directed RNA polymerase I subunit RPA190'
2 polymer 'DNA-directed RNA polymerase I subunit RPA135'
3 polymer 'DNA-directed RNA polymerases I and III subunit RPAC1'
4 polymer 'DNA-directed RNA polymerase I subunit RPA14'
5 polymer 'DNA-directed RNA polymerases I, II, and III subunit RPABC1'
6 polymer 'DNA-directed RNA polymerases I, II, and III subunit RPABC2'
7 polymer 'DNA-directed RNA polymerase I subunit RPA43'
8 polymer 'DNA-directed RNA polymerases I, II, and III subunit RPABC3'
9 polymer 'DNA-directed RNA polymerase I subunit RPA12'
10 polymer 'DNA-directed RNA polymerases I, II, and III subunit RPABC5'
11 polymer 'DNA-directed RNA polymerases I and III subunit RPAC2'
12 polymer 'DNA-directed RNA polymerases I, II, and III subunit RPABC4'
13 polymer 'DNA-directed RNA polymerase I subunit RPA49'
14 polymer 'DNA-directed RNA polymerase I subunit RPA34'
15 polymer 'RNA polymerase I-specific transcription initiation factor RRN3'
16 polymer 'DNA (49-MER)'
17 polymer 'DNA (56-MER)'
18 polymer 'RNA polymerase I-specific transcription initiation factor RRN7'
19 polymer 'RNA polymerase I-specific transcription initiation factor RRN6'
20 polymer 'RNA polymerase I-specific transcription initiation factor RRN11'
21 polymer ALA-ALA-ALA-ALA-ALA-ALA-ALA-ALA-ALA-ALA-ALA-ALA-ALA
22 polymer ALA-ALA-ALA-ALA-ALA-ALA-ALA-ALA-ALA-ALA-ALA-ALA-ALA-ALA-ALA-ALA-ALA-ALA-ALA
23 polymer ALA-ALA-ALA-ALA-ALA-ALA-ALA-ALA-ALA
24 polymer ALA-ALA-ALA-ALA-ALA-ALA-ALA-ALA-ALA-ALA-ALA-ALA-ALA-ALA-ALA-ALA-ALA-ALA-ALA-ALA-ALA-ALA-ALA-ALA
25 polymer ALA-ALA-ALA-ALA-ALA-ALA-ALA-ALA-ALA-ALA-ALA-ALA-ALA-ALA-ALA-ALA
26 polymer ALA-ALA-ALA-ALA-ALA-ALA-ALA-ALA-ALA-ALA
27 polymer ALA-ALA-ALA-ALA-ALA-ALA-ALA-ALA-ALA-ALA-ALA-ALA-ALA-ALA-ALA-ALA-ALA-ALA-ALA-ALA-ALA-ALA-ALA-ALA-ALA
28 polymer ALA-ALA-ALA-ALA-ALA-ALA-ALA-ALA-ALA-ALA-ALA-ALA-ALA-ALA-ALA-ALA-ALA-ALA-ALA-ALA-ALA-ALA
29 polymer ALA-ALA-ALA-ALA-ALA-ALA-ALA-ALA-ALA-ALA-ALA-ALA-ALA-ALA-ALA
30 polymer ALA-ALA-ALA-ALA-ALA-ALA-ALA-ALA-ALA-ALA-ALA-ALA
31 polymer ALA-ALA-ALA-ALA-ALA-ALA-ALA-ALA-ALA-ALA-ALA-ALA-ALA-ALA-ALA-ALA-ALA-ALA-ALA-ALA-ALA
32 non-polymer 'ZINC ION'
#
loop_
_entity_poly.entity_id
_entity_poly.type
_entity_poly.pdbx_seq_one_letter_code
_entity_poly.pdbx_strand_id
1 'polypeptide(L)'
;MDISKPVGSEITSVDFGILTAKEIRNLSAKQITNPTVLDNLGHPVSGGLYDLALGAFLRNLCSTCGLDEKFCPGHQGHIE
LPVPCYNPLFFNQLYIYLRASCLFCHHFRLKSVEVHRYACKLRLLQYGLIDESYKLDEITLGSLNSSMYTDDEAIEDNED
EMDGEGSKQSKDISSTLLNELKSKRSEYVDMAIAKALSDGRTTERGSFTATVNDERKKLVHEFHKKLLSRGKCDNCGMFS
PKFRKDGFTKIFETALNEKQITNNRVKGFIRQDMIKKQKQAKKLDGSNEASANDEESFDVGRNPTTRPKTGSTYILSTEV
KNILDTVFRKEQCVLQYVFHSRPNLSRKLVKADSFFMDVLVVPPTRFRLPSKLGEEVHENSQNQLLSKVLTTSLLIRDLN
DDLSKLQKDKVSLEDRRVIFSRLMNAFVTIQNDVNAFIDSTKAQGRTSGKVPIPGVKQALEKKEGLFRKHMMGKRVNYAA
RSVISPDPNIETNEIGVPPVFAVKLTYPEPVTAYNIAELRQAVINGPDKWPGATQIQNEDGSLVSLIGMSVEQRKALANQ
LLTPSSNVSTHTLNKKVYRHIKNRDVVLMNRQPTLHKASMMGHKVRVLPNEKTLRLHYANTGAYNADFDGDEMNMHFPQN
ENARAEALNLANTDSQYLTPTSGSPVRGLIQDHISAGVWLTSKDSFFTREQYQQYIYGCIRPEDGHTTRSKIVTLPPTIF
KPYPLWTGKQIITTVLLNVTPPDMPGINLISKNKIKNEYWGKGSLENEVLFKDGALLCGILDKSQYGASKYGIVHSLHEV
YGPEVAAKVLSVLGRLFTNYITATAFTCGMDDLRLTAEGNKWRTDILKTSVDTGREAAAEVTNLDKDTPADDPELLKRLQ
EILRDNNKSGILDAVTSSKVNAITSQVVSKCVPDGTMKKFPCNSMQAMALSGAKGSNVNVSQIMCLLGQQALEGRRVPVM
VSGKTLPSFKPYETDAMAGGYVKGRFYSGIKPQEYYFHCMAGREGLIDTAVKTSRSGYLQRCLTKQLEGVHVSYDNSIRD
ADGTLVQFMYGGDAIDITKESHMTQFEFCLDNYYALLKKYNPSALIEHLDVESALKYSKKTLKYRKKHSKEPHYKQSVKY
DPVLAKYNPAKYLGSVSENFQDKLESFLDKNSKLFKSSDGVNEKKFRALMQLKYMRSLINPGEAVGIIASQSVGEPSTQM
TLNTFHFAGHGAANVTLGIPRLREIVMTASAAIKTPQMTLPIWNDVSDEQADTFCKSISKVLLSEVIDKVIVTETTGTSN
TAGGNAARSYVIHMRFFDNNEYSEEYDVSKEELQNVISNQFIHLLEAAIVKEIKKQKRTTGPDIGVAVPRLQTDVANSSS
NSKRLEEDNDEEQSHKKTKQAVSYDEPDEDEIETMREAEKSSDEEGIDSDKESDSDSEDEDVDMNEQINKSIVEANNNMN
KVQRDRQSAIISHHRFITKYNFDDESGKWCEFKLELAADTEKLLMVNIVEEICRKSIIRQIPHIDRCVHPEPENGKRVLV
TEGVNFQAMWDQEAFIDVDGITSNDVAAVLKTYGVEAARNTIVNEINNVFSRYAISVSFRHLDLIADMMTRQGTYLAFNR
QGMETSTSSFMKMSYETTCQFLTKAVLDNEREQLDSPSARIVVGKLNNVGTGSFDVLAKVPNAA
;
A
2 'polypeptide(L)'
;MSKVIKPPGQARTADFRTLERESRFINPPKDKSAFPLLQEAVQPHIGSFNALTEGPDGGLLNLGVKDIGEKVIFDGKPLN
SEDEISNSGYLGNKLSVSVEQVSIAKPMSNDGVSSAVERKVYPSESRQRLTSYRGKLLLKLKWSVNNGEENLFEVRDCGG
LPVMLQSNRCHLNKMSPYELVQHKEESDEIGGYFIVNGIEKLIRMLIVQRRNHPMAIIRPSFANRGASYSHYGIQIRSVR
PDQTSQTNVLHYLNDGQVTFRFSWRKNEYLVPVVMILKALCHTSDREIFDGIIGNDVKDSFLTDRLELLLRGFKKRYPHL
QNRTQVLQYLGDKFRVVFQASPDQSDLEVGQEVLDRIVLVHLGKDGSQDKFRMLLFMIRKLYSLVAGECSPDNPDATQHQ
EVLLGGFLYGMILKEKIDEYLQNIIAQVRMDINRGMAINFKDKRYMSRVLMRVNENIGSKMQYFLSTGNLVSQSGLDLQQ
VSGYTVVAEKINFYRFISHFRMVHRGSFFAQLKTTTVRKLLPESWGFLCPVHTPDGSPCGLLNHFAHKCRISTQQSDVSR
IPSILYSLGVAPASHTFAAGPSLCCVQIDGKIIGWVSHEQGKIIADTLRYWKVEGKTPGLPIDLEIGYVPPSTRGQYPGL
YLFGGHSRMLRPVRYLPLDKEDIVGPFEQVYMNIAVTPQEIQNNVHTHVEFTPTNILSILANLTPFSDFNQSPRNMYQCQ
MGKQTMGTPGVALCHRSDNKLYRLQTGQTPIVKANLYDDYGMDNFPNGFNAVVAVISYTGYDMDDAMIINKSADERGFGY
GTMYKTEKVDLALNRNRGDPITQHFGFGNDEWPKEWLEKLDEDGLPYIGTYVEEGDPICAYFDDTLNKTKIKTYHSSEPA
YIEEVNLIGDESNKFQELQTVSIKYRIRRTPQIGDKFSSRHGQKGVCSRKWPTIDMPFSETGIQPDIIINPHAFPSRMTI
GMFVESLAGKAGALHGIAQDSTPWIFNEDDTPADYFGEQLAKAGYNYHGNEPMYSGATGEELRADIYVGVVYYQRLRHMV
NDKFQVRSTGPVNSLTMQPVKGRKRHGGIRVGEMERDALIGHGTSFLLQDRLLNSSDYTQASVCRECGSILTTQQSVPRI
GSISTVCCRRCSMRFEDAKKLLTKSEDGEKIFIDDSQIWEDGQGNKFVGGNETTTVAIPFVLKYLDSELSAMGIRLRYNV
EPK
;
B
3 'polypeptide(L)'
;MSNIVGIEYNRVTNTTSTDFPGFSKDAENEWNVEKFKKDFEVNISSLDAREANFDLINIDTSIANAFRRIMISEVPSVAA
EYVYFFNNTSVIQDEVLAHRIGLVPLKVDPDMLTWVDSNLPDDEKFTDENTIVLSLNVKCTRNPDAPKGSTDPKELYNNA
HVYARDLKFEPQGRQSTTFADCPVVPADPDILLAKLRPGQEISLKAHCILGIGGDHAKFSPVSTASYRLLPQINILQPIK
GESARRFQKCFPPGVIGIDEGSDEAYVKDARKDTVSREVLRYEEFADKVKLGRVRNHFIFNVESAGAMTPEEIFFKSVRI
LKNKAEYLKNCPITQ
;
C
4 'polypeptide(L)'
;MMKGSRRTGNNTATTLNTPVVIHATQLPQHVSTDEVLQFLESFIDEKENIIDSTTMNTISGNAADADAAAVANTSLNIDT
NLSSSISQLKRIQRDFKGLPPAQDFSAAPIQVSTTEKKETSIGVSATGGKKTTFADE
;
D
5 'polypeptide(L)'
;MDQENERNISRLWRAFRTVKEMVKDRGYFITQEEVELPLEDFKAKYCDSMGRPQRKMMSFQANPTEESISKFPDMGSLWV
EFCDEPSVGVKTMKTFVIHIQEKNFQTGIFVYQNNITPSAMKLVPSIPPATIETFNEAALVVNITHHELVPKHIRLSSDE
KRELLKRYRLKESQLPRIQRADPVALYLGLKRGEVVKIIRKSETSGRYASYRICM
;
E
6 'polypeptide(L)'
;MSDYEEAFNDGNENFEDFDVEHFSDEETYEEKPQFKDGETTDANGKTIVTGGNGPEDFQQHEQIRRKTLKEKAIPKDQRA
TTPYMTKYERARILGTRALQISMNAPVFVDLEGETDPLRIAMKELAEKKIPLVIRRYLPDGSFEDWSVEELIVDL
;
F
7 'polypeptide(L)'
;MSQVKRANENRETARFIKKHKKQVTNPIDEKNGTSNCIVRVPIALYVSLAPMYLENPLQGVMKQHLNPLVMKYNNKVGGV
VLGYEGLKILDADPLSKEDTSEKLIKITPDTPFGFTWCHVNLYVWQPQVGDVLEGYIFIQSASHIGLLIHDAFNASIKKN
NIPVDWTFVHNDVEEDADVINTDENNGNNNNEDNKDSNGGSNSLGKFSFGNRSLGHWVDSNGEPIDGKLRFTVRNVHTTG
RVVSVDGTLISDADEEGNGYNSSRSQAESLPIVSNKKIVFDDEVSIENKESHKELDLPEVKEDNGSEIVYEENTSESNDG
ESSDSD
;
G
8 'polypeptide(L)'
;MSNTLFDDIFQVSEVDPGRYNKVCRIEAASTTQDQCKLTLDINVELFPVAAQDSLTVTIASSLNLEDTPANDSSATRSWR
PPQAGDRSLADDYDYVMYGTAYKFEEVSKDLIAVYYSFGGLLMRLEGNYRNLNNLKQENAYLLIRR
;
H
9 'polypeptide(L)'
;MSVVGSLIFCLDCGDLLENPNAVLGSNVECSQCKAIYPKSQFSNLKVVTTTADDAFPSSLRAKKSVVKTSLKKNELKDGA
TIKEKCPQCGNEEMNYHTLQLRSADEGATVFYTCTSCGYKFRTNN
;
I
10 'polypeptide(L)' MIVPVRCFSCGKVVGDKWESYLNLLQEDELDEGTALSRLGLKRYCCRRMILTHVDLIEKFLRYNPLEKRD J
11 'polypeptide(L)'
;MTEDIEQKKTATEVTPQEPKHIQEEEEQDVDMTGDEEQEEEPDREKIKLLTQATSEDGTSASFQIVEEDHTLGNALRYVI
MKNPDVEFCGYSIPHPSENLLNIRIQTYGETTAVDALQKGLKDLMDLCDVVESKFTEKIKSM
;
K
12 'polypeptide(L)' MSREGFQIPTNLDAAAAGTSQARTATLKYICAECSSKLSLSRTDAVRCKDCGHRILLKARTKRLVQFEAR L
13 'polypeptide(L)'
;MSVKRSVSEIEIESVQDQPSVAVGSFFKGFRAPSDTTFDLYKKKKSEKDEFVLHGENERLEYEGYTDSSSQASNQYVVGL
FNPEKKSIQLYKAPVLVSKVVSKSSKNLRGPKIKSKSDTRPSALRNALGEAFGTKKAKKAIADLERNRIDSDKLTDSAID
IVDSVRTASKDLPTRAQLDEITSNDRPTPLANIDATDVEQIYPIESIIPKKELQFIRVSSILKEADKEKKLELFPYQNNS
KYVAKKLDSLTQPSQMTKLQLLYYLSLLLGVYENRRVNNKTKLLERLNSPPEILVDGILSRFTVIKPGQFGRSKDRSYFI
DPQNEDKILCYILAIIMHLDNFIVEITPLAHELNLKPSKVVSLFRVLGAIVKGATVAQAEAFGIPKSTAASYKIATMKVP
FKLPEMTRRGRGPRR
;
M
14 'polypeptide(L)'
;MSKLSKDYVSDSDSDDEVISNEFSIPDGFKKCKHLKNFPLNGDNKKKAKQQQVWLIKFPSNVDISKLKSLPVDFESSTTM
TIDKHDYKIMDDTDIESSLTQDNLSNMTLLVPSESKESLKIASTAKDNAPLQFDKVFSVSETAKIPAIDYSKVRVPRKDV
PKVEGLKLEHFATGYDAEDFHVAEEVKENKKEPKKRSHHDDEEESSEKKKKKKEKREKREKKDKKDKKKKHRD
;
N
15 'polypeptide(L)'
;MMAFENTSKRPPQDFVAPIDQKKRKVQFSDSTGLVTLQPEEIKDEVFSAAMYSRFVKSALDDLDKNDSTQIGIIANQVAL
PSKNPERINDKNLNILLDILSSNINRIESSRGTFLIQSIINFEKWWELPPHTLSKYIYFIKILCSSIPKWWQDVSMILVS
CFILPIKQTVCHHDMLKYFLRMIPSSMGFIDTYLAKFFPNKNDTRRKLVNYTSNLLKLRGYCSELGFQIWSLLIEKIISI
DVELQNELDELDDDVDDDDLEEVDLEDDDDLDDDSGDDDDENCGNSNEELRSGAADGSQSDSEDMDIIEGMDGTEEYNVE
LTQGIKELSTKLDSILTLVSTHVEEQVTPESLESGEGVGVFNTLTTLFKTHVLPTYYTRSIQYIMFHVSQQQLELMDSFL
VTLIDISFAVNEAAEKKIKSLQYLGSYIARAKKLSRTQIIFVASYLTSWLNRYVIEREEEVDQRGGMERFKHFYAAFQAL
CYIFCFRHNIFRDTDGNWECELDKFFQRMVISKFNPLKFCNENVMLMFARIAQQESVAYCFSIIENNNNERLRGIIGKAD
SDKKENSAQANTTSSSWSLATRQQFIDLQSYFPYDPLFLKNYKILMKEYYIEWSEASGEYESDGSDD
;
O
16 'polydeoxyribonucleotide'
;(DG)(DG)(DT)(DT)(DT)(DA)(DG)(DT)(DC)(DA)(DT)(DG)(DG)(DA)(DG)(DT)(DA)(DC)(DA)(DA)
(DG)(DT)(DG)(DT)(DG)(DA)(DG)(DG)(DA)(DA)(DA)(DA)(DG)(DT)(DA)(DG)(DT)(DT)(DG)(DG)
(DC)(DG)(DT)(DA)(DG)(DC)(DA)(DG)(DG)(DA)(DG)(DA)(DA)(DG)(DT)(DA)(DA)(DA)(DG)(DC)
(DA)(DG)(DT)(DT)(DG)(DA)(DA)(DG)(DA)(DC)
;
S
17 'polydeoxyribonucleotide'
;(DG)(DT)(DC)(DT)(DT)(DC)(DA)(DA)(DC)(DT)(DG)(DC)(DT)(DT)(DT)(DC)(DG)(DC)(DA)(DT)
(DG)(DA)(DA)(DG)(DT)(DA)(DC)(DC)(DT)(DC)(DC)(DC)(DA)(DA)(DC)(DT)(DA)(DC)(DT)(DT)
(DT)(DT)(DC)(DC)(DT)(DC)(DA)(DC)(DA)(DC)(DT)(DT)(DG)(DT)(DA)(DC)(DT)(DC)(DC)(DA)
(DT)(DG)(DA)(DC)(DT)(DA)(DA)(DA)(DC)(DC)
;
T
18 'polypeptide(L)'
;MSTFIRGPICGTDNCPSRLWRIIDGRRTCQYGHVMEGDVEFNDDEDDLNGLGAGVITRRLNLTTNATGSFQSSQLTNSQL
LQQQQRQSHKKFKKLIGHEAKLLFLKSFQFILKRQIRWLITEMRFPKEFEHVAKIIWLKILKTINDQPQEELKLQLHMTS
TISILYLASTHLSLPVYTCDYIKWICTAKMPYFQASEILPKSWRIQLPNYYVSILEGSISPFNGQLYNKIALTCGMIHFK
EFFNSEISCQGLLLKLVMQCALPPEFYFYTKQVIEFEETDIRNLTLWERTDERHTGRVSNHAELRVLSYFMLTINWMLSF
DRDRQYPLKWILSLTESLTQRTTTSESIGRNIVKVVYPDKPTSSDYFQWSEEETLEFLKWMEKQFLPTQTKSLHNENGSM
EMTIDQKIARRKLYKIFPLDREANHDGEFNDSTHQLTFIEDLQERYAKQTPFFESNKIRDSLNYQEANPPARKEAIGRLL
THIASQLLVDFAISKEQLKDCISRIKNACLHRMN
;
U
19 'polypeptide(L)'
;MSEGQIPSSDVLGSQLGVGVQGASLYCPQENYTTKKQEKPQWLRPVDDTLAEDALDLHIVVKSLLCDTAIRYISDDKVLQ
ESDADDDLITSDIDEDTDNQGDTSIVVNPVIPVVPKDVHFFKKVDVGNDSMFGVNCDTPVSFQDYIPSDLLRNLDDTLQE
STNSSRPMQDAFFWDPTVANRLDSQYIQTASDLRNYRDGTEIIAYASGKTGSVLNIAVLTRQNTLHLNRHNNVTSIELHS
PIKSIKIPGASESIGRRSNLVGIITENSFQIFRIESVHSRSCDVMVSSSEPLYFVEIDDLQVVDFAFNPWDLQQFAIIDI
KGNWSIGRIPKNFNNNNKRKLQLIDNLHGTIFDPEELSSWKRIEWFSHFQKILVFDRSKMIEIDFMNNWQTEVVQAKAWS
NIRDYKRIDDKNGILLTSREIIIVGASESNDPVRRISWKHDLDPDDTTLRITVQKVKKPDHILLVAFVYSMRHKRIYMHV
FSHRKANLFQSLGCSTVLEIPGGTPTGIETILTLDHIDDESRREEDADENFELVVDFLVKLRNSSEVYYYALSNTQNSEP
NKQETPIIVDHPEWASLFNNADEREKESIGALVSQIKLKERERISRVQNLIEHENSHDEDKYLQDLGYRLSIATNELLES
WQKTKDESILSGSLSHSKLKNLLENSDSFASIPEFSSLLDQFFQYYQDQDVTFIGFEKLLHLFLHEDVPGLDIFYNKLLQ
CWVLVSPQAELLTKEIVKDIIWSLARLEKPSLFEPIQNEISRSLSGPYQDIISSWDMDDINEEDESNEFNFDSQFSAPFN
GRPPFNLNSQSQIPTIKSSQSSGLARRKRILKTQSQKATPLSQSTQNLSVLPDSMTPAFTLMQPPSSQISFVNDSQPRNS
QKAKKKKKRIRGFG
;
V
20 'polypeptide(L)'
;MFEVPITLTNRKFAQRRKLKYQYINYISRRFDRISKKSTTTDSLPTPENSAAENNDEEEGQNSEAGTYRRSVLQQKKRRR
ERHWRSVVGEIYSTTESETDSQEEETEEGGEHDTGIDKEDSDEERKFWKKYEKPEKSFEIWRTVSSQNKQPINKQKMTYH
NFKKIEKIPLRKMEIPLLHCTKENKLYFQSISRGLEPLKTSTSEVRNYRTRHIVTLTDLLHLNVSRHNWSLAYKIFATLI
RIPGVQIKSLWGIGVEILDNLSNSSSGLDFLQWMCQIYSSKSRFVQNINYRSIVPPFQTGSRTHTAKFAITYLWSSLINC
QKSMEPSSNIIDKPFDTENDLLQELIDKISEWVLTPPFMEDAEVWFIYASCHLLKADTLSRQFVNDNKNNDLIGLDRDIK
INQVIKHIHYVRTFLKICLDKGGFAVPSRLIENQLKSFESRLYGEAQDIQERDVANVYDSIDNSSVENSFGDVYETNAEF
LDTQLMDLSPEDNGLDEMHYSDEDSSE
;
W
21 'polypeptide(L)' AAAAAAAAAAAAA 1
22 'polypeptide(L)' AAAAAAAAAAAAAAAAAAA 2
23 'polypeptide(L)' AAAAAAAAA 3,9
24 'polypeptide(L)' AAAAAAAAAAAAAAAAAAAAAAAA 4
25 'polypeptide(L)' AAAAAAAAAAAAAAAA 5,Q
26 'polypeptide(L)' AAAAAAAAAA 6,8
27 'polypeptide(L)' AAAAAAAAAAAAAAAAAAAAAAAAA 7
28 'polypeptide(L)' AAAAAAAAAAAAAAAAAAAAAA P
29 'polypeptide(L)' AAAAAAAAAAAAAAA Z
30 'polypeptide(L)' AAAAAAAAAAAA Y
31 'polypeptide(L)' AAAAAAAAAAAAAAAAAAAAAAAAAAA R
#
# COMPACT_ATOMS: atom_id res chain seq x y z
N MET A 1 -30.43 -11.80 8.92
CA MET A 1 -31.58 -11.80 9.83
C MET A 1 -32.89 -11.56 9.06
N ASP A 2 -33.86 -12.46 9.24
CA ASP A 2 -35.17 -12.43 8.59
C ASP A 2 -36.27 -12.37 9.64
N ILE A 3 -37.22 -11.40 9.53
CA ILE A 3 -38.32 -11.31 10.51
C ILE A 3 -39.34 -12.44 10.23
N SER A 4 -39.35 -12.96 8.99
CA SER A 4 -40.19 -14.09 8.59
C SER A 4 -39.68 -15.40 9.21
N LYS A 5 -38.44 -15.39 9.75
CA LYS A 5 -37.78 -16.53 10.38
C LYS A 5 -37.55 -16.30 11.89
N PRO A 6 -38.59 -16.41 12.76
CA PRO A 6 -38.33 -16.20 14.21
C PRO A 6 -37.66 -17.41 14.87
N VAL A 7 -37.05 -17.20 16.04
CA VAL A 7 -36.37 -18.28 16.77
C VAL A 7 -37.08 -18.44 18.13
N GLY A 8 -37.45 -19.67 18.44
CA GLY A 8 -38.15 -20.03 19.67
C GLY A 8 -37.28 -20.42 20.84
N SER A 9 -36.05 -20.85 20.57
CA SER A 9 -35.11 -21.27 21.60
C SER A 9 -34.00 -20.25 21.78
N GLU A 10 -33.47 -20.11 23.01
CA GLU A 10 -32.39 -19.15 23.25
C GLU A 10 -31.34 -19.68 24.23
N ILE A 11 -30.07 -19.28 24.03
CA ILE A 11 -28.99 -19.64 24.94
C ILE A 11 -29.08 -18.70 26.13
N THR A 12 -29.24 -19.25 27.34
CA THR A 12 -29.38 -18.45 28.56
C THR A 12 -28.04 -18.35 29.30
N SER A 13 -27.20 -19.40 29.22
CA SER A 13 -25.90 -19.44 29.86
C SER A 13 -24.95 -20.45 29.17
N VAL A 14 -23.63 -20.19 29.29
CA VAL A 14 -22.57 -21.03 28.73
C VAL A 14 -21.78 -21.64 29.90
N ASP A 15 -21.56 -22.96 29.88
CA ASP A 15 -20.82 -23.66 30.92
C ASP A 15 -19.46 -24.11 30.40
N PHE A 16 -18.39 -23.72 31.09
CA PHE A 16 -17.02 -24.09 30.73
C PHE A 16 -16.63 -25.40 31.42
N GLY A 17 -16.12 -26.33 30.63
CA GLY A 17 -15.69 -27.64 31.09
C GLY A 17 -14.63 -28.26 30.20
N ILE A 18 -14.19 -29.49 30.54
CA ILE A 18 -13.19 -30.23 29.77
C ILE A 18 -13.84 -31.45 29.11
N LEU A 19 -13.49 -31.68 27.83
CA LEU A 19 -13.96 -32.84 27.06
C LEU A 19 -13.26 -34.09 27.55
N THR A 20 -14.02 -35.14 27.85
CA THR A 20 -13.43 -36.41 28.29
C THR A 20 -13.13 -37.24 27.05
N ALA A 21 -12.12 -38.12 27.13
CA ALA A 21 -11.72 -38.97 26.00
C ALA A 21 -12.86 -39.88 25.55
N LYS A 22 -13.62 -40.43 26.51
CA LYS A 22 -14.76 -41.33 26.29
C LYS A 22 -15.86 -40.60 25.50
N GLU A 23 -16.07 -39.31 25.83
CA GLU A 23 -17.03 -38.39 25.23
C GLU A 23 -16.70 -38.13 23.75
N ILE A 24 -15.41 -37.86 23.44
CA ILE A 24 -14.92 -37.55 22.11
C ILE A 24 -15.02 -38.77 21.20
N ARG A 25 -14.66 -39.97 21.71
CA ARG A 25 -14.71 -41.22 20.96
C ARG A 25 -16.13 -41.55 20.45
N ASN A 26 -17.16 -41.20 21.23
CA ASN A 26 -18.55 -41.46 20.86
C ASN A 26 -19.06 -40.45 19.81
N LEU A 27 -18.80 -39.13 20.00
CA LEU A 27 -19.28 -38.10 19.09
C LEU A 27 -18.55 -38.08 17.75
N SER A 28 -17.29 -38.57 17.71
CA SER A 28 -16.42 -38.59 16.53
C SER A 28 -17.09 -39.22 15.29
N ALA A 29 -16.92 -38.57 14.14
CA ALA A 29 -17.48 -38.98 12.86
C ALA A 29 -16.57 -39.99 12.15
N LYS A 30 -15.24 -39.94 12.43
CA LYS A 30 -14.20 -40.82 11.88
C LYS A 30 -12.90 -40.69 12.69
N GLN A 31 -12.19 -41.82 12.87
CA GLN A 31 -10.89 -41.84 13.54
C GLN A 31 -9.82 -41.48 12.50
N ILE A 32 -9.02 -40.44 12.79
CA ILE A 32 -7.96 -40.00 11.88
C ILE A 32 -6.67 -40.69 12.30
N THR A 33 -6.08 -41.44 11.35
CA THR A 33 -4.86 -42.25 11.56
C THR A 33 -3.76 -41.98 10.52
N ASN A 34 -4.15 -41.49 9.32
CA ASN A 34 -3.25 -41.25 8.19
C ASN A 34 -2.66 -39.83 8.15
N PRO A 35 -1.32 -39.67 8.00
CA PRO A 35 -0.73 -38.33 7.92
C PRO A 35 -0.90 -37.68 6.54
N THR A 36 -1.18 -38.48 5.50
CA THR A 36 -1.41 -37.98 4.15
C THR A 36 -2.84 -37.42 4.11
N VAL A 37 -3.08 -36.41 3.25
CA VAL A 37 -4.40 -35.77 3.16
C VAL A 37 -5.12 -36.16 1.88
N LEU A 38 -4.37 -36.41 0.79
CA LEU A 38 -4.93 -36.80 -0.49
C LEU A 38 -4.31 -38.08 -1.05
N ASP A 39 -5.17 -38.94 -1.61
CA ASP A 39 -4.79 -40.15 -2.36
C ASP A 39 -4.26 -39.69 -3.70
N ASN A 40 -3.84 -40.63 -4.57
CA ASN A 40 -3.47 -40.26 -5.93
C ASN A 40 -4.77 -39.90 -6.67
N LEU A 41 -4.69 -39.33 -7.89
CA LEU A 41 -5.84 -38.88 -8.69
C LEU A 41 -6.43 -37.57 -8.13
N GLY A 42 -6.54 -37.46 -6.81
CA GLY A 42 -7.02 -36.25 -6.14
C GLY A 42 -8.12 -36.42 -5.10
N HIS A 43 -8.48 -37.67 -4.76
CA HIS A 43 -9.54 -37.99 -3.79
C HIS A 43 -8.98 -38.02 -2.35
N PRO A 44 -9.73 -37.56 -1.31
CA PRO A 44 -9.18 -37.62 0.06
C PRO A 44 -8.99 -39.05 0.57
N VAL A 45 -7.82 -39.32 1.18
CA VAL A 45 -7.46 -40.64 1.69
C VAL A 45 -8.30 -40.97 2.95
N SER A 46 -8.82 -42.21 3.02
CA SER A 46 -9.60 -42.75 4.13
C SER A 46 -8.74 -42.79 5.39
N GLY A 47 -9.20 -42.09 6.42
CA GLY A 47 -8.49 -42.00 7.69
C GLY A 47 -7.56 -40.81 7.79
N GLY A 48 -7.65 -39.90 6.80
CA GLY A 48 -6.86 -38.68 6.72
C GLY A 48 -7.65 -37.44 7.10
N LEU A 49 -6.95 -36.28 7.22
CA LEU A 49 -7.52 -34.98 7.60
C LEU A 49 -8.62 -34.48 6.65
N TYR A 50 -8.65 -34.95 5.38
CA TYR A 50 -9.67 -34.49 4.44
C TYR A 50 -10.76 -35.53 4.20
N ASP A 51 -10.84 -36.58 5.05
CA ASP A 51 -11.87 -37.63 4.97
C ASP A 51 -13.26 -37.00 4.87
N LEU A 52 -14.09 -37.55 3.97
CA LEU A 52 -15.44 -37.03 3.68
C LEU A 52 -16.42 -37.21 4.85
N ALA A 53 -16.05 -38.04 5.86
CA ALA A 53 -16.84 -38.22 7.08
C ALA A 53 -16.75 -36.95 7.95
N LEU A 54 -15.68 -36.16 7.78
CA LEU A 54 -15.46 -34.90 8.48
C LEU A 54 -16.19 -33.75 7.78
N GLY A 55 -16.93 -34.08 6.71
CA GLY A 55 -17.69 -33.12 5.94
C GLY A 55 -17.39 -33.14 4.46
N ALA A 56 -18.27 -32.49 3.68
CA ALA A 56 -18.17 -32.36 2.23
C ALA A 56 -16.94 -31.56 1.83
N PHE A 57 -16.13 -32.14 0.95
CA PHE A 57 -14.89 -31.57 0.42
C PHE A 57 -14.65 -32.08 -1.00
N LEU A 58 -14.11 -31.21 -1.89
CA LEU A 58 -13.78 -31.52 -3.30
C LEU A 58 -15.01 -32.03 -4.10
N ARG A 59 -16.09 -31.21 -4.14
CA ARG A 59 -17.34 -31.47 -4.84
C ARG A 59 -17.94 -32.87 -4.54
N ASN A 60 -17.52 -33.49 -3.42
CA ASN A 60 -18.02 -34.77 -2.94
C ASN A 60 -19.02 -34.52 -1.82
N LEU A 61 -19.98 -35.43 -1.64
CA LEU A 61 -20.96 -35.29 -0.55
C LEU A 61 -20.39 -35.85 0.73
N CYS A 62 -20.73 -35.22 1.86
CA CYS A 62 -20.36 -35.63 3.20
C CYS A 62 -20.79 -37.09 3.44
N SER A 63 -19.94 -37.90 4.08
CA SER A 63 -20.24 -39.30 4.33
C SER A 63 -20.88 -39.51 5.72
N THR A 64 -21.37 -38.42 6.34
CA THR A 64 -22.00 -38.45 7.66
C THR A 64 -23.42 -37.89 7.57
N CYS A 65 -23.59 -36.68 6.99
CA CYS A 65 -24.92 -36.05 6.87
C CYS A 65 -25.41 -36.07 5.41
N GLY A 66 -24.51 -36.41 4.49
CA GLY A 66 -24.80 -36.53 3.07
C GLY A 66 -24.96 -35.26 2.26
N LEU A 67 -24.90 -34.10 2.94
CA LEU A 67 -25.07 -32.80 2.30
C LEU A 67 -23.79 -32.32 1.61
N ASP A 68 -23.94 -31.35 0.68
CA ASP A 68 -22.87 -30.72 -0.07
C ASP A 68 -22.19 -29.61 0.76
N GLU A 69 -21.05 -29.07 0.26
CA GLU A 69 -20.21 -28.04 0.88
C GLU A 69 -20.99 -26.85 1.45
N LYS A 70 -22.14 -26.48 0.84
CA LYS A 70 -22.94 -25.35 1.32
C LYS A 70 -23.69 -25.69 2.61
N PHE A 71 -24.57 -26.69 2.55
CA PHE A 71 -25.45 -27.06 3.64
C PHE A 71 -24.79 -27.92 4.71
N CYS A 72 -23.69 -28.64 4.40
CA CYS A 72 -23.02 -29.46 5.40
C CYS A 72 -22.31 -28.55 6.44
N PRO A 73 -22.61 -28.72 7.74
CA PRO A 73 -21.96 -27.87 8.76
C PRO A 73 -20.54 -28.33 9.12
N GLY A 74 -20.17 -29.52 8.66
CA GLY A 74 -18.88 -30.13 8.97
C GLY A 74 -18.98 -30.99 10.22
N HIS A 75 -18.11 -32.00 10.35
CA HIS A 75 -18.19 -32.90 11.50
C HIS A 75 -16.85 -33.11 12.17
N GLN A 76 -16.87 -33.21 13.50
CA GLN A 76 -15.67 -33.41 14.32
C GLN A 76 -15.20 -34.86 14.24
N GLY A 77 -13.89 -35.04 14.20
CA GLY A 77 -13.23 -36.33 14.20
C GLY A 77 -12.31 -36.45 15.39
N HIS A 78 -11.48 -37.50 15.45
CA HIS A 78 -10.55 -37.66 16.58
C HIS A 78 -9.29 -38.45 16.21
N ILE A 79 -8.20 -38.10 16.89
CA ILE A 79 -6.90 -38.74 16.79
C ILE A 79 -6.68 -39.49 18.09
N GLU A 80 -6.39 -40.79 18.01
CA GLU A 80 -6.12 -41.61 19.18
C GLU A 80 -4.63 -41.51 19.52
N LEU A 81 -4.29 -40.81 20.62
CA LEU A 81 -2.89 -40.68 21.04
C LEU A 81 -2.42 -42.01 21.64
N PRO A 82 -1.27 -42.56 21.18
CA PRO A 82 -0.84 -43.89 21.66
C PRO A 82 -0.43 -43.91 23.13
N VAL A 83 -0.11 -42.74 23.68
CA VAL A 83 0.27 -42.52 25.07
C VAL A 83 -0.39 -41.21 25.55
N PRO A 84 -0.83 -41.09 26.82
CA PRO A 84 -1.43 -39.82 27.26
C PRO A 84 -0.43 -38.68 27.26
N CYS A 85 -0.90 -37.45 26.96
CA CYS A 85 -0.08 -36.24 26.92
C CYS A 85 -0.61 -35.20 27.88
N TYR A 86 0.27 -34.34 28.43
CA TYR A 86 -0.16 -33.23 29.28
C TYR A 86 -0.84 -32.17 28.42
N ASN A 87 -2.05 -31.72 28.80
CA ASN A 87 -2.73 -30.65 28.08
C ASN A 87 -1.96 -29.35 28.38
N PRO A 88 -1.41 -28.66 27.35
CA PRO A 88 -0.56 -27.49 27.64
C PRO A 88 -1.17 -26.43 28.55
N LEU A 89 -2.46 -26.08 28.34
CA LEU A 89 -3.18 -25.04 29.09
C LEU A 89 -3.30 -25.33 30.59
N PHE A 90 -3.41 -26.63 30.95
CA PHE A 90 -3.61 -27.05 32.34
C PHE A 90 -2.37 -27.74 32.94
N PHE A 91 -1.20 -27.63 32.28
CA PHE A 91 0.05 -28.23 32.77
C PHE A 91 0.50 -27.62 34.09
N ASN A 92 0.46 -26.28 34.18
CA ASN A 92 0.86 -25.52 35.37
C ASN A 92 0.06 -25.98 36.59
N GLN A 93 -1.26 -26.21 36.42
CA GLN A 93 -2.15 -26.68 37.48
C GLN A 93 -1.79 -28.11 37.91
N LEU A 94 -1.78 -29.10 36.96
CA LEU A 94 -1.44 -30.49 37.29
C LEU A 94 -0.06 -30.56 37.97
N TYR A 95 0.87 -29.64 37.59
CA TYR A 95 2.21 -29.53 38.17
C TYR A 95 2.08 -29.15 39.64
N ILE A 96 1.24 -28.14 39.97
CA ILE A 96 0.99 -27.68 41.35
C ILE A 96 0.50 -28.85 42.21
N TYR A 97 -0.49 -29.62 41.72
CA TYR A 97 -1.06 -30.77 42.45
C TYR A 97 -0.07 -31.94 42.55
N LEU A 98 0.89 -32.06 41.61
CA LEU A 98 1.91 -33.11 41.64
C LEU A 98 2.96 -32.81 42.71
N ARG A 99 3.40 -31.56 42.82
CA ARG A 99 4.39 -31.13 43.82
C ARG A 99 3.78 -31.09 45.23
N ALA A 100 2.47 -30.90 45.32
CA ALA A 100 1.75 -30.76 46.59
C ALA A 100 1.36 -32.09 47.24
N SER A 101 1.45 -33.21 46.49
CA SER A 101 1.03 -34.51 46.99
C SER A 101 2.18 -35.42 47.48
N CYS A 102 1.84 -36.31 48.43
CA CYS A 102 2.73 -37.32 49.02
C CYS A 102 2.72 -38.54 48.10
N LEU A 103 3.91 -39.10 47.82
CA LEU A 103 4.04 -40.25 46.91
C LEU A 103 3.81 -41.59 47.63
N PHE A 104 3.55 -41.58 48.95
CA PHE A 104 3.34 -42.80 49.76
C PHE A 104 1.87 -43.00 50.18
N CYS A 105 1.30 -42.11 51.02
CA CYS A 105 -0.10 -42.23 51.48
C CYS A 105 -1.07 -41.73 50.40
N HIS A 106 -0.54 -41.00 49.38
CA HIS A 106 -1.21 -40.42 48.22
C HIS A 106 -2.34 -39.44 48.63
N HIS A 107 -1.99 -38.57 49.58
CA HIS A 107 -2.75 -37.44 50.11
C HIS A 107 -1.89 -36.21 49.93
N PHE A 108 -2.45 -34.99 50.05
CA PHE A 108 -1.60 -33.79 50.00
C PHE A 108 -0.77 -33.77 51.28
N ARG A 109 0.51 -33.37 51.19
CA ARG A 109 1.44 -33.34 52.33
C ARG A 109 0.97 -32.43 53.47
N LEU A 110 -0.04 -31.56 53.21
CA LEU A 110 -0.64 -30.71 54.23
C LEU A 110 -1.58 -31.55 55.09
N LYS A 111 -1.60 -31.28 56.42
CA LYS A 111 -2.43 -31.99 57.41
C LYS A 111 -3.92 -31.98 57.00
N SER A 112 -4.59 -33.14 57.12
CA SER A 112 -5.98 -33.36 56.76
C SER A 112 -6.93 -32.33 57.35
N VAL A 113 -6.75 -31.94 58.63
CA VAL A 113 -7.56 -30.94 59.34
C VAL A 113 -7.43 -29.57 58.69
N GLU A 114 -6.22 -29.24 58.21
CA GLU A 114 -5.95 -27.98 57.53
C GLU A 114 -6.58 -28.00 56.14
N VAL A 115 -6.52 -29.15 55.46
CA VAL A 115 -7.11 -29.35 54.13
C VAL A 115 -8.64 -29.21 54.25
N HIS A 116 -9.26 -29.88 55.25
CA HIS A 116 -10.70 -29.83 55.53
C HIS A 116 -11.16 -28.37 55.81
N ARG A 117 -10.30 -27.58 56.50
CA ARG A 117 -10.54 -26.18 56.83
C ARG A 117 -10.69 -25.36 55.54
N TYR A 118 -9.87 -25.68 54.51
CA TYR A 118 -9.96 -25.02 53.21
C TYR A 118 -11.22 -25.49 52.46
N ALA A 119 -11.52 -26.80 52.50
CA ALA A 119 -12.72 -27.39 51.88
C ALA A 119 -14.01 -26.81 52.46
N CYS A 120 -14.02 -26.54 53.78
CA CYS A 120 -15.14 -25.95 54.51
C CYS A 120 -15.35 -24.52 54.05
N LYS A 121 -14.27 -23.71 54.09
CA LYS A 121 -14.26 -22.31 53.69
C LYS A 121 -14.67 -22.16 52.22
N LEU A 122 -14.19 -23.06 51.35
CA LEU A 122 -14.51 -23.03 49.93
C LEU A 122 -15.94 -23.51 49.67
N ARG A 123 -16.51 -24.38 50.54
CA ARG A 123 -17.89 -24.83 50.36
C ARG A 123 -18.86 -23.70 50.71
N LEU A 124 -18.58 -22.98 51.83
CA LEU A 124 -19.37 -21.84 52.29
C LEU A 124 -19.33 -20.69 51.27
N LEU A 125 -18.23 -20.60 50.48
CA LEU A 125 -18.04 -19.56 49.48
C LEU A 125 -18.73 -19.91 48.14
N GLN A 126 -19.22 -21.17 47.98
CA GLN A 126 -19.99 -21.58 46.79
C GLN A 126 -21.31 -20.82 46.81
N TYR A 127 -21.79 -20.56 48.04
CA TYR A 127 -22.93 -19.73 48.41
C TYR A 127 -22.33 -18.38 48.83
N GLY A 128 -23.08 -17.30 48.75
CA GLY A 128 -22.53 -15.99 49.05
C GLY A 128 -22.31 -15.67 50.51
N LEU A 129 -21.58 -16.53 51.25
CA LEU A 129 -21.37 -16.28 52.68
C LEU A 129 -19.88 -16.28 53.05
N ILE A 130 -19.29 -15.09 53.00
CA ILE A 130 -17.89 -14.81 53.31
C ILE A 130 -17.71 -14.74 54.83
N ASP A 131 -18.62 -14.01 55.54
CA ASP A 131 -18.59 -13.81 57.00
C ASP A 131 -18.50 -15.16 57.74
N GLU A 132 -19.25 -16.17 57.25
CA GLU A 132 -19.30 -17.52 57.80
C GLU A 132 -17.99 -18.26 57.60
N SER A 133 -17.31 -18.06 56.44
CA SER A 133 -16.03 -18.69 56.10
C SER A 133 -14.93 -18.22 57.07
N TYR A 134 -14.99 -16.96 57.51
CA TYR A 134 -14.04 -16.39 58.48
C TYR A 134 -14.38 -16.85 59.90
N LYS A 135 -15.70 -16.99 60.20
CA LYS A 135 -16.21 -17.43 61.50
C LYS A 135 -15.84 -18.90 61.77
N LEU A 136 -15.52 -19.66 60.71
CA LEU A 136 -15.09 -21.05 60.80
C LEU A 136 -13.72 -21.14 61.47
N ASP A 137 -12.83 -20.16 61.22
CA ASP A 137 -11.49 -20.08 61.81
C ASP A 137 -11.55 -19.93 63.34
N GLU A 138 -12.69 -19.41 63.85
CA GLU A 138 -12.93 -19.22 65.29
C GLU A 138 -13.22 -20.57 65.98
N ILE A 139 -13.73 -21.56 65.22
CA ILE A 139 -14.05 -22.91 65.71
C ILE A 139 -12.75 -23.65 66.02
N THR A 140 -12.35 -23.66 67.30
CA THR A 140 -11.12 -24.30 67.79
C THR A 140 -11.39 -25.01 69.13
N LEU A 141 -10.71 -26.15 69.36
CA LEU A 141 -10.86 -26.95 70.57
C LEU A 141 -10.16 -26.28 71.76
N ASP A 172 1.11 -33.81 66.43
CA ASP A 172 1.23 -33.55 67.87
C ASP A 172 -0.14 -33.63 68.57
N ILE A 173 -1.25 -33.56 67.80
CA ILE A 173 -2.63 -33.64 68.29
C ILE A 173 -3.21 -35.01 67.87
N SER A 174 -3.92 -35.68 68.81
CA SER A 174 -4.52 -37.00 68.60
C SER A 174 -5.61 -37.00 67.53
N SER A 175 -5.76 -38.15 66.82
CA SER A 175 -6.72 -38.35 65.74
C SER A 175 -8.17 -38.29 66.23
N THR A 176 -8.45 -38.75 67.47
CA THR A 176 -9.80 -38.71 68.07
C THR A 176 -10.25 -37.27 68.33
N LEU A 177 -9.31 -36.36 68.64
CA LEU A 177 -9.54 -34.95 68.89
C LEU A 177 -9.71 -34.17 67.59
N LEU A 178 -8.81 -34.42 66.60
CA LEU A 178 -8.81 -33.77 65.29
C LEU A 178 -10.05 -34.13 64.48
N ASN A 179 -10.55 -35.37 64.61
CA ASN A 179 -11.75 -35.83 63.91
C ASN A 179 -13.00 -35.16 64.48
N GLU A 180 -12.96 -34.76 65.77
CA GLU A 180 -14.05 -34.03 66.43
C GLU A 180 -14.08 -32.59 65.91
N LEU A 181 -12.89 -32.01 65.63
CA LEU A 181 -12.74 -30.66 65.07
C LEU A 181 -13.32 -30.62 63.66
N LYS A 182 -13.05 -31.68 62.85
CA LYS A 182 -13.57 -31.84 61.50
C LYS A 182 -15.10 -32.00 61.51
N SER A 183 -15.64 -32.65 62.57
CA SER A 183 -17.06 -32.88 62.76
C SER A 183 -17.78 -31.57 63.12
N LYS A 184 -17.23 -30.81 64.09
CA LYS A 184 -17.77 -29.53 64.56
C LYS A 184 -17.75 -28.49 63.42
N ARG A 185 -16.68 -28.49 62.59
CA ARG A 185 -16.52 -27.58 61.46
C ARG A 185 -17.54 -27.92 60.36
N SER A 186 -17.71 -29.23 60.06
CA SER A 186 -18.68 -29.71 59.07
C SER A 186 -20.10 -29.41 59.52
N GLU A 187 -20.36 -29.48 60.84
CA GLU A 187 -21.66 -29.19 61.47
C GLU A 187 -22.03 -27.72 61.27
N TYR A 188 -21.05 -26.80 61.46
CA TYR A 188 -21.25 -25.36 61.28
C TYR A 188 -21.52 -25.03 59.81
N VAL A 189 -20.78 -25.68 58.89
CA VAL A 189 -20.89 -25.51 57.44
C VAL A 189 -22.31 -25.94 56.98
N ASP A 190 -22.78 -27.12 57.42
CA ASP A 190 -24.09 -27.65 57.08
C ASP A 190 -25.23 -26.79 57.64
N MET A 191 -25.03 -26.23 58.85
CA MET A 191 -26.02 -25.35 59.51
C MET A 191 -26.07 -23.97 58.86
N ALA A 192 -24.89 -23.35 58.60
CA ALA A 192 -24.78 -22.02 58.00
C ALA A 192 -25.34 -21.98 56.58
N ILE A 193 -25.19 -23.09 55.82
CA ILE A 193 -25.73 -23.21 54.46
C ILE A 193 -27.25 -23.30 54.55
N ALA A 194 -27.79 -24.24 55.37
CA ALA A 194 -29.23 -24.47 55.58
C ALA A 194 -29.95 -23.22 56.09
N LYS A 195 -29.34 -22.49 57.06
CA LYS A 195 -29.90 -21.26 57.63
C LYS A 195 -30.06 -20.21 56.54
N ALA A 196 -28.99 -19.96 55.74
CA ALA A 196 -29.00 -19.00 54.64
C ALA A 196 -29.89 -19.46 53.49
N LEU A 197 -30.03 -20.79 53.31
CA LEU A 197 -30.86 -21.41 52.27
C LEU A 197 -32.34 -21.23 52.59
N SER A 198 -32.71 -21.27 53.90
CA SER A 198 -34.07 -21.06 54.40
C SER A 198 -34.58 -19.68 53.98
N ASP A 199 -33.72 -18.66 54.12
CA ASP A 199 -34.01 -17.27 53.73
C ASP A 199 -33.58 -17.05 52.28
N GLY A 200 -33.69 -15.81 51.81
CA GLY A 200 -33.30 -15.44 50.44
C GLY A 200 -31.86 -14.99 50.35
N ARG A 201 -30.98 -15.57 51.20
CA ARG A 201 -29.56 -15.24 51.25
C ARG A 201 -28.78 -15.98 50.16
N THR A 202 -29.16 -17.25 49.88
CA THR A 202 -28.53 -18.06 48.83
C THR A 202 -29.51 -19.10 48.27
N THR A 203 -29.42 -19.35 46.96
CA THR A 203 -30.24 -20.35 46.24
C THR A 203 -29.53 -21.71 46.30
N GLU A 204 -30.19 -22.75 45.76
CA GLU A 204 -29.65 -24.12 45.66
C GLU A 204 -28.43 -24.13 44.71
N ARG A 205 -28.42 -23.21 43.72
CA ARG A 205 -27.37 -23.01 42.72
C ARG A 205 -26.24 -22.11 43.25
N GLY A 206 -26.43 -21.52 44.44
CA GLY A 206 -25.44 -20.69 45.11
C GLY A 206 -25.28 -19.29 44.57
N SER A 207 -25.08 -18.31 45.49
CA SER A 207 -24.88 -16.89 45.19
C SER A 207 -23.42 -16.62 44.78
N PHE A 208 -23.21 -15.85 43.70
CA PHE A 208 -21.87 -15.54 43.19
C PHE A 208 -21.72 -14.07 42.75
N THR A 209 -20.90 -13.32 43.48
CA THR A 209 -20.61 -11.89 43.30
C THR A 209 -19.10 -11.73 43.08
N ALA A 210 -18.66 -10.52 42.62
CA ALA A 210 -17.26 -10.19 42.43
C ALA A 210 -16.49 -10.27 43.75
N THR A 211 -17.08 -9.78 44.87
CA THR A 211 -16.41 -9.82 46.18
C THR A 211 -16.32 -11.28 46.65
N VAL A 212 -17.34 -12.11 46.34
CA VAL A 212 -17.37 -13.54 46.65
C VAL A 212 -16.23 -14.20 45.85
N ASN A 213 -16.12 -13.84 44.56
CA ASN A 213 -15.09 -14.30 43.62
C ASN A 213 -13.69 -13.90 44.12
N ASP A 214 -13.56 -12.68 44.69
CA ASP A 214 -12.32 -12.17 45.25
C ASP A 214 -11.88 -13.02 46.43
N GLU A 215 -12.84 -13.38 47.31
CA GLU A 215 -12.61 -14.21 48.48
C GLU A 215 -12.30 -15.65 48.10
N ARG A 216 -12.89 -16.14 46.99
CA ARG A 216 -12.61 -17.48 46.48
C ARG A 216 -11.19 -17.52 45.92
N LYS A 217 -10.86 -16.55 45.03
CA LYS A 217 -9.54 -16.42 44.38
C LYS A 217 -8.41 -16.32 45.43
N LYS A 218 -8.66 -15.60 46.55
CA LYS A 218 -7.71 -15.43 47.64
C LYS A 218 -7.42 -16.78 48.32
N LEU A 219 -8.49 -17.56 48.62
CA LEU A 219 -8.41 -18.86 49.28
C LEU A 219 -7.74 -19.90 48.41
N VAL A 220 -8.17 -20.07 47.14
CA VAL A 220 -7.61 -21.05 46.20
C VAL A 220 -6.10 -20.77 46.03
N HIS A 221 -5.69 -19.49 46.11
CA HIS A 221 -4.29 -19.10 46.05
C HIS A 221 -3.56 -19.54 47.34
N GLU A 222 -4.09 -19.14 48.52
CA GLU A 222 -3.57 -19.46 49.85
C GLU A 222 -3.44 -20.99 50.06
N PHE A 223 -4.42 -21.76 49.55
CA PHE A 223 -4.48 -23.21 49.63
C PHE A 223 -3.30 -23.83 48.89
N HIS A 224 -3.06 -23.41 47.64
CA HIS A 224 -1.96 -23.90 46.81
C HIS A 224 -0.60 -23.47 47.38
N LYS A 225 -0.54 -22.30 48.03
CA LYS A 225 0.67 -21.76 48.66
C LYS A 225 1.05 -22.61 49.87
N LYS A 226 0.04 -22.98 50.71
CA LYS A 226 0.24 -23.84 51.88
C LYS A 226 0.58 -25.26 51.45
N LEU A 227 -0.04 -25.72 50.35
CA LEU A 227 0.13 -27.05 49.76
C LEU A 227 1.58 -27.28 49.30
N LEU A 228 2.16 -26.28 48.61
CA LEU A 228 3.50 -26.29 48.04
C LEU A 228 4.61 -26.09 49.07
N SER A 229 4.30 -25.38 50.18
CA SER A 229 5.24 -25.05 51.25
C SER A 229 5.72 -26.27 52.06
N ARG A 230 4.80 -27.22 52.36
CA ARG A 230 5.09 -28.42 53.16
C ARG A 230 6.11 -29.32 52.44
N GLY A 231 7.13 -29.73 53.19
CA GLY A 231 8.20 -30.60 52.68
C GLY A 231 7.98 -32.04 53.09
N LYS A 232 7.86 -32.27 54.40
CA LYS A 232 7.59 -33.57 55.02
C LYS A 232 6.08 -33.71 55.17
N CYS A 233 5.52 -34.86 54.72
CA CYS A 233 4.07 -35.10 54.78
C CYS A 233 3.59 -35.11 56.23
N ASP A 234 2.54 -34.32 56.51
CA ASP A 234 1.98 -34.16 57.84
C ASP A 234 1.14 -35.37 58.27
N ASN A 235 0.64 -36.16 57.30
CA ASN A 235 -0.18 -37.36 57.55
C ASN A 235 0.76 -38.52 57.89
N CYS A 236 1.60 -38.96 56.93
CA CYS A 236 2.64 -39.96 57.16
C CYS A 236 3.97 -39.22 57.01
N GLY A 237 4.77 -39.20 58.07
CA GLY A 237 6.02 -38.44 58.13
C GLY A 237 7.13 -38.70 57.12
N MET A 238 6.83 -39.33 55.97
CA MET A 238 7.84 -39.63 54.94
C MET A 238 7.93 -38.54 53.88
N PHE A 239 9.18 -38.21 53.50
CA PHE A 239 9.54 -37.22 52.50
C PHE A 239 9.34 -37.75 51.09
N SER A 240 8.82 -36.89 50.20
CA SER A 240 8.59 -37.23 48.79
C SER A 240 9.68 -36.60 47.91
N PRO A 241 10.08 -37.21 46.76
CA PRO A 241 11.13 -36.59 45.94
C PRO A 241 10.60 -35.41 45.12
N LYS A 242 11.25 -34.24 45.26
CA LYS A 242 10.89 -32.98 44.62
C LYS A 242 10.87 -33.07 43.10
N PHE A 243 9.84 -32.47 42.48
CA PHE A 243 9.66 -32.45 41.04
C PHE A 243 10.05 -31.10 40.44
N ARG A 244 10.93 -31.11 39.42
CA ARG A 244 11.38 -29.91 38.71
C ARG A 244 10.78 -29.91 37.28
N LYS A 245 10.77 -28.73 36.64
CA LYS A 245 10.15 -28.51 35.32
C LYS A 245 10.97 -27.58 34.43
N ASP A 246 10.81 -27.71 33.10
CA ASP A 246 11.40 -26.88 32.04
C ASP A 246 10.27 -26.10 31.32
N GLY A 247 10.64 -25.21 30.39
CA GLY A 247 9.70 -24.41 29.61
C GLY A 247 8.62 -25.21 28.89
N PHE A 248 9.02 -26.34 28.29
CA PHE A 248 8.13 -27.26 27.59
C PHE A 248 7.48 -28.20 28.62
N THR A 249 6.35 -28.83 28.26
CA THR A 249 5.61 -29.73 29.13
C THR A 249 6.41 -31.04 29.32
N LYS A 250 7.22 -31.09 30.38
CA LYS A 250 8.10 -32.20 30.75
C LYS A 250 8.51 -32.06 32.23
N ILE A 251 8.34 -33.14 33.04
CA ILE A 251 8.64 -33.12 34.48
C ILE A 251 9.77 -34.12 34.81
N PHE A 252 10.63 -33.74 35.76
CA PHE A 252 11.80 -34.53 36.19
C PHE A 252 12.15 -34.48 37.70
N GLU A 253 12.99 -35.44 38.12
CA GLU A 253 13.47 -35.61 39.52
C GLU A 253 14.52 -34.59 40.01
N THR A 254 14.73 -34.54 41.33
CA THR A 254 15.68 -33.59 41.95
C THR A 254 16.77 -34.16 42.90
N ALA A 255 17.85 -33.38 43.05
CA ALA A 255 19.06 -33.67 43.86
C ALA A 255 18.72 -33.96 45.33
N LEU A 256 19.69 -34.20 46.22
CA LEU A 256 19.19 -34.57 47.54
C LEU A 256 20.39 -34.71 48.47
N ASN A 257 20.53 -33.78 49.42
CA ASN A 257 21.69 -33.75 50.28
C ASN A 257 21.67 -34.92 51.27
N GLU A 258 22.75 -35.05 52.03
CA GLU A 258 22.91 -36.19 52.93
C GLU A 258 21.89 -36.15 54.06
N LYS A 259 21.55 -34.95 54.53
CA LYS A 259 20.57 -34.84 55.61
C LYS A 259 19.19 -35.31 55.14
N GLN A 260 18.86 -35.06 53.87
CA GLN A 260 17.62 -35.58 53.31
C GLN A 260 17.69 -37.10 53.14
N ILE A 261 18.88 -37.63 52.86
CA ILE A 261 19.03 -39.08 52.70
C ILE A 261 18.81 -39.80 54.03
N THR A 262 19.27 -39.21 55.13
CA THR A 262 19.20 -39.87 56.42
C THR A 262 17.77 -40.10 56.89
N ASN A 263 16.80 -39.38 56.33
CA ASN A 263 15.40 -39.55 56.72
C ASN A 263 14.59 -40.36 55.72
N ASN A 264 15.02 -40.44 54.46
CA ASN A 264 14.34 -41.31 53.50
C ASN A 264 14.59 -42.78 53.79
N ARG A 265 15.63 -43.10 54.56
CA ARG A 265 15.89 -44.48 54.94
C ARG A 265 15.22 -44.88 56.24
N VAL A 266 15.04 -43.93 57.17
CA VAL A 266 14.27 -44.21 58.39
C VAL A 266 12.77 -44.17 58.15
N LYS A 267 12.33 -43.77 56.96
CA LYS A 267 10.92 -43.82 56.62
C LYS A 267 10.37 -45.24 56.74
N GLY A 268 11.05 -46.19 56.09
CA GLY A 268 10.64 -47.58 56.20
C GLY A 268 10.85 -48.16 57.59
N PHE A 269 11.81 -47.61 58.34
CA PHE A 269 12.07 -48.11 59.69
C PHE A 269 10.90 -47.81 60.63
N ILE A 270 10.23 -46.69 60.44
CA ILE A 270 9.10 -46.33 61.28
C ILE A 270 7.80 -46.78 60.64
N SER A 312 18.47 -36.44 39.55
CA SER A 312 17.31 -36.07 38.74
C SER A 312 17.07 -37.08 37.62
N THR A 313 15.81 -37.53 37.46
CA THR A 313 15.38 -38.51 36.46
C THR A 313 14.00 -38.12 35.91
N TYR A 314 13.83 -38.20 34.59
CA TYR A 314 12.57 -37.91 33.89
C TYR A 314 11.48 -38.90 34.32
N ILE A 315 10.27 -38.38 34.53
CA ILE A 315 9.10 -39.15 34.93
C ILE A 315 8.09 -39.11 33.77
N LEU A 316 7.66 -40.30 33.31
CA LEU A 316 6.70 -40.46 32.20
C LEU A 316 5.34 -39.83 32.53
N SER A 317 4.58 -39.45 31.48
CA SER A 317 3.24 -38.87 31.59
C SER A 317 2.29 -39.81 32.34
N THR A 318 2.43 -41.14 32.08
CA THR A 318 1.63 -42.20 32.69
C THR A 318 1.86 -42.26 34.21
N GLU A 319 3.11 -42.10 34.66
CA GLU A 319 3.48 -42.11 36.08
C GLU A 319 2.84 -40.94 36.82
N VAL A 320 2.89 -39.72 36.20
CA VAL A 320 2.31 -38.50 36.76
C VAL A 320 0.78 -38.66 36.86
N LYS A 321 0.13 -39.16 35.77
CA LYS A 321 -1.31 -39.41 35.71
C LYS A 321 -1.73 -40.42 36.79
N ASN A 322 -0.92 -41.49 37.00
CA ASN A 322 -1.18 -42.51 37.99
C ASN A 322 -1.02 -41.98 39.42
N ILE A 323 -0.07 -41.05 39.65
CA ILE A 323 0.13 -40.43 40.97
C ILE A 323 -1.09 -39.56 41.27
N LEU A 324 -1.46 -38.68 40.33
CA LEU A 324 -2.58 -37.76 40.45
C LEU A 324 -3.94 -38.48 40.49
N ASP A 325 -4.06 -39.68 39.86
CA ASP A 325 -5.28 -40.49 39.84
C ASP A 325 -5.72 -40.84 41.27
N THR A 326 -4.78 -41.37 42.08
CA THR A 326 -5.00 -41.79 43.46
C THR A 326 -5.21 -40.57 44.36
N VAL A 327 -4.40 -39.51 44.18
CA VAL A 327 -4.45 -38.28 44.98
C VAL A 327 -5.81 -37.58 44.77
N PHE A 328 -6.30 -37.54 43.51
CA PHE A 328 -7.60 -36.91 43.20
C PHE A 328 -8.77 -37.74 43.72
N ARG A 329 -8.56 -39.04 43.97
CA ARG A 329 -9.56 -39.93 44.57
C ARG A 329 -9.56 -39.73 46.08
N LYS A 330 -8.36 -39.80 46.71
CA LYS A 330 -8.16 -39.65 48.16
C LYS A 330 -8.46 -38.24 48.69
N GLU A 331 -8.31 -37.20 47.83
CA GLU A 331 -8.55 -35.82 48.25
C GLU A 331 -9.73 -35.19 47.50
N GLN A 332 -10.66 -36.04 47.01
CA GLN A 332 -11.86 -35.65 46.25
C GLN A 332 -12.73 -34.58 46.95
N CYS A 333 -12.85 -34.63 48.29
CA CYS A 333 -13.66 -33.70 49.07
C CYS A 333 -13.25 -32.24 48.89
N VAL A 334 -11.95 -31.92 49.02
CA VAL A 334 -11.47 -30.54 48.89
C VAL A 334 -11.50 -30.10 47.41
N LEU A 335 -11.00 -30.96 46.49
CA LEU A 335 -10.92 -30.67 45.06
C LEU A 335 -12.32 -30.43 44.47
N GLN A 336 -13.37 -30.98 45.11
CA GLN A 336 -14.76 -30.77 44.71
C GLN A 336 -15.12 -29.28 44.76
N TYR A 337 -14.58 -28.55 45.75
CA TYR A 337 -14.84 -27.13 45.96
C TYR A 337 -13.71 -26.26 45.38
N VAL A 338 -12.52 -26.84 45.17
CA VAL A 338 -11.37 -26.14 44.57
C VAL A 338 -11.67 -25.92 43.07
N PHE A 339 -12.33 -26.91 42.42
CA PHE A 339 -12.65 -26.85 41.01
C PHE A 339 -14.10 -26.40 40.69
N HIS A 340 -14.93 -26.11 41.71
CA HIS A 340 -16.30 -25.66 41.44
C HIS A 340 -16.58 -24.30 42.10
N SER A 341 -16.80 -23.29 41.26
CA SER A 341 -17.10 -21.89 41.61
C SER A 341 -18.41 -21.76 42.38
N ARG A 342 -19.42 -22.53 41.93
CA ARG A 342 -20.75 -22.62 42.50
C ARG A 342 -21.01 -24.12 42.87
N PRO A 343 -22.02 -24.50 43.70
CA PRO A 343 -22.20 -25.93 44.03
C PRO A 343 -22.31 -26.86 42.82
N ASN A 344 -21.71 -28.05 42.91
CA ASN A 344 -21.69 -29.06 41.84
C ASN A 344 -22.99 -29.87 41.87
N LEU A 345 -24.04 -29.33 41.24
CA LEU A 345 -25.36 -29.97 41.17
C LEU A 345 -25.34 -31.19 40.23
N SER A 346 -24.44 -31.23 39.23
CA SER A 346 -24.29 -32.33 38.28
C SER A 346 -23.71 -33.59 38.96
N ARG A 347 -23.10 -33.41 40.17
CA ARG A 347 -22.49 -34.46 41.01
C ARG A 347 -21.38 -35.22 40.28
N LYS A 348 -20.72 -34.58 39.29
CA LYS A 348 -19.63 -35.17 38.51
C LYS A 348 -18.38 -35.31 39.36
N LEU A 349 -17.60 -36.38 39.12
CA LEU A 349 -16.37 -36.63 39.86
C LEU A 349 -15.24 -35.81 39.26
N VAL A 350 -14.39 -35.20 40.13
CA VAL A 350 -13.25 -34.42 39.69
C VAL A 350 -12.10 -35.41 39.45
N LYS A 351 -11.88 -35.78 38.18
CA LYS A 351 -10.87 -36.75 37.79
C LYS A 351 -9.61 -36.07 37.24
N ALA A 352 -8.45 -36.70 37.50
CA ALA A 352 -7.12 -36.23 37.09
C ALA A 352 -6.95 -36.27 35.57
N ASP A 353 -7.63 -37.20 34.89
CA ASP A 353 -7.55 -37.39 33.42
C ASP A 353 -8.09 -36.18 32.62
N SER A 354 -8.61 -35.14 33.32
CA SER A 354 -9.07 -33.90 32.70
C SER A 354 -7.87 -33.05 32.28
N PHE A 355 -6.75 -33.17 33.04
CA PHE A 355 -5.48 -32.49 32.78
C PHE A 355 -4.65 -33.21 31.70
N PHE A 356 -5.05 -34.45 31.34
CA PHE A 356 -4.39 -35.28 30.36
C PHE A 356 -5.21 -35.44 29.08
N MET A 357 -4.53 -35.69 27.96
CA MET A 357 -5.14 -35.87 26.65
C MET A 357 -4.80 -37.26 26.13
N ASP A 358 -5.80 -38.13 26.06
CA ASP A 358 -5.66 -39.49 25.55
C ASP A 358 -6.09 -39.51 24.08
N VAL A 359 -6.80 -38.46 23.65
CA VAL A 359 -7.27 -38.22 22.28
C VAL A 359 -7.16 -36.73 21.96
N LEU A 360 -7.22 -36.40 20.67
CA LEU A 360 -7.22 -35.05 20.13
C LEU A 360 -8.40 -34.91 19.22
N VAL A 361 -9.25 -33.86 19.41
CA VAL A 361 -10.40 -33.71 18.53
C VAL A 361 -9.92 -33.09 17.21
N VAL A 362 -10.42 -33.61 16.11
CA VAL A 362 -10.08 -33.13 14.78
C VAL A 362 -11.22 -32.21 14.36
N PRO A 363 -10.99 -30.89 14.28
CA PRO A 363 -12.07 -29.98 13.86
C PRO A 363 -12.61 -30.32 12.47
N PRO A 364 -13.86 -29.96 12.13
CA PRO A 364 -14.39 -30.27 10.79
C PRO A 364 -13.58 -29.65 9.65
N THR A 365 -13.55 -30.34 8.48
CA THR A 365 -12.84 -29.91 7.26
C THR A 365 -13.17 -28.45 6.93
N ARG A 366 -14.42 -28.04 7.25
CA ARG A 366 -15.01 -26.71 7.10
C ARG A 366 -14.10 -25.60 7.71
N PHE A 367 -13.47 -25.88 8.87
CA PHE A 367 -12.59 -24.91 9.54
C PHE A 367 -11.11 -25.20 9.28
N ARG A 368 -10.81 -26.14 8.37
CA ARG A 368 -9.44 -26.52 8.01
C ARG A 368 -9.23 -26.56 6.49
N LEU A 369 -10.03 -25.76 5.74
CA LEU A 369 -10.00 -25.67 4.27
C LEU A 369 -8.70 -25.05 3.76
N PRO A 370 -8.13 -25.54 2.63
CA PRO A 370 -6.87 -24.94 2.15
C PRO A 370 -7.11 -23.56 1.54
N SER A 371 -6.32 -22.56 1.98
CA SER A 371 -6.39 -21.17 1.55
C SER A 371 -6.02 -21.02 0.07
N LYS A 372 -6.93 -20.44 -0.73
CA LYS A 372 -6.75 -20.22 -2.16
C LYS A 372 -6.46 -18.74 -2.45
N LEU A 373 -5.26 -18.44 -2.98
CA LEU A 373 -4.90 -17.07 -3.36
C LEU A 373 -4.60 -17.01 -4.86
N GLY A 374 -5.63 -16.61 -5.61
CA GLY A 374 -5.60 -16.53 -7.06
C GLY A 374 -5.65 -17.90 -7.69
N GLU A 375 -4.50 -18.35 -8.22
CA GLU A 375 -4.35 -19.67 -8.85
C GLU A 375 -3.81 -20.71 -7.86
N GLU A 376 -2.79 -20.31 -7.05
CA GLU A 376 -2.15 -21.16 -6.06
C GLU A 376 -3.10 -21.53 -4.91
N VAL A 377 -3.19 -22.85 -4.62
CA VAL A 377 -4.00 -23.41 -3.53
C VAL A 377 -3.01 -23.87 -2.45
N HIS A 378 -2.89 -23.05 -1.41
CA HIS A 378 -1.94 -23.35 -0.35
C HIS A 378 -2.35 -24.55 0.46
N GLU A 379 -1.36 -25.32 0.91
CA GLU A 379 -1.62 -26.47 1.76
C GLU A 379 -2.20 -25.88 3.05
N ASN A 380 -3.09 -26.62 3.70
CA ASN A 380 -3.70 -26.11 4.92
C ASN A 380 -2.63 -25.81 5.96
N SER A 381 -2.73 -24.64 6.58
CA SER A 381 -1.79 -24.23 7.59
C SER A 381 -1.84 -25.20 8.74
N GLN A 382 -3.06 -25.62 9.07
CA GLN A 382 -3.27 -26.56 10.17
C GLN A 382 -2.86 -27.97 9.78
N ASN A 383 -3.08 -28.35 8.53
CA ASN A 383 -2.79 -29.72 8.09
C ASN A 383 -1.30 -30.01 8.03
N GLN A 384 -0.45 -28.99 8.00
CA GLN A 384 0.99 -29.23 7.97
C GLN A 384 1.49 -29.76 9.30
N LEU A 385 1.21 -29.03 10.39
CA LEU A 385 1.66 -29.47 11.71
C LEU A 385 0.86 -30.67 12.20
N LEU A 386 -0.42 -30.76 11.80
CA LEU A 386 -1.24 -31.88 12.24
C LEU A 386 -0.81 -33.18 11.56
N SER A 387 -0.45 -33.12 10.29
CA SER A 387 0.08 -34.30 9.61
C SER A 387 1.42 -34.70 10.21
N LYS A 388 2.23 -33.72 10.61
CA LYS A 388 3.50 -34.02 11.24
C LYS A 388 3.30 -34.76 12.55
N VAL A 389 2.29 -34.37 13.32
CA VAL A 389 1.96 -35.10 14.54
C VAL A 389 1.56 -36.53 14.23
N LEU A 390 0.81 -36.73 13.14
CA LEU A 390 0.36 -38.07 12.78
C LEU A 390 1.53 -38.91 12.28
N THR A 391 2.45 -38.31 11.52
CA THR A 391 3.66 -39.02 11.09
C THR A 391 4.46 -39.49 12.31
N THR A 392 4.67 -38.60 13.27
CA THR A 392 5.40 -38.97 14.48
C THR A 392 4.65 -40.02 15.28
N SER A 393 3.33 -39.89 15.35
CA SER A 393 2.53 -40.86 16.10
C SER A 393 2.60 -42.25 15.47
N LEU A 394 2.46 -42.33 14.14
CA LEU A 394 2.56 -43.62 13.47
C LEU A 394 3.98 -44.16 13.52
N LEU A 395 4.97 -43.28 13.43
CA LEU A 395 6.36 -43.72 13.48
C LEU A 395 6.74 -44.24 14.85
N ILE A 396 6.20 -43.64 15.92
CA ILE A 396 6.59 -44.05 17.26
C ILE A 396 5.83 -45.29 17.71
N ARG A 397 4.59 -45.49 17.22
CA ARG A 397 3.85 -46.68 17.60
C ARG A 397 4.40 -47.92 16.88
N ASP A 398 5.03 -47.73 15.72
CA ASP A 398 5.67 -48.85 15.03
C ASP A 398 7.10 -49.05 15.53
N LEU A 399 7.81 -47.95 15.82
CA LEU A 399 9.14 -48.06 16.39
C LEU A 399 9.11 -48.63 17.80
N ASN A 400 7.96 -48.63 18.45
CA ASN A 400 7.78 -49.31 19.72
C ASN A 400 7.21 -50.73 19.55
N ASP A 401 6.70 -51.04 18.37
CA ASP A 401 6.14 -52.37 18.12
C ASP A 401 7.23 -53.37 17.77
N ASP A 402 8.23 -52.96 16.99
CA ASP A 402 9.34 -53.85 16.66
C ASP A 402 10.23 -54.12 17.87
N LEU A 403 10.09 -53.33 18.93
CA LEU A 403 10.85 -53.55 20.15
C LEU A 403 10.40 -54.80 20.89
N SER A 404 9.18 -55.27 20.62
CA SER A 404 8.67 -56.46 21.30
C SER A 404 9.55 -57.68 21.04
N LYS A 405 10.07 -57.80 19.82
CA LYS A 405 10.97 -58.90 19.47
C LYS A 405 12.43 -58.46 19.63
N LEU A 406 12.79 -58.16 20.87
CA LEU A 406 14.14 -57.69 21.18
C LEU A 406 15.06 -58.86 21.49
N ARG A 417 19.32 -48.82 26.14
CA ARG A 417 19.96 -49.16 24.87
C ARG A 417 19.41 -48.28 23.74
N VAL A 418 19.63 -48.71 22.50
CA VAL A 418 19.27 -47.89 21.35
C VAL A 418 17.76 -47.83 21.17
N ILE A 419 17.08 -48.97 21.28
CA ILE A 419 15.64 -49.01 21.05
C ILE A 419 14.91 -48.24 22.15
N PHE A 420 15.42 -48.28 23.38
CA PHE A 420 14.84 -47.47 24.45
C PHE A 420 15.18 -46.01 24.28
N SER A 421 16.37 -45.70 23.75
CA SER A 421 16.76 -44.31 23.55
C SER A 421 15.84 -43.59 22.58
N ARG A 422 15.67 -44.17 21.38
CA ARG A 422 14.78 -43.55 20.40
C ARG A 422 13.32 -43.66 20.80
N LEU A 423 12.96 -44.62 21.65
CA LEU A 423 11.61 -44.68 22.18
C LEU A 423 11.32 -43.50 23.09
N MET A 424 12.24 -43.21 24.02
CA MET A 424 12.10 -42.03 24.86
C MET A 424 12.15 -40.76 24.04
N ASN A 425 13.07 -40.70 23.08
CA ASN A 425 13.18 -39.52 22.22
C ASN A 425 11.92 -39.33 21.39
N ALA A 426 11.24 -40.41 21.03
CA ALA A 426 9.96 -40.29 20.35
C ALA A 426 8.86 -39.86 21.30
N PHE A 427 8.92 -40.31 22.56
CA PHE A 427 7.97 -39.87 23.57
C PHE A 427 8.09 -38.36 23.83
N VAL A 428 9.27 -37.80 23.60
CA VAL A 428 9.45 -36.36 23.81
C VAL A 428 8.96 -35.57 22.59
N THR A 429 9.28 -36.05 21.38
CA THR A 429 8.92 -35.31 20.17
C THR A 429 7.43 -35.39 19.86
N ILE A 430 6.69 -36.30 20.49
CA ILE A 430 5.23 -36.31 20.30
C ILE A 430 4.57 -35.31 21.23
N GLN A 431 5.09 -35.18 22.46
CA GLN A 431 4.60 -34.13 23.36
C GLN A 431 4.95 -32.75 22.83
N ASN A 432 6.14 -32.60 22.25
CA ASN A 432 6.52 -31.33 21.65
C ASN A 432 5.83 -31.10 20.31
N ASP A 433 5.31 -32.17 19.69
CA ASP A 433 4.59 -32.00 18.43
C ASP A 433 3.20 -31.41 18.67
N VAL A 434 2.48 -31.93 19.67
CA VAL A 434 1.19 -31.34 20.01
C VAL A 434 1.39 -29.97 20.65
N ASN A 435 2.49 -29.76 21.36
CA ASN A 435 2.80 -28.44 21.88
C ASN A 435 3.02 -27.45 20.74
N ALA A 436 3.69 -27.89 19.68
CA ALA A 436 3.81 -27.05 18.50
C ALA A 436 2.48 -26.94 17.75
N PHE A 437 1.64 -27.96 17.84
CA PHE A 437 0.33 -27.91 17.21
C PHE A 437 -0.54 -26.82 17.82
N ILE A 438 -0.32 -26.54 19.10
CA ILE A 438 -1.09 -25.52 19.80
C ILE A 438 -0.46 -24.12 19.94
N ASP A 439 0.83 -24.05 20.29
CA ASP A 439 1.49 -22.74 20.49
C ASP A 439 2.95 -22.61 20.03
N SER A 440 3.38 -21.37 19.84
CA SER A 440 4.76 -21.05 19.43
C SER A 440 5.68 -20.43 20.50
N THR A 441 5.59 -19.12 20.73
CA THR A 441 6.44 -18.48 21.73
C THR A 441 6.72 -19.42 22.89
N LYS A 442 5.82 -20.36 23.16
CA LYS A 442 6.00 -21.40 24.15
C LYS A 442 6.34 -22.75 23.50
N ALA A 443 7.09 -22.62 22.40
CA ALA A 443 7.64 -23.70 21.59
C ALA A 443 8.87 -23.12 20.87
N GLN A 444 9.76 -24.02 20.41
CA GLN A 444 11.00 -23.66 19.66
C GLN A 444 12.06 -22.80 20.38
N GLY A 445 12.74 -21.94 19.61
CA GLY A 445 13.80 -21.09 20.11
C GLY A 445 15.07 -21.83 20.49
N VAL A 451 10.13 -18.83 11.47
CA VAL A 451 8.89 -18.62 12.20
C VAL A 451 8.11 -19.96 12.21
N PRO A 452 7.71 -20.48 13.41
CA PRO A 452 6.95 -21.74 13.43
C PRO A 452 5.47 -21.54 13.07
N ILE A 453 4.79 -22.65 12.79
CA ILE A 453 3.37 -22.71 12.43
C ILE A 453 2.54 -22.33 13.70
N PRO A 454 1.55 -21.42 13.60
CA PRO A 454 0.79 -21.01 14.80
C PRO A 454 -0.17 -22.09 15.31
N GLY A 455 -0.19 -22.25 16.63
CA GLY A 455 -1.08 -23.16 17.34
C GLY A 455 -2.47 -22.55 17.52
N VAL A 456 -3.41 -23.32 18.09
CA VAL A 456 -4.79 -22.85 18.28
C VAL A 456 -4.86 -21.67 19.27
N LYS A 457 -3.91 -21.59 20.23
CA LYS A 457 -3.82 -20.46 21.16
C LYS A 457 -3.44 -19.20 20.38
N GLN A 458 -2.49 -19.36 19.43
CA GLN A 458 -2.00 -18.31 18.55
C GLN A 458 -3.10 -17.82 17.60
N ALA A 459 -3.97 -18.74 17.14
CA ALA A 459 -5.12 -18.44 16.28
C ALA A 459 -6.14 -17.52 16.98
N LEU A 460 -6.33 -17.71 18.30
CA LEU A 460 -7.26 -16.91 19.09
C LEU A 460 -6.65 -15.58 19.54
N GLU A 461 -5.30 -15.44 19.42
CA GLU A 461 -4.56 -14.25 19.82
C GLU A 461 -3.53 -13.83 18.72
N LYS A 462 -3.91 -13.92 17.42
CA LYS A 462 -3.04 -13.63 16.28
C LYS A 462 -2.42 -12.23 16.37
N LYS A 463 -3.27 -11.20 16.54
CA LYS A 463 -2.87 -9.81 16.70
C LYS A 463 -3.62 -9.27 17.91
N GLU A 464 -4.80 -8.66 17.69
CA GLU A 464 -5.68 -8.18 18.77
C GLU A 464 -6.43 -9.37 19.36
N GLY A 465 -6.60 -10.41 18.55
CA GLY A 465 -7.29 -11.65 18.93
C GLY A 465 -8.61 -11.83 18.19
N LEU A 466 -9.08 -13.10 18.11
CA LEU A 466 -10.35 -13.47 17.47
C LEU A 466 -11.52 -12.72 18.11
N PHE A 467 -11.52 -12.59 19.44
CA PHE A 467 -12.55 -11.90 20.20
C PHE A 467 -12.62 -10.41 19.85
N ARG A 468 -11.46 -9.74 19.72
CA ARG A 468 -11.41 -8.31 19.41
C ARG A 468 -11.60 -8.04 17.92
N LYS A 469 -10.95 -8.80 17.05
CA LYS A 469 -11.02 -8.58 15.60
C LYS A 469 -12.29 -9.15 14.95
N HIS A 470 -12.92 -10.19 15.53
CA HIS A 470 -14.08 -10.79 14.84
C HIS A 470 -15.33 -11.00 15.71
N MET A 471 -15.33 -10.55 16.97
CA MET A 471 -16.53 -10.68 17.80
C MET A 471 -16.99 -9.29 18.28
N MET A 472 -16.14 -8.58 19.07
CA MET A 472 -16.40 -7.21 19.58
C MET A 472 -16.50 -6.19 18.42
N GLY A 473 -15.84 -6.50 17.31
CA GLY A 473 -15.83 -5.71 16.09
C GLY A 473 -16.00 -6.63 14.89
N LYS A 474 -16.74 -6.20 13.86
CA LYS A 474 -16.98 -7.00 12.65
C LYS A 474 -17.17 -6.17 11.40
N ARG A 475 -16.77 -6.72 10.24
CA ARG A 475 -17.03 -6.10 8.93
C ARG A 475 -18.50 -6.35 8.64
N VAL A 476 -19.20 -5.34 8.13
CA VAL A 476 -20.66 -5.44 7.99
C VAL A 476 -21.18 -5.32 6.56
N ASN A 477 -22.38 -5.88 6.35
CA ASN A 477 -23.16 -5.80 5.12
C ASN A 477 -23.92 -4.49 5.13
N TYR A 478 -24.58 -4.13 4.00
CA TYR A 478 -25.42 -2.94 3.83
C TYR A 478 -24.78 -1.68 4.44
N ALA A 479 -23.56 -1.37 3.96
CA ALA A 479 -22.77 -0.23 4.41
C ALA A 479 -21.93 0.34 3.26
N ALA A 480 -21.66 1.65 3.30
CA ALA A 480 -20.91 2.35 2.27
C ALA A 480 -19.93 3.37 2.87
N ARG A 481 -18.90 3.75 2.10
CA ARG A 481 -17.87 4.70 2.52
C ARG A 481 -17.60 5.68 1.38
N SER A 482 -17.43 6.98 1.73
CA SER A 482 -17.18 8.04 0.76
C SER A 482 -16.64 9.30 1.42
N VAL A 483 -15.94 10.12 0.63
CA VAL A 483 -15.41 11.42 1.03
C VAL A 483 -16.62 12.35 1.25
N ILE A 484 -16.64 13.10 2.37
CA ILE A 484 -17.75 14.01 2.65
C ILE A 484 -17.51 15.36 2.01
N SER A 485 -18.59 15.96 1.50
CA SER A 485 -18.62 17.27 0.87
C SER A 485 -19.67 18.15 1.57
N PRO A 486 -19.41 19.46 1.79
CA PRO A 486 -20.39 20.28 2.52
C PRO A 486 -21.62 20.63 1.70
N ASP A 487 -22.75 20.90 2.39
CA ASP A 487 -24.03 21.20 1.75
C ASP A 487 -24.97 21.97 2.70
N PRO A 488 -25.27 23.27 2.42
CA PRO A 488 -26.19 24.00 3.31
C PRO A 488 -27.66 23.92 2.89
N ASN A 489 -27.95 23.23 1.77
CA ASN A 489 -29.30 23.12 1.23
C ASN A 489 -30.04 21.88 1.73
N ILE A 490 -29.34 20.95 2.41
CA ILE A 490 -29.97 19.78 3.01
C ILE A 490 -30.25 20.10 4.49
N GLU A 491 -31.19 19.36 5.11
CA GLU A 491 -31.53 19.56 6.51
C GLU A 491 -30.35 19.17 7.41
N THR A 492 -30.26 19.77 8.61
CA THR A 492 -29.19 19.50 9.57
C THR A 492 -29.25 18.03 10.08
N ASN A 493 -30.42 17.38 9.93
CA ASN A 493 -30.67 16.00 10.34
C ASN A 493 -30.60 15.02 9.15
N GLU A 494 -30.18 15.52 7.97
CA GLU A 494 -30.11 14.75 6.73
C GLU A 494 -28.68 14.45 6.28
N ILE A 495 -28.57 13.52 5.31
CA ILE A 495 -27.34 13.13 4.62
C ILE A 495 -27.64 13.01 3.11
N GLY A 496 -26.79 13.64 2.30
CA GLY A 496 -26.88 13.60 0.85
C GLY A 496 -26.28 12.32 0.33
N VAL A 497 -27.14 11.39 -0.10
CA VAL A 497 -26.68 10.08 -0.56
C VAL A 497 -26.52 10.08 -2.10
N PRO A 498 -25.31 9.74 -2.61
CA PRO A 498 -25.12 9.66 -4.07
C PRO A 498 -26.01 8.58 -4.71
N PRO A 499 -26.53 8.79 -5.94
CA PRO A 499 -27.41 7.78 -6.55
C PRO A 499 -26.75 6.40 -6.75
N VAL A 500 -25.39 6.35 -6.74
CA VAL A 500 -24.56 5.14 -6.84
C VAL A 500 -24.87 4.21 -5.66
N PHE A 501 -24.94 4.78 -4.44
CA PHE A 501 -25.21 4.05 -3.20
C PHE A 501 -26.68 3.67 -3.12
N ALA A 502 -27.57 4.59 -3.57
CA ALA A 502 -29.02 4.43 -3.52
C ALA A 502 -29.51 3.24 -4.35
N VAL A 503 -28.81 2.91 -5.46
CA VAL A 503 -29.18 1.80 -6.35
C VAL A 503 -28.59 0.45 -5.86
N LYS A 504 -27.70 0.48 -4.84
CA LYS A 504 -27.08 -0.74 -4.33
C LYS A 504 -27.62 -1.11 -2.95
N LEU A 505 -27.84 -0.09 -2.09
CA LEU A 505 -28.32 -0.28 -0.71
C LEU A 505 -29.81 -0.49 -0.68
N THR A 506 -30.24 -1.69 -0.26
CA THR A 506 -31.66 -2.06 -0.21
C THR A 506 -32.13 -2.46 1.20
N TYR A 507 -33.43 -2.29 1.42
CA TYR A 507 -34.14 -2.59 2.66
C TYR A 507 -35.16 -3.70 2.43
N PRO A 508 -35.25 -4.73 3.30
CA PRO A 508 -36.25 -5.79 3.07
C PRO A 508 -37.62 -5.30 3.54
N GLU A 509 -38.41 -4.77 2.60
CA GLU A 509 -39.74 -4.22 2.86
C GLU A 509 -40.83 -5.27 2.61
N PRO A 510 -41.55 -5.73 3.66
CA PRO A 510 -42.61 -6.75 3.44
C PRO A 510 -43.82 -6.12 2.76
N VAL A 511 -44.31 -6.77 1.68
CA VAL A 511 -45.44 -6.29 0.87
C VAL A 511 -46.77 -6.50 1.63
N THR A 512 -47.55 -5.42 1.73
CA THR A 512 -48.85 -5.36 2.42
C THR A 512 -49.85 -4.56 1.59
N ALA A 513 -51.11 -4.51 2.04
CA ALA A 513 -52.19 -3.76 1.39
C ALA A 513 -51.90 -2.25 1.36
N TYR A 514 -51.31 -1.72 2.45
CA TYR A 514 -51.00 -0.28 2.57
C TYR A 514 -49.80 0.17 1.72
N ASN A 515 -48.90 -0.76 1.30
CA ASN A 515 -47.72 -0.36 0.53
C ASN A 515 -47.55 -1.12 -0.81
N ILE A 516 -48.61 -1.84 -1.28
CA ILE A 516 -48.59 -2.60 -2.53
C ILE A 516 -48.33 -1.67 -3.74
N ALA A 517 -48.91 -0.46 -3.72
CA ALA A 517 -48.76 0.56 -4.77
C ALA A 517 -47.32 1.04 -4.88
N GLU A 518 -46.70 1.39 -3.74
CA GLU A 518 -45.33 1.91 -3.64
C GLU A 518 -44.28 0.89 -4.09
N LEU A 519 -44.45 -0.40 -3.71
CA LEU A 519 -43.50 -1.47 -4.02
C LEU A 519 -43.66 -2.01 -5.44
N ARG A 520 -44.90 -1.98 -6.01
CA ARG A 520 -45.16 -2.41 -7.39
C ARG A 520 -44.34 -1.58 -8.36
N GLN A 521 -44.27 -0.24 -8.11
CA GLN A 521 -43.49 0.70 -8.90
C GLN A 521 -42.00 0.37 -8.79
N ALA A 522 -41.50 0.18 -7.55
CA ALA A 522 -40.11 -0.18 -7.27
C ALA A 522 -39.70 -1.45 -8.02
N VAL A 523 -40.60 -2.48 -8.04
CA VAL A 523 -40.39 -3.74 -8.74
C VAL A 523 -40.30 -3.49 -10.26
N ILE A 524 -41.21 -2.67 -10.83
CA ILE A 524 -41.22 -2.31 -12.25
C ILE A 524 -39.89 -1.59 -12.60
N ASN A 525 -39.52 -0.57 -11.78
CA ASN A 525 -38.31 0.25 -11.92
C ASN A 525 -37.03 -0.59 -11.97
N GLY A 526 -36.98 -1.64 -11.14
CA GLY A 526 -35.85 -2.55 -11.11
C GLY A 526 -34.64 -2.08 -10.33
N PRO A 527 -33.47 -2.74 -10.52
CA PRO A 527 -32.30 -2.42 -9.70
C PRO A 527 -31.43 -1.26 -10.17
N ASP A 528 -31.71 -0.68 -11.35
CA ASP A 528 -30.89 0.42 -11.85
C ASP A 528 -31.63 1.76 -11.90
N LYS A 529 -32.97 1.76 -11.72
CA LYS A 529 -33.79 2.98 -11.72
C LYS A 529 -34.29 3.24 -10.30
N TRP A 530 -33.94 4.40 -9.74
CA TRP A 530 -34.32 4.81 -8.37
C TRP A 530 -35.65 5.58 -8.37
N PRO A 531 -36.58 5.31 -7.42
CA PRO A 531 -36.57 4.29 -6.37
C PRO A 531 -37.05 2.94 -6.90
N GLY A 532 -36.13 1.99 -6.93
CA GLY A 532 -36.40 0.64 -7.42
C GLY A 532 -36.29 -0.46 -6.40
N ALA A 533 -35.92 -1.67 -6.89
CA ALA A 533 -35.78 -2.89 -6.09
C ALA A 533 -34.83 -3.86 -6.78
N THR A 534 -33.87 -4.40 -6.03
CA THR A 534 -32.87 -5.32 -6.54
C THR A 534 -33.36 -6.79 -6.53
N GLN A 535 -34.24 -7.15 -5.59
CA GLN A 535 -34.72 -8.50 -5.39
C GLN A 535 -36.12 -8.58 -4.76
N ILE A 536 -36.77 -9.74 -4.89
CA ILE A 536 -38.08 -10.03 -4.32
C ILE A 536 -38.01 -11.40 -3.64
N GLN A 537 -38.37 -11.46 -2.34
CA GLN A 537 -38.38 -12.69 -1.55
C GLN A 537 -39.80 -13.22 -1.42
N ASN A 538 -40.05 -14.42 -1.93
CA ASN A 538 -41.37 -15.06 -1.84
C ASN A 538 -41.60 -15.59 -0.42
N GLU A 539 -42.86 -15.90 -0.09
CA GLU A 539 -43.24 -16.43 1.23
C GLU A 539 -42.68 -17.85 1.48
N ASP A 540 -42.30 -18.59 0.42
CA ASP A 540 -41.73 -19.94 0.55
C ASP A 540 -40.28 -19.86 1.07
N GLY A 541 -39.70 -18.66 1.07
CA GLY A 541 -38.34 -18.39 1.52
C GLY A 541 -37.34 -18.14 0.40
N SER A 542 -37.70 -18.51 -0.85
CA SER A 542 -36.85 -18.34 -2.03
C SER A 542 -36.71 -16.88 -2.44
N LEU A 543 -35.63 -16.57 -3.18
CA LEU A 543 -35.32 -15.23 -3.69
C LEU A 543 -35.39 -15.19 -5.22
N VAL A 544 -35.94 -14.09 -5.76
CA VAL A 544 -36.04 -13.87 -7.20
C VAL A 544 -35.31 -12.57 -7.52
N SER A 545 -34.13 -12.67 -8.17
CA SER A 545 -33.35 -11.49 -8.53
C SER A 545 -33.97 -10.79 -9.73
N LEU A 546 -34.10 -9.46 -9.64
CA LEU A 546 -34.69 -8.61 -10.68
C LEU A 546 -33.59 -8.00 -11.58
N ILE A 547 -32.31 -8.34 -11.30
CA ILE A 547 -31.12 -7.80 -11.97
C ILE A 547 -31.12 -8.11 -13.49
N GLY A 548 -31.19 -9.38 -13.88
CA GLY A 548 -31.16 -9.76 -15.28
C GLY A 548 -32.44 -9.54 -16.09
N MET A 549 -33.57 -9.41 -15.39
CA MET A 549 -34.90 -9.28 -15.98
C MET A 549 -35.18 -7.94 -16.68
N SER A 550 -36.00 -8.01 -17.73
CA SER A 550 -36.48 -6.86 -18.51
C SER A 550 -37.83 -6.40 -17.93
N VAL A 551 -38.25 -5.16 -18.26
CA VAL A 551 -39.47 -4.48 -17.80
C VAL A 551 -40.72 -5.40 -17.86
N GLU A 552 -40.76 -6.36 -18.82
CA GLU A 552 -41.87 -7.28 -19.02
C GLU A 552 -42.05 -8.26 -17.85
N GLN A 553 -40.97 -8.95 -17.42
CA GLN A 553 -41.01 -9.91 -16.30
C GLN A 553 -41.30 -9.19 -14.98
N ARG A 554 -40.69 -8.00 -14.77
CA ARG A 554 -40.84 -7.16 -13.58
C ARG A 554 -42.30 -6.74 -13.40
N LYS A 555 -42.98 -6.39 -14.51
CA LYS A 555 -44.39 -5.98 -14.52
C LYS A 555 -45.28 -7.16 -14.08
N ALA A 556 -44.93 -8.40 -14.52
CA ALA A 556 -45.63 -9.65 -14.21
C ALA A 556 -45.50 -10.03 -12.73
N LEU A 557 -44.28 -9.88 -12.17
CA LEU A 557 -43.98 -10.18 -10.75
C LEU A 557 -44.66 -9.19 -9.82
N ALA A 558 -44.79 -7.91 -10.25
CA ALA A 558 -45.43 -6.84 -9.48
C ALA A 558 -46.93 -7.12 -9.28
N ASN A 559 -47.57 -7.74 -10.30
CA ASN A 559 -48.98 -8.12 -10.28
C ASN A 559 -49.16 -9.46 -9.56
N GLN A 560 -48.07 -10.03 -9.02
CA GLN A 560 -48.06 -11.29 -8.27
C GLN A 560 -47.54 -11.10 -6.83
N LEU A 561 -47.37 -9.84 -6.39
CA LEU A 561 -46.83 -9.53 -5.05
C LEU A 561 -47.84 -9.81 -3.93
N LEU A 562 -49.11 -9.37 -4.08
CA LEU A 562 -50.15 -9.53 -3.05
C LEU A 562 -51.05 -10.78 -3.29
N THR A 563 -50.53 -11.83 -3.96
CA THR A 563 -51.30 -13.07 -4.19
C THR A 563 -51.33 -13.92 -2.91
N PRO A 564 -52.52 -14.48 -2.52
CA PRO A 564 -52.58 -15.28 -1.28
C PRO A 564 -51.80 -16.58 -1.37
N SER A 565 -51.08 -16.92 -0.28
CA SER A 565 -50.26 -18.12 -0.16
C SER A 565 -51.13 -19.39 -0.15
N SER A 566 -50.93 -20.24 -1.18
CA SER A 566 -51.63 -21.52 -1.36
C SER A 566 -51.23 -22.50 -0.23
N ASN A 567 -49.92 -22.53 0.10
CA ASN A 567 -49.33 -23.36 1.15
C ASN A 567 -49.76 -22.86 2.53
N VAL A 568 -50.31 -23.76 3.35
CA VAL A 568 -50.78 -23.49 4.71
C VAL A 568 -49.56 -23.31 5.66
N SER A 569 -48.40 -23.92 5.32
CA SER A 569 -47.18 -23.83 6.11
C SER A 569 -46.50 -22.45 6.01
N THR A 570 -46.95 -21.58 5.09
CA THR A 570 -46.40 -20.23 4.90
C THR A 570 -47.51 -19.16 4.75
N HIS A 571 -48.78 -19.50 5.11
CA HIS A 571 -49.93 -18.57 5.00
C HIS A 571 -49.75 -17.33 5.91
N THR A 572 -48.96 -17.49 6.98
CA THR A 572 -48.63 -16.49 7.99
C THR A 572 -47.75 -15.42 7.33
N LEU A 573 -46.87 -15.87 6.42
CA LEU A 573 -45.90 -15.04 5.74
C LEU A 573 -46.50 -14.28 4.55
N ASN A 574 -45.78 -13.23 4.14
CA ASN A 574 -46.06 -12.36 3.02
C ASN A 574 -44.75 -12.08 2.31
N LYS A 575 -44.80 -11.80 1.00
CA LYS A 575 -43.61 -11.52 0.19
C LYS A 575 -42.86 -10.26 0.68
N LYS A 576 -41.57 -10.21 0.40
CA LYS A 576 -40.69 -9.08 0.73
C LYS A 576 -40.11 -8.51 -0.55
N VAL A 577 -39.87 -7.20 -0.56
CA VAL A 577 -39.27 -6.52 -1.70
C VAL A 577 -38.00 -5.82 -1.18
N TYR A 578 -36.84 -6.19 -1.76
CA TYR A 578 -35.55 -5.63 -1.39
C TYR A 578 -35.40 -4.34 -2.20
N ARG A 579 -36.11 -3.30 -1.71
CA ARG A 579 -36.24 -1.98 -2.31
C ARG A 579 -35.06 -1.07 -2.04
N HIS A 580 -34.76 -0.21 -3.04
CA HIS A 580 -33.70 0.81 -2.96
C HIS A 580 -33.92 1.70 -1.76
N ILE A 581 -32.83 2.27 -1.22
CA ILE A 581 -32.92 3.19 -0.10
C ILE A 581 -33.67 4.47 -0.57
N LYS A 582 -34.81 4.76 0.07
CA LYS A 582 -35.67 5.92 -0.25
C LYS A 582 -35.29 7.14 0.64
N ASN A 583 -36.00 8.27 0.46
CA ASN A 583 -35.76 9.50 1.22
C ASN A 583 -36.39 9.49 2.62
N ARG A 584 -37.04 8.38 3.01
CA ARG A 584 -37.68 8.25 4.33
C ARG A 584 -36.86 7.37 5.28
N ASP A 585 -35.75 6.80 4.78
CA ASP A 585 -34.91 5.86 5.53
C ASP A 585 -33.91 6.51 6.49
N VAL A 586 -33.44 5.70 7.46
CA VAL A 586 -32.42 6.06 8.44
C VAL A 586 -31.12 5.42 8.07
N VAL A 587 -30.06 6.16 8.34
CA VAL A 587 -28.72 5.73 8.08
C VAL A 587 -27.87 6.13 9.28
N LEU A 588 -26.82 5.35 9.57
CA LEU A 588 -25.90 5.65 10.65
C LEU A 588 -24.66 6.27 10.05
N MET A 589 -24.43 7.55 10.32
CA MET A 589 -23.25 8.21 9.81
C MET A 589 -22.14 8.10 10.84
N ASN A 590 -20.94 7.70 10.40
CA ASN A 590 -19.82 7.49 11.29
C ASN A 590 -18.56 8.13 10.72
N ARG A 591 -17.87 8.91 11.55
CA ARG A 591 -16.60 9.55 11.22
C ARG A 591 -15.58 9.08 12.28
N GLN A 592 -14.60 8.27 11.83
CA GLN A 592 -13.58 7.68 12.70
C GLN A 592 -12.46 8.69 13.01
N PRO A 593 -11.87 8.71 14.24
CA PRO A 593 -12.14 7.85 15.41
C PRO A 593 -13.44 8.21 16.11
N THR A 594 -14.20 7.18 16.55
CA THR A 594 -15.48 7.38 17.23
C THR A 594 -15.19 7.51 18.74
N LEU A 595 -14.63 8.68 19.12
CA LEU A 595 -14.21 9.01 20.48
C LEU A 595 -15.40 9.21 21.46
N HIS A 596 -16.57 9.59 20.93
CA HIS A 596 -17.81 9.76 21.69
C HIS A 596 -19.02 9.44 20.80
N LYS A 597 -20.12 8.92 21.38
CA LYS A 597 -21.34 8.49 20.68
C LYS A 597 -21.91 9.55 19.69
N ALA A 598 -21.55 10.84 19.85
CA ALA A 598 -21.99 11.88 18.93
C ALA A 598 -21.32 11.74 17.55
N SER A 599 -20.19 11.00 17.47
CA SER A 599 -19.47 10.72 16.22
C SER A 599 -20.14 9.54 15.44
N MET A 600 -21.29 9.04 15.92
CA MET A 600 -22.08 7.99 15.28
C MET A 600 -23.56 8.30 15.48
N MET A 601 -24.12 9.13 14.59
CA MET A 601 -25.50 9.58 14.68
C MET A 601 -26.35 9.02 13.54
N GLY A 602 -27.68 9.14 13.71
CA GLY A 602 -28.66 8.73 12.72
C GLY A 602 -29.10 9.89 11.85
N HIS A 603 -28.89 9.77 10.53
CA HIS A 603 -29.27 10.81 9.55
C HIS A 603 -30.41 10.36 8.62
N LYS A 604 -31.23 11.33 8.15
CA LYS A 604 -32.33 11.07 7.22
C LYS A 604 -31.78 11.11 5.81
N VAL A 605 -31.97 10.02 5.06
CA VAL A 605 -31.48 9.87 3.69
C VAL A 605 -32.14 10.87 2.74
N ARG A 606 -31.29 11.60 1.98
CA ARG A 606 -31.74 12.51 0.94
C ARG A 606 -30.89 12.23 -0.30
N VAL A 607 -31.46 11.44 -1.23
CA VAL A 607 -30.81 11.06 -2.47
C VAL A 607 -30.76 12.29 -3.35
N LEU A 608 -29.54 12.73 -3.68
CA LEU A 608 -29.26 13.91 -4.49
C LEU A 608 -28.77 13.46 -5.86
N PRO A 609 -29.48 13.82 -6.96
CA PRO A 609 -29.02 13.38 -8.30
C PRO A 609 -27.67 13.94 -8.71
N ASN A 610 -26.98 13.21 -9.62
CA ASN A 610 -25.67 13.55 -10.22
C ASN A 610 -24.60 13.85 -9.13
N GLU A 611 -24.57 13.02 -8.08
CA GLU A 611 -23.61 13.16 -6.98
C GLU A 611 -22.67 11.97 -6.91
N LYS A 612 -21.41 12.21 -6.54
CA LYS A 612 -20.42 11.15 -6.41
C LYS A 612 -19.80 11.14 -4.99
N THR A 613 -20.30 12.03 -4.09
CA THR A 613 -19.83 12.15 -2.71
C THR A 613 -20.98 12.30 -1.70
N LEU A 614 -20.72 11.95 -0.43
CA LEU A 614 -21.72 12.09 0.63
C LEU A 614 -21.83 13.56 1.03
N ARG A 615 -23.03 14.15 0.91
CA ARG A 615 -23.21 15.56 1.26
C ARG A 615 -23.64 15.69 2.72
N LEU A 616 -22.96 16.56 3.49
CA LEU A 616 -23.24 16.77 4.91
C LEU A 616 -23.39 18.25 5.24
N HIS A 617 -24.39 18.60 6.09
CA HIS A 617 -24.61 19.99 6.52
C HIS A 617 -23.53 20.41 7.52
N TYR A 618 -23.27 21.73 7.59
CA TYR A 618 -22.26 22.33 8.46
C TYR A 618 -22.54 22.15 9.97
N ALA A 619 -23.81 21.97 10.39
CA ALA A 619 -24.15 21.81 11.81
C ALA A 619 -23.56 20.52 12.42
N ASN A 620 -23.28 19.52 11.56
CA ASN A 620 -22.76 18.20 11.95
C ASN A 620 -21.24 18.18 12.11
N THR A 621 -20.55 19.22 11.63
CA THR A 621 -19.08 19.36 11.62
C THR A 621 -18.44 19.18 13.02
N GLY A 622 -19.07 19.74 14.05
CA GLY A 622 -18.55 19.72 15.41
C GLY A 622 -18.55 18.36 16.08
N ALA A 623 -19.72 17.70 16.13
CA ALA A 623 -19.93 16.39 16.75
C ALA A 623 -19.04 15.30 16.13
N TYR A 624 -18.94 15.24 14.80
CA TYR A 624 -18.11 14.26 14.11
C TYR A 624 -16.64 14.61 14.19
N ASN A 625 -16.32 15.91 14.46
CA ASN A 625 -14.98 16.49 14.49
C ASN A 625 -14.38 16.27 13.09
N ALA A 626 -15.25 16.46 12.10
CA ALA A 626 -14.98 16.28 10.69
C ALA A 626 -14.86 17.61 9.98
N ASP A 627 -13.73 17.80 9.30
CA ASP A 627 -13.43 18.96 8.48
C ASP A 627 -13.43 18.46 7.04
N PHE A 628 -13.99 19.25 6.11
CA PHE A 628 -14.11 18.82 4.72
C PHE A 628 -12.77 18.99 3.96
N ASP A 629 -11.68 18.43 4.54
CA ASP A 629 -10.31 18.47 4.00
C ASP A 629 -9.94 17.16 3.26
N GLY A 630 -10.97 16.47 2.78
CA GLY A 630 -10.83 15.18 2.10
C GLY A 630 -11.09 14.03 3.04
N ASP A 631 -11.89 14.29 4.09
CA ASP A 631 -12.29 13.33 5.14
C ASP A 631 -13.20 12.26 4.58
N GLU A 632 -13.23 11.10 5.23
CA GLU A 632 -14.09 9.99 4.82
C GLU A 632 -15.09 9.64 5.93
N MET A 633 -16.31 9.26 5.53
CA MET A 633 -17.34 8.87 6.48
C MET A 633 -18.00 7.55 6.08
N ASN A 634 -18.37 6.75 7.08
CA ASN A 634 -19.03 5.47 6.91
C ASN A 634 -20.54 5.62 7.06
N MET A 635 -21.27 5.03 6.13
CA MET A 635 -22.72 5.03 6.13
C MET A 635 -23.22 3.62 6.36
N HIS A 636 -24.00 3.42 7.40
CA HIS A 636 -24.55 2.12 7.72
C HIS A 636 -26.05 2.17 7.49
N PHE A 637 -26.58 1.15 6.80
CA PHE A 637 -28.01 1.09 6.50
C PHE A 637 -28.69 -0.04 7.29
N PRO A 638 -29.17 0.22 8.54
CA PRO A 638 -29.82 -0.86 9.34
C PRO A 638 -31.03 -1.47 8.61
N GLN A 639 -31.15 -2.81 8.69
CA GLN A 639 -32.12 -3.60 7.92
C GLN A 639 -33.42 -4.04 8.63
N ASN A 640 -33.80 -3.45 9.77
CA ASN A 640 -35.08 -3.78 10.42
C ASN A 640 -35.66 -2.54 11.13
N GLU A 641 -37.00 -2.54 11.39
CA GLU A 641 -37.72 -1.42 11.98
C GLU A 641 -37.27 -1.08 13.42
N ASN A 642 -36.86 -2.08 14.22
CA ASN A 642 -36.41 -1.83 15.58
C ASN A 642 -35.09 -1.06 15.54
N ALA A 643 -34.22 -1.39 14.57
CA ALA A 643 -32.96 -0.71 14.36
C ALA A 643 -33.22 0.68 13.74
N ARG A 644 -34.30 0.80 12.92
CA ARG A 644 -34.72 2.08 12.33
C ARG A 644 -35.15 3.06 13.41
N ALA A 645 -36.09 2.61 14.28
CA ALA A 645 -36.65 3.38 15.39
C ALA A 645 -35.57 3.93 16.29
N GLU A 646 -34.50 3.15 16.50
CA GLU A 646 -33.37 3.49 17.34
C GLU A 646 -32.52 4.60 16.72
N ALA A 647 -32.29 4.49 15.40
CA ALA A 647 -31.51 5.47 14.64
C ALA A 647 -32.32 6.76 14.40
N LEU A 648 -33.65 6.71 14.59
CA LEU A 648 -34.53 7.87 14.39
C LEU A 648 -34.95 8.54 15.70
N ASN A 649 -34.86 7.83 16.83
CA ASN A 649 -35.32 8.39 18.10
C ASN A 649 -34.24 8.41 19.21
N LEU A 650 -33.24 7.52 19.15
CA LEU A 650 -32.19 7.52 20.17
C LEU A 650 -30.86 8.08 19.66
N ALA A 651 -30.27 7.46 18.62
CA ALA A 651 -28.99 7.88 18.09
C ALA A 651 -29.12 8.98 16.98
N ASN A 652 -30.35 9.46 16.68
CA ASN A 652 -30.59 10.51 15.69
C ASN A 652 -29.88 11.83 16.07
N THR A 653 -29.51 12.62 15.07
CA THR A 653 -28.77 13.87 15.27
C THR A 653 -29.44 14.99 16.07
N ASP A 654 -30.77 15.05 16.01
CA ASP A 654 -31.57 16.09 16.68
C ASP A 654 -31.38 16.14 18.19
N SER A 655 -31.21 14.97 18.81
CA SER A 655 -31.03 14.88 20.27
C SER A 655 -29.59 15.14 20.74
N GLN A 656 -28.68 15.36 19.79
CA GLN A 656 -27.27 15.60 20.05
C GLN A 656 -26.90 17.08 20.11
N TYR A 657 -27.90 17.95 20.24
CA TYR A 657 -27.62 19.39 20.28
C TYR A 657 -26.70 19.69 21.46
N LEU A 658 -26.97 19.07 22.60
CA LEU A 658 -26.08 19.18 23.75
C LEU A 658 -25.37 17.88 24.01
N THR A 659 -24.06 17.94 24.20
CA THR A 659 -23.20 16.80 24.49
C THR A 659 -23.38 16.41 25.97
N PRO A 660 -23.33 15.12 26.37
CA PRO A 660 -23.51 14.80 27.79
C PRO A 660 -22.25 15.07 28.63
N THR A 661 -21.12 15.44 28.00
CA THR A 661 -19.86 15.70 28.68
C THR A 661 -19.95 16.89 29.64
N SER A 662 -20.53 18.01 29.18
CA SER A 662 -20.67 19.25 29.95
C SER A 662 -22.07 19.88 29.81
N GLY A 663 -22.93 19.26 28.99
CA GLY A 663 -24.28 19.73 28.72
C GLY A 663 -24.29 20.99 27.87
N SER A 664 -23.20 21.21 27.10
CA SER A 664 -23.01 22.39 26.23
C SER A 664 -23.32 22.02 24.77
N PRO A 665 -23.67 23.00 23.90
CA PRO A 665 -24.01 22.66 22.51
C PRO A 665 -22.82 22.24 21.64
N VAL A 666 -23.08 21.30 20.71
CA VAL A 666 -22.11 20.80 19.73
C VAL A 666 -22.67 21.04 18.31
N ARG A 667 -23.78 21.81 18.21
CA ARG A 667 -24.45 22.13 16.96
C ARG A 667 -24.57 23.64 16.79
N GLY A 668 -24.25 24.12 15.59
CA GLY A 668 -24.30 25.53 15.22
C GLY A 668 -23.65 25.80 13.87
N LEU A 669 -23.85 27.00 13.33
CA LEU A 669 -23.29 27.41 12.04
C LEU A 669 -21.78 27.76 12.25
N ILE A 670 -20.90 27.51 11.23
CA ILE A 670 -19.44 27.59 11.45
C ILE A 670 -18.67 28.84 10.88
N GLN A 671 -18.83 29.29 9.60
CA GLN A 671 -17.93 30.36 9.13
C GLN A 671 -18.60 31.49 8.35
N ASP A 672 -19.08 31.23 7.10
CA ASP A 672 -19.74 32.24 6.27
C ASP A 672 -20.95 32.81 6.95
N HIS A 673 -21.74 31.92 7.59
CA HIS A 673 -22.97 32.23 8.32
C HIS A 673 -22.74 33.17 9.49
N ILE A 674 -21.61 33.04 10.18
CA ILE A 674 -21.25 33.88 11.33
C ILE A 674 -20.89 35.28 10.81
N SER A 675 -20.08 35.36 9.73
CA SER A 675 -19.68 36.61 9.10
C SER A 675 -20.88 37.31 8.43
N ALA A 676 -21.82 36.51 7.91
CA ALA A 676 -23.04 37.00 7.28
C ALA A 676 -23.96 37.64 8.31
N GLY A 677 -24.06 37.02 9.49
CA GLY A 677 -24.91 37.48 10.59
C GLY A 677 -24.51 38.80 11.19
N VAL A 678 -23.18 39.04 11.31
CA VAL A 678 -22.60 40.28 11.84
C VAL A 678 -22.95 41.42 10.88
N TRP A 679 -23.00 41.13 9.56
CA TRP A 679 -23.36 42.12 8.55
C TRP A 679 -24.87 42.32 8.44
N LEU A 680 -25.65 41.22 8.37
CA LEU A 680 -27.11 41.27 8.23
C LEU A 680 -27.77 41.94 9.44
N THR A 681 -27.34 41.63 10.67
CA THR A 681 -27.96 42.18 11.88
C THR A 681 -27.34 43.56 12.29
N SER A 682 -26.42 44.11 11.46
CA SER A 682 -25.80 45.42 11.71
C SER A 682 -26.83 46.54 11.50
N LYS A 683 -26.71 47.66 12.25
CA LYS A 683 -27.63 48.82 12.16
C LYS A 683 -27.71 49.36 10.72
N ASP A 684 -26.56 49.43 10.02
CA ASP A 684 -26.40 49.92 8.65
C ASP A 684 -27.18 49.09 7.61
N SER A 685 -27.52 47.83 7.94
CA SER A 685 -28.26 46.95 7.03
C SER A 685 -29.77 47.26 7.01
N PHE A 686 -30.23 47.84 5.87
CA PHE A 686 -31.64 48.14 5.60
C PHE A 686 -32.11 47.35 4.37
N PHE A 687 -33.44 47.12 4.24
CA PHE A 687 -34.01 46.30 3.15
C PHE A 687 -35.38 46.81 2.70
N THR A 688 -35.62 46.83 1.38
CA THR A 688 -36.91 47.25 0.82
C THR A 688 -37.89 46.07 0.93
N ARG A 689 -39.22 46.34 0.78
CA ARG A 689 -40.31 45.33 0.85
C ARG A 689 -39.98 44.11 0.00
N GLU A 690 -39.55 44.33 -1.26
CA GLU A 690 -39.16 43.32 -2.24
C GLU A 690 -37.97 42.48 -1.72
N GLN A 691 -36.91 43.14 -1.21
CA GLN A 691 -35.71 42.51 -0.65
C GLN A 691 -36.04 41.69 0.59
N TYR A 692 -36.78 42.30 1.55
CA TYR A 692 -37.19 41.74 2.86
C TYR A 692 -37.98 40.45 2.69
N GLN A 693 -39.05 40.48 1.88
CA GLN A 693 -39.91 39.32 1.62
C GLN A 693 -39.14 38.19 0.93
N GLN A 694 -38.18 38.54 0.06
CA GLN A 694 -37.33 37.59 -0.64
C GLN A 694 -36.47 36.81 0.37
N TYR A 695 -35.83 37.52 1.32
CA TYR A 695 -34.99 36.89 2.35
C TYR A 695 -35.78 35.95 3.22
N ILE A 696 -37.08 36.26 3.45
CA ILE A 696 -38.00 35.45 4.27
C ILE A 696 -38.30 34.13 3.56
N TYR A 697 -38.82 34.18 2.32
CA TYR A 697 -39.19 32.98 1.57
C TYR A 697 -37.95 32.18 1.13
N GLY A 698 -36.83 32.87 0.98
CA GLY A 698 -35.55 32.26 0.62
C GLY A 698 -35.12 31.20 1.62
N CYS A 699 -35.41 31.41 2.92
CA CYS A 699 -35.03 30.47 3.98
C CYS A 699 -36.25 29.74 4.58
N ILE A 700 -37.45 30.32 4.48
CA ILE A 700 -38.66 29.71 5.01
C ILE A 700 -39.60 29.35 3.87
N ARG A 701 -39.82 28.05 3.65
CA ARG A 701 -40.72 27.53 2.62
C ARG A 701 -41.87 26.78 3.30
N PRO A 702 -43.12 27.32 3.26
CA PRO A 702 -44.24 26.62 3.92
C PRO A 702 -44.50 25.21 3.36
N GLU A 703 -44.25 25.01 2.05
CA GLU A 703 -44.44 23.74 1.35
C GLU A 703 -43.51 22.64 1.91
N ASP A 704 -42.33 23.03 2.43
CA ASP A 704 -41.35 22.12 3.02
C ASP A 704 -41.60 21.99 4.55
N GLY A 705 -42.74 22.50 5.00
CA GLY A 705 -43.18 22.47 6.38
C GLY A 705 -42.36 23.30 7.34
N HIS A 706 -41.75 24.40 6.86
CA HIS A 706 -40.92 25.28 7.68
C HIS A 706 -41.79 26.21 8.55
N THR A 707 -43.01 26.55 8.10
CA THR A 707 -43.93 27.44 8.81
C THR A 707 -44.76 26.72 9.87
N THR A 708 -45.34 27.51 10.79
CA THR A 708 -46.21 27.07 11.88
C THR A 708 -47.57 27.81 11.80
N ARG A 709 -47.77 28.66 10.78
CA ARG A 709 -48.98 29.47 10.63
C ARG A 709 -49.69 29.27 9.27
N SER A 710 -49.14 28.41 8.36
CA SER A 710 -49.67 28.08 7.02
C SER A 710 -49.78 29.32 6.06
N LYS A 711 -49.24 30.48 6.51
CA LYS A 711 -49.17 31.75 5.79
C LYS A 711 -48.02 32.55 6.41
N ILE A 712 -47.12 33.04 5.54
CA ILE A 712 -45.94 33.79 5.97
C ILE A 712 -46.37 35.15 6.54
N VAL A 713 -46.26 35.29 7.86
CA VAL A 713 -46.57 36.52 8.58
C VAL A 713 -45.37 37.47 8.46
N THR A 714 -45.64 38.76 8.28
CA THR A 714 -44.58 39.76 8.11
C THR A 714 -44.82 40.96 9.01
N LEU A 715 -43.74 41.43 9.64
CA LEU A 715 -43.73 42.59 10.52
C LEU A 715 -43.89 43.89 9.70
N PRO A 716 -44.39 45.01 10.29
CA PRO A 716 -44.48 46.26 9.52
C PRO A 716 -43.06 46.85 9.36
N PRO A 717 -42.79 47.80 8.43
CA PRO A 717 -41.42 48.33 8.30
C PRO A 717 -41.00 49.17 9.50
N THR A 718 -39.67 49.30 9.75
CA THR A 718 -39.18 50.14 10.85
C THR A 718 -39.15 51.58 10.39
N ILE A 719 -39.05 51.82 9.07
CA ILE A 719 -39.10 53.16 8.48
C ILE A 719 -40.34 53.18 7.58
N PHE A 720 -41.28 54.09 7.87
CA PHE A 720 -42.52 54.29 7.11
C PHE A 720 -42.31 55.37 6.04
N LYS A 721 -41.92 56.59 6.48
CA LYS A 721 -41.65 57.74 5.61
C LYS A 721 -40.16 58.12 5.67
N PRO A 722 -39.48 58.51 4.56
CA PRO A 722 -39.99 58.68 3.18
C PRO A 722 -40.26 57.38 2.44
N TYR A 723 -39.31 56.43 2.47
CA TYR A 723 -39.38 55.14 1.78
C TYR A 723 -39.62 54.00 2.79
N PRO A 724 -40.50 53.00 2.50
CA PRO A 724 -40.71 51.91 3.46
C PRO A 724 -39.48 50.98 3.50
N LEU A 725 -38.83 50.90 4.68
CA LEU A 725 -37.63 50.10 4.87
C LEU A 725 -37.69 49.24 6.13
N TRP A 726 -37.16 48.02 6.02
CA TRP A 726 -37.05 47.01 7.06
C TRP A 726 -35.62 46.92 7.53
N THR A 727 -35.40 46.70 8.83
CA THR A 727 -34.04 46.58 9.34
C THR A 727 -33.60 45.11 9.19
N GLY A 728 -32.29 44.87 9.30
CA GLY A 728 -31.73 43.53 9.23
C GLY A 728 -32.20 42.63 10.36
N LYS A 729 -32.26 43.20 11.58
CA LYS A 729 -32.71 42.53 12.80
C LYS A 729 -34.17 42.04 12.69
N GLN A 730 -35.00 42.76 11.90
CA GLN A 730 -36.41 42.43 11.65
C GLN A 730 -36.56 41.11 10.89
N ILE A 731 -35.57 40.77 10.04
CA ILE A 731 -35.58 39.49 9.31
C ILE A 731 -35.45 38.35 10.34
N ILE A 732 -34.56 38.51 11.35
CA ILE A 732 -34.35 37.54 12.43
C ILE A 732 -35.63 37.42 13.27
N THR A 733 -36.36 38.53 13.47
CA THR A 733 -37.62 38.50 14.21
C THR A 733 -38.68 37.72 13.41
N THR A 734 -38.77 37.99 12.09
CA THR A 734 -39.73 37.34 11.20
C THR A 734 -39.44 35.85 11.06
N VAL A 735 -38.15 35.43 11.04
CA VAL A 735 -37.83 34.00 10.90
C VAL A 735 -38.34 33.24 12.14
N LEU A 736 -38.16 33.81 13.35
CA LEU A 736 -38.63 33.21 14.60
C LEU A 736 -40.16 33.19 14.66
N LEU A 737 -40.79 34.28 14.20
CA LEU A 737 -42.24 34.45 14.17
C LEU A 737 -42.94 33.40 13.29
N ASN A 738 -42.23 32.83 12.32
CA ASN A 738 -42.80 31.82 11.43
C ASN A 738 -42.35 30.39 11.76
N VAL A 739 -41.28 30.21 12.58
CA VAL A 739 -40.81 28.86 12.92
C VAL A 739 -41.22 28.45 14.36
N THR A 740 -41.44 29.42 15.27
CA THR A 740 -41.85 29.10 16.65
C THR A 740 -43.39 28.94 16.71
N PRO A 741 -43.93 28.05 17.59
CA PRO A 741 -45.40 27.84 17.64
C PRO A 741 -46.23 29.11 17.93
N PRO A 742 -47.43 29.25 17.32
CA PRO A 742 -48.24 30.45 17.55
C PRO A 742 -48.89 30.48 18.94
N ASP A 743 -49.17 29.29 19.49
CA ASP A 743 -49.79 29.06 20.79
C ASP A 743 -48.89 29.52 21.95
N MET A 744 -47.55 29.47 21.78
CA MET A 744 -46.60 29.88 22.81
C MET A 744 -46.13 31.35 22.64
N PRO A 745 -45.82 32.08 23.75
CA PRO A 745 -45.33 33.47 23.58
C PRO A 745 -43.89 33.51 23.06
N GLY A 746 -43.48 34.69 22.59
CA GLY A 746 -42.14 34.94 22.06
C GLY A 746 -41.04 34.82 23.09
N ILE A 747 -39.82 34.56 22.61
CA ILE A 747 -38.66 34.36 23.49
C ILE A 747 -38.18 35.69 24.12
N ASN A 748 -37.76 35.61 25.39
CA ASN A 748 -37.23 36.73 26.17
C ASN A 748 -35.83 36.36 26.64
N LEU A 749 -34.79 37.04 26.09
CA LEU A 749 -33.39 36.74 26.42
C LEU A 749 -32.52 38.02 26.37
N ILE A 750 -31.65 38.17 27.40
CA ILE A 750 -30.69 39.26 27.47
C ILE A 750 -29.29 38.60 27.50
N SER A 751 -28.66 38.52 26.33
CA SER A 751 -27.34 37.91 26.15
C SER A 751 -26.27 38.97 25.80
N LYS A 752 -25.04 38.53 25.46
CA LYS A 752 -23.92 39.40 25.08
C LYS A 752 -23.27 38.92 23.77
N ASN A 753 -22.46 39.78 23.15
CA ASN A 753 -21.74 39.52 21.91
C ASN A 753 -20.23 39.39 22.14
N LYS A 754 -19.55 38.79 21.16
CA LYS A 754 -18.10 38.68 21.14
C LYS A 754 -17.50 40.06 20.76
N ILE A 755 -18.24 40.84 19.95
CA ILE A 755 -17.82 42.17 19.48
C ILE A 755 -18.23 43.25 20.50
N LYS A 756 -17.23 43.91 21.09
CA LYS A 756 -17.34 45.00 22.06
C LYS A 756 -18.00 46.22 21.41
N ASN A 757 -18.75 47.02 22.19
CA ASN A 757 -19.49 48.21 21.76
C ASN A 757 -18.60 49.26 21.09
N GLU A 758 -17.31 49.37 21.51
CA GLU A 758 -16.32 50.33 21.00
C GLU A 758 -16.15 50.26 19.48
N TYR A 759 -16.27 49.05 18.90
CA TYR A 759 -16.14 48.81 17.47
C TYR A 759 -17.29 49.43 16.67
N TRP A 760 -18.49 49.50 17.26
CA TRP A 760 -19.70 50.02 16.60
C TRP A 760 -19.88 51.54 16.80
N GLY A 761 -18.87 52.23 17.31
CA GLY A 761 -18.91 53.68 17.52
C GLY A 761 -19.32 54.12 18.91
N LYS A 762 -19.64 55.41 19.04
CA LYS A 762 -20.03 56.05 20.31
C LYS A 762 -21.46 55.70 20.72
N GLY A 763 -21.61 55.41 22.01
CA GLY A 763 -22.86 55.12 22.69
C GLY A 763 -23.71 53.97 22.16
N SER A 764 -23.10 53.02 21.45
CA SER A 764 -23.85 51.88 20.93
C SER A 764 -24.03 50.84 22.04
N LEU A 765 -25.13 50.09 21.97
CA LEU A 765 -25.43 49.02 22.93
C LEU A 765 -25.44 47.68 22.20
N GLU A 766 -24.93 47.68 20.95
CA GLU A 766 -24.86 46.56 20.01
C GLU A 766 -24.14 45.31 20.55
N ASN A 767 -23.59 45.34 21.78
CA ASN A 767 -22.98 44.15 22.39
C ASN A 767 -24.07 43.35 23.13
N GLU A 768 -25.02 44.08 23.75
CA GLU A 768 -26.16 43.51 24.48
C GLU A 768 -27.17 42.90 23.52
N VAL A 769 -27.25 41.55 23.47
CA VAL A 769 -28.21 40.87 22.59
C VAL A 769 -29.54 40.88 23.34
N LEU A 770 -30.57 41.53 22.78
CA LEU A 770 -31.87 41.66 23.44
C LEU A 770 -33.01 41.09 22.61
N PHE A 771 -33.72 40.11 23.20
CA PHE A 771 -34.90 39.47 22.62
C PHE A 771 -36.07 39.69 23.55
N LYS A 772 -37.08 40.45 23.10
CA LYS A 772 -38.28 40.74 23.88
C LYS A 772 -39.51 40.33 23.08
N ASP A 773 -40.20 39.27 23.55
CA ASP A 773 -41.39 38.66 22.95
C ASP A 773 -41.09 38.19 21.52
N GLY A 774 -39.94 37.52 21.39
CA GLY A 774 -39.42 36.96 20.15
C GLY A 774 -39.02 37.99 19.12
N ALA A 775 -38.48 39.13 19.58
CA ALA A 775 -38.06 40.22 18.69
C ALA A 775 -36.67 40.72 19.03
N LEU A 776 -35.76 40.64 18.05
CA LEU A 776 -34.39 41.14 18.17
C LEU A 776 -34.46 42.66 18.12
N LEU A 777 -34.26 43.29 19.28
CA LEU A 777 -34.38 44.73 19.42
C LEU A 777 -33.02 45.41 19.62
N CYS A 778 -32.01 44.68 20.10
CA CYS A 778 -30.67 45.22 20.30
C CYS A 778 -29.62 44.13 20.13
N GLY A 779 -28.45 44.51 19.62
CA GLY A 779 -27.31 43.64 19.43
C GLY A 779 -27.32 42.78 18.19
N ILE A 780 -26.12 42.56 17.62
CA ILE A 780 -25.85 41.73 16.44
C ILE A 780 -25.76 40.25 16.87
N LEU A 781 -25.69 39.31 15.92
CA LEU A 781 -25.59 37.89 16.28
C LEU A 781 -24.27 37.27 15.76
N ASP A 782 -23.43 36.82 16.72
CA ASP A 782 -22.11 36.22 16.55
C ASP A 782 -22.13 34.70 16.57
N LYS A 783 -20.93 34.10 16.73
CA LYS A 783 -20.67 32.68 16.96
C LYS A 783 -21.24 32.34 18.34
N SER A 784 -21.33 33.37 19.22
CA SER A 784 -21.86 33.31 20.58
C SER A 784 -23.38 33.19 20.61
N GLN A 785 -24.05 33.24 19.46
CA GLN A 785 -25.51 33.17 19.43
C GLN A 785 -26.01 31.97 18.62
N TYR A 786 -25.61 31.82 17.35
CA TYR A 786 -26.08 30.71 16.53
C TYR A 786 -24.96 29.72 16.18
N GLY A 787 -23.90 29.74 16.99
CA GLY A 787 -22.81 28.77 16.89
C GLY A 787 -23.05 27.72 17.95
N ALA A 788 -22.11 26.78 18.14
CA ALA A 788 -22.29 25.76 19.17
C ALA A 788 -21.83 26.33 20.53
N SER A 789 -22.48 27.42 20.95
CA SER A 789 -22.17 28.14 22.19
C SER A 789 -23.37 28.25 23.13
N LYS A 790 -23.14 27.88 24.41
CA LYS A 790 -24.09 27.85 25.52
C LYS A 790 -24.68 29.22 25.81
N TYR A 791 -25.99 29.22 26.14
CA TYR A 791 -26.83 30.36 26.53
C TYR A 791 -26.93 31.45 25.44
N GLY A 792 -26.82 31.03 24.18
CA GLY A 792 -26.98 31.89 23.01
C GLY A 792 -28.45 31.86 22.60
N ILE A 793 -28.79 32.45 21.44
CA ILE A 793 -30.19 32.48 20.98
C ILE A 793 -30.70 31.04 20.67
N VAL A 794 -29.95 30.25 19.88
CA VAL A 794 -30.34 28.88 19.51
C VAL A 794 -30.53 28.02 20.78
N HIS A 795 -29.58 28.08 21.74
CA HIS A 795 -29.69 27.33 22.99
C HIS A 795 -30.91 27.80 23.80
N SER A 796 -31.16 29.13 23.84
CA SER A 796 -32.31 29.69 24.55
C SER A 796 -33.61 29.20 23.94
N LEU A 797 -33.66 29.10 22.59
CA LEU A 797 -34.80 28.60 21.84
C LEU A 797 -35.00 27.11 22.11
N HIS A 798 -33.89 26.37 22.21
CA HIS A 798 -33.85 24.93 22.49
C HIS A 798 -34.50 24.63 23.84
N GLU A 799 -34.22 25.47 24.87
CA GLU A 799 -34.76 25.30 26.22
C GLU A 799 -36.26 25.65 26.30
N VAL A 800 -36.69 26.72 25.64
CA VAL A 800 -38.08 27.17 25.70
C VAL A 800 -39.00 26.37 24.75
N TYR A 801 -38.62 26.20 23.47
CA TYR A 801 -39.47 25.57 22.46
C TYR A 801 -39.12 24.11 22.12
N GLY A 802 -37.96 23.63 22.56
CA GLY A 802 -37.58 22.24 22.32
C GLY A 802 -36.48 22.01 21.30
N PRO A 803 -36.10 20.73 21.06
CA PRO A 803 -35.01 20.43 20.13
C PRO A 803 -35.41 20.54 18.66
N GLU A 804 -36.67 20.23 18.31
CA GLU A 804 -37.17 20.24 16.94
C GLU A 804 -37.23 21.66 16.38
N VAL A 805 -37.61 22.63 17.22
CA VAL A 805 -37.73 24.04 16.84
C VAL A 805 -36.32 24.61 16.65
N ALA A 806 -35.39 24.34 17.60
CA ALA A 806 -33.99 24.78 17.54
C ALA A 806 -33.31 24.29 16.27
N ALA A 807 -33.64 23.06 15.85
CA ALA A 807 -33.15 22.47 14.61
C ALA A 807 -33.68 23.25 13.42
N LYS A 808 -34.99 23.58 13.42
CA LYS A 808 -35.63 24.37 12.38
C LYS A 808 -34.98 25.74 12.29
N VAL A 809 -34.76 26.42 13.44
CA VAL A 809 -34.11 27.73 13.52
C VAL A 809 -32.70 27.65 12.91
N LEU A 810 -31.93 26.59 13.23
CA LEU A 810 -30.57 26.40 12.69
C LEU A 810 -30.55 26.24 11.17
N SER A 811 -31.47 25.45 10.61
CA SER A 811 -31.60 25.21 9.18
C SER A 811 -32.06 26.47 8.47
N VAL A 812 -33.02 27.20 9.09
CA VAL A 812 -33.60 28.46 8.56
C VAL A 812 -32.50 29.52 8.52
N LEU A 813 -31.77 29.73 9.64
CA LEU A 813 -30.68 30.70 9.70
C LEU A 813 -29.59 30.32 8.70
N GLY A 814 -29.26 29.02 8.64
CA GLY A 814 -28.27 28.46 7.72
C GLY A 814 -28.56 28.79 6.27
N ARG A 815 -29.86 28.76 5.88
CA ARG A 815 -30.28 29.10 4.53
C ARG A 815 -30.23 30.59 4.31
N LEU A 816 -30.78 31.37 5.26
CA LEU A 816 -30.85 32.84 5.22
C LEU A 816 -29.48 33.46 4.99
N PHE A 817 -28.46 33.02 5.74
CA PHE A 817 -27.11 33.54 5.66
C PHE A 817 -26.42 33.09 4.37
N THR A 818 -26.76 31.90 3.84
CA THR A 818 -26.22 31.39 2.57
C THR A 818 -26.76 32.26 1.44
N ASN A 819 -28.08 32.55 1.48
CA ASN A 819 -28.76 33.38 0.50
C ASN A 819 -28.28 34.81 0.61
N TYR A 820 -28.05 35.28 1.85
CA TYR A 820 -27.55 36.63 2.10
C TYR A 820 -26.12 36.76 1.60
N ILE A 821 -25.30 35.70 1.74
CA ILE A 821 -23.92 35.75 1.27
C ILE A 821 -23.86 35.68 -0.28
N THR A 822 -24.95 35.21 -0.93
CA THR A 822 -25.05 35.12 -2.39
C THR A 822 -25.42 36.49 -2.95
N ALA A 823 -26.36 37.20 -2.31
CA ALA A 823 -26.81 38.53 -2.74
C ALA A 823 -25.81 39.61 -2.32
N THR A 824 -25.28 39.49 -1.09
CA THR A 824 -24.33 40.38 -0.43
C THR A 824 -23.12 39.54 -0.06
N ALA A 825 -22.08 39.52 -0.90
CA ALA A 825 -20.90 38.68 -0.62
C ALA A 825 -20.02 39.21 0.52
N PHE A 826 -19.04 38.40 0.93
CA PHE A 826 -18.04 38.73 1.95
C PHE A 826 -16.66 38.33 1.40
N THR A 827 -15.68 39.24 1.48
CA THR A 827 -14.32 39.03 0.95
C THR A 827 -13.24 39.48 1.95
N CYS A 828 -11.98 39.03 1.72
CA CYS A 828 -10.83 39.44 2.52
C CYS A 828 -9.68 39.78 1.57
N GLY A 829 -9.00 40.89 1.84
CA GLY A 829 -7.90 41.37 1.00
C GLY A 829 -6.79 42.10 1.72
N MET A 830 -5.82 42.62 0.94
CA MET A 830 -4.66 43.36 1.43
C MET A 830 -5.06 44.59 2.25
N ASP A 831 -6.12 45.30 1.83
CA ASP A 831 -6.64 46.49 2.51
C ASP A 831 -6.97 46.19 3.98
N ASP A 832 -7.41 44.93 4.26
CA ASP A 832 -7.73 44.46 5.61
C ASP A 832 -6.47 44.13 6.43
N LEU A 833 -5.29 44.12 5.79
CA LEU A 833 -4.00 43.77 6.40
C LEU A 833 -3.10 44.99 6.68
N ARG A 834 -3.44 46.15 6.10
CA ARG A 834 -2.66 47.38 6.22
C ARG A 834 -2.95 48.19 7.47
N LEU A 835 -1.90 48.80 8.03
CA LEU A 835 -1.96 49.76 9.13
C LEU A 835 -1.93 51.15 8.51
N THR A 836 -2.44 52.17 9.23
CA THR A 836 -2.37 53.54 8.73
C THR A 836 -0.97 54.10 9.01
N ALA A 837 -0.58 55.21 8.34
CA ALA A 837 0.73 55.86 8.52
C ALA A 837 0.99 56.20 10.00
N GLU A 838 -0.09 56.63 10.72
CA GLU A 838 -0.09 56.94 12.15
C GLU A 838 0.17 55.66 12.97
N GLY A 839 -0.59 54.59 12.68
CA GLY A 839 -0.48 53.30 13.33
C GLY A 839 0.85 52.60 13.12
N ASN A 840 1.44 52.75 11.93
CA ASN A 840 2.72 52.15 11.57
C ASN A 840 3.87 52.89 12.27
N LYS A 841 3.67 54.18 12.57
CA LYS A 841 4.65 55.00 13.29
C LYS A 841 4.77 54.49 14.72
N TRP A 842 3.61 54.19 15.38
CA TRP A 842 3.53 53.65 16.73
C TRP A 842 4.30 52.35 16.83
N ARG A 843 4.12 51.47 15.84
CA ARG A 843 4.74 50.15 15.74
C ARG A 843 6.27 50.25 15.77
N THR A 844 6.86 51.12 14.93
CA THR A 844 8.30 51.33 14.82
C THR A 844 8.88 51.93 16.11
N ASP A 845 8.13 52.82 16.78
CA ASP A 845 8.54 53.49 18.01
C ASP A 845 8.58 52.55 19.22
N ILE A 846 7.58 51.68 19.39
CA ILE A 846 7.55 50.71 20.51
C ILE A 846 8.65 49.66 20.27
N LEU A 847 8.81 49.19 19.01
CA LEU A 847 9.82 48.21 18.64
C LEU A 847 11.25 48.79 18.68
N LYS A 848 11.39 50.13 18.78
CA LYS A 848 12.69 50.80 18.90
C LYS A 848 13.27 50.59 20.32
N THR A 849 12.40 50.35 21.32
CA THR A 849 12.82 50.11 22.71
C THR A 849 13.27 48.65 22.91
N SER A 850 12.88 47.73 21.99
CA SER A 850 13.19 46.30 22.04
C SER A 850 14.68 45.98 21.87
N VAL A 851 15.47 46.90 21.26
CA VAL A 851 16.91 46.69 21.04
C VAL A 851 17.67 46.65 22.38
N ASP A 852 17.28 47.53 23.33
CA ASP A 852 17.87 47.66 24.66
C ASP A 852 17.52 46.46 25.54
N THR A 853 16.27 45.96 25.42
CA THR A 853 15.68 44.84 26.17
C THR A 853 16.58 43.59 26.20
N GLY A 854 17.18 43.25 25.06
CA GLY A 854 18.06 42.10 24.91
C GLY A 854 19.22 42.10 25.90
N ARG A 855 19.93 43.25 25.97
CA ARG A 855 21.07 43.45 26.87
C ARG A 855 20.61 43.69 28.31
N GLU A 856 19.48 44.41 28.50
CA GLU A 856 18.91 44.74 29.83
C GLU A 856 18.63 43.46 30.63
N ALA A 857 17.96 42.47 30.00
CA ALA A 857 17.62 41.19 30.60
C ALA A 857 18.88 40.35 30.84
N ALA A 858 19.83 40.41 29.88
CA ALA A 858 21.11 39.72 29.96
C ALA A 858 21.95 40.25 31.12
N ALA A 859 21.79 41.54 31.45
CA ALA A 859 22.50 42.20 32.56
C ALA A 859 21.82 41.94 33.90
N GLU A 860 20.51 41.62 33.90
CA GLU A 860 19.70 41.37 35.10
C GLU A 860 19.99 39.97 35.68
N VAL A 861 19.95 38.92 34.82
CA VAL A 861 20.17 37.50 35.20
C VAL A 861 21.63 37.30 35.63
N THR A 862 22.56 38.00 34.96
CA THR A 862 23.99 37.92 35.22
C THR A 862 24.39 38.66 36.52
N ASN A 863 23.51 39.57 37.01
CA ASN A 863 23.66 40.40 38.20
C ASN A 863 24.85 41.37 38.02
N LEU A 864 24.60 42.49 37.30
CA LEU A 864 25.59 43.54 37.04
C LEU A 864 24.93 44.92 37.08
N ASP A 865 25.44 45.78 38.00
CA ASP A 865 24.95 47.14 38.26
C ASP A 865 25.34 48.14 37.14
N LYS A 866 24.61 49.29 37.08
CA LYS A 866 24.76 50.42 36.15
C LYS A 866 24.50 50.02 34.67
N ASP A 867 24.14 48.74 34.41
CA ASP A 867 23.85 48.14 33.10
C ASP A 867 25.10 48.23 32.21
N THR A 868 25.98 47.22 32.35
CA THR A 868 27.27 47.06 31.67
C THR A 868 27.12 46.99 30.13
N PRO A 869 28.13 47.40 29.33
CA PRO A 869 27.97 47.35 27.86
C PRO A 869 27.82 45.92 27.31
N ALA A 870 27.30 45.81 26.07
CA ALA A 870 27.06 44.55 25.38
C ALA A 870 28.35 43.78 25.07
N ASP A 871 29.48 44.50 24.92
CA ASP A 871 30.79 43.94 24.60
C ASP A 871 31.70 43.82 25.84
N ASP A 872 31.13 43.94 27.08
CA ASP A 872 31.88 43.87 28.34
C ASP A 872 32.54 42.49 28.53
N PRO A 873 33.88 42.44 28.83
CA PRO A 873 34.56 41.14 28.96
C PRO A 873 34.09 40.29 30.14
N GLU A 874 33.71 40.93 31.26
CA GLU A 874 33.22 40.23 32.46
C GLU A 874 31.82 39.66 32.19
N LEU A 875 30.98 40.43 31.47
CA LEU A 875 29.61 40.03 31.09
C LEU A 875 29.66 38.82 30.16
N LEU A 876 30.56 38.83 29.16
CA LEU A 876 30.72 37.75 28.19
C LEU A 876 31.20 36.45 28.88
N LYS A 877 32.01 36.58 29.96
CA LYS A 877 32.47 35.44 30.75
C LYS A 877 31.31 34.89 31.58
N ARG A 878 30.46 35.81 32.09
CA ARG A 878 29.29 35.51 32.91
C ARG A 878 28.20 34.81 32.10
N LEU A 879 28.03 35.20 30.81
CA LEU A 879 27.03 34.60 29.90
C LEU A 879 27.44 33.19 29.46
N GLN A 880 28.76 32.90 29.48
CA GLN A 880 29.33 31.59 29.14
C GLN A 880 28.93 30.58 30.22
N GLU A 881 28.98 31.00 31.50
CA GLU A 881 28.60 30.20 32.67
C GLU A 881 27.15 29.74 32.51
N ILE A 882 26.30 30.65 32.01
CA ILE A 882 24.88 30.46 31.75
C ILE A 882 24.70 29.46 30.59
N LEU A 883 25.50 29.58 29.51
CA LEU A 883 25.46 28.72 28.32
C LEU A 883 25.68 27.23 28.64
N ARG A 884 26.64 26.92 29.54
CA ARG A 884 27.02 25.55 29.89
C ARG A 884 25.97 24.85 30.80
N ASP A 885 25.09 25.61 31.49
CA ASP A 885 24.10 25.00 32.37
C ASP A 885 22.68 25.15 31.80
N ASN A 886 21.93 24.03 31.77
CA ASN A 886 20.55 23.94 31.28
C ASN A 886 19.60 24.75 32.17
N ASN A 887 19.83 24.79 33.50
CA ASN A 887 19.02 25.54 34.44
C ASN A 887 19.29 27.05 34.32
N LYS A 888 20.59 27.46 34.32
CA LYS A 888 21.03 28.85 34.21
C LYS A 888 20.52 29.51 32.92
N SER A 889 20.56 28.77 31.78
CA SER A 889 20.06 29.23 30.49
C SER A 889 18.54 29.43 30.54
N GLY A 890 17.85 28.59 31.31
CA GLY A 890 16.41 28.64 31.53
C GLY A 890 15.97 29.93 32.20
N ILE A 891 16.75 30.37 33.22
CA ILE A 891 16.50 31.61 33.97
C ILE A 891 16.70 32.80 33.01
N LEU A 892 17.76 32.76 32.17
CA LEU A 892 18.07 33.80 31.17
C LEU A 892 16.97 33.87 30.11
N ASP A 893 16.50 32.71 29.61
CA ASP A 893 15.48 32.64 28.58
C ASP A 893 14.14 33.17 29.07
N ALA A 894 13.67 32.71 30.25
CA ALA A 894 12.39 33.11 30.84
C ALA A 894 12.32 34.61 31.16
N VAL A 895 13.44 35.22 31.59
CA VAL A 895 13.50 36.64 31.93
C VAL A 895 13.43 37.48 30.63
N THR A 896 14.29 37.16 29.63
CA THR A 896 14.34 37.86 28.35
C THR A 896 13.03 37.73 27.60
N SER A 897 12.40 36.54 27.62
CA SER A 897 11.12 36.28 26.96
C SER A 897 10.01 37.15 27.54
N SER A 898 9.85 37.16 28.88
CA SER A 898 8.82 37.95 29.57
C SER A 898 8.94 39.44 29.26
N LYS A 899 10.19 39.93 29.14
CA LYS A 899 10.48 41.33 28.86
C LYS A 899 10.16 41.69 27.40
N VAL A 900 10.54 40.84 26.42
CA VAL A 900 10.28 41.12 25.00
C VAL A 900 8.78 40.91 24.69
N ASN A 901 8.11 39.96 25.37
CA ASN A 901 6.69 39.68 25.20
C ASN A 901 5.84 40.85 25.72
N ALA A 902 6.39 41.59 26.71
CA ALA A 902 5.77 42.79 27.26
C ALA A 902 5.82 43.89 26.22
N ILE A 903 6.89 43.91 25.38
CA ILE A 903 7.06 44.88 24.30
C ILE A 903 6.09 44.49 23.17
N THR A 904 5.90 43.19 22.92
CA THR A 904 4.97 42.67 21.92
C THR A 904 3.54 43.12 22.26
N SER A 905 3.08 42.80 23.50
CA SER A 905 1.75 43.14 24.02
C SER A 905 1.45 44.64 23.84
N GLN A 906 2.46 45.51 24.10
CA GLN A 906 2.36 46.97 23.95
C GLN A 906 2.06 47.36 22.49
N VAL A 907 2.82 46.80 21.52
CA VAL A 907 2.67 47.03 20.07
C VAL A 907 1.25 46.68 19.64
N VAL A 908 0.79 45.47 20.01
CA VAL A 908 -0.52 44.90 19.68
C VAL A 908 -1.66 45.75 20.28
N SER A 909 -1.54 46.13 21.57
CA SER A 909 -2.54 46.93 22.29
C SER A 909 -2.71 48.33 21.68
N LYS A 910 -1.61 48.92 21.20
CA LYS A 910 -1.62 50.26 20.62
C LYS A 910 -2.12 50.23 19.16
N CYS A 911 -1.48 49.41 18.30
CA CYS A 911 -1.75 49.32 16.87
C CYS A 911 -3.06 48.63 16.52
N VAL A 912 -3.54 47.65 17.30
CA VAL A 912 -4.80 46.97 16.95
C VAL A 912 -5.88 47.27 18.02
N PRO A 913 -7.01 47.90 17.63
CA PRO A 913 -7.42 48.31 16.27
C PRO A 913 -7.23 49.80 15.93
N ASP A 914 -6.86 50.63 16.92
CA ASP A 914 -6.73 52.08 16.82
C ASP A 914 -5.67 52.57 15.82
N GLY A 915 -4.89 51.64 15.26
CA GLY A 915 -3.85 51.97 14.30
C GLY A 915 -3.99 51.32 12.94
N THR A 916 -5.04 50.50 12.75
CA THR A 916 -5.29 49.81 11.49
C THR A 916 -5.92 50.78 10.49
N MET A 917 -5.44 50.77 9.22
CA MET A 917 -5.93 51.65 8.15
C MET A 917 -7.43 51.43 7.94
N LYS A 918 -7.82 50.20 7.57
CA LYS A 918 -9.21 49.79 7.41
C LYS A 918 -9.67 49.25 8.76
N LYS A 919 -10.86 49.66 9.22
CA LYS A 919 -11.36 49.25 10.55
C LYS A 919 -12.68 48.50 10.45
N PHE A 920 -13.03 47.72 11.51
CA PHE A 920 -14.28 46.96 11.64
C PHE A 920 -15.49 47.92 11.47
N PRO A 921 -16.61 47.52 10.81
CA PRO A 921 -16.94 46.20 10.24
C PRO A 921 -16.34 45.91 8.88
N CYS A 922 -15.84 46.93 8.17
CA CYS A 922 -15.30 46.76 6.83
C CYS A 922 -14.00 45.93 6.81
N ASN A 923 -13.12 46.04 7.83
CA ASN A 923 -11.90 45.22 7.88
C ASN A 923 -12.31 43.77 8.17
N SER A 924 -12.43 42.96 7.10
CA SER A 924 -12.86 41.57 7.14
C SER A 924 -11.92 40.66 7.92
N MET A 925 -10.60 40.93 7.86
CA MET A 925 -9.60 40.17 8.62
C MET A 925 -9.89 40.35 10.12
N GLN A 926 -10.15 41.60 10.54
CA GLN A 926 -10.49 41.97 11.92
C GLN A 926 -11.85 41.40 12.30
N ALA A 927 -12.84 41.52 11.39
CA ALA A 927 -14.21 41.04 11.57
C ALA A 927 -14.27 39.53 11.87
N MET A 928 -13.56 38.71 11.08
CA MET A 928 -13.53 37.25 11.23
C MET A 928 -12.99 36.81 12.60
N ALA A 929 -12.00 37.53 13.14
CA ALA A 929 -11.41 37.23 14.45
C ALA A 929 -12.35 37.61 15.60
N LEU A 930 -13.05 38.76 15.49
CA LEU A 930 -13.98 39.27 16.48
C LEU A 930 -15.31 38.50 16.49
N SER A 931 -15.82 38.10 15.31
CA SER A 931 -17.07 37.35 15.14
C SER A 931 -16.95 35.93 15.64
N GLY A 932 -15.75 35.39 15.57
CA GLY A 932 -15.48 34.01 15.92
C GLY A 932 -15.75 33.10 14.74
N ALA A 933 -15.83 33.71 13.53
CA ALA A 933 -16.05 33.01 12.28
C ALA A 933 -14.84 32.16 11.97
N LYS A 934 -13.62 32.77 12.07
CA LYS A 934 -12.33 32.12 11.90
C LYS A 934 -11.19 33.04 12.35
N GLY A 935 -10.22 32.46 13.05
CA GLY A 935 -9.04 33.16 13.54
C GLY A 935 -9.25 33.94 14.83
N SER A 936 -8.14 34.48 15.36
CA SER A 936 -8.13 35.27 16.60
C SER A 936 -7.30 36.53 16.44
N ASN A 937 -7.32 37.41 17.48
CA ASN A 937 -6.57 38.66 17.49
C ASN A 937 -5.06 38.42 17.53
N VAL A 938 -4.64 37.20 17.95
CA VAL A 938 -3.24 36.76 18.01
C VAL A 938 -2.75 36.58 16.56
N ASN A 939 -3.52 35.87 15.71
CA ASN A 939 -3.19 35.67 14.30
C ASN A 939 -3.15 37.01 13.57
N VAL A 940 -4.14 37.88 13.85
CA VAL A 940 -4.30 39.23 13.31
C VAL A 940 -3.06 40.07 13.65
N SER A 941 -2.55 39.94 14.90
CA SER A 941 -1.38 40.68 15.37
C SER A 941 -0.08 40.19 14.74
N GLN A 942 -0.01 38.91 14.37
CA GLN A 942 1.19 38.37 13.71
C GLN A 942 1.25 38.86 12.26
N ILE A 943 0.08 39.05 11.66
CA ILE A 943 -0.09 39.54 10.30
C ILE A 943 0.24 41.03 10.20
N MET A 944 -0.36 41.87 11.08
CA MET A 944 -0.27 43.34 11.04
C MET A 944 0.80 43.97 11.96
N CYS A 945 1.26 43.29 13.02
CA CYS A 945 2.23 43.90 13.93
C CYS A 945 3.55 43.14 13.94
N LEU A 946 3.63 42.00 14.65
CA LEU A 946 4.84 41.20 14.74
C LEU A 946 4.54 39.76 15.18
N LEU A 947 5.43 38.84 14.77
CA LEU A 947 5.36 37.42 15.11
C LEU A 947 5.68 37.20 16.60
N GLY A 948 6.58 38.04 17.12
CA GLY A 948 6.99 38.00 18.52
C GLY A 948 8.15 37.07 18.78
N GLN A 949 8.30 36.64 20.05
CA GLN A 949 9.37 35.74 20.47
C GLN A 949 9.03 34.31 20.08
N GLN A 950 9.91 33.71 19.25
CA GLN A 950 9.75 32.33 18.81
C GLN A 950 10.19 31.41 19.94
N ALA A 951 9.21 30.79 20.62
CA ALA A 951 9.46 29.90 21.75
C ALA A 951 9.62 28.46 21.29
N LEU A 952 10.73 27.84 21.69
CA LEU A 952 11.05 26.45 21.37
C LEU A 952 11.17 25.64 22.66
N GLU A 953 10.28 24.63 22.81
CA GLU A 953 10.12 23.73 23.97
C GLU A 953 10.22 24.51 25.31
N GLY A 954 9.35 25.50 25.43
CA GLY A 954 9.24 26.36 26.60
C GLY A 954 10.28 27.45 26.75
N ARG A 955 11.39 27.35 26.02
CA ARG A 955 12.49 28.30 26.07
C ARG A 955 12.61 29.12 24.76
N ARG A 956 13.75 29.80 24.55
CA ARG A 956 14.00 30.60 23.35
C ARG A 956 14.61 29.74 22.23
N VAL A 957 15.46 30.33 21.38
CA VAL A 957 16.11 29.66 20.25
C VAL A 957 17.32 28.84 20.74
N PRO A 958 17.55 27.60 20.20
CA PRO A 958 18.72 26.80 20.63
C PRO A 958 20.03 27.48 20.25
N VAL A 959 21.03 27.40 21.13
CA VAL A 959 22.32 28.05 20.93
C VAL A 959 23.46 27.00 20.86
N MET A 960 24.40 27.22 19.91
CA MET A 960 25.57 26.36 19.67
C MET A 960 26.60 26.48 20.81
N VAL A 961 27.58 25.55 20.84
CA VAL A 961 28.67 25.48 21.82
C VAL A 961 29.54 26.77 21.76
N SER A 962 29.59 27.43 20.59
CA SER A 962 30.33 28.67 20.35
C SER A 962 29.67 29.91 20.97
N GLY A 963 28.43 29.76 21.46
CA GLY A 963 27.64 30.84 22.04
C GLY A 963 26.83 31.61 21.01
N LYS A 964 26.82 31.09 19.76
CA LYS A 964 26.11 31.68 18.62
C LYS A 964 24.79 30.97 18.38
N THR A 965 23.72 31.75 18.18
CA THR A 965 22.38 31.22 17.91
C THR A 965 22.21 30.97 16.40
N LEU A 966 23.07 31.59 15.58
CA LEU A 966 23.16 31.47 14.12
C LEU A 966 24.56 31.92 13.65
N PRO A 967 25.07 31.48 12.46
CA PRO A 967 26.42 31.94 12.04
C PRO A 967 26.46 33.44 11.75
N SER A 968 25.29 34.08 11.57
CA SER A 968 25.14 35.51 11.31
C SER A 968 25.36 36.35 12.56
N PHE A 969 24.91 35.86 13.72
CA PHE A 969 25.02 36.58 14.99
C PHE A 969 26.36 36.38 15.70
N LYS A 970 26.75 37.37 16.48
CA LYS A 970 27.97 37.45 17.29
C LYS A 970 27.94 36.42 18.44
N PRO A 971 29.08 35.80 18.84
CA PRO A 971 29.02 34.85 19.98
C PRO A 971 28.65 35.58 21.27
N TYR A 972 27.64 35.06 21.98
CA TYR A 972 27.06 35.60 23.23
C TYR A 972 26.47 36.99 22.97
N GLU A 973 25.71 37.13 21.87
CA GLU A 973 25.03 38.35 21.46
C GLU A 973 23.88 38.62 22.44
N THR A 974 23.83 39.84 22.99
CA THR A 974 22.82 40.27 23.96
C THR A 974 21.73 41.07 23.22
N ASP A 975 21.15 40.46 22.18
CA ASP A 975 20.10 41.07 21.37
C ASP A 975 18.87 40.18 21.33
N ALA A 976 17.68 40.81 21.32
CA ALA A 976 16.40 40.13 21.27
C ALA A 976 16.24 39.31 19.99
N MET A 977 16.69 39.87 18.83
CA MET A 977 16.63 39.21 17.51
C MET A 977 17.42 37.90 17.52
N ALA A 978 18.62 37.91 18.14
CA ALA A 978 19.50 36.75 18.25
C ALA A 978 18.84 35.61 19.05
N GLY A 979 18.01 35.98 20.02
CA GLY A 979 17.28 35.03 20.85
C GLY A 979 16.02 34.45 20.23
N GLY A 980 15.62 35.00 19.07
CA GLY A 980 14.45 34.56 18.34
C GLY A 980 13.29 35.53 18.29
N TYR A 981 13.47 36.74 18.83
CA TYR A 981 12.42 37.76 18.85
C TYR A 981 12.31 38.41 17.47
N VAL A 982 11.19 38.12 16.78
CA VAL A 982 10.88 38.58 15.44
C VAL A 982 10.10 39.90 15.51
N LYS A 983 10.70 40.99 15.04
CA LYS A 983 10.03 42.30 15.00
C LYS A 983 9.19 42.41 13.73
N GLY A 984 9.53 41.61 12.72
CA GLY A 984 8.84 41.58 11.44
C GLY A 984 7.47 40.94 11.50
N ARG A 985 6.60 41.35 10.58
CA ARG A 985 5.22 40.84 10.42
C ARG A 985 5.10 40.13 9.07
N PHE A 986 4.04 39.31 8.89
CA PHE A 986 3.80 38.58 7.65
C PHE A 986 3.38 39.52 6.49
N TYR A 987 2.84 40.73 6.80
CA TYR A 987 2.45 41.70 5.77
C TYR A 987 3.70 42.33 5.11
N SER A 988 4.68 42.76 5.93
CA SER A 988 5.90 43.41 5.48
C SER A 988 7.00 42.40 5.10
N GLY A 989 6.94 41.21 5.69
CA GLY A 989 7.91 40.15 5.45
C GLY A 989 8.82 39.93 6.64
N ILE A 990 9.53 38.79 6.65
CA ILE A 990 10.44 38.48 7.73
C ILE A 990 11.88 38.54 7.25
N LYS A 991 12.74 39.19 8.03
CA LYS A 991 14.14 39.34 7.67
C LYS A 991 14.78 37.95 7.60
N PRO A 992 15.70 37.74 6.66
CA PRO A 992 16.25 36.38 6.60
C PRO A 992 16.64 35.83 7.96
N GLN A 993 17.27 36.62 8.82
CA GLN A 993 17.65 36.10 10.12
C GLN A 993 16.42 35.70 10.91
N GLU A 994 15.40 36.55 10.87
CA GLU A 994 14.16 36.30 11.59
C GLU A 994 13.43 35.07 11.06
N TYR A 995 13.45 34.90 9.73
CA TYR A 995 12.76 33.79 9.10
C TYR A 995 13.32 32.43 9.50
N TYR A 996 14.63 32.32 9.65
CA TYR A 996 15.18 31.03 10.06
C TYR A 996 14.69 30.65 11.44
N PHE A 997 14.61 31.64 12.33
CA PHE A 997 14.15 31.39 13.69
C PHE A 997 12.71 30.92 13.70
N HIS A 998 11.89 31.52 12.85
CA HIS A 998 10.48 31.17 12.75
C HIS A 998 10.29 29.72 12.29
N CYS A 999 11.14 29.28 11.37
CA CYS A 999 11.07 27.93 10.84
C CYS A 999 11.30 26.89 11.94
N MET A 1000 12.21 27.17 12.87
CA MET A 1000 12.46 26.25 13.97
C MET A 1000 11.21 26.10 14.81
N ALA A 1001 10.54 27.22 15.08
CA ALA A 1001 9.31 27.20 15.86
C ALA A 1001 8.21 26.44 15.15
N GLY A 1002 8.09 26.64 13.83
CA GLY A 1002 7.06 25.96 13.06
C GLY A 1002 7.25 24.45 13.04
N ARG A 1003 8.47 24.00 12.83
CA ARG A 1003 8.76 22.57 12.78
C ARG A 1003 8.47 21.92 14.11
N GLU A 1004 8.80 22.59 15.20
CA GLU A 1004 8.58 22.05 16.53
C GLU A 1004 7.07 21.85 16.79
N GLY A 1005 6.24 22.76 16.30
CA GLY A 1005 4.81 22.61 16.49
C GLY A 1005 4.31 21.38 15.76
N LEU A 1006 4.83 21.16 14.55
CA LEU A 1006 4.43 20.02 13.73
C LEU A 1006 4.79 18.64 14.30
N ILE A 1007 6.00 18.50 14.83
CA ILE A 1007 6.43 17.20 15.38
C ILE A 1007 5.60 16.74 16.56
N ASP A 1008 5.22 17.65 17.44
CA ASP A 1008 4.42 17.26 18.60
C ASP A 1008 3.06 16.69 18.19
N THR A 1009 2.45 17.25 17.15
CA THR A 1009 1.18 16.72 16.69
C THR A 1009 1.39 15.30 16.19
N ALA A 1010 2.44 15.07 15.41
CA ALA A 1010 2.70 13.74 14.90
C ALA A 1010 3.01 12.72 15.99
N VAL A 1011 3.87 13.10 16.93
CA VAL A 1011 4.26 12.21 18.03
C VAL A 1011 3.17 11.84 19.06
N LYS A 1012 2.39 12.83 19.48
CA LYS A 1012 1.37 12.61 20.51
C LYS A 1012 -0.05 12.24 20.06
N SER A 1016 -4.95 8.85 23.73
CA SER A 1016 -6.17 8.64 24.51
C SER A 1016 -6.95 7.37 24.09
N GLY A 1017 -6.38 6.61 23.13
CA GLY A 1017 -6.97 5.38 22.61
C GLY A 1017 -7.06 4.26 23.63
N TYR A 1018 -5.90 3.88 24.22
CA TYR A 1018 -5.82 2.81 25.21
C TYR A 1018 -6.47 3.22 26.54
N LEU A 1019 -6.35 4.51 26.95
CA LEU A 1019 -6.95 5.04 28.19
C LEU A 1019 -8.46 4.86 28.16
N GLN A 1020 -9.11 5.20 27.02
CA GLN A 1020 -10.56 5.07 26.85
C GLN A 1020 -10.98 3.61 26.72
N ARG A 1021 -10.17 2.78 26.04
CA ARG A 1021 -10.42 1.35 25.82
C ARG A 1021 -10.45 0.56 27.14
N CYS A 1022 -9.63 0.97 28.11
CA CYS A 1022 -9.51 0.32 29.41
C CYS A 1022 -10.73 0.65 30.27
N LEU A 1023 -11.21 1.90 30.19
CA LEU A 1023 -12.38 2.35 30.95
C LEU A 1023 -13.67 1.72 30.38
N THR A 1024 -13.89 1.82 29.05
CA THR A 1024 -15.06 1.29 28.35
C THR A 1024 -15.25 -0.22 28.52
N LYS A 1025 -14.16 -1.01 28.59
CA LYS A 1025 -14.30 -2.46 28.74
C LYS A 1025 -14.75 -2.86 30.12
N GLN A 1026 -14.41 -2.04 31.13
CA GLN A 1026 -14.77 -2.29 32.54
C GLN A 1026 -16.11 -1.59 32.89
N LEU A 1027 -16.53 -0.58 32.11
CA LEU A 1027 -17.74 0.18 32.42
C LEU A 1027 -18.91 -0.08 31.47
N GLU A 1028 -18.69 -0.81 30.36
CA GLU A 1028 -19.72 -1.12 29.34
C GLU A 1028 -21.08 -1.53 29.94
N GLY A 1029 -21.06 -2.44 30.94
CA GLY A 1029 -22.24 -2.96 31.62
C GLY A 1029 -22.95 -2.00 32.55
N VAL A 1030 -22.19 -1.08 33.19
CA VAL A 1030 -22.68 -0.08 34.13
C VAL A 1030 -23.74 0.81 33.44
N HIS A 1031 -24.95 0.84 34.01
CA HIS A 1031 -26.10 1.59 33.49
C HIS A 1031 -27.05 2.03 34.62
N VAL A 1032 -28.16 2.71 34.25
CA VAL A 1032 -29.17 3.17 35.21
C VAL A 1032 -30.24 2.09 35.35
N SER A 1033 -30.51 1.63 36.58
CA SER A 1033 -31.54 0.62 36.78
C SER A 1033 -32.90 1.27 36.98
N TYR A 1034 -33.97 0.46 36.90
CA TYR A 1034 -35.34 0.92 37.08
C TYR A 1034 -35.60 1.40 38.52
N ASP A 1035 -34.68 1.07 39.45
CA ASP A 1035 -34.73 1.51 40.85
C ASP A 1035 -33.81 2.75 41.05
N ASN A 1036 -33.54 3.48 39.94
CA ASN A 1036 -32.72 4.70 39.82
C ASN A 1036 -31.21 4.51 40.19
N SER A 1037 -30.81 3.36 40.77
CA SER A 1037 -29.40 3.14 41.13
C SER A 1037 -28.57 2.73 39.92
N ILE A 1038 -27.25 3.00 40.01
CA ILE A 1038 -26.26 2.69 38.98
C ILE A 1038 -25.73 1.27 39.25
N ARG A 1039 -26.18 0.31 38.43
CA ARG A 1039 -25.81 -1.10 38.59
C ARG A 1039 -24.97 -1.60 37.42
N ASP A 1040 -24.01 -2.48 37.75
CA ASP A 1040 -23.16 -3.15 36.78
C ASP A 1040 -23.98 -4.22 36.04
N ALA A 1041 -23.42 -4.80 34.98
CA ALA A 1041 -23.99 -5.84 34.13
C ALA A 1041 -24.51 -7.04 34.92
N ASP A 1042 -23.80 -7.43 36.02
CA ASP A 1042 -24.08 -8.58 36.88
C ASP A 1042 -25.00 -8.23 38.08
N GLY A 1043 -25.58 -7.03 38.05
CA GLY A 1043 -26.48 -6.57 39.10
C GLY A 1043 -25.83 -5.95 40.32
N THR A 1044 -24.48 -6.00 40.41
CA THR A 1044 -23.76 -5.40 41.55
C THR A 1044 -23.90 -3.89 41.51
N LEU A 1045 -24.27 -3.30 42.65
CA LEU A 1045 -24.47 -1.87 42.79
C LEU A 1045 -23.12 -1.13 42.77
N VAL A 1046 -23.04 -0.07 41.95
CA VAL A 1046 -21.86 0.78 41.83
C VAL A 1046 -22.15 2.10 42.55
N GLN A 1047 -23.34 2.68 42.26
CA GLN A 1047 -23.82 3.93 42.86
C GLN A 1047 -25.28 3.77 43.25
N PHE A 1048 -25.71 4.43 44.34
CA PHE A 1048 -27.11 4.36 44.77
C PHE A 1048 -27.98 5.32 43.97
N MET A 1049 -27.33 6.34 43.35
CA MET A 1049 -27.94 7.36 42.52
C MET A 1049 -26.87 8.08 41.71
N TYR A 1050 -27.17 8.34 40.43
CA TYR A 1050 -26.29 9.02 39.49
C TYR A 1050 -25.94 10.41 39.99
N GLY A 1051 -24.66 10.63 40.28
CA GLY A 1051 -24.15 11.88 40.82
C GLY A 1051 -24.78 12.34 42.12
N GLY A 1052 -25.57 11.45 42.72
CA GLY A 1052 -26.30 11.68 43.96
C GLY A 1052 -27.60 12.44 43.80
N ASP A 1053 -28.04 12.66 42.55
CA ASP A 1053 -29.27 13.41 42.28
C ASP A 1053 -30.10 12.85 41.11
N ALA A 1054 -29.55 11.89 40.33
CA ALA A 1054 -30.17 11.20 39.19
C ALA A 1054 -30.50 12.12 38.01
N ILE A 1055 -29.71 13.20 37.81
CA ILE A 1055 -29.99 14.11 36.70
C ILE A 1055 -29.18 13.78 35.44
N ASP A 1056 -29.86 13.82 34.27
CA ASP A 1056 -29.27 13.62 32.95
C ASP A 1056 -28.52 14.92 32.61
N ILE A 1057 -27.21 14.83 32.31
CA ILE A 1057 -26.37 16.02 32.04
C ILE A 1057 -26.92 16.82 30.85
N THR A 1058 -27.51 16.12 29.86
CA THR A 1058 -28.09 16.71 28.66
C THR A 1058 -29.43 17.43 28.99
N LYS A 1059 -29.74 17.60 30.30
CA LYS A 1059 -30.95 18.27 30.82
C LYS A 1059 -30.60 19.34 31.86
N GLU A 1060 -29.53 19.14 32.61
CA GLU A 1060 -29.03 20.01 33.68
C GLU A 1060 -28.36 21.27 33.10
N SER A 1061 -29.14 22.18 32.50
CA SER A 1061 -28.56 23.41 31.93
C SER A 1061 -29.36 24.61 32.39
N HIS A 1062 -30.67 24.64 32.09
CA HIS A 1062 -31.54 25.74 32.50
C HIS A 1062 -32.21 25.46 33.86
N MET A 1063 -31.84 24.33 34.49
CA MET A 1063 -32.34 23.89 35.79
C MET A 1063 -31.95 24.86 36.92
N THR A 1064 -30.96 25.74 36.69
CA THR A 1064 -30.53 26.79 37.64
C THR A 1064 -30.80 28.15 37.02
N GLN A 1065 -31.19 28.18 35.72
CA GLN A 1065 -31.52 29.41 35.01
C GLN A 1065 -32.96 29.80 35.38
N PHE A 1066 -33.14 30.20 36.65
CA PHE A 1066 -34.42 30.54 37.26
C PHE A 1066 -35.08 31.75 36.61
N GLU A 1067 -34.32 32.84 36.34
CA GLU A 1067 -34.87 34.02 35.68
C GLU A 1067 -35.43 33.65 34.31
N PHE A 1068 -34.66 32.83 33.54
CA PHE A 1068 -35.08 32.33 32.22
C PHE A 1068 -36.42 31.60 32.33
N CYS A 1069 -36.48 30.60 33.25
CA CYS A 1069 -37.65 29.78 33.52
C CYS A 1069 -38.84 30.63 33.94
N LEU A 1070 -38.58 31.72 34.70
CA LEU A 1070 -39.63 32.64 35.17
C LEU A 1070 -40.22 33.42 33.98
N ASP A 1071 -39.35 33.95 33.09
CA ASP A 1071 -39.74 34.71 31.90
C ASP A 1071 -40.50 33.84 30.91
N ASN A 1072 -40.31 32.51 31.00
CA ASN A 1072 -40.95 31.52 30.15
C ASN A 1072 -41.77 30.53 30.99
N TYR A 1073 -42.43 31.02 32.06
CA TYR A 1073 -43.23 30.21 32.97
C TYR A 1073 -44.34 29.43 32.22
N TYR A 1074 -45.26 30.15 31.56
CA TYR A 1074 -46.39 29.56 30.87
C TYR A 1074 -45.97 28.70 29.68
N ALA A 1075 -44.82 29.01 29.05
CA ALA A 1075 -44.27 28.23 27.94
C ALA A 1075 -43.77 26.88 28.43
N LEU A 1076 -43.07 26.86 29.58
CA LEU A 1076 -42.54 25.64 30.18
C LEU A 1076 -43.63 24.85 30.90
N LEU A 1077 -44.64 25.53 31.49
CA LEU A 1077 -45.78 24.89 32.17
C LEU A 1077 -46.61 24.09 31.15
N LYS A 1078 -46.65 24.56 29.89
CA LYS A 1078 -47.32 23.90 28.77
C LYS A 1078 -46.45 22.75 28.26
N LYS A 1079 -45.10 22.91 28.36
CA LYS A 1079 -44.11 21.89 27.95
C LYS A 1079 -44.19 20.71 28.92
N TYR A 1080 -43.90 20.95 30.22
CA TYR A 1080 -43.96 19.95 31.30
C TYR A 1080 -45.41 19.78 31.76
N ASN A 1081 -46.34 19.40 30.83
CA ASN A 1081 -47.77 19.22 31.06
C ASN A 1081 -48.06 18.43 32.37
N PRO A 1082 -48.51 19.10 33.44
CA PRO A 1082 -48.70 18.40 34.72
C PRO A 1082 -50.08 17.74 34.89
N SER A 1083 -51.09 18.15 34.07
CA SER A 1083 -52.46 17.64 34.07
C SER A 1083 -52.54 16.11 33.89
N ALA A 1084 -51.59 15.53 33.13
CA ALA A 1084 -51.52 14.09 32.86
C ALA A 1084 -50.52 13.39 33.80
N LEU A 1085 -50.14 14.05 34.91
CA LEU A 1085 -49.16 13.52 35.87
C LEU A 1085 -49.63 13.62 37.34
N ILE A 1086 -50.46 14.63 37.67
CA ILE A 1086 -50.96 14.90 39.04
C ILE A 1086 -51.58 13.67 39.75
N GLU A 1087 -52.15 12.72 38.97
CA GLU A 1087 -52.78 11.50 39.49
C GLU A 1087 -51.76 10.37 39.70
N HIS A 1088 -50.56 10.48 39.11
CA HIS A 1088 -49.50 9.47 39.20
C HIS A 1088 -48.42 9.78 40.26
N LEU A 1089 -48.36 11.03 40.77
CA LEU A 1089 -47.35 11.39 41.77
C LEU A 1089 -47.93 11.84 43.12
N ASP A 1090 -47.04 12.08 44.10
CA ASP A 1090 -47.30 12.57 45.45
C ASP A 1090 -46.82 14.02 45.51
N VAL A 1091 -47.61 14.93 46.10
CA VAL A 1091 -47.30 16.35 46.12
C VAL A 1091 -46.88 16.85 47.53
N GLU A 1092 -46.95 16.03 48.57
CA GLU A 1092 -46.62 16.54 49.90
C GLU A 1092 -45.52 15.75 50.66
N SER A 1093 -45.56 14.40 50.64
CA SER A 1093 -44.64 13.53 51.38
C SER A 1093 -43.19 14.04 51.40
N ALA A 1094 -42.59 14.24 50.20
CA ALA A 1094 -41.22 14.71 50.01
C ALA A 1094 -41.04 16.16 50.42
N LEU A 1095 -42.02 17.03 50.09
CA LEU A 1095 -42.00 18.46 50.42
C LEU A 1095 -41.96 18.71 51.93
N LYS A 1096 -42.67 17.87 52.72
CA LYS A 1096 -42.67 17.97 54.17
C LYS A 1096 -41.31 17.57 54.70
N TYR A 1097 -40.79 16.41 54.22
CA TYR A 1097 -39.50 15.86 54.60
C TYR A 1097 -38.35 16.84 54.29
N SER A 1098 -38.40 17.51 53.11
CA SER A 1098 -37.43 18.52 52.66
C SER A 1098 -37.27 19.65 53.69
N LYS A 1099 -38.36 20.02 54.38
CA LYS A 1099 -38.35 21.06 55.40
C LYS A 1099 -37.67 20.55 56.67
N LYS A 1100 -37.91 19.27 57.04
CA LYS A 1100 -37.33 18.63 58.23
C LYS A 1100 -35.81 18.55 58.12
N THR A 1101 -35.29 18.26 56.90
CA THR A 1101 -33.85 18.16 56.64
C THR A 1101 -33.21 19.53 56.62
N LEU A 1102 -33.94 20.54 56.09
CA LEU A 1102 -33.50 21.94 56.02
C LEU A 1102 -33.41 22.52 57.43
N LYS A 1103 -34.32 22.09 58.33
CA LYS A 1103 -34.39 22.50 59.74
C LYS A 1103 -33.09 22.08 60.48
N TYR A 1104 -32.74 20.79 60.43
CA TYR A 1104 -31.55 20.24 61.08
C TYR A 1104 -30.25 20.71 60.43
N ARG A 1105 -30.30 21.08 59.14
CA ARG A 1105 -29.14 21.56 58.39
C ARG A 1105 -28.77 22.98 58.84
N LYS A 1106 -29.78 23.84 59.07
CA LYS A 1106 -29.60 25.21 59.52
C LYS A 1106 -29.15 25.27 60.97
N LYS A 1107 -29.53 24.26 61.79
CA LYS A 1107 -29.17 24.13 63.20
C LYS A 1107 -27.67 23.92 63.40
N HIS A 1108 -27.04 23.16 62.48
CA HIS A 1108 -25.62 22.82 62.56
C HIS A 1108 -24.82 23.43 61.38
N SER A 1109 -25.15 24.69 61.01
CA SER A 1109 -24.50 25.44 59.93
C SER A 1109 -23.01 25.70 60.22
N LYS A 1110 -22.72 26.30 61.40
CA LYS A 1110 -21.37 26.65 61.83
C LYS A 1110 -20.59 25.40 62.31
N GLU A 1111 -21.32 24.34 62.74
CA GLU A 1111 -20.75 23.07 63.22
C GLU A 1111 -19.95 22.33 62.12
N PRO A 1112 -18.90 21.53 62.46
CA PRO A 1112 -18.14 20.82 61.42
C PRO A 1112 -18.89 19.58 60.91
N HIS A 1113 -18.42 19.00 59.78
CA HIS A 1113 -19.04 17.86 59.12
C HIS A 1113 -19.15 16.58 60.01
N TYR A 1114 -18.16 16.33 60.89
CA TYR A 1114 -18.17 15.16 61.77
C TYR A 1114 -19.20 15.29 62.91
N LYS A 1115 -19.50 16.54 63.33
CA LYS A 1115 -20.44 16.84 64.42
C LYS A 1115 -21.87 17.10 63.91
N GLN A 1116 -22.07 17.11 62.57
CA GLN A 1116 -23.37 17.34 61.93
C GLN A 1116 -24.38 16.24 62.27
N SER A 1117 -25.67 16.62 62.38
CA SER A 1117 -26.78 15.70 62.73
C SER A 1117 -26.97 14.64 61.67
N VAL A 1118 -27.22 13.40 62.12
CA VAL A 1118 -27.45 12.25 61.24
C VAL A 1118 -28.88 11.71 61.46
N LYS A 1119 -29.76 12.53 62.07
CA LYS A 1119 -31.15 12.17 62.35
C LYS A 1119 -31.89 11.91 61.04
N TYR A 1120 -32.01 12.96 60.20
CA TYR A 1120 -32.69 12.89 58.91
C TYR A 1120 -31.67 12.95 57.79
N ASP A 1121 -31.68 11.94 56.91
CA ASP A 1121 -30.79 11.87 55.76
C ASP A 1121 -31.48 12.57 54.55
N PRO A 1122 -30.81 12.81 53.38
CA PRO A 1122 -31.48 13.56 52.29
C PRO A 1122 -32.82 13.00 51.82
N VAL A 1123 -33.68 13.90 51.29
CA VAL A 1123 -35.02 13.57 50.78
C VAL A 1123 -34.94 12.59 49.57
N LEU A 1124 -33.81 12.59 48.82
CA LEU A 1124 -33.62 11.71 47.68
C LEU A 1124 -33.34 10.28 48.13
N ALA A 1125 -32.82 10.13 49.36
CA ALA A 1125 -32.51 8.83 49.93
C ALA A 1125 -33.78 8.09 50.37
N LYS A 1126 -34.86 8.85 50.69
CA LYS A 1126 -36.12 8.32 51.21
C LYS A 1126 -37.26 8.35 50.21
N TYR A 1127 -37.24 9.23 49.19
CA TYR A 1127 -38.35 9.33 48.24
C TYR A 1127 -37.89 9.33 46.79
N ASN A 1128 -38.48 8.45 45.97
CA ASN A 1128 -38.20 8.28 44.53
C ASN A 1128 -38.44 9.61 43.77
N PRO A 1129 -37.39 10.18 43.13
CA PRO A 1129 -37.56 11.48 42.45
C PRO A 1129 -38.61 11.53 41.33
N ALA A 1130 -38.92 10.39 40.68
CA ALA A 1130 -39.92 10.32 39.60
C ALA A 1130 -41.34 10.10 40.14
N LYS A 1131 -41.51 9.89 41.46
CA LYS A 1131 -42.83 9.65 42.06
C LYS A 1131 -43.23 10.70 43.10
N TYR A 1132 -42.26 11.38 43.71
CA TYR A 1132 -42.53 12.36 44.76
C TYR A 1132 -42.03 13.74 44.35
N LEU A 1133 -42.95 14.71 44.20
CA LEU A 1133 -42.61 16.09 43.87
C LEU A 1133 -41.99 16.72 45.11
N GLY A 1134 -40.74 17.11 44.99
CA GLY A 1134 -40.00 17.69 46.10
C GLY A 1134 -38.71 16.96 46.44
N SER A 1135 -38.62 15.66 46.06
CA SER A 1135 -37.41 14.87 46.28
C SER A 1135 -36.40 15.31 45.21
N VAL A 1136 -35.68 16.36 45.59
CA VAL A 1136 -34.73 17.14 44.84
C VAL A 1136 -33.40 17.15 45.60
N SER A 1137 -32.26 17.37 44.92
CA SER A 1137 -30.96 17.44 45.58
C SER A 1137 -30.91 18.67 46.48
N GLU A 1138 -30.25 18.55 47.65
CA GLU A 1138 -30.14 19.66 48.59
C GLU A 1138 -29.42 20.85 47.96
N ASN A 1139 -28.55 20.59 46.95
CA ASN A 1139 -27.84 21.60 46.17
C ASN A 1139 -28.86 22.42 45.37
N PHE A 1140 -29.80 21.74 44.67
CA PHE A 1140 -30.86 22.37 43.90
C PHE A 1140 -31.82 23.10 44.84
N GLN A 1141 -32.17 22.47 46.00
CA GLN A 1141 -33.07 23.03 47.01
C GLN A 1141 -32.54 24.36 47.54
N ASP A 1142 -31.25 24.40 47.95
CA ASP A 1142 -30.57 25.58 48.46
C ASP A 1142 -30.55 26.69 47.42
N LYS A 1143 -30.19 26.35 46.16
CA LYS A 1143 -30.11 27.28 45.03
C LYS A 1143 -31.48 27.88 44.69
N LEU A 1144 -32.54 27.04 44.70
CA LEU A 1144 -33.91 27.47 44.36
C LEU A 1144 -34.47 28.39 45.43
N GLU A 1145 -34.33 28.02 46.71
CA GLU A 1145 -34.82 28.82 47.85
C GLU A 1145 -34.12 30.17 47.89
N SER A 1146 -32.80 30.19 47.61
CA SER A 1146 -31.99 31.40 47.58
C SER A 1146 -32.46 32.37 46.48
N PHE A 1147 -32.95 31.84 45.35
CA PHE A 1147 -33.45 32.68 44.25
C PHE A 1147 -34.74 33.37 44.65
N LEU A 1148 -35.66 32.63 45.30
CA LEU A 1148 -36.97 33.14 45.72
C LEU A 1148 -36.84 34.21 46.84
N ASP A 1149 -35.75 34.15 47.63
CA ASP A 1149 -35.49 35.12 48.70
C ASP A 1149 -34.86 36.40 48.13
N LYS A 1150 -33.79 36.24 47.32
CA LYS A 1150 -33.04 37.35 46.71
C LYS A 1150 -33.78 38.03 45.53
N ASN A 1151 -34.94 37.49 45.08
CA ASN A 1151 -35.68 38.06 43.95
C ASN A 1151 -37.20 38.07 44.20
N SER A 1152 -37.73 39.23 44.66
CA SER A 1152 -39.15 39.44 44.89
C SER A 1152 -39.77 40.18 43.69
N LYS A 1153 -40.53 39.43 42.86
CA LYS A 1153 -41.17 39.91 41.63
C LYS A 1153 -42.67 39.55 41.60
N GLY A 1160 -48.50 36.89 35.93
CA GLY A 1160 -48.99 36.65 37.28
C GLY A 1160 -48.52 35.33 37.85
N VAL A 1161 -47.23 35.26 38.25
CA VAL A 1161 -46.60 34.06 38.80
C VAL A 1161 -46.22 34.30 40.27
N ASN A 1162 -46.74 33.45 41.17
CA ASN A 1162 -46.44 33.49 42.60
C ASN A 1162 -45.12 32.79 42.87
N GLU A 1163 -44.49 33.06 44.03
CA GLU A 1163 -43.23 32.43 44.43
C GLU A 1163 -43.43 30.95 44.78
N LYS A 1164 -44.68 30.54 45.04
CA LYS A 1164 -45.06 29.18 45.42
C LYS A 1164 -45.36 28.33 44.18
N LYS A 1165 -46.01 28.90 43.15
CA LYS A 1165 -46.34 28.18 41.92
C LYS A 1165 -45.09 28.01 41.02
N PHE A 1166 -44.08 28.90 41.19
CA PHE A 1166 -42.80 28.84 40.47
C PHE A 1166 -41.96 27.71 41.04
N ARG A 1167 -41.99 27.56 42.38
CA ARG A 1167 -41.30 26.51 43.13
C ARG A 1167 -41.72 25.12 42.63
N ALA A 1168 -43.04 24.96 42.37
CA ALA A 1168 -43.64 23.73 41.87
C ALA A 1168 -43.15 23.41 40.45
N LEU A 1169 -43.06 24.45 39.59
CA LEU A 1169 -42.59 24.33 38.20
C LEU A 1169 -41.15 23.87 38.16
N MET A 1170 -40.28 24.44 39.01
CA MET A 1170 -38.86 24.06 39.08
C MET A 1170 -38.72 22.64 39.65
N GLN A 1171 -39.59 22.26 40.62
CA GLN A 1171 -39.64 20.92 41.21
C GLN A 1171 -40.00 19.91 40.13
N LEU A 1172 -40.95 20.31 39.26
CA LEU A 1172 -41.43 19.52 38.14
C LEU A 1172 -40.36 19.45 37.03
N LYS A 1173 -39.57 20.53 36.85
CA LYS A 1173 -38.51 20.55 35.84
C LYS A 1173 -37.43 19.55 36.22
N TYR A 1174 -37.06 19.47 37.51
CA TYR A 1174 -36.09 18.53 38.04
C TYR A 1174 -36.57 17.10 37.82
N MET A 1175 -37.87 16.85 38.05
CA MET A 1175 -38.54 15.56 37.84
C MET A 1175 -38.42 15.10 36.39
N ARG A 1176 -38.52 16.05 35.45
CA ARG A 1176 -38.45 15.81 34.01
C ARG A 1176 -37.01 15.85 33.49
N SER A 1177 -36.04 16.12 34.37
CA SER A 1177 -34.62 16.18 34.01
C SER A 1177 -33.88 14.92 34.50
N LEU A 1178 -34.62 13.91 34.98
CA LEU A 1178 -34.03 12.67 35.50
C LEU A 1178 -33.49 11.76 34.41
N ILE A 1179 -32.34 11.13 34.68
CA ILE A 1179 -31.68 10.20 33.77
C ILE A 1179 -32.58 8.96 33.61
N ASN A 1180 -32.80 8.55 32.36
CA ASN A 1180 -33.68 7.43 32.02
C ASN A 1180 -33.10 6.08 32.44
N PRO A 1181 -33.90 5.20 33.09
CA PRO A 1181 -33.37 3.87 33.42
C PRO A 1181 -33.04 3.11 32.12
N GLY A 1182 -31.81 2.62 32.06
CA GLY A 1182 -31.27 1.90 30.92
C GLY A 1182 -30.07 2.59 30.31
N GLU A 1183 -29.92 3.91 30.57
CA GLU A 1183 -28.86 4.77 30.06
C GLU A 1183 -27.48 4.23 30.44
N ALA A 1184 -26.64 3.94 29.43
CA ALA A 1184 -25.29 3.40 29.62
C ALA A 1184 -24.33 4.48 30.16
N VAL A 1185 -24.50 4.86 31.44
CA VAL A 1185 -23.69 5.88 32.11
C VAL A 1185 -22.20 5.48 32.20
N GLY A 1186 -21.91 4.19 32.07
CA GLY A 1186 -20.56 3.64 32.10
C GLY A 1186 -19.75 4.06 30.88
N ILE A 1187 -20.26 3.73 29.67
CA ILE A 1187 -19.64 4.09 28.39
C ILE A 1187 -19.57 5.62 28.29
N ILE A 1188 -20.71 6.32 28.51
CA ILE A 1188 -20.83 7.78 28.50
C ILE A 1188 -19.74 8.42 29.38
N ALA A 1189 -19.49 7.86 30.60
CA ALA A 1189 -18.46 8.39 31.52
C ALA A 1189 -17.05 8.26 30.92
N SER A 1190 -16.69 7.06 30.44
CA SER A 1190 -15.38 6.80 29.82
C SER A 1190 -15.21 7.64 28.53
N GLN A 1191 -16.29 7.84 27.76
CA GLN A 1191 -16.28 8.68 26.57
C GLN A 1191 -16.12 10.15 26.96
N SER A 1192 -16.70 10.55 28.11
CA SER A 1192 -16.64 11.91 28.64
C SER A 1192 -15.28 12.22 29.25
N VAL A 1193 -14.46 11.20 29.51
CA VAL A 1193 -13.11 11.39 30.06
C VAL A 1193 -12.10 11.20 28.91
N GLY A 1194 -12.38 10.26 28.01
CA GLY A 1194 -11.56 9.94 26.86
C GLY A 1194 -11.51 11.03 25.82
N GLU A 1195 -12.65 11.33 25.16
CA GLU A 1195 -12.78 12.33 24.10
C GLU A 1195 -12.11 13.69 24.45
N PRO A 1196 -12.33 14.35 25.62
CA PRO A 1196 -11.64 15.63 25.84
C PRO A 1196 -10.17 15.48 26.23
N SER A 1197 -9.71 14.25 26.59
CA SER A 1197 -8.31 14.03 26.95
C SER A 1197 -7.40 13.97 25.68
N THR A 1198 -8.00 14.14 24.49
CA THR A 1198 -7.29 14.20 23.21
C THR A 1198 -6.73 15.62 23.02
N GLN A 1199 -7.43 16.61 23.62
CA GLN A 1199 -7.09 18.03 23.60
C GLN A 1199 -5.88 18.38 24.46
N MET A 1200 -5.41 17.44 25.30
CA MET A 1200 -4.27 17.65 26.19
C MET A 1200 -3.07 16.75 25.81
N THR A 1201 -2.84 16.58 24.49
CA THR A 1201 -1.75 15.76 23.96
C THR A 1201 -0.43 16.58 23.90
N LEU A 1202 -0.53 17.93 23.97
CA LEU A 1202 0.61 18.86 23.93
C LEU A 1202 1.36 18.89 25.28
N ASN A 1203 2.69 19.16 25.21
CA ASN A 1203 3.62 19.23 26.34
C ASN A 1203 3.44 20.52 27.18
N THR A 1204 4.13 20.58 28.34
CA THR A 1204 4.12 21.68 29.32
C THR A 1204 4.67 22.98 28.69
N PHE A 1205 4.07 24.11 29.09
CA PHE A 1205 4.42 25.47 28.62
C PHE A 1205 5.58 26.04 29.43
N ASN A 1214 6.29 21.56 37.43
CA ASN A 1214 6.93 20.48 38.19
C ASN A 1214 6.04 19.22 38.21
N VAL A 1215 4.78 19.36 38.67
CA VAL A 1215 3.79 18.29 38.81
C VAL A 1215 3.43 17.68 37.45
N THR A 1216 3.09 16.36 37.44
CA THR A 1216 2.67 15.61 36.25
C THR A 1216 1.29 16.11 35.83
N LEU A 1217 1.11 16.39 34.53
CA LEU A 1217 -0.16 16.89 34.00
C LEU A 1217 -0.67 15.98 32.89
N GLY A 1218 -1.73 16.42 32.20
CA GLY A 1218 -2.35 15.76 31.06
C GLY A 1218 -2.57 14.28 31.16
N ILE A 1219 -2.37 13.57 30.02
CA ILE A 1219 -2.56 12.13 29.90
C ILE A 1219 -1.59 11.36 30.85
N PRO A 1220 -0.27 11.67 31.00
CA PRO A 1220 0.56 10.89 31.94
C PRO A 1220 0.01 10.85 33.37
N ARG A 1221 -0.54 11.98 33.86
CA ARG A 1221 -1.13 12.07 35.20
C ARG A 1221 -2.43 11.28 35.26
N LEU A 1222 -3.25 11.37 34.19
CA LEU A 1222 -4.52 10.65 34.06
C LEU A 1222 -4.28 9.14 34.02
N ARG A 1223 -3.14 8.72 33.43
CA ARG A 1223 -2.69 7.33 33.33
C ARG A 1223 -2.24 6.83 34.69
N GLU A 1224 -1.62 7.70 35.50
CA GLU A 1224 -1.15 7.38 36.86
C GLU A 1224 -2.31 7.00 37.75
N ILE A 1225 -3.49 7.61 37.52
CA ILE A 1225 -4.73 7.40 38.26
C ILE A 1225 -5.52 6.22 37.64
N VAL A 1226 -6.28 6.49 36.57
CA VAL A 1226 -7.20 5.59 35.88
C VAL A 1226 -6.54 4.28 35.39
N MET A 1227 -5.43 4.37 34.65
CA MET A 1227 -4.82 3.20 34.01
C MET A 1227 -3.93 2.35 34.91
N THR A 1228 -3.13 2.95 35.81
CA THR A 1228 -2.18 2.15 36.60
C THR A 1228 -2.43 2.16 38.12
N ALA A 1229 -3.22 3.12 38.64
CA ALA A 1229 -3.51 3.30 40.08
C ALA A 1229 -2.20 3.15 40.89
N SER A 1230 -1.18 3.92 40.48
CA SER A 1230 0.17 3.88 41.01
C SER A 1230 0.27 4.30 42.47
N ALA A 1231 0.97 3.48 43.26
CA ALA A 1231 1.27 3.76 44.65
C ALA A 1231 2.59 4.56 44.71
N ALA A 1232 3.35 4.53 43.59
CA ALA A 1232 4.60 5.23 43.37
C ALA A 1232 4.41 6.28 42.26
N ILE A 1233 3.79 7.41 42.64
CA ILE A 1233 3.52 8.56 41.76
C ILE A 1233 4.84 9.29 41.46
N LYS A 1234 4.97 9.86 40.24
CA LYS A 1234 6.15 10.61 39.79
C LYS A 1234 6.38 11.86 40.65
N THR A 1235 5.31 12.62 40.94
CA THR A 1235 5.39 13.85 41.73
C THR A 1235 4.45 13.76 42.96
N PRO A 1236 4.79 12.97 44.01
CA PRO A 1236 3.92 12.92 45.18
C PRO A 1236 3.99 14.24 45.96
N GLN A 1237 2.83 14.80 46.29
CA GLN A 1237 2.72 16.09 46.98
C GLN A 1237 1.76 16.04 48.17
N MET A 1238 1.88 17.05 49.06
CA MET A 1238 1.01 17.28 50.21
C MET A 1238 0.71 18.77 50.31
N THR A 1239 -0.58 19.11 50.43
CA THR A 1239 -1.03 20.49 50.56
C THR A 1239 -1.36 20.70 52.04
N LEU A 1240 -0.55 21.52 52.73
CA LEU A 1240 -0.66 21.79 54.15
C LEU A 1240 -1.36 23.13 54.42
N PRO A 1241 -2.61 23.17 54.91
CA PRO A 1241 -3.25 24.47 55.18
C PRO A 1241 -2.70 25.11 56.46
N ILE A 1242 -2.04 26.26 56.30
CA ILE A 1242 -1.47 27.02 57.43
C ILE A 1242 -2.55 27.86 58.08
N TRP A 1243 -2.47 28.02 59.43
CA TRP A 1243 -3.39 28.82 60.24
C TRP A 1243 -3.27 30.32 59.90
N ASN A 1244 -4.05 31.17 60.61
CA ASN A 1244 -3.99 32.61 60.45
C ASN A 1244 -2.98 33.21 61.44
N ASP A 1245 -2.82 32.56 62.61
CA ASP A 1245 -1.89 32.98 63.67
C ASP A 1245 -0.42 32.72 63.31
N VAL A 1246 -0.16 32.02 62.18
CA VAL A 1246 1.20 31.76 61.69
C VAL A 1246 1.47 32.74 60.51
N SER A 1247 2.46 33.63 60.70
CA SER A 1247 2.83 34.67 59.74
C SER A 1247 3.59 34.13 58.52
N ASP A 1248 3.72 34.97 57.46
CA ASP A 1248 4.42 34.68 56.21
C ASP A 1248 5.91 34.37 56.44
N GLU A 1249 6.53 35.02 57.45
CA GLU A 1249 7.93 34.77 57.79
C GLU A 1249 8.05 33.43 58.53
N GLN A 1250 7.14 33.18 59.50
CA GLN A 1250 7.07 31.96 60.30
C GLN A 1250 6.87 30.72 59.43
N ALA A 1251 5.98 30.83 58.42
CA ALA A 1251 5.68 29.76 57.46
C ALA A 1251 6.89 29.43 56.59
N ASP A 1252 7.66 30.45 56.16
CA ASP A 1252 8.87 30.30 55.35
C ASP A 1252 9.97 29.64 56.16
N THR A 1253 10.05 29.95 57.48
CA THR A 1253 11.01 29.35 58.41
C THR A 1253 10.64 27.87 58.60
N PHE A 1254 9.31 27.59 58.67
CA PHE A 1254 8.75 26.25 58.81
C PHE A 1254 9.05 25.40 57.58
N CYS A 1255 9.00 26.03 56.37
CA CYS A 1255 9.30 25.40 55.08
C CYS A 1255 10.73 24.88 55.09
N LYS A 1256 11.66 25.70 55.61
CA LYS A 1256 13.08 25.41 55.75
C LYS A 1256 13.32 24.27 56.75
N SER A 1257 12.51 24.24 57.84
CA SER A 1257 12.57 23.25 58.93
C SER A 1257 12.24 21.81 58.44
N ILE A 1258 11.20 21.76 57.64
CA ILE A 1258 10.83 20.57 56.90
C ILE A 1258 11.98 20.40 55.90
N SER A 1259 12.49 21.54 55.40
CA SER A 1259 13.63 21.60 54.54
C SER A 1259 14.85 20.94 55.17
N LYS A 1260 15.49 20.09 54.39
CA LYS A 1260 16.63 19.38 54.94
C LYS A 1260 17.93 19.35 54.16
N VAL A 1261 18.98 19.75 54.85
CA VAL A 1261 20.38 19.64 54.32
C VAL A 1261 21.08 18.22 54.45
N LEU A 1262 22.14 17.98 53.66
CA LEU A 1262 22.94 16.71 53.58
C LEU A 1262 24.46 16.97 53.80
N LEU A 1263 25.35 15.97 54.00
CA LEU A 1263 26.70 16.45 54.30
C LEU A 1263 27.27 17.25 53.14
N SER A 1264 26.97 16.82 51.90
CA SER A 1264 27.36 17.47 50.63
C SER A 1264 26.96 18.95 50.59
N GLU A 1265 25.76 19.26 51.11
CA GLU A 1265 25.16 20.59 51.11
C GLU A 1265 25.89 21.60 52.01
N VAL A 1266 26.65 21.13 53.03
CA VAL A 1266 27.38 22.02 53.94
C VAL A 1266 28.90 22.07 53.63
N ILE A 1267 29.42 21.13 52.81
CA ILE A 1267 30.86 21.08 52.46
C ILE A 1267 31.17 21.99 51.27
N ASP A 1268 32.27 22.76 51.38
CA ASP A 1268 32.78 23.67 50.34
C ASP A 1268 33.92 22.99 49.57
N LYS A 1269 34.89 22.38 50.29
CA LYS A 1269 36.06 21.71 49.72
C LYS A 1269 36.52 20.54 50.56
N VAL A 1270 37.10 19.52 49.91
CA VAL A 1270 37.70 18.35 50.56
C VAL A 1270 39.10 18.20 50.01
N ILE A 1271 40.11 18.25 50.89
CA ILE A 1271 41.51 18.13 50.49
C ILE A 1271 42.05 16.83 51.09
N VAL A 1272 42.49 15.91 50.21
CA VAL A 1272 43.06 14.64 50.62
C VAL A 1272 44.56 14.67 50.28
N THR A 1273 45.40 14.58 51.33
CA THR A 1273 46.85 14.60 51.18
C THR A 1273 47.36 13.16 51.42
N GLU A 1274 47.37 12.35 50.35
CA GLU A 1274 47.82 10.97 50.37
C GLU A 1274 49.35 10.94 50.45
N THR A 1275 49.85 10.47 51.58
CA THR A 1275 51.27 10.31 51.79
C THR A 1275 51.48 8.81 51.99
N THR A 1276 52.37 8.21 51.24
CA THR A 1276 52.61 6.78 51.37
C THR A 1276 53.78 6.58 52.30
N GLY A 1277 53.53 5.90 53.43
CA GLY A 1277 54.57 5.68 54.39
C GLY A 1277 54.58 4.39 55.20
N THR A 1278 55.79 4.06 55.65
CA THR A 1278 56.08 2.89 56.50
C THR A 1278 55.81 1.57 55.74
N ALA A 1287 52.87 2.44 55.40
CA ALA A 1287 51.55 2.82 55.89
C ALA A 1287 50.97 3.97 55.06
N ARG A 1288 49.79 3.75 54.43
CA ARG A 1288 49.12 4.76 53.61
C ARG A 1288 48.37 5.75 54.51
N SER A 1289 48.91 6.97 54.64
CA SER A 1289 48.33 8.03 55.46
C SER A 1289 47.46 8.91 54.60
N TYR A 1290 46.18 9.06 54.99
CA TYR A 1290 45.21 9.89 54.27
C TYR A 1290 44.70 11.02 55.16
N VAL A 1291 45.17 12.24 54.87
CA VAL A 1291 44.79 13.44 55.62
C VAL A 1291 43.58 14.05 54.91
N ILE A 1292 42.37 13.78 55.43
CA ILE A 1292 41.12 14.28 54.87
C ILE A 1292 40.69 15.52 55.65
N HIS A 1293 40.74 16.69 54.99
CA HIS A 1293 40.35 17.97 55.56
C HIS A 1293 39.02 18.41 54.94
N MET A 1294 38.00 18.55 55.80
CA MET A 1294 36.67 18.96 55.39
C MET A 1294 36.50 20.46 55.58
N ARG A 1295 36.64 21.23 54.48
CA ARG A 1295 36.44 22.66 54.51
C ARG A 1295 34.98 22.93 54.19
N PHE A 1296 34.20 23.28 55.23
CA PHE A 1296 32.77 23.57 55.10
C PHE A 1296 32.57 25.04 54.77
N PHE A 1297 31.30 25.44 54.58
CA PHE A 1297 30.96 26.85 54.42
C PHE A 1297 30.98 27.47 55.81
N ASP A 1298 30.88 28.81 55.91
CA ASP A 1298 30.92 29.49 57.22
C ASP A 1298 29.75 29.03 58.12
N ASN A 1299 30.00 28.89 59.44
CA ASN A 1299 29.04 28.43 60.44
C ASN A 1299 27.71 29.17 60.36
N ASN A 1300 27.75 30.51 60.25
CA ASN A 1300 26.56 31.35 60.16
C ASN A 1300 25.85 31.20 58.81
N GLU A 1301 26.58 30.77 57.74
CA GLU A 1301 26.01 30.60 56.39
C GLU A 1301 25.09 29.38 56.33
N TYR A 1302 25.57 28.17 56.70
CA TYR A 1302 24.76 26.95 56.64
C TYR A 1302 23.70 26.90 57.77
N SER A 1303 23.92 27.62 58.87
CA SER A 1303 22.95 27.67 59.97
C SER A 1303 21.74 28.53 59.59
N GLU A 1304 21.94 29.49 58.64
CA GLU A 1304 20.89 30.38 58.14
C GLU A 1304 20.28 29.85 56.83
N GLU A 1305 20.89 28.81 56.23
CA GLU A 1305 20.43 28.23 54.96
C GLU A 1305 19.87 26.81 55.12
N TYR A 1306 20.24 26.09 56.19
CA TYR A 1306 19.78 24.72 56.39
C TYR A 1306 19.25 24.46 57.81
N ASP A 1307 19.40 25.44 58.73
CA ASP A 1307 19.01 25.37 60.16
C ASP A 1307 19.77 24.19 60.82
N VAL A 1308 21.08 24.11 60.54
CA VAL A 1308 21.99 23.08 61.02
C VAL A 1308 23.09 23.73 61.88
N SER A 1309 23.29 23.19 63.10
CA SER A 1309 24.30 23.68 64.04
C SER A 1309 25.63 22.93 63.85
N LYS A 1310 26.72 23.44 64.47
CA LYS A 1310 28.05 22.82 64.43
C LYS A 1310 28.04 21.51 65.23
N GLU A 1311 27.22 21.46 66.31
CA GLU A 1311 27.02 20.30 67.18
C GLU A 1311 26.39 19.16 66.39
N GLU A 1312 25.41 19.50 65.52
CA GLU A 1312 24.69 18.59 64.64
C GLU A 1312 25.65 17.97 63.60
N LEU A 1313 26.62 18.77 63.13
CA LEU A 1313 27.64 18.35 62.15
C LEU A 1313 28.65 17.39 62.78
N GLN A 1314 29.01 17.63 64.06
CA GLN A 1314 29.97 16.83 64.83
C GLN A 1314 29.46 15.39 65.02
N ASN A 1315 28.21 15.23 65.47
CA ASN A 1315 27.55 13.94 65.72
C ASN A 1315 27.48 13.07 64.46
N VAL A 1316 27.13 13.67 63.30
CA VAL A 1316 26.99 12.96 62.01
C VAL A 1316 28.36 12.43 61.53
N ILE A 1317 29.42 13.24 61.58
CA ILE A 1317 30.75 12.82 61.13
C ILE A 1317 31.31 11.74 62.08
N SER A 1318 31.26 11.96 63.41
CA SER A 1318 31.80 11.04 64.41
C SER A 1318 31.01 9.70 64.54
N ASN A 1319 29.73 9.64 64.09
CA ASN A 1319 28.95 8.41 64.22
C ASN A 1319 28.61 7.76 62.87
N GLN A 1320 28.12 8.53 61.89
CA GLN A 1320 27.70 8.01 60.59
C GLN A 1320 28.83 7.96 59.55
N PHE A 1321 29.32 9.15 59.12
CA PHE A 1321 30.29 9.35 58.04
C PHE A 1321 31.53 8.44 58.12
N ILE A 1322 32.22 8.36 59.28
CA ILE A 1322 33.45 7.56 59.41
C ILE A 1322 33.13 6.06 59.25
N HIS A 1323 32.04 5.56 59.88
CA HIS A 1323 31.60 4.17 59.75
C HIS A 1323 31.23 3.82 58.30
N LEU A 1324 30.64 4.79 57.57
CA LEU A 1324 30.25 4.65 56.17
C LEU A 1324 31.49 4.70 55.25
N LEU A 1325 32.49 5.54 55.60
CA LEU A 1325 33.73 5.70 54.84
C LEU A 1325 34.59 4.44 54.96
N GLU A 1326 34.73 3.90 56.19
CA GLU A 1326 35.51 2.69 56.49
C GLU A 1326 34.96 1.48 55.73
N ALA A 1327 33.61 1.34 55.67
CA ALA A 1327 32.93 0.26 54.96
C ALA A 1327 33.14 0.36 53.44
N ALA A 1328 33.25 1.60 52.92
CA ALA A 1328 33.44 1.89 51.49
C ALA A 1328 34.88 1.58 51.05
N ILE A 1329 35.88 1.86 51.92
CA ILE A 1329 37.30 1.63 51.62
C ILE A 1329 37.57 0.11 51.63
N VAL A 1330 37.05 -0.63 52.65
CA VAL A 1330 37.18 -2.09 52.80
C VAL A 1330 36.59 -2.79 51.55
N LYS A 1331 35.41 -2.32 51.08
CA LYS A 1331 34.71 -2.83 49.91
C LYS A 1331 35.55 -2.59 48.63
N GLU A 1332 36.26 -1.44 48.56
CA GLU A 1332 37.09 -1.08 47.41
C GLU A 1332 38.40 -1.91 47.39
N ILE A 1333 38.91 -2.33 48.57
CA ILE A 1333 40.11 -3.17 48.68
C ILE A 1333 39.77 -4.57 48.16
N LYS A 1334 38.60 -5.12 48.57
CA LYS A 1334 38.09 -6.43 48.15
C LYS A 1334 37.86 -6.46 46.64
N LYS A 1335 37.21 -5.41 46.07
CA LYS A 1335 36.92 -5.27 44.64
C LYS A 1335 38.20 -5.21 43.78
N GLN A 1336 39.29 -4.68 44.35
CA GLN A 1336 40.60 -4.56 43.71
C GLN A 1336 41.28 -5.94 43.62
N LYS A 1337 41.20 -6.74 44.71
CA LYS A 1337 41.82 -8.06 44.82
C LYS A 1337 40.96 -9.17 44.17
N ARG A 1338 39.63 -8.97 44.05
CA ARG A 1338 38.70 -9.94 43.46
C ARG A 1338 38.99 -10.10 41.96
N VAL A 1433 47.18 28.82 54.94
CA VAL A 1433 47.05 30.10 55.65
C VAL A 1433 47.31 29.97 57.14
N GLU A 1434 46.24 29.87 57.92
CA GLU A 1434 46.35 29.74 59.37
C GLU A 1434 47.04 28.44 59.78
N ALA A 1435 47.83 28.50 60.85
CA ALA A 1435 48.55 27.33 61.33
C ALA A 1435 48.04 26.88 62.70
N ASN A 1436 47.76 25.58 62.81
CA ASN A 1436 47.26 25.00 64.05
C ASN A 1436 48.29 24.05 64.64
N ASN A 1437 48.61 24.23 65.91
CA ASN A 1437 49.60 23.40 66.58
C ASN A 1437 49.32 23.29 68.09
N ASN A 1438 49.93 22.31 68.74
CA ASN A 1438 49.78 22.10 70.17
C ASN A 1438 48.34 22.00 70.67
N MET A 1439 47.55 21.12 70.06
CA MET A 1439 46.16 20.96 70.45
C MET A 1439 46.07 20.61 71.94
N ASN A 1440 45.06 21.15 72.63
CA ASN A 1440 44.92 20.99 74.11
C ASN A 1440 43.66 20.39 74.81
N LYS A 1441 43.90 19.96 76.06
CA LYS A 1441 42.99 19.31 77.05
C LYS A 1441 41.55 18.84 76.74
N VAL A 1442 40.51 19.64 76.97
CA VAL A 1442 39.18 19.13 76.61
C VAL A 1442 39.22 18.54 75.17
N GLN A 1443 40.00 19.18 74.27
CA GLN A 1443 40.19 18.77 72.88
C GLN A 1443 40.99 17.46 72.79
N ARG A 1444 41.97 17.28 73.70
CA ARG A 1444 42.83 16.09 73.78
C ARG A 1444 42.06 14.84 74.22
N ASP A 1445 41.14 15.00 75.20
CA ASP A 1445 40.28 13.91 75.71
C ASP A 1445 39.31 13.45 74.62
N ARG A 1446 38.82 14.43 73.82
CA ARG A 1446 37.90 14.22 72.70
C ARG A 1446 38.60 13.44 71.58
N GLN A 1447 39.83 13.86 71.20
CA GLN A 1447 40.64 13.22 70.16
C GLN A 1447 40.97 11.77 70.54
N SER A 1448 41.45 11.54 71.78
CA SER A 1448 41.82 10.22 72.33
C SER A 1448 40.64 9.23 72.31
N ALA A 1449 39.41 9.73 72.59
CA ALA A 1449 38.19 8.92 72.59
C ALA A 1449 37.77 8.54 71.17
N ILE A 1450 38.03 9.42 70.19
CA ILE A 1450 37.70 9.21 68.77
C ILE A 1450 38.72 8.21 68.17
N ILE A 1451 40.01 8.29 68.60
CA ILE A 1451 41.09 7.37 68.15
C ILE A 1451 40.72 5.92 68.57
N SER A 1452 40.11 5.75 69.76
CA SER A 1452 39.68 4.45 70.29
C SER A 1452 38.47 3.90 69.51
N HIS A 1453 37.71 4.77 68.82
CA HIS A 1453 36.52 4.42 68.06
C HIS A 1453 36.78 4.31 66.55
N HIS A 1454 37.92 4.80 66.08
CA HIS A 1454 38.26 4.74 64.65
C HIS A 1454 39.60 4.04 64.39
N ARG A 1455 39.58 3.02 63.54
CA ARG A 1455 40.77 2.25 63.21
C ARG A 1455 41.93 2.91 62.44
N PHE A 1456 41.63 3.69 61.40
CA PHE A 1456 42.70 4.30 60.60
C PHE A 1456 42.87 5.82 60.65
N ILE A 1457 41.84 6.51 61.12
CA ILE A 1457 41.88 7.96 61.22
C ILE A 1457 43.04 8.32 62.10
N THR A 1458 43.28 7.48 63.11
CA THR A 1458 44.32 7.77 64.10
C THR A 1458 44.10 9.13 64.76
N LYS A 1459 43.72 10.15 63.96
CA LYS A 1459 43.45 11.52 64.42
C LYS A 1459 42.02 11.96 64.07
N TYR A 1460 41.47 12.91 64.86
CA TYR A 1460 40.13 13.48 64.66
C TYR A 1460 40.03 14.82 65.42
N ASN A 1461 40.21 15.92 64.67
CA ASN A 1461 40.15 17.29 65.18
C ASN A 1461 39.05 18.06 64.45
N PHE A 1462 38.13 18.67 65.19
CA PHE A 1462 37.01 19.42 64.63
C PHE A 1462 36.94 20.82 65.22
N ASP A 1463 36.67 21.82 64.35
CA ASP A 1463 36.55 23.24 64.72
C ASP A 1463 35.33 23.39 65.65
N ASP A 1464 35.58 23.49 66.96
CA ASP A 1464 34.51 23.58 67.97
C ASP A 1464 34.14 25.02 68.30
N GLU A 1465 35.11 25.96 68.17
CA GLU A 1465 34.90 27.37 68.46
C GLU A 1465 34.23 28.07 67.27
N SER A 1466 34.91 28.12 66.11
CA SER A 1466 34.41 28.78 64.90
C SER A 1466 33.43 27.91 64.11
N GLY A 1467 33.74 26.62 63.98
CA GLY A 1467 32.93 25.65 63.25
C GLY A 1467 33.03 25.84 61.75
N LYS A 1468 34.24 25.64 61.18
CA LYS A 1468 34.51 25.82 59.75
C LYS A 1468 35.19 24.60 59.13
N TRP A 1469 35.90 23.78 59.94
CA TRP A 1469 36.61 22.62 59.38
C TRP A 1469 36.51 21.36 60.25
N CYS A 1470 36.87 20.21 59.65
CA CYS A 1470 36.95 18.89 60.27
C CYS A 1470 38.10 18.12 59.63
N GLU A 1471 39.17 17.87 60.41
CA GLU A 1471 40.35 17.15 59.94
C GLU A 1471 40.47 15.81 60.67
N PHE A 1472 40.74 14.73 59.91
CA PHE A 1472 40.91 13.39 60.46
C PHE A 1472 41.88 12.57 59.60
N LYS A 1473 42.82 11.87 60.25
CA LYS A 1473 43.83 11.04 59.59
C LYS A 1473 43.42 9.58 59.55
N LEU A 1474 43.62 8.94 58.38
CA LEU A 1474 43.30 7.52 58.15
C LEU A 1474 44.59 6.75 57.83
N GLU A 1475 44.86 5.68 58.60
CA GLU A 1475 46.04 4.85 58.43
C GLU A 1475 45.67 3.49 57.83
N LEU A 1476 46.25 3.17 56.66
CA LEU A 1476 46.03 1.92 55.93
C LEU A 1476 47.32 1.08 55.87
N ALA A 1477 47.17 -0.22 55.56
CA ALA A 1477 48.28 -1.18 55.47
C ALA A 1477 49.16 -0.94 54.24
N ALA A 1478 50.39 -1.50 54.23
CA ALA A 1478 51.36 -1.40 53.13
C ALA A 1478 50.88 -2.17 51.88
N ASP A 1479 49.98 -3.15 52.07
CA ASP A 1479 49.41 -4.00 51.02
C ASP A 1479 48.19 -3.35 50.33
N THR A 1480 47.61 -2.28 50.94
CA THR A 1480 46.43 -1.59 50.39
C THR A 1480 46.76 -0.80 49.11
N GLU A 1481 48.04 -0.38 48.95
CA GLU A 1481 48.66 0.37 47.83
C GLU A 1481 47.78 1.59 47.37
N LYS A 1482 47.70 1.85 46.04
CA LYS A 1482 46.99 3.01 45.46
C LYS A 1482 45.47 2.89 45.56
N LEU A 1483 44.80 4.05 45.79
CA LEU A 1483 43.35 4.20 45.93
C LEU A 1483 42.91 5.65 45.68
N LEU A 1484 41.76 5.84 45.00
CA LEU A 1484 41.20 7.16 44.69
C LEU A 1484 40.28 7.62 45.83
N MET A 1485 40.89 8.17 46.90
CA MET A 1485 40.20 8.59 48.11
C MET A 1485 39.20 9.74 47.89
N VAL A 1486 39.55 10.78 47.09
CA VAL A 1486 38.69 11.95 46.82
C VAL A 1486 37.33 11.48 46.27
N ASN A 1487 37.33 10.63 45.22
CA ASN A 1487 36.11 10.09 44.60
C ASN A 1487 35.32 9.24 45.59
N ILE A 1488 36.02 8.49 46.47
CA ILE A 1488 35.41 7.63 47.50
C ILE A 1488 34.69 8.52 48.54
N VAL A 1489 35.38 9.58 49.04
CA VAL A 1489 34.85 10.54 50.02
C VAL A 1489 33.63 11.26 49.43
N GLU A 1490 33.78 11.86 48.22
CA GLU A 1490 32.74 12.59 47.49
C GLU A 1490 31.40 11.84 47.52
N GLU A 1491 31.39 10.57 47.06
CA GLU A 1491 30.22 9.69 46.98
C GLU A 1491 29.55 9.44 48.33
N ILE A 1492 30.34 9.32 49.42
CA ILE A 1492 29.81 9.05 50.76
C ILE A 1492 29.21 10.35 51.37
N CYS A 1493 29.74 11.53 51.01
CA CYS A 1493 29.24 12.82 51.51
C CYS A 1493 27.81 13.10 51.02
N ARG A 1494 27.54 12.85 49.72
CA ARG A 1494 26.21 13.05 49.13
C ARG A 1494 25.26 11.88 49.50
N LYS A 1495 25.78 10.87 50.22
CA LYS A 1495 25.04 9.71 50.73
C LYS A 1495 24.79 9.86 52.24
N SER A 1496 25.58 10.71 52.91
CA SER A 1496 25.46 10.97 54.35
C SER A 1496 24.39 12.02 54.63
N ILE A 1497 23.42 11.67 55.49
CA ILE A 1497 22.32 12.57 55.86
C ILE A 1497 22.62 13.18 57.23
N ILE A 1498 22.51 14.51 57.28
CA ILE A 1498 22.58 15.27 58.51
C ILE A 1498 21.12 15.53 58.94
N ARG A 1499 20.22 15.63 57.94
CA ARG A 1499 18.82 16.00 58.13
C ARG A 1499 17.90 15.47 57.01
N GLN A 1500 16.59 15.43 57.27
CA GLN A 1500 15.57 15.00 56.33
C GLN A 1500 14.42 14.37 57.09
N ILE A 1501 13.20 14.80 56.77
CA ILE A 1501 11.99 14.24 57.34
C ILE A 1501 11.59 13.11 56.38
N PRO A 1502 11.41 11.84 56.87
CA PRO A 1502 11.14 10.71 55.96
C PRO A 1502 10.11 10.96 54.84
N HIS A 1503 10.48 10.48 53.62
CA HIS A 1503 9.71 10.51 52.37
C HIS A 1503 9.44 11.93 51.80
N ILE A 1504 9.92 12.99 52.48
CA ILE A 1504 9.76 14.39 52.05
C ILE A 1504 11.11 14.97 51.59
N ASP A 1505 11.12 15.63 50.42
CA ASP A 1505 12.33 16.24 49.85
C ASP A 1505 12.36 17.75 50.05
N ARG A 1506 11.31 18.49 49.64
CA ARG A 1506 11.31 19.94 49.79
C ARG A 1506 9.91 20.47 50.09
N CYS A 1507 9.82 21.44 51.03
CA CYS A 1507 8.58 22.12 51.38
C CYS A 1507 8.66 23.57 50.93
N VAL A 1508 7.75 23.97 50.03
CA VAL A 1508 7.75 25.32 49.44
C VAL A 1508 6.48 26.10 49.86
N HIS A 1509 6.51 27.45 49.68
CA HIS A 1509 5.42 28.37 50.00
C HIS A 1509 4.92 29.06 48.72
N PRO A 1510 3.87 28.53 48.05
CA PRO A 1510 3.39 29.19 46.82
C PRO A 1510 2.37 30.30 47.13
N GLU A 1511 1.86 30.96 46.07
CA GLU A 1511 0.86 32.02 46.17
C GLU A 1511 -0.48 31.42 46.67
N PRO A 1512 -1.21 32.07 47.63
CA PRO A 1512 -2.45 31.47 48.15
C PRO A 1512 -3.46 31.09 47.07
N GLU A 1513 -3.73 29.77 46.97
CA GLU A 1513 -4.64 29.15 46.00
C GLU A 1513 -6.11 29.45 46.37
N ASN A 1514 -6.76 30.31 45.56
CA ASN A 1514 -8.15 30.77 45.71
C ASN A 1514 -8.44 31.37 47.11
N GLY A 1515 -7.44 32.05 47.68
CA GLY A 1515 -7.52 32.69 48.99
C GLY A 1515 -7.10 31.83 50.17
N LYS A 1516 -6.83 30.54 49.93
CA LYS A 1516 -6.42 29.59 50.97
C LYS A 1516 -4.90 29.61 51.17
N ARG A 1517 -4.45 29.89 52.42
CA ARG A 1517 -3.04 29.90 52.81
C ARG A 1517 -2.55 28.46 52.93
N VAL A 1518 -1.72 28.01 51.97
CA VAL A 1518 -1.24 26.62 51.92
C VAL A 1518 0.26 26.51 51.64
N LEU A 1519 0.83 25.32 51.95
CA LEU A 1519 2.23 24.94 51.72
C LEU A 1519 2.25 23.62 50.93
N VAL A 1520 2.96 23.59 49.81
CA VAL A 1520 3.05 22.42 48.94
C VAL A 1520 4.36 21.67 49.22
N THR A 1521 4.24 20.41 49.64
CA THR A 1521 5.33 19.49 49.97
C THR A 1521 5.67 18.64 48.74
N GLU A 1522 6.96 18.32 48.55
CA GLU A 1522 7.42 17.46 47.46
C GLU A 1522 7.73 16.07 48.05
N GLY A 1523 6.72 15.50 48.71
CA GLY A 1523 6.77 14.20 49.38
C GLY A 1523 5.51 13.95 50.18
N VAL A 1524 5.31 12.70 50.66
CA VAL A 1524 4.11 12.34 51.43
C VAL A 1524 4.46 11.54 52.70
N ASN A 1525 4.06 12.08 53.87
CA ASN A 1525 4.18 11.52 55.23
C ASN A 1525 3.23 12.33 56.13
N PHE A 1526 2.02 11.81 56.33
CA PHE A 1526 0.98 12.46 57.13
C PHE A 1526 1.33 12.50 58.61
N GLN A 1527 1.74 11.33 59.19
CA GLN A 1527 2.10 11.18 60.60
C GLN A 1527 3.15 12.19 61.07
N ALA A 1528 4.06 12.60 60.18
CA ALA A 1528 5.10 13.60 60.47
C ALA A 1528 4.49 15.00 60.55
N MET A 1529 3.52 15.31 59.66
CA MET A 1529 2.83 16.60 59.61
C MET A 1529 1.83 16.73 60.75
N TRP A 1530 1.39 15.59 61.30
CA TRP A 1530 0.47 15.50 62.43
C TRP A 1530 1.08 16.14 63.69
N ASP A 1531 2.42 16.09 63.81
CA ASP A 1531 3.19 16.66 64.92
C ASP A 1531 3.34 18.19 64.81
N GLN A 1532 3.03 18.76 63.64
CA GLN A 1532 3.14 20.20 63.37
C GLN A 1532 1.76 20.88 63.49
N GLU A 1533 0.94 20.45 64.47
CA GLU A 1533 -0.43 20.93 64.74
C GLU A 1533 -0.47 22.45 64.99
N ALA A 1534 0.64 23.04 65.50
CA ALA A 1534 0.78 24.47 65.79
C ALA A 1534 0.85 25.32 64.51
N PHE A 1535 1.23 24.70 63.39
CA PHE A 1535 1.38 25.36 62.09
C PHE A 1535 0.34 24.90 61.07
N ILE A 1536 0.03 23.60 61.05
CA ILE A 1536 -0.88 23.01 60.06
C ILE A 1536 -2.22 22.56 60.67
N ASP A 1537 -3.31 22.78 59.92
CA ASP A 1537 -4.65 22.33 60.23
C ASP A 1537 -4.75 20.88 59.73
N VAL A 1538 -4.53 19.91 60.65
CA VAL A 1538 -4.48 18.46 60.40
C VAL A 1538 -5.77 17.85 59.80
N ASP A 1539 -6.89 18.60 59.82
CA ASP A 1539 -8.16 18.13 59.29
C ASP A 1539 -8.37 18.59 57.84
N GLY A 1540 -7.41 19.35 57.31
CA GLY A 1540 -7.45 19.86 55.94
C GLY A 1540 -6.23 19.55 55.10
N ILE A 1541 -5.35 18.66 55.60
CA ILE A 1541 -4.11 18.29 54.91
C ILE A 1541 -4.42 17.38 53.68
N THR A 1542 -4.38 17.99 52.48
CA THR A 1542 -4.63 17.37 51.18
C THR A 1542 -3.33 16.69 50.66
N SER A 1543 -3.48 15.74 49.72
CA SER A 1543 -2.40 15.00 49.07
C SER A 1543 -2.88 14.46 47.73
N ASN A 1544 -2.01 14.49 46.71
CA ASN A 1544 -2.36 14.00 45.38
C ASN A 1544 -2.23 12.45 45.30
N ASP A 1545 -1.33 11.86 46.13
CA ASP A 1545 -1.10 10.41 46.19
C ASP A 1545 -2.34 9.72 46.74
N VAL A 1546 -3.08 8.99 45.88
CA VAL A 1546 -4.33 8.31 46.23
C VAL A 1546 -4.07 7.15 47.22
N ALA A 1547 -3.11 6.27 46.89
CA ALA A 1547 -2.77 5.11 47.71
C ALA A 1547 -2.35 5.50 49.14
N ALA A 1548 -1.57 6.59 49.28
CA ALA A 1548 -1.11 7.12 50.57
C ALA A 1548 -2.28 7.62 51.41
N VAL A 1549 -3.27 8.27 50.77
CA VAL A 1549 -4.50 8.80 51.38
C VAL A 1549 -5.34 7.62 51.88
N LEU A 1550 -5.50 6.57 51.04
CA LEU A 1550 -6.25 5.34 51.33
C LEU A 1550 -5.69 4.61 52.56
N LYS A 1551 -4.35 4.49 52.65
CA LYS A 1551 -3.63 3.80 53.72
C LYS A 1551 -3.85 4.45 55.09
N THR A 1552 -3.96 5.79 55.14
CA THR A 1552 -4.07 6.55 56.38
C THR A 1552 -5.50 6.97 56.71
N TYR A 1553 -6.26 7.48 55.72
CA TYR A 1553 -7.59 8.05 55.95
C TYR A 1553 -8.79 7.19 55.46
N GLY A 1554 -8.55 6.10 54.73
CA GLY A 1554 -9.63 5.24 54.27
C GLY A 1554 -10.05 5.39 52.82
N VAL A 1555 -10.87 4.42 52.35
CA VAL A 1555 -11.38 4.26 50.98
C VAL A 1555 -12.18 5.49 50.49
N GLU A 1556 -13.07 6.06 51.34
CA GLU A 1556 -13.88 7.22 50.98
C GLU A 1556 -13.02 8.46 50.75
N ALA A 1557 -11.91 8.58 51.49
CA ALA A 1557 -10.98 9.70 51.35
C ALA A 1557 -10.21 9.57 50.03
N ALA A 1558 -9.76 8.34 49.71
CA ALA A 1558 -9.06 8.03 48.46
C ALA A 1558 -9.98 8.28 47.26
N ARG A 1559 -11.27 7.93 47.42
CA ARG A 1559 -12.34 8.13 46.44
C ARG A 1559 -12.47 9.62 46.13
N ASN A 1560 -12.44 10.45 47.20
CA ASN A 1560 -12.54 11.90 47.07
C ASN A 1560 -11.27 12.47 46.45
N THR A 1561 -10.11 11.82 46.66
CA THR A 1561 -8.85 12.26 46.07
C THR A 1561 -8.89 12.00 44.55
N ILE A 1562 -9.44 10.84 44.11
CA ILE A 1562 -9.57 10.47 42.69
C ILE A 1562 -10.42 11.52 41.94
N VAL A 1563 -11.60 11.90 42.49
CA VAL A 1563 -12.50 12.86 41.81
C VAL A 1563 -11.87 14.25 41.77
N ASN A 1564 -11.06 14.63 42.78
CA ASN A 1564 -10.41 15.94 42.81
C ASN A 1564 -9.22 15.97 41.87
N GLU A 1565 -8.35 14.93 41.91
CA GLU A 1565 -7.16 14.85 41.08
C GLU A 1565 -7.49 14.78 39.60
N ILE A 1566 -8.49 13.96 39.20
CA ILE A 1566 -8.91 13.86 37.79
C ILE A 1566 -9.44 15.25 37.36
N ASN A 1567 -10.15 15.95 38.26
CA ASN A 1567 -10.67 17.29 37.98
C ASN A 1567 -9.54 18.30 37.77
N ASN A 1568 -8.42 18.16 38.50
CA ASN A 1568 -7.26 19.06 38.35
C ASN A 1568 -6.64 18.94 36.97
N VAL A 1569 -6.63 17.70 36.40
CA VAL A 1569 -6.09 17.39 35.07
C VAL A 1569 -6.92 18.12 34.00
N PHE A 1570 -8.25 18.12 34.14
CA PHE A 1570 -9.14 18.75 33.17
C PHE A 1570 -9.22 20.26 33.36
N SER A 1571 -9.35 20.76 34.61
CA SER A 1571 -9.46 22.19 34.92
C SER A 1571 -8.25 23.00 34.43
N ARG A 1572 -7.06 22.38 34.41
CA ARG A 1572 -5.82 23.02 33.95
C ARG A 1572 -5.90 23.34 32.46
N TYR A 1573 -6.46 22.41 31.65
CA TYR A 1573 -6.64 22.59 30.21
C TYR A 1573 -7.99 23.26 29.89
N ALA A 1574 -8.64 23.89 30.91
CA ALA A 1574 -9.92 24.60 30.86
C ALA A 1574 -11.04 23.75 30.22
N ILE A 1575 -11.04 22.43 30.51
CA ILE A 1575 -12.02 21.48 30.01
C ILE A 1575 -12.97 21.14 31.16
N SER A 1576 -14.28 21.31 30.94
CA SER A 1576 -15.28 20.99 31.96
C SER A 1576 -15.89 19.61 31.70
N VAL A 1577 -15.73 18.73 32.68
CA VAL A 1577 -16.29 17.37 32.67
C VAL A 1577 -17.18 17.25 33.91
N SER A 1578 -18.44 16.81 33.70
CA SER A 1578 -19.42 16.68 34.78
C SER A 1578 -18.93 15.73 35.86
N PHE A 1579 -19.05 16.14 37.14
CA PHE A 1579 -18.59 15.37 38.29
C PHE A 1579 -19.33 14.02 38.39
N ARG A 1580 -20.52 13.89 37.76
CA ARG A 1580 -21.30 12.65 37.70
C ARG A 1580 -20.50 11.52 37.06
N HIS A 1581 -19.64 11.87 36.07
CA HIS A 1581 -18.75 10.95 35.38
C HIS A 1581 -17.61 10.56 36.28
N LEU A 1582 -16.92 11.56 36.87
CA LEU A 1582 -15.77 11.34 37.74
C LEU A 1582 -16.15 10.50 38.96
N ASP A 1583 -17.31 10.80 39.60
CA ASP A 1583 -17.82 10.09 40.78
C ASP A 1583 -18.07 8.63 40.46
N LEU A 1584 -18.61 8.34 39.25
CA LEU A 1584 -18.85 6.98 38.76
C LEU A 1584 -17.52 6.25 38.60
N ILE A 1585 -16.53 6.89 37.95
CA ILE A 1585 -15.21 6.31 37.72
C ILE A 1585 -14.56 5.97 39.06
N ALA A 1586 -14.55 6.94 40.02
CA ALA A 1586 -13.98 6.77 41.36
C ALA A 1586 -14.68 5.65 42.13
N ASP A 1587 -16.02 5.59 42.07
CA ASP A 1587 -16.82 4.54 42.73
C ASP A 1587 -16.48 3.15 42.19
N MET A 1588 -16.18 3.05 40.88
CA MET A 1588 -15.82 1.80 40.22
C MET A 1588 -14.41 1.37 40.65
N MET A 1589 -13.50 2.33 40.89
CA MET A 1589 -12.13 2.06 41.31
C MET A 1589 -12.08 1.64 42.78
N THR A 1590 -13.07 2.09 43.57
CA THR A 1590 -13.19 1.84 44.99
C THR A 1590 -14.29 0.81 45.32
N ARG A 1591 -14.83 0.11 44.30
CA ARG A 1591 -15.90 -0.88 44.48
C ARG A 1591 -15.52 -2.04 45.41
N GLN A 1592 -14.22 -2.36 45.49
CA GLN A 1592 -13.68 -3.47 46.28
C GLN A 1592 -13.12 -3.00 47.64
N GLY A 1593 -13.29 -1.72 47.95
CA GLY A 1593 -12.78 -1.13 49.18
C GLY A 1593 -11.30 -0.81 49.09
N THR A 1594 -10.69 -1.08 47.93
CA THR A 1594 -9.28 -0.85 47.61
C THR A 1594 -9.19 0.21 46.49
N TYR A 1595 -8.01 0.34 45.86
CA TYR A 1595 -7.77 1.29 44.76
C TYR A 1595 -7.41 0.51 43.50
N LEU A 1596 -8.45 0.05 42.77
CA LEU A 1596 -8.27 -0.74 41.54
C LEU A 1596 -8.16 0.14 40.30
N ALA A 1597 -7.26 -0.22 39.38
CA ALA A 1597 -7.07 0.52 38.13
C ALA A 1597 -7.78 -0.18 36.97
N PHE A 1598 -8.03 0.59 35.90
CA PHE A 1598 -8.64 0.09 34.68
C PHE A 1598 -7.56 -0.61 33.85
N ASN A 1599 -7.30 -1.89 34.20
CA ASN A 1599 -6.31 -2.78 33.59
C ASN A 1599 -6.54 -4.23 34.04
N ARG A 1600 -5.78 -5.19 33.45
CA ARG A 1600 -5.82 -6.64 33.72
C ARG A 1600 -5.92 -6.99 35.20
N GLN A 1601 -5.19 -6.25 36.08
CA GLN A 1601 -5.14 -6.47 37.53
C GLN A 1601 -6.49 -6.17 38.20
N GLY A 1602 -7.06 -5.01 37.94
CA GLY A 1602 -8.33 -4.58 38.51
C GLY A 1602 -9.51 -5.43 38.05
N MET A 1603 -9.45 -5.86 36.78
CA MET A 1603 -10.45 -6.68 36.11
C MET A 1603 -10.58 -8.09 36.69
N GLU A 1604 -9.49 -8.67 37.26
CA GLU A 1604 -9.46 -10.02 37.85
C GLU A 1604 -10.71 -10.33 38.69
N THR A 1605 -11.24 -9.30 39.39
CA THR A 1605 -12.43 -9.40 40.21
C THR A 1605 -13.63 -8.86 39.36
N SER A 1606 -14.07 -9.71 38.41
CA SER A 1606 -15.18 -9.47 37.51
C SER A 1606 -15.79 -10.82 37.17
N THR A 1607 -17.13 -10.88 37.12
CA THR A 1607 -17.89 -12.11 36.91
C THR A 1607 -17.73 -12.69 35.49
N SER A 1608 -17.84 -11.84 34.45
CA SER A 1608 -17.83 -12.30 33.05
C SER A 1608 -16.45 -12.70 32.53
N SER A 1609 -16.26 -14.02 32.31
CA SER A 1609 -15.02 -14.55 31.74
C SER A 1609 -14.92 -14.19 30.26
N PHE A 1610 -16.07 -14.03 29.56
CA PHE A 1610 -16.10 -13.63 28.16
C PHE A 1610 -15.65 -12.19 28.00
N MET A 1611 -16.04 -11.30 28.94
CA MET A 1611 -15.59 -9.89 28.96
C MET A 1611 -14.08 -9.87 29.15
N LYS A 1612 -13.57 -10.70 30.07
CA LYS A 1612 -12.16 -10.84 30.38
C LYS A 1612 -11.38 -11.35 29.14
N MET A 1613 -11.92 -12.40 28.47
CA MET A 1613 -11.32 -13.01 27.26
C MET A 1613 -11.20 -12.02 26.11
N SER A 1614 -12.16 -11.08 25.97
CA SER A 1614 -12.19 -10.10 24.90
C SER A 1614 -11.37 -8.83 25.24
N TYR A 1615 -10.69 -8.83 26.40
CA TYR A 1615 -9.83 -7.71 26.82
C TYR A 1615 -8.37 -8.03 26.45
N GLU A 1616 -7.82 -9.15 26.98
CA GLU A 1616 -6.47 -9.66 26.70
C GLU A 1616 -6.30 -11.05 27.34
N THR A 1617 -5.20 -11.76 27.00
CA THR A 1617 -4.82 -13.11 27.48
C THR A 1617 -6.06 -14.04 27.48
N THR A 1618 -6.69 -14.16 26.31
CA THR A 1618 -7.90 -14.93 26.03
C THR A 1618 -7.79 -16.37 26.54
N CYS A 1619 -6.72 -17.10 26.19
CA CYS A 1619 -6.53 -18.50 26.61
C CYS A 1619 -6.28 -18.62 28.11
N GLN A 1620 -5.65 -17.61 28.73
CA GLN A 1620 -5.34 -17.59 30.16
C GLN A 1620 -6.63 -17.45 30.97
N PHE A 1621 -7.53 -16.50 30.58
CA PHE A 1621 -8.81 -16.27 31.27
C PHE A 1621 -9.76 -17.43 31.06
N LEU A 1622 -9.65 -18.09 29.90
CA LEU A 1622 -10.44 -19.26 29.52
C LEU A 1622 -10.04 -20.43 30.40
N THR A 1623 -8.73 -20.62 30.64
CA THR A 1623 -8.19 -21.68 31.50
C THR A 1623 -8.74 -21.50 32.92
N LYS A 1624 -8.68 -20.27 33.47
CA LYS A 1624 -9.17 -19.94 34.80
C LYS A 1624 -10.67 -20.19 34.92
N ALA A 1625 -11.43 -19.99 33.80
CA ALA A 1625 -12.87 -20.20 33.73
C ALA A 1625 -13.20 -21.70 33.79
N VAL A 1626 -12.50 -22.52 32.99
CA VAL A 1626 -12.65 -23.98 32.91
C VAL A 1626 -12.33 -24.62 34.27
N LEU A 1627 -11.23 -24.19 34.91
CA LEU A 1627 -10.77 -24.71 36.21
C LEU A 1627 -11.74 -24.37 37.32
N ASP A 1628 -12.49 -23.26 37.18
CA ASP A 1628 -13.52 -22.87 38.14
C ASP A 1628 -14.84 -23.59 37.84
N ASN A 1629 -14.96 -24.18 36.62
CA ASN A 1629 -16.15 -24.85 36.08
C ASN A 1629 -17.28 -23.81 35.98
N GLU A 1630 -16.86 -22.55 35.77
CA GLU A 1630 -17.65 -21.33 35.70
C GLU A 1630 -18.80 -21.38 34.71
N ARG A 1631 -19.91 -20.72 35.08
CA ARG A 1631 -21.09 -20.53 34.25
C ARG A 1631 -21.12 -19.07 33.85
N GLU A 1632 -21.00 -18.80 32.54
CA GLU A 1632 -21.09 -17.44 32.04
C GLU A 1632 -22.57 -17.13 31.95
N GLN A 1633 -23.07 -16.27 32.86
CA GLN A 1633 -24.50 -15.92 32.94
C GLN A 1633 -24.98 -15.06 31.76
N LEU A 1634 -24.04 -14.63 30.86
CA LEU A 1634 -24.27 -13.83 29.66
C LEU A 1634 -25.00 -12.53 30.02
N ASP A 1635 -24.51 -11.84 31.07
CA ASP A 1635 -25.13 -10.59 31.52
C ASP A 1635 -24.25 -9.36 31.22
N SER A 1636 -23.01 -9.54 30.74
CA SER A 1636 -22.13 -8.41 30.37
C SER A 1636 -22.27 -8.09 28.88
N PRO A 1637 -22.18 -6.80 28.44
CA PRO A 1637 -22.30 -6.48 27.01
C PRO A 1637 -21.41 -7.34 26.13
N SER A 1638 -20.14 -7.56 26.54
CA SER A 1638 -19.19 -8.39 25.82
C SER A 1638 -19.71 -9.82 25.63
N ALA A 1639 -20.13 -10.50 26.73
CA ALA A 1639 -20.63 -11.88 26.70
C ALA A 1639 -21.83 -12.03 25.77
N ARG A 1640 -22.75 -11.04 25.80
CA ARG A 1640 -23.96 -11.05 24.99
C ARG A 1640 -23.58 -10.98 23.50
N ILE A 1641 -22.57 -10.14 23.14
CA ILE A 1641 -22.07 -9.99 21.76
C ILE A 1641 -21.44 -11.32 21.28
N VAL A 1642 -20.76 -12.04 22.19
CA VAL A 1642 -20.07 -13.30 21.91
C VAL A 1642 -21.07 -14.39 21.48
N VAL A 1643 -22.25 -14.44 22.14
CA VAL A 1643 -23.27 -15.46 21.94
C VAL A 1643 -24.45 -14.95 21.06
N GLY A 1644 -24.34 -13.72 20.55
CA GLY A 1644 -25.36 -13.12 19.69
C GLY A 1644 -26.67 -12.75 20.38
N LYS A 1645 -26.63 -12.53 21.71
CA LYS A 1645 -27.76 -12.12 22.54
C LYS A 1645 -27.87 -10.60 22.56
N LEU A 1646 -29.11 -10.07 22.62
CA LEU A 1646 -29.39 -8.64 22.66
C LEU A 1646 -28.85 -8.03 23.96
N ASN A 1647 -28.07 -6.95 23.84
CA ASN A 1647 -27.44 -6.23 24.95
C ASN A 1647 -28.50 -5.74 25.95
N ASN A 1648 -28.22 -5.89 27.28
CA ASN A 1648 -29.17 -5.54 28.35
C ASN A 1648 -29.24 -4.03 28.67
N VAL A 1649 -28.56 -3.18 27.90
CA VAL A 1649 -28.51 -1.75 28.11
C VAL A 1649 -29.54 -1.05 27.20
N GLY A 1650 -30.17 0.01 27.72
CA GLY A 1650 -31.13 0.82 26.99
C GLY A 1650 -32.39 0.11 26.57
N THR A 1651 -32.54 -0.17 25.26
CA THR A 1651 -33.71 -0.88 24.70
C THR A 1651 -33.75 -2.36 25.12
N GLY A 1652 -32.62 -2.89 25.57
CA GLY A 1652 -32.55 -4.28 26.03
C GLY A 1652 -32.74 -4.43 27.52
N SER A 1653 -33.08 -3.34 28.24
CA SER A 1653 -33.26 -3.34 29.70
C SER A 1653 -34.67 -3.77 30.13
N PHE A 1654 -35.48 -4.24 29.16
CA PHE A 1654 -36.86 -4.68 29.38
C PHE A 1654 -37.30 -5.69 28.32
N ASP A 1655 -38.56 -6.14 28.40
CA ASP A 1655 -39.16 -7.07 27.45
C ASP A 1655 -40.46 -6.50 26.91
N VAL A 1656 -40.80 -6.82 25.67
CA VAL A 1656 -42.04 -6.32 25.08
C VAL A 1656 -43.00 -7.52 24.91
N LEU A 1657 -44.20 -7.41 25.50
CA LEU A 1657 -45.24 -8.43 25.46
C LEU A 1657 -46.48 -7.88 24.76
N ALA A 1658 -47.17 -8.73 23.97
CA ALA A 1658 -48.37 -8.32 23.25
C ALA A 1658 -49.62 -8.73 24.00
N LYS A 1659 -50.56 -7.78 24.16
CA LYS A 1659 -51.86 -8.00 24.79
C LYS A 1659 -52.79 -8.68 23.77
N VAL A 1660 -53.24 -9.90 24.09
CA VAL A 1660 -54.11 -10.67 23.19
C VAL A 1660 -55.53 -10.81 23.81
N PRO A 1661 -56.60 -10.53 23.01
CA PRO A 1661 -57.96 -10.52 23.57
C PRO A 1661 -58.58 -11.89 23.86
N ASN A 1662 -58.47 -12.87 22.94
CA ASN A 1662 -59.08 -14.19 23.12
C ASN A 1662 -58.43 -14.98 24.25
N ALA A 1663 -59.27 -15.62 25.10
CA ALA A 1663 -58.89 -16.42 26.28
C ALA A 1663 -57.94 -17.56 25.93
N ARG B 12 14.57 46.14 -17.01
CA ARG B 12 13.67 46.87 -16.13
C ARG B 12 12.80 45.93 -15.28
N THR B 13 12.78 44.62 -15.63
CA THR B 13 11.98 43.60 -14.95
C THR B 13 12.75 42.28 -14.79
N ALA B 14 12.13 41.29 -14.09
CA ALA B 14 12.64 39.93 -13.90
C ALA B 14 11.69 38.97 -14.66
N ASP B 15 11.59 39.20 -15.99
CA ASP B 15 10.73 38.56 -16.97
C ASP B 15 10.97 37.04 -17.18
N PHE B 16 10.05 36.41 -17.92
CA PHE B 16 10.09 35.01 -18.34
C PHE B 16 10.59 34.94 -19.78
N ARG B 17 11.40 33.93 -20.08
CA ARG B 17 11.93 33.72 -21.42
C ARG B 17 10.86 32.98 -22.22
N THR B 18 10.25 33.64 -23.21
CA THR B 18 9.19 33.04 -24.03
C THR B 18 9.76 32.64 -25.39
N LEU B 19 10.45 33.59 -26.05
CA LEU B 19 11.10 33.43 -27.36
C LEU B 19 12.28 32.45 -27.25
N GLU B 20 13.05 32.58 -26.15
CA GLU B 20 14.22 31.76 -25.80
C GLU B 20 13.79 30.32 -25.53
N ARG B 21 12.67 30.15 -24.78
CA ARG B 21 12.10 28.87 -24.36
C ARG B 21 11.68 28.02 -25.56
N GLU B 22 10.77 28.56 -26.39
CA GLU B 22 10.20 27.90 -27.57
C GLU B 22 11.27 27.51 -28.59
N SER B 23 12.32 28.34 -28.77
CA SER B 23 13.43 28.06 -29.68
C SER B 23 14.23 26.86 -29.19
N ARG B 24 14.44 26.75 -27.86
CA ARG B 24 15.17 25.66 -27.21
C ARG B 24 14.35 24.37 -27.23
N PHE B 25 13.00 24.49 -27.21
CA PHE B 25 12.08 23.35 -27.27
C PHE B 25 12.21 22.65 -28.62
N ILE B 26 12.26 23.44 -29.71
CA ILE B 26 12.40 22.94 -31.09
C ILE B 26 13.85 22.50 -31.33
N ASN B 27 14.83 23.35 -30.93
CA ASN B 27 16.26 23.11 -31.10
C ASN B 27 16.93 22.66 -29.78
N PRO B 28 17.05 21.34 -29.49
CA PRO B 28 17.76 20.96 -28.27
C PRO B 28 19.26 21.21 -28.48
N PRO B 29 19.93 22.00 -27.60
CA PRO B 29 21.34 22.36 -27.83
C PRO B 29 22.28 21.19 -28.20
N LYS B 30 23.25 21.47 -29.07
CA LYS B 30 24.24 20.49 -29.53
C LYS B 30 25.58 20.68 -28.77
N ASP B 31 25.69 21.80 -28.03
CA ASP B 31 26.84 22.19 -27.23
C ASP B 31 26.62 21.79 -25.76
N LYS B 32 27.02 22.66 -24.80
CA LYS B 32 26.82 22.47 -23.37
C LYS B 32 25.35 22.63 -23.04
N SER B 33 24.78 21.69 -22.26
CA SER B 33 23.38 21.71 -21.85
C SER B 33 23.06 22.94 -21.01
N ALA B 34 21.86 23.49 -21.22
CA ALA B 34 21.35 24.63 -20.45
C ALA B 34 21.05 24.17 -19.02
N PHE B 35 20.89 25.12 -18.08
CA PHE B 35 20.59 24.87 -16.65
C PHE B 35 21.67 23.96 -16.00
N PRO B 36 22.89 24.49 -15.74
CA PRO B 36 23.93 23.65 -15.12
C PRO B 36 23.60 23.25 -13.68
N LEU B 37 22.77 24.05 -12.99
CA LEU B 37 22.34 23.81 -11.60
C LEU B 37 21.59 22.48 -11.48
N LEU B 38 20.87 22.07 -12.55
CA LEU B 38 20.13 20.81 -12.61
C LEU B 38 21.08 19.62 -12.59
N GLN B 39 22.23 19.74 -13.27
CA GLN B 39 23.29 18.72 -13.28
C GLN B 39 24.08 18.79 -11.96
N GLU B 40 24.15 20.01 -11.36
CA GLU B 40 24.81 20.26 -10.07
C GLU B 40 23.99 19.68 -8.92
N ALA B 41 22.70 19.41 -9.17
CA ALA B 41 21.80 18.81 -8.18
C ALA B 41 22.09 17.32 -8.02
N VAL B 42 22.38 16.63 -9.13
CA VAL B 42 22.71 15.20 -9.16
C VAL B 42 24.25 14.97 -9.10
N GLN B 43 25.02 16.06 -8.89
CA GLN B 43 26.49 16.06 -8.77
C GLN B 43 26.97 15.08 -7.66
N PRO B 44 26.36 15.02 -6.44
CA PRO B 44 26.84 14.04 -5.44
C PRO B 44 26.56 12.59 -5.81
N HIS B 45 25.55 12.34 -6.68
CA HIS B 45 25.18 10.99 -7.10
C HIS B 45 26.10 10.48 -8.21
N ILE B 46 26.17 11.22 -9.34
CA ILE B 46 26.99 10.87 -10.50
C ILE B 46 28.48 10.84 -10.10
N GLY B 47 28.95 11.89 -9.42
CA GLY B 47 30.31 12.02 -8.94
C GLY B 47 30.77 10.86 -8.07
N SER B 48 29.90 10.43 -7.15
CA SER B 48 30.12 9.31 -6.24
C SER B 48 30.39 8.01 -7.00
N PHE B 49 29.56 7.72 -8.03
CA PHE B 49 29.68 6.53 -8.87
C PHE B 49 30.84 6.68 -9.83
N ASN B 50 31.17 7.92 -10.24
CA ASN B 50 32.29 8.19 -11.15
C ASN B 50 33.62 7.83 -10.48
N ALA B 51 33.75 8.14 -9.18
CA ALA B 51 34.94 7.87 -8.36
C ALA B 51 35.19 6.37 -8.12
N LEU B 52 34.25 5.51 -8.53
CA LEU B 52 34.34 4.05 -8.37
C LEU B 52 35.37 3.43 -9.33
N THR B 53 35.64 4.08 -10.48
CA THR B 53 36.59 3.62 -11.48
C THR B 53 37.55 4.74 -11.89
N GLU B 54 37.02 5.94 -12.21
CA GLU B 54 37.83 7.07 -12.61
C GLU B 54 38.39 7.81 -11.39
N GLY B 55 39.44 8.58 -11.62
CA GLY B 55 40.13 9.38 -10.61
C GLY B 55 41.50 8.81 -10.27
N PRO B 56 42.20 9.45 -9.32
CA PRO B 56 43.53 9.05 -8.85
C PRO B 56 43.50 7.68 -8.17
N ASP B 57 44.58 6.92 -8.33
CA ASP B 57 44.75 5.58 -7.75
C ASP B 57 43.72 4.56 -8.20
N GLY B 58 43.25 4.69 -9.44
CA GLY B 58 42.29 3.78 -10.03
C GLY B 58 40.97 3.58 -9.32
N GLY B 59 40.44 4.64 -8.72
CA GLY B 59 39.16 4.54 -8.04
C GLY B 59 39.16 3.78 -6.73
N LEU B 60 37.98 3.35 -6.31
CA LEU B 60 37.79 2.60 -5.08
C LEU B 60 37.96 1.06 -5.06
N LEU B 61 37.56 0.38 -6.13
CA LEU B 61 37.52 -1.08 -6.04
C LEU B 61 38.90 -1.74 -5.96
N ASN B 62 39.84 -1.23 -6.75
CA ASN B 62 41.20 -1.75 -6.78
C ASN B 62 41.80 -1.69 -5.38
N LEU B 63 41.58 -0.58 -4.69
CA LEU B 63 42.06 -0.43 -3.32
C LEU B 63 41.35 -1.43 -2.42
N GLY B 64 40.05 -1.61 -2.65
CA GLY B 64 39.24 -2.52 -1.86
C GLY B 64 39.66 -3.97 -1.96
N VAL B 65 39.98 -4.43 -3.17
CA VAL B 65 40.43 -5.81 -3.36
C VAL B 65 41.76 -6.06 -2.66
N LYS B 66 42.64 -5.06 -2.67
CA LYS B 66 43.95 -5.15 -2.04
C LYS B 66 43.84 -5.39 -0.54
N ASP B 67 42.86 -4.76 0.10
CA ASP B 67 42.66 -4.87 1.55
C ASP B 67 42.37 -6.30 1.97
N ILE B 68 41.60 -7.02 1.16
CA ILE B 68 41.25 -8.41 1.41
C ILE B 68 41.96 -9.20 0.33
N GLY B 69 43.21 -8.81 0.08
CA GLY B 69 44.01 -9.37 -0.99
C GLY B 69 44.30 -10.85 -1.03
N GLU B 70 44.61 -11.51 0.08
CA GLU B 70 44.88 -12.93 -0.08
C GLU B 70 44.21 -13.85 0.93
N LYS B 71 43.74 -14.99 0.45
CA LYS B 71 43.13 -16.02 1.29
C LYS B 71 43.87 -17.31 1.00
N VAL B 72 44.34 -18.00 2.03
CA VAL B 72 45.06 -19.24 1.83
C VAL B 72 44.41 -20.42 2.55
N ILE B 73 44.20 -21.49 1.81
CA ILE B 73 43.61 -22.71 2.39
C ILE B 73 44.63 -23.82 2.24
N PHE B 74 44.91 -24.51 3.35
CA PHE B 74 45.90 -25.59 3.31
C PHE B 74 45.33 -26.96 3.59
N ASP B 75 45.65 -27.89 2.69
CA ASP B 75 45.24 -29.28 2.80
C ASP B 75 46.51 -30.02 3.17
N GLY B 76 46.38 -30.76 4.27
CA GLY B 76 47.45 -31.51 4.86
C GLY B 76 47.96 -32.63 4.02
N LYS B 77 49.27 -32.67 3.82
CA LYS B 77 49.90 -33.71 3.03
C LYS B 77 51.32 -33.94 3.51
N PRO B 78 51.85 -35.14 3.30
CA PRO B 78 53.23 -35.39 3.72
C PRO B 78 54.19 -34.59 2.85
N LEU B 79 55.19 -33.97 3.46
CA LEU B 79 56.18 -33.20 2.70
C LEU B 79 57.01 -34.10 1.79
N ASN B 80 57.29 -35.33 2.22
CA ASN B 80 58.01 -36.32 1.41
C ASN B 80 59.43 -35.88 1.09
N SER B 81 60.03 -35.09 1.99
CA SER B 81 61.43 -34.70 1.84
C SER B 81 62.31 -35.67 2.61
N GLU B 82 63.59 -35.33 2.75
CA GLU B 82 64.52 -36.17 3.50
C GLU B 82 64.33 -35.94 5.00
N ASP B 83 65.22 -36.50 5.81
CA ASP B 83 65.11 -36.43 7.27
C ASP B 83 65.11 -34.98 7.76
N GLU B 84 63.99 -34.55 8.33
CA GLU B 84 63.85 -33.20 8.86
C GLU B 84 62.54 -33.14 9.63
N ILE B 85 62.52 -32.33 10.69
CA ILE B 85 61.31 -32.14 11.47
C ILE B 85 60.26 -31.32 10.74
N SER B 86 60.61 -30.75 9.58
CA SER B 86 59.63 -29.99 8.81
C SER B 86 58.48 -30.85 8.31
N ASN B 87 58.71 -32.15 8.13
CA ASN B 87 57.63 -33.03 7.69
C ASN B 87 56.56 -33.17 8.78
N SER B 88 56.98 -33.25 10.03
CA SER B 88 56.01 -33.30 11.13
C SER B 88 55.26 -31.99 11.26
N GLY B 89 55.98 -30.87 11.15
CA GLY B 89 55.35 -29.56 11.16
C GLY B 89 54.67 -29.16 9.87
N TYR B 90 54.69 -29.98 8.83
CA TYR B 90 54.07 -29.54 7.57
C TYR B 90 52.84 -28.57 7.45
N LEU B 91 52.80 -27.34 7.99
CA LEU B 91 51.66 -26.54 7.58
C LEU B 91 51.33 -26.96 6.16
N GLY B 92 52.38 -27.15 5.38
CA GLY B 92 52.18 -27.58 4.01
C GLY B 92 52.45 -26.62 2.89
N ASN B 93 51.76 -26.93 1.81
CA ASN B 93 51.77 -26.08 0.63
C ASN B 93 50.49 -25.31 0.46
N LYS B 94 50.70 -24.02 0.21
CA LYS B 94 49.64 -23.05 0.23
C LYS B 94 49.20 -22.72 -1.16
N LEU B 95 47.94 -23.05 -1.41
CA LEU B 95 47.31 -22.78 -2.68
C LEU B 95 46.82 -21.37 -2.56
N SER B 96 47.78 -20.50 -2.34
CA SER B 96 47.59 -19.06 -2.28
C SER B 96 46.65 -18.60 -3.40
N VAL B 97 45.73 -17.70 -3.05
CA VAL B 97 44.82 -17.09 -4.00
C VAL B 97 44.79 -15.58 -3.74
N SER B 98 44.62 -14.81 -4.81
CA SER B 98 44.65 -13.37 -4.70
C SER B 98 43.84 -12.77 -5.85
N VAL B 99 43.57 -11.47 -5.73
CA VAL B 99 42.90 -10.69 -6.77
C VAL B 99 43.67 -9.39 -6.93
N GLU B 100 44.11 -9.10 -8.15
CA GLU B 100 44.93 -7.93 -8.41
C GLU B 100 44.17 -6.79 -9.07
N GLN B 101 43.03 -7.06 -9.71
CA GLN B 101 42.28 -6.01 -10.39
C GLN B 101 40.86 -6.49 -10.65
N VAL B 102 39.91 -5.58 -10.47
CA VAL B 102 38.50 -5.83 -10.78
C VAL B 102 37.94 -4.57 -11.44
N SER B 103 37.15 -4.75 -12.49
CA SER B 103 36.65 -3.61 -13.25
C SER B 103 35.39 -3.99 -13.99
N ILE B 104 34.34 -3.17 -13.84
CA ILE B 104 33.15 -3.32 -14.65
C ILE B 104 33.45 -2.87 -16.07
N ALA B 105 33.12 -3.71 -17.06
CA ALA B 105 33.43 -3.36 -18.43
C ALA B 105 32.39 -2.41 -19.02
N LYS B 106 31.16 -2.89 -19.19
CA LYS B 106 30.03 -2.09 -19.67
C LYS B 106 28.77 -2.95 -19.67
N PRO B 107 27.61 -2.26 -19.72
CA PRO B 107 26.21 -2.70 -19.75
C PRO B 107 25.76 -2.87 -21.20
N MET B 108 26.68 -2.69 -22.15
CA MET B 108 26.44 -3.07 -23.54
C MET B 108 26.17 -4.57 -23.53
N ARG B 119 28.25 -5.08 -29.66
CA ARG B 119 26.82 -5.06 -29.34
C ARG B 119 26.53 -4.06 -28.21
N LYS B 120 26.68 -2.78 -28.51
CA LYS B 120 26.42 -1.73 -27.53
C LYS B 120 24.94 -1.65 -27.22
N VAL B 121 24.60 -1.56 -25.94
CA VAL B 121 23.19 -1.47 -25.53
C VAL B 121 22.91 -0.19 -24.76
N TYR B 122 21.93 0.56 -25.23
CA TYR B 122 21.54 1.81 -24.60
C TYR B 122 20.66 1.57 -23.38
N PRO B 123 20.55 2.57 -22.50
CA PRO B 123 19.74 2.48 -21.27
C PRO B 123 18.28 2.27 -21.63
N SER B 124 17.83 2.96 -22.68
CA SER B 124 16.43 2.98 -23.11
C SER B 124 15.84 1.64 -23.47
N GLU B 125 16.63 0.76 -24.07
CA GLU B 125 16.15 -0.57 -24.44
C GLU B 125 15.73 -1.36 -23.20
N SER B 126 16.49 -1.23 -22.12
CA SER B 126 16.18 -1.91 -20.88
C SER B 126 14.83 -1.47 -20.31
N ARG B 127 14.50 -0.18 -20.40
CA ARG B 127 13.22 0.29 -19.88
C ARG B 127 12.03 -0.35 -20.59
N GLN B 128 12.08 -0.40 -21.91
CA GLN B 128 11.01 -1.01 -22.69
C GLN B 128 10.92 -2.50 -22.39
N ARG B 129 12.09 -3.11 -22.30
CA ARG B 129 12.23 -4.55 -22.06
C ARG B 129 11.89 -5.03 -20.65
N LEU B 130 11.79 -4.09 -19.70
CA LEU B 130 11.51 -4.39 -18.29
C LEU B 130 12.55 -5.35 -17.69
N THR B 131 13.81 -5.13 -18.04
CA THR B 131 14.90 -5.96 -17.58
C THR B 131 16.01 -5.09 -17.01
N SER B 132 16.79 -5.65 -16.10
CA SER B 132 17.84 -4.88 -15.45
C SER B 132 18.90 -4.40 -16.44
N TYR B 133 19.32 -3.14 -16.29
CA TYR B 133 20.35 -2.58 -17.14
C TYR B 133 21.64 -3.03 -16.46
N ARG B 134 21.88 -4.33 -16.54
CA ARG B 134 23.04 -4.94 -15.90
C ARG B 134 24.29 -4.80 -16.75
N GLY B 135 25.38 -4.40 -16.11
CA GLY B 135 26.67 -4.31 -16.77
C GLY B 135 27.53 -5.50 -16.45
N LYS B 136 28.36 -5.89 -17.42
CA LYS B 136 29.19 -7.09 -17.27
C LYS B 136 30.44 -6.77 -16.45
N LEU B 137 30.73 -7.65 -15.49
CA LEU B 137 31.86 -7.48 -14.59
C LEU B 137 32.99 -8.40 -15.00
N LEU B 138 34.23 -7.92 -14.83
CA LEU B 138 35.44 -8.69 -15.12
C LEU B 138 36.23 -8.84 -13.84
N LEU B 139 36.47 -10.09 -13.43
CA LEU B 139 37.20 -10.39 -12.20
C LEU B 139 38.26 -11.44 -12.52
N LYS B 140 39.53 -11.07 -12.43
CA LYS B 140 40.63 -11.98 -12.64
C LYS B 140 41.31 -12.31 -11.31
N LEU B 141 41.70 -13.56 -11.14
CA LEU B 141 42.24 -14.06 -9.88
C LEU B 141 43.75 -14.20 -9.96
N LYS B 142 44.33 -14.43 -8.80
CA LYS B 142 45.74 -14.73 -8.68
C LYS B 142 45.77 -16.03 -7.89
N TRP B 143 46.33 -17.06 -8.50
CA TRP B 143 46.45 -18.37 -7.85
C TRP B 143 47.92 -18.65 -7.57
N SER B 144 48.27 -18.66 -6.30
CA SER B 144 49.64 -18.93 -5.87
C SER B 144 49.65 -20.13 -4.94
N VAL B 145 50.55 -21.07 -5.25
CA VAL B 145 50.69 -22.30 -4.48
C VAL B 145 52.16 -22.49 -4.19
N ASN B 146 52.49 -23.23 -3.13
CA ASN B 146 53.88 -23.49 -2.73
C ASN B 146 54.67 -22.19 -2.63
N ASN B 147 54.13 -21.27 -1.83
CA ASN B 147 54.69 -19.93 -1.59
C ASN B 147 54.81 -19.11 -2.87
N GLY B 148 53.80 -19.23 -3.72
CA GLY B 148 53.75 -18.50 -4.97
C GLY B 148 54.87 -18.76 -5.95
N GLU B 149 55.37 -19.98 -6.01
CA GLU B 149 56.44 -20.27 -6.97
C GLU B 149 55.88 -20.07 -8.37
N GLU B 150 54.65 -20.56 -8.57
CA GLU B 150 53.97 -20.42 -9.86
C GLU B 150 52.57 -19.88 -9.64
N ASN B 151 52.22 -18.82 -10.36
CA ASN B 151 50.88 -18.24 -10.25
C ASN B 151 50.21 -18.07 -11.60
N LEU B 152 48.95 -18.50 -11.67
CA LEU B 152 48.18 -18.40 -12.90
C LEU B 152 47.01 -17.44 -12.68
N PHE B 153 46.85 -16.48 -13.57
CA PHE B 153 45.77 -15.50 -13.44
C PHE B 153 44.72 -15.73 -14.52
N GLU B 154 43.48 -15.92 -14.11
CA GLU B 154 42.41 -16.14 -15.06
C GLU B 154 41.31 -15.08 -15.00
N VAL B 155 41.07 -14.44 -16.13
CA VAL B 155 40.02 -13.42 -16.26
C VAL B 155 38.69 -14.15 -16.42
N ARG B 156 37.82 -14.01 -15.43
CA ARG B 156 36.56 -14.71 -15.40
C ARG B 156 35.37 -13.80 -15.16
N ASP B 157 34.22 -14.22 -15.67
CA ASP B 157 33.01 -13.44 -15.49
C ASP B 157 32.70 -13.42 -13.99
N CYS B 158 32.39 -12.24 -13.48
CA CYS B 158 32.08 -12.07 -12.07
C CYS B 158 30.56 -11.94 -11.86
N GLY B 159 29.81 -12.18 -12.92
CA GLY B 159 28.36 -12.06 -12.88
C GLY B 159 27.96 -10.67 -13.33
N GLY B 160 26.67 -10.37 -13.27
CA GLY B 160 26.16 -9.07 -13.70
C GLY B 160 25.62 -8.20 -12.58
N LEU B 161 26.02 -6.93 -12.60
CA LEU B 161 25.57 -5.97 -11.60
C LEU B 161 25.00 -4.73 -12.28
N PRO B 162 24.01 -4.09 -11.64
CA PRO B 162 23.37 -2.89 -12.19
C PRO B 162 24.33 -1.71 -12.31
N VAL B 163 24.18 -0.91 -13.36
CA VAL B 163 25.03 0.25 -13.59
C VAL B 163 24.21 1.52 -13.62
N MET B 164 24.62 2.52 -12.86
CA MET B 164 23.90 3.79 -12.79
C MET B 164 23.92 4.50 -14.13
N LEU B 165 22.80 5.11 -14.50
CA LEU B 165 22.70 5.85 -15.76
C LEU B 165 23.54 7.12 -15.70
N GLN B 166 24.04 7.55 -16.85
CA GLN B 166 24.87 8.76 -16.94
C GLN B 166 26.06 8.71 -16.00
N SER B 167 26.74 7.57 -16.01
CA SER B 167 27.91 7.28 -15.19
C SER B 167 29.05 6.85 -16.10
N ASN B 168 30.25 6.68 -15.54
CA ASN B 168 31.38 6.29 -16.39
C ASN B 168 31.14 4.96 -17.10
N ARG B 169 30.56 3.99 -16.41
CA ARG B 169 30.26 2.70 -17.03
C ARG B 169 29.27 2.87 -18.18
N CYS B 170 28.27 3.73 -17.98
CA CYS B 170 27.25 3.97 -18.99
C CYS B 170 27.76 4.71 -20.23
N HIS B 171 27.14 4.41 -21.37
CA HIS B 171 27.48 4.98 -22.67
C HIS B 171 27.10 6.45 -22.88
N LEU B 172 26.25 6.97 -22.01
CA LEU B 172 25.74 8.33 -22.10
C LEU B 172 26.56 9.32 -21.31
N ASN B 173 27.69 8.87 -20.80
CA ASN B 173 28.53 9.72 -19.97
C ASN B 173 29.03 10.97 -20.67
N LYS B 174 29.43 10.84 -21.93
CA LYS B 174 29.92 12.00 -22.68
C LYS B 174 28.89 12.56 -23.65
N MET B 175 27.61 12.20 -23.46
CA MET B 175 26.45 12.64 -24.29
C MET B 175 25.91 14.11 -24.14
N SER B 176 25.10 14.57 -25.11
CA SER B 176 24.51 15.95 -25.17
C SER B 176 22.97 15.99 -25.43
N PRO B 177 22.29 17.14 -25.15
CA PRO B 177 20.82 17.25 -25.29
C PRO B 177 20.21 17.00 -26.69
N TYR B 178 20.65 17.64 -27.77
CA TYR B 178 20.22 17.12 -29.09
C TYR B 178 20.35 15.60 -29.15
N GLU B 179 21.53 15.07 -28.75
CA GLU B 179 21.84 13.64 -28.78
C GLU B 179 20.94 12.84 -27.83
N LEU B 180 20.61 13.39 -26.65
CA LEU B 180 19.74 12.75 -25.66
C LEU B 180 18.32 12.52 -26.19
N VAL B 181 17.77 13.53 -26.89
CA VAL B 181 16.43 13.48 -27.50
C VAL B 181 16.44 12.42 -28.64
N GLN B 182 17.54 12.38 -29.42
CA GLN B 182 17.74 11.42 -30.51
C GLN B 182 17.91 9.99 -29.96
N HIS B 183 18.18 9.86 -28.66
CA HIS B 183 18.34 8.57 -27.99
C HIS B 183 17.18 8.35 -26.99
N LYS B 184 16.00 8.93 -27.30
CA LYS B 184 14.70 8.83 -26.61
C LYS B 184 14.70 9.29 -25.12
N GLU B 185 15.68 10.12 -24.71
CA GLU B 185 15.76 10.61 -23.32
C GLU B 185 15.37 12.10 -23.22
N GLU B 186 15.23 12.63 -22.00
CA GLU B 186 14.91 14.04 -21.76
C GLU B 186 16.06 14.93 -22.21
N SER B 187 15.75 16.09 -22.80
CA SER B 187 16.73 17.06 -23.31
C SER B 187 17.79 17.43 -22.26
N ASP B 188 17.37 17.59 -21.00
CA ASP B 188 18.32 17.91 -19.93
C ASP B 188 18.22 16.83 -18.84
N GLU B 189 18.37 15.55 -19.27
CA GLU B 189 18.32 14.34 -18.43
C GLU B 189 19.38 14.42 -17.34
N ILE B 190 18.93 14.31 -16.08
CA ILE B 190 19.77 14.43 -14.90
C ILE B 190 20.55 13.14 -14.59
N GLY B 191 19.86 12.00 -14.56
CA GLY B 191 20.46 10.72 -14.21
C GLY B 191 20.54 10.56 -12.70
N GLY B 192 21.52 9.78 -12.24
CA GLY B 192 21.73 9.52 -10.82
C GLY B 192 21.02 8.29 -10.28
N TYR B 193 20.14 7.70 -11.10
CA TYR B 193 19.35 6.53 -10.73
C TYR B 193 19.79 5.27 -11.52
N PHE B 194 19.21 4.11 -11.18
CA PHE B 194 19.49 2.82 -11.81
C PHE B 194 18.21 2.20 -12.37
N ILE B 195 18.25 1.69 -13.62
CA ILE B 195 17.07 1.03 -14.20
C ILE B 195 17.22 -0.45 -13.84
N VAL B 196 16.40 -0.91 -12.87
CA VAL B 196 16.42 -2.29 -12.38
C VAL B 196 15.01 -2.88 -12.62
N ASN B 197 14.95 -3.92 -13.50
CA ASN B 197 13.71 -4.61 -13.91
C ASN B 197 12.61 -3.61 -14.36
N GLY B 198 13.01 -2.54 -15.03
CA GLY B 198 12.12 -1.50 -15.52
C GLY B 198 11.82 -0.38 -14.56
N ILE B 199 12.17 -0.56 -13.27
CA ILE B 199 11.92 0.41 -12.20
C ILE B 199 13.17 1.24 -11.93
N GLU B 200 13.03 2.57 -11.97
CA GLU B 200 14.12 3.51 -11.67
C GLU B 200 14.31 3.56 -10.16
N LYS B 201 15.45 3.05 -9.66
CA LYS B 201 15.71 3.02 -8.23
C LYS B 201 17.00 3.77 -7.90
N LEU B 202 16.98 4.57 -6.81
CA LEU B 202 18.13 5.35 -6.39
C LEU B 202 18.56 4.98 -4.97
N ILE B 203 19.87 5.12 -4.70
CA ILE B 203 20.46 4.87 -3.38
C ILE B 203 20.32 6.17 -2.60
N ARG B 204 19.55 6.12 -1.51
CA ARG B 204 19.29 7.27 -0.64
C ARG B 204 20.55 7.65 0.14
N MET B 205 20.87 8.95 0.19
CA MET B 205 22.03 9.48 0.93
C MET B 205 21.79 9.37 2.43
N LEU B 206 22.85 9.08 3.20
CA LEU B 206 22.75 8.92 4.65
C LEU B 206 23.64 9.89 5.42
N ILE B 207 23.15 10.32 6.60
CA ILE B 207 23.89 11.18 7.52
C ILE B 207 24.69 10.24 8.42
N VAL B 208 26.02 10.32 8.36
CA VAL B 208 26.93 9.47 9.15
C VAL B 208 27.96 10.36 9.86
N GLN B 209 28.54 9.86 10.98
CA GLN B 209 29.55 10.58 11.78
C GLN B 209 30.71 11.08 10.91
N ARG B 210 31.15 12.34 11.15
CA ARG B 210 32.25 12.94 10.39
C ARG B 210 33.51 12.07 10.54
N ARG B 211 34.15 11.78 9.40
CA ARG B 211 35.35 10.94 9.31
C ARG B 211 36.55 11.55 10.01
N ASN B 212 37.38 10.66 10.57
CA ASN B 212 38.67 10.91 11.21
C ASN B 212 38.62 12.07 12.24
N HIS B 213 37.70 11.99 13.21
CA HIS B 213 37.59 13.00 14.26
C HIS B 213 37.18 12.37 15.59
N PRO B 214 37.98 12.57 16.66
CA PRO B 214 37.62 12.01 17.97
C PRO B 214 36.43 12.77 18.55
N MET B 215 35.38 12.04 18.91
CA MET B 215 34.18 12.67 19.44
C MET B 215 33.94 12.25 20.87
N ALA B 216 33.96 13.23 21.79
CA ALA B 216 33.68 13.00 23.20
C ALA B 216 32.17 12.91 23.38
N ILE B 217 31.65 11.75 23.76
CA ILE B 217 30.20 11.61 23.88
C ILE B 217 29.77 11.00 25.20
N ILE B 218 28.68 11.55 25.75
CA ILE B 218 28.02 11.07 26.96
C ILE B 218 26.81 10.26 26.49
N ARG B 219 26.78 8.97 26.85
CA ARG B 219 25.71 8.07 26.45
C ARG B 219 25.36 7.13 27.60
N PRO B 220 24.08 7.06 28.01
CA PRO B 220 23.72 6.13 29.10
C PRO B 220 23.78 4.67 28.63
N SER B 221 23.75 4.46 27.30
CA SER B 221 23.83 3.17 26.62
C SER B 221 25.13 2.44 26.98
N PHE B 222 26.27 3.17 27.07
CA PHE B 222 27.60 2.65 27.40
C PHE B 222 27.66 1.99 28.78
N ALA B 223 26.89 2.51 29.75
CA ALA B 223 26.84 2.03 31.14
C ALA B 223 26.20 0.64 31.27
N ASN B 224 25.02 0.44 30.65
CA ASN B 224 24.23 -0.79 30.71
C ASN B 224 24.85 -1.99 29.93
N ARG B 225 26.04 -1.82 29.32
CA ARG B 225 26.67 -2.91 28.57
C ARG B 225 27.56 -3.78 29.46
N GLY B 226 28.49 -3.15 30.19
CA GLY B 226 29.42 -3.86 31.07
C GLY B 226 29.38 -3.46 32.53
N ALA B 227 30.36 -3.97 33.32
CA ALA B 227 30.50 -3.72 34.75
C ALA B 227 31.36 -2.48 35.03
N SER B 228 30.82 -1.55 35.85
CA SER B 228 31.41 -0.26 36.27
C SER B 228 31.79 0.62 35.05
N TYR B 229 30.87 0.72 34.08
CA TYR B 229 31.01 1.52 32.85
C TYR B 229 30.30 2.86 33.03
N SER B 230 30.98 3.96 32.66
CA SER B 230 30.42 5.30 32.79
C SER B 230 29.74 5.77 31.48
N HIS B 231 29.11 6.96 31.52
CA HIS B 231 28.44 7.60 30.38
C HIS B 231 29.46 8.12 29.37
N TYR B 232 30.64 8.55 29.86
CA TYR B 232 31.73 9.14 29.10
C TYR B 232 32.42 8.13 28.18
N GLY B 233 32.87 8.63 27.03
CA GLY B 233 33.57 7.85 26.02
C GLY B 233 33.94 8.64 24.78
N ILE B 234 34.89 8.11 23.97
CA ILE B 234 35.31 8.74 22.72
C ILE B 234 34.95 7.82 21.54
N GLN B 235 34.52 8.43 20.42
CA GLN B 235 34.12 7.69 19.23
C GLN B 235 34.67 8.36 17.97
N ILE B 236 35.51 7.62 17.22
CA ILE B 236 36.11 8.08 15.96
C ILE B 236 35.67 7.12 14.84
N ARG B 237 35.18 7.69 13.74
CA ARG B 237 34.76 6.90 12.59
C ARG B 237 35.85 6.97 11.53
N SER B 238 36.85 6.09 11.64
CA SER B 238 37.97 6.01 10.70
C SER B 238 37.50 5.43 9.37
N VAL B 239 37.87 6.07 8.25
CA VAL B 239 37.46 5.60 6.92
C VAL B 239 38.72 5.29 6.07
N ARG B 240 38.67 4.13 5.40
CA ARG B 240 39.71 3.63 4.53
C ARG B 240 39.67 4.41 3.19
N PRO B 241 40.76 4.41 2.37
CA PRO B 241 40.71 5.15 1.09
C PRO B 241 39.65 4.62 0.11
N ASP B 242 39.22 3.36 0.29
CA ASP B 242 38.19 2.68 -0.51
C ASP B 242 36.76 2.99 0.00
N GLN B 243 36.64 3.93 0.96
CA GLN B 243 35.43 4.47 1.59
C GLN B 243 34.79 3.54 2.64
N THR B 244 35.37 2.34 2.91
CA THR B 244 34.85 1.45 3.95
C THR B 244 35.25 2.04 5.31
N SER B 245 34.33 2.00 6.26
CA SER B 245 34.54 2.58 7.58
C SER B 245 34.77 1.50 8.66
N GLN B 246 35.46 1.90 9.74
CA GLN B 246 35.75 1.08 10.91
C GLN B 246 35.80 1.98 12.15
N THR B 247 34.73 1.96 12.96
CA THR B 247 34.62 2.78 14.17
C THR B 247 35.36 2.15 15.36
N ASN B 248 36.13 2.99 16.06
CA ASN B 248 36.88 2.66 17.28
C ASN B 248 36.31 3.50 18.41
N VAL B 249 35.96 2.85 19.54
CA VAL B 249 35.38 3.53 20.71
C VAL B 249 36.29 3.32 21.93
N LEU B 250 36.42 4.39 22.74
CA LEU B 250 37.20 4.42 23.98
C LEU B 250 36.23 4.54 25.15
N HIS B 251 36.37 3.68 26.17
CA HIS B 251 35.49 3.67 27.35
C HIS B 251 36.24 3.98 28.65
N TYR B 252 35.71 4.90 29.46
CA TYR B 252 36.28 5.20 30.76
C TYR B 252 35.50 4.41 31.82
N LEU B 253 36.16 3.44 32.45
CA LEU B 253 35.56 2.64 33.50
C LEU B 253 35.72 3.36 34.84
N ASN B 254 34.80 3.10 35.79
CA ASN B 254 34.80 3.72 37.12
C ASN B 254 36.03 3.30 37.95
N ASP B 255 36.71 2.21 37.54
CA ASP B 255 37.94 1.70 38.15
C ASP B 255 39.11 2.62 37.84
N GLY B 256 39.01 3.35 36.73
CA GLY B 256 40.04 4.25 36.21
C GLY B 256 40.72 3.63 34.99
N GLN B 257 40.15 2.51 34.51
CA GLN B 257 40.62 1.75 33.36
C GLN B 257 40.01 2.29 32.07
N VAL B 258 40.78 2.26 30.98
CA VAL B 258 40.32 2.71 29.66
C VAL B 258 40.33 1.50 28.72
N THR B 259 39.20 1.19 28.08
CA THR B 259 39.09 0.05 27.17
C THR B 259 38.79 0.48 25.74
N PHE B 260 39.33 -0.28 24.77
CA PHE B 260 39.19 -0.08 23.34
C PHE B 260 38.10 -1.04 22.81
N ARG B 261 37.01 -0.46 22.28
CA ARG B 261 35.89 -1.20 21.70
C ARG B 261 35.97 -1.12 20.18
N PHE B 262 35.67 -2.25 19.50
CA PHE B 262 35.66 -2.35 18.04
C PHE B 262 34.70 -3.44 17.59
N SER B 263 34.57 -3.63 16.25
CA SER B 263 33.70 -4.65 15.69
C SER B 263 34.34 -5.40 14.53
N TRP B 264 34.25 -6.74 14.59
CA TRP B 264 34.70 -7.64 13.52
C TRP B 264 33.60 -8.66 13.33
N ARG B 265 33.28 -8.97 12.05
CA ARG B 265 32.16 -9.81 11.62
C ARG B 265 30.94 -9.02 12.10
N LYS B 266 30.17 -9.53 13.08
CA LYS B 266 29.07 -8.76 13.63
C LYS B 266 29.10 -8.84 15.17
N ASN B 267 30.32 -8.98 15.72
CA ASN B 267 30.58 -9.07 17.16
C ASN B 267 31.46 -7.93 17.65
N GLU B 268 31.19 -7.47 18.88
CA GLU B 268 31.95 -6.41 19.54
C GLU B 268 33.09 -7.02 20.36
N TYR B 269 34.25 -6.34 20.44
CA TYR B 269 35.41 -6.84 21.20
C TYR B 269 36.07 -5.74 22.02
N LEU B 270 36.47 -6.07 23.27
CA LEU B 270 37.10 -5.11 24.18
C LEU B 270 38.52 -5.50 24.54
N VAL B 271 39.45 -4.53 24.45
CA VAL B 271 40.89 -4.71 24.75
C VAL B 271 41.44 -3.49 25.53
N PRO B 272 42.32 -3.67 26.55
CA PRO B 272 42.87 -2.50 27.26
C PRO B 272 43.68 -1.60 26.33
N VAL B 273 43.44 -0.27 26.40
CA VAL B 273 44.04 0.77 25.55
C VAL B 273 45.59 0.75 25.66
N VAL B 274 46.14 0.50 26.86
CA VAL B 274 47.60 0.41 27.07
C VAL B 274 48.20 -0.78 26.32
N MET B 275 47.38 -1.79 25.95
CA MET B 275 47.81 -2.95 25.16
C MET B 275 47.87 -2.57 23.69
N ILE B 276 46.80 -1.93 23.16
CA ILE B 276 46.72 -1.52 21.77
C ILE B 276 47.76 -0.42 21.45
N LEU B 277 48.19 0.36 22.47
CA LEU B 277 49.22 1.41 22.33
C LEU B 277 50.59 0.80 22.15
N LYS B 278 50.96 -0.16 23.02
CA LYS B 278 52.27 -0.83 23.02
C LYS B 278 52.48 -1.76 21.81
N ALA B 279 51.38 -2.14 21.12
CA ALA B 279 51.44 -3.00 19.94
C ALA B 279 51.83 -2.22 18.70
N LEU B 280 51.43 -0.94 18.62
CA LEU B 280 51.67 -0.05 17.47
C LEU B 280 53.15 0.25 17.28
N CYS B 281 53.84 0.74 18.32
CA CYS B 281 55.27 1.04 18.24
C CYS B 281 55.94 0.85 19.61
N HIS B 282 57.26 0.58 19.61
CA HIS B 282 58.02 0.40 20.84
C HIS B 282 58.13 1.72 21.60
N THR B 283 57.55 1.75 22.82
CA THR B 283 57.58 2.91 23.70
C THR B 283 57.74 2.50 25.16
N SER B 284 58.15 3.47 25.99
CA SER B 284 58.28 3.31 27.43
C SER B 284 56.98 3.76 28.09
N ASP B 285 56.81 3.49 29.40
CA ASP B 285 55.64 3.91 30.16
C ASP B 285 55.59 5.44 30.27
N ARG B 286 56.79 6.09 30.35
CA ARG B 286 56.94 7.55 30.42
C ARG B 286 56.62 8.20 29.06
N GLU B 287 56.82 7.47 27.94
CA GLU B 287 56.49 7.98 26.60
C GLU B 287 54.98 8.12 26.46
N ILE B 288 54.22 7.19 27.09
CA ILE B 288 52.76 7.18 27.14
C ILE B 288 52.31 8.34 28.05
N PHE B 289 53.03 8.54 29.17
CA PHE B 289 52.77 9.61 30.15
C PHE B 289 52.92 11.00 29.51
N ASP B 290 54.04 11.24 28.79
CA ASP B 290 54.32 12.50 28.11
C ASP B 290 53.36 12.73 26.94
N GLY B 291 52.95 11.64 26.29
CA GLY B 291 52.02 11.66 25.16
C GLY B 291 50.63 12.13 25.51
N ILE B 292 50.12 11.76 26.71
CA ILE B 292 48.80 12.14 27.19
C ILE B 292 48.92 13.42 28.04
N ILE B 293 49.63 13.34 29.18
CA ILE B 293 49.85 14.48 30.07
C ILE B 293 51.02 15.33 29.54
N GLY B 294 50.75 16.59 29.20
CA GLY B 294 51.75 17.52 28.69
C GLY B 294 52.49 18.20 29.82
N ASN B 295 52.53 19.54 29.78
CA ASN B 295 53.16 20.36 30.82
C ASN B 295 52.28 20.41 32.10
N ASP B 296 51.04 19.92 32.00
CA ASP B 296 50.05 19.87 33.08
C ASP B 296 50.26 18.61 33.95
N VAL B 297 51.52 18.43 34.40
CA VAL B 297 51.99 17.30 35.21
C VAL B 297 51.41 17.37 36.65
N LYS B 298 51.13 18.59 37.14
CA LYS B 298 50.60 18.86 38.49
C LYS B 298 49.08 18.54 38.63
N ASP B 299 48.41 18.16 37.53
CA ASP B 299 46.98 17.82 37.55
C ASP B 299 46.75 16.45 38.21
N SER B 300 46.48 16.46 39.53
CA SER B 300 46.24 15.29 40.40
C SER B 300 45.21 14.31 39.85
N PHE B 301 44.17 14.84 39.16
CA PHE B 301 43.11 14.06 38.52
C PHE B 301 43.72 13.11 37.47
N LEU B 302 44.63 13.64 36.63
CA LEU B 302 45.32 12.92 35.55
C LEU B 302 46.44 12.01 36.09
N THR B 303 47.18 12.49 37.11
CA THR B 303 48.30 11.80 37.78
C THR B 303 47.86 10.42 38.29
N ASP B 304 46.66 10.34 38.89
CA ASP B 304 46.10 9.10 39.45
C ASP B 304 45.54 8.19 38.35
N ARG B 305 44.73 8.73 37.41
CA ARG B 305 44.09 7.96 36.33
C ARG B 305 45.10 7.25 35.45
N LEU B 306 46.23 7.91 35.12
CA LEU B 306 47.28 7.33 34.29
C LEU B 306 48.04 6.23 35.03
N GLU B 307 48.20 6.38 36.37
CA GLU B 307 48.86 5.39 37.22
C GLU B 307 48.02 4.10 37.25
N LEU B 308 46.68 4.22 37.25
CA LEU B 308 45.74 3.10 37.21
C LEU B 308 45.92 2.28 35.93
N LEU B 309 46.11 2.96 34.78
CA LEU B 309 46.31 2.37 33.46
C LEU B 309 47.61 1.58 33.38
N LEU B 310 48.74 2.24 33.71
CA LEU B 310 50.10 1.71 33.63
C LEU B 310 50.33 0.58 34.64
N ARG B 311 49.92 0.75 35.92
CA ARG B 311 50.07 -0.28 36.96
C ARG B 311 49.15 -1.47 36.69
N GLY B 312 47.96 -1.18 36.15
CA GLY B 312 46.97 -2.19 35.79
C GLY B 312 47.45 -3.12 34.69
N PHE B 313 48.13 -2.55 33.67
CA PHE B 313 48.70 -3.30 32.55
C PHE B 313 49.86 -4.17 33.04
N LYS B 314 50.68 -3.63 33.96
CA LYS B 314 51.82 -4.30 34.57
C LYS B 314 51.35 -5.45 35.46
N LYS B 315 50.20 -5.28 36.14
CA LYS B 315 49.61 -6.29 37.02
C LYS B 315 48.99 -7.43 36.19
N ARG B 316 48.14 -7.08 35.20
CA ARG B 316 47.44 -8.03 34.32
C ARG B 316 48.38 -8.75 33.36
N TYR B 317 49.28 -8.00 32.69
CA TYR B 317 50.22 -8.55 31.71
C TYR B 317 51.68 -8.23 32.11
N PRO B 318 52.26 -8.93 33.12
CA PRO B 318 53.66 -8.64 33.49
C PRO B 318 54.66 -9.23 32.49
N HIS B 319 54.23 -10.27 31.75
CA HIS B 319 55.02 -10.98 30.75
C HIS B 319 55.26 -10.13 29.50
N LEU B 320 54.26 -9.30 29.11
CA LEU B 320 54.36 -8.44 27.92
C LEU B 320 55.28 -7.25 28.21
N GLN B 321 56.57 -7.40 27.85
CA GLN B 321 57.64 -6.44 28.10
C GLN B 321 58.21 -5.77 26.82
N ASN B 322 57.74 -6.20 25.63
CA ASN B 322 58.16 -5.63 24.34
C ASN B 322 57.00 -5.65 23.33
N ARG B 323 57.10 -4.82 22.26
CA ARG B 323 56.13 -4.66 21.18
C ARG B 323 55.75 -5.98 20.50
N THR B 324 56.75 -6.89 20.30
CA THR B 324 56.57 -8.19 19.66
C THR B 324 55.70 -9.13 20.52
N GLN B 325 55.96 -9.22 21.85
CA GLN B 325 55.19 -10.05 22.79
C GLN B 325 53.71 -9.63 22.83
N VAL B 326 53.46 -8.30 22.85
CA VAL B 326 52.11 -7.70 22.88
C VAL B 326 51.36 -8.14 21.60
N LEU B 327 52.01 -7.98 20.42
CA LEU B 327 51.47 -8.36 19.11
C LEU B 327 51.14 -9.85 19.06
N GLN B 328 52.01 -10.69 19.67
CA GLN B 328 51.84 -12.15 19.74
C GLN B 328 50.67 -12.53 20.64
N TYR B 329 50.50 -11.84 21.78
CA TYR B 329 49.41 -12.08 22.70
C TYR B 329 48.08 -11.69 22.04
N LEU B 330 48.09 -10.59 21.26
CA LEU B 330 46.94 -10.11 20.51
C LEU B 330 46.57 -11.09 19.38
N GLY B 331 47.60 -11.59 18.67
CA GLY B 331 47.42 -12.54 17.58
C GLY B 331 46.84 -13.87 18.01
N ASP B 332 47.30 -14.37 19.19
CA ASP B 332 46.88 -15.63 19.80
C ASP B 332 45.38 -15.65 20.17
N LYS B 333 44.86 -14.50 20.65
CA LYS B 333 43.47 -14.39 21.09
C LYS B 333 42.48 -14.05 19.94
N PHE B 334 42.98 -13.50 18.81
CA PHE B 334 42.15 -13.11 17.67
C PHE B 334 42.38 -13.97 16.41
N ARG B 335 43.19 -15.05 16.49
CA ARG B 335 43.52 -15.94 15.37
C ARG B 335 42.26 -16.63 14.78
N VAL B 336 41.22 -16.88 15.60
CA VAL B 336 39.99 -17.55 15.17
C VAL B 336 38.99 -16.57 14.51
N VAL B 337 38.71 -15.41 15.15
CA VAL B 337 37.75 -14.40 14.67
C VAL B 337 38.24 -13.75 13.36
N PHE B 338 39.52 -13.36 13.29
CA PHE B 338 40.10 -12.73 12.10
C PHE B 338 40.41 -13.76 11.01
N GLN B 339 40.18 -15.07 11.31
CA GLN B 339 40.32 -16.24 10.43
C GLN B 339 41.74 -16.38 9.81
N ALA B 340 42.66 -15.47 10.17
CA ALA B 340 44.04 -15.46 9.71
C ALA B 340 44.78 -16.65 10.30
N SER B 341 44.90 -17.73 9.50
CA SER B 341 45.51 -19.01 9.87
C SER B 341 45.75 -19.88 8.60
N PRO B 342 46.55 -20.99 8.62
CA PRO B 342 47.24 -21.65 9.73
C PRO B 342 48.78 -21.51 9.73
N ASP B 343 49.35 -20.75 8.78
CA ASP B 343 50.79 -20.52 8.66
C ASP B 343 51.17 -19.13 9.18
N GLN B 344 50.17 -18.24 9.32
CA GLN B 344 50.32 -16.87 9.80
C GLN B 344 50.68 -16.89 11.28
N SER B 345 51.85 -16.32 11.62
CA SER B 345 52.33 -16.24 13.00
C SER B 345 51.48 -15.27 13.81
N ASP B 346 51.52 -15.40 15.16
CA ASP B 346 50.76 -14.55 16.08
C ASP B 346 51.23 -13.09 15.94
N LEU B 347 52.47 -12.88 15.46
CA LEU B 347 53.02 -11.56 15.18
C LEU B 347 52.35 -10.99 13.91
N GLU B 348 52.10 -11.85 12.90
CA GLU B 348 51.43 -11.47 11.65
C GLU B 348 49.95 -11.17 11.90
N VAL B 349 49.26 -12.07 12.64
CA VAL B 349 47.84 -11.96 13.00
C VAL B 349 47.63 -10.72 13.89
N GLY B 350 48.58 -10.47 14.81
CA GLY B 350 48.56 -9.32 15.69
C GLY B 350 48.60 -8.02 14.92
N GLN B 351 49.54 -7.93 13.96
CA GLN B 351 49.69 -6.76 13.08
C GLN B 351 48.48 -6.63 12.14
N GLU B 352 47.95 -7.78 11.65
CA GLU B 352 46.77 -7.86 10.77
C GLU B 352 45.56 -7.27 11.49
N VAL B 353 45.45 -7.49 12.83
CA VAL B 353 44.36 -6.95 13.67
C VAL B 353 44.49 -5.42 13.67
N LEU B 354 45.70 -4.91 14.00
CA LEU B 354 46.03 -3.48 14.06
C LEU B 354 45.74 -2.77 12.74
N ASP B 355 46.31 -3.27 11.63
CA ASP B 355 46.16 -2.72 10.28
C ASP B 355 44.70 -2.69 9.81
N ARG B 356 43.86 -3.64 10.28
CA ARG B 356 42.46 -3.73 9.88
C ARG B 356 41.46 -3.10 10.87
N ILE B 357 41.86 -2.83 12.13
CA ILE B 357 40.94 -2.30 13.14
C ILE B 357 41.35 -0.91 13.68
N VAL B 358 42.55 -0.80 14.32
CA VAL B 358 42.95 0.44 14.98
C VAL B 358 43.20 1.56 13.93
N LEU B 359 42.51 2.70 14.14
CA LEU B 359 42.51 3.97 13.39
C LEU B 359 42.95 3.80 11.92
N VAL B 360 42.15 3.01 11.17
CA VAL B 360 42.39 2.64 9.76
C VAL B 360 42.51 3.85 8.81
N HIS B 361 42.02 5.05 9.22
CA HIS B 361 42.10 6.25 8.40
C HIS B 361 43.54 6.71 8.16
N LEU B 362 44.45 6.37 9.09
CA LEU B 362 45.88 6.66 9.01
C LEU B 362 46.60 5.56 8.22
N GLY B 363 45.96 4.40 8.15
CA GLY B 363 46.40 3.21 7.42
C GLY B 363 47.72 2.59 7.80
N LYS B 364 48.12 1.56 7.03
CA LYS B 364 49.37 0.81 7.18
C LYS B 364 50.56 1.74 6.93
N ASP B 365 51.70 1.47 7.61
CA ASP B 365 52.95 2.23 7.55
C ASP B 365 52.73 3.65 8.18
N GLY B 366 51.82 3.70 9.16
CA GLY B 366 51.47 4.89 9.90
C GLY B 366 51.09 4.57 11.33
N SER B 367 51.83 3.62 11.95
CA SER B 367 51.62 3.18 13.33
C SER B 367 52.02 4.27 14.32
N GLN B 368 53.04 5.08 13.94
CA GLN B 368 53.51 6.22 14.73
C GLN B 368 52.41 7.30 14.79
N ASP B 369 51.70 7.48 13.66
CA ASP B 369 50.58 8.42 13.53
C ASP B 369 49.39 7.93 14.34
N LYS B 370 49.14 6.59 14.33
CA LYS B 370 48.07 5.93 15.07
C LYS B 370 48.30 6.04 16.56
N PHE B 371 49.58 5.96 16.99
CA PHE B 371 49.99 6.07 18.39
C PHE B 371 49.70 7.47 18.92
N ARG B 372 50.09 8.52 18.17
CA ARG B 372 49.89 9.94 18.51
C ARG B 372 48.39 10.28 18.64
N MET B 373 47.56 9.79 17.70
CA MET B 373 46.12 10.03 17.66
C MET B 373 45.42 9.31 18.83
N LEU B 374 45.91 8.12 19.22
CA LEU B 374 45.33 7.35 20.31
C LEU B 374 45.54 8.04 21.66
N LEU B 375 46.74 8.65 21.88
CA LEU B 375 47.07 9.37 23.12
C LEU B 375 46.17 10.60 23.28
N PHE B 376 45.89 11.28 22.16
CA PHE B 376 45.03 12.47 22.06
C PHE B 376 43.59 12.13 22.46
N MET B 377 43.12 10.93 22.09
CA MET B 377 41.79 10.42 22.41
C MET B 377 41.65 10.15 23.90
N ILE B 378 42.75 9.65 24.55
CA ILE B 378 42.78 9.38 26.00
C ILE B 378 42.69 10.71 26.75
N ARG B 379 43.47 11.74 26.32
CA ARG B 379 43.47 13.07 26.93
C ARG B 379 42.10 13.74 26.76
N LYS B 380 41.47 13.58 25.57
CA LYS B 380 40.14 14.12 25.31
C LYS B 380 39.11 13.43 26.21
N LEU B 381 39.27 12.10 26.42
CA LEU B 381 38.40 11.28 27.28
C LEU B 381 38.48 11.75 28.73
N TYR B 382 39.70 12.05 29.22
CA TYR B 382 39.93 12.51 30.59
C TYR B 382 39.43 13.94 30.79
N SER B 383 39.45 14.77 29.71
CA SER B 383 38.95 16.15 29.76
C SER B 383 37.42 16.15 29.86
N LEU B 384 36.77 15.14 29.27
CA LEU B 384 35.32 14.95 29.30
C LEU B 384 34.85 14.50 30.68
N VAL B 385 35.60 13.58 31.33
CA VAL B 385 35.27 13.05 32.66
C VAL B 385 35.37 14.18 33.69
N ALA B 386 36.50 14.92 33.70
CA ALA B 386 36.77 16.04 34.59
C ALA B 386 35.77 17.18 34.40
N GLY B 387 35.40 17.44 33.14
CA GLY B 387 34.47 18.49 32.77
C GLY B 387 35.11 19.61 31.96
N GLU B 388 36.44 19.53 31.73
CA GLU B 388 37.21 20.50 30.96
C GLU B 388 36.66 20.67 29.55
N CYS B 389 36.07 19.58 29.02
CA CYS B 389 35.49 19.53 27.68
C CYS B 389 34.00 19.16 27.75
N SER B 390 33.17 19.92 27.00
CA SER B 390 31.73 19.67 26.85
C SER B 390 31.56 18.52 25.84
N PRO B 391 30.55 17.63 25.98
CA PRO B 391 30.43 16.53 25.01
C PRO B 391 29.99 17.00 23.61
N ASP B 392 30.59 16.41 22.58
CA ASP B 392 30.29 16.66 21.16
C ASP B 392 28.91 16.05 20.84
N ASN B 393 28.08 16.78 20.09
CA ASN B 393 26.73 16.30 19.77
C ASN B 393 26.71 15.54 18.42
N PRO B 394 26.43 14.21 18.45
CA PRO B 394 26.39 13.45 17.18
C PRO B 394 25.23 13.83 16.27
N ASP B 395 24.10 14.26 16.85
CA ASP B 395 22.88 14.64 16.12
C ASP B 395 23.04 16.00 15.40
N ALA B 396 24.01 16.83 15.82
CA ALA B 396 24.30 18.13 15.22
C ALA B 396 25.02 17.96 13.87
N THR B 397 24.74 18.87 12.92
CA THR B 397 25.28 18.88 11.56
C THR B 397 26.82 19.05 11.54
N GLN B 398 27.41 19.74 12.53
CA GLN B 398 28.85 19.97 12.59
C GLN B 398 29.66 18.67 12.75
N HIS B 399 29.10 17.69 13.49
CA HIS B 399 29.79 16.42 13.75
C HIS B 399 29.24 15.28 12.87
N GLN B 400 29.03 15.56 11.56
CA GLN B 400 28.55 14.56 10.60
C GLN B 400 28.89 14.94 9.14
N GLU B 401 28.87 13.91 8.27
CA GLU B 401 29.12 13.93 6.83
C GLU B 401 28.01 13.14 6.10
N VAL B 402 28.07 13.07 4.75
CA VAL B 402 27.00 12.41 3.99
C VAL B 402 27.51 11.22 3.16
N LEU B 403 27.11 10.00 3.55
CA LEU B 403 27.44 8.78 2.81
C LEU B 403 26.67 8.79 1.49
N LEU B 404 27.38 9.04 0.40
CA LEU B 404 26.80 9.11 -0.94
C LEU B 404 26.54 7.71 -1.49
N GLY B 405 25.49 7.60 -2.30
CA GLY B 405 25.04 6.37 -2.95
C GLY B 405 26.11 5.56 -3.65
N GLY B 406 26.91 6.21 -4.49
CA GLY B 406 27.99 5.59 -5.24
C GLY B 406 29.04 4.97 -4.34
N PHE B 407 29.36 5.65 -3.21
CA PHE B 407 30.32 5.17 -2.21
C PHE B 407 29.76 3.95 -1.49
N LEU B 408 28.46 3.97 -1.14
CA LEU B 408 27.76 2.87 -0.48
C LEU B 408 27.75 1.65 -1.40
N TYR B 409 27.49 1.87 -2.70
CA TYR B 409 27.48 0.87 -3.77
C TYR B 409 28.84 0.17 -3.87
N GLY B 410 29.91 0.95 -3.75
CA GLY B 410 31.29 0.46 -3.80
C GLY B 410 31.67 -0.38 -2.60
N MET B 411 31.11 -0.01 -1.41
CA MET B 411 31.35 -0.70 -0.13
C MET B 411 30.78 -2.11 -0.17
N ILE B 412 29.51 -2.24 -0.59
CA ILE B 412 28.80 -3.52 -0.69
C ILE B 412 29.45 -4.34 -1.82
N LEU B 413 29.96 -3.69 -2.89
CA LEU B 413 30.65 -4.40 -3.97
C LEU B 413 31.91 -5.06 -3.42
N LYS B 414 32.73 -4.31 -2.63
CA LYS B 414 33.93 -4.80 -1.95
C LYS B 414 33.60 -5.99 -1.05
N GLU B 415 32.43 -5.95 -0.39
CA GLU B 415 31.94 -7.01 0.49
C GLU B 415 31.64 -8.28 -0.31
N LYS B 416 31.02 -8.14 -1.50
CA LYS B 416 30.63 -9.25 -2.38
C LYS B 416 31.83 -9.93 -3.02
N ILE B 417 32.90 -9.17 -3.32
CA ILE B 417 34.12 -9.73 -3.91
C ILE B 417 34.91 -10.47 -2.80
N ASP B 418 34.83 -9.98 -1.54
CA ASP B 418 35.44 -10.64 -0.38
C ASP B 418 34.76 -12.00 -0.19
N GLU B 419 33.41 -12.03 -0.33
CA GLU B 419 32.58 -13.24 -0.26
C GLU B 419 32.94 -14.18 -1.41
N TYR B 420 33.15 -13.61 -2.62
CA TYR B 420 33.51 -14.32 -3.86
C TYR B 420 34.80 -15.09 -3.68
N LEU B 421 35.81 -14.48 -3.03
CA LEU B 421 37.10 -15.11 -2.75
C LEU B 421 36.95 -16.18 -1.69
N GLN B 422 36.11 -15.93 -0.65
CA GLN B 422 35.81 -16.88 0.42
C GLN B 422 35.16 -18.15 -0.14
N ASN B 423 34.35 -18.00 -1.19
CA ASN B 423 33.65 -19.10 -1.88
C ASN B 423 34.62 -19.98 -2.67
N ILE B 424 35.66 -19.37 -3.28
CA ILE B 424 36.69 -20.10 -4.03
C ILE B 424 37.41 -21.03 -3.05
N ILE B 425 37.82 -20.50 -1.88
CA ILE B 425 38.49 -21.24 -0.81
C ILE B 425 37.58 -22.35 -0.29
N ALA B 426 36.27 -22.05 -0.13
CA ALA B 426 35.26 -23.00 0.34
C ALA B 426 35.14 -24.21 -0.61
N GLN B 427 35.26 -23.96 -1.94
CA GLN B 427 35.19 -25.01 -2.96
C GLN B 427 36.45 -25.88 -2.88
N VAL B 428 37.63 -25.26 -2.68
CA VAL B 428 38.92 -25.93 -2.57
C VAL B 428 38.93 -26.77 -1.27
N ARG B 429 38.39 -26.22 -0.15
CA ARG B 429 38.27 -26.90 1.13
C ARG B 429 37.39 -28.14 1.00
N MET B 430 36.32 -28.05 0.19
CA MET B 430 35.41 -29.17 -0.10
C MET B 430 36.17 -30.25 -0.86
N ASP B 431 36.98 -29.83 -1.85
CA ASP B 431 37.80 -30.68 -2.71
C ASP B 431 38.88 -31.41 -1.94
N ILE B 432 39.65 -30.71 -1.07
CA ILE B 432 40.74 -31.30 -0.30
C ILE B 432 40.22 -32.17 0.86
N ASN B 433 38.96 -31.97 1.29
CA ASN B 433 38.35 -32.75 2.38
C ASN B 433 37.59 -33.98 1.87
N ARG B 434 37.76 -34.35 0.59
CA ARG B 434 37.10 -35.52 0.01
C ARG B 434 38.02 -36.23 -1.00
N GLY B 435 37.67 -36.15 -2.29
CA GLY B 435 38.40 -36.78 -3.39
C GLY B 435 39.84 -36.37 -3.61
N MET B 436 40.29 -35.26 -2.94
CA MET B 436 41.63 -34.66 -3.01
C MET B 436 41.93 -34.01 -4.37
N ALA B 437 41.41 -34.58 -5.49
CA ALA B 437 41.54 -34.14 -6.88
C ALA B 437 43.02 -33.93 -7.27
N ILE B 438 43.43 -32.72 -7.71
CA ILE B 438 44.81 -32.45 -8.14
C ILE B 438 45.40 -31.17 -7.46
N ASN B 439 46.57 -30.73 -7.96
CA ASN B 439 47.39 -29.60 -7.52
C ASN B 439 46.87 -28.24 -8.02
N PHE B 440 47.34 -27.15 -7.37
CA PHE B 440 46.99 -25.76 -7.64
C PHE B 440 47.73 -25.16 -8.85
N LYS B 441 48.89 -25.74 -9.25
CA LYS B 441 49.69 -25.25 -10.38
C LYS B 441 49.03 -25.55 -11.73
N ASP B 442 48.09 -26.53 -11.77
CA ASP B 442 47.35 -26.90 -12.97
C ASP B 442 46.22 -25.91 -13.22
N LYS B 443 46.18 -25.32 -14.43
CA LYS B 443 45.18 -24.36 -14.86
C LYS B 443 43.80 -25.03 -14.96
N ARG B 444 43.78 -26.31 -15.37
CA ARG B 444 42.58 -27.15 -15.50
C ARG B 444 41.78 -27.18 -14.20
N TYR B 445 42.47 -27.40 -13.06
CA TYR B 445 41.87 -27.43 -11.72
C TYR B 445 41.27 -26.07 -11.36
N MET B 446 42.02 -24.97 -11.60
CA MET B 446 41.56 -23.60 -11.34
C MET B 446 40.26 -23.35 -12.08
N SER B 447 40.22 -23.66 -13.40
CA SER B 447 39.05 -23.52 -14.28
C SER B 447 37.88 -24.37 -13.78
N ARG B 448 38.17 -25.56 -13.19
CA ARG B 448 37.17 -26.47 -12.64
C ARG B 448 36.56 -25.88 -11.35
N VAL B 449 37.40 -25.34 -10.44
CA VAL B 449 36.95 -24.71 -9.17
C VAL B 449 36.07 -23.50 -9.47
N LEU B 450 36.58 -22.59 -10.32
CA LEU B 450 35.97 -21.32 -10.72
C LEU B 450 34.56 -21.49 -11.32
N MET B 451 34.29 -22.56 -12.09
CA MET B 451 32.95 -22.75 -12.65
C MET B 451 32.02 -23.53 -11.69
N ARG B 452 32.53 -23.89 -10.49
CA ARG B 452 31.73 -24.55 -9.45
C ARG B 452 31.37 -23.54 -8.34
N VAL B 453 31.81 -22.28 -8.52
CA VAL B 453 31.60 -21.15 -7.61
C VAL B 453 30.62 -20.16 -8.26
N ASN B 454 29.67 -19.62 -7.45
CA ASN B 454 28.69 -18.63 -7.91
C ASN B 454 29.40 -17.28 -8.06
N GLU B 455 29.69 -16.89 -9.31
CA GLU B 455 30.41 -15.66 -9.64
C GLU B 455 29.47 -14.51 -10.07
N ASN B 456 28.14 -14.70 -9.97
CA ASN B 456 27.21 -13.63 -10.37
C ASN B 456 27.08 -12.57 -9.26
N ILE B 457 28.02 -11.61 -9.25
CA ILE B 457 28.01 -10.49 -8.29
C ILE B 457 26.96 -9.46 -8.77
N GLY B 458 26.76 -9.40 -10.09
CA GLY B 458 25.78 -8.52 -10.73
C GLY B 458 24.37 -8.69 -10.19
N SER B 459 23.93 -9.96 -9.98
CA SER B 459 22.63 -10.30 -9.42
C SER B 459 22.54 -9.90 -7.95
N LYS B 460 23.67 -10.05 -7.21
CA LYS B 460 23.77 -9.71 -5.80
C LYS B 460 23.65 -8.19 -5.63
N MET B 461 24.25 -7.43 -6.56
CA MET B 461 24.18 -5.97 -6.57
C MET B 461 22.85 -5.50 -7.11
N GLN B 462 22.21 -6.30 -7.99
CA GLN B 462 20.88 -6.03 -8.53
C GLN B 462 19.85 -6.20 -7.41
N TYR B 463 20.07 -7.18 -6.49
CA TYR B 463 19.21 -7.45 -5.34
C TYR B 463 19.18 -6.21 -4.41
N PHE B 464 20.36 -5.67 -4.04
CA PHE B 464 20.49 -4.48 -3.19
C PHE B 464 19.72 -3.30 -3.78
N LEU B 465 19.83 -3.10 -5.11
CA LEU B 465 19.11 -2.02 -5.78
C LEU B 465 17.63 -2.34 -5.99
N SER B 466 17.21 -3.60 -5.77
CA SER B 466 15.80 -3.98 -5.95
C SER B 466 15.05 -4.16 -4.64
N THR B 467 15.78 -4.26 -3.51
CA THR B 467 15.15 -4.48 -2.21
C THR B 467 15.56 -3.42 -1.18
N GLY B 468 16.77 -2.89 -1.33
CA GLY B 468 17.36 -1.92 -0.40
C GLY B 468 17.93 -2.60 0.82
N ASN B 469 17.81 -3.94 0.88
CA ASN B 469 18.27 -4.77 1.98
C ASN B 469 19.76 -4.99 1.90
N LEU B 470 20.46 -4.67 2.99
CA LEU B 470 21.90 -4.81 3.08
C LEU B 470 22.27 -6.20 3.64
N VAL B 471 22.81 -7.05 2.77
CA VAL B 471 23.26 -8.39 3.13
C VAL B 471 24.79 -8.32 3.14
N SER B 472 25.38 -8.43 4.34
CA SER B 472 26.83 -8.30 4.54
C SER B 472 27.32 -9.09 5.74
N GLN B 473 28.59 -9.51 5.69
CA GLN B 473 29.25 -10.30 6.73
C GLN B 473 29.72 -9.40 7.87
N SER B 474 30.04 -8.12 7.57
CA SER B 474 30.48 -7.14 8.54
C SER B 474 29.34 -6.24 8.98
N GLY B 475 28.41 -6.01 8.06
CA GLY B 475 27.27 -5.14 8.26
C GLY B 475 27.64 -3.68 8.04
N LEU B 476 28.88 -3.44 7.53
CA LEU B 476 29.46 -2.12 7.28
C LEU B 476 29.49 -1.33 8.62
N ASP B 477 29.63 0.00 8.58
CA ASP B 477 29.66 0.75 9.84
C ASP B 477 28.29 1.43 10.06
N LEU B 478 27.23 0.79 9.54
CA LEU B 478 25.86 1.28 9.59
C LEU B 478 25.03 0.47 10.59
N GLN B 479 23.96 1.10 11.12
CA GLN B 479 23.08 0.50 12.12
C GLN B 479 21.94 -0.30 11.48
N GLN B 480 21.23 0.32 10.51
CA GLN B 480 20.09 -0.28 9.82
C GLN B 480 20.54 -1.38 8.81
N VAL B 481 19.58 -2.19 8.32
CA VAL B 481 19.80 -3.30 7.39
C VAL B 481 18.84 -3.25 6.20
N SER B 482 17.92 -2.26 6.17
CA SER B 482 16.93 -2.13 5.11
C SER B 482 16.73 -0.67 4.67
N GLY B 483 15.99 -0.51 3.57
CA GLY B 483 15.62 0.78 3.00
C GLY B 483 16.74 1.66 2.52
N TYR B 484 17.83 1.05 2.01
CA TYR B 484 18.95 1.80 1.47
C TYR B 484 18.67 2.29 0.05
N THR B 485 17.67 1.66 -0.61
CA THR B 485 17.25 1.99 -1.96
C THR B 485 15.74 2.34 -1.96
N VAL B 486 15.37 3.32 -2.80
CA VAL B 486 13.99 3.83 -2.96
C VAL B 486 13.71 4.05 -4.43
N VAL B 487 12.44 3.84 -4.84
CA VAL B 487 11.99 4.05 -6.21
C VAL B 487 12.07 5.55 -6.50
N ALA B 488 12.75 5.94 -7.58
CA ALA B 488 12.87 7.34 -8.00
C ALA B 488 11.54 7.74 -8.65
N GLU B 489 10.53 7.99 -7.78
CA GLU B 489 9.15 8.31 -8.15
C GLU B 489 9.10 9.55 -9.04
N LYS B 490 8.59 9.35 -10.26
CA LYS B 490 8.47 10.38 -11.28
C LYS B 490 6.98 10.70 -11.49
N ILE B 491 6.26 11.07 -10.41
CA ILE B 491 4.84 11.40 -10.53
C ILE B 491 4.73 12.81 -11.13
N ASN B 492 5.76 13.64 -10.88
CA ASN B 492 6.02 14.98 -11.40
C ASN B 492 7.51 15.28 -11.16
N PHE B 493 8.11 16.18 -11.96
CA PHE B 493 9.55 16.50 -11.87
C PHE B 493 9.99 17.02 -10.50
N TYR B 494 9.17 17.84 -9.82
CA TYR B 494 9.48 18.44 -8.52
C TYR B 494 9.80 17.36 -7.48
N ARG B 495 9.00 16.28 -7.42
CA ARG B 495 9.19 15.13 -6.54
C ARG B 495 10.45 14.35 -6.96
N PHE B 496 10.65 14.21 -8.28
CA PHE B 496 11.75 13.48 -8.88
C PHE B 496 13.10 14.15 -8.59
N ILE B 497 13.22 15.47 -8.78
CA ILE B 497 14.48 16.20 -8.56
C ILE B 497 14.78 16.30 -7.05
N SER B 498 13.74 16.31 -6.18
CA SER B 498 13.91 16.40 -4.73
C SER B 498 14.52 15.10 -4.16
N HIS B 499 14.26 13.94 -4.81
CA HIS B 499 14.79 12.64 -4.41
C HIS B 499 16.31 12.65 -4.33
N PHE B 500 16.94 13.31 -5.31
CA PHE B 500 18.38 13.38 -5.45
C PHE B 500 19.01 14.49 -4.60
N ARG B 501 18.18 15.19 -3.78
CA ARG B 501 18.64 16.23 -2.87
C ARG B 501 18.19 15.91 -1.42
N MET B 502 17.50 14.77 -1.26
CA MET B 502 16.97 14.25 -0.01
C MET B 502 18.01 13.41 0.73
N VAL B 503 18.12 13.61 2.05
CA VAL B 503 19.05 12.87 2.90
C VAL B 503 18.33 12.39 4.19
N HIS B 504 18.59 11.14 4.59
CA HIS B 504 17.99 10.54 5.78
C HIS B 504 19.03 10.28 6.84
N ARG B 505 18.69 10.56 8.11
CA ARG B 505 19.53 10.35 9.28
C ARG B 505 19.79 8.84 9.45
N GLY B 506 18.75 8.04 9.26
CA GLY B 506 18.79 6.58 9.37
C GLY B 506 17.48 5.98 9.82
N SER B 507 17.16 4.77 9.33
CA SER B 507 15.94 4.01 9.64
C SER B 507 15.88 3.64 11.14
N PHE B 508 17.05 3.43 11.76
CA PHE B 508 17.21 3.10 13.18
C PHE B 508 16.77 4.28 14.07
N PHE B 509 17.07 5.52 13.63
CA PHE B 509 16.73 6.77 14.33
C PHE B 509 15.23 7.09 14.30
N ALA B 510 14.50 6.55 13.31
CA ALA B 510 13.05 6.75 13.14
C ALA B 510 12.26 6.06 14.27
N GLN B 511 12.84 5.01 14.88
CA GLN B 511 12.21 4.25 15.96
C GLN B 511 12.83 4.65 17.33
N LEU B 512 12.74 5.95 17.66
CA LEU B 512 13.25 6.53 18.91
C LEU B 512 12.30 7.59 19.47
N LYS B 513 12.25 7.70 20.82
CA LYS B 513 11.41 8.65 21.56
C LYS B 513 12.09 10.04 21.66
N THR B 514 13.39 10.12 21.31
CA THR B 514 14.20 11.34 21.32
C THR B 514 13.66 12.30 20.24
N THR B 515 13.53 13.60 20.58
CA THR B 515 13.04 14.66 19.70
C THR B 515 14.19 15.56 19.22
N THR B 516 15.37 15.48 19.89
CA THR B 516 16.58 16.25 19.59
C THR B 516 17.08 15.97 18.15
N VAL B 517 16.93 14.72 17.68
CA VAL B 517 17.30 14.27 16.34
C VAL B 517 16.49 14.98 15.25
N ARG B 518 15.17 15.17 15.47
CA ARG B 518 14.22 15.79 14.55
C ARG B 518 14.29 17.32 14.58
N LYS B 519 14.80 17.91 15.68
CA LYS B 519 14.92 19.35 15.89
C LYS B 519 15.79 20.02 14.83
N LEU B 520 15.28 21.11 14.23
CA LEU B 520 16.02 21.92 13.25
C LEU B 520 17.04 22.74 14.03
N LEU B 521 18.31 22.61 13.68
CA LEU B 521 19.40 23.24 14.41
C LEU B 521 20.12 24.36 13.61
N PRO B 522 20.78 25.34 14.29
CA PRO B 522 21.51 26.39 13.56
C PRO B 522 22.74 25.85 12.82
N GLU B 523 23.24 24.64 13.21
CA GLU B 523 24.39 23.98 12.57
C GLU B 523 24.08 23.60 11.12
N SER B 524 22.78 23.45 10.79
CA SER B 524 22.28 23.07 9.47
C SER B 524 22.22 24.25 8.47
N TRP B 525 22.42 25.52 8.95
CA TRP B 525 22.34 26.74 8.14
C TRP B 525 23.18 26.64 6.85
N GLY B 526 22.49 26.73 5.72
CA GLY B 526 23.10 26.67 4.39
C GLY B 526 23.47 25.30 3.88
N PHE B 527 23.27 24.25 4.71
CA PHE B 527 23.56 22.86 4.36
C PHE B 527 22.25 22.11 4.26
N LEU B 528 21.47 22.05 5.35
CA LEU B 528 20.15 21.42 5.39
C LEU B 528 19.08 22.50 5.34
N CYS B 529 18.12 22.36 4.42
CA CYS B 529 17.01 23.29 4.22
C CYS B 529 16.11 23.31 5.44
N PRO B 530 15.73 24.52 5.94
CA PRO B 530 14.86 24.60 7.13
C PRO B 530 13.39 24.33 6.85
N VAL B 531 12.96 24.52 5.60
CA VAL B 531 11.58 24.37 5.15
C VAL B 531 11.30 22.92 4.75
N HIS B 532 11.95 22.44 3.67
CA HIS B 532 11.76 21.14 3.04
C HIS B 532 12.04 19.92 3.94
N THR B 533 10.98 19.48 4.63
CA THR B 533 10.91 18.30 5.51
C THR B 533 9.43 17.84 5.51
N PRO B 534 9.15 16.52 5.43
CA PRO B 534 7.75 16.06 5.40
C PRO B 534 7.02 16.25 6.73
N ASP B 535 5.70 16.15 6.68
CA ASP B 535 4.82 16.26 7.83
C ASP B 535 4.57 14.85 8.40
N GLY B 536 4.42 14.76 9.71
CA GLY B 536 4.15 13.50 10.40
C GLY B 536 5.38 12.72 10.79
N SER B 537 5.39 11.40 10.52
CA SER B 537 6.47 10.47 10.85
C SER B 537 7.87 10.87 10.29
N PRO B 538 8.05 11.32 9.01
CA PRO B 538 9.41 11.65 8.56
C PRO B 538 9.87 13.08 8.90
N CYS B 539 9.13 13.80 9.78
CA CYS B 539 9.43 15.18 10.16
C CYS B 539 10.75 15.28 10.93
N GLY B 540 11.71 15.99 10.33
CA GLY B 540 13.04 16.21 10.88
C GLY B 540 14.02 15.06 10.69
N LEU B 541 13.57 14.00 10.02
CA LEU B 541 14.38 12.81 9.73
C LEU B 541 14.74 12.74 8.26
N LEU B 542 13.75 13.01 7.40
CA LEU B 542 13.89 12.99 5.94
C LEU B 542 14.13 14.41 5.43
N ASN B 543 15.33 14.95 5.69
CA ASN B 543 15.72 16.30 5.30
C ASN B 543 16.06 16.41 3.80
N HIS B 544 16.22 17.65 3.32
CA HIS B 544 16.60 18.00 1.95
C HIS B 544 17.69 19.05 2.01
N PHE B 545 18.75 18.90 1.21
CA PHE B 545 19.86 19.87 1.21
C PHE B 545 19.48 21.20 0.58
N ALA B 546 20.29 22.24 0.86
CA ALA B 546 20.17 23.56 0.26
C ALA B 546 20.57 23.46 -1.23
N HIS B 547 20.01 24.34 -2.07
CA HIS B 547 20.23 24.29 -3.53
C HIS B 547 21.71 24.58 -3.93
N LYS B 548 22.46 25.35 -3.11
CA LYS B 548 23.86 25.67 -3.42
C LYS B 548 24.85 24.76 -2.64
N CYS B 549 24.33 23.84 -1.81
CA CYS B 549 25.13 22.89 -1.03
C CYS B 549 25.70 21.80 -1.93
N ARG B 550 26.96 21.43 -1.67
CA ARG B 550 27.71 20.42 -2.42
C ARG B 550 28.32 19.41 -1.47
N ILE B 551 28.56 18.18 -1.97
CA ILE B 551 29.16 17.11 -1.18
C ILE B 551 30.45 16.65 -1.88
N SER B 552 31.55 16.57 -1.09
CA SER B 552 32.89 16.17 -1.49
C SER B 552 32.91 14.77 -2.12
N THR B 553 33.58 14.64 -3.29
CA THR B 553 33.70 13.38 -4.03
C THR B 553 35.08 12.73 -3.76
N GLN B 554 36.14 13.54 -3.52
CA GLN B 554 37.48 13.06 -3.21
C GLN B 554 38.29 14.15 -2.47
N GLN B 555 39.64 14.04 -2.44
CA GLN B 555 40.58 14.99 -1.83
C GLN B 555 41.85 15.10 -2.67
N SER B 556 42.52 16.27 -2.62
CA SER B 556 43.78 16.53 -3.33
C SER B 556 44.62 17.60 -2.61
N ASP B 557 45.93 17.72 -2.96
CA ASP B 557 46.91 18.68 -2.42
C ASP B 557 47.06 18.58 -0.88
N VAL B 558 46.40 17.59 -0.26
CA VAL B 558 46.39 17.30 1.19
C VAL B 558 47.81 17.04 1.74
N SER B 559 48.69 16.47 0.91
CA SER B 559 50.07 16.13 1.27
C SER B 559 51.00 17.37 1.29
N ARG B 560 50.60 18.47 0.63
CA ARG B 560 51.41 19.70 0.57
C ARG B 560 51.12 20.66 1.73
N ILE B 561 49.98 20.48 2.40
CA ILE B 561 49.50 21.31 3.52
C ILE B 561 50.41 21.15 4.79
N PRO B 562 50.89 19.95 5.23
CA PRO B 562 51.76 19.92 6.43
C PRO B 562 53.00 20.80 6.27
N SER B 563 53.56 20.86 5.04
CA SER B 563 54.71 21.69 4.69
C SER B 563 54.39 23.18 4.90
N ILE B 564 53.15 23.60 4.55
CA ILE B 564 52.66 24.97 4.71
C ILE B 564 52.46 25.26 6.22
N LEU B 565 51.87 24.30 6.96
CA LEU B 565 51.62 24.42 8.40
C LEU B 565 52.92 24.53 9.21
N TYR B 566 53.90 23.63 8.97
CA TYR B 566 55.21 23.63 9.65
C TYR B 566 55.94 24.97 9.45
N SER B 567 55.80 25.56 8.24
CA SER B 567 56.39 26.86 7.88
C SER B 567 55.68 28.01 8.60
N LEU B 568 54.38 27.84 8.93
CA LEU B 568 53.58 28.86 9.62
C LEU B 568 53.80 28.84 11.15
N GLY B 569 54.70 27.99 11.62
CA GLY B 569 55.08 27.89 13.03
C GLY B 569 54.55 26.70 13.80
N VAL B 570 54.03 25.68 13.10
CA VAL B 570 53.51 24.48 13.75
C VAL B 570 54.69 23.59 14.16
N ALA B 571 54.86 23.38 15.47
CA ALA B 571 55.93 22.55 16.03
C ALA B 571 55.60 21.06 15.86
N PRO B 572 56.54 20.23 15.31
CA PRO B 572 56.22 18.81 15.07
C PRO B 572 55.92 18.00 16.34
N ALA B 573 54.79 17.25 16.29
CA ALA B 573 54.24 16.41 17.36
C ALA B 573 55.23 15.34 17.84
N SER B 574 56.13 14.87 16.96
CA SER B 574 57.15 13.87 17.27
C SER B 574 58.27 14.45 18.18
N HIS B 575 58.53 15.77 18.12
CA HIS B 575 59.58 16.43 18.94
C HIS B 575 59.02 17.20 20.14
N THR B 576 57.83 17.83 20.00
CA THR B 576 57.20 18.68 21.00
C THR B 576 56.89 17.94 22.32
N PHE B 577 56.14 16.81 22.25
CA PHE B 577 55.70 15.98 23.38
C PHE B 577 55.10 16.84 24.52
N ALA B 578 53.86 17.32 24.26
CA ALA B 578 53.01 18.15 25.12
C ALA B 578 51.58 18.10 24.59
N ALA B 579 50.64 17.60 25.41
CA ALA B 579 49.23 17.45 25.01
C ALA B 579 48.26 17.95 26.09
N GLY B 580 47.06 18.35 25.65
CA GLY B 580 46.00 18.83 26.54
C GLY B 580 45.13 19.94 25.95
N PRO B 581 44.06 20.36 26.67
CA PRO B 581 43.21 21.46 26.14
C PRO B 581 43.88 22.83 26.33
N SER B 582 44.99 22.89 27.07
CA SER B 582 45.78 24.08 27.33
C SER B 582 46.57 24.52 26.09
N LEU B 583 46.76 23.59 25.12
CA LEU B 583 47.49 23.84 23.85
C LEU B 583 46.65 23.41 22.64
N CYS B 584 46.88 24.08 21.50
CA CYS B 584 46.19 23.81 20.23
C CYS B 584 46.83 22.62 19.51
N CYS B 585 46.00 21.68 19.04
CA CYS B 585 46.42 20.49 18.31
C CYS B 585 46.11 20.65 16.82
N VAL B 586 47.13 20.55 15.95
CA VAL B 586 46.95 20.69 14.51
C VAL B 586 46.80 19.30 13.86
N GLN B 587 45.70 19.09 13.13
CA GLN B 587 45.38 17.83 12.45
C GLN B 587 44.93 18.04 10.99
N ILE B 588 45.34 17.15 10.09
CA ILE B 588 44.94 17.17 8.67
C ILE B 588 44.34 15.80 8.33
N ASP B 589 43.00 15.74 8.23
CA ASP B 589 42.18 14.54 7.98
C ASP B 589 42.43 13.48 9.07
N GLY B 590 42.40 13.94 10.32
CA GLY B 590 42.62 13.11 11.50
C GLY B 590 44.06 12.73 11.74
N LYS B 591 45.00 13.33 10.99
CA LYS B 591 46.44 13.07 11.16
C LYS B 591 47.05 14.22 11.96
N ILE B 592 47.28 13.97 13.27
CA ILE B 592 47.90 14.93 14.20
C ILE B 592 49.34 15.16 13.71
N ILE B 593 49.61 16.38 13.24
CA ILE B 593 50.91 16.74 12.67
C ILE B 593 51.78 17.57 13.63
N GLY B 594 51.15 18.38 14.49
CA GLY B 594 51.91 19.20 15.43
C GLY B 594 51.15 19.85 16.57
N TRP B 595 51.86 20.72 17.33
CA TRP B 595 51.34 21.45 18.49
C TRP B 595 51.71 22.93 18.45
N VAL B 596 50.77 23.80 18.82
CA VAL B 596 50.92 25.26 18.89
C VAL B 596 50.10 25.85 20.06
N SER B 597 50.28 27.16 20.32
CA SER B 597 49.52 27.89 21.32
C SER B 597 48.17 28.25 20.72
N HIS B 598 47.14 28.50 21.56
CA HIS B 598 45.79 28.85 21.08
C HIS B 598 45.77 30.22 20.41
N GLU B 599 46.66 31.13 20.84
CA GLU B 599 46.83 32.48 20.30
C GLU B 599 47.28 32.37 18.84
N GLN B 600 48.34 31.55 18.61
CA GLN B 600 48.94 31.28 17.30
C GLN B 600 48.01 30.40 16.45
N GLY B 601 47.23 29.54 17.11
CA GLY B 601 46.25 28.64 16.50
C GLY B 601 45.27 29.34 15.59
N LYS B 602 44.73 30.50 16.04
CA LYS B 602 43.79 31.29 15.24
C LYS B 602 44.55 32.00 14.12
N ILE B 603 45.77 32.51 14.40
CA ILE B 603 46.64 33.22 13.44
C ILE B 603 46.88 32.32 12.21
N ILE B 604 47.21 31.03 12.43
CA ILE B 604 47.45 30.05 11.37
C ILE B 604 46.13 29.82 10.57
N ALA B 605 45.01 29.62 11.29
CA ALA B 605 43.66 29.37 10.75
C ALA B 605 43.17 30.53 9.85
N ASP B 606 43.45 31.79 10.25
CA ASP B 606 43.05 32.97 9.48
C ASP B 606 43.96 33.18 8.26
N THR B 607 45.29 32.99 8.43
CA THR B 607 46.26 33.15 7.34
C THR B 607 46.12 32.04 6.29
N LEU B 608 45.69 30.83 6.69
CA LEU B 608 45.47 29.71 5.77
C LEU B 608 44.32 30.04 4.82
N ARG B 609 43.19 30.55 5.36
CA ARG B 609 42.01 30.96 4.60
C ARG B 609 42.35 32.04 3.56
N TYR B 610 43.27 32.97 3.92
CA TYR B 610 43.73 34.05 3.05
C TYR B 610 44.45 33.50 1.81
N TRP B 611 45.46 32.60 2.00
CA TRP B 611 46.20 31.99 0.90
C TRP B 611 45.35 30.93 0.16
N LYS B 612 44.22 30.50 0.77
CA LYS B 612 43.30 29.52 0.20
C LYS B 612 42.47 30.14 -0.93
N VAL B 613 41.84 31.32 -0.68
CA VAL B 613 40.98 32.04 -1.63
C VAL B 613 41.84 32.68 -2.76
N GLU B 614 43.12 32.99 -2.45
CA GLU B 614 44.08 33.56 -3.39
C GLU B 614 44.62 32.44 -4.29
N GLY B 615 44.45 32.60 -5.60
CA GLY B 615 44.89 31.62 -6.59
C GLY B 615 46.39 31.56 -6.82
N LYS B 616 47.18 32.21 -5.95
CA LYS B 616 48.63 32.27 -6.00
C LYS B 616 49.30 31.05 -5.34
N THR B 617 48.61 30.38 -4.39
CA THR B 617 49.13 29.21 -3.66
C THR B 617 48.73 27.90 -4.39
N PRO B 618 49.72 27.05 -4.78
CA PRO B 618 49.38 25.82 -5.51
C PRO B 618 49.00 24.62 -4.63
N GLY B 619 49.57 24.53 -3.41
CA GLY B 619 49.32 23.43 -2.48
C GLY B 619 48.11 23.50 -1.58
N LEU B 620 47.37 24.63 -1.60
CA LEU B 620 46.20 24.85 -0.75
C LEU B 620 44.90 24.92 -1.59
N PRO B 621 44.05 23.87 -1.55
CA PRO B 621 42.81 23.90 -2.36
C PRO B 621 41.70 24.72 -1.71
N ILE B 622 40.86 25.36 -2.53
CA ILE B 622 39.74 26.21 -2.10
C ILE B 622 38.65 25.39 -1.36
N ASP B 623 38.49 24.09 -1.69
CA ASP B 623 37.48 23.21 -1.09
C ASP B 623 37.88 22.70 0.32
N LEU B 624 39.09 23.06 0.81
CA LEU B 624 39.59 22.66 2.12
C LEU B 624 38.77 23.28 3.27
N GLU B 625 38.52 22.47 4.32
CA GLU B 625 37.80 22.87 5.52
C GLU B 625 38.81 23.19 6.63
N ILE B 626 38.78 24.42 7.15
CA ILE B 626 39.71 24.83 8.22
C ILE B 626 38.92 24.99 9.51
N GLY B 627 38.76 23.88 10.22
CA GLY B 627 38.02 23.82 11.47
C GLY B 627 38.82 24.24 12.68
N TYR B 628 38.74 25.53 13.03
CA TYR B 628 39.41 26.07 14.21
C TYR B 628 38.45 26.08 15.39
N VAL B 629 38.92 25.61 16.55
CA VAL B 629 38.14 25.57 17.79
C VAL B 629 38.88 26.37 18.88
N PRO B 630 38.44 27.61 19.21
CA PRO B 630 39.14 28.41 20.24
C PRO B 630 38.98 27.83 21.65
N PRO B 631 39.88 28.16 22.61
CA PRO B 631 39.72 27.63 23.98
C PRO B 631 38.57 28.31 24.71
N SER B 632 37.85 27.54 25.53
CA SER B 632 36.69 28.05 26.25
C SER B 632 36.61 27.46 27.65
N THR B 633 35.73 28.04 28.49
CA THR B 633 35.50 27.58 29.86
C THR B 633 34.40 26.52 29.79
N ARG B 634 34.81 25.23 29.89
CA ARG B 634 33.98 24.01 29.84
C ARG B 634 33.20 23.87 28.50
N GLY B 635 33.81 24.32 27.40
CA GLY B 635 33.26 24.21 26.05
C GLY B 635 33.85 23.06 25.26
N GLN B 636 33.75 23.11 23.91
CA GLN B 636 34.26 22.08 23.00
C GLN B 636 35.78 21.95 23.10
N TYR B 637 36.31 20.72 22.85
CA TYR B 637 37.75 20.44 22.87
C TYR B 637 38.45 21.29 21.81
N PRO B 638 39.41 22.14 22.21
CA PRO B 638 40.05 23.03 21.23
C PRO B 638 41.05 22.32 20.31
N GLY B 639 41.31 22.95 19.16
CA GLY B 639 42.24 22.46 18.15
C GLY B 639 42.04 23.04 16.77
N LEU B 640 42.98 22.74 15.85
CA LEU B 640 42.96 23.16 14.46
C LEU B 640 42.74 21.92 13.59
N TYR B 641 41.50 21.41 13.58
CA TYR B 641 41.14 20.20 12.85
C TYR B 641 40.80 20.52 11.39
N LEU B 642 41.78 20.38 10.49
CA LEU B 642 41.61 20.60 9.06
C LEU B 642 41.06 19.35 8.39
N PHE B 643 40.27 19.53 7.31
CA PHE B 643 39.66 18.44 6.55
C PHE B 643 39.68 18.72 5.06
N GLY B 644 39.85 17.66 4.27
CA GLY B 644 39.86 17.74 2.81
C GLY B 644 39.17 16.58 2.12
N GLY B 645 38.96 15.49 2.87
CA GLY B 645 38.37 14.23 2.41
C GLY B 645 37.00 14.25 1.78
N HIS B 646 36.55 13.07 1.32
CA HIS B 646 35.25 12.83 0.67
C HIS B 646 34.07 13.10 1.62
N SER B 647 32.84 12.99 1.08
CA SER B 647 31.55 13.04 1.80
C SER B 647 31.26 14.36 2.59
N ARG B 648 32.23 15.29 2.70
CA ARG B 648 32.08 16.56 3.44
C ARG B 648 31.00 17.46 2.86
N MET B 649 30.25 18.15 3.73
CA MET B 649 29.22 19.12 3.33
C MET B 649 29.92 20.45 3.08
N LEU B 650 29.70 21.03 1.89
CA LEU B 650 30.36 22.28 1.50
C LEU B 650 29.37 23.27 0.91
N ARG B 651 29.60 24.59 1.11
CA ARG B 651 28.75 25.64 0.56
C ARG B 651 29.54 26.92 0.23
N PRO B 652 29.17 27.66 -0.85
CA PRO B 652 29.93 28.87 -1.18
C PRO B 652 29.44 30.12 -0.43
N VAL B 653 30.40 30.96 0.01
CA VAL B 653 30.17 32.24 0.71
C VAL B 653 31.18 33.28 0.17
N ARG B 654 30.90 34.57 0.37
CA ARG B 654 31.78 35.66 -0.08
C ARG B 654 32.73 36.05 1.06
N TYR B 655 34.05 35.83 0.87
CA TYR B 655 35.09 36.18 1.85
C TYR B 655 35.37 37.68 1.74
N LEU B 656 35.09 38.43 2.83
CA LEU B 656 35.19 39.89 2.95
C LEU B 656 36.54 40.44 2.41
N PRO B 657 37.75 40.06 2.92
CA PRO B 657 38.98 40.54 2.27
C PRO B 657 39.14 39.86 0.90
N LEU B 658 39.60 40.61 -0.14
CA LEU B 658 39.77 40.16 -1.54
C LEU B 658 38.44 40.14 -2.33
N ASP B 659 37.29 39.94 -1.63
CA ASP B 659 35.94 39.85 -2.21
C ASP B 659 35.92 38.69 -3.22
N LYS B 660 36.09 37.47 -2.71
CA LYS B 660 36.15 36.24 -3.51
C LYS B 660 35.39 35.10 -2.82
N GLU B 661 35.01 34.07 -3.60
CA GLU B 661 34.28 32.89 -3.11
C GLU B 661 35.15 32.04 -2.18
N ASP B 662 34.53 31.52 -1.11
CA ASP B 662 35.14 30.62 -0.13
C ASP B 662 34.18 29.46 0.17
N ILE B 663 34.74 28.25 0.29
CA ILE B 663 33.98 27.03 0.56
C ILE B 663 34.04 26.74 2.07
N VAL B 664 32.86 26.60 2.71
CA VAL B 664 32.70 26.39 4.17
C VAL B 664 31.95 25.09 4.49
N GLY B 665 32.42 24.41 5.53
CA GLY B 665 31.84 23.17 6.06
C GLY B 665 31.03 23.40 7.33
N PRO B 666 30.20 22.42 7.78
CA PRO B 666 29.38 22.64 8.98
C PRO B 666 30.16 22.64 10.29
N PHE B 667 31.35 21.98 10.33
CA PHE B 667 32.20 21.93 11.51
C PHE B 667 32.82 23.31 11.80
N GLU B 668 33.48 23.91 10.79
CA GLU B 668 34.15 25.21 10.90
C GLU B 668 33.19 26.40 11.05
N GLN B 669 31.96 26.30 10.50
CA GLN B 669 30.95 27.37 10.52
C GLN B 669 30.52 27.80 11.92
N VAL B 670 30.43 26.84 12.86
CA VAL B 670 30.01 27.03 14.25
C VAL B 670 30.69 28.24 14.90
N TYR B 671 32.00 28.43 14.67
CA TYR B 671 32.75 29.54 15.27
C TYR B 671 32.93 30.71 14.28
N MET B 672 32.47 30.54 13.02
CA MET B 672 32.55 31.55 11.97
C MET B 672 31.40 32.57 12.00
N ASN B 673 31.72 33.85 11.73
CA ASN B 673 30.78 34.96 11.71
C ASN B 673 30.45 35.37 10.27
N ILE B 674 29.36 34.80 9.71
CA ILE B 674 28.93 35.03 8.32
C ILE B 674 27.64 35.86 8.28
N ALA B 675 27.75 37.15 7.88
CA ALA B 675 26.59 38.05 7.73
C ALA B 675 25.67 37.57 6.62
N VAL B 676 24.36 37.82 6.75
CA VAL B 676 23.40 37.39 5.73
C VAL B 676 23.43 38.37 4.54
N THR B 677 23.09 39.65 4.79
CA THR B 677 23.10 40.68 3.77
C THR B 677 24.32 41.59 3.97
N PRO B 678 24.92 42.18 2.88
CA PRO B 678 26.11 43.04 3.06
C PRO B 678 25.86 44.27 3.95
N GLN B 679 24.61 44.74 4.05
CA GLN B 679 24.27 45.91 4.88
C GLN B 679 24.28 45.56 6.38
N GLU B 680 24.24 44.26 6.73
CA GLU B 680 24.24 43.80 8.12
C GLU B 680 25.65 43.46 8.63
N ILE B 681 26.70 43.75 7.84
CA ILE B 681 28.10 43.48 8.22
C ILE B 681 28.52 44.42 9.35
N GLN B 682 28.88 43.86 10.52
CA GLN B 682 29.34 44.60 11.69
C GLN B 682 30.87 44.55 11.75
N ASN B 683 31.52 45.68 12.08
CA ASN B 683 32.97 45.79 12.16
C ASN B 683 33.53 44.94 13.32
N ASN B 684 34.76 44.42 13.13
CA ASN B 684 35.55 43.62 14.07
C ASN B 684 34.86 42.31 14.57
N VAL B 685 33.65 41.98 14.07
CA VAL B 685 32.93 40.77 14.50
C VAL B 685 32.33 39.99 13.29
N HIS B 686 32.85 40.22 12.07
CA HIS B 686 32.39 39.54 10.84
C HIS B 686 33.56 39.31 9.90
N THR B 687 33.65 38.07 9.35
CA THR B 687 34.72 37.69 8.43
C THR B 687 34.18 37.32 7.04
N HIS B 688 32.90 36.89 6.96
CA HIS B 688 32.25 36.48 5.71
C HIS B 688 30.83 37.04 5.56
N VAL B 689 30.29 36.95 4.33
CA VAL B 689 28.93 37.38 3.98
C VAL B 689 28.37 36.39 2.94
N GLU B 690 27.05 36.19 2.95
CA GLU B 690 26.35 35.31 2.01
C GLU B 690 26.22 35.97 0.65
N PHE B 691 26.21 35.17 -0.42
CA PHE B 691 26.02 35.68 -1.78
C PHE B 691 24.57 36.14 -1.95
N THR B 692 23.63 35.25 -1.58
CA THR B 692 22.17 35.42 -1.59
C THR B 692 21.62 34.60 -0.43
N PRO B 693 20.62 35.07 0.36
CA PRO B 693 20.10 34.24 1.46
C PRO B 693 19.35 33.01 0.95
N THR B 694 19.02 32.99 -0.36
CA THR B 694 18.33 31.90 -1.05
C THR B 694 19.16 30.61 -1.06
N ASN B 695 20.47 30.74 -0.75
CA ASN B 695 21.44 29.66 -0.68
C ASN B 695 21.15 28.71 0.51
N ILE B 696 20.37 29.15 1.50
CA ILE B 696 20.06 28.32 2.69
C ILE B 696 18.84 27.41 2.45
N LEU B 697 18.04 27.68 1.39
CA LEU B 697 16.83 26.92 1.07
C LEU B 697 17.07 25.86 -0.03
N SER B 698 16.18 24.84 -0.10
CA SER B 698 16.19 23.79 -1.11
C SER B 698 15.71 24.35 -2.47
N ILE B 699 15.63 23.50 -3.51
CA ILE B 699 15.14 23.91 -4.83
C ILE B 699 13.64 24.25 -4.71
N LEU B 700 12.84 23.30 -4.17
CA LEU B 700 11.40 23.42 -3.96
C LEU B 700 11.03 24.55 -2.99
N ALA B 701 11.87 24.81 -1.98
CA ALA B 701 11.66 25.87 -0.99
C ALA B 701 11.89 27.25 -1.62
N ASN B 702 12.83 27.33 -2.58
CA ASN B 702 13.14 28.57 -3.30
C ASN B 702 12.04 28.88 -4.31
N LEU B 703 11.47 27.85 -4.94
CA LEU B 703 10.42 27.94 -5.95
C LEU B 703 9.11 28.51 -5.39
N THR B 704 8.90 28.44 -4.06
CA THR B 704 7.70 28.96 -3.38
C THR B 704 7.71 30.50 -3.43
N PRO B 705 6.68 31.12 -4.08
CA PRO B 705 6.64 32.59 -4.19
C PRO B 705 6.33 33.28 -2.87
N PHE B 706 7.08 34.37 -2.58
CA PHE B 706 6.96 35.22 -1.39
C PHE B 706 6.89 34.40 -0.08
N SER B 707 7.74 33.36 0.05
CA SER B 707 7.79 32.47 1.21
C SER B 707 8.12 33.21 2.52
N ASP B 708 8.73 34.40 2.42
CA ASP B 708 9.07 35.25 3.56
C ASP B 708 7.85 36.07 4.04
N PHE B 709 6.65 35.76 3.49
CA PHE B 709 5.37 36.40 3.84
C PHE B 709 4.35 35.37 4.31
N ASN B 710 4.71 34.08 4.22
CA ASN B 710 3.85 32.97 4.66
C ASN B 710 4.26 32.46 6.02
N GLN B 711 3.31 31.84 6.73
CA GLN B 711 3.56 31.22 8.03
C GLN B 711 4.36 29.93 7.80
N SER B 712 5.35 29.67 8.68
CA SER B 712 6.30 28.55 8.65
C SER B 712 5.71 27.19 8.18
N PRO B 713 4.63 26.62 8.77
CA PRO B 713 4.17 25.29 8.33
C PRO B 713 3.51 25.25 6.96
N ARG B 714 3.11 26.41 6.42
CA ARG B 714 2.46 26.50 5.10
C ARG B 714 3.50 26.39 3.99
N ASN B 715 4.73 26.91 4.23
CA ASN B 715 5.86 26.84 3.32
C ASN B 715 6.35 25.41 3.21
N MET B 716 6.31 24.70 4.35
CA MET B 716 6.69 23.30 4.50
C MET B 716 5.71 22.41 3.75
N TYR B 717 4.40 22.69 3.91
CA TYR B 717 3.30 21.95 3.29
C TYR B 717 3.30 22.09 1.76
N GLN B 718 3.78 23.24 1.25
CA GLN B 718 3.87 23.51 -0.19
C GLN B 718 4.89 22.57 -0.85
N CYS B 719 6.01 22.29 -0.16
CA CYS B 719 7.03 21.37 -0.66
C CYS B 719 6.42 20.00 -0.87
N GLN B 720 5.59 19.55 0.10
CA GLN B 720 4.89 18.28 0.07
C GLN B 720 3.79 18.30 -1.00
N MET B 721 3.18 19.48 -1.22
CA MET B 721 2.11 19.68 -2.20
C MET B 721 2.65 19.61 -3.64
N GLY B 722 3.68 20.40 -3.94
CA GLY B 722 4.33 20.43 -5.25
C GLY B 722 4.85 19.06 -5.66
N LYS B 723 5.15 18.23 -4.65
CA LYS B 723 5.63 16.86 -4.78
C LYS B 723 4.49 15.91 -5.15
N GLN B 724 3.25 16.25 -4.74
CA GLN B 724 2.05 15.44 -4.94
C GLN B 724 1.16 15.97 -6.10
N THR B 725 1.62 17.01 -6.80
CA THR B 725 0.85 17.63 -7.89
C THR B 725 0.89 16.83 -9.17
N MET B 726 -0.20 16.88 -9.93
CA MET B 726 -0.34 16.27 -11.23
C MET B 726 0.17 17.31 -12.23
N GLY B 727 1.48 17.22 -12.51
CA GLY B 727 2.18 18.12 -13.41
C GLY B 727 2.71 17.37 -14.62
N THR B 728 4.00 17.58 -14.95
CA THR B 728 4.63 16.93 -16.10
C THR B 728 5.73 15.94 -15.62
N PRO B 729 5.52 14.62 -15.79
CA PRO B 729 6.54 13.66 -15.36
C PRO B 729 7.64 13.44 -16.41
N GLY B 730 7.49 14.07 -17.57
CA GLY B 730 8.41 13.97 -18.70
C GLY B 730 7.68 14.12 -20.02
N VAL B 731 8.45 14.25 -21.11
CA VAL B 731 7.93 14.42 -22.47
C VAL B 731 8.29 13.22 -23.37
N ALA B 732 9.19 12.33 -22.90
CA ALA B 732 9.64 11.13 -23.61
C ALA B 732 8.81 9.88 -23.22
N LEU B 733 7.55 10.12 -22.81
CA LEU B 733 6.59 9.12 -22.31
C LEU B 733 6.26 8.02 -23.34
N CYS B 734 6.30 8.33 -24.66
CA CYS B 734 5.99 7.36 -25.72
C CYS B 734 7.08 6.28 -25.83
N HIS B 735 8.15 6.37 -25.00
CA HIS B 735 9.25 5.41 -24.95
C HIS B 735 9.45 4.88 -23.51
N ARG B 736 8.42 5.07 -22.66
CA ARG B 736 8.44 4.65 -21.25
C ARG B 736 7.42 3.51 -21.03
N SER B 737 7.44 2.88 -19.84
CA SER B 737 6.52 1.80 -19.45
C SER B 737 6.39 1.71 -17.91
N ASP B 738 6.28 2.89 -17.26
CA ASP B 738 6.18 3.04 -15.81
C ASP B 738 4.84 2.58 -15.25
N ASN B 739 4.85 2.07 -13.98
CA ASN B 739 3.68 1.56 -13.21
C ASN B 739 2.47 2.46 -13.42
N LYS B 740 2.62 3.78 -13.11
CA LYS B 740 1.61 4.80 -13.30
C LYS B 740 2.24 6.19 -13.37
N LEU B 741 1.69 7.04 -14.27
CA LEU B 741 2.12 8.41 -14.48
C LEU B 741 0.93 9.36 -14.48
N TYR B 742 1.11 10.56 -13.93
CA TYR B 742 0.09 11.59 -13.87
C TYR B 742 0.53 12.78 -14.73
N ARG B 743 -0.25 13.12 -15.78
CA ARG B 743 0.14 14.18 -16.70
C ARG B 743 -0.91 15.28 -16.86
N LEU B 744 -0.54 16.53 -16.51
CA LEU B 744 -1.37 17.72 -16.71
C LEU B 744 -1.30 18.06 -18.19
N GLN B 745 -2.44 18.13 -18.88
CA GLN B 745 -2.47 18.43 -20.31
C GLN B 745 -2.08 19.87 -20.63
N THR B 746 -2.72 20.84 -19.96
CA THR B 746 -2.50 22.27 -20.20
C THR B 746 -1.59 22.90 -19.12
N GLY B 747 -0.29 22.76 -19.31
CA GLY B 747 0.71 23.36 -18.43
C GLY B 747 0.88 24.83 -18.73
N GLN B 748 1.17 25.65 -17.70
CA GLN B 748 1.33 27.09 -17.89
C GLN B 748 2.52 27.65 -17.08
N THR B 749 3.23 28.67 -17.63
CA THR B 749 4.37 29.29 -16.95
C THR B 749 3.90 30.30 -15.90
N PRO B 750 4.42 30.25 -14.65
CA PRO B 750 3.98 31.22 -13.65
C PRO B 750 4.38 32.67 -13.96
N ILE B 751 3.44 33.61 -13.79
CA ILE B 751 3.68 35.03 -13.94
C ILE B 751 4.49 35.45 -12.71
N VAL B 752 4.03 35.01 -11.53
CA VAL B 752 4.69 35.22 -10.24
C VAL B 752 5.59 34.04 -10.02
N LYS B 753 6.91 34.26 -9.97
CA LYS B 753 7.88 33.18 -9.81
C LYS B 753 9.20 33.68 -9.28
N ALA B 754 9.95 32.77 -8.63
CA ALA B 754 11.30 33.07 -8.21
C ALA B 754 12.16 32.89 -9.43
N ASN B 755 13.24 33.66 -9.60
CA ASN B 755 14.04 33.55 -10.81
C ASN B 755 14.77 32.19 -10.91
N LEU B 756 14.91 31.46 -9.79
CA LEU B 756 15.55 30.14 -9.76
C LEU B 756 14.72 29.07 -10.51
N TYR B 757 13.45 29.39 -10.84
CA TYR B 757 12.53 28.52 -11.60
C TYR B 757 13.09 28.32 -13.02
N ASP B 758 13.72 29.36 -13.58
CA ASP B 758 14.34 29.35 -14.89
C ASP B 758 15.72 28.71 -14.83
N ASP B 759 16.45 28.94 -13.72
CA ASP B 759 17.78 28.39 -13.47
C ASP B 759 17.77 26.85 -13.43
N TYR B 760 16.62 26.26 -13.07
CA TYR B 760 16.43 24.81 -13.03
C TYR B 760 15.59 24.36 -14.22
N GLY B 761 15.28 25.30 -15.13
CA GLY B 761 14.49 25.07 -16.34
C GLY B 761 13.20 24.34 -16.11
N MET B 762 12.47 24.73 -15.05
CA MET B 762 11.22 24.12 -14.62
C MET B 762 10.10 24.30 -15.65
N ASP B 763 10.33 25.15 -16.68
CA ASP B 763 9.37 25.36 -17.76
C ASP B 763 9.30 24.12 -18.66
N ASN B 764 10.31 23.23 -18.58
CA ASN B 764 10.36 21.95 -19.29
C ASN B 764 9.31 20.99 -18.71
N PHE B 765 8.92 21.21 -17.44
CA PHE B 765 7.95 20.39 -16.73
C PHE B 765 6.95 21.28 -15.94
N PRO B 766 5.92 21.88 -16.59
CA PRO B 766 4.97 22.73 -15.84
C PRO B 766 4.20 21.90 -14.81
N ASN B 767 4.04 22.46 -13.59
CA ASN B 767 3.41 21.80 -12.46
C ASN B 767 1.99 22.29 -12.17
N GLY B 768 1.62 23.42 -12.78
CA GLY B 768 0.30 24.01 -12.58
C GLY B 768 -0.19 24.87 -13.72
N PHE B 769 -1.05 25.83 -13.39
CA PHE B 769 -1.73 26.76 -14.30
C PHE B 769 -2.07 28.07 -13.59
N ASN B 770 -2.04 29.19 -14.34
CA ASN B 770 -2.39 30.50 -13.81
C ASN B 770 -3.91 30.67 -13.92
N ALA B 771 -4.58 30.81 -12.77
CA ALA B 771 -6.04 30.90 -12.67
C ALA B 771 -6.52 32.21 -12.07
N VAL B 772 -7.72 32.67 -12.50
CA VAL B 772 -8.36 33.86 -11.94
C VAL B 772 -9.00 33.40 -10.63
N VAL B 773 -8.40 33.79 -9.51
CA VAL B 773 -8.86 33.37 -8.19
C VAL B 773 -9.42 34.56 -7.43
N ALA B 774 -10.67 34.43 -6.98
CA ALA B 774 -11.35 35.44 -6.17
C ALA B 774 -11.51 34.94 -4.73
N VAL B 775 -11.01 35.73 -3.76
CA VAL B 775 -11.11 35.43 -2.33
C VAL B 775 -12.53 35.84 -1.95
N ILE B 776 -13.50 34.93 -2.11
CA ILE B 776 -14.90 35.28 -1.89
C ILE B 776 -15.69 34.12 -1.24
N SER B 777 -16.66 34.49 -0.38
CA SER B 777 -17.61 33.58 0.23
C SER B 777 -18.92 33.95 -0.40
N TYR B 778 -19.34 33.17 -1.40
CA TYR B 778 -20.50 33.49 -2.21
C TYR B 778 -21.43 32.27 -2.39
N THR B 779 -20.89 31.14 -2.88
CA THR B 779 -21.64 29.92 -3.19
C THR B 779 -22.25 29.28 -1.93
N GLY B 780 -21.47 29.23 -0.85
CA GLY B 780 -21.88 28.63 0.41
C GLY B 780 -21.41 27.21 0.55
N TYR B 781 -20.84 26.66 -0.53
CA TYR B 781 -20.30 25.30 -0.59
C TYR B 781 -18.79 25.29 -0.27
N ASP B 782 -18.15 26.47 -0.31
CA ASP B 782 -16.73 26.66 0.03
C ASP B 782 -16.63 27.11 1.48
N MET B 783 -15.88 26.38 2.34
CA MET B 783 -15.70 26.73 3.76
C MET B 783 -14.61 25.88 4.43
N ASP B 784 -13.42 26.53 4.67
CA ASP B 784 -12.19 26.08 5.36
C ASP B 784 -11.35 25.09 4.52
N ASP B 785 -11.88 23.90 4.22
CA ASP B 785 -11.14 22.89 3.49
C ASP B 785 -11.77 22.62 2.12
N ALA B 786 -12.78 23.41 1.73
CA ALA B 786 -13.47 23.23 0.45
C ALA B 786 -13.40 24.47 -0.43
N MET B 787 -13.08 24.27 -1.71
CA MET B 787 -13.00 25.35 -2.70
C MET B 787 -13.84 25.01 -3.94
N ILE B 788 -14.28 26.05 -4.67
CA ILE B 788 -15.16 25.97 -5.84
C ILE B 788 -14.37 26.15 -7.13
N ILE B 789 -14.67 25.31 -8.13
CA ILE B 789 -14.08 25.36 -9.47
C ILE B 789 -15.19 25.78 -10.46
N ASN B 790 -14.86 26.62 -11.44
CA ASN B 790 -15.82 27.10 -12.43
C ASN B 790 -16.16 25.97 -13.41
N LYS B 791 -17.49 25.75 -13.67
CA LYS B 791 -18.02 24.72 -14.56
C LYS B 791 -17.53 25.01 -15.97
N SER B 792 -17.83 26.21 -16.52
CA SER B 792 -17.42 26.64 -17.86
C SER B 792 -15.89 26.60 -18.04
N ALA B 793 -15.11 26.72 -16.95
CA ALA B 793 -13.65 26.61 -17.01
C ALA B 793 -13.29 25.15 -17.22
N ASP B 794 -13.87 24.24 -16.39
CA ASP B 794 -13.68 22.79 -16.47
C ASP B 794 -14.11 22.29 -17.85
N GLU B 795 -15.25 22.81 -18.39
CA GLU B 795 -15.77 22.45 -19.71
C GLU B 795 -14.78 22.86 -20.82
N ARG B 796 -13.95 23.90 -20.56
CA ARG B 796 -12.97 24.43 -21.52
C ARG B 796 -11.57 23.77 -21.39
N GLY B 797 -11.46 22.74 -20.54
CA GLY B 797 -10.23 21.99 -20.34
C GLY B 797 -9.28 22.49 -19.26
N PHE B 798 -9.80 23.28 -18.32
CA PHE B 798 -9.03 23.84 -17.21
C PHE B 798 -8.73 22.76 -16.17
N GLY B 799 -7.45 22.54 -15.91
CA GLY B 799 -6.96 21.56 -14.95
C GLY B 799 -7.20 20.11 -15.33
N TYR B 800 -7.38 19.84 -16.64
CA TYR B 800 -7.60 18.50 -17.15
C TYR B 800 -6.31 17.72 -17.10
N GLY B 801 -6.42 16.46 -16.66
CA GLY B 801 -5.31 15.55 -16.57
C GLY B 801 -5.62 14.16 -17.07
N THR B 802 -4.56 13.37 -17.33
CA THR B 802 -4.65 11.99 -17.78
C THR B 802 -3.70 11.12 -16.93
N MET B 803 -4.03 9.84 -16.77
CA MET B 803 -3.23 8.93 -15.97
C MET B 803 -2.91 7.67 -16.76
N TYR B 804 -1.61 7.36 -16.91
CA TYR B 804 -1.13 6.21 -17.66
C TYR B 804 -0.71 5.08 -16.73
N LYS B 805 -1.21 3.86 -16.98
CA LYS B 805 -0.92 2.64 -16.19
C LYS B 805 -0.40 1.54 -17.11
N THR B 806 0.75 0.91 -16.78
CA THR B 806 1.28 -0.15 -17.63
C THR B 806 1.19 -1.53 -16.95
N GLU B 807 0.87 -2.55 -17.75
CA GLU B 807 0.75 -3.95 -17.32
C GLU B 807 1.67 -4.84 -18.13
N LYS B 808 2.27 -5.84 -17.47
CA LYS B 808 3.15 -6.82 -18.10
C LYS B 808 2.43 -8.17 -18.13
N VAL B 809 2.13 -8.67 -19.35
CA VAL B 809 1.47 -9.95 -19.52
C VAL B 809 2.55 -10.96 -19.92
N ASP B 810 3.11 -11.65 -18.93
CA ASP B 810 4.17 -12.64 -19.12
C ASP B 810 3.60 -14.04 -19.04
N LEU B 811 4.00 -14.81 -20.05
CA LEU B 811 3.59 -16.19 -20.31
C LEU B 811 4.59 -17.19 -19.74
N ALA B 812 5.56 -16.66 -19.01
CA ALA B 812 6.59 -17.42 -18.32
C ALA B 812 6.19 -17.64 -16.85
N LEU B 813 4.93 -17.30 -16.54
CA LEU B 813 4.37 -17.41 -15.21
C LEU B 813 4.44 -18.84 -14.74
N ASN B 814 4.15 -19.84 -15.58
CA ASN B 814 4.30 -21.15 -14.95
C ASN B 814 5.54 -21.90 -15.42
N ARG B 815 5.81 -21.83 -16.72
CA ARG B 815 6.96 -22.52 -17.30
C ARG B 815 8.28 -21.99 -16.77
N ASN B 816 9.20 -22.92 -16.49
CA ASN B 816 10.52 -22.55 -16.01
C ASN B 816 11.56 -23.56 -16.50
N ARG B 817 12.81 -23.13 -16.57
CA ARG B 817 13.92 -23.98 -17.01
C ARG B 817 13.68 -24.62 -18.38
N GLY B 818 13.18 -23.81 -19.32
CA GLY B 818 12.93 -24.26 -20.68
C GLY B 818 11.98 -25.42 -20.90
N ASP B 819 10.91 -25.48 -20.12
CA ASP B 819 9.91 -26.54 -20.26
C ASP B 819 9.10 -26.32 -21.53
N PRO B 820 8.52 -27.38 -22.09
CA PRO B 820 7.69 -27.23 -23.29
C PRO B 820 6.49 -26.37 -22.93
N ILE B 821 6.06 -25.48 -23.82
CA ILE B 821 4.95 -24.59 -23.51
C ILE B 821 3.65 -24.96 -24.21
N THR B 822 2.56 -24.94 -23.44
CA THR B 822 1.22 -25.20 -23.94
C THR B 822 0.51 -23.90 -24.34
N GLN B 823 1.19 -22.78 -24.22
CA GLN B 823 0.56 -21.44 -24.29
C GLN B 823 1.07 -20.66 -25.50
N HIS B 824 0.28 -19.71 -26.00
CA HIS B 824 0.69 -18.97 -27.20
C HIS B 824 -0.26 -17.81 -27.48
N PHE B 825 0.30 -16.59 -27.72
CA PHE B 825 -0.47 -15.39 -28.01
C PHE B 825 -1.23 -15.54 -29.32
N GLY B 826 -2.52 -15.28 -29.26
CA GLY B 826 -3.42 -15.39 -30.41
C GLY B 826 -4.71 -16.12 -30.08
N PHE B 827 -5.32 -16.74 -31.11
CA PHE B 827 -6.57 -17.48 -30.95
C PHE B 827 -6.44 -18.90 -31.49
N GLY B 828 -6.93 -19.86 -30.70
CA GLY B 828 -6.95 -21.27 -31.06
C GLY B 828 -8.08 -21.59 -32.01
N ASN B 829 -7.84 -22.53 -32.94
CA ASN B 829 -8.83 -22.97 -33.92
C ASN B 829 -9.93 -23.81 -33.26
N ASP B 830 -11.10 -23.92 -33.94
CA ASP B 830 -12.31 -24.68 -33.56
C ASP B 830 -13.05 -24.09 -32.33
N GLU B 831 -12.32 -23.57 -31.33
CA GLU B 831 -12.92 -22.98 -30.13
C GLU B 831 -12.75 -21.47 -30.13
N TRP B 832 -13.89 -20.73 -30.03
CA TRP B 832 -13.89 -19.28 -30.08
C TRP B 832 -15.17 -18.67 -29.44
N PRO B 833 -15.13 -18.27 -28.14
CA PRO B 833 -16.32 -17.64 -27.53
C PRO B 833 -16.68 -16.31 -28.22
N LYS B 834 -17.99 -16.05 -28.34
CA LYS B 834 -18.61 -14.90 -29.02
C LYS B 834 -18.00 -13.54 -28.70
N GLU B 835 -18.02 -12.65 -29.73
CA GLU B 835 -17.60 -11.24 -29.82
C GLU B 835 -16.36 -10.87 -28.94
N TRP B 836 -15.19 -11.44 -29.27
CA TRP B 836 -13.92 -11.11 -28.62
C TRP B 836 -13.07 -10.28 -29.55
N LEU B 837 -13.29 -10.45 -30.88
CA LEU B 837 -12.62 -9.78 -31.99
C LEU B 837 -12.84 -8.26 -31.98
N GLU B 838 -13.83 -7.77 -31.19
CA GLU B 838 -14.14 -6.35 -31.05
C GLU B 838 -13.05 -5.59 -30.30
N LYS B 839 -12.32 -6.28 -29.39
CA LYS B 839 -11.26 -5.68 -28.58
C LYS B 839 -9.85 -6.10 -29.07
N LEU B 840 -9.64 -7.39 -29.39
CA LEU B 840 -8.33 -7.90 -29.81
C LEU B 840 -8.23 -8.09 -31.33
N ASP B 841 -6.99 -7.93 -31.85
CA ASP B 841 -6.62 -8.13 -33.26
C ASP B 841 -6.28 -9.60 -33.48
N GLU B 842 -6.09 -10.04 -34.76
CA GLU B 842 -5.77 -11.42 -35.16
C GLU B 842 -4.63 -12.06 -34.33
N ASP B 843 -3.65 -11.25 -33.91
CA ASP B 843 -2.49 -11.66 -33.11
C ASP B 843 -2.83 -11.96 -31.62
N GLY B 844 -4.06 -11.64 -31.21
CA GLY B 844 -4.52 -11.83 -29.84
C GLY B 844 -4.29 -10.62 -28.95
N LEU B 845 -3.51 -9.64 -29.45
CA LEU B 845 -3.19 -8.40 -28.74
C LEU B 845 -4.29 -7.35 -29.02
N PRO B 846 -4.54 -6.38 -28.10
CA PRO B 846 -5.63 -5.43 -28.34
C PRO B 846 -5.28 -4.31 -29.31
N TYR B 847 -6.31 -3.78 -30.00
CA TYR B 847 -6.16 -2.66 -30.93
C TYR B 847 -5.83 -1.41 -30.16
N ILE B 848 -4.69 -0.78 -30.45
CA ILE B 848 -4.23 0.42 -29.75
C ILE B 848 -5.21 1.58 -30.07
N GLY B 849 -5.92 2.02 -29.02
CA GLY B 849 -6.92 3.08 -29.07
C GLY B 849 -8.30 2.67 -28.56
N THR B 850 -8.52 1.35 -28.42
CA THR B 850 -9.78 0.71 -28.01
C THR B 850 -10.15 1.03 -26.56
N TYR B 851 -11.44 1.37 -26.34
CA TYR B 851 -12.03 1.63 -25.03
C TYR B 851 -12.27 0.30 -24.32
N VAL B 852 -11.82 0.18 -23.07
CA VAL B 852 -11.99 -1.03 -22.28
C VAL B 852 -12.57 -0.73 -20.89
N GLU B 853 -13.49 -1.59 -20.44
CA GLU B 853 -14.15 -1.55 -19.14
C GLU B 853 -13.80 -2.84 -18.39
N GLU B 854 -14.06 -2.90 -17.06
CA GLU B 854 -13.73 -4.13 -16.32
C GLU B 854 -14.57 -5.31 -16.86
N GLY B 855 -13.88 -6.40 -17.17
CA GLY B 855 -14.48 -7.61 -17.73
C GLY B 855 -14.11 -7.85 -19.18
N ASP B 856 -13.80 -6.75 -19.92
CA ASP B 856 -13.41 -6.78 -21.34
C ASP B 856 -12.07 -7.51 -21.52
N PRO B 857 -11.86 -8.20 -22.66
CA PRO B 857 -10.58 -8.92 -22.83
C PRO B 857 -9.45 -7.97 -23.22
N ILE B 858 -8.34 -8.04 -22.47
CA ILE B 858 -7.19 -7.17 -22.68
C ILE B 858 -6.10 -7.86 -23.54
N CYS B 859 -6.18 -9.19 -23.68
CA CYS B 859 -5.28 -10.02 -24.48
C CYS B 859 -5.88 -11.42 -24.66
N ALA B 860 -5.38 -12.19 -25.64
CA ALA B 860 -5.86 -13.54 -25.91
C ALA B 860 -4.70 -14.50 -26.14
N TYR B 861 -4.86 -15.75 -25.68
CA TYR B 861 -3.86 -16.80 -25.81
C TYR B 861 -4.51 -18.20 -25.86
N PHE B 862 -3.71 -19.24 -26.10
CA PHE B 862 -4.15 -20.63 -26.15
C PHE B 862 -3.13 -21.53 -25.47
N ASP B 863 -3.55 -22.29 -24.44
CA ASP B 863 -2.65 -23.21 -23.75
C ASP B 863 -3.07 -24.65 -24.06
N ASP B 864 -2.11 -25.44 -24.56
CA ASP B 864 -2.27 -26.82 -24.99
C ASP B 864 -2.63 -27.78 -23.83
N THR B 865 -2.20 -27.45 -22.60
CA THR B 865 -2.48 -28.24 -21.39
C THR B 865 -3.99 -28.37 -21.13
N LEU B 866 -4.76 -27.30 -21.42
CA LEU B 866 -6.21 -27.27 -21.23
C LEU B 866 -6.95 -27.37 -22.58
N ASN B 867 -6.22 -27.23 -23.71
CA ASN B 867 -6.72 -27.29 -25.10
C ASN B 867 -7.91 -26.33 -25.33
N LYS B 868 -7.91 -25.18 -24.61
CA LYS B 868 -8.96 -24.16 -24.68
C LYS B 868 -8.35 -22.77 -24.91
N THR B 869 -9.11 -21.90 -25.59
CA THR B 869 -8.70 -20.53 -25.89
C THR B 869 -9.14 -19.63 -24.72
N LYS B 870 -8.17 -19.18 -23.92
CA LYS B 870 -8.41 -18.33 -22.74
C LYS B 870 -8.01 -16.86 -23.00
N ILE B 871 -8.46 -15.95 -22.13
CA ILE B 871 -8.18 -14.51 -22.21
C ILE B 871 -7.82 -13.94 -20.84
N LYS B 872 -6.94 -12.92 -20.82
CA LYS B 872 -6.58 -12.19 -19.62
C LYS B 872 -7.48 -10.96 -19.58
N THR B 873 -8.38 -10.90 -18.59
CA THR B 873 -9.37 -9.85 -18.43
C THR B 873 -8.77 -8.56 -17.86
N TYR B 874 -9.36 -7.42 -18.25
CA TYR B 874 -9.02 -6.09 -17.72
C TYR B 874 -9.93 -5.84 -16.53
N HIS B 875 -9.38 -5.54 -15.34
CA HIS B 875 -10.25 -5.27 -14.20
C HIS B 875 -9.77 -4.07 -13.37
N SER B 876 -10.62 -3.03 -13.34
CA SER B 876 -10.46 -1.76 -12.62
C SER B 876 -11.78 -0.98 -12.67
N SER B 877 -12.08 -0.21 -11.61
CA SER B 877 -13.30 0.61 -11.52
C SER B 877 -13.32 1.72 -12.59
N GLU B 878 -12.12 2.17 -13.02
CA GLU B 878 -11.93 3.23 -14.01
C GLU B 878 -11.75 2.64 -15.42
N PRO B 879 -12.59 3.03 -16.41
CA PRO B 879 -12.37 2.53 -17.78
C PRO B 879 -11.19 3.25 -18.43
N ALA B 880 -10.56 2.59 -19.43
CA ALA B 880 -9.38 3.13 -20.10
C ALA B 880 -9.39 2.93 -21.61
N TYR B 881 -8.34 3.41 -22.27
CA TYR B 881 -8.05 3.30 -23.71
C TYR B 881 -6.63 2.77 -23.85
N ILE B 882 -6.35 1.97 -24.89
CA ILE B 882 -5.00 1.44 -25.07
C ILE B 882 -4.12 2.50 -25.75
N GLU B 883 -3.03 2.89 -25.07
CA GLU B 883 -2.08 3.89 -25.56
C GLU B 883 -0.89 3.22 -26.26
N GLU B 884 -0.32 2.16 -25.66
CA GLU B 884 0.85 1.46 -26.20
C GLU B 884 0.83 -0.05 -25.91
N VAL B 885 1.16 -0.87 -26.93
CA VAL B 885 1.29 -2.32 -26.81
C VAL B 885 2.67 -2.67 -27.37
N ASN B 886 3.51 -3.29 -26.53
CA ASN B 886 4.85 -3.68 -26.95
C ASN B 886 5.00 -5.20 -26.87
N LEU B 887 5.54 -5.79 -27.93
CA LEU B 887 5.76 -7.23 -27.97
C LEU B 887 7.21 -7.47 -27.63
N ILE B 888 7.45 -8.33 -26.64
CA ILE B 888 8.82 -8.58 -26.20
C ILE B 888 9.36 -9.99 -26.37
N GLY B 889 10.54 -10.06 -26.96
CA GLY B 889 11.29 -11.29 -27.16
C GLY B 889 11.52 -11.95 -25.82
N ASP B 890 11.42 -13.27 -25.77
CA ASP B 890 11.58 -14.01 -24.53
C ASP B 890 13.02 -14.35 -24.14
N GLU B 891 13.99 -13.97 -24.97
CA GLU B 891 15.38 -14.28 -24.68
C GLU B 891 15.48 -15.78 -24.49
N SER B 892 16.17 -16.22 -23.43
CA SER B 892 16.32 -17.64 -23.11
C SER B 892 16.80 -18.43 -24.32
N ASN B 893 17.86 -17.93 -24.96
CA ASN B 893 18.49 -18.49 -26.18
C ASN B 893 17.59 -18.34 -27.43
N LYS B 894 16.70 -17.35 -27.37
CA LYS B 894 15.75 -17.00 -28.42
C LYS B 894 14.90 -18.20 -28.82
N PHE B 895 14.67 -18.34 -30.13
CA PHE B 895 13.91 -19.47 -30.65
C PHE B 895 12.41 -19.42 -30.35
N GLN B 896 12.07 -19.35 -29.07
CA GLN B 896 10.68 -19.32 -28.63
C GLN B 896 9.92 -18.07 -29.08
N GLU B 897 8.64 -18.25 -29.41
CA GLU B 897 7.81 -17.14 -29.85
C GLU B 897 7.53 -16.18 -28.70
N LEU B 898 7.31 -14.91 -29.02
CA LEU B 898 7.07 -13.89 -28.01
C LEU B 898 5.61 -13.82 -27.54
N GLN B 899 5.39 -14.57 -26.46
CA GLN B 899 4.17 -14.55 -25.66
C GLN B 899 4.06 -13.20 -24.90
N THR B 900 5.22 -12.67 -24.45
CA THR B 900 5.35 -11.61 -23.41
C THR B 900 4.84 -10.25 -23.92
N VAL B 901 4.52 -9.28 -23.05
CA VAL B 901 3.90 -8.13 -23.73
C VAL B 901 3.59 -7.03 -22.68
N SER B 902 3.95 -5.76 -22.97
CA SER B 902 3.69 -4.61 -22.10
C SER B 902 2.57 -3.75 -22.70
N ILE B 903 1.45 -3.62 -21.97
CA ILE B 903 0.27 -2.87 -22.39
C ILE B 903 0.06 -1.63 -21.47
N LYS B 904 0.04 -0.43 -22.10
CA LYS B 904 -0.15 0.87 -21.45
C LYS B 904 -1.59 1.35 -21.64
N TYR B 905 -2.24 1.70 -20.52
CA TYR B 905 -3.61 2.19 -20.46
C TYR B 905 -3.62 3.69 -20.21
N ARG B 906 -4.44 4.41 -20.96
CA ARG B 906 -4.64 5.84 -20.81
C ARG B 906 -5.99 6.02 -20.14
N ILE B 907 -5.98 6.52 -18.90
CA ILE B 907 -7.19 6.74 -18.11
C ILE B 907 -7.38 8.24 -18.01
N ARG B 908 -8.43 8.76 -18.66
CA ARG B 908 -8.72 10.18 -18.67
C ARG B 908 -9.29 10.60 -17.30
N ARG B 909 -8.77 11.70 -16.73
CA ARG B 909 -9.15 12.16 -15.40
C ARG B 909 -9.57 13.65 -15.39
N THR B 910 -10.88 13.93 -15.60
CA THR B 910 -11.40 15.30 -15.53
C THR B 910 -11.49 15.70 -14.04
N PRO B 911 -11.40 17.00 -13.64
CA PRO B 911 -11.52 17.32 -12.21
C PRO B 911 -12.91 16.96 -11.67
N GLN B 912 -12.93 16.03 -10.71
CA GLN B 912 -14.16 15.53 -10.08
C GLN B 912 -14.34 16.16 -8.69
N ILE B 913 -15.61 16.20 -8.20
CA ILE B 913 -15.94 16.72 -6.87
C ILE B 913 -15.25 15.80 -5.86
N GLY B 914 -14.26 16.36 -5.16
CA GLY B 914 -13.45 15.66 -4.19
C GLY B 914 -11.97 15.86 -4.43
N ASP B 915 -11.58 16.08 -5.70
CA ASP B 915 -10.17 16.31 -6.09
C ASP B 915 -9.61 17.56 -5.41
N LYS B 916 -8.38 17.44 -4.92
CA LYS B 916 -7.68 18.50 -4.21
C LYS B 916 -6.97 19.44 -5.17
N PHE B 917 -6.98 20.74 -4.85
CA PHE B 917 -6.33 21.81 -5.60
C PHE B 917 -5.63 22.73 -4.61
N SER B 918 -4.45 23.25 -4.97
CA SER B 918 -3.71 24.10 -4.05
C SER B 918 -2.87 25.15 -4.73
N SER B 919 -2.75 26.32 -4.09
CA SER B 919 -1.89 27.39 -4.53
C SER B 919 -0.47 27.06 -4.07
N ARG B 920 0.53 27.84 -4.50
CA ARG B 920 1.91 27.59 -4.09
C ARG B 920 2.20 28.13 -2.67
N HIS B 921 1.18 28.19 -1.80
CA HIS B 921 1.30 28.75 -0.44
C HIS B 921 0.75 27.79 0.63
N GLY B 922 0.55 26.53 0.24
CA GLY B 922 0.04 25.49 1.13
C GLY B 922 -1.42 25.63 1.50
N GLN B 923 -2.23 26.15 0.57
CA GLN B 923 -3.66 26.34 0.80
C GLN B 923 -4.44 25.31 -0.03
N LYS B 924 -4.42 24.02 0.43
CA LYS B 924 -5.12 22.95 -0.28
C LYS B 924 -6.57 22.86 0.16
N GLY B 925 -7.44 22.54 -0.79
CA GLY B 925 -8.87 22.37 -0.58
C GLY B 925 -9.49 21.42 -1.58
N VAL B 926 -10.50 20.64 -1.14
CA VAL B 926 -11.18 19.69 -2.04
C VAL B 926 -12.23 20.42 -2.89
N CYS B 927 -12.50 19.92 -4.11
CA CYS B 927 -13.49 20.49 -4.98
C CYS B 927 -14.87 20.19 -4.41
N SER B 928 -15.52 21.21 -3.86
CA SER B 928 -16.85 21.09 -3.24
C SER B 928 -17.95 21.02 -4.29
N ARG B 929 -17.77 21.70 -5.44
CA ARG B 929 -18.74 21.77 -6.55
C ARG B 929 -18.13 22.45 -7.77
N LYS B 930 -18.67 22.13 -8.97
CA LYS B 930 -18.27 22.75 -10.25
C LYS B 930 -19.39 23.73 -10.61
N TRP B 931 -19.31 24.93 -10.03
CA TRP B 931 -20.29 26.02 -10.12
C TRP B 931 -20.48 26.58 -11.55
N PRO B 932 -21.73 26.71 -12.05
CA PRO B 932 -21.94 27.26 -13.41
C PRO B 932 -21.57 28.74 -13.50
N THR B 933 -21.07 29.18 -14.67
CA THR B 933 -20.61 30.55 -14.92
C THR B 933 -21.77 31.57 -14.76
N ILE B 934 -23.01 31.18 -15.12
CA ILE B 934 -24.17 32.07 -14.98
C ILE B 934 -24.45 32.31 -13.48
N ASP B 935 -24.27 31.28 -12.63
CA ASP B 935 -24.47 31.31 -11.18
C ASP B 935 -23.22 31.85 -10.46
N MET B 936 -22.06 31.89 -11.14
CA MET B 936 -20.78 32.39 -10.63
C MET B 936 -20.79 33.92 -10.49
N PRO B 937 -20.07 34.55 -9.52
CA PRO B 937 -20.05 36.03 -9.48
C PRO B 937 -19.24 36.58 -10.65
N PHE B 938 -19.76 37.61 -11.33
CA PHE B 938 -19.09 38.18 -12.50
C PHE B 938 -18.51 39.56 -12.19
N SER B 939 -17.26 39.78 -12.63
CA SER B 939 -16.51 41.03 -12.42
C SER B 939 -17.03 42.15 -13.32
N GLU B 940 -16.61 43.39 -13.00
CA GLU B 940 -16.92 44.61 -13.76
C GLU B 940 -16.35 44.48 -15.17
N THR B 941 -15.18 43.80 -15.27
CA THR B 941 -14.46 43.51 -16.52
C THR B 941 -15.24 42.52 -17.39
N GLY B 942 -16.00 41.66 -16.73
CA GLY B 942 -16.81 40.62 -17.37
C GLY B 942 -16.26 39.23 -17.14
N ILE B 943 -15.26 39.11 -16.27
CA ILE B 943 -14.60 37.85 -15.94
C ILE B 943 -15.21 37.22 -14.68
N GLN B 944 -15.43 35.91 -14.72
CA GLN B 944 -15.87 35.14 -13.55
C GLN B 944 -14.69 34.26 -13.13
N PRO B 945 -14.37 34.18 -11.81
CA PRO B 945 -13.19 33.42 -11.37
C PRO B 945 -13.20 31.94 -11.76
N ASP B 946 -12.01 31.41 -12.06
CA ASP B 946 -11.79 30.00 -12.39
C ASP B 946 -11.91 29.19 -11.11
N ILE B 947 -11.29 29.69 -10.04
CA ILE B 947 -11.29 29.08 -8.71
C ILE B 947 -11.79 30.10 -7.68
N ILE B 948 -12.58 29.64 -6.70
CA ILE B 948 -13.07 30.46 -5.61
C ILE B 948 -12.47 29.90 -4.31
N ILE B 949 -11.72 30.74 -3.59
CA ILE B 949 -11.15 30.40 -2.28
C ILE B 949 -11.97 31.17 -1.22
N ASN B 950 -12.31 30.51 -0.10
CA ASN B 950 -13.10 31.14 0.94
C ASN B 950 -12.22 32.06 1.80
N PRO B 951 -12.69 33.30 2.14
CA PRO B 951 -11.85 34.22 2.93
C PRO B 951 -11.51 33.72 4.33
N HIS B 952 -12.32 32.78 4.87
CA HIS B 952 -12.12 32.21 6.20
C HIS B 952 -10.94 31.22 6.23
N ALA B 953 -10.24 31.03 5.10
CA ALA B 953 -9.09 30.14 5.06
C ALA B 953 -7.85 30.85 5.58
N PHE B 954 -7.66 32.11 5.16
CA PHE B 954 -6.50 32.96 5.44
C PHE B 954 -6.29 33.38 6.93
N PRO B 955 -7.32 33.72 7.78
CA PRO B 955 -6.99 34.18 9.15
C PRO B 955 -6.27 33.17 10.03
N SER B 956 -6.46 31.85 9.80
CA SER B 956 -5.83 30.80 10.58
C SER B 956 -4.47 30.37 10.00
N ARG B 957 -4.41 30.20 8.67
CA ARG B 957 -3.20 29.74 7.96
C ARG B 957 -2.13 30.83 7.88
N MET B 958 -2.54 32.11 7.71
CA MET B 958 -1.69 33.31 7.62
C MET B 958 -0.75 33.21 6.38
N THR B 959 -1.34 32.85 5.23
CA THR B 959 -0.66 32.69 3.94
C THR B 959 -0.73 33.99 3.13
N ILE B 960 -0.05 35.04 3.63
CA ILE B 960 -0.04 36.39 3.03
C ILE B 960 0.75 36.38 1.70
N GLY B 961 1.62 35.39 1.51
CA GLY B 961 2.34 35.21 0.25
C GLY B 961 1.38 35.10 -0.92
N MET B 962 0.23 34.40 -0.71
CA MET B 962 -0.84 34.21 -1.68
C MET B 962 -1.53 35.53 -1.97
N PHE B 963 -1.73 36.36 -0.92
CA PHE B 963 -2.36 37.66 -1.04
C PHE B 963 -1.52 38.57 -1.94
N VAL B 964 -0.19 38.64 -1.74
CA VAL B 964 0.68 39.45 -2.60
C VAL B 964 0.82 38.81 -3.99
N GLU B 965 0.73 37.45 -4.08
CA GLU B 965 0.78 36.70 -5.35
C GLU B 965 -0.42 37.09 -6.24
N SER B 966 -1.57 37.37 -5.60
CA SER B 966 -2.83 37.73 -6.26
C SER B 966 -2.70 39.09 -7.00
N LEU B 967 -2.17 40.13 -6.34
CA LEU B 967 -2.02 41.46 -6.95
C LEU B 967 -0.78 41.51 -7.86
N ALA B 968 0.18 40.57 -7.68
CA ALA B 968 1.37 40.52 -8.54
C ALA B 968 1.01 39.85 -9.87
N GLY B 969 0.29 38.72 -9.79
CA GLY B 969 -0.17 37.94 -10.94
C GLY B 969 -1.09 38.73 -11.85
N LYS B 970 -1.95 39.59 -11.24
CA LYS B 970 -2.88 40.47 -11.96
C LYS B 970 -2.10 41.55 -12.71
N ALA B 971 -1.11 42.19 -12.03
CA ALA B 971 -0.26 43.24 -12.59
C ALA B 971 0.56 42.73 -13.77
N GLY B 972 1.07 41.51 -13.65
CA GLY B 972 1.87 40.86 -14.68
C GLY B 972 1.08 40.37 -15.87
N ALA B 973 -0.23 40.09 -15.65
CA ALA B 973 -1.12 39.64 -16.72
C ALA B 973 -1.51 40.81 -17.59
N LEU B 974 -1.77 41.98 -16.97
CA LEU B 974 -2.17 43.21 -17.64
C LEU B 974 -1.02 43.82 -18.45
N HIS B 975 0.09 44.17 -17.77
CA HIS B 975 1.26 44.80 -18.39
C HIS B 975 2.08 43.84 -19.25
N GLY B 976 2.00 42.55 -18.96
CA GLY B 976 2.72 41.52 -19.70
C GLY B 976 4.18 41.50 -19.33
N ILE B 977 4.48 41.22 -18.05
CA ILE B 977 5.82 41.15 -17.46
C ILE B 977 5.81 40.19 -16.27
N ALA B 978 6.78 39.25 -16.20
CA ALA B 978 6.86 38.33 -15.07
C ALA B 978 7.46 39.04 -13.86
N GLN B 979 6.94 38.74 -12.67
CA GLN B 979 7.44 39.38 -11.47
C GLN B 979 8.23 38.42 -10.59
N ASP B 980 9.30 38.95 -9.98
CA ASP B 980 10.16 38.18 -9.09
C ASP B 980 9.54 38.05 -7.73
N SER B 981 9.33 36.82 -7.29
CA SER B 981 8.76 36.51 -5.99
C SER B 981 9.74 35.66 -5.18
N THR B 982 11.04 35.94 -5.36
CA THR B 982 12.14 35.29 -4.65
C THR B 982 12.12 35.81 -3.21
N PRO B 983 12.26 34.95 -2.17
CA PRO B 983 12.22 35.46 -0.78
C PRO B 983 13.30 36.49 -0.46
N TRP B 984 12.94 37.45 0.43
CA TRP B 984 13.75 38.54 0.99
C TRP B 984 14.21 39.58 -0.06
N ILE B 985 13.53 39.65 -1.21
CA ILE B 985 13.79 40.62 -2.26
C ILE B 985 13.24 41.99 -1.78
N PHE B 986 12.07 41.97 -1.12
CA PHE B 986 11.38 43.14 -0.56
C PHE B 986 11.76 43.39 0.91
N ASN B 987 11.53 44.62 1.38
CA ASN B 987 11.84 45.10 2.74
C ASN B 987 10.57 45.62 3.45
N GLU B 988 10.74 46.07 4.70
CA GLU B 988 9.69 46.68 5.51
C GLU B 988 9.35 48.06 4.92
N ASP B 989 10.37 48.73 4.36
CA ASP B 989 10.26 50.04 3.71
C ASP B 989 9.77 49.89 2.26
N ASP B 990 10.27 48.86 1.54
CA ASP B 990 9.89 48.56 0.17
C ASP B 990 8.94 47.34 0.15
N THR B 991 7.65 47.59 0.44
CA THR B 991 6.57 46.60 0.54
C THR B 991 6.12 46.09 -0.85
N PRO B 992 5.87 44.77 -1.04
CA PRO B 992 5.37 44.30 -2.35
C PRO B 992 3.92 44.72 -2.60
N ALA B 993 3.12 44.87 -1.52
CA ALA B 993 1.72 45.32 -1.58
C ALA B 993 1.63 46.75 -2.12
N ASP B 994 2.69 47.55 -1.89
CA ASP B 994 2.81 48.93 -2.38
C ASP B 994 3.36 48.91 -3.80
N TYR B 995 4.35 48.02 -4.06
CA TYR B 995 5.02 47.82 -5.34
C TYR B 995 4.02 47.41 -6.42
N PHE B 996 3.31 46.26 -6.23
CA PHE B 996 2.31 45.77 -7.19
C PHE B 996 1.02 46.59 -7.12
N GLY B 997 0.82 47.30 -6.00
CA GLY B 997 -0.32 48.19 -5.80
C GLY B 997 -0.23 49.37 -6.75
N GLU B 998 1.00 49.92 -6.90
CA GLU B 998 1.31 51.02 -7.80
C GLU B 998 1.12 50.56 -9.25
N GLN B 999 1.53 49.31 -9.54
CA GLN B 999 1.42 48.65 -10.84
C GLN B 999 -0.06 48.46 -11.22
N LEU B 1000 -0.89 48.06 -10.26
CA LEU B 1000 -2.33 47.86 -10.43
C LEU B 1000 -3.05 49.18 -10.69
N ALA B 1001 -2.62 50.26 -10.00
CA ALA B 1001 -3.20 51.59 -10.16
C ALA B 1001 -2.85 52.17 -11.55
N LYS B 1002 -1.58 51.97 -11.98
CA LYS B 1002 -1.05 52.44 -13.27
C LYS B 1002 -1.77 51.76 -14.45
N ALA B 1003 -2.14 50.48 -14.29
CA ALA B 1003 -2.84 49.70 -15.32
C ALA B 1003 -4.29 50.18 -15.48
N GLY B 1004 -4.89 50.65 -14.39
CA GLY B 1004 -6.26 51.14 -14.36
C GLY B 1004 -7.16 50.36 -13.44
N TYR B 1005 -6.59 49.63 -12.48
CA TYR B 1005 -7.31 48.82 -11.49
C TYR B 1005 -7.11 49.37 -10.07
N ASN B 1006 -7.86 48.82 -9.09
CA ASN B 1006 -7.79 49.22 -7.69
C ASN B 1006 -6.44 48.81 -7.08
N TYR B 1007 -5.79 49.77 -6.39
CA TYR B 1007 -4.50 49.70 -5.71
C TYR B 1007 -4.42 48.55 -4.70
N HIS B 1008 -5.52 48.31 -3.96
CA HIS B 1008 -5.57 47.27 -2.93
C HIS B 1008 -6.00 45.89 -3.48
N GLY B 1009 -5.90 45.71 -4.80
CA GLY B 1009 -6.21 44.46 -5.48
C GLY B 1009 -7.66 44.02 -5.53
N ASN B 1010 -8.59 44.91 -5.17
CA ASN B 1010 -10.03 44.63 -5.18
C ASN B 1010 -10.63 44.89 -6.57
N GLU B 1011 -11.85 44.37 -6.81
CA GLU B 1011 -12.59 44.50 -8.05
C GLU B 1011 -14.08 44.59 -7.77
N PRO B 1012 -14.82 45.53 -8.38
CA PRO B 1012 -16.27 45.58 -8.14
C PRO B 1012 -16.95 44.42 -8.84
N MET B 1013 -17.52 43.49 -8.06
CA MET B 1013 -18.16 42.30 -8.61
C MET B 1013 -19.66 42.33 -8.40
N TYR B 1014 -20.38 41.68 -9.31
CA TYR B 1014 -21.84 41.56 -9.27
C TYR B 1014 -22.23 40.10 -8.99
N SER B 1015 -23.39 39.91 -8.34
CA SER B 1015 -23.91 38.58 -8.03
C SER B 1015 -24.43 37.90 -9.30
N GLY B 1016 -24.25 36.57 -9.38
CA GLY B 1016 -24.73 35.78 -10.50
C GLY B 1016 -26.20 35.44 -10.37
N ALA B 1017 -26.71 35.38 -9.12
CA ALA B 1017 -28.09 35.05 -8.83
C ALA B 1017 -28.99 36.28 -8.93
N THR B 1018 -28.87 37.22 -7.96
CA THR B 1018 -29.68 38.44 -7.92
C THR B 1018 -29.30 39.42 -9.04
N GLY B 1019 -28.02 39.45 -9.40
CA GLY B 1019 -27.52 40.34 -10.45
C GLY B 1019 -27.06 41.69 -9.95
N GLU B 1020 -27.44 42.02 -8.71
CA GLU B 1020 -27.09 43.27 -8.04
C GLU B 1020 -25.61 43.29 -7.69
N GLU B 1021 -25.03 44.51 -7.57
CA GLU B 1021 -23.63 44.69 -7.18
C GLU B 1021 -23.49 44.28 -5.74
N LEU B 1022 -22.46 43.48 -5.44
CA LEU B 1022 -22.19 42.99 -4.09
C LEU B 1022 -21.82 44.15 -3.15
N ARG B 1023 -22.03 43.96 -1.83
CA ARG B 1023 -21.80 44.92 -0.74
C ARG B 1023 -20.48 45.70 -0.90
N ALA B 1024 -19.35 44.99 -1.03
CA ALA B 1024 -18.04 45.58 -1.20
C ALA B 1024 -17.26 44.95 -2.36
N ASP B 1025 -16.15 45.60 -2.78
CA ASP B 1025 -15.29 45.11 -3.86
C ASP B 1025 -14.56 43.85 -3.41
N ILE B 1026 -14.65 42.80 -4.24
CA ILE B 1026 -14.06 41.48 -3.98
C ILE B 1026 -12.59 41.44 -4.40
N TYR B 1027 -11.78 40.77 -3.58
CA TYR B 1027 -10.34 40.60 -3.82
C TYR B 1027 -10.13 39.52 -4.87
N VAL B 1028 -9.77 39.94 -6.10
CA VAL B 1028 -9.55 39.05 -7.25
C VAL B 1028 -8.14 39.28 -7.81
N GLY B 1029 -7.54 38.21 -8.31
CA GLY B 1029 -6.22 38.25 -8.93
C GLY B 1029 -5.91 37.02 -9.74
N VAL B 1030 -4.64 36.85 -10.12
CA VAL B 1030 -4.16 35.70 -10.87
C VAL B 1030 -3.21 34.95 -9.95
N VAL B 1031 -3.61 33.72 -9.56
CA VAL B 1031 -2.82 32.87 -8.68
C VAL B 1031 -2.54 31.56 -9.40
N TYR B 1032 -1.27 31.12 -9.33
CA TYR B 1032 -0.81 29.85 -9.90
C TYR B 1032 -1.33 28.72 -9.03
N TYR B 1033 -2.25 27.93 -9.59
CA TYR B 1033 -2.86 26.81 -8.89
C TYR B 1033 -2.34 25.50 -9.42
N GLN B 1034 -2.27 24.52 -8.52
CA GLN B 1034 -1.78 23.17 -8.77
C GLN B 1034 -2.88 22.15 -8.50
N ARG B 1035 -3.06 21.19 -9.40
CA ARG B 1035 -4.05 20.13 -9.20
C ARG B 1035 -3.32 18.91 -8.62
N LEU B 1036 -3.67 18.50 -7.39
CA LEU B 1036 -3.06 17.35 -6.74
C LEU B 1036 -3.57 16.06 -7.40
N ARG B 1037 -2.68 15.07 -7.56
CA ARG B 1037 -2.90 13.83 -8.30
C ARG B 1037 -3.98 12.90 -7.71
N HIS B 1038 -4.24 12.95 -6.39
CA HIS B 1038 -5.18 12.08 -5.70
C HIS B 1038 -6.66 12.30 -6.06
N MET B 1039 -7.35 11.19 -6.33
CA MET B 1039 -8.78 11.23 -6.56
C MET B 1039 -9.37 11.51 -5.17
N VAL B 1040 -10.49 12.23 -5.12
CA VAL B 1040 -11.07 12.58 -3.82
C VAL B 1040 -11.47 11.37 -2.96
N ASN B 1041 -12.09 10.37 -3.56
CA ASN B 1041 -12.54 9.19 -2.82
C ASN B 1041 -11.92 7.85 -3.25
N ASP B 1042 -10.80 7.87 -3.96
CA ASP B 1042 -10.26 6.60 -4.44
C ASP B 1042 -10.77 5.42 -3.59
N LYS B 1043 -11.11 5.69 -2.30
CA LYS B 1043 -11.58 4.67 -1.34
C LYS B 1043 -13.13 4.67 -1.23
N PHE B 1044 -13.82 5.13 -2.29
CA PHE B 1044 -15.27 5.21 -2.42
C PHE B 1044 -15.83 3.80 -2.65
N GLN B 1045 -16.64 3.28 -1.70
CA GLN B 1045 -17.19 1.93 -1.80
C GLN B 1045 -18.62 1.82 -1.26
N VAL B 1046 -19.34 0.77 -1.68
CA VAL B 1046 -20.71 0.44 -1.26
C VAL B 1046 -20.87 -1.09 -1.32
N ARG B 1047 -21.42 -1.67 -0.26
CA ARG B 1047 -21.66 -3.10 -0.17
C ARG B 1047 -23.01 -3.35 0.45
N SER B 1048 -23.82 -4.19 -0.23
CA SER B 1048 -25.11 -4.66 0.26
C SER B 1048 -24.84 -6.03 0.85
N THR B 1049 -24.64 -7.05 -0.02
CA THR B 1049 -24.33 -8.41 0.39
C THR B 1049 -23.27 -8.95 -0.59
N GLY B 1050 -22.01 -8.94 -0.14
CA GLY B 1050 -20.87 -9.41 -0.92
C GLY B 1050 -20.26 -10.68 -0.35
N PRO B 1051 -19.05 -11.09 -0.83
CA PRO B 1051 -18.43 -12.34 -0.32
C PRO B 1051 -18.00 -12.30 1.15
N VAL B 1052 -17.91 -13.50 1.78
CA VAL B 1052 -17.55 -13.68 3.20
C VAL B 1052 -16.44 -14.73 3.40
N ASN B 1053 -15.60 -14.55 4.46
CA ASN B 1053 -14.55 -15.51 4.82
C ASN B 1053 -15.18 -16.81 5.36
N SER B 1054 -14.63 -17.96 5.01
CA SER B 1054 -15.12 -19.29 5.42
C SER B 1054 -15.22 -19.50 6.95
N LEU B 1055 -14.19 -19.09 7.70
CA LEU B 1055 -14.10 -19.30 9.17
C LEU B 1055 -15.09 -18.45 9.97
N THR B 1056 -15.10 -17.13 9.74
CA THR B 1056 -15.92 -16.16 10.48
C THR B 1056 -17.30 -15.96 9.85
N MET B 1057 -17.43 -16.25 8.54
CA MET B 1057 -18.66 -16.08 7.76
C MET B 1057 -19.09 -14.58 7.78
N GLN B 1058 -18.08 -13.71 7.89
CA GLN B 1058 -18.22 -12.25 7.96
C GLN B 1058 -17.70 -11.59 6.66
N PRO B 1059 -18.30 -10.44 6.22
CA PRO B 1059 -17.80 -9.74 5.03
C PRO B 1059 -16.27 -9.69 4.94
N VAL B 1060 -15.74 -10.08 3.79
CA VAL B 1060 -14.30 -10.14 3.53
C VAL B 1060 -13.73 -8.71 3.28
N LYS B 1061 -12.46 -8.49 3.63
CA LYS B 1061 -11.74 -7.21 3.47
C LYS B 1061 -11.35 -6.99 2.01
N GLY B 1062 -11.66 -5.80 1.47
CA GLY B 1062 -11.32 -5.44 0.10
C GLY B 1062 -12.37 -4.66 -0.67
N ARG B 1063 -12.13 -3.34 -0.82
CA ARG B 1063 -12.97 -2.36 -1.53
C ARG B 1063 -13.42 -2.87 -2.91
N LYS B 1064 -12.44 -3.29 -3.75
CA LYS B 1064 -12.67 -3.76 -5.12
C LYS B 1064 -13.29 -5.17 -5.16
N ARG B 1065 -13.15 -5.93 -4.06
CA ARG B 1065 -13.64 -7.29 -3.89
C ARG B 1065 -15.08 -7.34 -3.33
N HIS B 1066 -15.76 -6.16 -3.26
CA HIS B 1066 -17.12 -5.94 -2.70
C HIS B 1066 -17.09 -6.25 -1.19
N GLY B 1067 -16.02 -5.80 -0.54
CA GLY B 1067 -15.77 -6.00 0.88
C GLY B 1067 -16.57 -5.15 1.83
N GLY B 1068 -16.56 -5.55 3.10
CA GLY B 1068 -17.29 -4.89 4.17
C GLY B 1068 -16.52 -3.84 4.95
N ILE B 1069 -17.27 -2.84 5.44
CA ILE B 1069 -16.77 -1.73 6.26
C ILE B 1069 -16.66 -2.25 7.69
N ARG B 1070 -15.52 -2.06 8.35
CA ARG B 1070 -15.39 -2.57 9.71
C ARG B 1070 -16.04 -1.65 10.74
N VAL B 1071 -16.85 -2.26 11.62
CA VAL B 1071 -17.47 -1.68 12.81
C VAL B 1071 -16.60 -2.21 13.95
N GLY B 1072 -15.63 -1.40 14.35
CA GLY B 1072 -14.67 -1.72 15.38
C GLY B 1072 -15.19 -1.52 16.79
N GLU B 1073 -14.33 -1.81 17.77
CA GLU B 1073 -14.59 -1.73 19.21
C GLU B 1073 -15.14 -0.36 19.63
N MET B 1074 -14.62 0.73 19.04
CA MET B 1074 -15.05 2.11 19.34
C MET B 1074 -16.48 2.39 18.88
N GLU B 1075 -16.87 1.81 17.73
CA GLU B 1075 -18.22 1.96 17.16
C GLU B 1075 -19.18 1.09 17.96
N ARG B 1076 -18.68 -0.07 18.45
CA ARG B 1076 -19.41 -0.97 19.34
C ARG B 1076 -19.71 -0.19 20.61
N ASP B 1077 -18.66 0.44 21.20
CA ASP B 1077 -18.76 1.30 22.39
C ASP B 1077 -19.77 2.43 22.18
N ALA B 1078 -19.76 3.08 21.01
CA ALA B 1078 -20.69 4.16 20.70
C ALA B 1078 -22.14 3.67 20.62
N LEU B 1079 -22.35 2.46 20.06
CA LEU B 1079 -23.70 1.89 19.94
C LEU B 1079 -24.19 1.45 21.32
N ILE B 1080 -23.26 1.07 22.23
CA ILE B 1080 -23.63 0.75 23.62
C ILE B 1080 -23.98 2.09 24.29
N GLY B 1081 -23.20 3.13 24.00
CA GLY B 1081 -23.36 4.48 24.51
C GLY B 1081 -24.75 5.07 24.34
N HIS B 1082 -25.31 4.99 23.12
CA HIS B 1082 -26.68 5.48 22.87
C HIS B 1082 -27.74 4.61 23.56
N GLY B 1083 -27.35 3.43 24.07
CA GLY B 1083 -28.26 2.46 24.67
C GLY B 1083 -29.13 1.85 23.59
N THR B 1084 -28.60 1.85 22.36
CA THR B 1084 -29.24 1.45 21.12
C THR B 1084 -28.86 -0.02 20.78
N SER B 1085 -29.40 -0.96 21.59
CA SER B 1085 -29.13 -2.40 21.52
C SER B 1085 -29.48 -3.08 20.18
N PHE B 1086 -30.49 -2.57 19.44
CA PHE B 1086 -30.87 -3.18 18.18
C PHE B 1086 -29.96 -2.74 17.04
N LEU B 1087 -29.31 -1.55 17.16
CA LEU B 1087 -28.37 -1.06 16.16
C LEU B 1087 -27.09 -1.85 16.28
N LEU B 1088 -26.73 -2.21 17.52
CA LEU B 1088 -25.55 -3.03 17.80
C LEU B 1088 -25.81 -4.43 17.29
N GLN B 1089 -27.02 -4.95 17.54
CA GLN B 1089 -27.46 -6.26 17.07
C GLN B 1089 -27.48 -6.26 15.55
N ASP B 1090 -27.90 -5.14 14.95
CA ASP B 1090 -27.96 -5.00 13.50
C ASP B 1090 -26.58 -5.02 12.87
N ARG B 1091 -25.61 -4.31 13.44
CA ARG B 1091 -24.27 -4.26 12.85
C ARG B 1091 -23.45 -5.50 13.23
N LEU B 1092 -23.24 -5.73 14.53
CA LEU B 1092 -22.40 -6.82 15.04
C LEU B 1092 -23.02 -8.23 14.95
N LEU B 1093 -24.24 -8.41 14.43
CA LEU B 1093 -24.79 -9.77 14.30
C LEU B 1093 -25.66 -9.93 13.05
N ASN B 1094 -26.84 -9.27 13.03
CA ASN B 1094 -27.85 -9.35 11.98
C ASN B 1094 -27.27 -9.17 10.57
N SER B 1095 -26.47 -8.09 10.35
CA SER B 1095 -25.91 -7.81 9.04
C SER B 1095 -24.40 -8.14 8.98
N SER B 1096 -24.00 -9.19 9.70
CA SER B 1096 -22.61 -9.66 9.72
C SER B 1096 -22.56 -11.18 9.57
N ASP B 1097 -22.66 -11.96 10.67
CA ASP B 1097 -22.56 -13.43 10.59
C ASP B 1097 -23.72 -14.16 11.29
N TYR B 1098 -24.93 -13.59 11.24
CA TYR B 1098 -26.14 -14.18 11.80
C TYR B 1098 -26.40 -15.53 11.15
N THR B 1099 -26.39 -16.61 11.95
CA THR B 1099 -26.68 -17.95 11.45
C THR B 1099 -27.66 -18.66 12.39
N GLN B 1100 -28.75 -19.20 11.82
CA GLN B 1100 -29.70 -19.99 12.60
C GLN B 1100 -29.11 -21.39 12.64
N ALA B 1101 -28.56 -21.75 13.79
CA ALA B 1101 -27.85 -23.01 13.96
C ALA B 1101 -28.58 -23.99 14.87
N SER B 1102 -28.42 -25.28 14.55
CA SER B 1102 -29.00 -26.39 15.31
C SER B 1102 -28.18 -26.64 16.57
N VAL B 1103 -28.86 -26.84 17.71
CA VAL B 1103 -28.22 -27.11 18.99
C VAL B 1103 -28.97 -28.21 19.71
N CYS B 1104 -28.23 -29.10 20.39
CA CYS B 1104 -28.81 -30.17 21.18
C CYS B 1104 -29.10 -29.64 22.59
N ARG B 1105 -30.36 -29.69 23.04
CA ARG B 1105 -30.76 -29.22 24.37
C ARG B 1105 -30.22 -30.12 25.49
N GLU B 1106 -30.01 -31.41 25.19
CA GLU B 1106 -29.56 -32.41 26.16
C GLU B 1106 -28.10 -32.21 26.59
N CYS B 1107 -27.19 -31.85 25.65
CA CYS B 1107 -25.76 -31.66 25.97
C CYS B 1107 -25.26 -30.22 25.73
N GLY B 1108 -26.09 -29.38 25.11
CA GLY B 1108 -25.81 -27.98 24.82
C GLY B 1108 -24.64 -27.73 23.89
N SER B 1109 -24.72 -28.20 22.63
CA SER B 1109 -23.65 -28.02 21.65
C SER B 1109 -24.14 -27.84 20.21
N ILE B 1110 -23.36 -27.09 19.42
CA ILE B 1110 -23.63 -26.76 18.01
C ILE B 1110 -22.82 -27.65 17.05
N LEU B 1111 -21.79 -28.33 17.58
CA LEU B 1111 -20.87 -29.12 16.76
C LEU B 1111 -21.18 -30.62 16.72
N THR B 1112 -22.01 -31.13 17.65
CA THR B 1112 -22.37 -32.55 17.67
C THR B 1112 -23.62 -32.81 16.81
N THR B 1113 -24.43 -31.76 16.58
CA THR B 1113 -25.66 -31.85 15.77
C THR B 1113 -25.33 -32.04 14.30
N GLN B 1114 -26.12 -32.89 13.62
CA GLN B 1114 -25.98 -33.22 12.20
C GLN B 1114 -27.32 -33.63 11.62
N GLN B 1115 -27.50 -33.44 10.30
CA GLN B 1115 -28.74 -33.83 9.63
C GLN B 1115 -28.69 -35.34 9.37
N SER B 1116 -29.70 -36.11 9.83
CA SER B 1116 -29.69 -37.56 9.62
C SER B 1116 -29.97 -37.87 8.15
N VAL B 1117 -29.42 -39.01 7.66
CA VAL B 1117 -29.64 -39.46 6.29
C VAL B 1117 -30.87 -40.37 6.30
N PRO B 1118 -31.99 -39.97 5.64
CA PRO B 1118 -33.20 -40.80 5.68
C PRO B 1118 -33.29 -41.84 4.54
N ARG B 1119 -34.30 -42.73 4.62
CA ARG B 1119 -34.58 -43.73 3.61
C ARG B 1119 -35.38 -43.07 2.47
N ILE B 1120 -35.70 -43.83 1.39
CA ILE B 1120 -36.41 -43.35 0.18
C ILE B 1120 -37.66 -42.49 0.50
N GLY B 1121 -38.48 -42.91 1.46
CA GLY B 1121 -39.72 -42.20 1.82
C GLY B 1121 -39.67 -41.29 3.02
N SER B 1122 -38.76 -41.59 3.97
CA SER B 1122 -38.58 -40.85 5.22
C SER B 1122 -37.96 -39.46 5.02
N ILE B 1123 -38.11 -38.58 6.03
CA ILE B 1123 -37.60 -37.21 6.08
C ILE B 1123 -36.36 -37.11 6.96
N SER B 1124 -35.42 -36.21 6.63
CA SER B 1124 -34.20 -35.98 7.41
C SER B 1124 -34.52 -35.18 8.67
N THR B 1125 -33.91 -35.57 9.81
CA THR B 1125 -34.12 -34.93 11.10
C THR B 1125 -32.77 -34.58 11.75
N VAL B 1126 -32.68 -33.39 12.38
CA VAL B 1126 -31.45 -32.95 13.05
C VAL B 1126 -31.24 -33.80 14.30
N CYS B 1127 -30.07 -34.49 14.35
CA CYS B 1127 -29.73 -35.41 15.43
C CYS B 1127 -28.34 -35.13 16.00
N CYS B 1128 -28.19 -35.35 17.32
CA CYS B 1128 -26.95 -35.12 18.05
C CYS B 1128 -26.13 -36.41 18.15
N ARG B 1129 -24.88 -36.37 17.66
CA ARG B 1129 -23.95 -37.50 17.65
C ARG B 1129 -23.50 -37.91 19.07
N ARG B 1130 -23.41 -36.94 20.01
CA ARG B 1130 -22.96 -37.15 21.39
C ARG B 1130 -23.99 -37.93 22.21
N CYS B 1131 -25.24 -37.45 22.25
CA CYS B 1131 -26.31 -38.03 23.07
C CYS B 1131 -26.90 -39.32 22.47
N SER B 1132 -26.77 -39.53 21.14
CA SER B 1132 -27.28 -40.76 20.52
C SER B 1132 -26.34 -41.92 20.81
N MET B 1133 -26.93 -43.10 21.00
CA MET B 1133 -26.24 -44.36 21.30
C MET B 1133 -26.21 -45.25 20.06
N ARG B 1134 -25.12 -46.01 19.86
CA ARG B 1134 -25.01 -46.92 18.72
C ARG B 1134 -26.05 -48.04 18.90
N PHE B 1135 -26.90 -48.25 17.87
CA PHE B 1135 -28.01 -49.21 17.87
C PHE B 1135 -27.67 -50.56 18.52
N GLU B 1136 -26.56 -51.20 18.07
CA GLU B 1136 -26.10 -52.50 18.57
C GLU B 1136 -25.80 -52.47 20.08
N ASP B 1137 -25.18 -51.38 20.57
CA ASP B 1137 -24.80 -51.19 21.97
C ASP B 1137 -26.03 -51.09 22.89
N ALA B 1138 -27.19 -50.63 22.38
CA ALA B 1138 -28.44 -50.53 23.15
C ALA B 1138 -28.98 -51.95 23.42
N LYS B 1139 -28.60 -52.52 24.58
CA LYS B 1139 -28.96 -53.87 25.00
C LYS B 1139 -29.75 -53.88 26.32
N LYS B 1140 -30.60 -54.92 26.50
CA LYS B 1140 -31.44 -55.13 27.70
C LYS B 1140 -31.16 -56.48 28.34
N GLY B 1148 -39.21 -57.52 34.55
CA GLY B 1148 -39.04 -56.22 33.90
C GLY B 1148 -39.53 -56.17 32.47
N GLU B 1149 -39.32 -57.30 31.72
CA GLU B 1149 -39.69 -57.55 30.31
C GLU B 1149 -38.88 -56.69 29.31
N LYS B 1150 -38.77 -57.18 28.05
CA LYS B 1150 -38.06 -56.54 26.95
C LYS B 1150 -38.77 -55.25 26.50
N ILE B 1151 -37.95 -54.22 26.15
CA ILE B 1151 -38.45 -52.92 25.67
C ILE B 1151 -38.19 -52.80 24.16
N PHE B 1152 -39.02 -52.01 23.47
CA PHE B 1152 -38.92 -51.80 22.04
C PHE B 1152 -38.80 -50.32 21.71
N ILE B 1153 -37.91 -49.98 20.76
CA ILE B 1153 -37.66 -48.61 20.33
C ILE B 1153 -38.82 -48.17 19.41
N ASP B 1154 -39.39 -46.99 19.69
CA ASP B 1154 -40.53 -46.43 18.98
C ASP B 1154 -40.37 -46.05 17.51
N ASP B 1155 -39.29 -46.55 16.84
CA ASP B 1155 -38.92 -46.32 15.42
C ASP B 1155 -38.47 -44.88 15.15
N SER B 1156 -39.18 -43.88 15.69
CA SER B 1156 -38.91 -42.45 15.54
C SER B 1156 -37.59 -42.04 16.23
N GLN B 1157 -37.05 -42.92 17.10
CA GLN B 1157 -35.81 -42.71 17.84
C GLN B 1157 -34.58 -43.25 17.10
N ILE B 1158 -34.76 -44.09 16.06
CA ILE B 1158 -33.66 -44.67 15.28
C ILE B 1158 -33.39 -43.81 14.05
N TRP B 1159 -32.16 -43.30 13.92
CA TRP B 1159 -31.70 -42.50 12.78
C TRP B 1159 -30.41 -43.07 12.22
N GLU B 1160 -30.17 -42.85 10.92
CA GLU B 1160 -29.00 -43.37 10.20
C GLU B 1160 -28.14 -42.25 9.62
N ASP B 1161 -26.81 -42.45 9.60
CA ASP B 1161 -25.84 -41.51 9.03
C ASP B 1161 -25.46 -41.95 7.61
N GLY B 1162 -24.56 -41.21 6.95
CA GLY B 1162 -24.08 -41.50 5.60
C GLY B 1162 -23.28 -42.79 5.49
N GLN B 1163 -22.64 -43.21 6.60
CA GLN B 1163 -21.83 -44.44 6.70
C GLN B 1163 -22.73 -45.69 6.86
N GLY B 1164 -24.02 -45.48 7.14
CA GLY B 1164 -25.02 -46.54 7.29
C GLY B 1164 -25.22 -47.06 8.70
N ASN B 1165 -24.60 -46.40 9.68
CA ASN B 1165 -24.67 -46.75 11.10
C ASN B 1165 -26.00 -46.28 11.72
N LYS B 1166 -26.68 -47.17 12.44
CA LYS B 1166 -27.94 -46.88 13.12
C LYS B 1166 -27.66 -46.32 14.52
N PHE B 1167 -28.44 -45.31 14.92
CA PHE B 1167 -28.31 -44.68 16.24
C PHE B 1167 -29.66 -44.61 16.95
N VAL B 1168 -29.65 -44.60 18.29
CA VAL B 1168 -30.84 -44.53 19.13
C VAL B 1168 -30.75 -43.27 20.01
N GLY B 1169 -31.74 -42.39 19.88
CA GLY B 1169 -31.83 -41.16 20.64
C GLY B 1169 -31.11 -39.98 20.00
N GLY B 1170 -30.82 -38.97 20.81
CA GLY B 1170 -30.16 -37.74 20.37
C GLY B 1170 -31.03 -36.89 19.48
N ASN B 1171 -32.35 -36.88 19.76
CA ASN B 1171 -33.39 -36.16 19.00
C ASN B 1171 -33.85 -34.88 19.70
N GLU B 1172 -33.27 -34.55 20.88
CA GLU B 1172 -33.66 -33.35 21.62
C GLU B 1172 -32.89 -32.13 21.11
N THR B 1173 -32.99 -31.86 19.79
CA THR B 1173 -32.32 -30.75 19.12
C THR B 1173 -33.31 -29.67 18.74
N THR B 1174 -32.86 -28.41 18.80
CA THR B 1174 -33.64 -27.22 18.48
C THR B 1174 -32.81 -26.28 17.59
N THR B 1175 -33.30 -25.06 17.35
CA THR B 1175 -32.63 -24.05 16.54
C THR B 1175 -32.44 -22.78 17.39
N VAL B 1176 -31.25 -22.17 17.29
CA VAL B 1176 -30.87 -20.93 17.98
C VAL B 1176 -30.15 -20.02 16.99
N ALA B 1177 -30.36 -18.71 17.11
CA ALA B 1177 -29.68 -17.75 16.25
C ALA B 1177 -28.43 -17.28 16.96
N ILE B 1178 -27.27 -17.51 16.32
CA ILE B 1178 -25.96 -17.20 16.91
C ILE B 1178 -25.02 -16.58 15.89
N PRO B 1179 -23.90 -15.92 16.31
CA PRO B 1179 -22.92 -15.49 15.31
C PRO B 1179 -22.12 -16.72 14.86
N PHE B 1180 -21.67 -16.74 13.59
CA PHE B 1180 -20.93 -17.89 13.10
C PHE B 1180 -19.57 -18.04 13.80
N VAL B 1181 -18.88 -16.92 14.17
CA VAL B 1181 -17.59 -17.01 14.88
C VAL B 1181 -17.69 -17.88 16.12
N LEU B 1182 -18.87 -17.92 16.79
CA LEU B 1182 -19.10 -18.74 17.97
C LEU B 1182 -18.81 -20.20 17.61
N LYS B 1183 -19.36 -20.67 16.46
CA LYS B 1183 -19.17 -22.03 15.94
C LYS B 1183 -17.69 -22.31 15.72
N TYR B 1184 -16.95 -21.34 15.15
CA TYR B 1184 -15.51 -21.45 14.89
C TYR B 1184 -14.72 -21.46 16.21
N LEU B 1185 -15.17 -20.65 17.21
CA LEU B 1185 -14.55 -20.56 18.54
C LEU B 1185 -14.74 -21.89 19.26
N ASP B 1186 -15.99 -22.38 19.36
CA ASP B 1186 -16.32 -23.65 20.01
C ASP B 1186 -15.48 -24.78 19.43
N SER B 1187 -15.33 -24.78 18.08
CA SER B 1187 -14.52 -25.75 17.34
C SER B 1187 -13.07 -25.71 17.79
N GLU B 1188 -12.50 -24.48 17.90
CA GLU B 1188 -11.11 -24.25 18.31
C GLU B 1188 -10.91 -24.65 19.75
N LEU B 1189 -11.86 -24.30 20.63
CA LEU B 1189 -11.80 -24.65 22.06
C LEU B 1189 -11.86 -26.16 22.24
N SER B 1190 -12.64 -26.85 21.38
CA SER B 1190 -12.78 -28.30 21.41
C SER B 1190 -11.45 -28.98 21.09
N ALA B 1191 -10.65 -28.41 20.16
CA ALA B 1191 -9.33 -28.95 19.80
C ALA B 1191 -8.43 -28.98 21.03
N MET B 1192 -8.51 -27.91 21.85
CA MET B 1192 -7.79 -27.76 23.11
C MET B 1192 -8.34 -28.65 24.24
N GLY B 1193 -9.47 -29.32 23.98
CA GLY B 1193 -10.12 -30.20 24.93
C GLY B 1193 -11.07 -29.50 25.88
N ILE B 1194 -11.50 -28.29 25.51
CA ILE B 1194 -12.42 -27.48 26.29
C ILE B 1194 -13.83 -27.59 25.68
N ARG B 1195 -14.84 -27.87 26.53
CA ARG B 1195 -16.23 -28.05 26.15
C ARG B 1195 -17.09 -26.87 26.61
N LEU B 1196 -17.87 -26.29 25.67
CA LEU B 1196 -18.83 -25.21 25.95
C LEU B 1196 -20.22 -25.82 26.00
N ARG B 1197 -20.95 -25.64 27.12
CA ARG B 1197 -22.31 -26.17 27.25
C ARG B 1197 -23.32 -25.03 27.20
N TYR B 1198 -24.14 -24.96 26.13
CA TYR B 1198 -25.13 -23.89 25.97
C TYR B 1198 -26.47 -24.32 26.55
N ASN B 1199 -26.84 -23.70 27.67
CA ASN B 1199 -28.11 -24.00 28.32
C ASN B 1199 -29.20 -23.27 27.54
N VAL B 1200 -30.05 -24.06 26.86
CA VAL B 1200 -31.08 -23.56 25.96
C VAL B 1200 -32.48 -23.75 26.51
N GLU B 1201 -33.23 -22.64 26.61
CA GLU B 1201 -34.62 -22.62 27.04
C GLU B 1201 -35.52 -22.42 25.80
N PRO B 1202 -36.73 -23.02 25.71
CA PRO B 1202 -37.40 -23.92 26.68
C PRO B 1202 -36.79 -25.32 26.67
N LYS B 1203 -37.00 -26.09 27.74
CA LYS B 1203 -36.45 -27.46 27.85
C LYS B 1203 -37.56 -28.49 27.85
N GLU C 30 -47.23 53.79 -9.02
CA GLU C 30 -47.97 52.87 -9.88
C GLU C 30 -47.17 52.57 -11.16
N TRP C 31 -46.93 51.27 -11.44
CA TRP C 31 -46.20 50.84 -12.63
C TRP C 31 -47.12 50.12 -13.60
N ASN C 32 -47.15 50.63 -14.83
CA ASN C 32 -47.91 50.11 -15.98
C ASN C 32 -46.90 49.72 -17.06
N VAL C 33 -47.28 48.80 -17.96
CA VAL C 33 -46.38 48.37 -19.03
C VAL C 33 -46.20 49.52 -20.07
N GLU C 34 -47.22 50.41 -20.19
CA GLU C 34 -47.19 51.57 -21.07
C GLU C 34 -46.38 52.70 -20.45
N LYS C 35 -46.35 52.78 -19.10
CA LYS C 35 -45.58 53.77 -18.34
C LYS C 35 -44.08 53.45 -18.43
N PHE C 36 -43.76 52.15 -18.66
CA PHE C 36 -42.40 51.65 -18.83
C PHE C 36 -41.88 52.07 -20.21
N LYS C 37 -42.76 52.02 -21.24
CA LYS C 37 -42.48 52.41 -22.63
C LYS C 37 -42.10 53.90 -22.70
N LYS C 38 -42.68 54.73 -21.81
CA LYS C 38 -42.43 56.17 -21.71
C LYS C 38 -41.00 56.50 -21.22
N ASP C 39 -40.50 55.75 -20.23
CA ASP C 39 -39.18 55.98 -19.62
C ASP C 39 -38.05 55.11 -20.21
N PHE C 40 -38.35 53.89 -20.71
CA PHE C 40 -37.34 52.98 -21.24
C PHE C 40 -36.69 53.51 -22.52
N GLU C 41 -35.35 53.59 -22.50
CA GLU C 41 -34.51 54.06 -23.60
C GLU C 41 -33.39 53.08 -23.90
N VAL C 42 -32.93 53.08 -25.16
CA VAL C 42 -31.83 52.28 -25.70
C VAL C 42 -30.82 53.23 -26.34
N ASN C 43 -29.51 53.03 -26.11
CA ASN C 43 -28.48 53.88 -26.70
C ASN C 43 -27.37 53.02 -27.27
N ILE C 44 -27.15 53.07 -28.60
CA ILE C 44 -26.10 52.26 -29.24
C ILE C 44 -24.84 53.12 -29.43
N SER C 45 -23.77 52.77 -28.70
CA SER C 45 -22.47 53.44 -28.72
C SER C 45 -21.63 52.98 -29.91
N SER C 46 -21.51 51.64 -30.09
CA SER C 46 -20.75 51.05 -31.18
C SER C 46 -21.35 49.71 -31.58
N LEU C 47 -21.68 49.53 -32.86
CA LEU C 47 -22.23 48.27 -33.34
C LEU C 47 -21.39 47.71 -34.50
N ASP C 48 -20.38 46.91 -34.14
CA ASP C 48 -19.45 46.22 -35.05
C ASP C 48 -20.09 44.89 -35.49
N ALA C 49 -19.51 44.22 -36.50
CA ALA C 49 -19.97 42.93 -37.03
C ALA C 49 -19.86 41.80 -36.00
N ARG C 50 -18.93 41.93 -35.03
CA ARG C 50 -18.71 40.93 -33.99
C ARG C 50 -19.20 41.43 -32.63
N GLU C 51 -18.84 42.66 -32.20
CA GLU C 51 -19.28 43.14 -30.88
C GLU C 51 -20.14 44.41 -30.94
N ALA C 52 -21.20 44.44 -30.13
CA ALA C 52 -22.12 45.56 -30.01
C ALA C 52 -22.19 46.06 -28.57
N ASN C 53 -22.00 47.37 -28.40
CA ASN C 53 -22.04 48.04 -27.11
C ASN C 53 -23.27 48.94 -27.06
N PHE C 54 -24.32 48.45 -26.39
CA PHE C 54 -25.60 49.15 -26.27
C PHE C 54 -26.00 49.34 -24.81
N ASP C 55 -26.87 50.33 -24.55
CA ASP C 55 -27.34 50.67 -23.20
C ASP C 55 -28.83 50.43 -23.04
N LEU C 56 -29.24 49.99 -21.84
CA LEU C 56 -30.64 49.75 -21.49
C LEU C 56 -30.97 50.65 -20.30
N ILE C 57 -31.62 51.78 -20.59
CA ILE C 57 -31.96 52.84 -19.63
C ILE C 57 -33.39 52.65 -19.08
N ASN C 58 -33.52 52.80 -17.75
CA ASN C 58 -34.75 52.74 -16.94
C ASN C 58 -35.45 51.36 -17.05
N ILE C 59 -34.67 50.30 -16.85
CA ILE C 59 -35.12 48.90 -16.84
C ILE C 59 -34.62 48.27 -15.51
N ASP C 60 -35.31 47.23 -15.02
CA ASP C 60 -34.93 46.59 -13.76
C ASP C 60 -33.76 45.64 -13.93
N THR C 61 -32.99 45.45 -12.85
CA THR C 61 -31.85 44.53 -12.75
C THR C 61 -32.26 43.11 -13.13
N SER C 62 -33.45 42.67 -12.66
CA SER C 62 -34.04 41.35 -12.88
C SER C 62 -34.27 41.04 -14.36
N ILE C 63 -34.54 42.07 -15.19
CA ILE C 63 -34.78 41.93 -16.63
C ILE C 63 -33.42 42.00 -17.37
N ALA C 64 -32.54 42.94 -16.99
CA ALA C 64 -31.22 43.10 -17.61
C ALA C 64 -30.35 41.86 -17.38
N ASN C 65 -30.41 41.28 -16.15
CA ASN C 65 -29.67 40.07 -15.78
C ASN C 65 -30.25 38.86 -16.50
N ALA C 66 -31.58 38.85 -16.76
CA ALA C 66 -32.28 37.77 -17.45
C ALA C 66 -31.75 37.62 -18.87
N PHE C 67 -31.70 38.75 -19.64
CA PHE C 67 -31.20 38.77 -21.01
C PHE C 67 -29.73 38.33 -21.05
N ARG C 68 -28.92 38.82 -20.09
CA ARG C 68 -27.51 38.48 -19.92
C ARG C 68 -27.36 36.97 -19.78
N ARG C 69 -28.13 36.36 -18.84
CA ARG C 69 -28.14 34.93 -18.55
C ARG C 69 -28.56 34.09 -19.77
N ILE C 70 -29.54 34.59 -20.55
CA ILE C 70 -30.06 33.92 -21.74
C ILE C 70 -29.01 33.98 -22.85
N MET C 71 -28.41 35.16 -23.11
CA MET C 71 -27.39 35.38 -24.14
C MET C 71 -26.20 34.42 -24.01
N ILE C 72 -25.86 34.03 -22.76
CA ILE C 72 -24.77 33.12 -22.49
C ILE C 72 -25.26 31.66 -22.52
N SER C 73 -26.30 31.33 -21.73
CA SER C 73 -26.78 29.97 -21.51
C SER C 73 -27.94 29.46 -22.40
N GLU C 74 -28.93 30.29 -22.72
CA GLU C 74 -30.13 29.80 -23.38
C GLU C 74 -30.25 30.02 -24.90
N VAL C 75 -29.47 30.96 -25.51
CA VAL C 75 -29.53 31.20 -26.96
C VAL C 75 -28.90 30.00 -27.69
N PRO C 76 -29.69 29.21 -28.46
CA PRO C 76 -29.12 28.00 -29.11
C PRO C 76 -28.10 28.32 -30.20
N SER C 77 -27.06 27.47 -30.29
CA SER C 77 -25.98 27.59 -31.27
C SER C 77 -25.57 26.21 -31.80
N VAL C 78 -24.77 26.19 -32.89
CA VAL C 78 -24.28 24.96 -33.54
C VAL C 78 -22.79 24.78 -33.22
N ALA C 79 -22.46 23.60 -32.68
CA ALA C 79 -21.09 23.18 -32.37
C ALA C 79 -20.97 21.67 -32.50
N ALA C 80 -19.76 21.17 -32.86
CA ALA C 80 -19.49 19.74 -33.01
C ALA C 80 -19.75 19.00 -31.69
N GLU C 81 -20.47 17.86 -31.75
CA GLU C 81 -20.84 17.08 -30.56
C GLU C 81 -20.36 15.64 -30.60
N TYR C 82 -20.37 15.02 -31.77
CA TYR C 82 -19.96 13.62 -31.87
C TYR C 82 -18.84 13.49 -32.90
N VAL C 83 -17.60 13.33 -32.41
CA VAL C 83 -16.44 13.18 -33.28
C VAL C 83 -16.16 11.69 -33.45
N TYR C 84 -16.25 11.20 -34.70
CA TYR C 84 -16.04 9.81 -35.04
C TYR C 84 -14.66 9.66 -35.68
N PHE C 85 -13.69 9.13 -34.89
CA PHE C 85 -12.31 8.95 -35.34
C PHE C 85 -12.11 7.63 -36.08
N PHE C 86 -11.36 7.68 -37.20
CA PHE C 86 -11.01 6.53 -38.02
C PHE C 86 -9.53 6.22 -37.86
N ASN C 87 -8.73 7.27 -37.57
CA ASN C 87 -7.29 7.20 -37.30
C ASN C 87 -6.78 8.51 -36.72
N ASN C 88 -5.86 8.40 -35.74
CA ASN C 88 -5.22 9.53 -35.07
C ASN C 88 -3.82 9.11 -34.58
N THR C 89 -2.80 9.31 -35.43
CA THR C 89 -1.41 8.97 -35.10
C THR C 89 -0.66 10.20 -34.57
N SER C 90 -1.38 11.30 -34.34
CA SER C 90 -0.81 12.54 -33.81
C SER C 90 -0.51 12.43 -32.31
N VAL C 91 0.26 13.40 -31.80
CA VAL C 91 0.65 13.50 -30.39
C VAL C 91 -0.59 13.85 -29.52
N ILE C 92 -1.53 14.62 -30.10
CA ILE C 92 -2.77 15.04 -29.46
C ILE C 92 -3.76 13.89 -29.38
N GLN C 93 -4.07 13.46 -28.15
CA GLN C 93 -5.01 12.37 -27.83
C GLN C 93 -6.39 12.62 -28.46
N ASP C 94 -7.09 11.53 -28.82
CA ASP C 94 -8.42 11.58 -29.45
C ASP C 94 -9.40 12.46 -28.67
N GLU C 95 -9.53 12.25 -27.34
CA GLU C 95 -10.43 13.00 -26.45
C GLU C 95 -10.17 14.49 -26.53
N VAL C 96 -8.89 14.89 -26.44
CA VAL C 96 -8.43 16.28 -26.49
C VAL C 96 -8.74 16.89 -27.87
N LEU C 97 -8.37 16.20 -28.97
CA LEU C 97 -8.61 16.64 -30.34
C LEU C 97 -10.10 16.79 -30.63
N ALA C 98 -10.94 15.86 -30.11
CA ALA C 98 -12.39 15.88 -30.26
C ALA C 98 -12.98 17.08 -29.53
N HIS C 99 -12.48 17.36 -28.32
CA HIS C 99 -12.90 18.48 -27.48
C HIS C 99 -12.55 19.82 -28.13
N ARG C 100 -11.39 19.90 -28.80
CA ARG C 100 -10.94 21.11 -29.47
C ARG C 100 -11.83 21.48 -30.65
N ILE C 101 -12.29 20.46 -31.42
CA ILE C 101 -13.18 20.63 -32.57
C ILE C 101 -14.54 21.19 -32.09
N GLY C 102 -15.02 20.67 -30.96
CA GLY C 102 -16.26 21.11 -30.33
C GLY C 102 -16.20 22.58 -29.93
N LEU C 103 -15.03 23.02 -29.44
CA LEU C 103 -14.78 24.40 -29.01
C LEU C 103 -14.70 25.40 -30.17
N VAL C 104 -14.31 24.93 -31.38
CA VAL C 104 -14.18 25.78 -32.56
C VAL C 104 -15.59 26.26 -32.99
N PRO C 105 -15.86 27.60 -32.95
CA PRO C 105 -17.18 28.08 -33.35
C PRO C 105 -17.35 28.02 -34.86
N LEU C 106 -18.50 27.53 -35.31
CA LEU C 106 -18.81 27.38 -36.73
C LEU C 106 -19.69 28.52 -37.20
N LYS C 107 -19.35 29.13 -38.36
CA LYS C 107 -20.13 30.24 -38.94
C LYS C 107 -21.38 29.64 -39.60
N VAL C 108 -22.28 29.09 -38.76
CA VAL C 108 -23.52 28.43 -39.12
C VAL C 108 -24.68 29.14 -38.43
N ASP C 109 -25.64 29.62 -39.22
CA ASP C 109 -26.81 30.26 -38.66
C ASP C 109 -27.79 29.17 -38.21
N PRO C 110 -28.29 29.20 -36.94
CA PRO C 110 -29.28 28.19 -36.51
C PRO C 110 -30.63 28.44 -37.22
N ASP C 111 -31.73 27.83 -36.73
CA ASP C 111 -33.08 27.92 -37.34
C ASP C 111 -33.11 27.09 -38.64
N MET C 112 -31.93 26.91 -39.28
CA MET C 112 -31.69 26.09 -40.47
C MET C 112 -31.70 24.63 -40.06
N LEU C 113 -31.36 24.38 -38.79
CA LEU C 113 -31.34 23.06 -38.18
C LEU C 113 -32.47 22.90 -37.18
N THR C 114 -33.02 21.69 -37.13
CA THR C 114 -34.05 21.29 -36.18
C THR C 114 -33.34 20.68 -34.98
N TRP C 115 -34.05 20.57 -33.85
CA TRP C 115 -33.47 19.98 -32.64
C TRP C 115 -33.49 18.47 -32.73
N VAL C 116 -32.36 17.85 -32.37
CA VAL C 116 -32.19 16.40 -32.39
C VAL C 116 -32.96 15.77 -31.22
N ASP C 117 -33.56 14.60 -31.45
CA ASP C 117 -34.28 13.85 -30.42
C ASP C 117 -33.34 12.77 -29.90
N SER C 118 -33.22 12.66 -28.57
CA SER C 118 -32.27 11.74 -27.94
C SER C 118 -32.79 10.31 -27.71
N ASN C 119 -34.13 10.11 -27.62
CA ASN C 119 -34.70 8.79 -27.32
C ASN C 119 -34.58 7.78 -28.49
N LEU C 120 -34.84 8.18 -29.75
CA LEU C 120 -34.75 7.24 -30.90
C LEU C 120 -33.27 6.89 -31.23
N PRO C 121 -32.98 5.69 -31.82
CA PRO C 121 -31.57 5.31 -32.08
C PRO C 121 -30.88 6.13 -33.17
N ASP C 122 -29.52 6.05 -33.19
CA ASP C 122 -28.57 6.74 -34.07
C ASP C 122 -28.93 6.72 -35.57
N ASP C 123 -29.54 5.62 -36.07
CA ASP C 123 -29.91 5.50 -37.48
C ASP C 123 -31.10 6.42 -37.84
N GLU C 124 -31.94 6.75 -36.85
CA GLU C 124 -33.12 7.62 -36.98
C GLU C 124 -32.84 9.02 -36.43
N LYS C 125 -31.90 9.11 -35.46
CA LYS C 125 -31.47 10.31 -34.74
C LYS C 125 -30.87 11.39 -35.67
N PHE C 126 -29.86 11.04 -36.46
CA PHE C 126 -29.17 11.98 -37.33
C PHE C 126 -29.77 12.02 -38.74
N THR C 127 -30.27 13.21 -39.13
CA THR C 127 -30.87 13.51 -40.43
C THR C 127 -30.23 14.75 -41.05
N ASP C 128 -30.60 15.09 -42.30
CA ASP C 128 -30.11 16.27 -43.03
C ASP C 128 -30.64 17.58 -42.41
N GLU C 129 -31.73 17.49 -41.61
CA GLU C 129 -32.35 18.60 -40.92
C GLU C 129 -31.83 18.77 -39.49
N ASN C 130 -31.31 17.69 -38.87
CA ASN C 130 -30.83 17.70 -37.48
C ASN C 130 -29.30 17.78 -37.33
N THR C 131 -28.54 17.30 -38.33
CA THR C 131 -27.07 17.22 -38.21
C THR C 131 -26.32 17.82 -39.40
N ILE C 132 -25.13 18.38 -39.11
CA ILE C 132 -24.17 18.93 -40.07
C ILE C 132 -22.86 18.13 -39.90
N VAL C 133 -22.32 17.61 -41.01
CA VAL C 133 -21.10 16.78 -40.98
C VAL C 133 -19.89 17.60 -41.44
N LEU C 134 -18.78 17.50 -40.67
CA LEU C 134 -17.49 18.14 -40.96
C LEU C 134 -16.40 17.08 -40.90
N SER C 135 -15.68 16.89 -42.03
CA SER C 135 -14.63 15.87 -42.12
C SER C 135 -13.24 16.48 -42.04
N LEU C 136 -12.31 15.73 -41.43
CA LEU C 136 -10.92 16.11 -41.31
C LEU C 136 -10.06 14.92 -41.71
N ASN C 137 -9.31 15.08 -42.82
CA ASN C 137 -8.43 14.05 -43.38
C ASN C 137 -7.10 14.69 -43.77
N VAL C 138 -6.11 14.60 -42.85
CA VAL C 138 -4.78 15.19 -43.03
C VAL C 138 -3.69 14.11 -42.79
N LYS C 139 -2.72 14.03 -43.71
CA LYS C 139 -1.57 13.12 -43.65
C LYS C 139 -0.28 13.93 -43.81
N CYS C 140 0.66 13.80 -42.85
CA CYS C 140 1.91 14.56 -42.88
C CYS C 140 3.00 13.80 -43.61
N THR C 141 3.78 14.53 -44.44
CA THR C 141 4.91 14.01 -45.23
C THR C 141 6.13 14.95 -45.08
N ARG C 142 7.25 14.64 -45.78
CA ARG C 142 8.51 15.38 -45.76
C ARG C 142 8.71 16.12 -47.11
N ASN C 143 9.43 17.28 -47.07
CA ASN C 143 9.72 18.13 -48.24
C ASN C 143 11.22 18.50 -48.31
N PRO C 144 11.86 18.52 -49.50
CA PRO C 144 13.28 18.90 -49.56
C PRO C 144 13.51 20.42 -49.61
N ASP C 145 14.17 20.97 -48.55
CA ASP C 145 14.51 22.39 -48.41
C ASP C 145 15.83 22.56 -47.62
N ALA C 146 16.58 23.66 -47.90
CA ALA C 146 17.85 23.97 -47.26
C ALA C 146 17.65 24.33 -45.77
N PRO C 147 18.40 23.68 -44.83
CA PRO C 147 18.17 23.95 -43.40
C PRO C 147 18.77 25.29 -42.94
N SER C 150 16.50 25.08 -36.90
CA SER C 150 15.68 26.29 -36.85
C SER C 150 14.59 26.30 -37.91
N THR C 151 14.90 25.71 -39.10
CA THR C 151 14.08 25.63 -40.31
C THR C 151 12.57 25.49 -40.03
N ASP C 152 11.78 26.33 -40.74
CA ASP C 152 10.33 26.49 -40.71
C ASP C 152 9.57 25.16 -40.88
N PRO C 153 8.50 24.92 -40.08
CA PRO C 153 7.75 23.66 -40.22
C PRO C 153 6.94 23.56 -41.53
N LYS C 154 6.57 24.72 -42.11
CA LYS C 154 5.82 24.80 -43.37
C LYS C 154 6.73 24.50 -44.58
N GLU C 155 8.06 24.63 -44.36
CA GLU C 155 9.10 24.37 -45.36
C GLU C 155 9.63 22.93 -45.24
N LEU C 156 9.90 22.49 -43.99
CA LEU C 156 10.46 21.18 -43.68
C LEU C 156 9.48 20.03 -43.87
N TYR C 157 8.20 20.24 -43.53
CA TYR C 157 7.16 19.21 -43.66
C TYR C 157 5.94 19.74 -44.42
N ASN C 158 5.14 18.82 -44.99
CA ASN C 158 3.89 19.13 -45.69
C ASN C 158 2.72 18.70 -44.82
N ASN C 159 1.71 19.59 -44.67
CA ASN C 159 0.50 19.40 -43.86
C ASN C 159 0.86 19.16 -42.37
N ALA C 160 1.89 19.87 -41.88
CA ALA C 160 2.36 19.77 -40.49
C ALA C 160 1.36 20.37 -39.52
N HIS C 161 0.79 21.55 -39.84
CA HIS C 161 -0.17 22.21 -38.96
C HIS C 161 -1.61 22.06 -39.46
N VAL C 162 -2.47 21.49 -38.61
CA VAL C 162 -3.89 21.25 -38.87
C VAL C 162 -4.68 22.44 -38.30
N TYR C 163 -5.38 23.18 -39.18
CA TYR C 163 -6.17 24.36 -38.80
C TYR C 163 -7.67 24.06 -38.88
N ALA C 164 -8.51 24.97 -38.32
CA ALA C 164 -9.96 24.84 -38.34
C ALA C 164 -10.52 24.87 -39.77
N ARG C 165 -9.81 25.55 -40.69
CA ARG C 165 -10.14 25.66 -42.13
C ARG C 165 -10.02 24.29 -42.84
N ASP C 166 -9.32 23.32 -42.21
CA ASP C 166 -9.12 21.98 -42.75
C ASP C 166 -10.33 21.06 -42.46
N LEU C 167 -11.35 21.59 -41.75
CA LEU C 167 -12.59 20.85 -41.50
C LEU C 167 -13.51 21.05 -42.70
N LYS C 168 -13.46 20.09 -43.66
CA LYS C 168 -14.22 20.14 -44.90
C LYS C 168 -15.71 19.83 -44.64
N PHE C 169 -16.60 20.71 -45.15
CA PHE C 169 -18.05 20.55 -45.03
C PHE C 169 -18.56 19.54 -46.05
N GLU C 170 -19.31 18.53 -45.56
CA GLU C 170 -19.87 17.47 -46.38
C GLU C 170 -21.42 17.50 -46.30
N PRO C 171 -22.11 18.11 -47.30
CA PRO C 171 -23.59 18.14 -47.23
C PRO C 171 -24.20 16.82 -47.69
N GLN C 172 -25.14 16.28 -46.89
CA GLN C 172 -25.78 14.99 -47.20
C GLN C 172 -27.31 15.06 -47.18
N GLY C 173 -27.92 14.01 -47.74
CA GLY C 173 -29.36 13.78 -47.78
C GLY C 173 -30.20 14.68 -48.65
N ARG C 174 -31.48 14.80 -48.24
CA ARG C 174 -32.60 15.55 -48.84
C ARG C 174 -32.22 17.00 -49.20
N GLN C 175 -31.37 17.65 -48.37
CA GLN C 175 -30.97 19.03 -48.60
C GLN C 175 -29.44 19.19 -48.60
N SER C 176 -28.89 19.43 -49.78
CA SER C 176 -27.47 19.70 -50.05
C SER C 176 -27.42 20.93 -50.99
N THR C 177 -28.59 21.59 -51.13
CA THR C 177 -28.87 22.78 -51.93
C THR C 177 -29.24 23.96 -51.00
N THR C 178 -29.64 23.67 -49.74
CA THR C 178 -30.00 24.69 -48.76
C THR C 178 -28.73 25.41 -48.24
N PHE C 179 -27.59 24.69 -48.21
CA PHE C 179 -26.30 25.22 -47.79
C PHE C 179 -25.38 25.49 -49.00
N ALA C 180 -26.00 25.76 -50.19
CA ALA C 180 -25.26 26.05 -51.42
C ALA C 180 -24.69 27.47 -51.37
N ASP C 181 -25.53 28.46 -51.02
CA ASP C 181 -25.13 29.87 -50.89
C ASP C 181 -24.71 30.19 -49.44
N CYS C 182 -24.59 29.14 -48.59
CA CYS C 182 -24.20 29.22 -47.19
C CYS C 182 -23.26 28.04 -46.85
N PRO C 183 -21.96 28.07 -47.25
CA PRO C 183 -21.08 26.94 -46.92
C PRO C 183 -20.63 26.94 -45.45
N VAL C 184 -20.60 25.75 -44.83
CA VAL C 184 -20.21 25.59 -43.42
C VAL C 184 -18.69 25.75 -43.32
N VAL C 185 -18.27 26.87 -42.74
CA VAL C 185 -16.89 27.26 -42.54
C VAL C 185 -16.73 27.71 -41.08
N PRO C 186 -15.61 27.36 -40.39
CA PRO C 186 -15.44 27.85 -39.01
C PRO C 186 -15.32 29.38 -38.96
N ALA C 187 -15.97 30.02 -37.97
CA ALA C 187 -15.97 31.48 -37.76
C ALA C 187 -14.54 32.07 -37.80
N ASP C 188 -13.59 31.38 -37.17
CA ASP C 188 -12.16 31.72 -37.16
C ASP C 188 -11.43 30.55 -37.82
N PRO C 189 -10.95 30.69 -39.07
CA PRO C 189 -10.33 29.54 -39.75
C PRO C 189 -8.91 29.21 -39.30
N ASP C 190 -8.09 30.24 -38.99
CA ASP C 190 -6.69 30.10 -38.60
C ASP C 190 -6.49 29.47 -37.20
N ILE C 191 -7.57 28.94 -36.55
CA ILE C 191 -7.47 28.26 -35.25
C ILE C 191 -6.65 26.99 -35.43
N LEU C 192 -5.59 26.83 -34.63
CA LEU C 192 -4.75 25.64 -34.68
C LEU C 192 -5.48 24.49 -33.95
N LEU C 193 -5.64 23.35 -34.64
CA LEU C 193 -6.33 22.18 -34.09
C LEU C 193 -5.36 21.08 -33.70
N ALA C 194 -4.27 20.90 -34.47
CA ALA C 194 -3.25 19.87 -34.25
C ALA C 194 -1.93 20.18 -34.95
N LYS C 195 -0.84 19.64 -34.40
CA LYS C 195 0.50 19.76 -34.95
C LYS C 195 1.01 18.34 -35.21
N LEU C 196 1.59 18.11 -36.40
CA LEU C 196 2.02 16.81 -36.89
C LEU C 196 3.45 16.77 -37.43
N ARG C 197 4.01 15.55 -37.48
CA ARG C 197 5.32 15.23 -38.04
C ARG C 197 5.13 14.11 -39.08
N PRO C 198 5.99 13.99 -40.15
CA PRO C 198 5.75 12.99 -41.19
C PRO C 198 5.52 11.56 -40.68
N GLY C 199 4.49 10.93 -41.21
CA GLY C 199 4.08 9.57 -40.84
C GLY C 199 2.74 9.54 -40.13
N GLN C 200 2.46 10.61 -39.36
CA GLN C 200 1.23 10.81 -38.58
C GLN C 200 0.05 11.18 -39.49
N GLU C 201 -1.17 10.81 -39.09
CA GLU C 201 -2.39 11.11 -39.85
C GLU C 201 -3.60 11.29 -38.92
N ILE C 202 -4.57 12.10 -39.37
CA ILE C 202 -5.83 12.36 -38.67
C ILE C 202 -6.97 12.12 -39.67
N SER C 203 -7.89 11.21 -39.31
CA SER C 203 -9.05 10.87 -40.12
C SER C 203 -10.28 10.83 -39.23
N LEU C 204 -11.22 11.77 -39.40
CA LEU C 204 -12.43 11.83 -38.58
C LEU C 204 -13.64 12.45 -39.31
N LYS C 205 -14.82 12.13 -38.77
CA LYS C 205 -16.14 12.59 -39.20
C LYS C 205 -16.83 13.20 -37.97
N ALA C 206 -16.93 14.54 -37.91
CA ALA C 206 -17.55 15.24 -36.79
C ALA C 206 -19.01 15.56 -37.08
N HIS C 207 -19.89 15.26 -36.11
CA HIS C 207 -21.33 15.51 -36.23
C HIS C 207 -21.71 16.73 -35.38
N CYS C 208 -21.93 17.86 -36.07
CA CYS C 208 -22.28 19.14 -35.46
C CYS C 208 -23.78 19.20 -35.32
N ILE C 209 -24.24 19.51 -34.09
CA ILE C 209 -25.65 19.54 -33.75
C ILE C 209 -26.03 20.87 -33.05
N LEU C 210 -27.33 21.07 -32.78
CA LEU C 210 -27.89 22.24 -32.11
C LEU C 210 -27.95 22.01 -30.61
N GLY C 211 -27.40 22.96 -29.84
CA GLY C 211 -27.36 22.92 -28.39
C GLY C 211 -27.35 24.28 -27.73
N ILE C 212 -27.56 24.33 -26.39
CA ILE C 212 -27.60 25.56 -25.61
C ILE C 212 -26.37 25.67 -24.70
N GLY C 213 -25.97 26.92 -24.41
CA GLY C 213 -24.81 27.26 -23.60
C GLY C 213 -24.79 26.80 -22.15
N GLY C 214 -25.96 26.46 -21.61
CA GLY C 214 -26.12 25.97 -20.25
C GLY C 214 -25.59 24.55 -20.09
N ASP C 215 -25.73 23.75 -21.17
CA ASP C 215 -25.28 22.36 -21.27
C ASP C 215 -23.75 22.32 -21.36
N HIS C 216 -23.17 23.12 -22.27
CA HIS C 216 -21.73 23.21 -22.49
C HIS C 216 -21.36 24.61 -23.01
N ALA C 217 -20.18 25.12 -22.62
CA ALA C 217 -19.67 26.43 -23.03
C ALA C 217 -19.38 26.52 -24.54
N LYS C 218 -19.23 25.34 -25.20
CA LYS C 218 -18.98 25.23 -26.64
C LYS C 218 -20.20 25.69 -27.45
N PHE C 219 -21.38 25.67 -26.82
CA PHE C 219 -22.65 26.05 -27.43
C PHE C 219 -23.03 27.51 -27.16
N SER C 220 -22.29 28.22 -26.29
CA SER C 220 -22.56 29.63 -25.98
C SER C 220 -22.24 30.48 -27.23
N PRO C 221 -23.27 31.17 -27.80
CA PRO C 221 -23.05 31.93 -29.04
C PRO C 221 -22.25 33.21 -28.84
N VAL C 222 -22.16 33.64 -27.58
CA VAL C 222 -21.47 34.86 -27.20
C VAL C 222 -20.08 34.53 -26.63
N SER C 223 -19.11 35.41 -26.91
CA SER C 223 -17.76 35.34 -26.37
C SER C 223 -17.85 35.89 -24.97
N THR C 224 -18.52 37.06 -24.80
CA THR C 224 -18.80 37.68 -23.51
C THR C 224 -19.98 38.64 -23.60
N ALA C 225 -21.06 38.30 -22.88
CA ALA C 225 -22.27 39.10 -22.73
C ALA C 225 -22.34 39.51 -21.27
N SER C 226 -22.00 40.77 -21.00
CA SER C 226 -22.00 41.32 -19.66
C SER C 226 -22.45 42.77 -19.67
N TYR C 227 -23.01 43.20 -18.54
CA TYR C 227 -23.43 44.57 -18.37
C TYR C 227 -22.70 45.19 -17.19
N ARG C 228 -22.51 46.51 -17.27
CA ARG C 228 -21.89 47.30 -16.22
C ARG C 228 -22.79 48.51 -15.97
N LEU C 229 -23.10 48.77 -14.70
CA LEU C 229 -23.96 49.87 -14.28
C LEU C 229 -23.27 51.20 -14.52
N LEU C 230 -24.04 52.25 -14.90
CA LEU C 230 -23.48 53.58 -15.17
C LEU C 230 -22.89 54.18 -13.89
N PRO C 231 -21.56 54.47 -13.88
CA PRO C 231 -20.95 55.04 -12.68
C PRO C 231 -21.47 56.45 -12.37
N GLN C 232 -21.74 56.72 -11.08
CA GLN C 232 -22.23 58.03 -10.61
C GLN C 232 -21.18 58.67 -9.71
N ILE C 233 -20.83 59.93 -10.00
CA ILE C 233 -19.85 60.70 -9.22
C ILE C 233 -20.58 61.91 -8.63
N ASN C 234 -21.02 61.78 -7.37
CA ASN C 234 -21.75 62.84 -6.68
C ASN C 234 -20.76 63.80 -6.03
N ILE C 235 -20.56 64.96 -6.67
CA ILE C 235 -19.66 66.00 -6.17
C ILE C 235 -20.44 66.81 -5.13
N LEU C 236 -20.01 66.74 -3.86
CA LEU C 236 -20.66 67.40 -2.73
C LEU C 236 -20.18 68.86 -2.56
N GLN C 237 -18.88 69.11 -2.81
CA GLN C 237 -18.27 70.45 -2.69
C GLN C 237 -17.79 70.96 -4.08
N PRO C 238 -17.68 72.30 -4.30
CA PRO C 238 -17.23 72.80 -5.62
C PRO C 238 -15.83 72.32 -6.03
N ILE C 239 -14.90 72.18 -5.04
CA ILE C 239 -13.50 71.73 -5.12
C ILE C 239 -12.76 72.35 -6.36
N LYS C 240 -12.90 73.66 -6.55
CA LYS C 240 -12.26 74.37 -7.65
C LYS C 240 -10.78 74.68 -7.30
N GLY C 241 -10.01 75.11 -8.31
CA GLY C 241 -8.61 75.48 -8.15
C GLY C 241 -7.64 74.40 -8.62
N GLU C 242 -6.52 74.25 -7.88
CA GLU C 242 -5.49 73.26 -8.20
C GLU C 242 -5.91 71.87 -7.73
N SER C 243 -6.86 71.80 -6.76
CA SER C 243 -7.40 70.53 -6.26
C SER C 243 -8.28 69.89 -7.34
N ALA C 244 -8.85 70.71 -8.24
CA ALA C 244 -9.67 70.27 -9.36
C ALA C 244 -8.81 69.50 -10.37
N ARG C 245 -7.56 69.97 -10.59
CA ARG C 245 -6.57 69.33 -11.46
C ARG C 245 -6.08 68.02 -10.83
N ARG C 246 -6.05 67.97 -9.48
CA ARG C 246 -5.66 66.79 -8.70
C ARG C 246 -6.79 65.75 -8.74
N PHE C 247 -8.05 66.22 -8.70
CA PHE C 247 -9.28 65.41 -8.76
C PHE C 247 -9.45 64.79 -10.16
N GLN C 248 -9.06 65.55 -11.20
CA GLN C 248 -9.14 65.16 -12.62
C GLN C 248 -8.20 63.97 -12.94
N LYS C 249 -7.04 63.90 -12.27
CA LYS C 249 -6.04 62.83 -12.47
C LYS C 249 -6.45 61.51 -11.79
N CYS C 250 -7.42 61.56 -10.84
CA CYS C 250 -7.92 60.41 -10.09
C CYS C 250 -8.85 59.53 -10.95
N PHE C 251 -9.46 60.12 -11.98
CA PHE C 251 -10.38 59.45 -12.90
C PHE C 251 -9.75 59.35 -14.31
N PRO C 252 -10.22 58.44 -15.21
CA PRO C 252 -9.65 58.38 -16.57
C PRO C 252 -9.71 59.73 -17.32
N PRO C 253 -8.80 59.99 -18.29
CA PRO C 253 -8.76 61.30 -18.98
C PRO C 253 -10.10 61.95 -19.37
N GLY C 254 -10.97 61.21 -20.07
CA GLY C 254 -12.24 61.75 -20.54
C GLY C 254 -13.43 61.67 -19.61
N VAL C 255 -13.19 61.78 -18.28
CA VAL C 255 -14.25 61.68 -17.27
C VAL C 255 -14.47 63.05 -16.61
N ILE C 256 -13.44 63.57 -15.92
CA ILE C 256 -13.55 64.85 -15.22
C ILE C 256 -13.08 65.97 -16.14
N GLY C 257 -13.96 66.95 -16.31
CA GLY C 257 -13.72 68.15 -17.10
C GLY C 257 -13.77 69.36 -16.20
N ILE C 258 -12.85 70.31 -16.41
CA ILE C 258 -12.81 71.53 -15.63
C ILE C 258 -13.11 72.71 -16.54
N ASP C 259 -14.08 73.56 -16.13
CA ASP C 259 -14.50 74.72 -16.89
C ASP C 259 -13.35 75.74 -16.95
N GLU C 260 -12.95 76.27 -15.77
CA GLU C 260 -11.84 77.21 -15.56
C GLU C 260 -11.21 76.91 -14.18
N GLY C 261 -10.53 77.91 -13.60
CA GLY C 261 -9.96 77.81 -12.25
C GLY C 261 -11.08 77.76 -11.23
N SER C 262 -12.17 78.50 -11.52
CA SER C 262 -13.41 78.58 -10.76
C SER C 262 -14.50 77.82 -11.54
N ASP C 263 -15.76 78.35 -11.61
CA ASP C 263 -16.92 77.78 -12.32
C ASP C 263 -17.20 76.30 -11.93
N GLU C 264 -16.67 75.87 -10.75
CA GLU C 264 -16.77 74.51 -10.17
C GLU C 264 -16.06 73.44 -11.03
N ALA C 265 -16.09 72.17 -10.58
CA ALA C 265 -15.52 71.00 -11.27
C ALA C 265 -16.66 70.03 -11.59
N TYR C 266 -16.98 69.86 -12.88
CA TYR C 266 -18.10 69.04 -13.35
C TYR C 266 -17.63 67.66 -13.86
N VAL C 267 -18.62 66.76 -14.09
CA VAL C 267 -18.39 65.41 -14.65
C VAL C 267 -18.82 65.46 -16.13
N LYS C 268 -17.83 65.38 -17.04
CA LYS C 268 -18.07 65.45 -18.49
C LYS C 268 -18.69 64.17 -19.04
N ASP C 269 -18.08 63.00 -18.75
CA ASP C 269 -18.56 61.71 -19.22
C ASP C 269 -18.26 60.65 -18.15
N ALA C 270 -19.23 60.46 -17.23
CA ALA C 270 -19.16 59.51 -16.12
C ALA C 270 -19.17 58.05 -16.62
N ARG C 271 -19.56 57.85 -17.88
CA ARG C 271 -19.62 56.55 -18.56
C ARG C 271 -18.22 55.97 -18.84
N LYS C 272 -17.23 56.85 -19.12
CA LYS C 272 -15.84 56.49 -19.43
C LYS C 272 -15.10 55.99 -18.14
N ASP C 273 -15.63 56.28 -16.92
CA ASP C 273 -15.04 55.89 -15.64
C ASP C 273 -14.87 54.39 -15.50
N THR C 274 -13.72 53.98 -14.94
CA THR C 274 -13.29 52.61 -14.71
C THR C 274 -13.73 52.09 -13.33
N VAL C 275 -14.15 53.02 -12.44
CA VAL C 275 -14.59 52.78 -11.04
C VAL C 275 -13.41 52.14 -10.26
N SER C 276 -12.28 52.86 -10.24
CA SER C 276 -11.06 52.40 -9.58
C SER C 276 -11.03 52.86 -8.12
N ARG C 277 -11.89 53.83 -7.74
CA ARG C 277 -12.04 54.42 -6.39
C ARG C 277 -10.75 55.12 -5.95
N GLU C 278 -9.89 55.50 -6.92
CA GLU C 278 -8.60 56.16 -6.71
C GLU C 278 -8.78 57.51 -5.99
N VAL C 279 -9.90 58.21 -6.26
CA VAL C 279 -10.21 59.51 -5.68
C VAL C 279 -10.43 59.40 -4.14
N LEU C 280 -10.98 58.26 -3.67
CA LEU C 280 -11.28 58.04 -2.26
C LEU C 280 -10.03 57.75 -1.41
N ARG C 281 -8.90 57.35 -2.03
CA ARG C 281 -7.67 57.08 -1.27
C ARG C 281 -6.77 58.35 -1.20
N TYR C 282 -7.40 59.51 -0.92
CA TYR C 282 -6.77 60.82 -0.76
C TYR C 282 -7.59 61.63 0.26
N GLU C 283 -6.94 62.06 1.35
CA GLU C 283 -7.54 62.80 2.48
C GLU C 283 -8.27 64.09 2.04
N GLU C 284 -7.76 64.75 0.99
CA GLU C 284 -8.31 65.98 0.44
C GLU C 284 -9.62 65.77 -0.36
N PHE C 285 -9.97 64.51 -0.69
CA PHE C 285 -11.17 64.21 -1.48
C PHE C 285 -12.08 63.14 -0.84
N ALA C 286 -11.55 62.35 0.12
CA ALA C 286 -12.24 61.25 0.82
C ALA C 286 -13.63 61.63 1.39
N ASP C 287 -13.83 62.91 1.76
CA ASP C 287 -15.10 63.42 2.31
C ASP C 287 -15.77 64.44 1.35
N LYS C 288 -15.02 64.96 0.37
CA LYS C 288 -15.51 65.96 -0.56
C LYS C 288 -16.16 65.37 -1.84
N VAL C 289 -16.26 64.02 -1.93
CA VAL C 289 -16.87 63.33 -3.09
C VAL C 289 -17.47 61.98 -2.66
N LYS C 290 -18.53 61.54 -3.39
CA LYS C 290 -19.21 60.26 -3.19
C LYS C 290 -19.22 59.48 -4.50
N LEU C 291 -19.04 58.14 -4.43
CA LEU C 291 -18.99 57.28 -5.60
C LEU C 291 -20.12 56.24 -5.54
N GLY C 292 -21.08 56.39 -6.45
CA GLY C 292 -22.24 55.52 -6.56
C GLY C 292 -22.50 55.03 -7.97
N ARG C 293 -23.79 54.74 -8.28
CA ARG C 293 -24.24 54.23 -9.58
C ARG C 293 -25.67 54.63 -9.93
N VAL C 294 -26.05 54.43 -11.20
CA VAL C 294 -27.40 54.65 -11.71
C VAL C 294 -27.99 53.25 -11.92
N ARG C 295 -28.73 52.76 -10.90
CA ARG C 295 -29.33 51.42 -10.82
C ARG C 295 -30.20 51.06 -12.04
N ASN C 296 -30.82 52.08 -12.68
CA ASN C 296 -31.70 51.94 -13.84
C ASN C 296 -30.95 51.76 -15.16
N HIS C 297 -29.74 52.35 -15.28
CA HIS C 297 -28.90 52.39 -16.48
C HIS C 297 -27.91 51.21 -16.55
N PHE C 298 -27.95 50.45 -17.67
CA PHE C 298 -27.08 49.29 -17.91
C PHE C 298 -26.30 49.46 -19.20
N ILE C 299 -24.97 49.20 -19.16
CA ILE C 299 -24.11 49.30 -20.33
C ILE C 299 -23.70 47.88 -20.73
N PHE C 300 -24.44 47.31 -21.69
CA PHE C 300 -24.22 45.96 -22.21
C PHE C 300 -23.11 45.94 -23.26
N ASN C 301 -22.30 44.88 -23.24
CA ASN C 301 -21.25 44.64 -24.22
C ASN C 301 -21.36 43.19 -24.66
N VAL C 302 -21.75 42.97 -25.92
CA VAL C 302 -22.00 41.63 -26.47
C VAL C 302 -21.09 41.37 -27.68
N GLU C 303 -20.18 40.39 -27.57
CA GLU C 303 -19.28 39.95 -28.64
C GLU C 303 -19.70 38.57 -29.12
N SER C 304 -19.74 38.35 -30.44
CA SER C 304 -20.16 37.05 -30.98
C SER C 304 -18.99 36.13 -31.24
N ALA C 305 -19.26 34.81 -31.20
CA ALA C 305 -18.28 33.78 -31.51
C ALA C 305 -18.04 33.74 -33.03
N GLY C 306 -19.05 34.17 -33.80
CA GLY C 306 -18.99 34.26 -35.26
C GLY C 306 -20.19 33.73 -36.03
N ALA C 307 -21.05 32.92 -35.38
CA ALA C 307 -22.23 32.31 -36.00
C ALA C 307 -23.33 33.33 -36.29
N MET C 308 -23.78 34.06 -35.25
CA MET C 308 -24.84 35.07 -35.32
C MET C 308 -24.28 36.46 -35.02
N THR C 309 -24.96 37.53 -35.48
CA THR C 309 -24.57 38.91 -35.21
C THR C 309 -24.90 39.24 -33.74
N PRO C 310 -24.16 40.15 -33.06
CA PRO C 310 -24.48 40.44 -31.64
C PRO C 310 -25.92 40.92 -31.40
N GLU C 311 -26.54 41.60 -32.37
CA GLU C 311 -27.94 42.07 -32.28
C GLU C 311 -28.88 40.87 -32.24
N GLU C 312 -28.68 39.91 -33.19
CA GLU C 312 -29.45 38.67 -33.33
C GLU C 312 -29.45 37.88 -32.03
N ILE C 313 -28.29 37.85 -31.35
CA ILE C 313 -28.08 37.16 -30.08
C ILE C 313 -28.90 37.85 -28.97
N PHE C 314 -28.92 39.20 -28.94
CA PHE C 314 -29.71 39.95 -27.95
C PHE C 314 -31.20 39.81 -28.23
N PHE C 315 -31.61 39.93 -29.52
CA PHE C 315 -33.01 39.81 -29.94
C PHE C 315 -33.58 38.45 -29.55
N LYS C 316 -32.81 37.37 -29.81
CA LYS C 316 -33.20 36.01 -29.46
C LYS C 316 -33.33 35.86 -27.96
N SER C 317 -32.51 36.60 -27.18
CA SER C 317 -32.53 36.54 -25.71
C SER C 317 -33.85 37.09 -25.16
N VAL C 318 -34.34 38.19 -25.76
CA VAL C 318 -35.60 38.85 -25.40
C VAL C 318 -36.76 37.93 -25.84
N ARG C 319 -36.63 37.30 -27.02
CA ARG C 319 -37.61 36.36 -27.59
C ARG C 319 -37.72 35.09 -26.74
N ILE C 320 -36.62 34.68 -26.07
CA ILE C 320 -36.61 33.49 -25.22
C ILE C 320 -37.35 33.82 -23.92
N LEU C 321 -37.08 35.01 -23.30
CA LEU C 321 -37.73 35.44 -22.07
C LEU C 321 -39.25 35.58 -22.28
N LYS C 322 -39.66 36.13 -23.43
CA LYS C 322 -41.08 36.29 -23.77
C LYS C 322 -41.73 34.93 -23.94
N ASN C 323 -41.07 34.02 -24.71
CA ASN C 323 -41.56 32.67 -24.97
C ASN C 323 -41.68 31.84 -23.66
N LYS C 324 -40.75 32.06 -22.70
CA LYS C 324 -40.75 31.38 -21.40
C LYS C 324 -41.97 31.77 -20.59
N ALA C 325 -42.34 33.06 -20.63
CA ALA C 325 -43.51 33.59 -19.94
C ALA C 325 -44.80 33.20 -20.68
N GLU C 326 -44.71 33.08 -22.02
CA GLU C 326 -45.85 32.70 -22.87
C GLU C 326 -46.19 31.21 -22.67
N TYR C 327 -45.16 30.34 -22.58
CA TYR C 327 -45.34 28.91 -22.40
C TYR C 327 -46.03 28.60 -21.08
N LEU C 328 -45.74 29.41 -20.03
CA LEU C 328 -46.37 29.25 -18.72
C LEU C 328 -47.80 29.81 -18.72
N LYS C 329 -48.08 30.80 -19.59
CA LYS C 329 -49.41 31.42 -19.70
C LYS C 329 -50.40 30.40 -20.27
N ASN C 330 -50.08 29.78 -21.41
CA ASN C 330 -50.92 28.76 -22.02
C ASN C 330 -50.43 27.38 -21.54
N CYS C 331 -50.69 27.09 -20.24
CA CYS C 331 -50.27 25.86 -19.57
C CYS C 331 -51.24 25.50 -18.43
N PRO C 332 -51.63 24.22 -18.26
CA PRO C 332 -52.57 23.87 -17.17
C PRO C 332 -51.85 23.77 -15.83
N ILE C 333 -52.38 24.52 -14.82
CA ILE C 333 -51.82 24.54 -13.47
C ILE C 333 -52.35 23.30 -12.71
N THR C 334 -51.57 22.22 -12.74
CA THR C 334 -51.87 20.90 -12.16
C THR C 334 -51.93 20.92 -10.62
N GLN C 335 -52.65 19.92 -10.03
CA GLN C 335 -52.90 19.64 -8.61
C GLN C 335 -53.81 20.70 -7.98
N THR D 12 -42.10 -26.00 5.35
CA THR D 12 -41.89 -27.36 5.85
C THR D 12 -40.90 -27.36 7.03
N ALA D 13 -41.39 -27.73 8.25
CA ALA D 13 -40.68 -27.81 9.53
C ALA D 13 -39.98 -26.47 9.87
N THR D 14 -40.81 -25.47 10.24
CA THR D 14 -40.38 -24.12 10.63
C THR D 14 -41.04 -23.78 11.98
N THR D 15 -40.59 -22.69 12.64
CA THR D 15 -41.11 -22.26 13.93
C THR D 15 -42.60 -21.85 13.85
N LEU D 16 -43.04 -21.37 12.67
CA LEU D 16 -44.43 -20.95 12.44
C LEU D 16 -45.31 -22.12 12.02
N ASN D 17 -44.69 -23.25 11.66
CA ASN D 17 -45.35 -24.46 11.22
C ASN D 17 -45.47 -25.46 12.37
N THR D 18 -44.32 -25.92 12.90
CA THR D 18 -44.22 -26.89 14.00
C THR D 18 -43.91 -26.21 15.35
N PRO D 19 -44.30 -26.79 16.53
CA PRO D 19 -43.97 -26.15 17.81
C PRO D 19 -42.49 -26.32 18.19
N VAL D 20 -42.02 -25.52 19.17
CA VAL D 20 -40.64 -25.56 19.69
C VAL D 20 -40.48 -26.85 20.51
N VAL D 21 -41.40 -27.10 21.46
CA VAL D 21 -41.41 -28.31 22.31
C VAL D 21 -42.83 -28.77 22.61
N ILE D 22 -43.00 -30.09 22.77
CA ILE D 22 -44.25 -30.76 23.14
C ILE D 22 -43.91 -31.64 24.35
N HIS D 23 -44.69 -31.53 25.43
CA HIS D 23 -44.45 -32.32 26.64
C HIS D 23 -45.75 -32.88 27.20
N ALA D 24 -45.78 -34.19 27.52
CA ALA D 24 -46.97 -34.78 28.12
C ALA D 24 -47.03 -34.33 29.58
N THR D 25 -48.05 -33.53 29.93
CA THR D 25 -48.19 -32.96 31.28
C THR D 25 -48.59 -34.06 32.29
N GLN D 26 -49.23 -35.14 31.83
CA GLN D 26 -49.68 -36.28 32.64
C GLN D 26 -49.58 -37.57 31.81
N LEU D 27 -49.71 -38.74 32.47
CA LEU D 27 -49.71 -40.04 31.81
C LEU D 27 -50.99 -40.20 30.98
N PRO D 28 -50.94 -40.86 29.80
CA PRO D 28 -52.16 -40.97 28.98
C PRO D 28 -53.24 -41.84 29.63
N GLN D 29 -54.46 -41.28 29.75
CA GLN D 29 -55.62 -41.96 30.33
C GLN D 29 -56.49 -42.51 29.20
N HIS D 30 -56.71 -43.85 29.20
CA HIS D 30 -57.50 -44.55 28.19
C HIS D 30 -58.96 -44.11 28.18
N VAL D 31 -59.56 -44.05 26.99
CA VAL D 31 -60.94 -43.61 26.79
C VAL D 31 -61.79 -44.71 26.12
N SER D 32 -63.04 -44.88 26.60
CA SER D 32 -64.00 -45.87 26.10
C SER D 32 -64.50 -45.54 24.69
N THR D 33 -65.00 -46.56 23.96
CA THR D 33 -65.53 -46.48 22.59
C THR D 33 -66.55 -45.35 22.44
N ASP D 34 -67.42 -45.17 23.45
CA ASP D 34 -68.46 -44.13 23.48
C ASP D 34 -67.85 -42.74 23.68
N GLU D 35 -66.76 -42.64 24.46
CA GLU D 35 -66.04 -41.37 24.71
C GLU D 35 -65.30 -40.90 23.46
N VAL D 36 -64.70 -41.85 22.70
CA VAL D 36 -63.96 -41.63 21.45
C VAL D 36 -64.94 -41.08 20.40
N LEU D 37 -66.10 -41.75 20.26
CA LEU D 37 -67.18 -41.42 19.33
C LEU D 37 -67.82 -40.07 19.66
N GLN D 38 -67.93 -39.74 20.97
CA GLN D 38 -68.49 -38.48 21.46
C GLN D 38 -67.51 -37.34 21.14
N PHE D 39 -66.20 -37.62 21.24
CA PHE D 39 -65.15 -36.67 20.93
C PHE D 39 -65.09 -36.40 19.42
N LEU D 40 -65.08 -37.48 18.60
CA LEU D 40 -65.02 -37.42 17.13
C LEU D 40 -66.16 -36.56 16.59
N GLU D 41 -67.41 -36.81 17.06
CA GLU D 41 -68.61 -36.07 16.67
C GLU D 41 -68.48 -34.59 17.02
N SER D 42 -67.91 -34.28 18.21
CA SER D 42 -67.69 -32.92 18.70
C SER D 42 -66.62 -32.18 17.89
N PHE D 43 -65.51 -32.88 17.56
CA PHE D 43 -64.38 -32.32 16.80
C PHE D 43 -64.72 -32.08 15.33
N ILE D 44 -65.31 -33.09 14.63
CA ILE D 44 -65.68 -33.00 13.22
C ILE D 44 -66.70 -31.86 12.99
N ASP D 45 -67.72 -31.72 13.87
CA ASP D 45 -68.74 -30.68 13.80
C ASP D 45 -68.15 -29.27 13.96
N GLU D 46 -67.17 -29.11 14.88
CA GLU D 46 -66.52 -27.83 15.17
C GLU D 46 -65.58 -27.38 14.05
N LYS D 47 -64.88 -28.33 13.39
CA LYS D 47 -63.94 -28.05 12.30
C LYS D 47 -64.65 -27.82 10.96
N GLU D 48 -65.76 -28.54 10.70
CA GLU D 48 -66.56 -28.38 9.47
C GLU D 48 -67.27 -27.03 9.44
N ASN D 49 -67.63 -26.50 10.64
CA ASN D 49 -68.30 -25.22 10.88
C ASN D 49 -67.40 -24.06 10.48
N THR D 80 -56.91 -25.32 5.18
CA THR D 80 -57.50 -25.85 3.95
C THR D 80 -57.22 -27.36 3.82
N ASN D 81 -55.98 -27.79 4.16
CA ASN D 81 -55.51 -29.18 4.11
C ASN D 81 -56.09 -30.00 5.29
N LEU D 82 -56.78 -29.34 6.23
CA LEU D 82 -57.44 -29.93 7.39
C LEU D 82 -58.65 -30.77 6.94
N SER D 83 -59.30 -30.36 5.83
CA SER D 83 -60.47 -31.02 5.23
C SER D 83 -60.21 -32.50 4.91
N SER D 84 -59.00 -32.81 4.38
CA SER D 84 -58.58 -34.17 4.04
C SER D 84 -58.41 -35.03 5.30
N SER D 85 -58.03 -34.40 6.43
CA SER D 85 -57.85 -35.05 7.72
C SER D 85 -59.21 -35.37 8.37
N ILE D 86 -60.22 -34.48 8.17
CA ILE D 86 -61.59 -34.65 8.68
C ILE D 86 -62.24 -35.81 7.88
N SER D 87 -61.92 -35.89 6.57
CA SER D 87 -62.37 -36.94 5.64
C SER D 87 -61.93 -38.32 6.14
N GLN D 88 -60.69 -38.41 6.68
CA GLN D 88 -60.12 -39.63 7.25
C GLN D 88 -60.71 -39.89 8.64
N LEU D 89 -60.97 -38.82 9.42
CA LEU D 89 -61.55 -38.88 10.75
C LEU D 89 -62.99 -39.40 10.71
N LYS D 90 -63.74 -39.05 9.64
CA LYS D 90 -65.11 -39.50 9.40
C LYS D 90 -65.17 -41.01 9.21
N ARG D 91 -64.10 -41.59 8.61
CA ARG D 91 -63.97 -43.03 8.37
C ARG D 91 -63.79 -43.79 9.69
N ILE D 92 -63.01 -43.22 10.65
CA ILE D 92 -62.78 -43.81 11.98
C ILE D 92 -64.11 -43.82 12.75
N GLN D 93 -64.81 -42.65 12.80
CA GLN D 93 -66.12 -42.47 13.43
C GLN D 93 -67.12 -43.49 12.86
N ARG D 94 -67.11 -43.67 11.53
CA ARG D 94 -67.96 -44.62 10.79
C ARG D 94 -67.64 -46.06 11.20
N ASP D 95 -66.36 -46.38 11.45
CA ASP D 95 -65.92 -47.72 11.84
C ASP D 95 -66.26 -48.05 13.29
N PHE D 96 -66.27 -47.03 14.16
CA PHE D 96 -66.56 -47.20 15.59
C PHE D 96 -68.07 -47.36 15.89
N LYS D 97 -68.93 -47.43 14.84
CA LYS D 97 -70.38 -47.61 15.01
C LYS D 97 -71.03 -48.41 13.87
N GLY D 98 -70.39 -48.43 12.68
CA GLY D 98 -70.91 -49.13 11.51
C GLY D 98 -69.87 -49.89 10.70
N LEU D 99 -70.16 -50.12 9.41
CA LEU D 99 -69.31 -50.89 8.47
C LEU D 99 -68.98 -50.07 7.19
N PRO D 100 -67.72 -50.12 6.68
CA PRO D 100 -67.39 -49.34 5.46
C PRO D 100 -67.99 -49.96 4.19
N MET E 1 13.75 24.32 79.42
CA MET E 1 14.43 23.21 80.07
C MET E 1 13.91 21.85 79.55
N ASP E 2 12.64 21.79 79.10
CA ASP E 2 12.01 20.58 78.55
C ASP E 2 12.64 20.24 77.19
N GLN E 3 13.43 19.15 77.15
CA GLN E 3 14.15 18.69 75.95
C GLN E 3 13.18 18.14 74.86
N GLU E 4 12.44 17.06 75.16
CA GLU E 4 11.51 16.41 74.24
C GLU E 4 10.25 15.88 74.97
N ASN E 5 10.28 15.90 76.31
CA ASN E 5 9.19 15.43 77.18
C ASN E 5 7.89 16.19 76.91
N GLU E 6 7.96 17.54 76.83
CA GLU E 6 6.82 18.45 76.59
C GLU E 6 6.01 18.06 75.33
N ARG E 7 6.71 17.64 74.25
CA ARG E 7 6.09 17.21 72.99
C ARG E 7 5.34 15.88 73.17
N ASN E 8 5.92 14.93 73.94
CA ASN E 8 5.36 13.61 74.22
C ASN E 8 4.13 13.67 75.14
N ILE E 9 4.04 14.69 76.01
CA ILE E 9 2.90 14.88 76.93
C ILE E 9 1.66 15.27 76.10
N SER E 10 1.84 16.17 75.11
CA SER E 10 0.78 16.64 74.23
C SER E 10 0.34 15.56 73.24
N ARG E 11 1.30 14.80 72.67
CA ARG E 11 1.04 13.71 71.72
C ARG E 11 0.20 12.59 72.36
N LEU E 12 0.48 12.27 73.63
CA LEU E 12 -0.25 11.25 74.39
C LEU E 12 -1.65 11.74 74.74
N TRP E 13 -1.78 13.05 75.08
CA TRP E 13 -3.06 13.70 75.42
C TRP E 13 -3.95 13.75 74.17
N ARG E 14 -3.35 14.03 73.00
CA ARG E 14 -4.03 14.08 71.70
C ARG E 14 -4.53 12.69 71.30
N ALA E 15 -3.76 11.63 71.66
CA ALA E 15 -4.13 10.24 71.40
C ALA E 15 -5.28 9.83 72.31
N PHE E 16 -5.28 10.34 73.57
CA PHE E 16 -6.30 10.10 74.58
C PHE E 16 -7.62 10.76 74.19
N ARG E 17 -7.51 11.89 73.46
CA ARG E 17 -8.61 12.68 72.92
C ARG E 17 -9.35 11.85 71.86
N THR E 18 -8.59 11.33 70.87
CA THR E 18 -9.05 10.52 69.74
C THR E 18 -9.73 9.23 70.24
N VAL E 19 -9.17 8.58 71.29
CA VAL E 19 -9.73 7.35 71.87
C VAL E 19 -11.08 7.69 72.50
N LYS E 20 -11.16 8.81 73.25
CA LYS E 20 -12.41 9.26 73.87
C LYS E 20 -13.46 9.59 72.79
N GLU E 21 -13.02 10.23 71.68
CA GLU E 21 -13.86 10.61 70.53
C GLU E 21 -14.41 9.36 69.84
N MET E 22 -13.55 8.33 69.65
CA MET E 22 -13.83 7.04 69.04
C MET E 22 -14.88 6.28 69.86
N VAL E 23 -14.65 6.18 71.19
CA VAL E 23 -15.51 5.52 72.16
C VAL E 23 -16.90 6.21 72.16
N LYS E 24 -16.92 7.56 72.09
CA LYS E 24 -18.17 8.33 72.05
C LYS E 24 -18.89 8.12 70.70
N ASP E 25 -18.14 8.13 69.58
CA ASP E 25 -18.66 7.96 68.22
C ASP E 25 -19.30 6.59 67.99
N ARG E 26 -18.79 5.54 68.68
CA ARG E 26 -19.32 4.17 68.58
C ARG E 26 -20.71 4.06 69.21
N GLY E 27 -20.93 4.81 70.29
CA GLY E 27 -22.21 4.81 71.00
C GLY E 27 -22.11 4.48 72.48
N TYR E 28 -21.01 4.89 73.13
CA TYR E 28 -20.77 4.68 74.55
C TYR E 28 -20.85 6.01 75.31
N PHE E 29 -21.38 5.98 76.55
CA PHE E 29 -21.59 7.16 77.38
C PHE E 29 -20.27 7.82 77.81
N ILE E 30 -19.87 8.86 77.04
CA ILE E 30 -18.69 9.71 77.25
C ILE E 30 -19.16 11.14 77.00
N THR E 31 -19.06 12.00 78.03
CA THR E 31 -19.49 13.41 77.98
C THR E 31 -18.59 14.25 77.07
N GLN E 32 -19.15 15.36 76.52
CA GLN E 32 -18.45 16.32 75.65
C GLN E 32 -17.34 17.06 76.44
N GLU E 33 -17.52 17.19 77.77
CA GLU E 33 -16.58 17.81 78.70
C GLU E 33 -15.30 16.99 78.79
N GLU E 34 -15.43 15.65 78.92
CA GLU E 34 -14.30 14.71 79.02
C GLU E 34 -13.49 14.68 77.72
N VAL E 35 -14.17 14.81 76.57
CA VAL E 35 -13.58 14.83 75.23
C VAL E 35 -12.80 16.15 75.07
N GLU E 36 -13.46 17.30 75.35
CA GLU E 36 -12.87 18.64 75.25
C GLU E 36 -12.09 19.00 76.54
N LEU E 37 -11.16 18.11 76.95
CA LEU E 37 -10.33 18.30 78.14
C LEU E 37 -9.01 18.96 77.74
N PRO E 38 -8.61 20.08 78.39
CA PRO E 38 -7.35 20.74 78.01
C PRO E 38 -6.11 19.98 78.49
N LEU E 39 -4.93 20.37 77.98
CA LEU E 39 -3.63 19.77 78.30
C LEU E 39 -3.27 19.97 79.78
N GLU E 40 -3.58 21.15 80.35
CA GLU E 40 -3.29 21.47 81.75
C GLU E 40 -4.10 20.59 82.73
N ASP E 41 -5.35 20.25 82.37
CA ASP E 41 -6.22 19.39 83.17
C ASP E 41 -5.76 17.94 83.10
N PHE E 42 -5.15 17.54 81.97
CA PHE E 42 -4.62 16.20 81.73
C PHE E 42 -3.37 15.97 82.59
N LYS E 43 -2.48 16.97 82.66
CA LYS E 43 -1.22 16.95 83.43
C LYS E 43 -1.48 16.81 84.92
N ALA E 44 -2.51 17.51 85.44
CA ALA E 44 -2.86 17.49 86.86
C ALA E 44 -3.51 16.17 87.29
N LYS E 45 -4.31 15.55 86.41
CA LYS E 45 -5.06 14.32 86.70
C LYS E 45 -4.30 13.03 86.36
N TYR E 46 -3.56 12.99 85.24
CA TYR E 46 -2.91 11.76 84.77
C TYR E 46 -1.36 11.79 84.84
N CYS E 47 -0.74 12.94 85.12
CA CYS E 47 0.73 13.03 85.23
C CYS E 47 1.16 13.31 86.67
N ASP E 48 2.35 12.79 87.04
CA ASP E 48 2.91 12.97 88.38
C ASP E 48 3.59 14.34 88.53
N SER E 49 4.02 14.68 89.77
CA SER E 49 4.71 15.92 90.14
C SER E 49 6.06 16.08 89.41
N MET E 50 6.72 14.95 89.06
CA MET E 50 8.00 14.92 88.34
C MET E 50 7.85 15.36 86.88
N GLY E 51 6.65 15.17 86.32
CA GLY E 51 6.32 15.52 84.94
C GLY E 51 6.35 14.32 84.00
N ARG E 52 5.85 13.17 84.49
CA ARG E 52 5.79 11.91 83.76
C ARG E 52 4.35 11.37 83.70
N PRO E 53 3.86 10.89 82.54
CA PRO E 53 2.48 10.40 82.48
C PRO E 53 2.34 8.92 82.83
N GLN E 54 1.31 8.60 83.65
CA GLN E 54 1.02 7.22 84.02
C GLN E 54 -0.14 6.71 83.16
N ARG E 55 0.19 5.87 82.17
CA ARG E 55 -0.74 5.30 81.18
C ARG E 55 -1.75 4.31 81.81
N LYS E 56 -1.36 3.64 82.92
CA LYS E 56 -2.23 2.70 83.62
C LYS E 56 -3.40 3.41 84.31
N MET E 57 -3.23 4.72 84.59
CA MET E 57 -4.24 5.59 85.20
C MET E 57 -5.23 6.09 84.15
N MET E 58 -4.80 6.16 82.88
CA MET E 58 -5.59 6.64 81.73
C MET E 58 -6.68 5.65 81.31
N SER E 59 -6.50 4.35 81.60
CA SER E 59 -7.46 3.27 81.28
C SER E 59 -8.84 3.55 81.89
N PHE E 60 -9.92 3.21 81.15
CA PHE E 60 -11.28 3.48 81.60
C PHE E 60 -12.30 2.46 81.06
N GLN E 61 -13.50 2.43 81.67
CA GLN E 61 -14.65 1.60 81.33
C GLN E 61 -15.75 2.46 80.69
N ALA E 62 -16.38 1.93 79.64
CA ALA E 62 -17.46 2.63 78.92
C ALA E 62 -18.68 1.73 78.77
N ASN E 63 -19.86 2.29 79.05
CA ASN E 63 -21.14 1.57 78.96
C ASN E 63 -21.98 2.14 77.82
N PRO E 64 -22.76 1.29 77.09
CA PRO E 64 -23.57 1.82 75.98
C PRO E 64 -24.66 2.79 76.42
N THR E 65 -24.95 3.80 75.58
CA THR E 65 -25.98 4.81 75.82
C THR E 65 -27.38 4.21 75.62
N GLU E 66 -28.40 4.83 76.22
CA GLU E 66 -29.81 4.42 76.15
C GLU E 66 -30.28 4.32 74.69
N GLU E 67 -29.78 5.22 73.82
CA GLU E 67 -30.07 5.26 72.39
C GLU E 67 -29.42 4.05 71.67
N SER E 68 -28.21 3.66 72.10
CA SER E 68 -27.45 2.55 71.50
C SER E 68 -28.04 1.18 71.81
N ILE E 69 -28.68 1.01 72.99
CA ILE E 69 -29.27 -0.27 73.40
C ILE E 69 -30.60 -0.49 72.66
N SER E 70 -31.34 0.59 72.35
CA SER E 70 -32.61 0.55 71.61
C SER E 70 -32.40 0.19 70.12
N LYS E 71 -31.14 0.29 69.63
CA LYS E 71 -30.76 -0.03 68.25
C LYS E 71 -29.95 -1.34 68.22
N PHE E 72 -29.03 -1.51 69.19
CA PHE E 72 -28.17 -2.69 69.36
C PHE E 72 -28.36 -3.24 70.78
N PRO E 73 -29.28 -4.21 71.01
CA PRO E 73 -29.52 -4.71 72.38
C PRO E 73 -28.42 -5.61 72.91
N ASP E 74 -27.61 -6.24 72.01
CA ASP E 74 -26.53 -7.14 72.40
C ASP E 74 -25.17 -6.40 72.51
N MET E 75 -25.21 -5.05 72.61
CA MET E 75 -24.02 -4.22 72.77
C MET E 75 -23.66 -4.16 74.26
N GLY E 76 -22.50 -4.70 74.61
CA GLY E 76 -22.03 -4.75 75.99
C GLY E 76 -21.03 -3.67 76.36
N SER E 77 -20.45 -3.79 77.58
CA SER E 77 -19.48 -2.85 78.13
C SER E 77 -18.14 -2.90 77.38
N LEU E 78 -17.41 -1.78 77.39
CA LEU E 78 -16.13 -1.59 76.70
C LEU E 78 -15.01 -1.21 77.67
N TRP E 79 -13.80 -1.78 77.47
CA TRP E 79 -12.62 -1.50 78.28
C TRP E 79 -11.48 -0.99 77.41
N VAL E 80 -10.88 0.14 77.80
CA VAL E 80 -9.76 0.78 77.12
C VAL E 80 -8.52 0.61 78.02
N GLU E 81 -7.38 0.19 77.44
CA GLU E 81 -6.14 -0.03 78.20
C GLU E 81 -4.93 0.60 77.51
N PHE E 82 -4.25 1.53 78.21
CA PHE E 82 -3.03 2.19 77.74
C PHE E 82 -1.83 1.49 78.40
N CYS E 83 -1.09 0.70 77.62
CA CYS E 83 0.06 -0.07 78.12
C CYS E 83 1.23 0.85 78.42
N ASP E 84 1.74 0.81 79.67
CA ASP E 84 2.86 1.63 80.15
C ASP E 84 4.20 1.07 79.66
N GLU E 85 4.25 -0.23 79.30
CA GLU E 85 5.44 -0.89 78.77
C GLU E 85 5.61 -0.54 77.28
N PRO E 86 6.80 -0.05 76.83
CA PRO E 86 6.96 0.32 75.41
C PRO E 86 6.77 -0.85 74.44
N SER E 87 7.28 -2.04 74.80
CA SER E 87 7.15 -3.25 73.98
C SER E 87 6.20 -4.22 74.69
N VAL E 88 5.05 -4.51 74.05
CA VAL E 88 4.03 -5.41 74.62
C VAL E 88 4.44 -6.86 74.35
N GLY E 89 4.61 -7.61 75.45
CA GLY E 89 4.99 -9.02 75.43
C GLY E 89 3.83 -9.98 75.41
N VAL E 90 4.14 -11.28 75.40
CA VAL E 90 3.14 -12.35 75.39
C VAL E 90 2.52 -12.52 76.80
N LYS E 91 3.23 -12.12 77.86
CA LYS E 91 2.81 -12.19 79.25
C LYS E 91 1.88 -11.04 79.62
N THR E 92 2.19 -9.81 79.15
CA THR E 92 1.41 -8.58 79.40
C THR E 92 0.07 -8.63 78.66
N MET E 93 0.05 -9.24 77.45
CA MET E 93 -1.14 -9.39 76.62
C MET E 93 -2.09 -10.43 77.23
N LYS E 94 -1.54 -11.54 77.78
CA LYS E 94 -2.29 -12.64 78.41
C LYS E 94 -3.09 -12.15 79.62
N THR E 95 -2.54 -11.19 80.39
CA THR E 95 -3.19 -10.60 81.58
C THR E 95 -4.42 -9.77 81.14
N PHE E 96 -4.30 -9.07 79.99
CA PHE E 96 -5.36 -8.24 79.43
C PHE E 96 -6.51 -9.10 78.89
N VAL E 97 -6.19 -10.25 78.25
CA VAL E 97 -7.17 -11.18 77.68
C VAL E 97 -8.06 -11.75 78.83
N ILE E 98 -7.44 -12.13 79.95
CA ILE E 98 -8.12 -12.68 81.14
C ILE E 98 -8.96 -11.56 81.81
N HIS E 99 -8.46 -10.30 81.80
CA HIS E 99 -9.11 -9.11 82.37
C HIS E 99 -10.50 -8.87 81.77
N ILE E 100 -10.66 -9.12 80.46
CA ILE E 100 -11.91 -8.94 79.71
C ILE E 100 -12.90 -10.06 80.08
N GLN E 101 -12.45 -11.33 79.98
CA GLN E 101 -13.22 -12.55 80.25
C GLN E 101 -13.79 -12.58 81.69
N GLU E 102 -12.99 -12.16 82.69
CA GLU E 102 -13.36 -12.14 84.11
C GLU E 102 -14.41 -11.06 84.42
N LYS E 103 -14.22 -9.83 83.88
CA LYS E 103 -15.11 -8.69 84.13
C LYS E 103 -16.37 -8.70 83.23
N ASN E 104 -16.53 -9.73 82.36
CA ASN E 104 -17.65 -9.95 81.44
C ASN E 104 -17.74 -8.83 80.35
N PHE E 105 -16.58 -8.26 79.95
CA PHE E 105 -16.53 -7.21 78.92
C PHE E 105 -16.78 -7.80 77.53
N GLN E 106 -17.46 -7.04 76.66
CA GLN E 106 -17.79 -7.44 75.29
C GLN E 106 -16.75 -6.97 74.28
N THR E 107 -16.11 -5.80 74.51
CA THR E 107 -15.10 -5.23 73.62
C THR E 107 -13.92 -4.67 74.44
N GLY E 108 -12.70 -4.88 73.95
CA GLY E 108 -11.47 -4.43 74.60
C GLY E 108 -10.48 -3.74 73.69
N ILE E 109 -10.29 -2.41 73.86
CA ILE E 109 -9.35 -1.59 73.10
C ILE E 109 -8.01 -1.57 73.83
N PHE E 110 -6.92 -1.93 73.13
CA PHE E 110 -5.58 -1.97 73.71
C PHE E 110 -4.65 -1.01 72.96
N VAL E 111 -4.34 0.14 73.58
CA VAL E 111 -3.48 1.17 73.00
C VAL E 111 -2.02 0.86 73.39
N TYR E 112 -1.25 0.33 72.43
CA TYR E 112 0.16 -0.02 72.61
C TYR E 112 1.08 1.15 72.24
N GLN E 113 2.32 1.13 72.75
CA GLN E 113 3.29 2.20 72.55
C GLN E 113 4.08 2.07 71.24
N ASN E 114 4.99 1.06 71.14
CA ASN E 114 5.83 0.91 69.95
C ASN E 114 5.44 -0.31 69.10
N ASN E 115 5.52 -1.54 69.66
CA ASN E 115 5.21 -2.76 68.91
C ASN E 115 4.68 -3.89 69.81
N ILE E 116 3.97 -4.86 69.20
CA ILE E 116 3.41 -6.04 69.87
C ILE E 116 4.09 -7.30 69.31
N THR E 117 4.47 -8.22 70.22
CA THR E 117 5.10 -9.53 69.96
C THR E 117 4.22 -10.34 68.98
N PRO E 118 4.79 -11.05 67.96
CA PRO E 118 3.96 -11.83 67.03
C PRO E 118 3.17 -12.95 67.74
N SER E 119 3.72 -13.49 68.85
CA SER E 119 3.10 -14.52 69.68
C SER E 119 1.91 -13.94 70.45
N ALA E 120 2.04 -12.68 70.95
CA ALA E 120 1.02 -11.95 71.68
C ALA E 120 -0.15 -11.54 70.79
N MET E 121 0.14 -11.24 69.50
CA MET E 121 -0.83 -10.83 68.49
C MET E 121 -1.80 -11.97 68.11
N LYS E 122 -1.40 -13.24 68.35
CA LYS E 122 -2.23 -14.42 68.08
C LYS E 122 -3.32 -14.60 69.14
N LEU E 123 -3.12 -14.01 70.34
CA LEU E 123 -4.05 -14.08 71.47
C LEU E 123 -5.25 -13.11 71.31
N VAL E 124 -5.22 -12.23 70.30
CA VAL E 124 -6.26 -11.23 70.02
C VAL E 124 -7.62 -11.91 69.66
N PRO E 125 -7.76 -12.79 68.61
CA PRO E 125 -9.08 -13.37 68.34
C PRO E 125 -9.23 -14.78 68.98
N SER E 126 -8.69 -14.95 70.20
CA SER E 126 -8.69 -16.22 70.92
C SER E 126 -9.86 -16.39 71.90
N ILE E 127 -10.60 -15.31 72.24
CA ILE E 127 -11.68 -15.42 73.22
C ILE E 127 -13.06 -14.90 72.69
N PRO E 128 -13.75 -15.64 71.77
CA PRO E 128 -15.08 -15.19 71.32
C PRO E 128 -16.14 -15.40 72.43
N PRO E 129 -17.26 -14.62 72.52
CA PRO E 129 -17.73 -13.56 71.61
C PRO E 129 -17.04 -12.20 71.82
N ALA E 130 -16.15 -12.09 72.84
CA ALA E 130 -15.40 -10.86 73.15
C ALA E 130 -14.39 -10.52 72.05
N THR E 131 -14.37 -9.26 71.61
CA THR E 131 -13.48 -8.78 70.55
C THR E 131 -12.39 -7.87 71.13
N ILE E 132 -11.17 -7.97 70.58
CA ILE E 132 -10.01 -7.19 70.99
C ILE E 132 -9.52 -6.36 69.80
N GLU E 133 -9.31 -5.04 70.02
CA GLU E 133 -8.84 -4.10 69.00
C GLU E 133 -7.56 -3.41 69.46
N THR E 134 -6.50 -3.44 68.62
CA THR E 134 -5.20 -2.83 68.93
C THR E 134 -4.98 -1.55 68.13
N PHE E 135 -4.44 -0.51 68.80
CA PHE E 135 -4.16 0.80 68.20
C PHE E 135 -2.84 1.38 68.72
N ASN E 136 -2.01 1.93 67.80
CA ASN E 136 -0.75 2.59 68.14
C ASN E 136 -1.07 4.05 68.51
N GLU E 137 -0.56 4.53 69.66
CA GLU E 137 -0.83 5.91 70.14
C GLU E 137 -0.30 6.99 69.16
N ALA E 138 0.73 6.66 68.35
CA ALA E 138 1.28 7.57 67.35
C ALA E 138 0.31 7.75 66.18
N ALA E 139 -0.50 6.70 65.89
CA ALA E 139 -1.50 6.68 64.81
C ALA E 139 -2.82 7.33 65.29
N LEU E 140 -2.99 7.48 66.62
CA LEU E 140 -4.17 8.09 67.23
C LEU E 140 -3.95 9.58 67.52
N VAL E 141 -2.75 10.11 67.20
CA VAL E 141 -2.36 11.51 67.41
C VAL E 141 -3.44 12.48 66.83
N VAL E 142 -3.91 12.18 65.61
CA VAL E 142 -4.94 12.96 64.88
C VAL E 142 -6.11 12.01 64.54
N ASN E 143 -7.36 12.48 64.75
CA ASN E 143 -8.56 11.72 64.41
C ASN E 143 -8.80 11.81 62.90
N ILE E 144 -8.93 10.64 62.24
CA ILE E 144 -9.12 10.57 60.78
C ILE E 144 -10.55 10.98 60.37
N THR E 145 -11.58 10.72 61.21
CA THR E 145 -12.98 11.06 60.90
C THR E 145 -13.22 12.57 60.98
N HIS E 146 -12.25 13.33 61.53
CA HIS E 146 -12.30 14.78 61.65
C HIS E 146 -11.83 15.45 60.34
N HIS E 147 -11.13 14.70 59.47
CA HIS E 147 -10.61 15.18 58.18
C HIS E 147 -11.75 15.49 57.22
N GLU E 148 -11.67 16.65 56.53
CA GLU E 148 -12.63 17.17 55.55
C GLU E 148 -12.98 16.16 54.43
N LEU E 149 -12.04 15.28 54.05
CA LEU E 149 -12.22 14.28 53.00
C LEU E 149 -12.79 12.95 53.53
N VAL E 150 -12.99 12.83 54.85
CA VAL E 150 -13.53 11.62 55.45
C VAL E 150 -15.00 11.91 55.86
N PRO E 151 -16.00 11.40 55.09
CA PRO E 151 -17.41 11.71 55.42
C PRO E 151 -17.91 11.06 56.71
N LYS E 152 -19.18 11.30 57.07
CA LYS E 152 -19.71 10.70 58.29
C LYS E 152 -20.12 9.25 58.00
N HIS E 153 -19.39 8.31 58.58
CA HIS E 153 -19.63 6.88 58.47
C HIS E 153 -20.47 6.45 59.67
N ILE E 154 -21.65 5.87 59.44
CA ILE E 154 -22.54 5.43 60.53
C ILE E 154 -22.81 3.93 60.39
N ARG E 155 -22.48 3.14 61.44
CA ARG E 155 -22.73 1.69 61.41
C ARG E 155 -24.22 1.44 61.57
N LEU E 156 -24.79 0.63 60.66
CA LEU E 156 -26.22 0.33 60.65
C LEU E 156 -26.55 -0.91 61.48
N SER E 157 -27.76 -0.91 62.07
CA SER E 157 -28.28 -2.04 62.83
C SER E 157 -28.63 -3.20 61.89
N SER E 158 -28.75 -4.43 62.44
CA SER E 158 -29.10 -5.62 61.68
C SER E 158 -30.47 -5.43 60.97
N ASP E 159 -31.35 -4.57 61.54
CA ASP E 159 -32.65 -4.21 60.97
C ASP E 159 -32.51 -3.18 59.86
N GLU E 160 -31.62 -2.18 60.03
CA GLU E 160 -31.37 -1.12 59.05
C GLU E 160 -30.76 -1.70 57.76
N LYS E 161 -29.83 -2.68 57.92
CA LYS E 161 -29.18 -3.42 56.84
C LYS E 161 -30.24 -4.22 56.08
N ARG E 162 -31.06 -4.99 56.83
CA ARG E 162 -32.18 -5.83 56.35
C ARG E 162 -33.14 -5.02 55.48
N GLU E 163 -33.40 -3.76 55.88
CA GLU E 163 -34.28 -2.83 55.17
C GLU E 163 -33.65 -2.35 53.87
N LEU E 164 -32.35 -1.98 53.91
CA LEU E 164 -31.58 -1.51 52.75
C LEU E 164 -31.47 -2.59 51.68
N LEU E 165 -31.18 -3.84 52.09
CA LEU E 165 -31.08 -4.99 51.19
C LEU E 165 -32.41 -5.32 50.52
N LYS E 166 -33.53 -4.86 51.10
CA LYS E 166 -34.89 -5.08 50.59
C LYS E 166 -35.26 -4.01 49.55
N ARG E 167 -35.03 -2.71 49.88
CA ARG E 167 -35.36 -1.56 49.03
C ARG E 167 -34.71 -1.63 47.66
N TYR E 168 -33.46 -2.12 47.59
CA TYR E 168 -32.70 -2.22 46.35
C TYR E 168 -32.59 -3.67 45.83
N ARG E 169 -33.22 -4.63 46.56
CA ARG E 169 -33.27 -6.09 46.26
C ARG E 169 -31.83 -6.65 46.14
N LEU E 170 -30.94 -6.13 47.00
CA LEU E 170 -29.51 -6.47 47.08
C LEU E 170 -29.22 -7.67 47.94
N LYS E 171 -28.09 -8.32 47.63
CA LYS E 171 -27.47 -9.40 48.38
C LYS E 171 -26.26 -8.78 49.06
N GLU E 172 -25.96 -9.16 50.31
CA GLU E 172 -24.85 -8.62 51.10
C GLU E 172 -23.66 -8.12 50.24
N SER E 173 -23.03 -9.04 49.50
CA SER E 173 -21.84 -8.82 48.67
C SER E 173 -22.09 -7.94 47.43
N GLN E 174 -23.33 -7.88 46.90
CA GLN E 174 -23.70 -7.08 45.71
C GLN E 174 -23.55 -5.56 45.92
N LEU E 175 -23.19 -5.13 47.14
CA LEU E 175 -23.02 -3.75 47.56
C LEU E 175 -21.59 -3.23 47.45
N PRO E 176 -21.35 -1.88 47.39
CA PRO E 176 -19.96 -1.37 47.44
C PRO E 176 -19.28 -1.81 48.74
N ARG E 177 -17.97 -2.11 48.68
CA ARG E 177 -17.22 -2.67 49.80
C ARG E 177 -16.36 -1.66 50.57
N ILE E 178 -16.13 -1.96 51.86
CA ILE E 178 -15.21 -1.30 52.80
C ILE E 178 -14.39 -2.43 53.41
N GLN E 179 -13.06 -2.33 53.36
CA GLN E 179 -12.18 -3.38 53.92
C GLN E 179 -12.30 -3.43 55.46
N ARG E 180 -12.21 -4.64 56.06
CA ARG E 180 -12.29 -4.82 57.51
C ARG E 180 -11.12 -4.09 58.22
N ALA E 181 -9.98 -3.94 57.50
CA ALA E 181 -8.78 -3.27 58.00
C ALA E 181 -8.66 -1.80 57.51
N ASP E 182 -9.75 -1.22 56.92
CA ASP E 182 -9.79 0.17 56.47
C ASP E 182 -9.70 1.11 57.69
N PRO E 183 -8.92 2.23 57.63
CA PRO E 183 -8.79 3.10 58.82
C PRO E 183 -10.11 3.47 59.52
N VAL E 184 -11.16 3.87 58.77
CA VAL E 184 -12.48 4.23 59.33
C VAL E 184 -13.15 2.98 59.89
N ALA E 185 -13.07 1.84 59.16
CA ALA E 185 -13.65 0.56 59.59
C ALA E 185 -13.07 0.11 60.93
N LEU E 186 -11.76 0.37 61.13
CA LEU E 186 -11.06 0.05 62.38
C LEU E 186 -11.45 1.03 63.47
N TYR E 187 -11.74 2.29 63.10
CA TYR E 187 -12.16 3.35 64.02
C TYR E 187 -13.51 3.02 64.62
N LEU E 188 -14.53 2.75 63.79
CA LEU E 188 -15.88 2.42 64.27
C LEU E 188 -15.96 1.00 64.84
N GLY E 189 -14.91 0.19 64.61
CA GLY E 189 -14.85 -1.19 65.06
C GLY E 189 -15.85 -2.04 64.32
N LEU E 190 -15.73 -2.05 62.99
CA LEU E 190 -16.63 -2.80 62.12
C LEU E 190 -16.26 -4.27 62.06
N LYS E 191 -17.30 -5.12 62.03
CA LYS E 191 -17.21 -6.56 61.90
C LYS E 191 -17.69 -6.94 60.50
N ARG E 192 -17.31 -8.13 59.99
CA ARG E 192 -17.72 -8.57 58.66
C ARG E 192 -19.24 -8.76 58.61
N GLY E 193 -19.86 -8.18 57.59
CA GLY E 193 -21.30 -8.21 57.40
C GLY E 193 -21.98 -6.90 57.71
N GLU E 194 -21.41 -6.13 58.69
CA GLU E 194 -21.91 -4.82 59.13
C GLU E 194 -21.90 -3.80 57.98
N VAL E 195 -23.04 -3.15 57.75
CA VAL E 195 -23.20 -2.16 56.68
C VAL E 195 -23.02 -0.77 57.28
N VAL E 196 -22.25 0.09 56.58
CA VAL E 196 -21.99 1.45 57.02
C VAL E 196 -22.63 2.46 56.03
N LYS E 197 -23.35 3.44 56.58
CA LYS E 197 -24.02 4.51 55.83
C LYS E 197 -23.05 5.69 55.75
N ILE E 198 -22.78 6.17 54.54
CA ILE E 198 -21.83 7.26 54.30
C ILE E 198 -22.58 8.48 53.76
N ILE E 199 -22.64 9.56 54.57
CA ILE E 199 -23.25 10.82 54.14
C ILE E 199 -22.09 11.69 53.63
N ARG E 200 -21.99 11.79 52.29
CA ARG E 200 -20.92 12.52 51.63
C ARG E 200 -21.43 13.73 50.86
N LYS E 201 -20.73 14.87 51.00
CA LYS E 201 -21.06 16.12 50.33
C LYS E 201 -20.55 16.07 48.89
N SER E 202 -21.47 16.21 47.94
CA SER E 202 -21.23 16.20 46.50
C SER E 202 -21.25 17.63 45.94
N GLU E 203 -20.47 17.88 44.88
CA GLU E 203 -20.41 19.18 44.22
C GLU E 203 -21.27 19.13 42.97
N THR E 204 -22.46 18.52 43.12
CA THR E 204 -23.47 18.30 42.09
C THR E 204 -24.84 18.16 42.79
N SER E 205 -24.89 17.44 43.94
CA SER E 205 -26.14 17.20 44.67
C SER E 205 -26.15 17.65 46.14
N GLY E 206 -24.97 17.92 46.72
CA GLY E 206 -24.87 18.29 48.13
C GLY E 206 -24.82 17.04 48.97
N ARG E 207 -25.62 16.96 50.07
CA ARG E 207 -25.66 15.77 50.92
C ARG E 207 -26.20 14.58 50.13
N TYR E 208 -25.44 13.49 50.10
CA TYR E 208 -25.76 12.26 49.38
C TYR E 208 -25.45 11.06 50.28
N ALA E 209 -26.43 10.16 50.43
CA ALA E 209 -26.26 8.97 51.25
C ALA E 209 -25.91 7.77 50.38
N SER E 210 -24.73 7.23 50.64
CA SER E 210 -24.18 6.03 49.99
C SER E 210 -23.94 4.98 51.08
N TYR E 211 -23.64 3.74 50.70
CA TYR E 211 -23.42 2.68 51.67
C TYR E 211 -22.24 1.79 51.25
N ARG E 212 -21.68 1.05 52.21
CA ARG E 212 -20.56 0.12 52.05
C ARG E 212 -20.67 -1.05 53.02
N ILE E 213 -20.41 -2.27 52.55
CA ILE E 213 -20.43 -3.47 53.39
C ILE E 213 -18.99 -3.86 53.75
N CYS E 214 -18.77 -4.09 55.06
CA CYS E 214 -17.48 -4.46 55.61
C CYS E 214 -17.27 -5.97 55.47
N MET E 215 -16.29 -6.39 54.65
CA MET E 215 -15.94 -7.80 54.44
C MET E 215 -14.45 -8.02 54.71
N PRO F 55 -43.20 -37.43 31.96
CA PRO F 55 -44.55 -36.92 32.23
C PRO F 55 -44.71 -36.41 33.66
N GLU F 56 -44.10 -37.12 34.64
CA GLU F 56 -44.12 -36.78 36.06
C GLU F 56 -43.06 -35.73 36.37
N ASP F 57 -41.86 -35.86 35.77
CA ASP F 57 -40.72 -34.96 35.95
C ASP F 57 -40.97 -33.59 35.27
N PHE F 58 -41.83 -33.54 34.23
CA PHE F 58 -42.14 -32.28 33.55
C PHE F 58 -43.13 -31.43 34.35
N GLN F 59 -44.16 -32.06 34.96
CA GLN F 59 -45.18 -31.39 35.77
C GLN F 59 -44.54 -30.60 36.92
N GLN F 60 -43.49 -31.16 37.53
CA GLN F 60 -42.73 -30.53 38.61
C GLN F 60 -41.95 -29.32 38.06
N HIS F 61 -41.29 -29.50 36.90
CA HIS F 61 -40.50 -28.48 36.21
C HIS F 61 -41.38 -27.28 35.80
N GLU F 62 -42.61 -27.55 35.35
CA GLU F 62 -43.59 -26.52 34.95
C GLU F 62 -44.07 -25.75 36.20
N GLN F 63 -44.29 -26.47 37.31
CA GLN F 63 -44.73 -25.92 38.59
C GLN F 63 -43.68 -24.94 39.13
N ILE F 64 -42.38 -25.32 39.08
CA ILE F 64 -41.23 -24.53 39.52
C ILE F 64 -41.09 -23.26 38.65
N ARG F 65 -41.19 -23.42 37.31
CA ARG F 65 -41.10 -22.35 36.30
C ARG F 65 -42.15 -21.27 36.55
N ARG F 66 -43.41 -21.68 36.75
CA ARG F 66 -44.54 -20.79 36.99
C ARG F 66 -44.51 -20.19 38.41
N LYS F 67 -43.96 -20.94 39.40
CA LYS F 67 -43.82 -20.48 40.79
C LYS F 67 -42.79 -19.34 40.85
N THR F 68 -41.63 -19.52 40.17
CA THR F 68 -40.55 -18.54 40.08
C THR F 68 -41.04 -17.29 39.35
N LEU F 69 -41.85 -17.47 38.28
CA LEU F 69 -42.42 -16.37 37.51
C LEU F 69 -43.27 -15.48 38.42
N LYS F 70 -44.22 -16.09 39.17
CA LYS F 70 -45.14 -15.44 40.11
C LYS F 70 -44.39 -14.72 41.23
N GLU F 71 -43.30 -15.35 41.73
CA GLU F 71 -42.42 -14.81 42.78
C GLU F 71 -41.72 -13.52 42.32
N LYS F 72 -41.41 -13.42 41.01
CA LYS F 72 -40.72 -12.28 40.41
C LYS F 72 -41.69 -11.16 40.02
N ALA F 73 -42.94 -11.49 39.68
CA ALA F 73 -43.94 -10.51 39.26
C ALA F 73 -44.29 -9.54 40.39
N ILE F 74 -44.15 -8.23 40.14
CA ILE F 74 -44.51 -7.20 41.11
C ILE F 74 -45.96 -6.78 40.82
N PRO F 75 -46.89 -6.97 41.79
CA PRO F 75 -48.31 -6.64 41.55
C PRO F 75 -48.53 -5.15 41.28
N LYS F 76 -49.52 -4.88 40.40
CA LYS F 76 -49.95 -3.57 39.88
C LYS F 76 -49.95 -2.47 40.96
N ASP F 77 -50.26 -2.80 42.23
CA ASP F 77 -50.31 -1.86 43.34
C ASP F 77 -48.91 -1.60 43.92
N GLN F 78 -48.09 -2.65 44.08
CA GLN F 78 -46.74 -2.59 44.66
C GLN F 78 -45.67 -2.03 43.70
N ARG F 79 -46.01 -1.79 42.42
CA ARG F 79 -45.02 -1.31 41.44
C ARG F 79 -44.56 0.12 41.78
N ALA F 80 -43.23 0.37 41.74
CA ALA F 80 -42.65 1.65 42.15
C ALA F 80 -41.61 2.24 41.18
N THR F 81 -41.83 2.09 39.86
CA THR F 81 -40.93 2.68 38.85
C THR F 81 -41.58 3.97 38.32
N THR F 82 -40.91 4.64 37.37
CA THR F 82 -41.34 5.91 36.80
C THR F 82 -42.69 5.77 36.07
N PRO F 83 -43.66 6.70 36.27
CA PRO F 83 -44.92 6.61 35.54
C PRO F 83 -44.73 6.99 34.06
N TYR F 84 -43.55 7.56 33.73
CA TYR F 84 -43.15 8.01 32.41
C TYR F 84 -42.51 6.91 31.60
N MET F 85 -42.83 6.85 30.30
CA MET F 85 -42.24 5.89 29.37
C MET F 85 -40.85 6.40 28.99
N THR F 86 -39.80 5.61 29.26
CA THR F 86 -38.41 5.99 28.98
C THR F 86 -38.17 6.13 27.46
N LYS F 87 -37.15 6.92 27.08
CA LYS F 87 -36.76 7.14 25.67
C LYS F 87 -36.55 5.80 24.95
N TYR F 88 -35.99 4.81 25.67
CA TYR F 88 -35.71 3.46 25.20
C TYR F 88 -36.98 2.65 25.00
N GLU F 89 -37.95 2.78 25.93
CA GLU F 89 -39.22 2.06 25.85
C GLU F 89 -39.97 2.49 24.60
N ARG F 90 -40.07 3.81 24.39
CA ARG F 90 -40.73 4.42 23.24
C ARG F 90 -40.12 3.90 21.94
N ALA F 91 -38.77 3.91 21.85
CA ALA F 91 -38.02 3.45 20.67
C ALA F 91 -38.36 2.00 20.32
N ARG F 92 -38.29 1.07 21.30
CA ARG F 92 -38.58 -0.34 21.07
C ARG F 92 -40.05 -0.56 20.72
N ILE F 93 -41.00 0.09 21.45
CA ILE F 93 -42.45 -0.03 21.20
C ILE F 93 -42.75 0.33 19.72
N LEU F 94 -42.24 1.50 19.27
CA LEU F 94 -42.45 1.99 17.91
C LEU F 94 -41.83 1.05 16.88
N GLY F 95 -40.66 0.48 17.19
CA GLY F 95 -39.97 -0.45 16.32
C GLY F 95 -40.67 -1.79 16.20
N THR F 96 -41.07 -2.38 17.34
CA THR F 96 -41.76 -3.68 17.47
C THR F 96 -43.16 -3.60 16.84
N ARG F 97 -43.93 -2.53 17.15
CA ARG F 97 -45.27 -2.36 16.58
C ARG F 97 -45.17 -2.19 15.07
N ALA F 98 -44.15 -1.45 14.57
CA ALA F 98 -43.91 -1.26 13.14
C ALA F 98 -43.70 -2.62 12.47
N LEU F 99 -42.92 -3.49 13.14
CA LEU F 99 -42.59 -4.85 12.73
C LEU F 99 -43.87 -5.69 12.62
N GLN F 100 -44.81 -5.50 13.58
CA GLN F 100 -46.08 -6.22 13.61
C GLN F 100 -46.95 -5.74 12.44
N ILE F 101 -47.04 -4.41 12.23
CA ILE F 101 -47.79 -3.75 11.16
C ILE F 101 -47.34 -4.29 9.79
N SER F 102 -46.01 -4.48 9.60
CA SER F 102 -45.45 -4.99 8.34
C SER F 102 -45.77 -6.48 8.10
N MET F 103 -46.21 -7.20 9.14
CA MET F 103 -46.54 -8.62 9.01
C MET F 103 -48.06 -8.85 9.01
N ASN F 104 -48.81 -7.85 8.48
CA ASN F 104 -50.26 -7.80 8.33
C ASN F 104 -50.99 -8.01 9.68
N ALA F 105 -50.59 -7.24 10.70
CA ALA F 105 -51.21 -7.29 12.03
C ALA F 105 -52.37 -6.29 12.08
N PRO F 106 -53.51 -6.64 12.72
CA PRO F 106 -54.67 -5.72 12.76
C PRO F 106 -54.34 -4.36 13.39
N VAL F 107 -54.43 -3.30 12.55
CA VAL F 107 -54.14 -1.91 12.93
C VAL F 107 -55.41 -1.28 13.50
N PHE F 108 -55.27 -0.54 14.61
CA PHE F 108 -56.35 0.10 15.35
C PHE F 108 -56.48 1.60 15.04
N VAL F 109 -55.87 2.06 13.94
CA VAL F 109 -55.91 3.47 13.54
C VAL F 109 -56.21 3.58 12.04
N ASP F 110 -56.67 4.77 11.60
CA ASP F 110 -56.93 5.05 10.20
C ASP F 110 -55.66 5.61 9.59
N LEU F 111 -54.96 4.78 8.79
CA LEU F 111 -53.71 5.17 8.14
C LEU F 111 -54.05 5.91 6.85
N GLU F 112 -54.29 7.22 6.95
CA GLU F 112 -54.66 8.07 5.81
C GLU F 112 -53.48 8.24 4.85
N GLY F 113 -53.34 7.27 3.97
CA GLY F 113 -52.30 7.19 2.95
C GLY F 113 -50.90 6.91 3.47
N GLU F 114 -50.77 6.44 4.72
CA GLU F 114 -49.47 6.15 5.33
C GLU F 114 -48.92 4.83 4.79
N THR F 115 -47.65 4.84 4.36
CA THR F 115 -46.97 3.66 3.80
C THR F 115 -45.82 3.17 4.70
N ASP F 116 -45.34 4.05 5.60
CA ASP F 116 -44.26 3.72 6.54
C ASP F 116 -44.86 3.08 7.80
N PRO F 117 -44.47 1.82 8.16
CA PRO F 117 -45.05 1.16 9.34
C PRO F 117 -44.71 1.88 10.64
N LEU F 118 -43.54 2.55 10.70
CA LEU F 118 -43.09 3.30 11.87
C LEU F 118 -43.98 4.52 12.09
N ARG F 119 -44.36 5.22 11.00
CA ARG F 119 -45.24 6.39 11.09
C ARG F 119 -46.67 5.93 11.51
N ILE F 120 -47.07 4.70 11.13
CA ILE F 120 -48.35 4.08 11.53
C ILE F 120 -48.24 3.78 13.05
N ALA F 121 -47.12 3.13 13.47
CA ALA F 121 -46.83 2.82 14.87
C ALA F 121 -46.78 4.08 15.72
N MET F 122 -46.34 5.20 15.12
CA MET F 122 -46.30 6.50 15.78
C MET F 122 -47.70 7.05 15.97
N LYS F 123 -48.57 6.87 14.93
CA LYS F 123 -49.97 7.33 14.97
C LYS F 123 -50.73 6.54 16.03
N GLU F 124 -50.52 5.20 16.08
CA GLU F 124 -51.16 4.31 17.06
C GLU F 124 -50.76 4.69 18.49
N LEU F 125 -49.50 5.14 18.68
CA LEU F 125 -48.97 5.58 19.98
C LEU F 125 -49.67 6.88 20.44
N ALA F 126 -49.90 7.82 19.49
CA ALA F 126 -50.53 9.11 19.74
C ALA F 126 -51.95 8.95 20.28
N GLU F 127 -52.66 7.92 19.81
CA GLU F 127 -54.03 7.61 20.23
C GLU F 127 -54.05 6.48 21.28
N LYS F 128 -52.86 6.04 21.76
CA LYS F 128 -52.62 4.99 22.76
C LYS F 128 -53.38 3.69 22.43
N LYS F 129 -53.29 3.28 21.15
CA LYS F 129 -53.93 2.09 20.61
C LYS F 129 -52.92 0.92 20.39
N ILE F 130 -51.63 1.10 20.80
CA ILE F 130 -50.60 0.06 20.67
C ILE F 130 -50.86 -1.01 21.75
N PRO F 131 -51.17 -2.27 21.36
CA PRO F 131 -51.50 -3.29 22.39
C PRO F 131 -50.27 -3.99 22.97
N LEU F 132 -49.27 -3.20 23.44
CA LEU F 132 -48.05 -3.78 24.01
C LEU F 132 -47.89 -3.45 25.50
N VAL F 133 -47.05 -4.25 26.17
CA VAL F 133 -46.73 -4.16 27.60
C VAL F 133 -45.21 -4.20 27.76
N ILE F 134 -44.67 -3.35 28.64
CA ILE F 134 -43.25 -3.28 28.98
C ILE F 134 -43.02 -4.06 30.27
N ARG F 135 -42.11 -5.05 30.22
CA ARG F 135 -41.74 -5.85 31.38
C ARG F 135 -40.44 -5.27 31.94
N ARG F 136 -40.55 -4.33 32.90
CA ARG F 136 -39.41 -3.64 33.49
C ARG F 136 -38.73 -4.53 34.49
N TYR F 137 -37.49 -4.94 34.20
CA TYR F 137 -36.73 -5.82 35.07
C TYR F 137 -35.90 -5.04 36.07
N LEU F 138 -35.76 -5.61 37.27
CA LEU F 138 -34.95 -5.05 38.34
C LEU F 138 -33.67 -5.91 38.47
N PRO F 139 -32.62 -5.44 39.18
CA PRO F 139 -31.36 -6.22 39.21
C PRO F 139 -31.43 -7.60 39.88
N ASP F 140 -32.57 -7.97 40.51
CA ASP F 140 -32.70 -9.29 41.14
C ASP F 140 -33.42 -10.28 40.21
N GLY F 141 -33.96 -9.76 39.11
CA GLY F 141 -34.70 -10.54 38.13
C GLY F 141 -36.19 -10.32 38.17
N SER F 142 -36.69 -9.64 39.23
CA SER F 142 -38.11 -9.32 39.42
C SER F 142 -38.57 -8.27 38.40
N PHE F 143 -39.86 -8.24 38.08
CA PHE F 143 -40.35 -7.34 37.05
C PHE F 143 -41.66 -6.64 37.37
N GLU F 144 -41.91 -5.53 36.65
CA GLU F 144 -43.10 -4.70 36.72
C GLU F 144 -43.69 -4.59 35.32
N ASP F 145 -44.89 -5.14 35.09
CA ASP F 145 -45.54 -5.07 33.79
C ASP F 145 -46.32 -3.77 33.69
N TRP F 146 -45.95 -2.91 32.73
CA TRP F 146 -46.58 -1.62 32.49
C TRP F 146 -47.13 -1.59 31.07
N SER F 147 -48.41 -1.23 30.89
CA SER F 147 -48.96 -1.14 29.54
C SER F 147 -48.52 0.16 28.87
N VAL F 148 -48.55 0.21 27.53
CA VAL F 148 -48.18 1.38 26.73
C VAL F 148 -49.21 2.50 27.02
N GLU F 149 -50.49 2.13 27.20
CA GLU F 149 -51.62 3.01 27.46
C GLU F 149 -51.41 3.87 28.72
N GLU F 150 -51.12 3.22 29.86
CA GLU F 150 -50.94 3.86 31.16
C GLU F 150 -49.65 4.69 31.30
N LEU F 151 -48.60 4.36 30.52
CA LEU F 151 -47.33 5.10 30.59
C LEU F 151 -47.46 6.50 29.96
N ILE F 152 -46.91 7.52 30.65
CA ILE F 152 -46.96 8.92 30.20
C ILE F 152 -45.90 9.15 29.09
N VAL F 153 -46.35 9.71 27.96
CA VAL F 153 -45.52 10.02 26.79
C VAL F 153 -45.45 11.53 26.59
N ASP F 154 -44.22 12.08 26.44
CA ASP F 154 -43.94 13.50 26.22
C ASP F 154 -44.44 13.95 24.85
N ASN G 8 -23.20 -48.31 40.13
CA ASN G 8 -22.73 -47.40 39.09
C ASN G 8 -22.63 -48.10 37.73
N GLU G 9 -22.38 -49.44 37.75
CA GLU G 9 -22.26 -50.31 36.56
C GLU G 9 -23.61 -50.45 35.84
N ASN G 10 -24.72 -50.50 36.60
CA ASN G 10 -26.08 -50.64 36.08
C ASN G 10 -26.93 -49.38 36.32
N ARG G 11 -26.43 -48.43 37.15
CA ARG G 11 -27.11 -47.17 37.48
C ARG G 11 -27.24 -46.25 36.25
N GLU G 12 -26.19 -46.19 35.41
CA GLU G 12 -26.14 -45.35 34.21
C GLU G 12 -27.06 -45.90 33.10
N THR G 13 -27.12 -47.23 32.95
CA THR G 13 -27.96 -47.93 31.96
C THR G 13 -29.44 -47.87 32.34
N ALA G 14 -29.75 -47.74 33.66
CA ALA G 14 -31.10 -47.68 34.22
C ALA G 14 -31.89 -46.45 33.73
N ARG G 15 -31.20 -45.33 33.47
CA ARG G 15 -31.81 -44.09 32.98
C ARG G 15 -32.31 -44.26 31.53
N PHE G 16 -31.58 -45.05 30.72
CA PHE G 16 -31.91 -45.33 29.32
C PHE G 16 -33.17 -46.20 29.21
N ILE G 17 -33.31 -47.22 30.09
CA ILE G 17 -34.44 -48.15 30.10
C ILE G 17 -35.74 -47.37 30.37
N LYS G 18 -35.71 -46.42 31.33
CA LYS G 18 -36.86 -45.58 31.70
C LYS G 18 -37.23 -44.57 30.60
N LYS G 19 -36.29 -44.25 29.69
CA LYS G 19 -36.52 -43.34 28.55
C LYS G 19 -37.34 -44.04 27.46
N HIS G 20 -37.11 -45.36 27.26
CA HIS G 20 -37.79 -46.17 26.25
C HIS G 20 -38.89 -47.06 26.85
N LYS G 21 -39.18 -46.88 28.16
CA LYS G 21 -40.20 -47.64 28.88
C LYS G 21 -41.59 -47.18 28.46
N LYS G 22 -42.46 -48.13 28.10
CA LYS G 22 -43.83 -47.84 27.68
C LYS G 22 -44.63 -47.39 28.91
N GLN G 23 -44.96 -46.08 28.93
CA GLN G 23 -45.66 -45.37 30.00
C GLN G 23 -46.97 -46.07 30.39
N VAL G 24 -47.92 -46.20 29.44
CA VAL G 24 -49.22 -46.85 29.65
C VAL G 24 -49.40 -47.91 28.56
N THR G 25 -49.58 -49.17 28.97
CA THR G 25 -49.79 -50.32 28.07
C THR G 25 -51.26 -50.42 27.65
N ASN G 26 -51.51 -50.92 26.43
CA ASN G 26 -52.84 -51.07 25.86
C ASN G 26 -53.49 -52.39 26.30
N PRO G 27 -54.64 -52.33 27.01
CA PRO G 27 -55.24 -53.57 27.53
C PRO G 27 -56.34 -54.17 26.65
N ILE G 28 -56.34 -55.52 26.55
CA ILE G 28 -57.36 -56.28 25.82
C ILE G 28 -58.59 -56.37 26.74
N ASP G 29 -59.76 -55.88 26.28
CA ASP G 29 -60.95 -55.86 27.13
C ASP G 29 -62.24 -56.30 26.42
N GLU G 30 -63.38 -56.26 27.17
CA GLU G 30 -64.78 -56.58 26.84
C GLU G 30 -64.95 -57.89 26.01
N LYS G 31 -64.03 -58.87 26.24
CA LYS G 31 -63.98 -60.18 25.56
C LYS G 31 -63.89 -60.04 24.01
N ASN G 32 -63.60 -58.82 23.53
CA ASN G 32 -63.44 -58.48 22.11
C ASN G 32 -62.17 -59.10 21.55
N GLY G 33 -61.16 -59.26 22.40
CA GLY G 33 -59.85 -59.82 22.04
C GLY G 33 -58.89 -58.77 21.53
N THR G 34 -59.41 -57.58 21.18
CA THR G 34 -58.66 -56.45 20.64
C THR G 34 -58.28 -55.48 21.77
N SER G 35 -57.08 -54.89 21.67
CA SER G 35 -56.54 -53.97 22.65
C SER G 35 -56.90 -52.52 22.31
N ASN G 36 -57.40 -51.76 23.31
CA ASN G 36 -57.78 -50.36 23.19
C ASN G 36 -56.53 -49.50 23.03
N CYS G 37 -56.40 -48.80 21.88
CA CYS G 37 -55.23 -47.99 21.57
C CYS G 37 -55.51 -46.49 21.56
N ILE G 38 -56.79 -46.09 21.55
CA ILE G 38 -57.14 -44.66 21.57
C ILE G 38 -57.04 -44.22 23.02
N VAL G 39 -56.26 -43.15 23.26
CA VAL G 39 -55.99 -42.66 24.61
C VAL G 39 -56.05 -41.12 24.63
N ARG G 40 -56.35 -40.54 25.81
CA ARG G 40 -56.40 -39.08 26.01
C ARG G 40 -55.19 -38.67 26.83
N VAL G 41 -54.37 -37.73 26.31
CA VAL G 41 -53.16 -37.29 27.00
C VAL G 41 -53.09 -35.74 27.02
N PRO G 42 -53.06 -35.12 28.22
CA PRO G 42 -52.94 -33.66 28.29
C PRO G 42 -51.48 -33.24 28.10
N ILE G 43 -51.23 -32.31 27.16
CA ILE G 43 -49.88 -31.87 26.82
C ILE G 43 -49.67 -30.37 27.00
N ALA G 44 -48.39 -29.94 26.91
CA ALA G 44 -47.93 -28.55 27.00
C ALA G 44 -47.05 -28.23 25.79
N LEU G 45 -47.47 -27.24 24.97
CA LEU G 45 -46.77 -26.80 23.76
C LEU G 45 -46.14 -25.45 23.94
N TYR G 46 -45.07 -25.17 23.18
CA TYR G 46 -44.44 -23.87 23.09
C TYR G 46 -44.53 -23.53 21.63
N VAL G 47 -45.51 -22.69 21.27
CA VAL G 47 -45.82 -22.36 19.89
C VAL G 47 -45.60 -20.89 19.57
N SER G 48 -45.42 -20.60 18.27
CA SER G 48 -45.27 -19.24 17.75
C SER G 48 -46.63 -18.65 17.41
N LEU G 49 -46.79 -17.35 17.58
CA LEU G 49 -48.02 -16.67 17.23
C LEU G 49 -47.73 -15.60 16.19
N ALA G 50 -48.34 -15.74 15.01
CA ALA G 50 -48.18 -14.81 13.91
C ALA G 50 -48.83 -13.45 14.24
N PRO G 51 -48.30 -12.31 13.74
CA PRO G 51 -48.91 -11.01 14.07
C PRO G 51 -50.32 -10.84 13.47
N MET G 52 -50.66 -11.61 12.41
CA MET G 52 -51.99 -11.58 11.77
C MET G 52 -53.07 -12.12 12.73
N TYR G 53 -52.65 -12.96 13.69
CA TYR G 53 -53.50 -13.58 14.70
C TYR G 53 -53.39 -12.88 16.07
N LEU G 54 -52.93 -11.62 16.11
CA LEU G 54 -52.74 -10.90 17.37
C LEU G 54 -54.08 -10.51 18.04
N GLU G 55 -55.19 -10.44 17.28
CA GLU G 55 -56.51 -10.12 17.84
C GLU G 55 -57.31 -11.41 18.12
N ASN G 56 -56.95 -12.52 17.42
CA ASN G 56 -57.56 -13.83 17.60
C ASN G 56 -56.44 -14.89 17.82
N PRO G 57 -55.78 -14.90 19.01
CA PRO G 57 -54.62 -15.81 19.23
C PRO G 57 -54.94 -17.31 19.25
N LEU G 58 -56.11 -17.72 19.76
CA LEU G 58 -56.49 -19.14 19.85
C LEU G 58 -56.66 -19.75 18.47
N GLN G 59 -57.16 -18.96 17.49
CA GLN G 59 -57.33 -19.39 16.09
C GLN G 59 -55.95 -19.57 15.45
N GLY G 60 -54.98 -18.77 15.90
CA GLY G 60 -53.60 -18.82 15.45
C GLY G 60 -52.94 -20.14 15.77
N VAL G 61 -52.83 -20.43 17.08
CA VAL G 61 -52.25 -21.68 17.64
C VAL G 61 -52.91 -22.92 16.97
N MET G 62 -54.22 -22.82 16.68
CA MET G 62 -55.00 -23.88 16.03
C MET G 62 -54.61 -24.08 14.55
N LYS G 63 -54.80 -23.04 13.70
CA LYS G 63 -54.52 -23.07 12.27
C LYS G 63 -53.00 -23.26 11.96
N GLN G 64 -52.13 -22.67 12.79
CA GLN G 64 -50.67 -22.77 12.61
C GLN G 64 -50.08 -24.13 12.99
N HIS G 65 -50.20 -24.55 14.28
CA HIS G 65 -49.54 -25.75 14.81
C HIS G 65 -50.41 -26.95 15.15
N LEU G 66 -51.66 -26.75 15.59
CA LEU G 66 -52.50 -27.89 16.00
C LEU G 66 -53.20 -28.59 14.83
N ASN G 67 -53.60 -27.85 13.78
CA ASN G 67 -54.27 -28.44 12.63
C ASN G 67 -53.30 -29.33 11.82
N PRO G 68 -52.04 -28.93 11.50
CA PRO G 68 -51.15 -29.83 10.75
C PRO G 68 -50.69 -31.02 11.60
N LEU G 69 -51.08 -31.04 12.88
CA LEU G 69 -50.73 -32.09 13.83
C LEU G 69 -51.68 -33.28 13.74
N VAL G 70 -53.00 -33.02 13.49
CA VAL G 70 -54.03 -34.07 13.41
C VAL G 70 -53.82 -34.99 12.20
N MET G 71 -54.26 -36.26 12.36
CA MET G 71 -54.20 -37.37 11.40
C MET G 71 -52.75 -37.64 10.92
N LYS G 72 -51.79 -37.34 11.80
CA LYS G 72 -50.35 -37.51 11.61
C LYS G 72 -49.72 -37.96 12.92
N TYR G 73 -48.72 -38.87 12.86
CA TYR G 73 -48.03 -39.39 14.04
C TYR G 73 -47.12 -38.34 14.66
N ASN G 74 -47.20 -38.19 15.99
CA ASN G 74 -46.35 -37.30 16.77
C ASN G 74 -45.50 -38.17 17.69
N ASN G 75 -44.17 -38.09 17.50
CA ASN G 75 -43.14 -38.86 18.21
C ASN G 75 -43.24 -38.75 19.75
N LYS G 76 -43.52 -37.55 20.28
CA LYS G 76 -43.58 -37.29 21.72
C LYS G 76 -44.72 -38.02 22.42
N VAL G 77 -45.94 -37.96 21.87
CA VAL G 77 -47.12 -38.62 22.46
C VAL G 77 -47.10 -40.14 22.18
N GLY G 78 -46.25 -40.55 21.23
CA GLY G 78 -46.07 -41.94 20.84
C GLY G 78 -47.26 -42.54 20.11
N GLY G 79 -47.89 -41.75 19.26
CA GLY G 79 -49.06 -42.15 18.48
C GLY G 79 -49.52 -41.14 17.43
N VAL G 80 -50.71 -41.41 16.84
CA VAL G 80 -51.32 -40.57 15.80
C VAL G 80 -52.38 -39.67 16.43
N VAL G 81 -52.15 -38.34 16.37
CA VAL G 81 -53.05 -37.32 16.92
C VAL G 81 -54.36 -37.36 16.14
N LEU G 82 -55.43 -37.84 16.78
CA LEU G 82 -56.76 -37.93 16.19
C LEU G 82 -57.52 -36.60 16.33
N GLY G 83 -57.03 -35.74 17.22
CA GLY G 83 -57.63 -34.43 17.47
C GLY G 83 -57.21 -33.80 18.78
N TYR G 84 -57.59 -32.53 18.95
CA TYR G 84 -57.28 -31.77 20.15
C TYR G 84 -58.55 -31.26 20.82
N GLU G 85 -58.51 -31.08 22.15
CA GLU G 85 -59.67 -30.65 22.93
C GLU G 85 -59.23 -29.72 24.08
N GLY G 86 -59.92 -28.59 24.18
CA GLY G 86 -59.70 -27.59 25.23
C GLY G 86 -58.37 -26.88 25.19
N LEU G 87 -58.19 -25.96 24.21
CA LEU G 87 -56.97 -25.17 24.09
C LEU G 87 -56.99 -24.03 25.12
N LYS G 88 -55.84 -23.84 25.79
CA LYS G 88 -55.68 -22.82 26.83
C LYS G 88 -54.31 -22.19 26.72
N ILE G 89 -54.28 -20.88 26.47
CA ILE G 89 -53.04 -20.10 26.40
C ILE G 89 -52.63 -19.75 27.81
N LEU G 90 -51.37 -19.98 28.15
CA LEU G 90 -50.82 -19.64 29.45
C LEU G 90 -50.38 -18.18 29.40
N ASP G 91 -50.92 -17.36 30.30
CA ASP G 91 -50.58 -15.94 30.36
C ASP G 91 -49.13 -15.80 30.83
N ALA G 92 -48.37 -14.92 30.17
CA ALA G 92 -46.98 -14.64 30.52
C ALA G 92 -46.93 -13.86 31.84
N ASP G 93 -48.05 -13.21 32.18
CA ASP G 93 -48.23 -12.43 33.40
C ASP G 93 -48.97 -13.26 34.45
N PRO G 94 -48.34 -13.56 35.62
CA PRO G 94 -49.04 -14.32 36.66
C PRO G 94 -49.97 -13.40 37.48
N LEU G 95 -51.29 -13.72 37.47
CA LEU G 95 -52.32 -12.91 38.14
C LEU G 95 -52.91 -13.59 39.38
N ASP G 99 -59.21 -10.63 37.00
CA ASP G 99 -59.79 -11.73 36.24
C ASP G 99 -60.37 -11.21 34.91
N THR G 100 -59.81 -11.68 33.77
CA THR G 100 -60.21 -11.28 32.41
C THR G 100 -59.69 -12.29 31.35
N SER G 101 -60.26 -12.20 30.12
CA SER G 101 -59.93 -13.01 28.95
C SER G 101 -58.67 -12.48 28.23
N GLU G 102 -58.26 -11.23 28.54
CA GLU G 102 -57.12 -10.56 27.93
C GLU G 102 -55.80 -11.00 28.59
N LYS G 103 -55.06 -11.89 27.90
CA LYS G 103 -53.76 -12.43 28.32
C LYS G 103 -52.62 -11.78 27.54
N LEU G 104 -51.36 -12.01 27.94
CA LEU G 104 -50.23 -11.45 27.22
C LEU G 104 -49.19 -12.51 26.87
N ILE G 105 -48.56 -12.34 25.69
CA ILE G 105 -47.55 -13.26 25.13
C ILE G 105 -46.26 -12.48 24.84
N LYS G 106 -45.09 -13.07 25.19
CA LYS G 106 -43.79 -12.44 24.98
C LYS G 106 -43.40 -12.46 23.51
N ILE G 107 -43.00 -11.30 22.98
CA ILE G 107 -42.57 -11.14 21.57
C ILE G 107 -41.05 -11.18 21.50
N THR G 108 -40.53 -11.86 20.46
CA THR G 108 -39.10 -11.98 20.17
C THR G 108 -38.51 -10.59 19.97
N PRO G 109 -37.30 -10.28 20.50
CA PRO G 109 -36.74 -8.94 20.28
C PRO G 109 -36.50 -8.62 18.80
N ASP G 110 -36.00 -9.61 18.03
CA ASP G 110 -35.67 -9.52 16.61
C ASP G 110 -36.88 -9.43 15.66
N THR G 111 -37.90 -10.33 15.81
CA THR G 111 -39.06 -10.40 14.90
C THR G 111 -40.43 -9.97 15.56
N PRO G 112 -41.53 -9.76 14.78
CA PRO G 112 -42.79 -9.37 15.41
C PRO G 112 -43.59 -10.56 15.99
N PHE G 113 -43.05 -11.77 15.81
CA PHE G 113 -43.69 -13.00 16.27
C PHE G 113 -43.52 -13.17 17.77
N GLY G 114 -44.57 -13.65 18.40
CA GLY G 114 -44.58 -13.94 19.83
C GLY G 114 -44.54 -15.44 20.07
N PHE G 115 -44.11 -15.85 21.27
CA PHE G 115 -44.06 -17.26 21.62
C PHE G 115 -44.76 -17.48 22.94
N THR G 116 -45.57 -18.54 23.03
CA THR G 116 -46.36 -18.81 24.23
C THR G 116 -46.46 -20.31 24.55
N TRP G 117 -46.70 -20.57 25.84
CA TRP G 117 -46.97 -21.89 26.36
C TRP G 117 -48.46 -22.14 26.22
N CYS G 118 -48.84 -23.36 25.83
CA CYS G 118 -50.22 -23.75 25.61
C CYS G 118 -50.49 -25.08 26.24
N HIS G 119 -51.71 -25.24 26.74
CA HIS G 119 -52.20 -26.49 27.30
C HIS G 119 -53.38 -26.95 26.46
N VAL G 120 -53.29 -28.18 25.94
CA VAL G 120 -54.35 -28.79 25.14
C VAL G 120 -54.34 -30.32 25.38
N ASN G 121 -55.52 -30.94 25.35
CA ASN G 121 -55.65 -32.39 25.53
C ASN G 121 -55.68 -33.03 24.17
N LEU G 122 -54.81 -34.02 23.94
CA LEU G 122 -54.75 -34.74 22.67
C LEU G 122 -55.35 -36.12 22.77
N TYR G 123 -56.12 -36.52 21.76
CA TYR G 123 -56.69 -37.86 21.64
C TYR G 123 -55.81 -38.58 20.64
N VAL G 124 -54.97 -39.53 21.09
CA VAL G 124 -54.04 -40.18 20.16
C VAL G 124 -54.27 -41.70 20.06
N TRP G 125 -53.99 -42.25 18.87
CA TRP G 125 -54.04 -43.68 18.57
C TRP G 125 -52.63 -44.19 18.81
N GLN G 126 -52.42 -44.79 20.00
CA GLN G 126 -51.15 -45.26 20.55
C GLN G 126 -51.02 -46.82 20.47
N PRO G 127 -50.67 -47.43 19.32
CA PRO G 127 -50.58 -48.90 19.27
C PRO G 127 -49.16 -49.42 19.45
N GLN G 128 -48.86 -49.97 20.63
CA GLN G 128 -47.55 -50.55 20.95
C GLN G 128 -47.43 -51.97 20.33
N VAL G 129 -46.23 -52.58 20.39
CA VAL G 129 -46.05 -53.94 19.86
C VAL G 129 -46.62 -54.96 20.87
N GLY G 130 -47.10 -56.09 20.36
CA GLY G 130 -47.73 -57.12 21.18
C GLY G 130 -49.23 -56.94 21.24
N ASP G 131 -49.70 -55.73 20.88
CA ASP G 131 -51.11 -55.36 20.85
C ASP G 131 -51.84 -56.09 19.73
N VAL G 132 -53.02 -56.64 20.04
CA VAL G 132 -53.83 -57.37 19.08
C VAL G 132 -54.83 -56.40 18.43
N LEU G 133 -54.77 -56.25 17.10
CA LEU G 133 -55.62 -55.33 16.34
C LEU G 133 -56.32 -56.03 15.19
N GLU G 134 -57.44 -55.44 14.73
CA GLU G 134 -58.25 -55.92 13.61
C GLU G 134 -58.22 -54.92 12.46
N GLY G 135 -58.17 -55.43 11.24
CA GLY G 135 -58.13 -54.62 10.03
C GLY G 135 -58.85 -55.26 8.86
N TYR G 136 -59.40 -54.41 7.97
CA TYR G 136 -60.11 -54.88 6.78
C TYR G 136 -59.12 -55.00 5.63
N ILE G 137 -59.03 -56.21 5.04
CA ILE G 137 -58.11 -56.55 3.95
C ILE G 137 -58.40 -55.68 2.72
N PHE G 138 -57.42 -54.82 2.42
CA PHE G 138 -57.39 -53.85 1.33
C PHE G 138 -56.99 -54.56 0.03
N ILE G 139 -55.80 -55.20 0.02
CA ILE G 139 -55.23 -55.98 -1.09
C ILE G 139 -54.52 -57.22 -0.51
N GLN G 140 -54.22 -58.23 -1.36
CA GLN G 140 -53.53 -59.45 -0.93
C GLN G 140 -52.65 -60.03 -2.06
N SER G 141 -51.34 -59.70 -2.00
CA SER G 141 -50.35 -60.15 -2.98
C SER G 141 -49.68 -61.46 -2.51
N ALA G 142 -48.79 -62.03 -3.35
CA ALA G 142 -48.07 -63.28 -3.09
C ALA G 142 -47.03 -63.16 -1.96
N SER G 143 -46.58 -61.93 -1.65
CA SER G 143 -45.57 -61.70 -0.63
C SER G 143 -46.06 -60.86 0.56
N HIS G 144 -47.28 -60.25 0.47
CA HIS G 144 -47.82 -59.42 1.55
C HIS G 144 -49.37 -59.33 1.50
N ILE G 145 -49.98 -58.96 2.65
CA ILE G 145 -51.42 -58.75 2.80
C ILE G 145 -51.64 -57.32 3.32
N GLY G 146 -52.34 -56.50 2.53
CA GLY G 146 -52.68 -55.13 2.87
C GLY G 146 -53.93 -55.06 3.70
N LEU G 147 -53.90 -54.27 4.79
CA LEU G 147 -55.03 -54.12 5.71
C LEU G 147 -55.26 -52.67 6.09
N LEU G 148 -56.42 -52.36 6.70
CA LEU G 148 -56.76 -51.02 7.16
C LEU G 148 -57.40 -51.07 8.55
N ILE G 149 -56.68 -50.53 9.55
CA ILE G 149 -57.12 -50.44 10.95
C ILE G 149 -58.05 -49.23 11.04
N HIS G 150 -59.33 -49.47 11.42
CA HIS G 150 -60.42 -48.49 11.54
C HIS G 150 -60.71 -47.80 10.18
N ASP G 151 -60.30 -48.45 9.07
CA ASP G 151 -60.43 -48.00 7.67
C ASP G 151 -59.77 -46.61 7.47
N ALA G 152 -58.56 -46.42 8.06
CA ALA G 152 -57.81 -45.16 7.97
C ALA G 152 -56.30 -45.36 8.16
N PHE G 153 -55.90 -46.32 9.01
CA PHE G 153 -54.49 -46.60 9.29
C PHE G 153 -54.01 -47.84 8.51
N ASN G 154 -52.89 -47.69 7.77
CA ASN G 154 -52.31 -48.75 6.95
C ASN G 154 -51.61 -49.83 7.78
N ALA G 155 -51.85 -51.10 7.42
CA ALA G 155 -51.26 -52.27 8.07
C ALA G 155 -50.85 -53.29 7.02
N SER G 156 -49.75 -54.02 7.29
CA SER G 156 -49.22 -55.01 6.34
C SER G 156 -48.65 -56.24 7.05
N ILE G 157 -48.95 -57.43 6.53
CA ILE G 157 -48.45 -58.70 7.05
C ILE G 157 -47.63 -59.33 5.94
N LYS G 158 -46.29 -59.41 6.14
CA LYS G 158 -45.32 -59.97 5.19
C LYS G 158 -45.46 -61.50 5.12
N LYS G 159 -45.04 -62.12 3.98
CA LYS G 159 -45.11 -63.56 3.70
C LYS G 159 -44.56 -64.43 4.85
N ASN G 160 -43.45 -64.00 5.49
CA ASN G 160 -42.80 -64.70 6.60
C ASN G 160 -43.64 -64.61 7.89
N ASN G 161 -44.41 -63.51 8.06
CA ASN G 161 -45.27 -63.28 9.22
C ASN G 161 -46.63 -64.01 9.08
N ILE G 162 -46.90 -64.60 7.90
CA ILE G 162 -48.10 -65.38 7.58
C ILE G 162 -47.79 -66.86 7.95
N PRO G 163 -48.76 -67.66 8.50
CA PRO G 163 -48.45 -69.04 8.88
C PRO G 163 -48.02 -69.93 7.71
N VAL G 164 -47.22 -70.96 8.02
CA VAL G 164 -46.64 -71.95 7.10
C VAL G 164 -47.77 -72.76 6.43
N ASP G 165 -48.82 -73.13 7.20
CA ASP G 165 -49.99 -73.91 6.76
C ASP G 165 -50.78 -73.19 5.66
N TRP G 166 -50.78 -71.84 5.66
CA TRP G 166 -51.47 -70.99 4.69
C TRP G 166 -50.79 -71.07 3.33
N THR G 167 -51.59 -71.10 2.24
CA THR G 167 -51.10 -71.19 0.86
C THR G 167 -51.81 -70.17 -0.03
N PHE G 168 -51.02 -69.32 -0.72
CA PHE G 168 -51.55 -68.30 -1.63
C PHE G 168 -51.92 -68.91 -2.97
N VAL G 169 -52.97 -68.39 -3.62
CA VAL G 169 -53.42 -68.84 -4.93
C VAL G 169 -53.65 -67.60 -5.82
N HIS G 170 -52.84 -67.48 -6.91
CA HIS G 170 -52.89 -66.38 -7.86
C HIS G 170 -53.98 -66.61 -8.91
N ASN G 171 -54.74 -65.55 -9.25
CA ASN G 171 -55.82 -65.62 -10.23
C ASN G 171 -55.31 -65.29 -11.63
N ASP G 172 -55.69 -66.13 -12.62
CA ASP G 172 -55.31 -66.01 -14.04
C ASP G 172 -56.26 -65.08 -14.80
N VAL G 173 -57.58 -65.10 -14.46
CA VAL G 173 -58.64 -64.30 -15.08
C VAL G 173 -58.27 -62.80 -15.01
N GLU G 174 -57.96 -62.29 -13.81
CA GLU G 174 -57.55 -60.91 -13.55
C GLU G 174 -56.80 -60.83 -12.22
N LEU G 214 -53.92 -59.38 -9.09
CA LEU G 214 -54.94 -59.82 -8.13
C LEU G 214 -54.73 -61.29 -7.76
N GLY G 215 -54.92 -61.59 -6.48
CA GLY G 215 -54.80 -62.93 -5.91
C GLY G 215 -55.58 -63.07 -4.62
N HIS G 216 -55.54 -64.27 -4.01
CA HIS G 216 -56.24 -64.57 -2.76
C HIS G 216 -55.46 -65.57 -1.91
N TRP G 217 -55.45 -65.37 -0.58
CA TRP G 217 -54.77 -66.27 0.35
C TRP G 217 -55.77 -67.22 1.00
N VAL G 218 -55.34 -68.46 1.20
CA VAL G 218 -56.17 -69.52 1.79
C VAL G 218 -55.55 -69.94 3.14
N ASP G 219 -56.38 -70.03 4.20
CA ASP G 219 -55.95 -70.40 5.55
C ASP G 219 -55.68 -71.91 5.68
N SER G 220 -55.24 -72.34 6.89
CA SER G 220 -54.90 -73.73 7.25
C SER G 220 -56.03 -74.73 6.97
N ASN G 221 -57.30 -74.32 7.21
CA ASN G 221 -58.49 -75.15 7.02
C ASN G 221 -58.75 -75.48 5.54
N GLY G 222 -58.37 -74.56 4.65
CA GLY G 222 -58.54 -74.71 3.21
C GLY G 222 -59.67 -73.89 2.62
N GLU G 223 -59.87 -72.66 3.14
CA GLU G 223 -60.91 -71.73 2.69
C GLU G 223 -60.37 -70.29 2.60
N PRO G 224 -60.85 -69.44 1.65
CA PRO G 224 -60.31 -68.06 1.55
C PRO G 224 -60.57 -67.22 2.80
N ILE G 225 -59.68 -66.23 3.05
CA ILE G 225 -59.74 -65.35 4.22
C ILE G 225 -60.82 -64.26 4.09
N ASP G 226 -61.62 -64.10 5.16
CA ASP G 226 -62.72 -63.14 5.32
C ASP G 226 -62.21 -61.69 5.28
N GLY G 227 -63.11 -60.76 4.94
CA GLY G 227 -62.85 -59.32 4.83
C GLY G 227 -62.04 -58.71 5.96
N LYS G 228 -62.42 -59.00 7.22
CA LYS G 228 -61.71 -58.51 8.40
C LYS G 228 -60.76 -59.59 8.91
N LEU G 229 -59.56 -59.18 9.34
CA LEU G 229 -58.54 -60.09 9.86
C LEU G 229 -57.92 -59.57 11.15
N ARG G 230 -57.72 -60.48 12.11
CA ARG G 230 -57.15 -60.18 13.43
C ARG G 230 -55.66 -60.55 13.45
N PHE G 231 -54.80 -59.61 13.86
CA PHE G 231 -53.35 -59.81 13.93
C PHE G 231 -52.72 -59.14 15.15
N THR G 232 -51.46 -59.51 15.46
CA THR G 232 -50.67 -58.95 16.56
C THR G 232 -49.70 -57.94 15.96
N VAL G 233 -49.39 -56.85 16.70
CA VAL G 233 -48.46 -55.83 16.24
C VAL G 233 -47.02 -56.32 16.43
N ARG G 234 -46.31 -56.46 15.31
CA ARG G 234 -44.91 -56.90 15.25
C ARG G 234 -43.98 -55.69 15.31
N ASN G 235 -44.34 -54.58 14.61
CA ASN G 235 -43.60 -53.33 14.54
C ASN G 235 -44.49 -52.19 14.02
N VAL G 236 -44.14 -50.92 14.35
CA VAL G 236 -44.87 -49.72 13.89
C VAL G 236 -43.86 -48.79 13.20
N HIS G 237 -44.11 -48.47 11.92
CA HIS G 237 -43.22 -47.63 11.12
C HIS G 237 -43.78 -46.20 11.03
N THR G 238 -43.05 -45.26 11.65
CA THR G 238 -43.38 -43.85 11.79
C THR G 238 -42.70 -42.96 10.73
N THR G 239 -41.35 -43.06 10.61
CA THR G 239 -40.43 -42.30 9.75
C THR G 239 -40.99 -41.90 8.36
N GLY G 240 -41.77 -42.81 7.73
CA GLY G 240 -42.37 -42.62 6.42
C GLY G 240 -43.47 -41.56 6.34
N ARG G 241 -44.13 -41.48 5.17
CA ARG G 241 -45.21 -40.53 4.89
C ARG G 241 -46.45 -40.85 5.73
N VAL G 242 -46.96 -42.10 5.61
CA VAL G 242 -48.15 -42.61 6.30
C VAL G 242 -47.69 -43.69 7.31
N VAL G 243 -48.33 -43.74 8.49
CA VAL G 243 -48.06 -44.73 9.55
C VAL G 243 -48.43 -46.13 9.04
N SER G 244 -47.45 -47.06 9.06
CA SER G 244 -47.67 -48.43 8.62
C SER G 244 -47.35 -49.41 9.75
N VAL G 245 -48.32 -50.30 10.06
CA VAL G 245 -48.18 -51.30 11.11
C VAL G 245 -47.77 -52.65 10.49
N ASP G 246 -46.61 -53.18 10.90
CA ASP G 246 -46.13 -54.48 10.47
C ASP G 246 -46.78 -55.51 11.40
N GLY G 247 -47.61 -56.38 10.83
CA GLY G 247 -48.36 -57.38 11.59
C GLY G 247 -47.86 -58.80 11.46
N THR G 248 -48.22 -59.64 12.43
CA THR G 248 -47.89 -61.07 12.51
C THR G 248 -49.15 -61.92 12.73
N LEU G 249 -49.18 -63.12 12.15
CA LEU G 249 -50.29 -64.06 12.29
C LEU G 249 -49.82 -65.34 13.00
N ILE G 250 -48.53 -65.40 13.36
CA ILE G 250 -47.90 -66.52 14.05
C ILE G 250 -47.15 -66.05 15.30
N SER G 251 -47.29 -66.81 16.39
CA SER G 251 -46.68 -66.58 17.71
C SER G 251 -46.42 -67.91 18.42
N ASN H 3 -55.12 57.87 19.28
CA ASN H 3 -54.82 59.20 19.81
C ASN H 3 -53.34 59.33 20.26
N THR H 4 -52.89 60.58 20.51
CA THR H 4 -51.54 60.97 20.91
C THR H 4 -51.27 60.64 22.40
N LEU H 5 -50.00 60.32 22.73
CA LEU H 5 -49.53 60.02 24.09
C LEU H 5 -48.47 61.03 24.55
N PHE H 6 -47.70 61.59 23.59
CA PHE H 6 -46.63 62.57 23.86
C PHE H 6 -46.42 63.48 22.65
N ASP H 7 -46.13 64.77 22.90
CA ASP H 7 -45.88 65.79 21.88
C ASP H 7 -45.02 66.91 22.47
N ASP H 8 -43.89 67.24 21.80
CA ASP H 8 -42.94 68.28 22.21
C ASP H 8 -41.99 68.65 21.07
N ILE H 9 -41.39 69.86 21.15
CA ILE H 9 -40.41 70.37 20.18
C ILE H 9 -39.03 70.31 20.86
N PHE H 10 -38.09 69.59 20.23
CA PHE H 10 -36.74 69.35 20.74
C PHE H 10 -35.65 70.07 19.93
N GLN H 11 -34.57 70.47 20.65
CA GLN H 11 -33.39 71.13 20.07
C GLN H 11 -32.26 70.11 20.01
N VAL H 12 -31.74 69.84 18.81
CA VAL H 12 -30.67 68.87 18.57
C VAL H 12 -29.32 69.45 19.02
N SER H 13 -28.57 68.68 19.83
CA SER H 13 -27.27 69.05 20.37
C SER H 13 -26.14 68.19 19.78
N GLU H 14 -26.48 66.99 19.24
CA GLU H 14 -25.50 66.06 18.65
C GLU H 14 -26.14 65.17 17.59
N VAL H 15 -25.36 64.90 16.51
CA VAL H 15 -25.70 64.02 15.38
C VAL H 15 -24.45 63.16 15.16
N ASP H 16 -24.42 61.96 15.75
CA ASP H 16 -23.25 61.08 15.65
C ASP H 16 -23.52 59.85 14.77
N PRO H 17 -22.73 59.62 13.70
CA PRO H 17 -22.93 58.40 12.89
C PRO H 17 -22.46 57.15 13.63
N GLY H 18 -21.23 57.19 14.16
CA GLY H 18 -20.64 56.11 14.94
C GLY H 18 -20.35 54.86 14.14
N ARG H 19 -19.63 55.01 13.02
CA ARG H 19 -19.22 53.98 12.06
C ARG H 19 -20.43 53.39 11.29
N TYR H 20 -21.54 54.16 11.22
CA TYR H 20 -22.75 53.86 10.48
C TYR H 20 -22.86 54.84 9.31
N ASN H 21 -23.22 54.34 8.11
CA ASN H 21 -23.35 55.17 6.92
C ASN H 21 -24.76 55.74 6.71
N LYS H 22 -25.77 55.16 7.40
CA LYS H 22 -27.16 55.57 7.23
C LYS H 22 -27.89 55.92 8.54
N VAL H 23 -27.38 55.51 9.72
CA VAL H 23 -28.05 55.80 11.00
C VAL H 23 -27.21 56.82 11.82
N CYS H 24 -27.89 57.60 12.69
CA CYS H 24 -27.27 58.61 13.55
C CYS H 24 -27.96 58.67 14.92
N ARG H 25 -27.16 58.80 16.01
CA ARG H 25 -27.66 58.92 17.37
C ARG H 25 -27.85 60.39 17.68
N ILE H 26 -29.10 60.80 17.83
CA ILE H 26 -29.51 62.18 18.08
C ILE H 26 -29.66 62.42 19.59
N GLU H 27 -28.94 63.44 20.09
CA GLU H 27 -29.02 63.90 21.48
C GLU H 27 -29.79 65.20 21.48
N ALA H 28 -30.97 65.22 22.09
CA ALA H 28 -31.83 66.39 22.09
C ALA H 28 -32.34 66.76 23.49
N ALA H 29 -32.81 68.01 23.63
CA ALA H 29 -33.39 68.58 24.85
C ALA H 29 -34.65 69.36 24.51
N SER H 30 -35.68 69.30 25.37
CA SER H 30 -36.95 69.98 25.17
C SER H 30 -36.81 71.49 25.36
N THR H 31 -37.51 72.26 24.52
CA THR H 31 -37.52 73.72 24.55
C THR H 31 -38.52 74.23 25.61
N THR H 32 -39.54 73.43 25.94
CA THR H 32 -40.59 73.77 26.92
C THR H 32 -40.18 73.31 28.33
N GLN H 33 -39.87 72.00 28.50
CA GLN H 33 -39.47 71.42 29.79
C GLN H 33 -37.95 71.41 29.93
N ASP H 34 -37.46 71.76 31.13
CA ASP H 34 -36.02 71.86 31.43
C ASP H 34 -35.39 70.49 31.68
N GLN H 35 -36.04 69.62 32.47
CA GLN H 35 -35.52 68.30 32.83
C GLN H 35 -35.67 67.25 31.72
N CYS H 36 -36.43 67.56 30.65
CA CYS H 36 -36.69 66.63 29.54
C CYS H 36 -35.47 66.48 28.61
N LYS H 37 -35.09 65.23 28.32
CA LYS H 37 -33.96 64.84 27.46
C LYS H 37 -34.36 63.73 26.48
N LEU H 38 -33.66 63.65 25.32
CA LEU H 38 -33.90 62.66 24.26
C LEU H 38 -32.60 62.13 23.67
N THR H 39 -32.60 60.82 23.36
CA THR H 39 -31.54 60.05 22.70
C THR H 39 -32.27 59.14 21.71
N LEU H 40 -32.18 59.43 20.40
CA LEU H 40 -32.92 58.68 19.39
C LEU H 40 -32.08 58.37 18.12
N ASP H 41 -32.22 57.14 17.60
CA ASP H 41 -31.56 56.68 16.38
C ASP H 41 -32.50 56.89 15.19
N ILE H 42 -32.05 57.64 14.17
CA ILE H 42 -32.85 57.92 12.97
C ILE H 42 -32.08 57.54 11.70
N ASN H 43 -32.82 57.14 10.63
CA ASN H 43 -32.22 56.81 9.34
C ASN H 43 -31.94 58.13 8.61
N VAL H 44 -30.72 58.69 8.82
CA VAL H 44 -30.25 59.97 8.29
C VAL H 44 -30.27 60.00 6.74
N GLU H 45 -30.26 58.82 6.08
CA GLU H 45 -30.32 58.65 4.62
C GLU H 45 -31.66 59.18 4.08
N LEU H 46 -32.77 58.91 4.80
CA LEU H 46 -34.11 59.36 4.41
C LEU H 46 -34.44 60.73 5.00
N PHE H 47 -34.32 60.87 6.33
CA PHE H 47 -34.60 62.10 7.07
C PHE H 47 -33.30 62.63 7.69
N PRO H 48 -32.59 63.56 7.01
CA PRO H 48 -31.34 64.06 7.58
C PRO H 48 -31.60 65.07 8.70
N VAL H 49 -30.82 64.95 9.79
CA VAL H 49 -30.88 65.81 10.97
C VAL H 49 -29.52 66.46 11.15
N ALA H 50 -29.51 67.78 11.30
CA ALA H 50 -28.30 68.55 11.52
C ALA H 50 -28.26 69.08 12.95
N ALA H 51 -27.06 69.44 13.46
CA ALA H 51 -26.89 70.01 14.79
C ALA H 51 -27.56 71.38 14.85
N GLN H 52 -28.21 71.70 15.98
CA GLN H 52 -28.96 72.95 16.24
C GLN H 52 -30.18 73.01 15.30
N ASP H 53 -31.08 72.03 15.45
CA ASP H 53 -32.31 71.90 14.66
C ASP H 53 -33.52 71.73 15.57
N SER H 54 -34.70 72.16 15.08
CA SER H 54 -35.95 72.06 15.82
C SER H 54 -36.79 70.89 15.26
N LEU H 55 -36.91 69.82 16.06
CA LEU H 55 -37.68 68.63 15.66
C LEU H 55 -38.92 68.47 16.54
N THR H 56 -40.08 68.28 15.91
CA THR H 56 -41.35 68.11 16.63
C THR H 56 -41.59 66.59 16.76
N VAL H 57 -41.02 65.99 17.81
CA VAL H 57 -41.13 64.55 18.09
C VAL H 57 -42.47 64.29 18.79
N THR H 58 -43.25 63.32 18.27
CA THR H 58 -44.59 62.97 18.77
C THR H 58 -44.79 61.45 18.85
N ILE H 59 -45.28 60.97 20.01
CA ILE H 59 -45.58 59.56 20.24
C ILE H 59 -47.11 59.37 20.20
N ALA H 60 -47.58 58.47 19.32
CA ALA H 60 -49.00 58.17 19.15
C ALA H 60 -49.26 56.67 19.31
N SER H 61 -50.48 56.29 19.72
CA SER H 61 -50.87 54.89 19.88
C SER H 61 -51.18 54.25 18.52
N SER H 62 -51.88 55.00 17.65
CA SER H 62 -52.23 54.59 16.29
C SER H 62 -52.34 55.83 15.38
N LEU H 63 -53.12 55.75 14.28
CA LEU H 63 -53.30 56.84 13.32
C LEU H 63 -54.80 57.10 13.07
N ASN H 64 -55.25 58.36 13.17
CA ASN H 64 -56.66 58.76 12.97
C ASN H 64 -56.88 59.37 11.56
N ALA H 75 -60.24 48.67 14.89
CA ALA H 75 -59.23 47.63 15.06
C ALA H 75 -58.62 47.22 13.71
N THR H 76 -57.28 47.32 13.59
CA THR H 76 -56.55 46.96 12.36
C THR H 76 -56.10 45.50 12.41
N ARG H 77 -56.10 44.84 11.23
CA ARG H 77 -55.71 43.43 11.09
C ARG H 77 -54.21 43.31 10.77
N SER H 78 -53.72 44.11 9.77
CA SER H 78 -52.32 44.14 9.32
C SER H 78 -52.02 45.40 8.49
N TRP H 79 -50.71 45.73 8.33
CA TRP H 79 -50.23 46.87 7.54
C TRP H 79 -50.36 46.59 6.05
N ARG H 80 -50.82 47.59 5.30
CA ARG H 80 -51.01 47.53 3.86
C ARG H 80 -50.25 48.69 3.19
N PRO H 81 -49.64 48.50 1.99
CA PRO H 81 -48.96 49.63 1.34
C PRO H 81 -49.97 50.73 0.92
N PRO H 82 -49.54 52.03 0.85
CA PRO H 82 -50.50 53.10 0.52
C PRO H 82 -51.21 52.92 -0.83
N GLN H 83 -52.52 53.18 -0.82
CA GLN H 83 -53.41 53.10 -1.99
C GLN H 83 -54.31 54.34 -2.01
N ALA H 84 -54.34 55.06 -3.17
CA ALA H 84 -55.07 56.30 -3.46
C ALA H 84 -56.30 56.56 -2.58
N GLY H 85 -56.27 57.70 -1.87
CA GLY H 85 -57.34 58.14 -0.98
C GLY H 85 -57.22 57.72 0.47
N ASP H 86 -56.03 57.29 0.92
CA ASP H 86 -55.83 56.86 2.30
C ASP H 86 -55.29 58.04 3.14
N ARG H 87 -56.00 58.33 4.25
CA ARG H 87 -55.67 59.39 5.20
C ARG H 87 -55.09 58.81 6.48
N SER H 88 -54.04 59.44 7.01
CA SER H 88 -53.34 58.98 8.22
C SER H 88 -52.80 60.15 9.05
N LEU H 89 -52.44 59.89 10.32
CA LEU H 89 -51.83 60.90 11.23
C LEU H 89 -50.42 61.24 10.73
N ALA H 90 -49.80 60.29 10.00
CA ALA H 90 -48.48 60.37 9.39
C ALA H 90 -48.40 61.44 8.29
N ASP H 91 -49.56 61.83 7.70
CA ASP H 91 -49.65 62.83 6.63
C ASP H 91 -49.26 64.24 7.12
N ASP H 92 -49.25 64.46 8.46
CA ASP H 92 -48.91 65.73 9.10
C ASP H 92 -47.40 65.88 9.39
N TYR H 93 -46.69 64.74 9.56
CA TYR H 93 -45.25 64.69 9.88
C TYR H 93 -44.43 64.19 8.68
N ASP H 94 -43.09 64.37 8.74
CA ASP H 94 -42.18 63.97 7.65
C ASP H 94 -41.70 62.51 7.78
N TYR H 95 -41.12 62.15 8.94
CA TYR H 95 -40.52 60.84 9.23
C TYR H 95 -41.30 60.13 10.35
N VAL H 96 -41.82 58.92 10.04
CA VAL H 96 -42.63 58.13 10.98
C VAL H 96 -42.01 56.73 11.16
N MET H 97 -41.88 56.29 12.43
CA MET H 97 -41.35 55.00 12.82
C MET H 97 -42.30 54.24 13.73
N TYR H 98 -42.37 52.91 13.60
CA TYR H 98 -43.21 52.07 14.44
C TYR H 98 -42.31 51.18 15.29
N GLY H 99 -42.53 51.21 16.60
CA GLY H 99 -41.73 50.43 17.55
C GLY H 99 -42.43 50.05 18.83
N THR H 100 -41.69 49.42 19.77
CA THR H 100 -42.23 48.96 21.05
C THR H 100 -41.45 49.49 22.26
N ALA H 101 -42.14 49.64 23.40
CA ALA H 101 -41.55 50.04 24.68
C ALA H 101 -41.13 48.77 25.41
N TYR H 102 -39.86 48.71 25.86
CA TYR H 102 -39.33 47.50 26.48
C TYR H 102 -38.83 47.69 27.92
N LYS H 103 -38.55 48.94 28.35
CA LYS H 103 -38.03 49.20 29.69
C LYS H 103 -38.53 50.53 30.26
N PHE H 104 -38.90 50.51 31.56
CA PHE H 104 -39.37 51.67 32.31
C PHE H 104 -38.45 51.88 33.52
N GLU H 105 -37.61 52.92 33.45
CA GLU H 105 -36.62 53.24 34.48
C GLU H 105 -37.00 54.51 35.24
N GLU H 106 -36.73 54.55 36.56
CA GLU H 106 -36.99 55.73 37.37
C GLU H 106 -35.66 56.34 37.82
N VAL H 107 -35.48 57.64 37.52
CA VAL H 107 -34.26 58.40 37.86
C VAL H 107 -34.60 59.40 38.97
N SER H 108 -34.14 59.13 40.21
CA SER H 108 -34.37 59.95 41.42
C SER H 108 -35.88 60.23 41.67
N LYS H 109 -36.19 61.29 42.44
CA LYS H 109 -37.58 61.66 42.77
C LYS H 109 -38.27 62.31 41.57
N ASP H 110 -39.53 61.90 41.32
CA ASP H 110 -40.45 62.38 40.27
C ASP H 110 -40.00 62.09 38.82
N LEU H 111 -38.68 62.05 38.51
CA LEU H 111 -38.18 61.80 37.14
C LEU H 111 -38.25 60.32 36.75
N ILE H 112 -38.75 60.05 35.52
CA ILE H 112 -38.94 58.72 34.93
C ILE H 112 -38.41 58.75 33.48
N ALA H 113 -37.61 57.73 33.10
CA ALA H 113 -37.03 57.59 31.75
C ALA H 113 -37.54 56.30 31.07
N VAL H 114 -38.16 56.45 29.86
CA VAL H 114 -38.71 55.32 29.08
C VAL H 114 -37.73 54.87 27.99
N TYR H 115 -37.76 53.56 27.66
CA TYR H 115 -36.90 52.96 26.63
C TYR H 115 -37.75 52.35 25.53
N TYR H 116 -37.56 52.84 24.30
CA TYR H 116 -38.26 52.38 23.10
C TYR H 116 -37.29 51.76 22.10
N SER H 117 -37.79 50.82 21.29
CA SER H 117 -37.00 50.18 20.23
C SER H 117 -37.81 50.10 18.94
N PHE H 118 -37.29 50.76 17.89
CA PHE H 118 -37.88 50.80 16.56
C PHE H 118 -37.04 49.88 15.65
N GLY H 119 -36.99 48.59 16.05
CA GLY H 119 -36.24 47.54 15.38
C GLY H 119 -34.76 47.80 15.41
N GLY H 120 -34.19 47.85 16.61
CA GLY H 120 -32.77 48.12 16.78
C GLY H 120 -32.47 49.60 16.98
N LEU H 121 -33.25 50.47 16.31
CA LEU H 121 -33.16 51.93 16.41
C LEU H 121 -33.78 52.33 17.74
N LEU H 122 -32.92 52.53 18.76
CA LEU H 122 -33.31 52.79 20.15
C LEU H 122 -33.62 54.26 20.46
N MET H 123 -34.50 54.48 21.45
CA MET H 123 -34.88 55.80 21.94
C MET H 123 -34.99 55.80 23.46
N ARG H 124 -34.48 56.86 24.11
CA ARG H 124 -34.52 57.03 25.56
C ARG H 124 -35.00 58.44 25.92
N LEU H 125 -36.28 58.55 26.29
CA LEU H 125 -36.92 59.80 26.70
C LEU H 125 -36.90 59.91 28.22
N GLU H 126 -36.49 61.07 28.76
CA GLU H 126 -36.42 61.35 30.20
C GLU H 126 -37.37 62.51 30.54
N GLY H 127 -38.28 62.30 31.49
CA GLY H 127 -39.27 63.27 31.92
C GLY H 127 -39.82 63.01 33.31
N ASN H 128 -41.11 63.36 33.56
CA ASN H 128 -41.74 63.15 34.88
C ASN H 128 -43.28 62.97 34.82
N TYR H 129 -43.99 63.87 34.10
CA TYR H 129 -45.46 63.92 33.98
C TYR H 129 -46.05 62.84 33.07
N ARG H 130 -45.25 62.30 32.13
CA ARG H 130 -45.67 61.33 31.13
C ARG H 130 -45.94 59.88 31.66
N ASN H 131 -45.73 59.64 32.98
CA ASN H 131 -45.91 58.33 33.65
C ASN H 131 -47.29 57.69 33.39
N LEU H 132 -48.35 58.52 33.29
CA LEU H 132 -49.72 58.07 33.06
C LEU H 132 -49.91 57.66 31.59
N ASN H 133 -49.68 58.60 30.65
CA ASN H 133 -49.87 58.40 29.21
C ASN H 133 -48.91 57.37 28.61
N ASN H 134 -47.58 57.52 28.81
CA ASN H 134 -46.60 56.58 28.27
C ASN H 134 -46.63 55.27 29.05
N LEU H 135 -47.08 54.20 28.37
CA LEU H 135 -47.19 52.85 28.93
C LEU H 135 -46.51 51.84 28.00
N LYS H 136 -45.97 50.73 28.56
CA LYS H 136 -45.29 49.67 27.81
C LYS H 136 -46.28 48.97 26.86
N GLN H 137 -46.41 49.53 25.66
CA GLN H 137 -47.32 49.04 24.61
C GLN H 137 -46.53 48.51 23.44
N GLU H 138 -46.91 47.31 22.97
CA GLU H 138 -46.29 46.60 21.82
C GLU H 138 -46.57 47.35 20.49
N ASN H 139 -47.22 48.53 20.59
CA ASN H 139 -47.58 49.38 19.46
C ASN H 139 -47.48 50.85 19.86
N ALA H 140 -46.43 51.53 19.37
CA ALA H 140 -46.21 52.96 19.62
C ALA H 140 -45.52 53.59 18.41
N TYR H 141 -46.23 54.54 17.78
CA TYR H 141 -45.77 55.25 16.60
C TYR H 141 -45.01 56.51 16.99
N LEU H 142 -43.85 56.74 16.37
CA LEU H 142 -43.03 57.93 16.59
C LEU H 142 -43.01 58.75 15.32
N LEU H 143 -43.51 59.98 15.40
CA LEU H 143 -43.65 60.88 14.26
C LEU H 143 -42.83 62.15 14.48
N ILE H 144 -42.04 62.56 13.48
CA ILE H 144 -41.17 63.74 13.59
C ILE H 144 -41.44 64.72 12.43
N ARG H 145 -41.48 66.03 12.74
CA ARG H 145 -41.72 67.11 11.79
C ARG H 145 -40.47 68.00 11.63
N ARG H 146 -40.47 68.84 10.57
CA ARG H 146 -39.44 69.82 10.17
C ARG H 146 -38.10 69.13 9.83
N SER I 2 63.58 9.61 37.84
CA SER I 2 62.66 10.73 37.84
C SER I 2 61.42 10.40 38.67
N VAL I 3 61.14 11.22 39.69
CA VAL I 3 60.00 11.04 40.61
C VAL I 3 58.98 12.15 40.38
N VAL I 4 57.69 11.76 40.20
CA VAL I 4 56.58 12.69 39.98
C VAL I 4 55.41 12.27 40.87
N GLY I 5 55.05 13.15 41.81
CA GLY I 5 53.95 12.94 42.75
C GLY I 5 54.09 11.71 43.60
N SER I 6 53.38 10.64 43.23
CA SER I 6 53.41 9.34 43.90
C SER I 6 54.05 8.27 43.00
N LEU I 7 54.34 8.65 41.74
CA LEU I 7 54.96 7.79 40.72
C LEU I 7 56.47 7.92 40.74
N ILE I 8 57.18 6.79 40.61
CA ILE I 8 58.64 6.78 40.57
C ILE I 8 59.07 6.03 39.28
N PHE I 9 59.70 6.78 38.36
CA PHE I 9 60.14 6.26 37.05
C PHE I 9 61.65 6.11 36.97
N CYS I 10 62.12 5.16 36.14
CA CYS I 10 63.54 4.92 35.91
C CYS I 10 64.13 6.00 35.02
N LEU I 11 65.41 6.32 35.24
CA LEU I 11 66.15 7.33 34.48
C LEU I 11 66.82 6.72 33.25
N ASP I 12 67.05 5.40 33.25
CA ASP I 12 67.71 4.70 32.15
C ASP I 12 66.72 4.23 31.08
N CYS I 13 65.65 3.52 31.47
CA CYS I 13 64.68 2.99 30.50
C CYS I 13 63.37 3.81 30.46
N GLY I 14 62.86 4.19 31.63
CA GLY I 14 61.62 4.96 31.75
C GLY I 14 60.43 4.12 32.18
N ASP I 15 60.71 2.99 32.84
CA ASP I 15 59.71 2.05 33.37
C ASP I 15 59.27 2.50 34.76
N LEU I 16 58.00 2.26 35.11
CA LEU I 16 57.47 2.65 36.42
C LEU I 16 57.91 1.63 37.49
N LEU I 17 58.75 2.10 38.42
CA LEU I 17 59.27 1.29 39.54
C LEU I 17 58.18 1.00 40.56
N GLU I 18 58.21 -0.22 41.13
CA GLU I 18 57.26 -0.72 42.12
C GLU I 18 57.30 0.11 43.41
N ASN I 19 56.24 0.02 44.24
CA ASN I 19 56.11 0.74 45.50
C ASN I 19 57.17 0.22 46.51
N PRO I 20 57.85 1.11 47.29
CA PRO I 20 58.89 0.63 48.22
C PRO I 20 58.39 -0.30 49.34
N ASN I 21 57.07 -0.35 49.58
CA ASN I 21 56.46 -1.18 50.63
C ASN I 21 56.19 -2.63 50.17
N ALA I 22 55.93 -2.84 48.86
CA ALA I 22 55.63 -4.16 48.29
C ALA I 22 56.88 -5.05 48.14
N VAL I 23 58.01 -4.46 47.70
CA VAL I 23 59.27 -5.17 47.46
C VAL I 23 60.13 -5.24 48.77
N LEU I 24 61.28 -5.94 48.71
CA LEU I 24 62.22 -6.12 49.83
C LEU I 24 62.81 -4.79 50.31
N GLY I 25 63.19 -4.73 51.59
CA GLY I 25 63.74 -3.55 52.22
C GLY I 25 65.11 -3.13 51.73
N SER I 26 65.44 -1.84 51.98
CA SER I 26 66.69 -1.12 51.67
C SER I 26 67.03 -1.04 50.16
N ASN I 27 66.43 -1.89 49.29
CA ASN I 27 66.73 -1.87 47.86
C ASN I 27 65.51 -2.12 47.00
N VAL I 28 65.36 -1.32 45.93
CA VAL I 28 64.28 -1.41 44.94
C VAL I 28 64.91 -1.61 43.54
N GLU I 29 64.33 -2.48 42.70
CA GLU I 29 64.88 -2.76 41.37
C GLU I 29 63.81 -2.72 40.27
N CYS I 30 64.22 -2.26 39.07
CA CYS I 30 63.36 -2.17 37.89
C CYS I 30 63.17 -3.56 37.27
N SER I 31 61.98 -3.79 36.70
CA SER I 31 61.60 -5.07 36.08
C SER I 31 62.29 -5.28 34.73
N GLN I 32 62.48 -4.20 33.93
CA GLN I 32 63.15 -4.26 32.62
C GLN I 32 64.62 -4.61 32.81
N CYS I 33 65.45 -3.65 33.24
CA CYS I 33 66.86 -3.84 33.56
C CYS I 33 67.00 -3.87 35.07
N LYS I 34 67.81 -4.78 35.62
CA LYS I 34 67.99 -4.87 37.07
C LYS I 34 68.92 -3.73 37.54
N ALA I 35 68.37 -2.50 37.53
CA ALA I 35 69.05 -1.26 37.89
C ALA I 35 69.16 -1.11 39.41
N ILE I 36 70.26 -0.50 39.87
CA ILE I 36 70.52 -0.28 41.28
C ILE I 36 69.81 0.99 41.74
N TYR I 37 68.91 0.82 42.73
CA TYR I 37 68.09 1.85 43.38
C TYR I 37 67.82 1.41 44.84
N PRO I 38 67.46 2.30 45.80
CA PRO I 38 67.22 3.74 45.68
C PRO I 38 68.44 4.57 46.11
N LYS I 39 68.18 5.79 46.60
CA LYS I 39 69.17 6.75 47.08
C LYS I 39 68.75 7.28 48.48
N SER I 40 67.54 6.85 48.96
CA SER I 40 66.88 7.24 50.21
C SER I 40 66.49 8.74 50.22
N GLN I 41 66.97 9.50 49.20
CA GLN I 41 66.71 10.92 49.00
C GLN I 41 65.42 11.14 48.17
N PHE I 42 64.74 10.03 47.77
CA PHE I 42 63.49 10.06 47.01
C PHE I 42 62.33 10.58 47.89
N SER I 43 62.46 10.42 49.23
CA SER I 43 61.55 10.87 50.31
C SER I 43 60.14 10.25 50.28
N ASN I 44 59.40 10.41 51.42
CA ASN I 44 58.03 9.94 51.58
C ASN I 44 57.13 10.87 50.76
N LEU I 45 56.73 10.39 49.58
CA LEU I 45 55.94 11.10 48.57
C LEU I 45 54.52 11.42 49.04
N LYS I 46 54.07 12.66 48.79
CA LYS I 46 52.73 13.15 49.12
C LYS I 46 52.06 13.77 47.88
N VAL I 47 50.72 13.68 47.81
CA VAL I 47 49.93 14.23 46.71
C VAL I 47 48.70 14.95 47.26
N VAL I 48 48.58 16.26 46.96
CA VAL I 48 47.47 17.11 47.42
C VAL I 48 46.34 17.04 46.35
N THR I 49 45.34 16.19 46.62
CA THR I 49 44.19 15.97 45.75
C THR I 49 42.98 16.74 46.28
N THR I 50 42.54 17.77 45.54
CA THR I 50 41.42 18.64 45.89
C THR I 50 40.09 18.06 45.37
N THR I 51 38.95 18.55 45.91
CA THR I 51 37.62 18.09 45.51
C THR I 51 37.28 18.75 44.15
N ALA I 52 36.34 18.13 43.40
CA ALA I 52 35.90 18.54 42.06
C ALA I 52 35.24 19.94 41.99
N ASP I 53 34.67 20.44 43.12
CA ASP I 53 33.94 21.71 43.28
C ASP I 53 32.51 21.60 42.69
N ASP I 54 32.32 20.76 41.65
CA ASP I 54 31.03 20.46 41.03
C ASP I 54 30.43 19.21 41.68
N ALA I 55 31.22 18.54 42.54
CA ALA I 55 30.88 17.31 43.25
C ALA I 55 29.78 17.51 44.31
N PHE I 56 29.68 18.73 44.88
CA PHE I 56 28.69 19.02 45.90
C PHE I 56 27.71 20.13 45.45
N PRO I 57 26.69 19.80 44.62
CA PRO I 57 25.74 20.84 44.19
C PRO I 57 24.72 21.09 45.29
N SER I 58 24.60 22.36 45.72
CA SER I 58 23.70 22.77 46.80
C SER I 58 23.19 24.20 46.62
N SER I 59 22.16 24.59 47.41
CA SER I 59 21.56 25.93 47.39
C SER I 59 22.58 26.99 47.82
N LEU I 60 23.48 26.64 48.77
CA LEU I 60 24.52 27.54 49.25
C LEU I 60 25.61 27.71 48.20
N ARG I 61 26.03 26.60 47.52
CA ARG I 61 27.03 26.63 46.45
C ARG I 61 26.51 27.51 45.30
N ALA I 62 25.18 27.46 45.06
CA ALA I 62 24.49 28.26 44.04
C ALA I 62 24.50 29.74 44.41
N LYS I 63 24.46 30.07 45.73
CA LYS I 63 24.52 31.44 46.23
C LYS I 63 25.94 31.99 46.17
N LYS I 64 26.93 31.11 45.93
CA LYS I 64 28.35 31.47 45.81
C LYS I 64 28.71 31.77 44.33
N SER I 65 27.72 31.63 43.43
CA SER I 65 27.87 31.94 42.00
C SER I 65 27.56 33.41 41.78
N VAL I 66 28.43 34.12 41.02
CA VAL I 66 28.31 35.55 40.71
C VAL I 66 27.02 35.85 39.91
N VAL I 67 26.57 34.92 39.06
CA VAL I 67 25.34 35.07 38.28
C VAL I 67 24.14 34.56 39.10
N LYS I 68 22.91 34.95 38.70
CA LYS I 68 21.67 34.53 39.36
C LYS I 68 21.41 33.07 39.07
N THR I 69 21.20 32.28 40.14
CA THR I 69 20.97 30.83 40.07
C THR I 69 19.52 30.47 40.42
N SER I 70 18.82 31.36 41.15
CA SER I 70 17.43 31.15 41.56
C SER I 70 16.61 32.44 41.45
N LEU I 71 15.32 32.29 41.09
CA LEU I 71 14.37 33.39 40.97
C LEU I 71 13.65 33.62 42.30
N LYS I 72 13.26 34.87 42.59
CA LYS I 72 12.54 35.24 43.82
C LYS I 72 11.10 34.71 43.79
N LYS I 73 10.44 34.67 44.97
CA LYS I 73 9.08 34.17 45.18
C LYS I 73 8.03 34.79 44.23
N ASN I 74 8.06 36.12 44.04
CA ASN I 74 7.11 36.82 43.17
C ASN I 74 7.79 37.70 42.11
N GLU I 75 9.12 37.95 42.23
CA GLU I 75 9.87 38.79 41.29
C GLU I 75 10.15 38.03 39.97
N LEU I 76 9.07 37.83 39.18
CA LEU I 76 9.00 37.19 37.87
C LEU I 76 7.59 37.42 37.33
N LYS I 77 7.41 38.48 36.55
CA LYS I 77 6.11 38.87 35.99
C LYS I 77 5.87 38.26 34.61
N ASP I 78 4.59 37.94 34.31
CA ASP I 78 4.17 37.39 33.02
C ASP I 78 4.13 38.53 31.99
N GLY I 79 5.03 38.45 31.01
CA GLY I 79 5.22 39.46 29.98
C GLY I 79 4.13 39.58 28.94
N ALA I 80 3.73 38.45 28.33
CA ALA I 80 2.71 38.39 27.26
C ALA I 80 1.33 38.76 27.80
N THR I 81 0.72 39.80 27.22
CA THR I 81 -0.62 40.31 27.60
C THR I 81 -1.37 40.77 26.34
N ILE I 82 -2.66 40.41 26.25
CA ILE I 82 -3.54 40.77 25.13
C ILE I 82 -4.89 41.27 25.68
N LYS I 83 -5.51 42.21 24.98
CA LYS I 83 -6.81 42.78 25.34
C LYS I 83 -7.92 41.79 24.97
N GLU I 84 -8.50 41.13 26.00
CA GLU I 84 -9.56 40.13 25.85
C GLU I 84 -10.49 40.15 27.07
N LYS I 85 -11.81 40.03 26.84
CA LYS I 85 -12.85 40.02 27.86
C LYS I 85 -12.73 38.74 28.72
N CYS I 86 -12.62 38.90 30.04
CA CYS I 86 -12.49 37.79 30.99
C CYS I 86 -13.86 37.14 31.23
N PRO I 87 -14.00 35.80 31.03
CA PRO I 87 -15.31 35.16 31.25
C PRO I 87 -15.66 35.00 32.73
N GLN I 88 -14.66 35.08 33.64
CA GLN I 88 -14.79 34.93 35.09
C GLN I 88 -15.65 36.07 35.69
N CYS I 89 -15.25 37.34 35.48
CA CYS I 89 -15.98 38.50 35.99
C CYS I 89 -16.03 39.65 34.96
N GLY I 90 -14.87 40.04 34.43
CA GLY I 90 -14.75 41.13 33.46
C GLY I 90 -13.48 41.94 33.66
N ASN I 91 -12.38 41.50 33.02
CA ASN I 91 -11.06 42.13 33.08
C ASN I 91 -10.51 42.36 31.66
N GLU I 92 -9.72 43.42 31.48
CA GLU I 92 -9.13 43.79 30.19
C GLU I 92 -7.80 43.06 29.93
N GLU I 93 -6.85 43.12 30.88
CA GLU I 93 -5.53 42.47 30.78
C GLU I 93 -5.65 40.96 30.94
N MET I 94 -5.11 40.20 29.96
CA MET I 94 -5.16 38.73 29.95
C MET I 94 -3.93 38.17 29.24
N ASN I 95 -3.20 37.25 29.90
CA ASN I 95 -2.00 36.60 29.38
C ASN I 95 -2.35 35.53 28.32
N TYR I 96 -1.36 35.12 27.49
CA TYR I 96 -1.58 34.13 26.43
C TYR I 96 -0.31 33.30 26.15
N HIS I 97 -0.48 32.13 25.49
CA HIS I 97 0.60 31.22 25.09
C HIS I 97 0.28 30.55 23.75
N THR I 98 1.31 30.35 22.89
CA THR I 98 1.17 29.73 21.56
C THR I 98 2.02 28.47 21.37
N LEU I 99 1.43 27.47 20.68
CA LEU I 99 2.01 26.17 20.33
C LEU I 99 1.17 25.49 19.24
N GLN I 100 1.82 24.91 18.21
CA GLN I 100 1.13 24.24 17.10
C GLN I 100 0.89 22.75 17.42
N LEU I 101 -0.32 22.44 17.91
CA LEU I 101 -0.73 21.06 18.24
C LEU I 101 -1.34 20.37 17.02
N ARG I 102 -1.50 19.02 17.10
CA ARG I 102 -2.08 18.13 16.07
C ARG I 102 -1.26 18.16 14.76
N SER I 103 -1.92 17.87 13.62
CA SER I 103 -1.34 17.82 12.27
C SER I 103 -0.91 19.22 11.76
N ALA I 104 -0.16 19.26 10.64
CA ALA I 104 0.31 20.49 10.00
C ALA I 104 -0.83 21.26 9.32
N ASP I 105 -2.01 20.60 9.14
CA ASP I 105 -3.22 21.17 8.53
C ASP I 105 -4.06 21.93 9.58
N GLU I 106 -4.08 21.42 10.84
CA GLU I 106 -4.81 21.95 11.98
C GLU I 106 -4.24 23.32 12.41
N GLY I 107 -5.12 24.19 12.93
CA GLY I 107 -4.77 25.54 13.40
C GLY I 107 -4.00 25.57 14.71
N ALA I 108 -3.72 26.80 15.19
CA ALA I 108 -2.97 27.04 16.44
C ALA I 108 -3.90 27.20 17.64
N THR I 109 -3.52 26.61 18.80
CA THR I 109 -4.27 26.67 20.05
C THR I 109 -3.74 27.80 20.93
N VAL I 110 -4.64 28.59 21.55
CA VAL I 110 -4.28 29.71 22.43
C VAL I 110 -4.56 29.34 23.89
N PHE I 111 -3.58 29.57 24.78
CA PHE I 111 -3.66 29.28 26.21
C PHE I 111 -3.73 30.59 27.03
N TYR I 112 -4.97 31.07 27.29
CA TYR I 112 -5.22 32.30 28.05
C TYR I 112 -4.96 32.12 29.55
N THR I 113 -4.64 33.22 30.27
CA THR I 113 -4.39 33.22 31.72
C THR I 113 -4.83 34.58 32.30
N CYS I 114 -5.57 34.56 33.43
CA CYS I 114 -6.06 35.78 34.09
C CYS I 114 -5.01 36.35 35.05
N THR I 115 -5.05 37.68 35.28
CA THR I 115 -4.11 38.38 36.18
C THR I 115 -4.72 38.70 37.55
N SER I 116 -6.06 38.91 37.60
CA SER I 116 -6.80 39.24 38.81
C SER I 116 -6.88 38.05 39.79
N CYS I 117 -7.12 36.83 39.27
CA CYS I 117 -7.24 35.60 40.07
C CYS I 117 -6.07 34.62 39.81
N GLY I 118 -5.78 34.37 38.53
CA GLY I 118 -4.74 33.44 38.10
C GLY I 118 -5.32 32.13 37.61
N TYR I 119 -6.27 32.22 36.65
CA TYR I 119 -6.99 31.09 36.06
C TYR I 119 -6.50 30.81 34.64
N LYS I 120 -6.00 29.58 34.40
CA LYS I 120 -5.51 29.10 33.10
C LYS I 120 -6.69 28.84 32.14
N PHE I 121 -6.41 28.70 30.83
CA PHE I 121 -7.45 28.47 29.81
C PHE I 121 -6.89 27.73 28.58
N ARG I 122 -7.80 27.12 27.76
CA ARG I 122 -7.46 26.38 26.55
C ARG I 122 -8.66 26.39 25.57
N THR I 123 -8.48 27.07 24.41
CA THR I 123 -9.45 27.21 23.32
C THR I 123 -8.69 27.51 22.01
N ASN I 124 -8.98 26.75 20.94
CA ASN I 124 -8.35 26.90 19.62
C ASN I 124 -8.92 28.12 18.88
N ASN I 125 -10.27 28.23 18.81
CA ASN I 125 -10.97 29.33 18.12
C ASN I 125 -12.19 29.77 18.93
N MET J 1 0.43 21.18 -23.55
CA MET J 1 0.63 20.65 -24.89
C MET J 1 0.49 21.78 -25.91
N ILE J 2 -0.63 21.84 -26.68
CA ILE J 2 -0.86 22.91 -27.67
C ILE J 2 -1.67 24.05 -27.03
N VAL J 3 -1.74 25.19 -27.74
CA VAL J 3 -2.48 26.39 -27.34
C VAL J 3 -3.97 26.02 -27.11
N PRO J 4 -4.57 26.34 -25.94
CA PRO J 4 -5.98 25.96 -25.72
C PRO J 4 -6.94 26.74 -26.61
N VAL J 5 -8.01 26.06 -27.05
CA VAL J 5 -9.09 26.68 -27.84
C VAL J 5 -10.00 27.37 -26.83
N ARG J 6 -10.15 28.70 -26.91
CA ARG J 6 -10.96 29.53 -26.01
C ARG J 6 -10.32 29.72 -24.62
N CYS J 7 -10.48 30.94 -24.07
CA CYS J 7 -10.00 31.37 -22.75
C CYS J 7 -10.83 30.68 -21.66
N PHE J 8 -10.16 29.95 -20.74
CA PHE J 8 -10.79 29.21 -19.64
C PHE J 8 -11.85 30.02 -18.87
N SER J 9 -11.57 31.31 -18.63
CA SER J 9 -12.44 32.20 -17.86
C SER J 9 -13.68 32.70 -18.62
N CYS J 10 -13.52 33.35 -19.79
CA CYS J 10 -14.66 33.92 -20.52
C CYS J 10 -15.08 33.08 -21.73
N GLY J 11 -14.12 32.58 -22.51
CA GLY J 11 -14.41 31.77 -23.68
C GLY J 11 -13.99 32.39 -25.00
N LYS J 12 -13.12 33.42 -24.95
CA LYS J 12 -12.64 34.06 -26.16
C LYS J 12 -11.58 33.18 -26.81
N VAL J 13 -11.79 32.82 -28.08
CA VAL J 13 -10.90 31.99 -28.91
C VAL J 13 -9.48 32.54 -28.82
N VAL J 14 -8.54 31.68 -28.38
CA VAL J 14 -7.16 32.04 -28.18
C VAL J 14 -6.22 31.17 -29.06
N GLY J 15 -6.69 29.99 -29.48
CA GLY J 15 -5.97 29.01 -30.30
C GLY J 15 -5.41 29.47 -31.64
N ASP J 16 -6.01 30.51 -32.24
CA ASP J 16 -5.56 31.05 -33.53
C ASP J 16 -4.51 32.16 -33.35
N LYS J 17 -4.23 32.54 -32.09
CA LYS J 17 -3.33 33.65 -31.76
C LYS J 17 -1.94 33.22 -31.21
N TRP J 18 -1.58 31.92 -31.22
CA TRP J 18 -0.29 31.48 -30.68
C TRP J 18 0.88 31.77 -31.62
N GLU J 19 0.83 31.27 -32.88
CA GLU J 19 1.90 31.45 -33.87
C GLU J 19 2.08 32.93 -34.23
N SER J 20 0.97 33.66 -34.27
CA SER J 20 0.89 35.10 -34.57
C SER J 20 1.60 35.93 -33.47
N TYR J 21 1.52 35.46 -32.20
CA TYR J 21 2.13 36.08 -31.02
C TYR J 21 3.67 36.01 -31.10
N LEU J 22 4.20 34.84 -31.49
CA LEU J 22 5.65 34.63 -31.61
C LEU J 22 6.21 35.48 -32.76
N ASN J 23 5.42 35.69 -33.83
CA ASN J 23 5.78 36.53 -34.98
C ASN J 23 5.88 38.00 -34.58
N LEU J 24 5.02 38.43 -33.62
CA LEU J 24 5.00 39.80 -33.10
C LEU J 24 6.17 40.03 -32.13
N LEU J 25 6.73 38.95 -31.55
CA LEU J 25 7.86 39.02 -30.63
C LEU J 25 9.19 38.90 -31.37
N GLN J 26 9.23 38.07 -32.44
CA GLN J 26 10.42 37.84 -33.25
C GLN J 26 10.65 38.95 -34.28
N GLU J 27 9.85 38.94 -35.38
CA GLU J 27 9.93 39.85 -36.52
C GLU J 27 9.65 41.31 -36.13
N ASP J 28 8.53 41.56 -35.44
CA ASP J 28 8.12 42.91 -35.04
C ASP J 28 8.93 43.44 -33.84
N GLU J 29 9.63 42.54 -33.10
CA GLU J 29 10.49 42.85 -31.93
C GLU J 29 9.77 43.63 -30.81
N LEU J 30 8.44 43.48 -30.71
CA LEU J 30 7.61 44.14 -29.70
C LEU J 30 7.77 43.49 -28.33
N ASP J 31 7.29 44.18 -27.28
CA ASP J 31 7.27 43.66 -25.92
C ASP J 31 6.05 42.74 -25.76
N GLU J 32 6.05 41.90 -24.70
CA GLU J 32 4.99 40.92 -24.39
C GLU J 32 3.60 41.58 -24.35
N GLY J 33 3.47 42.70 -23.63
CA GLY J 33 2.24 43.45 -23.44
C GLY J 33 1.59 44.01 -24.69
N THR J 34 2.37 44.74 -25.51
CA THR J 34 1.90 45.38 -26.76
C THR J 34 1.49 44.32 -27.81
N ALA J 35 2.21 43.18 -27.85
CA ALA J 35 1.95 42.06 -28.77
C ALA J 35 0.56 41.46 -28.53
N LEU J 36 0.19 41.27 -27.24
CA LEU J 36 -1.11 40.72 -26.82
C LEU J 36 -2.25 41.68 -27.15
N SER J 37 -1.97 43.00 -27.07
CA SER J 37 -2.93 44.07 -27.35
C SER J 37 -3.31 44.09 -28.83
N ARG J 38 -2.32 43.90 -29.72
CA ARG J 38 -2.50 43.87 -31.18
C ARG J 38 -3.28 42.61 -31.61
N LEU J 39 -3.24 41.54 -30.80
CA LEU J 39 -3.96 40.29 -31.07
C LEU J 39 -5.44 40.41 -30.67
N GLY J 40 -5.77 41.41 -29.88
CA GLY J 40 -7.12 41.67 -29.41
C GLY J 40 -7.43 40.99 -28.10
N LEU J 41 -6.49 41.08 -27.13
CA LEU J 41 -6.63 40.50 -25.80
C LEU J 41 -6.47 41.62 -24.76
N LYS J 42 -7.60 42.19 -24.28
CA LYS J 42 -7.59 43.30 -23.32
C LYS J 42 -7.89 42.84 -21.88
N ARG J 43 -8.76 41.81 -21.71
CA ARG J 43 -9.06 41.24 -20.40
C ARG J 43 -7.82 40.52 -19.90
N TYR J 44 -7.47 40.64 -18.59
CA TYR J 44 -6.25 40.00 -18.09
C TYR J 44 -6.35 38.47 -18.14
N CYS J 45 -7.59 37.92 -18.17
CA CYS J 45 -7.85 36.47 -18.28
C CYS J 45 -7.42 35.96 -19.65
N CYS J 46 -7.73 36.72 -20.70
CA CYS J 46 -7.38 36.38 -22.08
C CYS J 46 -5.90 36.68 -22.31
N ARG J 47 -5.39 37.71 -21.61
CA ARG J 47 -4.00 38.15 -21.67
C ARG J 47 -3.07 37.04 -21.19
N ARG J 48 -3.32 36.49 -19.98
CA ARG J 48 -2.50 35.41 -19.40
C ARG J 48 -2.56 34.11 -20.21
N MET J 49 -3.71 33.82 -20.86
CA MET J 49 -3.90 32.60 -21.65
C MET J 49 -2.73 32.31 -22.62
N ILE J 50 -2.41 33.28 -23.50
CA ILE J 50 -1.34 33.19 -24.50
C ILE J 50 0.04 33.51 -23.87
N LEU J 51 0.12 34.59 -23.04
CA LEU J 51 1.32 35.07 -22.35
C LEU J 51 1.99 33.97 -21.50
N THR J 52 1.17 33.17 -20.81
CA THR J 52 1.54 32.13 -19.87
C THR J 52 1.59 30.73 -20.56
N HIS J 53 1.24 30.62 -21.86
CA HIS J 53 1.28 29.34 -22.56
C HIS J 53 2.72 28.85 -22.77
N VAL J 54 2.97 27.55 -22.42
CA VAL J 54 4.28 26.89 -22.49
C VAL J 54 4.55 26.27 -23.88
N ASP J 55 3.58 25.52 -24.46
CA ASP J 55 3.68 24.84 -25.77
C ASP J 55 4.71 23.70 -25.73
N LEU J 56 4.48 22.72 -24.83
CA LEU J 56 5.29 21.52 -24.61
C LEU J 56 5.19 20.53 -25.78
N ILE J 57 4.19 20.73 -26.68
CA ILE J 57 3.93 19.91 -27.85
C ILE J 57 5.17 19.87 -28.75
N GLU J 58 5.87 21.02 -28.91
CA GLU J 58 7.09 21.12 -29.72
C GLU J 58 8.23 20.27 -29.13
N LYS J 59 8.26 20.12 -27.79
CA LYS J 59 9.22 19.30 -27.07
C LYS J 59 8.81 17.81 -27.20
N PHE J 60 7.50 17.54 -27.09
CA PHE J 60 6.86 16.21 -27.19
C PHE J 60 7.02 15.56 -28.58
N LEU J 61 6.90 16.37 -29.66
CA LEU J 61 6.95 15.92 -31.06
C LEU J 61 8.31 15.36 -31.47
N ARG J 62 9.40 15.82 -30.82
CA ARG J 62 10.78 15.41 -31.11
C ARG J 62 11.02 13.90 -30.89
N TYR J 63 10.06 13.22 -30.24
CA TYR J 63 10.06 11.76 -30.04
C TYR J 63 9.01 11.20 -31.00
N ASN J 64 9.47 10.64 -32.13
CA ASN J 64 8.58 10.11 -33.15
C ASN J 64 8.92 8.64 -33.46
N PRO J 65 8.11 7.68 -32.96
CA PRO J 65 8.40 6.26 -33.21
C PRO J 65 8.05 5.79 -34.63
N LEU J 66 7.67 6.71 -35.53
CA LEU J 66 7.29 6.38 -36.91
C LEU J 66 8.35 6.75 -37.97
N GLU J 67 9.34 7.57 -37.59
CA GLU J 67 10.41 8.00 -38.51
C GLU J 67 11.79 7.74 -37.87
N LYS J 68 12.73 7.16 -38.67
CA LYS J 68 14.10 6.83 -38.29
C LYS J 68 14.92 8.10 -37.99
N ARG J 69 15.72 8.08 -36.90
CA ARG J 69 16.60 9.17 -36.42
C ARG J 69 15.81 10.45 -36.09
N GLU K 40 -52.32 16.90 -29.94
CA GLU K 40 -51.68 17.81 -28.99
C GLU K 40 -51.90 17.35 -27.54
N GLU K 41 -50.88 17.58 -26.69
CA GLU K 41 -50.89 17.19 -25.26
C GLU K 41 -50.16 18.25 -24.40
N PRO K 42 -50.85 18.87 -23.40
CA PRO K 42 -50.16 19.86 -22.54
C PRO K 42 -49.35 19.19 -21.43
N ASP K 43 -48.03 19.51 -21.31
CA ASP K 43 -47.16 18.92 -20.28
C ASP K 43 -47.55 19.43 -18.89
N ARG K 44 -47.79 18.49 -17.94
CA ARG K 44 -48.21 18.81 -16.58
C ARG K 44 -47.06 18.85 -15.57
N GLU K 45 -45.85 18.40 -15.95
CA GLU K 45 -44.70 18.38 -15.05
C GLU K 45 -44.07 19.76 -14.83
N LYS K 46 -44.21 20.68 -15.82
CA LYS K 46 -43.60 22.01 -15.75
C LYS K 46 -44.13 22.84 -14.58
N ILE K 47 -45.45 23.12 -14.51
CA ILE K 47 -46.01 23.90 -13.41
C ILE K 47 -46.90 23.02 -12.54
N LYS K 48 -46.67 23.09 -11.22
CA LYS K 48 -47.43 22.32 -10.24
C LYS K 48 -47.76 23.18 -9.01
N LEU K 49 -48.97 23.01 -8.48
CA LEU K 49 -49.46 23.73 -7.31
C LEU K 49 -49.27 22.85 -6.08
N LEU K 50 -48.42 23.30 -5.16
CA LEU K 50 -48.14 22.58 -3.91
C LEU K 50 -49.31 22.79 -2.95
N THR K 51 -50.30 21.86 -3.01
CA THR K 51 -51.54 21.86 -2.22
C THR K 51 -51.26 21.78 -0.71
N GLN K 52 -50.07 21.30 -0.34
CA GLN K 52 -49.60 21.18 1.04
C GLN K 52 -49.34 22.58 1.66
N ALA K 53 -49.32 23.65 0.82
CA ALA K 53 -49.04 25.03 1.21
C ALA K 53 -50.10 26.04 0.72
N THR K 54 -50.97 25.61 -0.20
CA THR K 54 -52.02 26.45 -0.79
C THR K 54 -53.14 26.76 0.23
N SER K 55 -53.51 28.03 0.33
CA SER K 55 -54.55 28.44 1.28
C SER K 55 -55.93 27.97 0.84
N GLU K 56 -56.83 27.79 1.81
CA GLU K 56 -58.20 27.36 1.52
C GLU K 56 -58.89 28.43 0.67
N ASP K 57 -58.66 29.70 1.02
CA ASP K 57 -59.18 30.84 0.29
C ASP K 57 -58.58 30.89 -1.12
N GLY K 58 -57.31 30.51 -1.23
CA GLY K 58 -56.59 30.51 -2.49
C GLY K 58 -55.85 31.81 -2.71
N THR K 59 -55.86 32.66 -1.68
CA THR K 59 -55.17 33.96 -1.76
C THR K 59 -53.64 33.77 -1.70
N SER K 60 -53.21 32.65 -1.10
CA SER K 60 -51.78 32.33 -0.97
C SER K 60 -51.49 30.93 -1.51
N ALA K 61 -50.41 30.80 -2.31
CA ALA K 61 -50.01 29.51 -2.87
C ALA K 61 -48.52 29.45 -3.18
N SER K 62 -47.97 28.23 -3.13
CA SER K 62 -46.59 27.92 -3.48
C SER K 62 -46.60 27.10 -4.74
N PHE K 63 -45.99 27.62 -5.81
CA PHE K 63 -45.93 26.95 -7.10
C PHE K 63 -44.54 26.37 -7.32
N GLN K 64 -44.47 25.17 -7.94
CA GLN K 64 -43.19 24.52 -8.22
C GLN K 64 -43.01 24.31 -9.74
N ILE K 65 -41.97 24.94 -10.31
CA ILE K 65 -41.63 24.88 -11.71
C ILE K 65 -40.35 24.05 -11.91
N VAL K 66 -40.37 23.09 -12.85
CA VAL K 66 -39.20 22.26 -13.16
C VAL K 66 -38.36 22.94 -14.26
N GLU K 67 -37.05 22.58 -14.35
CA GLU K 67 -36.06 23.08 -15.32
C GLU K 67 -35.99 24.63 -15.34
N GLU K 68 -36.05 25.28 -14.17
CA GLU K 68 -35.98 26.73 -14.02
C GLU K 68 -35.19 27.14 -12.78
N ASP K 69 -34.61 28.36 -12.78
CA ASP K 69 -33.84 28.87 -11.64
C ASP K 69 -33.99 30.41 -11.51
N HIS K 70 -32.91 31.11 -11.07
CA HIS K 70 -32.85 32.56 -10.87
C HIS K 70 -33.30 33.35 -12.11
N THR K 71 -32.90 32.87 -13.32
CA THR K 71 -33.19 33.47 -14.63
C THR K 71 -34.65 33.95 -14.70
N LEU K 72 -35.62 33.01 -14.64
CA LEU K 72 -37.04 33.34 -14.66
C LEU K 72 -37.48 33.77 -13.25
N GLY K 73 -37.05 33.03 -12.23
CA GLY K 73 -37.39 33.24 -10.82
C GLY K 73 -37.40 34.66 -10.30
N ASN K 74 -36.24 35.33 -10.34
CA ASN K 74 -36.08 36.71 -9.86
C ASN K 74 -36.84 37.70 -10.75
N ALA K 75 -36.91 37.45 -12.06
CA ALA K 75 -37.62 38.29 -13.03
C ALA K 75 -39.12 38.22 -12.82
N LEU K 76 -39.64 37.00 -12.55
CA LEU K 76 -41.06 36.73 -12.34
C LEU K 76 -41.53 37.29 -10.99
N ARG K 77 -40.75 37.12 -9.90
CA ARG K 77 -41.16 37.64 -8.59
C ARG K 77 -41.16 39.18 -8.60
N TYR K 78 -40.25 39.82 -9.38
CA TYR K 78 -40.17 41.26 -9.53
C TYR K 78 -41.48 41.82 -10.12
N VAL K 79 -41.95 41.20 -11.22
CA VAL K 79 -43.17 41.57 -11.95
C VAL K 79 -44.42 41.29 -11.09
N ILE K 80 -44.45 40.14 -10.38
CA ILE K 80 -45.57 39.77 -9.52
C ILE K 80 -45.69 40.79 -8.36
N MET K 81 -44.54 41.28 -7.83
CA MET K 81 -44.50 42.26 -6.74
C MET K 81 -45.03 43.65 -7.15
N LYS K 82 -45.07 43.97 -8.47
CA LYS K 82 -45.58 45.28 -8.93
C LYS K 82 -47.12 45.33 -8.82
N ASN K 83 -47.77 44.15 -8.75
CA ASN K 83 -49.22 43.99 -8.61
C ASN K 83 -49.67 44.58 -7.27
N PRO K 84 -50.62 45.55 -7.26
CA PRO K 84 -51.05 46.17 -6.00
C PRO K 84 -51.78 45.20 -5.06
N ASP K 85 -52.28 44.07 -5.62
CA ASP K 85 -52.99 43.07 -4.84
C ASP K 85 -52.04 42.06 -4.23
N VAL K 86 -50.80 41.96 -4.71
CA VAL K 86 -49.85 40.99 -4.13
C VAL K 86 -49.31 41.57 -2.82
N GLU K 87 -49.58 40.85 -1.72
CA GLU K 87 -49.17 41.14 -0.35
C GLU K 87 -47.71 40.71 -0.16
N PHE K 88 -47.42 39.44 -0.43
CA PHE K 88 -46.10 38.86 -0.27
C PHE K 88 -45.72 38.05 -1.49
N CYS K 89 -44.46 38.18 -1.93
CA CYS K 89 -43.92 37.39 -3.04
C CYS K 89 -42.42 37.27 -2.94
N GLY K 90 -41.96 36.07 -3.23
CA GLY K 90 -40.55 35.71 -3.26
C GLY K 90 -40.34 34.41 -4.01
N TYR K 91 -39.09 34.09 -4.35
CA TYR K 91 -38.76 32.84 -5.01
C TYR K 91 -37.70 32.10 -4.18
N SER K 92 -37.71 30.76 -4.25
CA SER K 92 -36.75 29.94 -3.51
C SER K 92 -36.41 28.70 -4.28
N ILE K 93 -35.11 28.40 -4.41
CA ILE K 93 -34.62 27.20 -5.07
C ILE K 93 -34.30 26.19 -3.95
N PRO K 94 -35.08 25.08 -3.85
CA PRO K 94 -34.85 24.11 -2.76
C PRO K 94 -33.41 23.63 -2.63
N HIS K 95 -32.77 23.27 -3.77
CA HIS K 95 -31.38 22.78 -3.83
C HIS K 95 -30.82 22.90 -5.26
N PRO K 96 -29.53 23.27 -5.43
CA PRO K 96 -28.96 23.40 -6.79
C PRO K 96 -28.96 22.13 -7.66
N SER K 97 -28.73 20.93 -7.05
CA SER K 97 -28.66 19.66 -7.79
C SER K 97 -30.02 19.24 -8.38
N GLU K 98 -31.14 19.56 -7.70
CA GLU K 98 -32.50 19.23 -8.17
C GLU K 98 -33.07 20.42 -8.98
N ASN K 99 -33.53 20.14 -10.23
CA ASN K 99 -34.05 21.13 -11.17
C ASN K 99 -35.46 21.62 -10.78
N LEU K 100 -35.53 22.39 -9.70
CA LEU K 100 -36.79 22.93 -9.20
C LEU K 100 -36.69 24.43 -8.92
N LEU K 101 -37.84 25.12 -9.02
CA LEU K 101 -38.00 26.53 -8.74
C LEU K 101 -39.33 26.73 -8.02
N ASN K 102 -39.30 27.31 -6.81
CA ASN K 102 -40.51 27.56 -6.04
C ASN K 102 -40.78 29.06 -5.99
N ILE K 103 -42.04 29.47 -6.24
CA ILE K 103 -42.44 30.88 -6.20
C ILE K 103 -43.71 30.98 -5.34
N ARG K 104 -43.64 31.76 -4.24
CA ARG K 104 -44.77 31.96 -3.33
C ARG K 104 -45.44 33.30 -3.61
N ILE K 105 -46.77 33.27 -3.79
CA ILE K 105 -47.56 34.47 -4.03
C ILE K 105 -48.69 34.51 -3.00
N GLN K 106 -48.62 35.49 -2.10
CA GLN K 106 -49.63 35.80 -1.09
C GLN K 106 -50.24 37.11 -1.51
N THR K 107 -51.55 37.13 -1.70
CA THR K 107 -52.22 38.36 -2.13
C THR K 107 -53.16 38.85 -1.03
N TYR K 108 -53.81 39.99 -1.27
CA TYR K 108 -54.89 40.51 -0.45
C TYR K 108 -56.14 39.91 -1.09
N GLY K 109 -57.35 40.31 -0.70
CA GLY K 109 -58.57 39.76 -1.31
C GLY K 109 -58.78 40.08 -2.78
N GLU K 110 -59.94 39.66 -3.33
CA GLU K 110 -60.47 39.86 -4.69
C GLU K 110 -59.52 39.36 -5.84
N THR K 111 -58.43 38.63 -5.51
CA THR K 111 -57.52 38.05 -6.51
C THR K 111 -56.87 36.79 -5.94
N THR K 112 -56.93 35.67 -6.68
CA THR K 112 -56.29 34.41 -6.25
C THR K 112 -54.79 34.47 -6.60
N ALA K 113 -53.97 33.56 -6.03
CA ALA K 113 -52.54 33.51 -6.30
C ALA K 113 -52.27 33.07 -7.74
N VAL K 114 -53.17 32.22 -8.30
CA VAL K 114 -53.10 31.69 -9.66
C VAL K 114 -53.24 32.86 -10.65
N ASP K 115 -54.20 33.78 -10.38
CA ASP K 115 -54.45 34.98 -11.20
C ASP K 115 -53.24 35.90 -11.18
N ALA K 116 -52.62 36.08 -9.99
CA ALA K 116 -51.44 36.92 -9.78
C ALA K 116 -50.25 36.37 -10.56
N LEU K 117 -50.13 35.02 -10.64
CA LEU K 117 -49.08 34.35 -11.41
C LEU K 117 -49.34 34.54 -12.90
N GLN K 118 -50.60 34.35 -13.35
CA GLN K 118 -51.03 34.51 -14.74
C GLN K 118 -50.82 35.95 -15.21
N LYS K 119 -51.03 36.94 -14.33
CA LYS K 119 -50.81 38.36 -14.61
C LYS K 119 -49.31 38.63 -14.74
N GLY K 120 -48.52 38.00 -13.85
CA GLY K 120 -47.06 38.12 -13.82
C GLY K 120 -46.43 37.65 -15.12
N LEU K 121 -46.88 36.49 -15.63
CA LEU K 121 -46.40 35.90 -16.89
C LEU K 121 -46.85 36.74 -18.08
N LYS K 122 -48.11 37.24 -18.04
CA LYS K 122 -48.68 38.08 -19.10
C LYS K 122 -47.96 39.42 -19.19
N ASP K 123 -47.54 40.00 -18.04
CA ASP K 123 -46.83 41.27 -17.98
C ASP K 123 -45.37 41.12 -18.42
N LEU K 124 -44.70 40.01 -18.02
CA LEU K 124 -43.30 39.74 -18.39
C LEU K 124 -43.15 39.61 -19.92
N MET K 125 -44.16 38.99 -20.57
CA MET K 125 -44.22 38.80 -22.02
C MET K 125 -44.28 40.17 -22.72
N ASP K 126 -45.15 41.08 -22.21
CA ASP K 126 -45.34 42.44 -22.71
C ASP K 126 -44.07 43.26 -22.46
N LEU K 127 -43.43 43.08 -21.29
CA LEU K 127 -42.18 43.76 -20.91
C LEU K 127 -41.07 43.44 -21.91
N CYS K 128 -40.96 42.15 -22.31
CA CYS K 128 -39.97 41.66 -23.27
C CYS K 128 -40.25 42.23 -24.65
N ASP K 129 -41.54 42.40 -25.01
CA ASP K 129 -41.94 42.98 -26.29
C ASP K 129 -41.44 44.43 -26.37
N VAL K 130 -41.53 45.19 -25.25
CA VAL K 130 -41.06 46.58 -25.12
C VAL K 130 -39.55 46.64 -25.37
N VAL K 131 -38.78 45.73 -24.72
CA VAL K 131 -37.31 45.62 -24.84
C VAL K 131 -36.93 45.31 -26.30
N GLU K 132 -37.62 44.33 -26.93
CA GLU K 132 -37.42 43.90 -28.31
C GLU K 132 -37.77 45.01 -29.31
N SER K 133 -38.81 45.80 -29.02
CA SER K 133 -39.24 46.91 -29.88
C SER K 133 -38.26 48.07 -29.83
N LYS K 134 -37.81 48.47 -28.62
CA LYS K 134 -36.88 49.57 -28.42
C LYS K 134 -35.48 49.27 -29.00
N PHE K 135 -35.04 48.00 -28.93
CA PHE K 135 -33.73 47.57 -29.45
C PHE K 135 -33.71 47.60 -30.98
N THR K 136 -34.82 47.17 -31.64
CA THR K 136 -34.97 47.16 -33.11
C THR K 136 -34.92 48.60 -33.62
N GLU K 137 -35.62 49.53 -32.93
CA GLU K 137 -35.70 50.95 -33.28
C GLU K 137 -34.33 51.64 -33.20
N LYS K 138 -33.55 51.35 -32.14
CA LYS K 138 -32.24 51.97 -31.93
C LYS K 138 -31.18 51.41 -32.91
N ILE K 139 -31.40 50.17 -33.42
CA ILE K 139 -30.53 49.54 -34.43
C ILE K 139 -30.68 50.33 -35.73
N LYS K 140 -31.92 50.71 -36.08
CA LYS K 140 -32.26 51.50 -37.27
C LYS K 140 -31.81 52.95 -37.08
N SER K 141 -31.97 53.51 -35.87
CA SER K 141 -31.60 54.89 -35.49
C SER K 141 -30.09 55.18 -35.64
N MET K 142 -29.24 54.14 -35.52
CA MET K 142 -27.77 54.19 -35.63
C MET K 142 -27.30 54.92 -36.89
N THR L 26 -3.84 -5.22 -44.20
CA THR L 26 -2.54 -4.65 -43.89
C THR L 26 -2.23 -4.85 -42.39
N LEU L 27 -1.35 -5.83 -42.09
CA LEU L 27 -0.90 -6.10 -40.72
C LEU L 27 0.39 -5.32 -40.50
N LYS L 28 0.52 -4.67 -39.31
CA LYS L 28 1.66 -3.84 -39.00
C LYS L 28 2.24 -4.11 -37.60
N TYR L 29 3.54 -3.84 -37.47
CA TYR L 29 4.38 -3.88 -36.27
C TYR L 29 5.53 -2.91 -36.52
N ILE L 30 5.67 -1.89 -35.69
CA ILE L 30 6.76 -0.92 -35.87
C ILE L 30 7.94 -1.33 -35.00
N CYS L 31 9.17 -1.22 -35.54
CA CYS L 31 10.39 -1.48 -34.80
C CYS L 31 10.60 -0.33 -33.83
N ALA L 32 11.15 -0.60 -32.64
CA ALA L 32 11.38 0.46 -31.66
C ALA L 32 12.61 1.30 -32.02
N GLU L 33 13.65 0.68 -32.61
CA GLU L 33 14.90 1.36 -32.96
C GLU L 33 14.88 2.06 -34.33
N CYS L 34 14.81 1.29 -35.44
CA CYS L 34 14.87 1.84 -36.81
C CYS L 34 13.51 2.39 -37.33
N SER L 35 12.42 2.18 -36.57
CA SER L 35 11.04 2.63 -36.86
C SER L 35 10.46 2.02 -38.16
N SER L 36 10.96 0.85 -38.58
CA SER L 36 10.49 0.19 -39.80
C SER L 36 9.23 -0.63 -39.52
N LYS L 37 8.19 -0.39 -40.33
CA LYS L 37 6.89 -1.07 -40.23
C LYS L 37 6.97 -2.45 -40.89
N LEU L 38 7.24 -3.49 -40.09
CA LEU L 38 7.36 -4.85 -40.61
C LEU L 38 6.64 -5.86 -39.71
N SER L 39 5.59 -6.49 -40.27
CA SER L 39 4.78 -7.51 -39.62
C SER L 39 5.33 -8.91 -39.89
N LEU L 40 5.26 -9.79 -38.88
CA LEU L 40 5.73 -11.17 -38.97
C LEU L 40 4.70 -12.14 -38.35
N SER L 41 4.49 -13.29 -39.03
CA SER L 41 3.54 -14.34 -38.66
C SER L 41 4.11 -15.34 -37.64
N ARG L 42 3.36 -16.45 -37.39
CA ARG L 42 3.75 -17.52 -36.47
C ARG L 42 4.98 -18.27 -36.97
N THR L 43 5.75 -18.86 -36.03
CA THR L 43 6.99 -19.61 -36.22
C THR L 43 8.02 -18.70 -36.93
N ASP L 44 8.26 -17.53 -36.31
CA ASP L 44 9.19 -16.47 -36.74
C ASP L 44 9.80 -15.80 -35.51
N ALA L 45 11.07 -15.39 -35.63
CA ALA L 45 11.81 -14.72 -34.55
C ALA L 45 11.23 -13.34 -34.26
N VAL L 46 10.94 -13.06 -32.97
CA VAL L 46 10.38 -11.79 -32.52
C VAL L 46 11.53 -10.76 -32.51
N ARG L 47 11.83 -10.26 -33.72
CA ARG L 47 12.90 -9.30 -34.01
C ARG L 47 12.62 -8.64 -35.36
N CYS L 48 13.06 -7.38 -35.51
CA CYS L 48 12.95 -6.61 -36.74
C CYS L 48 13.87 -7.23 -37.80
N LYS L 49 13.46 -7.20 -39.08
CA LYS L 49 14.25 -7.76 -40.18
C LYS L 49 15.42 -6.86 -40.56
N ASP L 50 15.17 -5.54 -40.70
CA ASP L 50 16.14 -4.51 -41.09
C ASP L 50 17.30 -4.39 -40.08
N CYS L 51 17.02 -4.45 -38.76
CA CYS L 51 18.03 -4.35 -37.71
C CYS L 51 17.71 -5.31 -36.55
N GLY L 52 18.74 -5.73 -35.82
CA GLY L 52 18.59 -6.65 -34.71
C GLY L 52 18.03 -6.03 -33.45
N HIS L 53 16.71 -5.72 -33.44
CA HIS L 53 16.03 -5.14 -32.27
C HIS L 53 14.92 -6.06 -31.77
N ARG L 54 14.92 -6.31 -30.45
CA ARG L 54 14.02 -7.25 -29.77
C ARG L 54 12.69 -6.63 -29.24
N ILE L 55 12.46 -5.31 -29.46
CA ILE L 55 11.21 -4.66 -29.01
C ILE L 55 10.42 -4.18 -30.24
N LEU L 56 9.11 -4.49 -30.28
CA LEU L 56 8.22 -4.09 -31.38
C LEU L 56 6.94 -3.44 -30.87
N LEU L 57 6.65 -2.22 -31.37
CA LEU L 57 5.47 -1.42 -31.06
C LEU L 57 4.30 -1.84 -31.95
N LYS L 58 3.14 -2.20 -31.35
CA LYS L 58 1.95 -2.55 -32.12
C LYS L 58 1.35 -1.27 -32.71
N ALA L 59 1.31 -1.17 -34.05
CA ALA L 59 0.81 0.00 -34.77
C ALA L 59 -0.71 0.13 -34.70
N ARG L 60 -1.22 1.37 -34.87
CA ARG L 60 -2.65 1.64 -34.89
C ARG L 60 -3.20 1.41 -36.29
N THR L 61 -4.23 0.56 -36.37
CA THR L 61 -4.91 0.20 -37.62
C THR L 61 -6.23 0.99 -37.73
N LYS L 62 -6.83 1.01 -38.93
CA LYS L 62 -8.09 1.71 -39.17
C LYS L 62 -9.24 0.97 -38.48
N ARG L 63 -9.72 1.55 -37.36
CA ARG L 63 -10.82 1.05 -36.55
C ARG L 63 -11.56 2.20 -35.89
N LEU L 64 -12.91 2.12 -35.89
CA LEU L 64 -13.78 3.15 -35.31
C LEU L 64 -13.67 3.18 -33.79
N VAL L 65 -13.42 4.38 -33.23
CA VAL L 65 -13.37 4.63 -31.79
C VAL L 65 -14.28 5.83 -31.52
N GLN L 66 -15.46 5.57 -30.91
CA GLN L 66 -16.47 6.59 -30.64
C GLN L 66 -16.05 7.47 -29.45
N PHE L 67 -16.21 8.80 -29.61
CA PHE L 67 -15.86 9.78 -28.57
C PHE L 67 -16.85 10.93 -28.47
N GLU L 68 -17.04 11.43 -27.25
CA GLU L 68 -17.85 12.60 -26.95
C GLU L 68 -16.90 13.80 -26.92
N ALA L 69 -17.20 14.87 -27.69
CA ALA L 69 -16.37 16.08 -27.78
C ALA L 69 -16.48 16.96 -26.52
N ARG L 70 -16.38 16.31 -25.34
CA ARG L 70 -16.46 16.90 -24.00
C ARG L 70 -15.29 16.45 -23.13
N SER M 8 66.66 45.46 17.99
CA SER M 8 67.90 44.82 18.42
C SER M 8 68.35 43.79 17.38
N GLU M 9 69.27 44.18 16.50
CA GLU M 9 69.81 43.33 15.43
C GLU M 9 71.09 42.65 15.92
N ILE M 10 71.06 41.30 16.02
CA ILE M 10 72.20 40.50 16.48
C ILE M 10 72.95 39.95 15.25
N GLU M 11 74.28 40.13 15.24
CA GLU M 11 75.15 39.71 14.13
C GLU M 11 75.56 38.24 14.26
N ILE M 12 75.75 37.56 13.10
CA ILE M 12 76.17 36.16 13.01
C ILE M 12 77.61 36.10 12.52
N GLU M 13 78.47 35.31 13.20
CA GLU M 13 79.88 35.17 12.86
C GLU M 13 80.11 34.09 11.80
N SER M 14 79.64 32.85 12.05
CA SER M 14 79.84 31.73 11.12
C SER M 14 78.63 30.79 11.05
N VAL M 15 78.42 30.20 9.85
CA VAL M 15 77.34 29.24 9.56
C VAL M 15 77.95 27.97 8.95
N GLN M 16 77.61 26.79 9.52
CA GLN M 16 78.12 25.50 9.05
C GLN M 16 76.97 24.65 8.49
N ASP M 17 77.06 24.30 7.20
CA ASP M 17 76.09 23.48 6.48
C ASP M 17 76.53 22.01 6.41
N GLN M 18 77.56 21.64 7.21
CA GLN M 18 78.13 20.29 7.29
C GLN M 18 77.74 19.60 8.61
N PRO M 19 77.70 18.24 8.68
CA PRO M 19 77.32 17.58 9.96
C PRO M 19 78.37 17.77 11.05
N SER M 20 77.92 18.13 12.27
CA SER M 20 78.80 18.36 13.42
C SER M 20 78.11 18.00 14.74
N VAL M 21 77.17 18.85 15.19
CA VAL M 21 76.42 18.71 16.43
C VAL M 21 74.95 18.33 16.09
N ALA M 22 74.34 17.44 16.89
CA ALA M 22 72.98 16.96 16.70
C ALA M 22 72.17 16.96 18.01
N VAL M 23 70.84 17.00 17.92
CA VAL M 23 69.93 17.00 19.06
C VAL M 23 68.96 15.81 18.95
N GLY M 24 68.83 15.05 20.03
CA GLY M 24 67.97 13.87 20.09
C GLY M 24 67.07 13.83 21.31
N SER M 25 65.75 13.93 21.08
CA SER M 25 64.73 13.92 22.13
C SER M 25 64.38 12.47 22.53
N PHE M 26 64.42 12.20 23.84
CA PHE M 26 64.12 10.87 24.40
C PHE M 26 62.76 10.89 25.10
N PHE M 27 62.71 11.37 26.35
CA PHE M 27 61.55 11.49 27.22
C PHE M 27 61.88 12.38 28.43
N LYS M 28 60.86 12.71 29.26
CA LYS M 28 61.05 13.53 30.45
C LYS M 28 61.73 12.70 31.54
N GLY M 29 62.92 13.14 31.95
CA GLY M 29 63.73 12.49 32.97
C GLY M 29 64.67 11.45 32.42
N PHE M 30 65.53 11.84 31.46
CA PHE M 30 66.52 10.95 30.84
C PHE M 30 67.93 11.34 31.34
N ARG M 31 68.66 10.38 31.94
CA ARG M 31 69.99 10.63 32.48
C ARG M 31 71.10 9.93 31.70
N ALA M 32 71.02 8.58 31.55
CA ALA M 32 72.00 7.70 30.85
C ALA M 32 73.38 7.64 31.60
N PRO M 33 74.30 6.68 31.29
CA PRO M 33 75.57 6.61 32.05
C PRO M 33 76.55 7.77 31.83
N SER M 34 76.37 8.58 30.75
CA SER M 34 77.18 9.73 30.35
C SER M 34 78.67 9.34 30.11
N ASP M 35 78.87 8.23 29.37
CA ASP M 35 80.19 7.69 28.98
C ASP M 35 80.07 6.89 27.68
N THR M 36 78.83 6.68 27.19
CA THR M 36 78.52 5.95 25.95
C THR M 36 78.54 6.92 24.74
N THR M 37 78.78 6.37 23.54
CA THR M 37 78.87 7.13 22.29
C THR M 37 77.64 6.89 21.41
N PHE M 38 77.34 7.87 20.53
CA PHE M 38 76.22 7.80 19.59
C PHE M 38 76.71 7.98 18.15
N ASP M 39 76.66 6.90 17.36
CA ASP M 39 77.10 6.88 15.96
C ASP M 39 76.05 7.54 15.07
N LEU M 40 76.46 8.59 14.33
CA LEU M 40 75.59 9.34 13.41
C LEU M 40 75.72 8.81 11.99
N TYR M 41 74.59 8.77 11.25
CA TYR M 41 74.51 8.29 9.88
C TYR M 41 73.85 9.35 8.98
N LYS M 42 74.09 9.26 7.65
CA LYS M 42 73.54 10.20 6.66
C LYS M 42 73.21 9.51 5.33
N LYS M 43 72.14 9.96 4.66
CA LYS M 43 71.68 9.43 3.38
C LYS M 43 71.65 10.54 2.32
N LYS M 44 72.19 10.25 1.11
CA LYS M 44 72.24 11.20 0.00
C LYS M 44 71.46 10.66 -1.19
N GLU M 47 67.39 15.74 -2.24
CA GLU M 47 67.19 17.14 -1.87
C GLU M 47 67.46 17.36 -0.37
N LYS M 48 66.81 16.57 0.50
CA LYS M 48 66.97 16.65 1.95
C LYS M 48 67.53 15.33 2.49
N ASP M 49 68.58 15.43 3.33
CA ASP M 49 69.27 14.29 3.92
C ASP M 49 68.62 13.82 5.23
N GLU M 50 68.41 12.50 5.37
CA GLU M 50 67.84 11.87 6.56
C GLU M 50 68.96 11.30 7.42
N PHE M 51 68.89 11.53 8.75
CA PHE M 51 69.90 11.09 9.71
C PHE M 51 69.38 9.98 10.63
N VAL M 52 70.27 9.06 11.03
CA VAL M 52 69.97 7.93 11.91
C VAL M 52 71.02 7.89 13.04
N LEU M 53 70.56 7.83 14.30
CA LEU M 53 71.39 7.77 15.51
C LEU M 53 71.36 6.36 16.11
N HIS M 54 72.51 5.89 16.62
CA HIS M 54 72.61 4.55 17.23
C HIS M 54 73.69 4.54 18.32
N GLY M 55 73.31 4.02 19.49
CA GLY M 55 74.17 3.89 20.66
C GLY M 55 74.09 2.50 21.27
N GLU M 56 75.08 2.16 22.11
CA GLU M 56 75.14 0.85 22.76
C GLU M 56 75.61 0.98 24.21
N ASN M 57 75.03 0.14 25.09
CA ASN M 57 75.34 0.07 26.52
C ASN M 57 75.30 -1.40 26.98
N GLU M 58 75.80 -1.67 28.20
CA GLU M 58 75.86 -2.99 28.82
C GLU M 58 74.45 -3.60 29.04
N ARG M 59 73.47 -2.77 29.44
CA ARG M 59 72.10 -3.20 29.72
C ARG M 59 71.08 -2.59 28.75
N LEU M 60 71.38 -1.41 28.20
CA LEU M 60 70.49 -0.67 27.29
C LEU M 60 71.07 -0.55 25.87
N GLU M 61 70.26 -0.01 24.96
CA GLU M 61 70.59 0.26 23.56
C GLU M 61 69.74 1.44 23.09
N TYR M 62 70.36 2.41 22.40
CA TYR M 62 69.68 3.62 21.94
C TYR M 62 69.58 3.65 20.42
N GLU M 63 68.37 3.95 19.90
CA GLU M 63 68.09 4.03 18.46
C GLU M 63 67.27 5.29 18.16
N GLY M 64 67.73 6.06 17.19
CA GLY M 64 67.08 7.31 16.77
C GLY M 64 67.05 7.49 15.27
N TYR M 65 66.06 8.25 14.78
CA TYR M 65 65.87 8.54 13.36
C TYR M 65 65.19 9.90 13.18
N THR M 66 65.22 10.46 11.96
CA THR M 66 64.59 11.74 11.67
C THR M 66 63.21 11.55 11.04
N ASP M 67 62.25 12.41 11.41
CA ASP M 67 60.88 12.38 10.89
C ASP M 67 60.87 12.90 9.45
N SER M 68 60.37 12.06 8.52
CA SER M 68 60.30 12.34 7.07
C SER M 68 59.44 13.56 6.74
N SER M 69 58.33 13.76 7.49
CA SER M 69 57.39 14.86 7.29
C SER M 69 57.93 16.18 7.85
N SER M 70 58.82 16.11 8.85
CA SER M 70 59.42 17.27 9.53
C SER M 70 60.72 17.75 8.88
N GLN M 71 61.54 16.84 8.33
CA GLN M 71 62.85 17.16 7.73
C GLN M 71 62.74 18.04 6.48
N ALA M 72 61.86 17.70 5.54
CA ALA M 72 61.68 18.42 4.28
C ALA M 72 61.00 19.79 4.46
N SER M 73 60.24 19.95 5.56
CA SER M 73 59.49 21.18 5.86
C SER M 73 60.21 22.10 6.85
N ASN M 74 60.95 21.54 7.83
CA ASN M 74 61.66 22.34 8.85
C ASN M 74 63.16 22.08 8.86
N GLN M 75 63.94 23.15 9.10
CA GLN M 75 65.40 23.13 9.19
C GLN M 75 65.82 23.68 10.56
N TYR M 76 66.34 22.80 11.43
CA TYR M 76 66.76 23.14 12.79
C TYR M 76 68.24 23.51 12.83
N VAL M 77 68.57 24.56 13.61
CA VAL M 77 69.94 25.10 13.80
C VAL M 77 70.17 25.36 15.31
N VAL M 78 71.41 25.13 15.79
CA VAL M 78 71.82 25.36 17.18
C VAL M 78 73.02 26.35 17.16
N GLY M 79 72.99 27.33 18.07
CA GLY M 79 74.03 28.35 18.17
C GLY M 79 74.50 28.67 19.57
N LEU M 80 75.73 29.20 19.66
CA LEU M 80 76.37 29.62 20.92
C LEU M 80 76.45 31.15 20.97
N PHE M 81 75.88 31.75 22.03
CA PHE M 81 75.81 33.21 22.20
C PHE M 81 76.89 33.72 23.19
N ASN M 82 77.44 34.91 22.87
CA ASN M 82 78.46 35.60 23.67
C ASN M 82 77.81 36.78 24.42
N PRO M 83 78.08 36.95 25.75
CA PRO M 83 77.43 38.05 26.49
C PRO M 83 78.03 39.44 26.23
N GLU M 84 79.26 39.50 25.71
CA GLU M 84 79.95 40.78 25.45
C GLU M 84 80.05 41.12 23.96
N LYS M 85 80.51 40.16 23.13
CA LYS M 85 80.70 40.32 21.68
C LYS M 85 79.35 40.45 20.93
N LYS M 86 78.28 39.82 21.46
CA LYS M 86 76.91 39.79 20.93
C LYS M 86 76.90 39.17 19.50
N SER M 87 77.61 38.04 19.36
CA SER M 87 77.73 37.29 18.11
C SER M 87 77.40 35.81 18.33
N ILE M 88 76.66 35.20 17.38
CA ILE M 88 76.25 33.79 17.47
C ILE M 88 76.93 32.96 16.38
N GLN M 89 77.48 31.79 16.75
CA GLN M 89 78.11 30.82 15.85
C GLN M 89 77.10 29.72 15.56
N LEU M 90 76.48 29.76 14.37
CA LEU M 90 75.42 28.83 13.99
C LEU M 90 75.94 27.54 13.34
N TYR M 91 75.33 26.40 13.73
CA TYR M 91 75.62 25.06 13.22
C TYR M 91 74.31 24.29 13.04
N LYS M 92 74.08 23.70 11.85
CA LYS M 92 72.87 22.93 11.54
C LYS M 92 72.85 21.63 12.34
N ALA M 93 71.73 21.37 13.05
CA ALA M 93 71.55 20.19 13.89
C ALA M 93 70.24 19.45 13.56
N PRO M 94 70.30 18.15 13.19
CA PRO M 94 69.04 17.44 12.90
C PRO M 94 68.38 16.91 14.18
N VAL M 95 67.04 16.97 14.25
CA VAL M 95 66.29 16.47 15.41
C VAL M 95 65.97 15.01 15.16
N LEU M 96 66.44 14.13 16.06
CA LEU M 96 66.24 12.69 15.94
C LEU M 96 65.34 12.15 17.05
N VAL M 97 64.21 11.53 16.67
CA VAL M 97 63.26 10.94 17.61
C VAL M 97 63.88 9.63 18.12
N SER M 98 64.49 9.71 19.32
CA SER M 98 65.21 8.58 19.89
C SER M 98 64.38 7.79 20.88
N LYS M 99 64.45 6.46 20.74
CA LYS M 99 63.81 5.45 21.59
C LYS M 99 64.90 4.59 22.23
N VAL M 100 64.66 4.06 23.44
CA VAL M 100 65.63 3.25 24.16
C VAL M 100 65.09 1.81 24.37
N VAL M 101 65.81 0.81 23.84
CA VAL M 101 65.48 -0.62 23.96
C VAL M 101 66.33 -1.23 25.08
N SER M 102 65.75 -2.18 25.83
CA SER M 102 66.38 -2.82 26.98
C SER M 102 66.84 -4.26 26.70
N LYS M 103 67.49 -4.91 27.71
CA LYS M 103 67.96 -6.30 27.70
C LYS M 103 66.77 -7.26 27.59
N SER M 104 65.62 -6.86 28.17
CA SER M 104 64.34 -7.59 28.18
C SER M 104 63.81 -7.83 26.75
N SER M 105 64.20 -6.97 25.78
CA SER M 105 63.82 -7.09 24.37
C SER M 105 64.47 -8.31 23.72
N LYS M 106 64.01 -8.67 22.50
CA LYS M 106 64.43 -9.85 21.71
C LYS M 106 63.92 -11.14 22.40
N ASN M 107 62.75 -11.02 23.07
CA ASN M 107 62.03 -12.09 23.78
C ASN M 107 60.70 -12.35 23.09
N LEU M 108 60.46 -13.62 22.70
CA LEU M 108 59.22 -14.02 22.00
C LEU M 108 58.94 -15.52 22.19
N ARG M 109 57.64 -15.90 22.08
CA ARG M 109 57.20 -17.30 22.19
C ARG M 109 57.01 -17.89 20.77
N GLY M 110 56.43 -19.09 20.68
CA GLY M 110 56.18 -19.79 19.43
C GLY M 110 55.36 -19.00 18.43
N PRO M 111 55.65 -19.10 17.11
CA PRO M 111 54.87 -18.34 16.12
C PRO M 111 53.38 -18.72 16.13
N LYS M 112 53.07 -19.99 16.44
CA LYS M 112 51.70 -20.52 16.51
C LYS M 112 51.54 -21.30 17.83
N ILE M 113 50.60 -20.85 18.68
CA ILE M 113 50.31 -21.47 19.98
C ILE M 113 48.90 -22.08 19.96
N LYS M 114 48.83 -23.43 20.11
CA LYS M 114 47.62 -24.26 20.13
C LYS M 114 46.68 -23.96 18.95
N PHE N 23 73.42 -3.52 14.49
CA PHE N 23 72.33 -2.84 13.79
C PHE N 23 72.59 -2.85 12.28
N SER N 24 73.58 -2.05 11.81
CA SER N 24 74.05 -1.84 10.41
C SER N 24 72.99 -1.21 9.49
N ILE N 25 71.73 -1.67 9.57
CA ILE N 25 70.58 -1.21 8.78
C ILE N 25 70.26 0.28 9.08
N PRO N 26 69.63 1.07 8.17
CA PRO N 26 69.11 0.72 6.83
C PRO N 26 70.14 0.90 5.71
N ASP N 27 69.77 0.47 4.49
CA ASP N 27 70.58 0.55 3.28
C ASP N 27 70.66 1.99 2.76
N GLY N 28 71.81 2.33 2.17
CA GLY N 28 72.08 3.66 1.62
C GLY N 28 72.53 4.68 2.64
N PHE N 29 72.83 4.23 3.88
CA PHE N 29 73.28 5.08 4.98
C PHE N 29 74.76 4.84 5.27
N LYS N 30 75.55 5.91 5.27
CA LYS N 30 76.98 5.88 5.53
C LYS N 30 77.29 6.54 6.87
N LYS N 31 78.22 5.96 7.65
CA LYS N 31 78.64 6.44 8.97
C LYS N 31 79.36 7.79 8.87
N CYS N 32 79.13 8.68 9.85
CA CYS N 32 79.74 10.01 9.89
C CYS N 32 81.07 9.93 10.65
N LYS N 33 82.19 10.01 9.91
CA LYS N 33 83.55 9.95 10.45
C LYS N 33 84.05 11.35 10.83
N HIS N 34 83.92 12.33 9.91
CA HIS N 34 84.36 13.70 10.14
C HIS N 34 83.22 14.55 10.73
N LEU N 35 83.49 15.17 11.89
CA LEU N 35 82.54 16.02 12.62
C LEU N 35 83.28 17.29 13.08
N LYS N 36 82.75 18.47 12.70
CA LYS N 36 83.33 19.78 13.03
C LYS N 36 83.29 20.08 14.53
N ASN N 37 84.27 20.89 15.00
CA ASN N 37 84.45 21.28 16.39
C ASN N 37 83.32 22.19 16.88
N PHE N 38 82.95 22.03 18.16
CA PHE N 38 81.91 22.81 18.84
C PHE N 38 82.52 23.55 20.04
N PRO N 39 82.38 24.90 20.14
CA PRO N 39 82.98 25.61 21.27
C PRO N 39 82.13 25.47 22.55
N LEU N 40 82.48 24.47 23.38
CA LEU N 40 81.80 24.18 24.64
C LEU N 40 82.78 24.31 25.81
N ASN N 41 82.46 25.18 26.78
CA ASN N 41 83.30 25.42 27.95
C ASN N 41 82.45 25.48 29.23
N GLY N 42 81.49 26.41 29.27
CA GLY N 42 80.61 26.62 30.41
C GLY N 42 81.29 27.22 31.61
N ASP N 43 82.01 28.35 31.41
CA ASP N 43 82.74 29.07 32.46
C ASP N 43 81.78 29.85 33.37
N ASN N 44 82.23 30.10 34.63
CA ASN N 44 81.53 30.83 35.69
C ASN N 44 80.17 30.19 36.02
N LYS N 49 79.30 37.44 31.42
CA LYS N 49 80.46 36.73 31.97
C LYS N 49 80.18 35.21 32.05
N GLN N 50 79.13 34.73 31.37
CA GLN N 50 78.72 33.31 31.34
C GLN N 50 78.43 32.86 29.90
N GLN N 51 78.25 31.53 29.70
CA GLN N 51 77.97 30.92 28.39
C GLN N 51 76.47 30.69 28.19
N GLN N 52 76.00 30.83 26.94
CA GLN N 52 74.59 30.65 26.57
C GLN N 52 74.45 29.78 25.32
N VAL N 53 73.56 28.78 25.37
CA VAL N 53 73.27 27.86 24.27
C VAL N 53 71.84 28.16 23.76
N TRP N 54 71.72 28.45 22.46
CA TRP N 54 70.44 28.81 21.82
C TRP N 54 70.00 27.79 20.76
N LEU N 55 68.68 27.57 20.65
CA LEU N 55 68.06 26.69 19.66
C LEU N 55 67.09 27.51 18.80
N ILE N 56 67.21 27.40 17.47
CA ILE N 56 66.38 28.15 16.53
C ILE N 56 65.74 27.23 15.49
N LYS N 57 64.43 27.44 15.24
CA LYS N 57 63.62 26.70 14.26
C LYS N 57 63.46 27.57 13.01
N PHE N 58 63.72 27.02 11.81
CA PHE N 58 63.65 27.78 10.57
C PHE N 58 62.94 27.01 9.43
N PRO N 59 62.13 27.69 8.57
CA PRO N 59 61.49 26.97 7.46
C PRO N 59 62.47 26.67 6.32
N SER N 60 62.13 25.72 5.43
CA SER N 60 62.96 25.31 4.31
C SER N 60 63.03 26.36 3.19
N ASN N 61 62.05 27.28 3.13
CA ASN N 61 61.95 28.34 2.12
C ASN N 61 63.07 29.38 2.27
N VAL N 62 63.46 29.74 3.50
CA VAL N 62 64.50 30.74 3.78
C VAL N 62 65.90 30.10 3.71
N ASP N 63 66.90 30.89 3.26
CA ASP N 63 68.30 30.47 3.13
C ASP N 63 69.11 31.02 4.31
N ILE N 64 69.70 30.11 5.11
CA ILE N 64 70.48 30.44 6.31
C ILE N 64 71.84 31.07 5.93
N SER N 65 72.48 30.58 4.85
CA SER N 65 73.77 31.07 4.37
C SER N 65 73.68 32.52 3.82
N LYS N 66 72.49 32.94 3.37
CA LYS N 66 72.25 34.30 2.84
C LYS N 66 72.24 35.32 3.98
N LEU N 67 71.50 35.05 5.08
CA LEU N 67 71.40 35.94 6.23
C LEU N 67 72.68 35.87 7.07
N LYS N 68 73.26 37.05 7.37
CA LYS N 68 74.49 37.17 8.16
C LYS N 68 74.20 37.94 9.47
N SER N 69 72.92 38.32 9.68
CA SER N 69 72.43 39.04 10.85
C SER N 69 70.96 38.72 11.10
N LEU N 70 70.60 38.43 12.36
CA LEU N 70 69.22 38.10 12.74
C LEU N 70 68.69 39.06 13.82
N PRO N 71 67.65 39.87 13.50
CA PRO N 71 67.11 40.79 14.50
C PRO N 71 66.18 40.07 15.48
N VAL N 72 66.55 40.05 16.77
CA VAL N 72 65.75 39.37 17.80
C VAL N 72 65.84 40.16 19.13
N ASP N 73 64.68 40.29 19.81
CA ASP N 73 64.52 40.97 21.10
C ASP N 73 63.79 40.03 22.07
N PHE N 74 63.76 40.38 23.38
CA PHE N 74 63.10 39.57 24.41
C PHE N 74 61.57 39.54 24.22
N GLU N 75 60.91 38.51 24.79
CA GLU N 75 59.47 38.22 24.73
C GLU N 75 59.05 37.79 23.30
N SER N 76 57.74 37.62 23.05
CA SER N 76 57.19 37.17 21.77
C SER N 76 57.32 38.20 20.63
N SER N 77 57.38 39.51 20.97
CA SER N 77 57.47 40.61 20.01
C SER N 77 58.77 40.60 19.19
N THR N 78 58.65 40.33 17.87
CA THR N 78 59.73 40.27 16.86
C THR N 78 59.20 40.57 15.46
N THR N 79 60.05 41.16 14.59
CA THR N 79 59.73 41.48 13.19
C THR N 79 60.95 41.19 12.31
N MET N 80 60.73 40.57 11.14
CA MET N 80 61.78 40.20 10.19
C MET N 80 61.22 40.15 8.76
N THR N 81 62.00 40.64 7.77
CA THR N 81 61.62 40.65 6.36
C THR N 81 62.83 40.25 5.50
N ILE N 82 62.77 39.05 4.88
CA ILE N 82 63.85 38.52 4.02
C ILE N 82 63.26 38.23 2.63
N ASP N 83 63.58 39.08 1.65
CA ASP N 83 63.17 39.03 0.23
C ASP N 83 61.64 38.84 0.09
N LYS N 84 60.87 39.93 0.34
CA LYS N 84 59.41 40.06 0.27
C LYS N 84 58.66 39.24 1.35
N HIS N 85 59.23 38.10 1.81
CA HIS N 85 58.64 37.24 2.83
C HIS N 85 58.86 37.80 4.23
N ASP N 86 57.79 37.82 5.05
CA ASP N 86 57.82 38.32 6.43
C ASP N 86 57.86 37.15 7.43
N TYR N 87 58.63 37.30 8.51
CA TYR N 87 58.82 36.28 9.56
C TYR N 87 58.72 36.88 10.97
N LYS N 88 58.45 36.00 11.96
CA LYS N 88 58.35 36.35 13.39
C LYS N 88 59.09 35.32 14.24
N ILE N 89 59.96 35.78 15.16
CA ILE N 89 60.77 34.90 16.01
C ILE N 89 60.12 34.77 17.41
N MET N 90 59.35 33.69 17.61
CA MET N 90 58.67 33.36 18.85
C MET N 90 59.69 32.89 19.89
N ASP N 91 59.69 33.54 21.07
CA ASP N 91 60.60 33.21 22.17
C ASP N 91 59.80 32.63 23.34
N ASP N 92 60.24 31.46 23.85
CA ASP N 92 59.60 30.77 24.97
C ASP N 92 60.65 30.33 25.99
N THR N 93 60.33 30.50 27.29
CA THR N 93 61.19 30.15 28.43
C THR N 93 61.32 28.62 28.53
N ASP N 94 60.17 27.91 28.56
CA ASP N 94 60.10 26.45 28.65
C ASP N 94 58.87 25.92 27.92
N ASN N 106 61.39 15.62 27.33
CA ASN N 106 62.32 16.73 27.26
C ASN N 106 63.42 16.47 26.24
N MET N 107 63.88 17.52 25.55
CA MET N 107 64.93 17.46 24.55
C MET N 107 66.31 17.32 25.19
N THR N 108 67.20 16.52 24.57
CA THR N 108 68.56 16.27 25.06
C THR N 108 69.57 16.68 23.99
N LEU N 109 70.53 17.55 24.38
CA LEU N 109 71.58 18.06 23.50
C LEU N 109 72.76 17.08 23.45
N LEU N 110 73.23 16.75 22.25
CA LEU N 110 74.37 15.85 22.03
C LEU N 110 75.50 16.62 21.37
N VAL N 111 76.57 16.91 22.12
CA VAL N 111 77.72 17.66 21.62
C VAL N 111 78.91 16.73 21.32
N PRO N 112 79.66 16.95 20.21
CA PRO N 112 80.80 16.07 19.92
C PRO N 112 82.05 16.48 20.71
N SER N 113 82.56 15.54 21.54
CA SER N 113 83.77 15.77 22.35
C SER N 113 85.02 15.73 21.45
N GLU N 114 85.03 14.79 20.50
CA GLU N 114 86.09 14.58 19.49
C GLU N 114 85.45 13.95 18.24
N SER N 115 86.11 14.11 17.07
CA SER N 115 85.63 13.57 15.79
C SER N 115 85.57 12.05 15.78
N LYS N 116 86.49 11.38 16.50
CA LYS N 116 86.55 9.92 16.60
C LYS N 116 85.60 9.39 17.69
N GLU N 117 85.28 10.24 18.69
CA GLU N 117 84.38 9.89 19.80
C GLU N 117 82.89 10.07 19.43
N SER N 118 82.61 10.49 18.17
CA SER N 118 81.28 10.73 17.59
C SER N 118 80.47 11.75 18.42
N LEU N 119 79.33 11.34 19.02
CA LEU N 119 78.48 12.25 19.82
C LEU N 119 78.24 11.71 21.23
N LYS N 120 78.23 12.63 22.22
CA LYS N 120 78.00 12.35 23.63
C LYS N 120 77.03 13.37 24.25
N ILE N 121 76.32 12.97 25.32
CA ILE N 121 75.35 13.80 26.03
C ILE N 121 76.07 14.95 26.76
N ALA N 122 75.58 16.19 26.57
CA ALA N 122 76.13 17.39 27.20
C ALA N 122 75.79 17.41 28.69
N SER N 123 76.79 17.74 29.54
CA SER N 123 76.63 17.81 31.00
C SER N 123 77.64 18.78 31.62
N THR N 124 77.29 19.31 32.81
CA THR N 124 78.12 20.25 33.57
C THR N 124 78.27 19.78 35.03
N ALA N 125 77.18 19.28 35.64
CA ALA N 125 77.16 18.79 37.02
C ALA N 125 76.31 17.52 37.13
N PRO N 130 73.35 15.71 32.07
CA PRO N 130 72.21 16.36 31.40
C PRO N 130 72.40 17.86 31.28
N LEU N 131 71.91 18.45 30.16
CA LEU N 131 72.01 19.88 29.89
C LEU N 131 70.77 20.40 29.17
N GLN N 132 70.34 21.63 29.51
CA GLN N 132 69.18 22.31 28.93
C GLN N 132 69.60 23.62 28.27
N PHE N 133 68.86 24.04 27.22
CA PHE N 133 69.11 25.28 26.48
C PHE N 133 68.79 26.51 27.35
N ASP N 134 69.63 27.56 27.23
CA ASP N 134 69.47 28.81 27.96
C ASP N 134 68.25 29.59 27.45
N LYS N 135 68.13 29.72 26.11
CA LYS N 135 67.03 30.41 25.43
C LYS N 135 66.60 29.61 24.20
N VAL N 136 65.28 29.42 24.02
CA VAL N 136 64.71 28.66 22.89
C VAL N 136 63.88 29.62 22.01
N PHE N 137 64.17 29.65 20.70
CA PHE N 137 63.49 30.49 19.71
C PHE N 137 62.89 29.65 18.56
N SER N 138 61.86 30.19 17.87
CA SER N 138 61.18 29.54 16.75
C SER N 138 60.74 30.57 15.70
N VAL N 139 61.20 30.43 14.44
CA VAL N 139 60.84 31.36 13.37
C VAL N 139 59.57 30.85 12.67
N SER N 140 58.52 31.70 12.67
CA SER N 140 57.22 31.43 12.07
C SER N 140 56.92 32.44 10.97
N GLU N 141 56.60 31.96 9.76
CA GLU N 141 56.26 32.81 8.62
C GLU N 141 54.89 33.46 8.85
N THR N 142 54.83 34.80 8.90
CA THR N 142 53.59 35.52 9.14
C THR N 142 53.19 36.33 7.90
N ALA N 143 51.91 36.20 7.51
CA ALA N 143 51.34 36.90 6.36
C ALA N 143 50.40 38.00 6.82
N LYS N 144 50.44 39.14 6.12
CA LYS N 144 49.60 40.30 6.44
C LYS N 144 48.23 40.17 5.74
N ILE N 145 47.18 39.87 6.54
CA ILE N 145 45.81 39.74 6.05
C ILE N 145 45.25 41.14 5.77
N PRO N 146 44.63 41.38 4.60
CA PRO N 146 44.17 42.75 4.28
C PRO N 146 42.93 43.17 5.08
N ALA N 147 42.89 44.47 5.42
CA ALA N 147 41.77 45.08 6.14
C ALA N 147 40.57 45.17 5.20
N ILE N 148 39.39 44.76 5.68
CA ILE N 148 38.15 44.74 4.92
C ILE N 148 37.76 46.18 4.50
N ASP N 149 37.57 46.40 3.18
CA ASP N 149 37.15 47.69 2.64
C ASP N 149 35.64 47.81 2.84
N TYR N 150 35.22 48.17 4.07
CA TYR N 150 33.83 48.29 4.48
C TYR N 150 33.05 49.27 3.60
N SER N 151 33.64 50.43 3.28
CA SER N 151 33.04 51.46 2.41
C SER N 151 32.68 50.89 1.02
N LYS N 152 33.36 49.80 0.59
CA LYS N 152 33.16 49.14 -0.70
C LYS N 152 32.27 47.88 -0.59
N VAL N 153 32.29 47.16 0.55
CA VAL N 153 31.53 45.93 0.73
C VAL N 153 30.14 46.19 1.41
N ARG N 154 30.07 46.96 2.52
CA ARG N 154 28.76 47.25 3.13
C ARG N 154 28.09 48.40 2.36
N VAL N 155 27.11 48.04 1.53
CA VAL N 155 26.36 48.97 0.68
C VAL N 155 24.90 48.97 1.16
N PRO N 156 24.24 50.14 1.36
CA PRO N 156 22.83 50.14 1.79
C PRO N 156 21.92 49.35 0.86
N ARG N 157 20.89 48.69 1.43
CA ARG N 157 19.92 47.86 0.70
C ARG N 157 19.33 48.61 -0.50
N LYS N 158 19.39 47.97 -1.67
CA LYS N 158 18.87 48.53 -2.92
C LYS N 158 17.41 48.10 -3.11
N ASP N 159 16.54 49.07 -3.43
CA ASP N 159 15.11 48.84 -3.64
C ASP N 159 14.85 48.03 -4.91
N VAL N 160 13.69 47.35 -4.96
CA VAL N 160 13.26 46.53 -6.09
C VAL N 160 12.98 47.47 -7.27
N PRO N 161 13.64 47.27 -8.43
CA PRO N 161 13.46 48.20 -9.55
C PRO N 161 12.05 48.17 -10.14
N LYS N 162 11.42 49.36 -10.25
CA LYS N 162 10.09 49.54 -10.83
C LYS N 162 10.18 49.32 -12.35
N VAL N 163 9.06 48.97 -12.99
CA VAL N 163 9.08 48.68 -14.44
C VAL N 163 8.93 49.98 -15.24
N GLU N 164 9.80 50.13 -16.27
CA GLU N 164 9.92 51.25 -17.19
C GLU N 164 8.66 51.42 -18.06
N GLY N 165 8.15 52.64 -18.08
CA GLY N 165 7.00 53.09 -18.89
C GLY N 165 5.74 52.26 -18.79
N LEU N 166 5.13 52.21 -17.61
CA LEU N 166 3.90 51.47 -17.35
C LEU N 166 2.68 52.37 -17.63
N LYS N 167 1.87 51.97 -18.63
CA LYS N 167 0.69 52.71 -19.08
C LYS N 167 -0.61 51.99 -18.69
N LEU N 168 -1.76 52.66 -18.91
CA LEU N 168 -3.09 52.10 -18.66
C LEU N 168 -3.42 51.05 -19.71
N GLU N 169 -3.81 49.84 -19.25
CA GLU N 169 -4.14 48.72 -20.13
C GLU N 169 -5.43 48.01 -19.67
N HIS N 170 -6.38 48.82 -19.16
CA HIS N 170 -7.73 48.44 -18.73
C HIS N 170 -8.62 49.67 -18.73
N PHE N 171 -9.73 49.59 -19.48
CA PHE N 171 -10.69 50.68 -19.63
C PHE N 171 -12.11 50.12 -19.53
N ALA N 172 -13.14 50.95 -19.76
CA ALA N 172 -14.55 50.55 -19.72
C ALA N 172 -14.86 49.53 -20.84
N THR N 173 -16.07 48.95 -20.83
CA THR N 173 -16.50 47.92 -21.79
C THR N 173 -16.48 48.41 -23.26
N GLY N 174 -17.16 49.52 -23.54
CA GLY N 174 -17.21 50.08 -24.89
C GLY N 174 -16.28 51.25 -25.13
N TYR N 175 -15.08 51.19 -24.52
CA TYR N 175 -14.06 52.22 -24.62
C TYR N 175 -12.68 51.58 -24.81
N ASP N 176 -11.97 51.98 -25.89
CA ASP N 176 -10.64 51.47 -26.25
C ASP N 176 -9.53 52.41 -25.74
N ALA N 177 -8.26 52.16 -26.14
CA ALA N 177 -7.09 52.96 -25.78
C ALA N 177 -6.94 54.18 -26.72
N GLU N 178 -8.02 54.96 -26.86
CA GLU N 178 -8.10 56.16 -27.70
C GLU N 178 -7.64 57.39 -26.91
N ASP N 179 -7.85 57.36 -25.57
CA ASP N 179 -7.53 58.44 -24.65
C ASP N 179 -6.07 58.33 -24.16
N PHE N 180 -5.23 59.31 -24.54
CA PHE N 180 -3.81 59.38 -24.18
C PHE N 180 -3.55 60.58 -23.26
N SER O 48 -27.63 -71.10 -17.66
CA SER O 48 -28.30 -69.80 -17.68
C SER O 48 -29.51 -69.83 -16.75
N ALA O 49 -30.67 -70.20 -17.28
CA ALA O 49 -31.91 -70.18 -16.50
C ALA O 49 -31.67 -70.55 -15.03
N ALA O 50 -31.07 -71.72 -14.81
CA ALA O 50 -30.82 -72.18 -13.46
C ALA O 50 -29.46 -71.72 -12.94
N MET O 51 -28.54 -71.40 -13.86
CA MET O 51 -27.27 -70.81 -13.45
C MET O 51 -27.51 -69.48 -12.77
N TYR O 52 -28.35 -68.64 -13.38
CA TYR O 52 -28.65 -67.35 -12.80
C TYR O 52 -29.36 -67.50 -11.45
N SER O 53 -30.31 -68.43 -11.37
CA SER O 53 -30.99 -68.72 -10.11
C SER O 53 -29.97 -68.98 -9.00
N ARG O 54 -28.87 -69.61 -9.38
CA ARG O 54 -27.76 -69.86 -8.47
C ARG O 54 -27.03 -68.55 -8.17
N PHE O 55 -26.63 -67.86 -9.23
CA PHE O 55 -25.92 -66.60 -9.08
C PHE O 55 -26.52 -65.68 -8.01
N VAL O 56 -27.84 -65.49 -8.07
CA VAL O 56 -28.51 -64.62 -7.12
C VAL O 56 -28.56 -65.27 -5.75
N LYS O 57 -28.95 -66.55 -5.71
CA LYS O 57 -29.09 -67.30 -4.47
C LYS O 57 -27.78 -67.27 -3.71
N SER O 58 -26.68 -67.32 -4.47
CA SER O 58 -25.34 -67.12 -3.93
C SER O 58 -25.20 -65.69 -3.42
N ALA O 59 -25.51 -64.74 -4.28
CA ALA O 59 -25.42 -63.32 -3.94
C ALA O 59 -26.08 -62.99 -2.60
N LEU O 60 -27.24 -63.59 -2.35
CA LEU O 60 -27.96 -63.37 -1.10
C LEU O 60 -27.26 -64.01 0.10
N ASP O 61 -26.78 -65.24 -0.07
CA ASP O 61 -25.93 -65.86 0.95
C ASP O 61 -24.76 -64.92 1.24
N ASP O 62 -24.08 -64.52 0.18
CA ASP O 62 -22.95 -63.60 0.27
C ASP O 62 -23.32 -62.28 0.94
N LEU O 63 -24.60 -61.93 0.92
CA LEU O 63 -25.06 -60.68 1.53
C LEU O 63 -25.28 -60.88 3.02
N ASP O 64 -25.73 -62.07 3.41
CA ASP O 64 -25.86 -62.43 4.82
C ASP O 64 -24.48 -62.44 5.47
N LYS O 65 -23.45 -62.51 4.63
CA LYS O 65 -22.07 -62.48 5.08
C LYS O 65 -21.46 -61.09 4.89
N ASN O 66 -22.18 -60.23 4.20
CA ASN O 66 -21.82 -58.80 4.09
C ASN O 66 -20.82 -58.49 2.97
N ASP O 67 -20.51 -59.47 2.14
CA ASP O 67 -19.53 -59.25 1.07
C ASP O 67 -20.09 -58.22 0.10
N SER O 68 -21.37 -58.34 -0.21
CA SER O 68 -22.10 -57.27 -0.89
C SER O 68 -21.67 -57.04 -2.35
N THR O 69 -20.61 -57.72 -2.77
CA THR O 69 -20.09 -57.56 -4.13
C THR O 69 -21.06 -58.12 -5.17
N GLN O 70 -21.45 -59.37 -4.99
CA GLN O 70 -22.32 -60.05 -5.95
C GLN O 70 -23.61 -59.27 -6.21
N ILE O 71 -24.30 -58.91 -5.14
CA ILE O 71 -25.48 -58.06 -5.25
C ILE O 71 -25.19 -56.83 -6.10
N GLY O 72 -24.24 -56.03 -5.65
CA GLY O 72 -23.88 -54.79 -6.34
C GLY O 72 -23.63 -55.01 -7.82
N ILE O 73 -23.06 -56.15 -8.17
CA ILE O 73 -22.81 -56.47 -9.56
C ILE O 73 -24.15 -56.56 -10.28
N ILE O 74 -25.10 -57.21 -9.61
CA ILE O 74 -26.46 -57.39 -10.12
C ILE O 74 -27.16 -56.03 -10.21
N ALA O 75 -27.15 -55.29 -9.10
CA ALA O 75 -27.81 -54.00 -9.06
C ALA O 75 -27.33 -53.14 -10.22
N ASN O 76 -26.02 -52.91 -10.26
CA ASN O 76 -25.41 -52.16 -11.35
C ASN O 76 -25.90 -52.63 -12.72
N GLN O 77 -26.19 -53.92 -12.84
CA GLN O 77 -26.62 -54.50 -14.10
C GLN O 77 -28.06 -54.11 -14.41
N VAL O 78 -28.87 -53.93 -13.37
CA VAL O 78 -30.26 -53.56 -13.59
C VAL O 78 -30.44 -52.06 -13.70
N ALA O 79 -29.51 -51.31 -13.13
CA ALA O 79 -29.56 -49.84 -13.11
C ALA O 79 -29.28 -49.20 -14.48
N LEU O 80 -28.64 -49.95 -15.36
CA LEU O 80 -28.30 -49.46 -16.70
C LEU O 80 -29.50 -48.86 -17.42
N PRO O 81 -29.25 -47.95 -18.37
CA PRO O 81 -30.28 -47.25 -19.16
C PRO O 81 -31.00 -48.13 -20.16
N SER O 82 -32.28 -47.84 -20.38
CA SER O 82 -33.11 -48.52 -21.37
C SER O 82 -32.41 -48.77 -22.71
N LYS O 83 -31.34 -48.01 -22.99
CA LYS O 83 -30.66 -48.09 -24.27
C LYS O 83 -29.54 -49.13 -24.31
N ASN O 84 -28.73 -49.18 -23.26
CA ASN O 84 -27.58 -50.07 -23.20
C ASN O 84 -27.98 -51.54 -23.31
N PRO O 85 -27.49 -52.22 -24.36
CA PRO O 85 -27.76 -53.65 -24.58
C PRO O 85 -27.37 -54.51 -23.38
N GLU O 86 -26.40 -54.05 -22.60
CA GLU O 86 -25.85 -54.84 -21.50
C GLU O 86 -26.66 -54.79 -20.20
N ARG O 87 -27.81 -54.13 -20.25
CA ARG O 87 -28.72 -54.10 -19.11
C ARG O 87 -29.36 -55.46 -18.97
N ILE O 88 -29.51 -55.91 -17.73
CA ILE O 88 -30.13 -57.21 -17.45
C ILE O 88 -31.37 -57.44 -18.31
N ASN O 89 -31.40 -58.59 -18.98
CA ASN O 89 -32.51 -58.97 -19.85
C ASN O 89 -33.74 -59.50 -19.11
N ASP O 90 -34.87 -59.53 -19.80
CA ASP O 90 -36.13 -59.96 -19.20
C ASP O 90 -36.04 -61.25 -18.42
N LYS O 91 -35.66 -62.34 -19.09
CA LYS O 91 -35.67 -63.65 -18.46
C LYS O 91 -34.91 -63.70 -17.14
N ASN O 92 -33.67 -63.21 -17.14
CA ASN O 92 -32.91 -63.13 -15.90
C ASN O 92 -33.58 -62.22 -14.87
N LEU O 93 -34.13 -61.10 -15.34
CA LEU O 93 -34.86 -60.19 -14.45
C LEU O 93 -36.09 -60.87 -13.86
N ASN O 94 -36.80 -61.65 -14.66
CA ASN O 94 -37.92 -62.46 -14.16
C ASN O 94 -37.46 -63.24 -12.93
N ILE O 95 -36.27 -63.81 -13.04
CA ILE O 95 -35.72 -64.66 -12.00
C ILE O 95 -35.38 -63.84 -10.79
N LEU O 96 -34.47 -62.88 -10.96
CA LEU O 96 -34.07 -62.00 -9.87
C LEU O 96 -35.29 -61.51 -9.09
N LEU O 97 -36.34 -61.10 -9.82
CA LEU O 97 -37.51 -60.51 -9.17
C LEU O 97 -38.25 -61.53 -8.31
N ASP O 98 -38.63 -62.65 -8.92
CA ASP O 98 -39.41 -63.67 -8.23
C ASP O 98 -38.68 -64.24 -7.01
N ILE O 99 -37.36 -64.27 -7.07
CA ILE O 99 -36.57 -64.69 -5.92
C ILE O 99 -36.59 -63.66 -4.79
N LEU O 100 -36.41 -62.39 -5.15
CA LEU O 100 -36.45 -61.31 -4.16
C LEU O 100 -37.85 -61.18 -3.50
N SER O 101 -38.91 -61.29 -4.29
CA SER O 101 -40.27 -61.17 -3.78
C SER O 101 -40.56 -62.26 -2.75
N SER O 102 -39.98 -63.45 -2.95
CA SER O 102 -40.32 -64.62 -2.15
C SER O 102 -39.87 -64.50 -0.69
N ASN O 103 -38.83 -63.73 -0.45
CA ASN O 103 -38.43 -63.39 0.91
C ASN O 103 -37.80 -62.00 1.01
N ILE O 104 -38.66 -60.99 0.94
CA ILE O 104 -38.21 -59.60 0.90
C ILE O 104 -37.41 -59.21 2.14
N ASN O 105 -37.62 -59.93 3.25
CA ASN O 105 -36.96 -59.60 4.51
C ASN O 105 -35.46 -59.82 4.45
N ARG O 106 -35.03 -60.66 3.52
CA ARG O 106 -33.62 -60.94 3.33
C ARG O 106 -32.87 -59.67 2.91
N ILE O 107 -33.61 -58.72 2.35
CA ILE O 107 -33.00 -57.53 1.76
C ILE O 107 -33.15 -56.27 2.61
N GLU O 108 -34.07 -56.28 3.58
CA GLU O 108 -34.34 -55.07 4.36
C GLU O 108 -33.18 -54.68 5.28
N SER O 109 -32.04 -54.40 4.66
CA SER O 109 -30.83 -54.06 5.40
C SER O 109 -30.08 -52.96 4.68
N SER O 110 -29.15 -52.32 5.41
CA SER O 110 -28.31 -51.29 4.82
C SER O 110 -27.57 -51.81 3.60
N ARG O 111 -27.20 -53.08 3.64
CA ARG O 111 -26.48 -53.71 2.53
C ARG O 111 -27.40 -53.85 1.33
N GLY O 112 -28.70 -53.95 1.61
CA GLY O 112 -29.69 -54.23 0.58
C GLY O 112 -30.22 -52.99 -0.11
N THR O 113 -30.05 -51.85 0.54
CA THR O 113 -30.51 -50.57 0.02
C THR O 113 -30.21 -50.33 -1.47
N PHE O 114 -28.93 -50.44 -1.84
CA PHE O 114 -28.52 -50.11 -3.21
C PHE O 114 -29.26 -50.94 -4.26
N LEU O 115 -29.44 -52.22 -3.97
CA LEU O 115 -30.14 -53.12 -4.89
C LEU O 115 -31.56 -52.63 -5.15
N ILE O 116 -32.24 -52.30 -4.05
CA ILE O 116 -33.61 -51.86 -4.09
C ILE O 116 -33.75 -50.55 -4.87
N GLN O 117 -32.88 -49.60 -4.56
CA GLN O 117 -32.84 -48.31 -5.22
C GLN O 117 -32.72 -48.49 -6.73
N SER O 118 -31.92 -49.49 -7.11
CA SER O 118 -31.66 -49.77 -8.51
C SER O 118 -32.88 -50.36 -9.24
N ILE O 119 -33.77 -51.02 -8.51
CA ILE O 119 -34.96 -51.58 -9.13
C ILE O 119 -36.11 -50.56 -9.20
N ILE O 120 -36.20 -49.71 -8.20
CA ILE O 120 -37.18 -48.62 -8.24
C ILE O 120 -36.85 -47.69 -9.38
N ASN O 121 -35.54 -47.51 -9.61
CA ASN O 121 -35.06 -46.62 -10.67
C ASN O 121 -34.83 -47.31 -12.01
N PHE O 122 -35.54 -48.42 -12.24
CA PHE O 122 -35.46 -49.14 -13.50
C PHE O 122 -36.18 -48.37 -14.60
N GLU O 123 -35.40 -47.94 -15.60
CA GLU O 123 -35.94 -47.11 -16.69
C GLU O 123 -37.12 -47.70 -17.46
N LYS O 124 -38.13 -46.90 -17.68
CA LYS O 124 -39.25 -47.30 -18.50
C LYS O 124 -39.74 -48.70 -18.12
N TRP O 125 -39.95 -48.94 -16.83
CA TRP O 125 -40.46 -50.24 -16.40
C TRP O 125 -41.85 -50.51 -16.97
N TRP O 126 -42.67 -49.47 -17.06
CA TRP O 126 -44.01 -49.63 -17.64
C TRP O 126 -43.90 -50.15 -19.06
N GLU O 127 -42.68 -50.12 -19.59
CA GLU O 127 -42.42 -50.61 -20.95
C GLU O 127 -41.92 -52.04 -20.94
N LEU O 128 -42.00 -52.68 -19.78
CA LEU O 128 -41.55 -54.07 -19.64
C LEU O 128 -42.52 -55.03 -20.31
N PRO O 129 -42.35 -56.38 -20.00
CA PRO O 129 -43.30 -57.28 -20.65
C PRO O 129 -44.46 -57.67 -19.73
N PRO O 130 -45.52 -58.33 -20.31
CA PRO O 130 -46.59 -58.67 -19.36
C PRO O 130 -46.08 -59.46 -18.17
N HIS O 131 -45.79 -60.75 -18.37
CA HIS O 131 -45.28 -61.59 -17.29
C HIS O 131 -44.22 -60.94 -16.41
N THR O 132 -43.27 -60.27 -17.02
CA THR O 132 -42.21 -59.59 -16.28
C THR O 132 -42.75 -58.37 -15.55
N LEU O 133 -43.62 -57.63 -16.24
CA LEU O 133 -44.25 -56.46 -15.63
C LEU O 133 -44.92 -56.89 -14.34
N SER O 134 -45.55 -58.06 -14.40
CA SER O 134 -46.32 -58.57 -13.28
C SER O 134 -45.42 -58.85 -12.08
N LYS O 135 -44.20 -59.28 -12.35
CA LYS O 135 -43.27 -59.61 -11.27
C LYS O 135 -42.74 -58.34 -10.64
N TYR O 136 -42.56 -57.31 -11.46
CA TYR O 136 -42.12 -56.00 -10.97
C TYR O 136 -43.18 -55.42 -10.03
N ILE O 137 -44.44 -55.47 -10.48
CA ILE O 137 -45.55 -54.98 -9.68
C ILE O 137 -45.64 -55.72 -8.35
N TYR O 138 -45.65 -57.06 -8.39
CA TYR O 138 -45.70 -57.87 -7.18
C TYR O 138 -44.54 -57.53 -6.25
N PHE O 139 -43.38 -57.26 -6.82
CA PHE O 139 -42.24 -56.89 -5.98
C PHE O 139 -42.51 -55.58 -5.26
N ILE O 140 -42.88 -54.55 -6.03
CA ILE O 140 -43.17 -53.24 -5.45
C ILE O 140 -44.23 -53.41 -4.37
N LYS O 141 -45.34 -54.06 -4.72
CA LYS O 141 -46.38 -54.38 -3.74
C LYS O 141 -45.76 -54.92 -2.45
N ILE O 142 -45.02 -56.03 -2.57
CA ILE O 142 -44.34 -56.64 -1.43
C ILE O 142 -43.44 -55.68 -0.66
N LEU O 143 -42.62 -54.91 -1.38
CA LEU O 143 -41.68 -53.95 -0.77
C LEU O 143 -42.33 -52.90 0.13
N CYS O 144 -43.31 -52.17 -0.42
CA CYS O 144 -43.92 -51.07 0.31
C CYS O 144 -44.81 -51.57 1.46
N SER O 145 -45.08 -52.87 1.46
CA SER O 145 -45.92 -53.48 2.49
C SER O 145 -45.22 -53.45 3.84
N SER O 146 -44.04 -54.07 3.92
CA SER O 146 -43.28 -54.12 5.16
C SER O 146 -42.73 -52.74 5.51
N ILE O 147 -41.84 -52.23 4.67
CA ILE O 147 -41.24 -50.93 4.89
C ILE O 147 -41.90 -49.87 4.03
N PRO O 148 -43.22 -49.57 4.35
CA PRO O 148 -43.83 -48.54 3.49
C PRO O 148 -43.00 -47.26 3.45
N LYS O 149 -41.77 -47.37 2.93
CA LYS O 149 -40.88 -46.23 2.83
C LYS O 149 -40.53 -45.91 1.38
N TRP O 150 -40.68 -46.91 0.51
CA TRP O 150 -40.39 -46.72 -0.91
C TRP O 150 -41.57 -46.22 -1.73
N TRP O 151 -42.77 -46.30 -1.17
CA TRP O 151 -43.97 -45.82 -1.85
C TRP O 151 -43.85 -44.34 -2.18
N GLN O 152 -43.13 -43.61 -1.33
CA GLN O 152 -42.89 -42.20 -1.55
C GLN O 152 -42.13 -42.00 -2.86
N ASP O 153 -41.11 -42.82 -3.09
CA ASP O 153 -40.26 -42.69 -4.27
C ASP O 153 -40.98 -43.18 -5.53
N VAL O 154 -41.75 -44.25 -5.39
CA VAL O 154 -42.42 -44.84 -6.53
C VAL O 154 -43.52 -43.95 -7.08
N SER O 155 -44.33 -43.40 -6.18
CA SER O 155 -45.46 -42.56 -6.58
C SER O 155 -45.03 -41.25 -7.22
N MET O 156 -43.99 -40.63 -6.68
CA MET O 156 -43.46 -39.41 -7.29
C MET O 156 -43.22 -39.62 -8.79
N ILE O 157 -42.48 -40.67 -9.14
CA ILE O 157 -42.19 -41.00 -10.53
C ILE O 157 -43.49 -41.26 -11.28
N LEU O 158 -44.43 -41.87 -10.58
CA LEU O 158 -45.73 -42.17 -11.18
C LEU O 158 -46.42 -40.87 -11.58
N VAL O 159 -46.60 -39.98 -10.62
CA VAL O 159 -47.28 -38.72 -10.91
C VAL O 159 -46.61 -38.01 -12.06
N SER O 160 -45.28 -37.96 -12.03
CA SER O 160 -44.56 -37.27 -13.09
C SER O 160 -44.87 -37.84 -14.47
N CYS O 161 -45.41 -39.06 -14.51
CA CYS O 161 -45.70 -39.71 -15.77
C CYS O 161 -47.06 -39.29 -16.26
N PHE O 162 -47.73 -38.44 -15.47
CA PHE O 162 -49.04 -37.92 -15.84
C PHE O 162 -48.98 -37.05 -17.10
N ILE O 163 -47.79 -36.60 -17.49
CA ILE O 163 -47.63 -35.87 -18.74
C ILE O 163 -47.81 -36.79 -19.96
N LEU O 164 -47.79 -38.09 -19.73
CA LEU O 164 -48.01 -39.09 -20.77
C LEU O 164 -49.48 -39.33 -21.03
N PRO O 165 -49.78 -39.64 -22.29
CA PRO O 165 -51.14 -39.88 -22.78
C PRO O 165 -52.10 -40.45 -21.77
N ILE O 166 -53.36 -40.55 -22.16
CA ILE O 166 -54.40 -41.08 -21.30
C ILE O 166 -54.16 -42.56 -21.03
N LYS O 167 -53.27 -43.18 -21.80
CA LYS O 167 -53.00 -44.59 -21.59
C LYS O 167 -51.74 -44.86 -20.78
N GLN O 168 -50.61 -44.16 -21.03
CA GLN O 168 -49.38 -44.73 -20.51
C GLN O 168 -49.30 -44.73 -18.97
N THR O 169 -50.33 -44.25 -18.29
CA THR O 169 -50.26 -44.12 -16.82
C THR O 169 -51.11 -45.11 -16.03
N VAL O 170 -52.01 -45.82 -16.69
CA VAL O 170 -52.91 -46.73 -15.98
C VAL O 170 -52.24 -47.42 -14.80
N CYS O 171 -51.09 -48.04 -15.04
CA CYS O 171 -50.36 -48.74 -13.99
C CYS O 171 -50.00 -47.82 -12.82
N HIS O 172 -49.63 -46.58 -13.12
CA HIS O 172 -49.26 -45.62 -12.08
C HIS O 172 -50.44 -45.27 -11.18
N HIS O 173 -51.59 -45.01 -11.78
CA HIS O 173 -52.81 -44.72 -11.04
C HIS O 173 -53.29 -45.93 -10.28
N ASP O 174 -53.26 -47.09 -10.94
CA ASP O 174 -53.67 -48.33 -10.29
C ASP O 174 -52.93 -48.49 -8.99
N MET O 175 -51.63 -48.19 -9.03
CA MET O 175 -50.77 -48.30 -7.86
C MET O 175 -51.03 -47.20 -6.83
N LEU O 176 -51.26 -45.97 -7.29
CA LEU O 176 -51.58 -44.87 -6.39
C LEU O 176 -52.90 -45.16 -5.67
N LYS O 177 -53.91 -45.57 -6.44
CA LYS O 177 -55.20 -45.90 -5.86
C LYS O 177 -55.01 -46.96 -4.78
N TYR O 178 -54.29 -48.02 -5.12
CA TYR O 178 -54.06 -49.10 -4.17
C TYR O 178 -53.48 -48.60 -2.85
N PHE O 179 -52.33 -47.95 -2.90
CA PHE O 179 -51.61 -47.59 -1.68
C PHE O 179 -52.15 -46.36 -0.94
N LEU O 180 -52.91 -45.51 -1.63
CA LEU O 180 -53.55 -44.42 -0.93
C LEU O 180 -54.55 -45.02 0.06
N ARG O 181 -55.20 -46.09 -0.40
CA ARG O 181 -56.21 -46.80 0.37
C ARG O 181 -55.61 -47.47 1.60
N MET O 182 -54.51 -48.20 1.39
CA MET O 182 -53.92 -49.01 2.44
C MET O 182 -52.98 -48.21 3.34
N ILE O 183 -52.57 -47.04 2.86
CA ILE O 183 -51.68 -46.15 3.61
C ILE O 183 -52.18 -44.72 3.46
N PRO O 184 -53.32 -44.40 4.11
CA PRO O 184 -54.00 -43.11 3.91
C PRO O 184 -53.14 -41.98 4.40
N SER O 185 -52.21 -42.29 5.29
CA SER O 185 -51.31 -41.29 5.86
C SER O 185 -50.35 -40.72 4.82
N SER O 186 -50.23 -41.42 3.69
CA SER O 186 -49.27 -41.00 2.68
C SER O 186 -49.74 -39.72 1.98
N MET O 187 -51.06 -39.52 1.91
CA MET O 187 -51.64 -38.36 1.22
C MET O 187 -50.87 -37.05 1.44
N GLY O 188 -50.20 -36.96 2.57
CA GLY O 188 -49.40 -35.79 2.91
C GLY O 188 -48.29 -35.48 1.94
N PHE O 189 -47.24 -36.30 1.96
CA PHE O 189 -46.06 -36.04 1.14
C PHE O 189 -46.37 -36.18 -0.34
N ILE O 190 -47.28 -37.08 -0.66
CA ILE O 190 -47.64 -37.32 -2.06
C ILE O 190 -48.41 -36.12 -2.64
N ASP O 191 -49.10 -35.39 -1.77
CA ASP O 191 -49.70 -34.12 -2.18
C ASP O 191 -48.64 -33.10 -2.56
N THR O 192 -47.60 -32.97 -1.75
CA THR O 192 -46.49 -32.09 -2.08
C THR O 192 -45.83 -32.49 -3.40
N TYR O 193 -45.85 -33.78 -3.73
CA TYR O 193 -45.35 -34.24 -5.01
C TYR O 193 -46.16 -33.61 -6.14
N LEU O 194 -47.48 -33.60 -5.97
CA LEU O 194 -48.36 -32.91 -6.91
C LEU O 194 -47.85 -31.51 -7.20
N ALA O 195 -47.37 -30.83 -6.16
CA ALA O 195 -46.77 -29.51 -6.32
C ALA O 195 -45.43 -29.62 -7.06
N LYS O 196 -44.47 -30.25 -6.40
CA LYS O 196 -43.12 -30.39 -6.92
C LYS O 196 -43.03 -30.65 -8.42
N PHE O 197 -43.82 -31.56 -8.93
CA PHE O 197 -43.59 -32.06 -10.28
C PHE O 197 -44.46 -31.43 -11.35
N PHE O 198 -45.27 -30.44 -10.99
CA PHE O 198 -46.01 -29.70 -12.00
C PHE O 198 -45.05 -29.09 -13.04
N PRO O 199 -45.29 -29.12 -14.22
CA PRO O 199 -44.42 -28.50 -15.22
C PRO O 199 -44.59 -26.98 -15.18
N ASN O 200 -43.50 -26.25 -15.43
CA ASN O 200 -43.61 -24.80 -15.51
C ASN O 200 -44.28 -24.37 -16.81
N LYS O 201 -44.73 -23.12 -16.83
CA LYS O 201 -45.40 -22.57 -17.99
C LYS O 201 -44.46 -22.55 -19.20
N ASN O 202 -43.18 -22.34 -18.93
CA ASN O 202 -42.18 -22.32 -19.99
C ASN O 202 -41.93 -23.72 -20.54
N ASP O 203 -42.03 -24.71 -19.67
CA ASP O 203 -41.71 -26.09 -20.04
C ASP O 203 -42.59 -26.57 -21.21
N THR O 204 -42.21 -27.69 -21.82
CA THR O 204 -42.87 -28.13 -23.05
C THR O 204 -44.37 -28.35 -22.88
N ARG O 205 -45.13 -28.02 -23.91
CA ARG O 205 -46.58 -28.18 -23.86
C ARG O 205 -46.97 -29.63 -23.58
N ARG O 206 -46.28 -30.56 -24.23
CA ARG O 206 -46.55 -31.98 -24.03
C ARG O 206 -46.37 -32.37 -22.55
N LYS O 207 -45.38 -31.76 -21.89
CA LYS O 207 -45.21 -31.95 -20.46
C LYS O 207 -46.44 -31.44 -19.71
N LEU O 208 -46.83 -30.20 -19.98
CA LEU O 208 -48.00 -29.59 -19.30
C LEU O 208 -49.25 -30.40 -19.57
N VAL O 209 -49.53 -30.65 -20.86
CA VAL O 209 -50.77 -31.33 -21.22
C VAL O 209 -50.84 -32.74 -20.64
N ASN O 210 -49.69 -33.38 -20.53
CA ASN O 210 -49.62 -34.70 -19.90
C ASN O 210 -49.90 -34.62 -18.40
N TYR O 211 -49.17 -33.74 -17.73
CA TYR O 211 -49.26 -33.65 -16.29
C TYR O 211 -50.67 -33.25 -15.82
N THR O 212 -51.53 -32.82 -16.74
CA THR O 212 -52.91 -32.52 -16.36
C THR O 212 -53.76 -33.72 -16.70
N SER O 213 -53.45 -34.35 -17.83
CA SER O 213 -54.13 -35.59 -18.19
C SER O 213 -54.07 -36.62 -17.04
N ASN O 214 -52.90 -36.73 -16.41
CA ASN O 214 -52.70 -37.67 -15.30
C ASN O 214 -53.45 -37.24 -14.05
N LEU O 215 -53.37 -35.96 -13.73
CA LEU O 215 -54.05 -35.44 -12.55
C LEU O 215 -55.55 -35.70 -12.63
N LEU O 216 -56.10 -35.59 -13.83
CA LEU O 216 -57.51 -35.92 -14.04
C LEU O 216 -57.74 -37.42 -13.78
N LYS O 217 -56.83 -38.24 -14.28
CA LYS O 217 -56.92 -39.67 -14.07
C LYS O 217 -56.85 -40.01 -12.61
N LEU O 218 -55.92 -39.34 -11.90
CA LEU O 218 -55.74 -39.55 -10.48
C LEU O 218 -57.03 -39.21 -9.75
N ARG O 219 -57.61 -38.07 -10.12
CA ARG O 219 -58.85 -37.61 -9.51
C ARG O 219 -59.91 -38.69 -9.47
N GLY O 220 -59.91 -39.55 -10.48
CA GLY O 220 -60.93 -40.56 -10.67
C GLY O 220 -60.81 -41.84 -9.86
N TYR O 221 -59.90 -41.85 -8.89
CA TYR O 221 -59.77 -43.00 -8.00
C TYR O 221 -59.30 -42.57 -6.61
N CYS O 222 -58.96 -41.30 -6.48
CA CYS O 222 -58.65 -40.72 -5.18
C CYS O 222 -59.38 -39.40 -5.03
N SER O 223 -60.68 -39.49 -4.74
CA SER O 223 -61.58 -38.35 -4.70
C SER O 223 -61.20 -37.27 -3.67
N GLU O 224 -60.64 -37.72 -2.56
CA GLU O 224 -60.29 -36.88 -1.42
C GLU O 224 -59.19 -35.89 -1.73
N LEU O 225 -58.17 -36.35 -2.43
CA LEU O 225 -56.92 -35.62 -2.57
C LEU O 225 -57.24 -34.32 -3.27
N GLY O 226 -58.13 -34.43 -4.25
CA GLY O 226 -58.87 -33.32 -4.82
C GLY O 226 -58.30 -31.92 -4.65
N PHE O 227 -58.00 -31.50 -3.42
CA PHE O 227 -57.82 -30.08 -3.23
C PHE O 227 -56.51 -29.62 -3.87
N GLN O 228 -55.43 -30.33 -3.52
CA GLN O 228 -54.10 -30.00 -4.03
C GLN O 228 -54.11 -29.98 -5.55
N ILE O 229 -54.78 -30.95 -6.14
CA ILE O 229 -54.99 -30.97 -7.59
C ILE O 229 -55.66 -29.67 -8.04
N TRP O 230 -56.87 -29.43 -7.56
CA TRP O 230 -57.58 -28.23 -7.96
C TRP O 230 -56.74 -26.98 -7.74
N SER O 231 -55.94 -26.98 -6.67
CA SER O 231 -55.06 -25.84 -6.42
C SER O 231 -54.00 -25.70 -7.51
N LEU O 232 -53.55 -26.83 -8.05
CA LEU O 232 -52.51 -26.83 -9.07
C LEU O 232 -53.09 -26.29 -10.37
N LEU O 233 -54.20 -26.87 -10.80
CA LEU O 233 -54.87 -26.40 -12.01
C LEU O 233 -55.16 -24.91 -11.96
N ILE O 234 -55.77 -24.46 -10.86
CA ILE O 234 -56.10 -23.04 -10.66
C ILE O 234 -54.83 -22.20 -10.72
N GLU O 235 -53.85 -22.51 -9.86
CA GLU O 235 -52.58 -21.81 -9.87
C GLU O 235 -51.98 -21.68 -11.27
N LYS O 236 -52.06 -22.75 -12.05
CA LYS O 236 -51.49 -22.77 -13.38
C LYS O 236 -52.31 -21.96 -14.39
N ILE O 237 -53.63 -22.10 -14.35
CA ILE O 237 -54.50 -21.33 -15.26
C ILE O 237 -54.39 -19.83 -15.01
N ILE O 238 -54.24 -19.41 -13.75
CA ILE O 238 -54.09 -17.99 -13.47
C ILE O 238 -52.83 -17.47 -14.11
N SER O 239 -51.78 -18.30 -14.08
CA SER O 239 -50.51 -17.98 -14.72
C SER O 239 -50.72 -17.65 -16.20
N ILE O 240 -51.51 -18.48 -16.87
CA ILE O 240 -51.81 -18.27 -18.28
C ILE O 240 -52.64 -17.02 -18.52
N ASP O 241 -53.68 -16.83 -17.72
CA ASP O 241 -54.56 -15.66 -17.87
C ASP O 241 -53.79 -14.38 -17.64
N VAL O 242 -53.15 -14.29 -16.48
CA VAL O 242 -52.31 -13.15 -16.16
C VAL O 242 -51.32 -12.82 -17.27
N GLU O 243 -50.52 -13.80 -17.67
CA GLU O 243 -49.54 -13.58 -18.73
C GLU O 243 -50.17 -13.11 -20.04
N LEU O 244 -51.24 -13.77 -20.46
CA LEU O 244 -51.93 -13.36 -21.68
C LEU O 244 -52.34 -11.88 -21.62
N GLN O 245 -52.87 -11.45 -20.48
CA GLN O 245 -53.22 -10.05 -20.33
C GLN O 245 -51.99 -9.16 -20.47
N ASN O 246 -51.05 -9.27 -19.55
CA ASN O 246 -49.82 -8.49 -19.63
C ASN O 246 -49.26 -8.41 -21.05
N GLU O 247 -49.16 -9.56 -21.72
CA GLU O 247 -48.70 -9.59 -23.10
C GLU O 247 -49.64 -8.84 -24.04
N LEU O 248 -50.85 -8.55 -23.56
CA LEU O 248 -51.83 -7.86 -24.40
C LEU O 248 -51.91 -6.36 -24.11
N GLY O 324 -43.86 -16.02 -29.71
CA GLY O 324 -44.01 -17.08 -28.75
C GLY O 324 -45.49 -17.14 -28.45
N ILE O 325 -46.05 -16.05 -27.89
CA ILE O 325 -47.49 -15.82 -27.75
C ILE O 325 -48.42 -16.80 -28.50
N LYS O 326 -48.10 -17.12 -29.74
CA LYS O 326 -48.83 -18.18 -30.46
C LYS O 326 -48.81 -19.49 -29.66
N GLU O 327 -47.77 -19.67 -28.86
CA GLU O 327 -47.62 -20.86 -28.04
C GLU O 327 -48.67 -20.88 -26.94
N LEU O 328 -48.58 -19.88 -26.05
CA LEU O 328 -49.46 -19.80 -24.90
C LEU O 328 -50.92 -19.92 -25.31
N SER O 329 -51.26 -19.30 -26.44
CA SER O 329 -52.60 -19.46 -27.00
C SER O 329 -53.03 -20.93 -27.04
N THR O 330 -52.36 -21.73 -27.87
CA THR O 330 -52.72 -23.12 -28.04
C THR O 330 -52.48 -23.97 -26.79
N LYS O 331 -51.55 -23.54 -25.93
CA LYS O 331 -51.40 -24.16 -24.61
C LYS O 331 -52.66 -23.93 -23.80
N LEU O 332 -52.80 -22.70 -23.31
CA LEU O 332 -53.96 -22.27 -22.54
C LEU O 332 -55.26 -22.73 -23.19
N ASP O 333 -55.29 -22.80 -24.53
CA ASP O 333 -56.47 -23.31 -25.22
C ASP O 333 -56.68 -24.80 -24.97
N SER O 334 -55.61 -25.59 -25.15
CA SER O 334 -55.70 -27.03 -24.93
C SER O 334 -56.07 -27.36 -23.48
N ILE O 335 -55.56 -26.57 -22.54
CA ILE O 335 -55.84 -26.79 -21.13
C ILE O 335 -57.30 -26.50 -20.77
N LEU O 336 -57.79 -25.31 -21.11
CA LEU O 336 -59.16 -24.93 -20.76
C LEU O 336 -60.20 -25.83 -21.41
N THR O 337 -60.03 -26.10 -22.70
CA THR O 337 -60.99 -26.94 -23.40
C THR O 337 -61.09 -28.28 -22.69
N LEU O 338 -59.96 -28.80 -22.24
CA LEU O 338 -59.96 -30.01 -21.43
C LEU O 338 -60.77 -29.80 -20.13
N VAL O 339 -60.28 -28.92 -19.27
CA VAL O 339 -60.94 -28.65 -18.00
C VAL O 339 -62.45 -28.56 -18.13
N SER O 340 -62.90 -27.70 -19.03
CA SER O 340 -64.34 -27.49 -19.17
C SER O 340 -65.14 -28.70 -19.66
N THR O 341 -64.51 -29.57 -20.46
CA THR O 341 -65.25 -30.73 -20.95
C THR O 341 -65.36 -31.77 -19.84
N HIS O 342 -64.33 -31.84 -19.01
CA HIS O 342 -64.35 -32.72 -17.85
C HIS O 342 -65.40 -32.25 -16.87
N VAL O 343 -65.57 -30.94 -16.79
CA VAL O 343 -66.56 -30.35 -15.90
C VAL O 343 -67.97 -30.52 -16.46
N GLU O 344 -68.11 -30.43 -17.78
CA GLU O 344 -69.40 -30.67 -18.42
C GLU O 344 -69.90 -32.06 -18.09
N GLU O 345 -68.95 -33.00 -17.95
CA GLU O 345 -69.27 -34.39 -17.60
C GLU O 345 -69.49 -34.56 -16.10
N GLN O 346 -68.46 -34.15 -15.37
CA GLN O 346 -68.21 -34.53 -13.98
C GLN O 346 -69.25 -33.96 -13.04
N VAL O 347 -69.61 -32.70 -13.29
CA VAL O 347 -70.75 -32.12 -12.61
C VAL O 347 -71.94 -32.32 -13.52
N THR O 348 -72.89 -33.10 -13.04
CA THR O 348 -74.03 -33.51 -13.84
C THR O 348 -75.18 -33.75 -12.90
N PRO O 349 -76.44 -33.61 -13.37
CA PRO O 349 -77.58 -33.62 -12.44
C PRO O 349 -77.59 -34.87 -11.59
N GLU O 350 -77.40 -36.02 -12.25
CA GLU O 350 -77.26 -37.30 -11.57
C GLU O 350 -76.20 -37.16 -10.49
N SER O 351 -75.05 -36.65 -10.91
CA SER O 351 -73.90 -36.45 -10.03
C SER O 351 -74.13 -35.36 -8.98
N LEU O 352 -75.15 -34.54 -9.16
CA LEU O 352 -75.36 -33.43 -8.26
C LEU O 352 -76.24 -33.82 -7.08
N GLU O 353 -77.19 -34.72 -7.30
CA GLU O 353 -78.05 -35.17 -6.22
C GLU O 353 -77.33 -36.16 -5.30
N SER O 354 -76.74 -37.19 -5.88
CA SER O 354 -76.08 -38.23 -5.08
C SER O 354 -74.57 -38.21 -5.22
N GLY O 355 -74.02 -37.21 -5.89
CA GLY O 355 -72.63 -37.29 -6.28
C GLY O 355 -71.67 -36.27 -5.70
N GLU O 356 -70.44 -36.36 -6.16
CA GLU O 356 -69.37 -35.47 -5.77
C GLU O 356 -69.23 -34.36 -6.80
N GLY O 357 -70.14 -34.35 -7.77
CA GLY O 357 -70.23 -33.21 -8.65
C GLY O 357 -70.61 -31.97 -7.88
N VAL O 358 -71.57 -32.07 -6.98
CA VAL O 358 -71.99 -30.91 -6.18
C VAL O 358 -70.87 -30.41 -5.27
N GLY O 359 -70.18 -31.34 -4.63
CA GLY O 359 -69.06 -31.00 -3.78
C GLY O 359 -67.96 -30.36 -4.60
N VAL O 360 -67.73 -30.91 -5.79
CA VAL O 360 -66.67 -30.43 -6.63
C VAL O 360 -67.03 -29.00 -6.98
N PHE O 361 -68.30 -28.78 -7.27
CA PHE O 361 -68.74 -27.49 -7.72
C PHE O 361 -68.50 -26.50 -6.59
N ASN O 362 -68.85 -26.88 -5.36
CA ASN O 362 -68.68 -25.93 -4.27
C ASN O 362 -67.21 -25.59 -4.09
N THR O 363 -66.36 -26.62 -4.11
CA THR O 363 -64.96 -26.38 -3.80
C THR O 363 -64.41 -25.48 -4.89
N LEU O 364 -64.80 -25.79 -6.12
CA LEU O 364 -64.23 -25.13 -7.27
C LEU O 364 -64.63 -23.69 -7.18
N THR O 365 -65.88 -23.45 -6.82
CA THR O 365 -66.43 -22.11 -6.81
C THR O 365 -65.66 -21.31 -5.79
N THR O 366 -65.45 -21.89 -4.60
CA THR O 366 -64.78 -21.11 -3.57
C THR O 366 -63.38 -20.77 -4.03
N LEU O 367 -62.69 -21.76 -4.57
CA LEU O 367 -61.29 -21.57 -4.88
C LEU O 367 -61.21 -20.49 -5.95
N PHE O 368 -62.12 -20.61 -6.90
CA PHE O 368 -62.10 -19.81 -8.09
C PHE O 368 -62.31 -18.39 -7.64
N LYS O 369 -63.30 -18.17 -6.78
CA LYS O 369 -63.66 -16.81 -6.44
C LYS O 369 -62.43 -16.23 -5.78
N THR O 370 -61.86 -17.02 -4.87
CA THR O 370 -60.84 -16.47 -4.02
C THR O 370 -59.67 -16.02 -4.87
N HIS O 371 -59.25 -16.88 -5.80
CA HIS O 371 -58.10 -16.51 -6.64
C HIS O 371 -58.45 -15.37 -7.60
N VAL O 372 -59.58 -15.55 -8.25
CA VAL O 372 -60.23 -14.55 -9.09
C VAL O 372 -60.73 -13.39 -8.28
N LEU O 373 -61.34 -13.66 -7.14
CA LEU O 373 -61.85 -12.56 -6.32
C LEU O 373 -60.84 -11.41 -6.18
N PRO O 374 -59.58 -11.78 -5.92
CA PRO O 374 -58.36 -11.00 -5.77
C PRO O 374 -57.54 -11.07 -7.05
N THR O 375 -58.09 -11.72 -8.09
CA THR O 375 -57.38 -11.84 -9.36
C THR O 375 -57.20 -10.44 -9.89
N TYR O 376 -56.02 -10.16 -10.43
CA TYR O 376 -55.77 -8.81 -10.89
C TYR O 376 -55.74 -8.57 -12.40
N TYR O 377 -56.62 -7.69 -12.83
CA TYR O 377 -56.68 -7.22 -14.20
C TYR O 377 -56.18 -8.29 -15.17
N THR O 378 -57.03 -9.26 -15.46
CA THR O 378 -56.67 -10.35 -16.37
C THR O 378 -57.85 -11.28 -16.59
N ARG O 379 -58.07 -11.66 -17.85
CA ARG O 379 -59.17 -12.56 -18.19
C ARG O 379 -58.67 -13.73 -19.05
N SER O 380 -59.04 -14.94 -18.64
CA SER O 380 -58.63 -16.14 -19.36
C SER O 380 -58.94 -17.40 -18.56
N ILE O 381 -59.27 -17.21 -17.28
CA ILE O 381 -59.59 -18.33 -16.39
C ILE O 381 -60.95 -18.14 -15.74
N GLN O 382 -61.27 -16.90 -15.38
CA GLN O 382 -62.53 -16.59 -14.74
C GLN O 382 -63.71 -17.12 -15.56
N TYR O 383 -63.46 -17.36 -16.85
CA TYR O 383 -64.49 -17.87 -17.75
C TYR O 383 -64.91 -19.29 -17.36
N ILE O 384 -63.94 -20.07 -16.89
CA ILE O 384 -64.20 -21.44 -16.49
C ILE O 384 -65.49 -21.45 -15.68
N MET O 385 -65.60 -20.52 -14.74
CA MET O 385 -66.82 -20.36 -13.96
C MET O 385 -67.97 -19.78 -14.76
N PHE O 386 -67.68 -18.90 -15.72
CA PHE O 386 -68.72 -18.34 -16.54
C PHE O 386 -69.43 -19.49 -17.23
N HIS O 387 -68.65 -20.48 -17.63
CA HIS O 387 -69.10 -21.52 -18.53
C HIS O 387 -69.72 -22.73 -17.84
N VAL O 388 -69.09 -23.21 -16.77
CA VAL O 388 -69.64 -24.34 -16.05
C VAL O 388 -70.97 -23.96 -15.43
N SER O 389 -70.99 -22.81 -14.76
CA SER O 389 -72.20 -22.13 -14.30
C SER O 389 -73.44 -22.40 -15.15
N GLN O 390 -73.31 -22.14 -16.45
CA GLN O 390 -74.46 -22.13 -17.32
C GLN O 390 -74.82 -23.50 -17.90
N GLN O 391 -74.23 -24.54 -17.32
CA GLN O 391 -74.63 -25.89 -17.70
C GLN O 391 -76.03 -26.23 -17.19
N GLN O 392 -76.27 -25.94 -15.91
CA GLN O 392 -77.56 -26.22 -15.25
C GLN O 392 -78.09 -25.06 -14.39
N LEU O 393 -79.42 -24.92 -14.36
CA LEU O 393 -80.03 -23.83 -13.62
C LEU O 393 -79.51 -23.64 -12.20
N GLU O 394 -79.27 -24.72 -11.48
CA GLU O 394 -78.82 -24.58 -10.10
C GLU O 394 -77.37 -24.16 -10.01
N LEU O 395 -76.60 -24.50 -11.04
CA LEU O 395 -75.20 -24.13 -11.01
C LEU O 395 -75.15 -22.62 -11.10
N MET O 396 -75.97 -22.07 -11.98
CA MET O 396 -76.13 -20.63 -12.04
C MET O 396 -76.58 -20.07 -10.69
N ASP O 397 -77.68 -20.61 -10.16
CA ASP O 397 -78.27 -20.09 -8.93
C ASP O 397 -77.22 -19.92 -7.84
N SER O 398 -76.73 -21.04 -7.31
CA SER O 398 -75.99 -21.03 -6.06
C SER O 398 -74.71 -20.21 -6.20
N PHE O 399 -74.03 -20.35 -7.32
CA PHE O 399 -72.81 -19.61 -7.56
C PHE O 399 -73.12 -18.11 -7.57
N LEU O 400 -74.22 -17.74 -8.19
CA LEU O 400 -74.65 -16.35 -8.24
C LEU O 400 -74.94 -15.81 -6.85
N VAL O 401 -75.60 -16.61 -6.03
CA VAL O 401 -75.89 -16.21 -4.65
C VAL O 401 -74.59 -16.01 -3.86
N THR O 402 -73.57 -16.80 -4.18
CA THR O 402 -72.27 -16.58 -3.55
C THR O 402 -71.71 -15.20 -3.90
N LEU O 403 -71.89 -14.79 -5.15
CA LEU O 403 -71.49 -13.46 -5.60
C LEU O 403 -72.25 -12.35 -4.87
N ILE O 404 -73.54 -12.57 -4.65
CA ILE O 404 -74.35 -11.64 -3.88
C ILE O 404 -73.84 -11.54 -2.45
N ASP O 405 -73.45 -12.67 -1.88
CA ASP O 405 -72.85 -12.69 -0.55
C ASP O 405 -71.55 -11.89 -0.52
N ILE O 406 -70.77 -12.02 -1.59
CA ILE O 406 -69.55 -11.22 -1.74
C ILE O 406 -69.83 -9.72 -1.81
N SER O 407 -70.90 -9.35 -2.51
CA SER O 407 -71.05 -7.97 -2.98
C SER O 407 -71.15 -6.96 -1.84
N PHE O 408 -71.86 -7.34 -0.79
CA PHE O 408 -72.44 -6.40 0.17
C PHE O 408 -72.10 -6.80 1.60
N ALA O 409 -71.04 -7.57 1.76
CA ALA O 409 -70.36 -7.69 3.05
C ALA O 409 -69.73 -6.36 3.47
N VAL O 410 -69.92 -5.96 4.72
CA VAL O 410 -69.35 -4.71 5.19
C VAL O 410 -67.80 -4.67 5.17
N ASN O 411 -67.19 -5.79 5.53
CA ASN O 411 -65.73 -5.95 5.63
C ASN O 411 -64.84 -5.83 4.37
N GLU O 412 -65.32 -6.30 3.23
CA GLU O 412 -64.49 -6.33 2.01
C GLU O 412 -63.91 -5.03 1.43
N ALA O 413 -62.67 -5.17 0.95
CA ALA O 413 -61.87 -4.13 0.32
C ALA O 413 -62.73 -3.29 -0.59
N ALA O 414 -62.56 -1.96 -0.52
CA ALA O 414 -63.31 -1.07 -1.39
C ALA O 414 -63.13 -1.55 -2.83
N GLU O 415 -62.06 -2.31 -3.05
CA GLU O 415 -61.74 -2.87 -4.35
C GLU O 415 -62.36 -4.26 -4.52
N LYS O 416 -62.60 -5.00 -3.44
CA LYS O 416 -63.18 -6.31 -3.65
C LYS O 416 -64.66 -6.16 -4.03
N LYS O 417 -65.37 -5.30 -3.30
CA LYS O 417 -66.79 -5.05 -3.58
C LYS O 417 -67.03 -4.50 -4.98
N ILE O 418 -66.10 -3.66 -5.43
CA ILE O 418 -66.20 -3.10 -6.78
C ILE O 418 -65.91 -4.15 -7.87
N LYS O 419 -64.93 -5.02 -7.63
CA LYS O 419 -64.60 -6.09 -8.58
C LYS O 419 -65.77 -7.06 -8.72
N SER O 420 -66.34 -7.46 -7.58
CA SER O 420 -67.50 -8.35 -7.58
C SER O 420 -68.64 -7.75 -8.38
N LEU O 421 -68.90 -6.46 -8.14
CA LEU O 421 -69.98 -5.76 -8.83
C LEU O 421 -69.76 -5.70 -10.33
N GLN O 422 -68.52 -5.55 -10.76
CA GLN O 422 -68.23 -5.68 -12.17
C GLN O 422 -68.52 -7.11 -12.62
N TYR O 423 -68.05 -8.11 -11.86
CA TYR O 423 -68.33 -9.50 -12.20
C TYR O 423 -69.83 -9.70 -12.30
N LEU O 424 -70.53 -9.26 -11.27
CA LEU O 424 -71.98 -9.42 -11.19
C LEU O 424 -72.70 -8.90 -12.41
N GLY O 425 -72.39 -7.66 -12.80
CA GLY O 425 -73.02 -7.03 -13.94
C GLY O 425 -72.66 -7.68 -15.27
N SER O 426 -71.38 -7.98 -15.45
CA SER O 426 -70.93 -8.69 -16.64
C SER O 426 -71.63 -10.04 -16.80
N TYR O 427 -71.71 -10.77 -15.69
CA TYR O 427 -72.32 -12.10 -15.68
C TYR O 427 -73.77 -12.09 -16.12
N ILE O 428 -74.60 -11.32 -15.42
CA ILE O 428 -76.02 -11.22 -15.76
C ILE O 428 -76.23 -10.90 -17.23
N ALA O 429 -75.34 -10.06 -17.77
CA ALA O 429 -75.48 -9.53 -19.13
C ALA O 429 -75.23 -10.63 -20.13
N ARG O 430 -74.17 -11.42 -19.86
CA ARG O 430 -73.62 -12.34 -20.84
C ARG O 430 -74.15 -13.77 -20.80
N ALA O 431 -74.39 -14.28 -19.60
CA ALA O 431 -74.90 -15.63 -19.43
C ALA O 431 -75.98 -15.96 -20.46
N LYS O 432 -76.37 -17.23 -20.52
CA LYS O 432 -77.39 -17.67 -21.47
C LYS O 432 -78.39 -18.60 -20.79
N LYS O 433 -77.92 -19.38 -19.83
CA LYS O 433 -78.77 -20.32 -19.11
C LYS O 433 -79.43 -19.65 -17.90
N LEU O 434 -79.91 -18.42 -18.11
CA LEU O 434 -80.57 -17.67 -17.04
C LEU O 434 -82.11 -17.85 -16.98
N SER O 435 -82.69 -17.71 -15.78
CA SER O 435 -84.06 -17.28 -15.66
C SER O 435 -84.01 -15.76 -15.80
N ARG O 436 -84.96 -15.22 -16.55
CA ARG O 436 -85.04 -13.78 -16.70
C ARG O 436 -85.29 -13.25 -15.31
N THR O 437 -86.09 -14.01 -14.57
CA THR O 437 -86.74 -13.52 -13.35
C THR O 437 -85.94 -13.78 -12.07
N GLN O 438 -85.17 -14.85 -12.03
CA GLN O 438 -84.36 -15.05 -10.84
C GLN O 438 -83.34 -13.92 -10.80
N ILE O 439 -82.84 -13.53 -11.98
CA ILE O 439 -81.88 -12.43 -12.07
C ILE O 439 -82.51 -11.10 -11.66
N ILE O 440 -83.55 -10.69 -12.35
CA ILE O 440 -83.96 -9.29 -12.36
C ILE O 440 -84.38 -8.83 -10.96
N PHE O 441 -85.10 -9.68 -10.25
CA PHE O 441 -85.69 -9.30 -8.97
C PHE O 441 -84.61 -8.97 -7.94
N VAL O 442 -83.54 -9.76 -7.94
CA VAL O 442 -82.42 -9.53 -7.04
C VAL O 442 -81.75 -8.19 -7.34
N ALA O 443 -81.61 -7.88 -8.62
CA ALA O 443 -81.05 -6.60 -9.03
C ALA O 443 -81.93 -5.45 -8.55
N SER O 444 -83.24 -5.62 -8.66
CA SER O 444 -84.19 -4.62 -8.18
C SER O 444 -84.04 -4.42 -6.68
N TYR O 445 -83.86 -5.52 -5.95
CA TYR O 445 -83.65 -5.46 -4.50
C TYR O 445 -82.38 -4.70 -4.18
N LEU O 446 -81.33 -4.95 -4.97
CA LEU O 446 -80.06 -4.25 -4.80
C LEU O 446 -80.24 -2.75 -5.03
N THR O 447 -81.04 -2.41 -6.04
CA THR O 447 -81.35 -1.01 -6.32
C THR O 447 -82.09 -0.36 -5.16
N SER O 448 -83.03 -1.10 -4.58
CA SER O 448 -83.67 -0.66 -3.33
C SER O 448 -82.66 -0.56 -2.19
N TRP O 449 -81.76 -1.55 -2.12
CA TRP O 449 -80.43 -1.36 -1.55
C TRP O 449 -79.82 -0.01 -1.94
N LEU O 450 -80.15 0.47 -3.14
CA LEU O 450 -79.60 1.73 -3.65
C LEU O 450 -80.24 2.93 -2.97
N ASN O 451 -81.57 2.92 -2.89
CA ASN O 451 -82.32 3.98 -2.22
C ASN O 451 -81.84 4.19 -0.79
N ARG O 452 -81.51 3.09 -0.12
CA ARG O 452 -81.00 3.18 1.23
C ARG O 452 -79.62 3.83 1.27
N TYR O 453 -78.75 3.45 0.32
CA TYR O 453 -77.38 3.96 0.27
C TYR O 453 -77.37 5.48 0.18
N VAL O 454 -78.15 5.99 -0.75
CA VAL O 454 -78.26 7.43 -0.97
C VAL O 454 -78.88 8.14 0.24
N ILE O 455 -79.90 7.54 0.84
CA ILE O 455 -80.54 8.10 2.02
C ILE O 455 -79.62 8.16 3.24
N GLU O 456 -78.82 7.11 3.42
CA GLU O 456 -77.92 7.06 4.55
C GLU O 456 -76.59 7.62 4.07
N ARG O 457 -76.64 8.57 3.13
CA ARG O 457 -75.38 9.11 2.65
C ARG O 457 -75.33 10.35 1.74
N GLU O 458 -76.42 10.94 1.25
CA GLU O 458 -76.08 12.11 0.41
C GLU O 458 -75.58 13.30 1.22
N GLU O 459 -76.39 13.49 2.28
CA GLU O 459 -76.20 14.43 3.39
C GLU O 459 -74.79 14.13 3.87
N GLU O 460 -74.40 12.86 3.68
CA GLU O 460 -73.11 12.30 3.78
C GLU O 460 -72.70 12.91 2.44
N VAL O 461 -73.72 13.33 1.62
CA VAL O 461 -73.20 14.02 0.44
C VAL O 461 -72.94 15.51 0.71
N ASP O 462 -73.95 16.21 1.24
CA ASP O 462 -73.78 17.61 1.56
C ASP O 462 -72.91 17.78 2.79
N GLN O 463 -72.47 16.66 3.37
CA GLN O 463 -71.52 16.70 4.47
C GLN O 463 -70.08 16.66 3.94
N ARG O 464 -69.12 16.69 4.86
CA ARG O 464 -67.72 16.88 4.50
C ARG O 464 -67.08 15.64 3.89
N GLY O 465 -66.43 15.83 2.75
CA GLY O 465 -65.84 14.73 2.01
C GLY O 465 -66.07 15.00 0.54
N GLY O 466 -65.77 14.02 -0.31
CA GLY O 466 -65.97 14.18 -1.73
C GLY O 466 -66.88 13.09 -2.28
N MET O 467 -67.22 13.17 -3.56
CA MET O 467 -68.05 12.14 -4.17
C MET O 467 -67.33 10.80 -4.29
N GLU O 468 -66.02 10.78 -4.05
CA GLU O 468 -65.29 9.52 -4.11
C GLU O 468 -65.70 8.60 -2.97
N ARG O 469 -66.06 9.18 -1.83
CA ARG O 469 -66.58 8.41 -0.71
C ARG O 469 -67.58 7.37 -1.20
N PHE O 470 -68.08 7.57 -2.41
CA PHE O 470 -69.16 6.74 -2.94
C PHE O 470 -68.80 5.97 -4.21
N LYS O 471 -67.50 5.74 -4.44
CA LYS O 471 -67.02 4.91 -5.56
C LYS O 471 -67.91 3.69 -5.71
N HIS O 472 -68.04 2.97 -4.61
CA HIS O 472 -68.71 1.69 -4.55
C HIS O 472 -70.17 1.80 -5.01
N PHE O 473 -70.82 2.91 -4.67
CA PHE O 473 -72.18 3.14 -5.13
C PHE O 473 -72.26 3.20 -6.65
N TYR O 474 -71.46 4.07 -7.25
CA TYR O 474 -71.41 4.19 -8.71
C TYR O 474 -71.06 2.86 -9.37
N ALA O 475 -70.05 2.19 -8.82
CA ALA O 475 -69.62 0.89 -9.31
C ALA O 475 -70.80 -0.06 -9.47
N ALA O 476 -71.61 -0.19 -8.42
CA ALA O 476 -72.76 -1.07 -8.46
C ALA O 476 -73.84 -0.55 -9.41
N PHE O 477 -74.10 0.75 -9.37
CA PHE O 477 -75.07 1.36 -10.27
C PHE O 477 -74.67 1.21 -11.75
N GLN O 478 -73.38 1.32 -12.03
CA GLN O 478 -72.88 1.02 -13.36
C GLN O 478 -73.25 -0.38 -13.80
N ALA O 479 -72.80 -1.36 -13.02
CA ALA O 479 -73.09 -2.76 -13.29
C ALA O 479 -74.57 -2.96 -13.58
N LEU O 480 -75.43 -2.34 -12.79
CA LEU O 480 -76.87 -2.54 -12.98
C LEU O 480 -77.35 -1.86 -14.25
N CYS O 481 -76.77 -0.71 -14.55
CA CYS O 481 -77.14 -0.01 -15.75
C CYS O 481 -76.69 -0.85 -16.93
N TYR O 482 -75.44 -1.26 -16.87
CA TYR O 482 -74.89 -2.10 -17.90
C TYR O 482 -75.76 -3.32 -18.15
N ILE O 483 -76.18 -3.97 -17.06
CA ILE O 483 -77.01 -5.16 -17.17
C ILE O 483 -78.30 -4.81 -17.89
N PHE O 484 -78.83 -3.62 -17.63
CA PHE O 484 -80.08 -3.18 -18.25
C PHE O 484 -79.90 -2.94 -19.76
N CYS O 485 -78.72 -2.51 -20.15
CA CYS O 485 -78.48 -2.29 -21.57
C CYS O 485 -78.66 -3.58 -22.33
N PHE O 486 -77.95 -4.61 -21.90
CA PHE O 486 -77.94 -5.88 -22.61
C PHE O 486 -79.20 -6.71 -22.46
N ARG O 487 -79.90 -6.52 -21.35
CA ARG O 487 -81.14 -7.27 -21.10
C ARG O 487 -82.38 -6.37 -21.06
N HIS O 488 -82.24 -5.15 -21.55
CA HIS O 488 -83.35 -4.21 -21.57
C HIS O 488 -84.59 -4.90 -22.13
N ASN O 489 -84.68 -4.96 -23.46
CA ASN O 489 -85.80 -5.60 -24.13
C ASN O 489 -86.51 -6.67 -23.28
N ILE O 490 -85.82 -7.18 -22.26
CA ILE O 490 -86.38 -8.18 -21.37
C ILE O 490 -87.23 -7.58 -20.24
N PHE O 491 -86.85 -6.40 -19.77
CA PHE O 491 -87.51 -5.80 -18.61
C PHE O 491 -88.91 -5.23 -18.86
N ARG O 492 -89.44 -5.38 -20.07
CA ARG O 492 -90.83 -5.05 -20.36
C ARG O 492 -91.72 -6.28 -20.24
N ASP O 493 -92.58 -6.30 -19.23
CA ASP O 493 -93.49 -7.44 -19.06
C ASP O 493 -94.61 -7.41 -20.10
N THR O 494 -95.50 -8.40 -20.04
CA THR O 494 -96.52 -8.58 -21.07
C THR O 494 -97.29 -7.29 -21.36
N ASP O 495 -97.62 -6.54 -20.31
CA ASP O 495 -98.38 -5.31 -20.45
C ASP O 495 -97.65 -4.27 -21.29
N GLY O 496 -96.32 -4.27 -21.19
CA GLY O 496 -95.52 -3.20 -21.76
C GLY O 496 -95.04 -2.31 -20.64
N ASN O 497 -95.28 -2.75 -19.41
CA ASN O 497 -94.78 -2.08 -18.23
C ASN O 497 -93.37 -2.54 -17.89
N TRP O 498 -92.69 -1.79 -17.04
CA TRP O 498 -91.29 -2.09 -16.74
C TRP O 498 -91.14 -2.84 -15.42
N GLU O 499 -90.43 -3.97 -15.48
CA GLU O 499 -90.09 -4.67 -14.26
C GLU O 499 -89.23 -3.75 -13.39
N CYS O 500 -89.51 -3.74 -12.08
CA CYS O 500 -88.75 -2.92 -11.15
C CYS O 500 -88.98 -1.42 -11.32
N GLU O 501 -90.06 -1.07 -12.01
CA GLU O 501 -90.39 0.33 -12.25
C GLU O 501 -89.20 1.12 -12.76
N LEU O 502 -88.41 0.48 -13.60
CA LEU O 502 -87.22 1.09 -14.17
C LEU O 502 -87.46 2.52 -14.72
N ASP O 503 -88.64 2.78 -15.27
CA ASP O 503 -88.89 4.12 -15.80
C ASP O 503 -88.81 5.13 -14.68
N LYS O 504 -89.65 4.93 -13.67
CA LYS O 504 -89.66 5.77 -12.48
C LYS O 504 -88.34 5.70 -11.66
N PHE O 505 -87.66 4.54 -11.66
CA PHE O 505 -86.48 4.35 -10.79
C PHE O 505 -85.22 5.06 -11.29
N PHE O 506 -85.01 5.04 -12.59
CA PHE O 506 -83.72 5.49 -13.07
C PHE O 506 -83.66 6.97 -12.87
N GLN O 507 -84.76 7.62 -13.25
CA GLN O 507 -84.88 9.07 -13.14
C GLN O 507 -84.54 9.54 -11.73
N ARG O 508 -85.03 8.82 -10.74
CA ARG O 508 -84.82 9.23 -9.36
C ARG O 508 -83.35 9.28 -8.96
N MET O 509 -82.55 8.41 -9.58
CA MET O 509 -81.16 8.30 -9.21
C MET O 509 -80.42 9.34 -9.97
N VAL O 510 -80.75 9.43 -11.24
CA VAL O 510 -80.16 10.41 -12.14
C VAL O 510 -80.27 11.86 -11.63
N ILE O 511 -81.39 12.18 -10.99
CA ILE O 511 -81.61 13.51 -10.43
C ILE O 511 -81.19 13.63 -8.96
N SER O 512 -80.81 12.50 -8.35
CA SER O 512 -80.39 12.53 -6.96
C SER O 512 -79.19 13.44 -6.79
N LYS O 513 -78.71 13.57 -5.55
CA LYS O 513 -77.55 14.40 -5.27
C LYS O 513 -76.24 13.70 -5.56
N PHE O 514 -76.28 12.38 -5.70
CA PHE O 514 -75.07 11.64 -6.02
C PHE O 514 -74.64 11.98 -7.45
N ASN O 515 -75.62 12.32 -8.27
CA ASN O 515 -75.37 12.60 -9.67
C ASN O 515 -74.46 11.54 -10.29
N PRO O 516 -74.94 10.30 -10.30
CA PRO O 516 -74.27 9.16 -10.89
C PRO O 516 -73.69 9.48 -12.27
N LEU O 517 -74.42 10.20 -13.11
CA LEU O 517 -74.04 10.40 -14.51
C LEU O 517 -72.65 11.00 -14.62
N LYS O 518 -72.23 11.72 -13.59
CA LYS O 518 -70.97 12.45 -13.61
C LYS O 518 -69.78 11.58 -13.17
N PHE O 519 -70.07 10.58 -12.35
CA PHE O 519 -69.01 9.84 -11.69
C PHE O 519 -68.78 8.42 -12.20
N CYS O 520 -69.71 7.90 -12.99
CA CYS O 520 -69.58 6.55 -13.53
C CYS O 520 -68.82 6.56 -14.83
N ASN O 521 -68.59 5.37 -15.36
CA ASN O 521 -67.85 5.18 -16.60
C ASN O 521 -68.10 6.26 -17.65
N GLU O 522 -67.37 6.17 -18.75
CA GLU O 522 -67.51 7.12 -19.84
C GLU O 522 -68.11 6.45 -21.07
N ASN O 523 -68.36 5.15 -20.99
CA ASN O 523 -68.94 4.45 -22.13
C ASN O 523 -70.24 3.74 -21.82
N VAL O 524 -70.34 3.20 -20.61
CA VAL O 524 -71.60 2.59 -20.17
C VAL O 524 -72.66 3.67 -19.94
N MET O 525 -72.32 4.68 -19.15
CA MET O 525 -73.26 5.77 -18.90
C MET O 525 -73.81 6.34 -20.20
N LEU O 526 -72.94 6.50 -21.21
CA LEU O 526 -73.36 6.88 -22.54
C LEU O 526 -74.35 5.92 -23.21
N MET O 527 -74.01 4.63 -23.18
CA MET O 527 -74.84 3.60 -23.79
C MET O 527 -76.18 3.47 -23.05
N PHE O 528 -76.13 3.57 -21.73
CA PHE O 528 -77.35 3.59 -20.94
C PHE O 528 -78.25 4.78 -21.33
N ALA O 529 -77.65 5.95 -21.41
CA ALA O 529 -78.35 7.12 -21.91
C ALA O 529 -79.07 6.79 -23.21
N ARG O 530 -78.30 6.42 -24.22
CA ARG O 530 -78.89 6.09 -25.51
C ARG O 530 -80.09 5.17 -25.34
N ILE O 531 -79.85 4.00 -24.76
CA ILE O 531 -80.92 3.00 -24.63
C ILE O 531 -82.08 3.48 -23.75
N ALA O 532 -81.76 3.94 -22.54
CA ALA O 532 -82.80 4.46 -21.64
C ALA O 532 -83.69 5.51 -22.28
N GLN O 533 -83.07 6.45 -23.01
CA GLN O 533 -83.83 7.48 -23.70
C GLN O 533 -84.73 6.83 -24.75
N GLN O 534 -84.19 5.88 -25.50
CA GLN O 534 -84.96 5.20 -26.53
C GLN O 534 -86.19 4.52 -25.96
N GLU O 535 -86.06 3.98 -24.75
CA GLU O 535 -87.12 3.20 -24.13
C GLU O 535 -88.09 4.02 -23.27
N SER O 536 -87.96 5.34 -23.34
CA SER O 536 -88.75 6.25 -22.49
C SER O 536 -88.54 5.94 -21.03
N VAL O 537 -87.37 5.40 -20.70
CA VAL O 537 -87.10 4.94 -19.34
C VAL O 537 -86.47 6.05 -18.52
N ALA O 538 -85.53 6.76 -19.13
CA ALA O 538 -84.91 7.90 -18.46
C ALA O 538 -84.26 8.85 -19.45
N TYR O 539 -84.10 10.12 -19.08
CA TYR O 539 -83.47 11.11 -19.96
C TYR O 539 -82.05 11.46 -19.50
N CYS O 540 -81.30 12.25 -20.28
CA CYS O 540 -79.93 12.60 -19.84
C CYS O 540 -79.01 13.52 -20.67
N PHE O 541 -79.24 13.72 -21.96
CA PHE O 541 -78.32 14.57 -22.72
C PHE O 541 -78.13 16.00 -22.17
N SER O 542 -79.15 16.56 -21.52
CA SER O 542 -79.00 17.87 -20.87
C SER O 542 -78.18 17.75 -19.58
N ILE O 543 -78.36 16.65 -18.86
CA ILE O 543 -77.56 16.40 -17.67
C ILE O 543 -76.07 16.20 -18.03
N ILE O 544 -75.82 15.60 -19.17
CA ILE O 544 -74.46 15.47 -19.66
C ILE O 544 -73.88 16.87 -20.00
N GLU O 545 -74.61 17.63 -20.80
CA GLU O 545 -74.22 18.99 -21.12
C GLU O 545 -73.85 19.75 -19.85
N ASN O 546 -74.77 19.80 -18.89
CA ASN O 546 -74.49 20.47 -17.63
C ASN O 546 -73.21 19.95 -16.99
N ASN O 547 -72.95 18.66 -17.18
CA ASN O 547 -71.85 18.02 -16.47
C ASN O 547 -70.46 18.45 -16.96
N ASN O 548 -70.27 18.48 -18.28
CA ASN O 548 -68.97 18.89 -18.81
C ASN O 548 -68.87 20.39 -19.06
N ASN O 549 -69.93 21.12 -18.71
CA ASN O 549 -69.88 22.57 -18.63
C ASN O 549 -69.31 22.94 -17.27
N GLU O 550 -69.88 22.35 -16.23
CA GLU O 550 -69.42 22.54 -14.87
C GLU O 550 -67.95 22.15 -14.79
N ARG O 551 -67.54 21.32 -15.75
CA ARG O 551 -66.18 20.80 -15.80
C ARG O 551 -65.22 21.87 -16.31
N THR O 581 -54.56 8.66 -6.34
CA THR O 581 -55.38 7.49 -6.07
C THR O 581 -56.65 7.51 -6.92
N ARG O 582 -56.89 8.63 -7.60
CA ARG O 582 -58.06 8.79 -8.44
C ARG O 582 -57.95 7.94 -9.69
N GLN O 583 -56.73 7.65 -10.11
CA GLN O 583 -56.53 6.87 -11.33
C GLN O 583 -56.82 5.38 -11.14
N GLN O 584 -56.32 4.79 -10.06
CA GLN O 584 -56.57 3.37 -9.84
C GLN O 584 -58.06 3.11 -9.92
N PHE O 585 -58.83 4.06 -9.42
CA PHE O 585 -60.28 3.92 -9.44
C PHE O 585 -60.80 3.95 -10.87
N ILE O 586 -60.31 4.90 -11.67
CA ILE O 586 -60.71 4.97 -13.06
C ILE O 586 -60.29 3.69 -13.76
N ASP O 587 -59.14 3.16 -13.35
CA ASP O 587 -58.65 1.89 -13.87
C ASP O 587 -59.58 0.75 -13.49
N LEU O 588 -59.88 0.65 -12.19
CA LEU O 588 -60.76 -0.38 -11.67
C LEU O 588 -62.16 -0.33 -12.28
N GLN O 589 -62.60 0.86 -12.68
CA GLN O 589 -63.96 1.00 -13.23
C GLN O 589 -64.02 0.78 -14.72
N SER O 590 -62.87 0.53 -15.33
CA SER O 590 -62.77 0.33 -16.76
C SER O 590 -62.78 -1.15 -17.09
N TYR O 591 -62.31 -1.96 -16.13
CA TYR O 591 -62.24 -3.42 -16.30
C TYR O 591 -63.59 -4.10 -16.08
N PHE O 592 -64.01 -4.90 -17.05
CA PHE O 592 -65.23 -5.71 -16.94
C PHE O 592 -64.92 -7.20 -17.19
N PRO O 593 -64.92 -8.01 -16.12
CA PRO O 593 -64.36 -9.35 -16.20
C PRO O 593 -65.12 -10.28 -17.15
N TYR O 594 -66.30 -9.88 -17.58
CA TYR O 594 -67.06 -10.71 -18.50
C TYR O 594 -67.40 -9.98 -19.79
N ASP O 595 -66.52 -9.06 -20.19
CA ASP O 595 -66.55 -8.58 -21.56
C ASP O 595 -66.12 -9.74 -22.44
N PRO O 596 -66.48 -9.70 -23.72
CA PRO O 596 -66.37 -10.89 -24.57
C PRO O 596 -65.02 -11.59 -24.53
N LEU O 597 -65.06 -12.90 -24.81
CA LEU O 597 -63.90 -13.76 -24.80
C LEU O 597 -63.26 -13.70 -26.19
N PHE O 598 -62.02 -14.17 -26.27
CA PHE O 598 -61.27 -14.25 -27.54
C PHE O 598 -60.81 -15.66 -28.00
N LEU O 599 -61.39 -16.76 -27.51
CA LEU O 599 -60.90 -18.11 -27.88
C LEU O 599 -61.81 -19.13 -28.63
N LYS O 600 -61.25 -19.70 -29.72
CA LYS O 600 -61.87 -20.71 -30.62
C LYS O 600 -62.93 -21.72 -30.13
N ASN O 601 -62.50 -22.92 -29.71
CA ASN O 601 -63.45 -23.91 -29.22
C ASN O 601 -64.35 -23.40 -28.10
N TYR O 602 -63.75 -22.97 -27.00
CA TYR O 602 -64.47 -22.40 -25.86
C TYR O 602 -65.61 -21.50 -26.31
N LYS O 603 -65.32 -20.66 -27.30
CA LYS O 603 -66.31 -19.75 -27.83
C LYS O 603 -67.55 -20.50 -28.29
N ILE O 604 -67.34 -21.48 -29.14
CA ILE O 604 -68.42 -22.34 -29.65
C ILE O 604 -69.18 -22.98 -28.51
N LEU O 605 -68.43 -23.42 -27.51
CA LEU O 605 -69.02 -24.10 -26.36
C LEU O 605 -69.87 -23.13 -25.54
N MET O 606 -69.45 -21.87 -25.51
CA MET O 606 -70.13 -20.82 -24.73
C MET O 606 -71.38 -20.30 -25.42
N LYS O 607 -71.47 -20.51 -26.73
CA LYS O 607 -72.52 -19.86 -27.50
C LYS O 607 -73.89 -20.02 -26.85
N GLU O 608 -74.21 -21.24 -26.44
CA GLU O 608 -75.47 -21.55 -25.78
C GLU O 608 -75.69 -20.71 -24.51
N TYR O 609 -74.59 -20.24 -23.94
CA TYR O 609 -74.59 -19.47 -22.69
C TYR O 609 -74.24 -17.98 -22.86
N TYR O 610 -74.18 -17.50 -24.09
CA TYR O 610 -73.69 -16.14 -24.33
C TYR O 610 -74.59 -15.31 -25.22
N ILE O 611 -74.69 -14.02 -24.88
CA ILE O 611 -75.36 -13.05 -25.73
C ILE O 611 -74.34 -12.09 -26.35
N GLU O 612 -74.08 -12.25 -27.65
CA GLU O 612 -73.19 -11.31 -28.34
C GLU O 612 -73.92 -9.99 -28.50
N TRP O 613 -73.18 -8.89 -28.58
CA TRP O 613 -73.84 -7.60 -28.73
C TRP O 613 -74.82 -7.61 -29.89
N SER O 614 -74.44 -8.24 -31.00
CA SER O 614 -75.32 -8.27 -32.15
C SER O 614 -76.69 -8.86 -31.78
N ILE R 9 -22.80 -26.99 -13.35
CA ILE R 9 -24.26 -27.08 -13.37
C ILE R 9 -24.72 -26.88 -11.92
N CYS R 10 -25.67 -25.98 -11.67
CA CYS R 10 -26.10 -25.73 -10.29
C CYS R 10 -26.75 -26.94 -9.60
N GLY R 11 -27.79 -27.48 -10.24
CA GLY R 11 -28.59 -28.56 -9.67
C GLY R 11 -29.88 -28.22 -8.89
N THR R 12 -30.31 -26.95 -8.90
CA THR R 12 -31.54 -26.50 -8.20
C THR R 12 -32.86 -26.96 -8.86
N ASP R 13 -33.99 -26.95 -8.13
CA ASP R 13 -35.19 -27.45 -8.72
C ASP R 13 -35.26 -26.78 -10.06
N ASN R 14 -34.84 -25.51 -10.10
CA ASN R 14 -34.84 -24.77 -11.33
C ASN R 14 -33.83 -25.41 -12.22
N CYS R 15 -33.82 -25.00 -13.50
CA CYS R 15 -32.87 -25.55 -14.47
C CYS R 15 -31.94 -24.46 -14.98
N PRO R 16 -30.63 -24.66 -14.84
CA PRO R 16 -29.64 -23.66 -15.25
C PRO R 16 -29.48 -23.29 -16.73
N SER R 17 -29.42 -24.27 -17.63
CA SER R 17 -29.31 -24.04 -19.07
C SER R 17 -27.89 -23.80 -19.53
N ARG R 18 -26.95 -23.83 -18.59
CA ARG R 18 -25.54 -23.59 -18.91
C ARG R 18 -25.27 -22.10 -19.14
N LEU R 19 -24.13 -21.79 -19.73
CA LEU R 19 -23.77 -20.41 -20.02
C LEU R 19 -23.85 -19.51 -18.79
N TRP R 20 -23.30 -19.98 -17.67
CA TRP R 20 -23.37 -19.21 -16.43
C TRP R 20 -22.66 -17.88 -16.65
N ARG R 21 -23.27 -16.81 -16.12
CA ARG R 21 -22.70 -15.48 -16.28
C ARG R 21 -22.20 -14.91 -14.97
N ILE R 22 -20.95 -14.46 -14.99
CA ILE R 22 -20.32 -13.88 -13.85
C ILE R 22 -20.59 -12.40 -13.89
N ILE R 23 -21.11 -11.87 -12.76
CA ILE R 23 -21.32 -10.47 -12.62
C ILE R 23 -20.35 -10.10 -11.53
N ASP R 24 -19.59 -9.00 -11.69
CA ASP R 24 -18.68 -8.73 -10.63
C ASP R 24 -19.52 -8.44 -9.42
N GLY R 25 -19.26 -9.16 -8.31
CA GLY R 25 -20.01 -8.93 -7.11
C GLY R 25 -21.15 -9.89 -7.06
N ARG R 26 -21.53 -10.49 -8.20
CA ARG R 26 -22.66 -11.37 -8.12
C ARG R 26 -22.52 -12.42 -9.18
N ARG R 27 -22.57 -13.70 -8.80
CA ARG R 27 -22.47 -14.72 -9.80
C ARG R 27 -23.86 -15.26 -9.97
N THR R 28 -24.43 -15.08 -11.17
CA THR R 28 -25.80 -15.47 -11.31
C THR R 28 -25.91 -16.50 -12.39
N CYS R 29 -26.99 -17.29 -12.31
CA CYS R 29 -27.32 -18.21 -13.35
C CYS R 29 -27.83 -17.34 -14.43
N GLN R 30 -27.66 -17.77 -15.69
CA GLN R 30 -28.15 -17.00 -16.78
C GLN R 30 -29.62 -16.98 -16.61
N TYR R 31 -30.13 -18.00 -15.91
CA TYR R 31 -31.52 -18.17 -15.76
C TYR R 31 -31.96 -17.75 -14.38
N GLY R 32 -32.60 -18.68 -13.65
CA GLY R 32 -33.34 -18.44 -12.43
C GLY R 32 -32.63 -17.86 -11.23
N HIS R 33 -31.43 -18.33 -10.81
CA HIS R 33 -31.00 -17.82 -9.53
C HIS R 33 -29.56 -17.37 -9.55
N VAL R 34 -29.10 -16.68 -8.47
CA VAL R 34 -27.76 -16.13 -8.41
C VAL R 34 -27.08 -16.34 -7.07
N MET R 35 -25.90 -17.01 -7.04
CA MET R 35 -25.13 -17.15 -5.82
C MET R 35 -24.40 -15.89 -5.34
N ILE R 96 7.99 -38.93 -47.89
CA ILE R 96 9.23 -39.70 -48.10
C ILE R 96 9.38 -40.61 -46.86
N GLY R 97 9.56 -41.96 -47.01
CA GLY R 97 9.57 -43.02 -46.01
C GLY R 97 10.33 -44.21 -46.58
N HIS R 98 10.09 -45.50 -46.23
CA HIS R 98 10.89 -46.45 -47.00
C HIS R 98 10.42 -46.38 -48.45
N GLU R 99 9.12 -46.73 -48.61
CA GLU R 99 8.43 -46.75 -49.87
C GLU R 99 8.27 -45.35 -50.29
N ALA R 100 7.94 -44.55 -49.27
CA ALA R 100 7.71 -43.16 -49.42
C ALA R 100 9.01 -42.49 -49.86
N LYS R 101 10.21 -42.91 -49.38
CA LYS R 101 11.48 -42.29 -49.76
C LYS R 101 11.69 -42.57 -51.18
N LEU R 102 11.35 -43.80 -51.61
CA LEU R 102 11.60 -44.14 -52.98
C LEU R 102 10.77 -43.27 -53.87
N LEU R 103 9.50 -43.01 -53.47
CA LEU R 103 8.59 -42.21 -54.26
C LEU R 103 9.12 -40.81 -54.36
N PHE R 104 9.67 -40.24 -53.27
CA PHE R 104 10.19 -38.89 -53.32
C PHE R 104 11.37 -38.81 -54.24
N LEU R 105 12.25 -39.82 -54.24
CA LEU R 105 13.40 -39.77 -55.12
C LEU R 105 12.93 -39.77 -56.56
N LYS R 106 11.90 -40.58 -56.88
CA LYS R 106 11.42 -40.63 -58.25
C LYS R 106 10.84 -39.29 -58.64
N SER R 107 10.14 -38.58 -57.71
CA SER R 107 9.56 -37.30 -58.03
C SER R 107 10.65 -36.30 -58.33
N PHE R 108 11.77 -36.37 -57.59
CA PHE R 108 12.87 -35.46 -57.83
C PHE R 108 13.44 -35.73 -59.22
N GLN R 109 13.55 -37.01 -59.63
CA GLN R 109 14.11 -37.27 -60.93
C GLN R 109 13.20 -36.72 -62.01
N PHE R 110 11.87 -36.78 -61.80
CA PHE R 110 10.94 -36.26 -62.77
C PHE R 110 11.14 -34.76 -62.90
N ILE R 111 11.42 -34.04 -61.79
CA ILE R 111 11.64 -32.61 -61.83
C ILE R 111 12.87 -32.31 -62.66
N LEU R 112 13.92 -33.17 -62.61
CA LEU R 112 15.14 -33.01 -63.38
C LEU R 112 14.80 -33.11 -64.84
N LYS R 113 13.79 -33.94 -65.17
CA LYS R 113 13.39 -34.01 -66.54
C LYS R 113 12.95 -32.62 -66.92
N ARG R 114 12.41 -31.83 -65.96
CA ARG R 114 11.95 -30.48 -66.20
C ARG R 114 13.11 -29.69 -66.72
N GLN R 115 14.34 -30.00 -66.25
CA GLN R 115 15.51 -29.30 -66.67
C GLN R 115 15.67 -29.51 -68.15
N ILE R 116 15.28 -30.69 -68.65
CA ILE R 116 15.32 -30.94 -70.07
C ILE R 116 14.36 -30.00 -70.73
N ARG R 117 13.17 -29.82 -70.12
CA ARG R 117 12.16 -28.98 -70.69
C ARG R 117 12.69 -27.59 -70.79
N TRP R 118 13.29 -27.11 -69.70
CA TRP R 118 13.84 -25.75 -69.68
C TRP R 118 14.99 -25.52 -70.66
N LEU R 119 15.93 -26.45 -70.70
CA LEU R 119 17.09 -26.33 -71.58
C LEU R 119 16.71 -26.38 -73.06
N ILE R 120 15.83 -27.30 -73.40
CA ILE R 120 15.37 -27.48 -74.77
C ILE R 120 14.59 -26.30 -75.33
N THR R 121 13.75 -25.71 -74.49
CA THR R 121 12.91 -24.61 -74.89
C THR R 121 13.78 -23.41 -75.10
N GLU R 122 14.83 -23.25 -74.27
CA GLU R 122 15.72 -22.13 -74.36
C GLU R 122 16.42 -22.23 -75.69
N MET R 123 16.51 -23.48 -76.13
CA MET R 123 17.11 -23.89 -77.41
C MET R 123 16.49 -23.46 -78.77
N ARG R 124 15.16 -23.41 -78.91
CA ARG R 124 14.51 -23.45 -80.24
C ARG R 124 14.82 -24.69 -81.09
N PHE R 125 14.44 -25.84 -80.55
CA PHE R 125 14.61 -27.13 -81.21
C PHE R 125 13.23 -27.55 -81.69
N PRO R 126 12.95 -28.86 -81.65
CA PRO R 126 11.60 -29.24 -82.09
C PRO R 126 10.74 -29.60 -80.89
N LYS R 127 9.57 -28.96 -80.77
CA LYS R 127 8.68 -29.23 -79.65
C LYS R 127 8.24 -30.69 -79.71
N GLU R 128 7.98 -31.16 -80.92
CA GLU R 128 8.17 -32.54 -81.25
C GLU R 128 9.09 -33.19 -80.26
N PHE R 129 10.09 -32.45 -79.76
CA PHE R 129 11.11 -32.98 -78.87
C PHE R 129 10.49 -33.45 -77.60
N GLU R 130 9.57 -32.66 -77.06
CA GLU R 130 8.92 -32.97 -75.81
C GLU R 130 8.25 -34.30 -75.94
N HIS R 131 7.59 -34.52 -77.09
CA HIS R 131 6.79 -35.68 -77.35
C HIS R 131 7.66 -36.90 -77.26
N VAL R 132 8.86 -36.86 -77.87
CA VAL R 132 9.76 -37.97 -77.88
C VAL R 132 10.31 -38.20 -76.50
N ALA R 133 10.65 -37.12 -75.80
CA ALA R 133 11.22 -37.23 -74.49
C ALA R 133 10.22 -37.87 -73.57
N LYS R 134 8.93 -37.51 -73.74
CA LYS R 134 7.92 -38.08 -72.90
C LYS R 134 7.80 -39.56 -73.16
N ILE R 135 7.90 -40.05 -74.39
CA ILE R 135 7.78 -41.53 -74.52
C ILE R 135 8.89 -42.37 -73.84
N ILE R 136 10.13 -41.91 -74.00
CA ILE R 136 11.31 -42.61 -73.47
C ILE R 136 11.31 -42.74 -71.96
N TRP R 137 10.91 -41.68 -71.27
CA TRP R 137 10.87 -41.71 -69.81
C TRP R 137 9.89 -42.77 -69.32
N LEU R 138 8.74 -42.85 -69.99
CA LEU R 138 7.74 -43.83 -69.64
C LEU R 138 8.23 -45.26 -69.85
N LYS R 139 8.98 -45.55 -70.94
CA LYS R 139 9.44 -46.94 -71.17
C LYS R 139 10.45 -47.55 -70.09
N ILE R 140 11.51 -46.77 -69.90
CA ILE R 140 12.55 -47.20 -68.97
C ILE R 140 12.28 -47.18 -67.45
N LEU R 141 11.75 -46.05 -66.99
CA LEU R 141 11.52 -45.86 -65.57
C LEU R 141 10.51 -46.89 -65.06
N LYS R 142 9.43 -47.06 -65.86
CA LYS R 142 8.40 -47.99 -65.47
C LYS R 142 9.01 -49.35 -65.44
N THR R 143 9.78 -49.72 -66.43
CA THR R 143 10.34 -51.06 -66.32
C THR R 143 11.26 -51.29 -65.09
N ILE R 144 12.13 -50.35 -64.78
CA ILE R 144 12.98 -50.58 -63.62
C ILE R 144 12.05 -50.80 -62.43
N ASN R 145 10.97 -50.03 -62.35
CA ASN R 145 9.95 -50.17 -61.33
C ASN R 145 9.21 -51.52 -61.45
N ASP R 146 9.02 -51.95 -62.69
CA ASP R 146 8.30 -53.16 -63.03
C ASP R 146 8.82 -54.47 -62.45
N GLN R 147 10.11 -54.56 -62.17
CA GLN R 147 10.65 -55.81 -61.65
C GLN R 147 10.37 -55.93 -60.15
N PRO R 148 9.08 -56.00 -59.77
CA PRO R 148 8.39 -56.26 -58.49
C PRO R 148 8.65 -55.72 -57.04
N GLN R 149 8.86 -54.41 -56.87
CA GLN R 149 9.18 -53.78 -55.59
C GLN R 149 10.49 -54.24 -54.92
N GLU R 150 11.54 -54.42 -55.73
CA GLU R 150 12.83 -54.81 -55.22
C GLU R 150 13.96 -53.89 -55.70
N GLU R 151 14.59 -53.22 -54.74
CA GLU R 151 15.80 -52.42 -54.92
C GLU R 151 15.83 -51.00 -55.49
N LEU R 152 14.70 -50.49 -55.96
CA LEU R 152 14.66 -49.15 -56.55
C LEU R 152 15.71 -49.03 -57.66
N LYS R 153 16.45 -47.91 -57.66
CA LYS R 153 17.52 -47.70 -58.64
C LYS R 153 18.43 -46.53 -58.24
N LEU R 154 19.65 -46.48 -58.80
CA LEU R 154 20.52 -45.34 -58.55
C LEU R 154 21.28 -44.98 -59.81
N GLN R 155 21.75 -43.75 -59.94
CA GLN R 155 22.51 -43.35 -61.13
C GLN R 155 23.34 -42.08 -60.98
N LEU R 156 24.24 -41.82 -61.94
CA LEU R 156 25.00 -40.57 -61.94
C LEU R 156 23.80 -39.87 -62.53
N HIS R 157 22.77 -39.92 -61.68
CA HIS R 157 21.42 -39.52 -61.93
C HIS R 157 21.40 -38.49 -63.01
N MET R 158 22.39 -37.57 -63.00
CA MET R 158 22.47 -36.52 -63.98
C MET R 158 22.75 -37.10 -65.34
N THR R 159 23.57 -38.16 -65.41
CA THR R 159 23.99 -38.82 -66.63
C THR R 159 22.91 -39.65 -67.26
N SER R 160 21.95 -40.15 -66.47
CA SER R 160 20.90 -40.96 -67.04
C SER R 160 19.95 -40.12 -67.84
N THR R 161 19.62 -38.95 -67.29
CA THR R 161 18.75 -38.01 -67.96
C THR R 161 19.43 -37.51 -69.23
N ILE R 162 20.73 -37.24 -69.11
CA ILE R 162 21.52 -36.75 -70.23
C ILE R 162 21.57 -37.78 -71.34
N SER R 163 21.71 -39.05 -70.95
CA SER R 163 21.76 -40.13 -71.93
C SER R 163 20.44 -40.22 -72.69
N ILE R 164 19.34 -40.06 -71.97
CA ILE R 164 18.02 -40.09 -72.59
C ILE R 164 17.89 -38.93 -73.56
N LEU R 165 18.36 -37.77 -73.13
CA LEU R 165 18.31 -36.57 -73.99
C LEU R 165 19.18 -36.80 -75.22
N TYR R 166 20.35 -37.38 -75.00
CA TYR R 166 21.28 -37.68 -76.09
C TYR R 166 20.65 -38.71 -77.01
N LEU R 167 20.00 -39.70 -76.42
CA LEU R 167 19.34 -40.75 -77.17
C LEU R 167 18.22 -40.18 -78.02
N ALA R 168 17.48 -39.23 -77.46
CA ALA R 168 16.39 -38.62 -78.16
C ALA R 168 16.88 -38.01 -79.43
N SER R 169 18.07 -37.38 -79.38
CA SER R 169 18.67 -36.69 -80.50
C SER R 169 19.10 -37.69 -81.54
N THR R 170 19.53 -38.89 -81.15
CA THR R 170 20.04 -39.84 -82.10
C THR R 170 18.96 -40.25 -83.06
N HIS R 171 17.73 -40.48 -82.57
CA HIS R 171 16.65 -40.89 -83.42
C HIS R 171 16.21 -39.77 -84.33
N LEU R 172 16.03 -38.58 -83.73
CA LEU R 172 15.50 -37.40 -84.35
C LEU R 172 16.42 -36.87 -85.39
N SER R 173 17.70 -37.25 -85.33
CA SER R 173 18.67 -36.80 -86.28
C SER R 173 19.05 -35.37 -86.08
N LEU R 174 18.95 -34.89 -84.85
CA LEU R 174 19.69 -33.70 -84.45
C LEU R 174 21.18 -34.03 -84.47
N PRO R 175 22.02 -33.07 -84.89
CA PRO R 175 23.44 -33.37 -84.82
C PRO R 175 24.04 -32.86 -83.52
N VAL R 176 24.30 -33.78 -82.59
CA VAL R 176 24.88 -33.46 -81.29
C VAL R 176 25.78 -34.60 -80.85
N TYR R 177 26.75 -34.29 -80.00
CA TYR R 177 27.65 -35.33 -79.48
C TYR R 177 27.75 -35.28 -77.96
N THR R 178 28.13 -36.43 -77.39
CA THR R 178 28.30 -36.57 -75.95
C THR R 178 29.15 -35.42 -75.44
N CYS R 179 30.20 -35.07 -76.19
CA CYS R 179 31.07 -33.95 -75.84
C CYS R 179 30.28 -32.64 -75.86
N ASP R 180 29.40 -32.51 -76.85
CA ASP R 180 28.54 -31.35 -77.02
C ASP R 180 27.60 -31.21 -75.82
N TYR R 181 27.10 -32.34 -75.33
CA TYR R 181 26.19 -32.39 -74.18
C TYR R 181 26.86 -31.82 -72.92
N ILE R 182 28.14 -32.11 -72.76
CA ILE R 182 28.90 -31.63 -71.60
C ILE R 182 28.97 -30.11 -71.57
N LYS R 183 29.10 -29.49 -72.74
CA LYS R 183 29.17 -28.03 -72.83
C LYS R 183 27.88 -27.39 -72.30
N TRP R 184 26.74 -28.00 -72.60
CA TRP R 184 25.46 -27.49 -72.13
C TRP R 184 25.36 -27.50 -70.62
N ILE R 185 25.90 -28.55 -70.00
CA ILE R 185 25.86 -28.72 -68.55
C ILE R 185 26.56 -27.60 -67.78
N CYS R 186 27.69 -27.12 -68.30
CA CYS R 186 28.43 -26.06 -67.61
C CYS R 186 27.58 -24.79 -67.50
N THR R 187 26.86 -24.46 -68.56
CA THR R 187 26.02 -23.27 -68.56
C THR R 187 24.96 -23.34 -69.66
N PRO R 200 8.95 -24.43 -58.13
CA PRO R 200 9.24 -24.71 -56.72
C PRO R 200 9.67 -26.16 -56.52
N LYS R 201 10.20 -26.46 -55.34
CA LYS R 201 10.65 -27.81 -55.03
C LYS R 201 9.85 -28.39 -53.88
N SER R 202 9.36 -29.61 -54.06
CA SER R 202 8.56 -30.29 -53.05
C SER R 202 9.35 -30.56 -51.78
N TRP R 203 8.68 -30.43 -50.64
CA TRP R 203 9.24 -30.87 -49.35
C TRP R 203 9.81 -32.27 -49.46
N ARG R 204 8.96 -33.25 -49.75
CA ARG R 204 9.43 -34.60 -49.87
C ARG R 204 10.89 -34.62 -50.20
N ILE R 205 11.31 -33.70 -51.09
CA ILE R 205 12.68 -33.63 -51.52
C ILE R 205 13.54 -33.31 -50.34
N GLN R 206 13.09 -32.36 -49.52
CA GLN R 206 13.86 -32.00 -48.33
C GLN R 206 13.91 -33.23 -47.42
N LEU R 207 12.76 -33.87 -47.27
CA LEU R 207 12.65 -35.09 -46.47
C LEU R 207 12.91 -36.33 -47.32
N PRO R 208 14.17 -36.55 -47.68
CA PRO R 208 14.42 -37.75 -48.51
C PRO R 208 15.68 -38.50 -48.10
N ASN R 209 15.70 -39.80 -48.34
CA ASN R 209 16.87 -40.58 -48.01
C ASN R 209 18.05 -39.75 -48.36
N TYR R 210 19.09 -39.79 -47.51
CA TYR R 210 20.24 -38.96 -47.73
C TYR R 210 20.92 -39.35 -49.01
N TYR R 211 21.15 -40.66 -49.19
CA TYR R 211 21.86 -41.15 -50.33
C TYR R 211 21.09 -40.89 -51.57
N VAL R 212 19.77 -41.12 -51.51
CA VAL R 212 18.95 -40.96 -52.67
C VAL R 212 18.96 -39.52 -53.08
N SER R 213 18.89 -38.59 -52.11
CA SER R 213 18.85 -37.18 -52.41
C SER R 213 20.11 -36.77 -53.08
N ILE R 214 21.26 -37.31 -52.64
CA ILE R 214 22.53 -36.94 -53.22
C ILE R 214 22.57 -37.36 -54.65
N LEU R 215 22.07 -38.58 -54.93
CA LEU R 215 22.13 -39.12 -56.27
C LEU R 215 21.31 -38.26 -57.18
N GLU R 216 20.13 -37.86 -56.74
CA GLU R 216 19.25 -37.02 -57.57
C GLU R 216 19.84 -35.64 -57.87
N GLY R 217 20.46 -35.03 -56.86
CA GLY R 217 21.47 -34.01 -57.07
C GLY R 217 21.13 -32.71 -57.80
N SER R 218 21.99 -32.38 -58.75
CA SER R 218 21.93 -31.18 -59.54
C SER R 218 22.93 -31.29 -60.63
N ILE R 219 22.88 -30.32 -61.56
CA ILE R 219 23.85 -30.25 -62.63
C ILE R 219 23.63 -31.35 -63.62
N SER R 220 23.77 -30.97 -64.91
CA SER R 220 23.67 -31.82 -66.05
C SER R 220 24.72 -32.85 -65.82
N LEU R 226 34.80 -38.99 -63.92
CA LEU R 226 35.82 -39.94 -64.34
C LEU R 226 35.49 -40.06 -65.84
N TYR R 227 36.50 -40.06 -66.70
CA TYR R 227 36.23 -40.07 -68.14
C TYR R 227 35.42 -41.25 -68.68
N ASN R 228 35.68 -42.43 -68.15
CA ASN R 228 35.01 -43.66 -68.59
C ASN R 228 33.49 -43.77 -68.41
N LYS R 229 32.97 -43.25 -67.30
CA LYS R 229 31.55 -43.40 -66.96
C LYS R 229 30.45 -42.83 -67.88
N ILE R 230 30.60 -41.62 -68.42
CA ILE R 230 29.54 -41.06 -69.26
C ILE R 230 29.29 -41.88 -70.52
N ALA R 231 30.38 -42.32 -71.14
CA ALA R 231 30.38 -43.15 -72.33
C ALA R 231 29.81 -44.54 -72.06
N LEU R 232 30.19 -45.14 -70.93
CA LEU R 232 29.74 -46.47 -70.58
C LEU R 232 28.23 -46.64 -70.37
N THR R 233 27.62 -45.70 -69.65
CA THR R 233 26.18 -45.79 -69.37
C THR R 233 25.29 -45.71 -70.61
N CYS R 234 25.62 -44.82 -71.53
CA CYS R 234 24.83 -44.65 -72.74
C CYS R 234 24.84 -45.93 -73.57
N GLY R 235 26.01 -46.56 -73.65
CA GLY R 235 26.16 -47.79 -74.40
C GLY R 235 25.33 -48.91 -73.82
N MET R 236 25.26 -48.96 -72.49
CA MET R 236 24.52 -50.01 -71.80
C MET R 236 23.03 -50.00 -72.13
N ILE R 237 22.43 -48.81 -72.21
CA ILE R 237 21.01 -48.70 -72.52
C ILE R 237 20.74 -49.07 -73.97
N CYS R 249 27.32 -39.22 -90.09
CA CYS R 249 28.65 -38.80 -90.43
C CYS R 249 28.66 -37.32 -90.60
N GLN R 250 27.59 -36.79 -91.22
CA GLN R 250 27.49 -35.41 -91.58
C GLN R 250 27.52 -34.55 -90.35
N GLY R 251 26.99 -35.04 -89.22
CA GLY R 251 26.89 -34.21 -88.05
C GLY R 251 28.24 -33.76 -87.55
N LEU R 252 29.22 -34.67 -87.48
CA LEU R 252 30.53 -34.42 -86.95
C LEU R 252 31.34 -33.53 -87.85
N LEU R 253 31.07 -33.57 -89.16
CA LEU R 253 31.91 -32.97 -90.16
C LEU R 253 32.21 -31.54 -89.86
N LEU R 254 31.21 -30.73 -89.50
CA LEU R 254 31.49 -29.33 -89.36
C LEU R 254 32.49 -29.09 -88.26
N LYS R 255 32.26 -29.68 -87.07
CA LYS R 255 33.11 -29.39 -85.96
C LYS R 255 34.49 -29.88 -86.20
N LEU R 256 34.63 -31.14 -86.63
CA LEU R 256 35.96 -31.67 -86.74
C LEU R 256 36.72 -30.92 -87.79
N VAL R 257 36.07 -30.52 -88.89
CA VAL R 257 36.77 -29.80 -89.92
C VAL R 257 37.35 -28.55 -89.33
N MET R 258 36.53 -27.83 -88.54
CA MET R 258 36.95 -26.57 -88.00
C MET R 258 38.16 -26.76 -87.14
N GLN R 259 38.15 -27.79 -86.28
CA GLN R 259 39.29 -27.98 -85.43
C GLN R 259 40.44 -28.27 -86.32
N CYS R 260 40.22 -29.13 -87.30
CA CYS R 260 41.29 -29.49 -88.22
C CYS R 260 41.73 -28.27 -89.01
N ALA R 261 40.74 -27.47 -89.41
CA ALA R 261 40.97 -26.27 -90.20
C ALA R 261 41.03 -26.55 -91.70
N LEU R 262 40.82 -27.81 -92.08
CA LEU R 262 40.84 -28.22 -93.47
C LEU R 262 39.62 -27.67 -94.19
N PRO R 263 39.81 -27.21 -95.44
CA PRO R 263 38.78 -26.66 -96.31
C PRO R 263 37.86 -27.75 -96.82
N PRO R 264 38.26 -29.03 -96.68
CA PRO R 264 37.35 -29.96 -97.27
C PRO R 264 38.07 -31.14 -97.80
N GLU R 265 39.35 -30.98 -98.16
CA GLU R 265 40.07 -32.10 -98.68
C GLU R 265 40.18 -33.10 -97.58
N PHE R 266 40.45 -32.65 -96.35
CA PHE R 266 40.61 -33.57 -95.26
C PHE R 266 39.33 -34.28 -95.03
N TYR R 267 38.20 -33.54 -95.08
CA TYR R 267 36.90 -34.06 -94.80
C TYR R 267 36.53 -35.15 -95.74
N PHE R 268 36.73 -34.95 -97.05
CA PHE R 268 36.29 -35.92 -98.02
C PHE R 268 37.02 -37.21 -97.82
N TYR R 269 38.35 -37.14 -97.62
CA TYR R 269 39.14 -38.33 -97.49
C TYR R 269 38.76 -39.07 -96.25
N THR R 270 38.54 -38.37 -95.13
CA THR R 270 38.21 -39.07 -93.93
C THR R 270 36.93 -39.80 -94.17
N LYS R 271 36.00 -39.14 -94.88
CA LYS R 271 34.72 -39.72 -95.15
C LYS R 271 34.91 -40.99 -95.90
N GLN R 272 35.79 -40.98 -96.92
CA GLN R 272 35.99 -42.14 -97.74
C GLN R 272 36.62 -43.23 -96.93
N VAL R 273 37.61 -42.88 -96.08
CA VAL R 273 38.34 -43.87 -95.34
C VAL R 273 37.41 -44.59 -94.40
N ILE R 274 36.59 -43.82 -93.66
CA ILE R 274 35.77 -44.45 -92.66
C ILE R 274 34.86 -45.43 -93.33
N GLU R 275 34.27 -45.03 -94.47
CA GLU R 275 33.34 -45.90 -95.16
C GLU R 275 34.05 -47.14 -95.55
N PHE R 276 35.27 -47.01 -96.10
CA PHE R 276 35.99 -48.18 -96.52
C PHE R 276 36.25 -49.03 -95.32
N GLU R 277 36.62 -48.41 -94.20
CA GLU R 277 36.94 -49.22 -93.07
C GLU R 277 35.76 -50.01 -92.65
N GLU R 278 34.56 -49.43 -92.70
CA GLU R 278 33.41 -50.18 -92.29
C GLU R 278 33.24 -51.34 -93.24
N THR R 279 33.35 -51.07 -94.56
CA THR R 279 33.12 -52.09 -95.55
C THR R 279 34.16 -53.16 -95.40
N ASP R 280 35.42 -52.75 -95.26
CA ASP R 280 36.57 -53.60 -95.14
C ASP R 280 36.46 -54.29 -93.83
N ILE R 281 35.67 -53.67 -92.93
CA ILE R 281 35.46 -54.01 -91.57
C ILE R 281 36.74 -54.28 -90.88
N ARG R 282 37.50 -53.22 -90.57
CA ARG R 282 38.55 -53.38 -89.61
C ARG R 282 37.76 -53.39 -88.36
N ASN R 283 36.78 -52.49 -88.34
CA ASN R 283 35.79 -52.32 -87.33
C ASN R 283 34.49 -52.09 -88.03
N SER R 299 33.68 -53.23 -78.17
CA SER R 299 33.58 -52.27 -77.10
C SER R 299 33.01 -51.00 -77.61
N ASN R 300 33.92 -50.02 -77.70
CA ASN R 300 33.67 -48.64 -77.95
C ASN R 300 32.63 -48.42 -78.99
N HIS R 301 31.92 -47.29 -78.81
CA HIS R 301 30.84 -46.86 -79.65
C HIS R 301 31.41 -46.43 -80.95
N ALA R 302 30.52 -46.31 -81.95
CA ALA R 302 30.86 -45.93 -83.29
C ALA R 302 31.48 -44.57 -83.22
N GLU R 303 30.97 -43.71 -82.34
CA GLU R 303 31.48 -42.36 -82.26
C GLU R 303 32.94 -42.47 -81.94
N LEU R 304 33.30 -43.39 -81.04
CA LEU R 304 34.67 -43.57 -80.64
C LEU R 304 35.44 -44.09 -81.81
N ARG R 305 34.88 -45.07 -82.55
CA ARG R 305 35.65 -45.58 -83.63
C ARG R 305 35.89 -44.48 -84.61
N VAL R 306 34.82 -43.78 -84.99
CA VAL R 306 34.91 -42.80 -86.03
C VAL R 306 35.89 -41.73 -85.63
N LEU R 307 35.84 -41.30 -84.36
CA LEU R 307 36.72 -40.27 -83.92
C LEU R 307 38.14 -40.76 -84.05
N SER R 308 38.37 -42.04 -83.72
CA SER R 308 39.69 -42.62 -83.80
C SER R 308 40.18 -42.62 -85.22
N TYR R 309 39.34 -43.07 -86.17
CA TYR R 309 39.79 -43.23 -87.52
C TYR R 309 40.12 -41.90 -88.10
N PHE R 310 39.39 -40.84 -87.73
CA PHE R 310 39.72 -39.54 -88.24
C PHE R 310 41.14 -39.27 -87.86
N MET R 311 41.51 -39.59 -86.61
CA MET R 311 42.83 -39.27 -86.16
C MET R 311 43.83 -39.98 -87.02
N LEU R 312 43.59 -41.27 -87.34
CA LEU R 312 44.56 -42.01 -88.07
C LEU R 312 44.75 -41.40 -89.43
N THR R 313 43.64 -41.10 -90.12
CA THR R 313 43.75 -40.62 -91.47
C THR R 313 44.47 -39.31 -91.47
N ILE R 314 44.03 -38.37 -90.61
CA ILE R 314 44.64 -37.09 -90.63
C ILE R 314 46.06 -37.21 -90.25
N ASN R 315 46.40 -38.14 -89.33
CA ASN R 315 47.77 -38.23 -88.91
C ASN R 315 48.61 -38.49 -90.11
N TRP R 316 48.13 -39.32 -91.05
CA TRP R 316 49.02 -39.50 -92.16
C TRP R 316 48.39 -38.98 -93.42
N MET R 317 48.52 -37.66 -93.66
CA MET R 317 48.00 -37.16 -94.89
C MET R 317 49.16 -36.98 -95.82
N LEU R 318 49.26 -37.91 -96.80
CA LEU R 318 50.24 -38.03 -97.85
C LEU R 318 50.11 -36.94 -98.86
N MET R 402 27.53 -1.59 -60.25
CA MET R 402 28.42 -2.56 -60.86
C MET R 402 28.85 -3.64 -59.87
N THR R 403 29.52 -3.20 -58.80
CA THR R 403 29.98 -4.12 -57.77
C THR R 403 29.32 -3.82 -56.42
N ILE R 404 28.78 -4.86 -55.78
CA ILE R 404 28.12 -4.71 -54.50
C ILE R 404 29.10 -4.22 -53.43
N ASP R 405 30.31 -4.76 -53.45
CA ASP R 405 31.34 -4.39 -52.48
C ASP R 405 31.18 -5.17 -51.18
N GLN R 406 32.02 -4.85 -50.20
CA GLN R 406 31.98 -5.51 -48.90
C GLN R 406 30.58 -5.44 -48.31
N LYS R 407 29.84 -4.38 -48.65
CA LYS R 407 28.51 -4.19 -48.15
C LYS R 407 27.74 -5.45 -48.22
N ILE R 408 27.87 -6.19 -49.35
CA ILE R 408 27.16 -7.41 -49.52
C ILE R 408 27.60 -8.43 -48.51
N ALA R 409 28.91 -8.52 -48.23
CA ALA R 409 29.42 -9.47 -47.30
C ALA R 409 28.86 -9.21 -45.93
N ARG R 410 28.78 -7.92 -45.54
CA ARG R 410 28.30 -7.56 -44.23
C ARG R 410 26.87 -7.98 -44.09
N ARG R 411 26.06 -7.77 -45.16
CA ARG R 411 24.67 -8.09 -45.08
C ARG R 411 24.48 -9.57 -44.90
N LYS R 412 25.30 -10.39 -45.60
CA LYS R 412 25.19 -11.82 -45.51
C LYS R 412 25.46 -12.26 -44.12
N LEU R 413 26.49 -11.67 -43.48
CA LEU R 413 26.87 -12.09 -42.16
C LEU R 413 25.77 -11.79 -41.20
N TYR R 414 25.12 -10.61 -41.35
CA TYR R 414 24.07 -10.24 -40.44
C TYR R 414 22.94 -11.20 -40.55
N LYS R 415 22.57 -11.59 -41.78
CA LYS R 415 21.46 -12.48 -41.96
C LYS R 415 21.74 -13.81 -41.34
N ILE R 416 22.98 -14.31 -41.45
CA ILE R 416 23.30 -15.60 -40.88
C ILE R 416 23.15 -15.53 -39.39
N PHE R 417 23.56 -14.41 -38.78
CA PHE R 417 23.40 -14.29 -37.34
C PHE R 417 21.95 -14.69 -37.15
N PRO R 418 21.07 -14.05 -37.93
CA PRO R 418 19.63 -14.31 -38.00
C PRO R 418 19.42 -15.59 -38.79
N LEU R 419 18.30 -16.27 -38.61
CA LEU R 419 18.08 -17.51 -39.35
C LEU R 419 18.06 -17.22 -40.84
N ASP R 420 18.73 -18.06 -41.60
CA ASP R 420 18.81 -17.90 -43.06
C ASP R 420 18.36 -19.16 -43.80
N ARG R 421 17.48 -18.98 -44.77
CA ARG R 421 16.97 -20.09 -45.58
C ARG R 421 16.34 -19.58 -46.88
N THR R 433 24.18 -23.34 -54.19
CA THR R 433 23.49 -22.58 -55.22
C THR R 433 24.48 -21.87 -56.14
N HIS R 434 24.29 -22.05 -57.45
CA HIS R 434 25.16 -21.43 -58.44
C HIS R 434 24.37 -20.65 -59.47
N GLN R 435 24.93 -19.53 -59.92
CA GLN R 435 24.28 -18.68 -60.90
C GLN R 435 25.27 -18.30 -62.00
N LEU R 436 24.74 -17.91 -63.16
CA LEU R 436 25.54 -17.49 -64.31
C LEU R 436 26.60 -16.48 -63.90
N THR R 437 26.15 -15.33 -63.42
CA THR R 437 27.07 -14.33 -62.97
C THR R 437 28.46 -14.88 -62.91
N PHE R 438 28.61 -16.13 -62.43
CA PHE R 438 29.90 -16.74 -62.27
C PHE R 438 30.54 -16.89 -63.60
N ILE R 439 29.77 -17.33 -64.59
CA ILE R 439 30.26 -17.61 -65.90
C ILE R 439 30.77 -16.35 -66.51
N GLU R 440 30.01 -15.25 -66.33
CA GLU R 440 30.38 -14.00 -66.94
C GLU R 440 31.67 -13.52 -66.37
N ASP R 441 31.85 -13.67 -65.05
CA ASP R 441 33.05 -13.18 -64.41
C ASP R 441 34.23 -13.91 -64.93
N LEU R 442 34.10 -15.23 -65.10
CA LEU R 442 35.22 -16.03 -65.53
C LEU R 442 35.64 -15.63 -66.91
N GLN R 443 34.65 -15.37 -67.80
CA GLN R 443 34.96 -15.03 -69.16
C GLN R 443 35.69 -13.73 -69.21
N GLU R 444 35.27 -12.75 -68.37
CA GLU R 444 35.90 -11.46 -68.40
C GLU R 444 37.32 -11.56 -67.97
N ARG R 445 37.59 -12.39 -66.94
CA ARG R 445 38.93 -12.50 -66.44
C ARG R 445 39.82 -13.10 -67.48
N TYR R 446 39.33 -14.11 -68.22
CA TYR R 446 40.14 -14.74 -69.22
C TYR R 446 40.49 -13.78 -70.30
N ALA R 447 39.52 -12.95 -70.73
CA ALA R 447 39.79 -12.02 -71.79
C ALA R 447 40.85 -11.05 -71.38
N LYS R 448 40.77 -10.58 -70.14
CA LYS R 448 41.73 -9.62 -69.61
C LYS R 448 42.99 -10.33 -69.13
N GLN R 449 43.62 -11.09 -70.02
CA GLN R 449 44.84 -11.82 -69.68
C GLN R 449 44.61 -12.74 -68.48
N THR R 450 43.41 -13.31 -68.39
CA THR R 450 43.08 -14.21 -67.31
C THR R 450 42.77 -15.61 -67.81
N PRO R 451 43.39 -16.63 -67.20
CA PRO R 451 43.20 -18.03 -67.59
C PRO R 451 43.87 -18.98 -66.60
N PRO R 470 63.08 -34.62 -91.76
CA PRO R 470 62.28 -35.02 -90.66
C PRO R 470 61.62 -33.77 -90.18
N ALA R 471 62.04 -32.60 -90.69
CA ALA R 471 61.49 -31.41 -90.14
C ALA R 471 60.02 -31.41 -90.38
N ARG R 472 59.61 -31.70 -91.63
CA ARG R 472 58.20 -31.68 -91.91
C ARG R 472 57.50 -32.78 -91.20
N LYS R 473 58.12 -33.97 -91.15
CA LYS R 473 57.50 -35.11 -90.54
C LYS R 473 57.28 -34.85 -89.09
N GLU R 474 58.29 -34.22 -88.44
CA GLU R 474 58.28 -33.96 -87.03
C GLU R 474 57.15 -33.04 -86.73
N ALA R 475 56.97 -32.00 -87.57
CA ALA R 475 55.96 -31.01 -87.33
C ALA R 475 54.61 -31.64 -87.41
N ILE R 476 54.41 -32.55 -88.38
CA ILE R 476 53.12 -33.16 -88.57
C ILE R 476 52.77 -33.99 -87.37
N GLY R 477 53.76 -34.73 -86.83
CA GLY R 477 53.50 -35.59 -85.71
C GLY R 477 53.09 -34.77 -84.53
N ARG R 478 53.77 -33.63 -84.31
CA ARG R 478 53.48 -32.81 -83.17
C ARG R 478 52.08 -32.28 -83.28
N LEU R 479 51.65 -31.86 -84.49
CA LEU R 479 50.35 -31.27 -84.63
C LEU R 479 49.30 -32.27 -84.30
N LEU R 480 49.50 -33.50 -84.77
CA LEU R 480 48.50 -34.52 -84.59
C LEU R 480 48.33 -34.82 -83.13
N THR R 481 49.44 -34.83 -82.38
CA THR R 481 49.41 -35.16 -80.98
C THR R 481 48.65 -34.12 -80.23
N HIS R 482 48.77 -32.87 -80.71
CA HIS R 482 48.14 -31.78 -80.02
C HIS R 482 46.74 -32.01 -80.13
N ILE R 483 46.39 -32.47 -81.32
CA ILE R 483 45.02 -32.62 -81.54
C ILE R 483 44.47 -33.65 -80.59
N ALA R 484 45.20 -34.77 -80.28
CA ALA R 484 44.67 -35.85 -79.44
C ALA R 484 44.38 -35.32 -78.09
N SER R 485 45.33 -34.54 -77.56
CA SER R 485 45.17 -34.10 -76.23
C SER R 485 43.98 -33.21 -76.09
N GLN R 486 43.91 -32.26 -77.02
CA GLN R 486 42.91 -31.27 -76.96
C GLN R 486 41.54 -31.87 -77.11
N LEU R 487 41.42 -32.94 -77.93
CA LEU R 487 40.18 -33.65 -78.25
C LEU R 487 39.65 -34.26 -77.03
N LEU R 488 40.55 -34.83 -76.24
CA LEU R 488 40.10 -35.46 -75.06
C LEU R 488 39.47 -34.44 -74.19
N VAL R 489 40.19 -33.30 -74.06
CA VAL R 489 39.68 -32.36 -73.11
C VAL R 489 38.33 -31.84 -73.53
N ASP R 490 38.16 -31.51 -74.83
CA ASP R 490 36.95 -30.91 -75.36
C ASP R 490 35.76 -31.82 -75.25
N PHE R 491 35.97 -33.11 -75.57
CA PHE R 491 34.92 -34.08 -75.51
C PHE R 491 34.47 -34.21 -74.11
N ALA R 492 35.44 -33.99 -73.21
CA ALA R 492 35.20 -34.24 -71.85
C ALA R 492 35.17 -35.72 -71.75
N ILE R 493 36.30 -36.24 -72.29
CA ILE R 493 36.79 -37.65 -72.35
C ILE R 493 38.38 -37.78 -72.27
N SER R 494 38.90 -38.96 -71.90
CA SER R 494 40.35 -39.22 -71.52
C SER R 494 41.42 -39.68 -72.57
N LYS R 495 42.71 -39.88 -72.18
CA LYS R 495 43.70 -40.27 -73.13
C LYS R 495 43.75 -41.76 -73.15
N GLU R 496 43.62 -42.38 -71.98
CA GLU R 496 43.74 -43.83 -71.87
C GLU R 496 42.68 -44.48 -72.72
N GLN R 497 41.50 -43.87 -72.75
CA GLN R 497 40.40 -44.38 -73.52
C GLN R 497 40.43 -43.98 -74.99
N LEU R 498 41.37 -43.15 -75.43
CA LEU R 498 41.30 -42.77 -76.81
C LEU R 498 42.39 -43.45 -77.53
N LYS R 499 43.59 -43.47 -76.94
CA LYS R 499 44.76 -44.02 -77.56
C LYS R 499 44.54 -45.48 -77.78
N ASP R 500 43.94 -46.19 -76.81
CA ASP R 500 43.75 -47.62 -76.95
C ASP R 500 42.85 -47.91 -78.09
N CYS R 501 41.77 -47.14 -78.18
CA CYS R 501 40.79 -47.40 -79.21
C CYS R 501 41.40 -47.19 -80.55
N ILE R 502 42.22 -46.13 -80.70
CA ILE R 502 42.81 -45.80 -81.98
C ILE R 502 43.74 -46.88 -82.40
N SER R 503 44.53 -47.44 -81.45
CA SER R 503 45.46 -48.47 -81.83
C SER R 503 44.74 -49.68 -82.33
N ARG R 504 43.61 -50.03 -81.68
CA ARG R 504 42.89 -51.20 -82.10
C ARG R 504 42.36 -51.02 -83.48
N ILE R 505 41.84 -49.81 -83.80
CA ILE R 505 41.26 -49.58 -85.10
C ILE R 505 42.32 -49.69 -86.15
N LYS R 506 43.52 -49.14 -85.89
CA LYS R 506 44.54 -49.17 -86.89
C LYS R 506 44.94 -50.59 -87.19
N ASN R 507 45.04 -51.43 -86.15
CA ASN R 507 45.45 -52.80 -86.37
C ASN R 507 44.44 -53.52 -87.21
N ALA R 508 43.14 -53.29 -86.96
CA ALA R 508 42.12 -53.96 -87.70
C ALA R 508 42.19 -53.59 -89.15
N CYS R 509 42.43 -52.29 -89.44
CA CYS R 509 42.47 -51.83 -90.80
C CYS R 509 43.61 -52.48 -91.53
N LEU R 510 44.77 -52.62 -90.86
CA LEU R 510 45.92 -53.19 -91.50
C LEU R 510 45.66 -54.62 -91.86
N HIS R 511 44.99 -55.35 -90.96
CA HIS R 511 44.72 -56.75 -91.20
C HIS R 511 43.82 -56.89 -92.40
N ARG R 512 42.80 -56.03 -92.50
CA ARG R 512 41.87 -56.14 -93.60
C ARG R 512 42.59 -55.89 -94.89
N MET R 513 43.48 -54.88 -94.93
CA MET R 513 44.14 -54.57 -96.18
C MET R 513 45.01 -55.70 -96.60
N ASN R 514 45.72 -56.31 -95.65
CA ASN R 514 46.61 -57.37 -96.01
C ASN R 514 45.77 -58.58 -96.42
N SER S 9 95.51 -32.19 -47.51
CA SER S 9 94.58 -32.09 -46.36
C SER S 9 93.80 -33.35 -46.17
N ASP S 10 92.81 -33.29 -45.27
CA ASP S 10 91.93 -34.39 -45.01
C ASP S 10 90.84 -33.82 -44.17
N VAL S 11 89.75 -34.60 -43.93
CA VAL S 11 88.70 -34.09 -43.09
C VAL S 11 88.59 -34.99 -41.91
N LEU S 12 88.34 -34.42 -40.71
CA LEU S 12 88.23 -35.22 -39.53
C LEU S 12 86.85 -35.02 -38.98
N GLY S 13 86.15 -36.11 -38.63
CA GLY S 13 84.82 -35.99 -38.12
C GLY S 13 84.84 -35.60 -36.67
N SER S 14 84.35 -34.38 -36.37
CA SER S 14 84.27 -33.87 -35.03
C SER S 14 83.01 -34.31 -34.31
N GLN S 15 81.84 -34.32 -34.99
CA GLN S 15 80.65 -34.58 -34.22
C GLN S 15 79.61 -35.25 -35.04
N LEU S 16 78.63 -35.88 -34.35
CA LEU S 16 77.53 -36.56 -34.99
C LEU S 16 76.29 -36.01 -34.37
N GLY S 17 75.26 -35.68 -35.19
CA GLY S 17 74.06 -35.15 -34.63
C GLY S 17 72.97 -36.14 -34.87
N VAL S 18 72.37 -36.67 -33.78
CA VAL S 18 71.36 -37.67 -33.93
C VAL S 18 70.02 -37.02 -34.08
N GLY S 19 69.64 -36.74 -35.34
CA GLY S 19 68.38 -36.14 -35.66
C GLY S 19 67.27 -37.09 -35.38
N VAL S 20 67.51 -38.39 -35.64
CA VAL S 20 66.60 -39.50 -35.52
C VAL S 20 65.71 -39.53 -36.71
N GLN S 21 65.97 -38.64 -37.69
CA GLN S 21 65.23 -38.67 -38.91
C GLN S 21 66.29 -38.59 -39.92
N VAL S 178 65.27 -39.01 -42.47
CA VAL S 178 66.61 -38.80 -42.91
C VAL S 178 66.84 -37.32 -42.96
N ALA S 179 68.11 -36.87 -42.91
CA ALA S 179 68.36 -35.46 -42.93
C ALA S 179 68.52 -35.03 -44.36
N ASN S 180 67.48 -34.38 -44.90
CA ASN S 180 67.42 -33.87 -46.24
C ASN S 180 68.16 -32.57 -46.39
N ARG S 181 68.27 -31.75 -45.33
CA ARG S 181 68.87 -30.46 -45.56
C ARG S 181 69.62 -30.01 -44.36
N LEU S 182 70.85 -29.45 -44.54
CA LEU S 182 71.52 -28.99 -43.37
C LEU S 182 72.25 -27.71 -43.66
N ASP S 183 72.28 -26.79 -42.66
CA ASP S 183 72.96 -25.53 -42.77
C ASP S 183 73.81 -25.31 -41.56
N SER S 184 74.82 -24.42 -41.68
CA SER S 184 75.68 -24.09 -40.59
C SER S 184 75.57 -22.62 -40.34
N GLN S 185 75.68 -22.19 -39.07
CA GLN S 185 75.51 -20.80 -38.75
C GLN S 185 76.79 -20.06 -38.88
N TYR S 186 76.66 -18.76 -39.23
CA TYR S 186 77.74 -17.81 -39.27
C TYR S 186 77.11 -16.57 -38.73
N ASP S 198 81.50 -16.77 -37.42
CA ASP S 198 81.89 -17.95 -36.67
C ASP S 198 80.67 -18.78 -36.25
N GLY S 199 80.28 -19.72 -37.10
CA GLY S 199 79.14 -20.55 -36.83
C GLY S 199 79.35 -21.46 -35.62
N THR S 200 78.30 -21.65 -34.83
CA THR S 200 78.38 -22.48 -33.64
C THR S 200 77.24 -23.49 -33.60
N GLU S 201 76.17 -23.19 -34.33
CA GLU S 201 75.03 -24.06 -34.37
C GLU S 201 74.88 -24.63 -35.74
N ILE S 202 74.35 -25.86 -35.82
CA ILE S 202 74.10 -26.44 -37.11
C ILE S 202 72.65 -26.79 -37.14
N ILE S 203 72.01 -26.61 -38.31
CA ILE S 203 70.60 -26.86 -38.35
C ILE S 203 70.35 -28.00 -39.27
N ALA S 204 69.59 -29.01 -38.79
CA ALA S 204 69.33 -30.17 -39.59
C ALA S 204 67.86 -30.26 -39.85
N TYR S 205 67.51 -30.58 -41.11
CA TYR S 205 66.12 -30.66 -41.48
C TYR S 205 65.80 -32.09 -41.71
N ALA S 206 64.73 -32.55 -41.04
CA ALA S 206 64.35 -33.92 -41.04
C ALA S 206 62.90 -33.97 -41.36
N SER S 207 62.22 -35.03 -40.88
CA SER S 207 60.81 -35.12 -41.07
C SER S 207 60.26 -35.31 -39.69
N LEU S 214 59.25 -32.81 -40.72
CA LEU S 214 58.38 -31.99 -39.94
C LEU S 214 59.17 -31.10 -39.04
N ASN S 215 60.49 -31.33 -38.87
CA ASN S 215 61.15 -30.49 -37.91
C ASN S 215 62.53 -30.18 -38.36
N ILE S 216 63.04 -29.08 -37.79
CA ILE S 216 64.34 -28.52 -38.01
C ILE S 216 64.96 -28.57 -36.65
N ALA S 217 66.14 -29.19 -36.50
CA ALA S 217 66.72 -29.27 -35.19
C ALA S 217 67.93 -28.40 -35.17
N VAL S 218 68.18 -27.72 -34.03
CA VAL S 218 69.31 -26.85 -33.93
C VAL S 218 70.25 -27.44 -32.92
N LEU S 219 71.54 -27.59 -33.28
CA LEU S 219 72.45 -28.13 -32.32
C LEU S 219 73.62 -27.21 -32.14
N THR S 220 74.06 -27.06 -30.86
CA THR S 220 75.17 -26.20 -30.59
C THR S 220 76.41 -27.04 -30.56
N ARG S 221 77.20 -26.90 -31.63
CA ARG S 221 78.43 -27.61 -31.87
C ARG S 221 79.47 -27.12 -30.92
N GLN S 222 79.35 -25.86 -30.48
CA GLN S 222 80.35 -25.28 -29.63
C GLN S 222 80.47 -26.15 -28.41
N ASN S 223 79.34 -26.65 -27.88
CA ASN S 223 79.44 -27.52 -26.74
C ASN S 223 79.64 -28.91 -27.26
N THR S 224 80.88 -29.41 -27.12
CA THR S 224 81.24 -30.69 -27.63
C THR S 224 80.42 -31.71 -26.94
N ASN S 228 79.34 -32.08 -24.36
CA ASN S 228 78.85 -33.35 -24.82
C ASN S 228 77.76 -33.14 -25.82
N ARG S 229 76.83 -32.22 -25.51
CA ARG S 229 75.75 -31.79 -26.35
C ARG S 229 75.16 -32.90 -27.16
N HIS S 230 74.46 -33.86 -26.51
CA HIS S 230 73.82 -34.93 -27.22
C HIS S 230 72.59 -34.48 -27.94
N ASN S 231 71.82 -33.54 -27.34
CA ASN S 231 70.53 -33.20 -27.89
C ASN S 231 70.56 -31.80 -28.44
N ASN S 232 69.53 -31.48 -29.26
CA ASN S 232 69.41 -30.20 -29.89
C ASN S 232 68.93 -29.19 -28.91
N VAL S 233 69.45 -27.95 -29.02
CA VAL S 233 69.03 -26.88 -28.16
C VAL S 233 67.62 -26.51 -28.49
N THR S 234 67.29 -26.37 -29.78
CA THR S 234 65.96 -25.96 -30.11
C THR S 234 65.44 -26.77 -31.26
N SER S 235 64.11 -26.76 -31.43
CA SER S 235 63.50 -27.47 -32.51
C SER S 235 62.41 -26.60 -33.09
N ILE S 236 62.33 -26.52 -34.43
CA ILE S 236 61.30 -25.77 -35.08
C ILE S 236 60.47 -26.69 -35.91
N GLU S 237 59.13 -26.72 -35.67
CA GLU S 237 58.25 -27.63 -36.35
C GLU S 237 57.63 -26.97 -37.54
N LEU S 238 58.26 -27.08 -38.73
CA LEU S 238 57.72 -26.50 -39.92
C LEU S 238 56.56 -27.24 -40.53
N HIS S 239 56.69 -28.57 -40.85
CA HIS S 239 55.62 -29.23 -41.57
C HIS S 239 55.89 -30.72 -41.78
N SER S 240 56.06 -31.17 -43.07
CA SER S 240 56.35 -32.52 -43.54
C SER S 240 57.86 -32.64 -43.73
N PRO S 241 58.41 -33.53 -44.55
CA PRO S 241 59.84 -33.59 -44.67
C PRO S 241 60.45 -32.32 -45.17
N ILE S 242 61.66 -31.97 -44.68
CA ILE S 242 62.19 -30.69 -45.01
C ILE S 242 63.20 -30.82 -46.09
N LYS S 243 62.96 -30.13 -47.22
CA LYS S 243 63.84 -30.08 -48.35
C LYS S 243 64.99 -29.14 -48.20
N SER S 244 64.77 -27.92 -47.64
CA SER S 244 65.87 -26.99 -47.63
C SER S 244 65.68 -25.97 -46.56
N ILE S 245 66.83 -25.47 -46.04
CA ILE S 245 66.92 -24.43 -45.05
C ILE S 245 67.96 -23.48 -45.50
N LYS S 246 67.72 -22.18 -45.30
CA LYS S 246 68.76 -21.29 -45.69
C LYS S 246 68.76 -20.15 -44.73
N ILE S 247 69.95 -19.66 -44.36
CA ILE S 247 70.02 -18.60 -43.39
C ILE S 247 70.41 -17.35 -44.12
N PRO S 248 69.71 -16.30 -43.83
CA PRO S 248 70.07 -15.06 -44.47
C PRO S 248 71.37 -14.52 -44.00
N GLY S 249 72.05 -13.76 -44.87
CA GLY S 249 73.27 -13.16 -44.48
C GLY S 249 74.40 -14.12 -44.61
N ARG S 257 72.37 -11.26 -42.13
CA ARG S 257 73.55 -11.60 -41.41
C ARG S 257 73.47 -13.02 -40.93
N SER S 258 72.36 -13.40 -40.28
CA SER S 258 72.22 -14.73 -39.76
C SER S 258 71.06 -14.69 -38.82
N ASN S 259 70.25 -13.61 -38.93
CA ASN S 259 69.10 -13.40 -38.09
C ASN S 259 68.00 -14.35 -38.44
N LEU S 260 67.77 -14.57 -39.74
CA LEU S 260 66.61 -15.32 -40.16
C LEU S 260 66.99 -16.66 -40.67
N VAL S 261 65.97 -17.55 -40.78
CA VAL S 261 66.11 -18.86 -41.35
C VAL S 261 64.88 -19.09 -42.18
N GLY S 262 65.03 -19.69 -43.37
CA GLY S 262 63.89 -19.94 -44.20
C GLY S 262 63.83 -21.42 -44.38
N ILE S 263 62.63 -22.00 -44.21
CA ILE S 263 62.51 -23.43 -44.27
C ILE S 263 61.56 -23.77 -45.35
N ILE S 264 61.92 -24.76 -46.20
CA ILE S 264 61.01 -25.06 -47.26
C ILE S 264 60.82 -26.55 -47.33
N THR S 265 59.57 -26.97 -47.64
CA THR S 265 59.12 -28.32 -47.69
C THR S 265 57.83 -28.35 -48.54
N GLU S 266 56.61 -28.43 -47.91
CA GLU S 266 55.25 -28.46 -48.45
C GLU S 266 54.97 -27.14 -49.10
N ASN S 267 53.68 -26.77 -49.13
CA ASN S 267 53.14 -25.60 -49.75
C ASN S 267 53.65 -24.34 -49.10
N SER S 268 53.88 -24.33 -47.78
CA SER S 268 54.26 -23.08 -47.21
C SER S 268 55.71 -23.07 -46.85
N PHE S 269 56.32 -21.86 -46.92
CA PHE S 269 57.69 -21.69 -46.58
C PHE S 269 57.64 -20.95 -45.29
N GLN S 270 58.49 -21.33 -44.31
CA GLN S 270 58.38 -20.70 -43.02
C GLN S 270 59.61 -19.88 -42.80
N ILE S 271 59.43 -18.65 -42.26
CA ILE S 271 60.55 -17.80 -42.01
C ILE S 271 60.64 -17.60 -40.53
N PHE S 272 61.82 -17.90 -39.94
CA PHE S 272 61.99 -17.80 -38.53
C PHE S 272 62.96 -16.73 -38.16
N ARG S 273 62.67 -16.10 -36.99
CA ARG S 273 63.51 -15.07 -36.46
C ARG S 273 64.38 -15.72 -35.44
N ILE S 274 65.71 -15.78 -35.70
CA ILE S 274 66.51 -16.37 -34.67
C ILE S 274 67.23 -15.27 -33.96
N GLU S 275 66.48 -14.50 -33.16
CA GLU S 275 67.12 -13.47 -32.40
C GLU S 275 66.38 -13.37 -31.12
N SER S 276 67.12 -13.34 -29.99
CA SER S 276 66.42 -13.13 -28.76
C SER S 276 66.65 -11.69 -28.50
N SER S 289 64.08 -19.50 -31.60
CA SER S 289 63.48 -18.68 -32.60
C SER S 289 62.01 -18.95 -32.69
N GLU S 290 61.26 -17.99 -33.27
CA GLU S 290 59.84 -18.16 -33.42
C GLU S 290 59.49 -17.79 -34.83
N PRO S 291 58.44 -18.38 -35.34
CA PRO S 291 58.00 -18.15 -36.68
C PRO S 291 57.71 -16.70 -36.93
N LEU S 292 58.50 -16.02 -37.80
CA LEU S 292 58.20 -14.66 -38.15
C LEU S 292 57.03 -14.58 -39.08
N TYR S 293 57.11 -15.32 -40.21
CA TYR S 293 56.10 -15.20 -41.23
C TYR S 293 56.02 -16.49 -41.98
N PHE S 294 55.02 -16.60 -42.89
CA PHE S 294 54.90 -17.78 -43.68
C PHE S 294 54.58 -17.35 -45.09
N VAL S 295 55.15 -18.05 -46.10
CA VAL S 295 54.81 -17.73 -47.45
C VAL S 295 54.14 -18.93 -48.04
N GLU S 296 52.89 -18.78 -48.50
CA GLU S 296 52.22 -19.93 -49.03
C GLU S 296 52.11 -19.80 -50.51
N ILE S 297 52.47 -20.87 -51.24
CA ILE S 297 52.41 -20.83 -52.67
C ILE S 297 51.52 -21.94 -53.14
N ASP S 298 51.09 -21.88 -54.41
CA ASP S 298 50.22 -22.87 -54.98
C ASP S 298 50.91 -24.20 -55.06
N ASP S 299 52.22 -24.21 -55.41
CA ASP S 299 52.88 -25.47 -55.60
C ASP S 299 52.90 -26.25 -54.34
N LEU S 300 52.71 -27.58 -54.48
CA LEU S 300 52.64 -28.42 -53.33
C LEU S 300 53.96 -28.57 -52.63
N GLN S 301 55.11 -28.53 -53.34
CA GLN S 301 56.31 -28.71 -52.57
C GLN S 301 57.45 -27.90 -53.09
N VAL S 302 58.45 -27.62 -52.23
CA VAL S 302 59.62 -26.93 -52.67
C VAL S 302 60.84 -27.70 -52.34
N VAL S 303 61.63 -27.96 -53.41
CA VAL S 303 62.85 -28.70 -53.42
C VAL S 303 64.06 -27.94 -52.95
N ASP S 304 64.19 -26.64 -53.27
CA ASP S 304 65.43 -25.98 -52.94
C ASP S 304 65.16 -24.51 -52.73
N PHE S 305 66.11 -23.80 -52.10
CA PHE S 305 65.94 -22.42 -51.78
C PHE S 305 67.23 -21.69 -52.02
N ALA S 306 67.15 -20.39 -52.35
CA ALA S 306 68.31 -19.57 -52.55
C ALA S 306 67.96 -18.18 -52.10
N PHE S 307 68.92 -17.45 -51.49
CA PHE S 307 68.69 -16.10 -51.04
C PHE S 307 69.50 -15.18 -51.89
N ASN S 308 68.96 -13.99 -52.20
CA ASN S 308 69.68 -13.02 -52.98
C ASN S 308 70.78 -12.46 -52.12
N PRO S 309 71.82 -12.00 -52.75
CA PRO S 309 72.99 -11.53 -52.06
C PRO S 309 72.73 -10.39 -51.14
N ASP S 311 70.46 -9.03 -52.05
CA ASP S 311 70.76 -8.24 -50.90
C ASP S 311 69.84 -8.66 -49.80
N LEU S 312 69.60 -9.98 -49.70
CA LEU S 312 68.80 -10.53 -48.66
C LEU S 312 67.35 -10.16 -48.85
N GLN S 313 67.05 -9.40 -49.93
CA GLN S 313 65.69 -8.99 -50.17
C GLN S 313 64.82 -10.11 -50.68
N GLN S 314 65.37 -10.97 -51.56
CA GLN S 314 64.58 -11.94 -52.28
C GLN S 314 64.88 -13.35 -51.86
N PHE S 315 63.86 -14.23 -51.99
CA PHE S 315 64.03 -15.64 -51.76
C PHE S 315 63.68 -16.28 -53.07
N ALA S 316 64.42 -17.32 -53.47
CA ALA S 316 64.11 -18.04 -54.67
C ALA S 316 63.66 -19.39 -54.22
N ILE S 317 62.55 -19.89 -54.78
CA ILE S 317 62.01 -21.15 -54.34
C ILE S 317 61.86 -22.02 -55.55
N ILE S 318 62.31 -23.27 -55.40
CA ILE S 318 62.43 -24.26 -56.43
C ILE S 318 61.21 -25.15 -56.25
N ASP S 319 60.20 -24.99 -57.13
CA ASP S 319 58.94 -25.66 -56.95
C ASP S 319 58.89 -27.02 -57.62
N ILE S 320 57.98 -27.89 -57.14
CA ILE S 320 57.85 -29.22 -57.68
C ILE S 320 57.32 -29.12 -59.08
N LYS S 321 56.46 -28.11 -59.35
CA LYS S 321 55.90 -27.98 -60.66
C LYS S 321 56.99 -27.66 -61.64
N GLY S 322 58.10 -27.07 -61.18
CA GLY S 322 59.16 -26.73 -62.08
C GLY S 322 59.31 -25.25 -62.04
N ASN S 323 58.28 -24.51 -61.62
CA ASN S 323 58.48 -23.10 -61.64
C ASN S 323 59.33 -22.63 -60.50
N TRP S 324 59.97 -21.46 -60.73
CA TRP S 324 60.86 -20.80 -59.83
C TRP S 324 60.05 -19.68 -59.24
N SER S 325 59.93 -19.63 -57.90
CA SER S 325 59.17 -18.53 -57.39
C SER S 325 60.11 -17.54 -56.76
N ILE S 326 59.84 -16.24 -56.99
CA ILE S 326 60.66 -15.21 -56.43
C ILE S 326 59.81 -14.50 -55.42
N GLY S 327 60.28 -14.45 -54.16
CA GLY S 327 59.48 -13.88 -53.14
C GLY S 327 60.14 -12.67 -52.56
N ARG S 328 59.34 -11.62 -52.32
CA ARG S 328 59.84 -10.44 -51.69
C ARG S 328 59.60 -10.65 -50.23
N ILE S 329 60.71 -10.77 -49.49
CA ILE S 329 60.72 -11.05 -48.08
C ILE S 329 60.05 -9.99 -47.23
N PRO S 330 60.23 -8.67 -47.42
CA PRO S 330 59.85 -7.67 -46.43
C PRO S 330 58.55 -7.91 -45.72
N ILE S 344 56.66 -7.93 -47.75
CA ILE S 344 55.39 -8.05 -48.35
C ILE S 344 55.04 -9.49 -48.29
N ASP S 345 56.06 -10.35 -48.40
CA ASP S 345 55.82 -11.74 -48.43
C ASP S 345 54.90 -12.01 -49.58
N ASN S 346 55.22 -11.38 -50.73
CA ASN S 346 54.46 -11.57 -51.95
C ASN S 346 55.36 -12.19 -52.97
N LEU S 347 54.74 -12.81 -54.00
CA LEU S 347 55.45 -13.44 -55.09
C LEU S 347 55.56 -12.44 -56.19
N HIS S 348 56.76 -11.84 -56.34
CA HIS S 348 57.00 -10.85 -57.34
C HIS S 348 56.96 -11.48 -58.71
N GLY S 349 57.69 -12.61 -58.91
CA GLY S 349 57.78 -13.18 -60.23
C GLY S 349 58.14 -14.62 -60.17
N THR S 350 57.84 -15.32 -61.30
CA THR S 350 58.05 -16.72 -61.42
C THR S 350 58.55 -17.02 -62.79
N ILE S 351 59.66 -17.79 -62.84
CA ILE S 351 60.20 -18.19 -64.10
C ILE S 351 59.82 -19.61 -64.34
N PHE S 352 59.04 -19.86 -65.41
CA PHE S 352 58.83 -21.24 -65.68
C PHE S 352 59.38 -21.61 -67.01
N ASP S 353 60.17 -22.70 -66.96
CA ASP S 353 60.85 -23.36 -68.03
C ASP S 353 60.65 -24.83 -67.80
N PRO S 354 61.27 -25.39 -66.76
CA PRO S 354 61.30 -26.81 -66.56
C PRO S 354 59.93 -27.41 -66.57
N GLU S 355 59.84 -28.60 -67.17
CA GLU S 355 58.59 -29.23 -67.49
C GLU S 355 57.76 -29.31 -66.25
N SER S 358 60.01 -30.75 -65.31
CA SER S 358 59.29 -31.02 -64.11
C SER S 358 59.96 -30.31 -62.98
N SER S 359 59.91 -30.90 -61.77
CA SER S 359 60.33 -30.23 -60.58
C SER S 359 61.71 -29.64 -60.72
N TRP S 360 61.90 -28.42 -60.15
CA TRP S 360 63.22 -27.86 -60.10
C TRP S 360 63.81 -28.45 -58.86
N LYS S 361 64.96 -29.15 -58.99
CA LYS S 361 65.67 -29.73 -57.88
C LYS S 361 66.68 -28.85 -57.17
N ARG S 362 67.38 -27.93 -57.87
CA ARG S 362 68.42 -27.20 -57.18
C ARG S 362 68.62 -25.87 -57.82
N ILE S 363 69.28 -24.93 -57.08
CA ILE S 363 69.59 -23.65 -57.66
C ILE S 363 70.77 -23.04 -56.99
N GLU S 364 71.34 -22.01 -57.66
CA GLU S 364 72.45 -21.26 -57.14
C GLU S 364 72.48 -19.97 -57.90
N TRP S 365 73.25 -18.98 -57.38
CA TRP S 365 73.37 -17.68 -57.96
C TRP S 365 74.75 -17.52 -58.51
N PHE S 366 74.86 -16.74 -59.59
CA PHE S 366 76.07 -16.41 -60.29
C PHE S 366 76.88 -15.58 -59.34
N SER S 367 78.21 -15.56 -59.50
CA SER S 367 79.05 -14.84 -58.58
C SER S 367 78.69 -13.38 -58.64
N HIS S 368 78.36 -12.88 -59.85
CA HIS S 368 78.03 -11.50 -60.06
C HIS S 368 76.70 -11.19 -59.43
N PHE S 369 75.86 -12.23 -59.22
CA PHE S 369 74.54 -12.08 -58.70
C PHE S 369 73.59 -11.63 -59.78
N GLN S 370 74.09 -11.43 -61.01
CA GLN S 370 73.16 -11.08 -62.04
C GLN S 370 72.37 -12.29 -62.49
N LYS S 371 73.01 -13.48 -62.58
CA LYS S 371 72.29 -14.60 -63.12
C LYS S 371 71.97 -15.61 -62.08
N ILE S 372 70.99 -16.48 -62.41
CA ILE S 372 70.60 -17.52 -61.51
C ILE S 372 70.54 -18.79 -62.30
N LEU S 373 71.00 -19.91 -61.70
CA LEU S 373 71.02 -21.15 -62.41
C LEU S 373 70.21 -22.15 -61.64
N VAL S 374 69.46 -22.99 -62.38
CA VAL S 374 68.68 -23.99 -61.73
C VAL S 374 68.78 -25.27 -62.49
N PHE S 375 68.61 -26.41 -61.78
CA PHE S 375 68.61 -27.68 -62.41
C PHE S 375 67.31 -28.33 -62.12
N ASP S 376 66.80 -29.12 -63.08
CA ASP S 376 65.56 -29.76 -62.82
C ASP S 376 65.65 -31.15 -63.27
N ARG S 377 64.48 -31.78 -63.37
CA ARG S 377 64.50 -33.12 -63.82
C ARG S 377 64.91 -33.07 -65.28
N SER S 378 66.18 -33.47 -65.59
CA SER S 378 66.77 -33.60 -66.90
C SER S 378 67.22 -32.32 -67.60
N LYS S 379 67.19 -31.12 -66.97
CA LYS S 379 67.73 -29.98 -67.69
C LYS S 379 68.30 -28.98 -66.71
N MET S 380 69.19 -28.09 -67.20
CA MET S 380 69.77 -27.02 -66.41
C MET S 380 69.46 -25.74 -67.15
N ILE S 381 69.11 -24.66 -66.43
CA ILE S 381 68.76 -23.46 -67.14
C ILE S 381 69.35 -22.27 -66.43
N GLU S 382 69.75 -21.22 -67.19
CA GLU S 382 70.32 -20.02 -66.64
C GLU S 382 69.34 -18.90 -66.82
N ILE S 383 69.17 -18.06 -65.79
CA ILE S 383 68.13 -17.08 -65.84
C ILE S 383 68.72 -15.72 -65.59
N ASP S 384 68.15 -14.69 -66.26
CA ASP S 384 68.56 -13.35 -65.98
C ASP S 384 67.81 -12.93 -64.77
N PHE S 385 68.42 -12.07 -63.94
CA PHE S 385 67.76 -11.57 -62.77
C PHE S 385 66.64 -10.74 -63.28
N MET S 386 66.85 -10.08 -64.42
CA MET S 386 65.83 -9.24 -64.96
C MET S 386 64.62 -10.10 -65.18
N ASN S 387 64.76 -11.32 -65.78
CA ASN S 387 63.58 -12.10 -66.02
C ASN S 387 63.91 -13.38 -66.74
N ASN S 388 63.83 -13.32 -68.08
CA ASN S 388 63.92 -14.40 -69.05
C ASN S 388 65.16 -15.24 -68.95
N TRP S 389 65.05 -16.47 -69.51
CA TRP S 389 66.04 -17.53 -69.52
C TRP S 389 67.09 -17.29 -70.57
N GLN S 390 68.37 -17.26 -70.13
CA GLN S 390 69.49 -17.12 -71.02
C GLN S 390 69.83 -18.38 -71.76
N THR S 391 69.95 -19.54 -71.05
CA THR S 391 70.43 -20.70 -71.75
C THR S 391 69.91 -21.93 -71.11
N GLU S 392 70.16 -23.10 -71.74
CA GLU S 392 69.80 -24.31 -71.09
C GLU S 392 70.68 -25.43 -71.56
N VAL S 393 70.87 -26.45 -70.71
CA VAL S 393 71.67 -27.58 -71.07
C VAL S 393 70.80 -28.78 -70.92
N VAL S 394 70.91 -29.74 -71.87
CA VAL S 394 70.08 -30.91 -71.79
C VAL S 394 70.94 -32.06 -71.42
N GLN S 395 70.44 -32.96 -70.54
CA GLN S 395 71.23 -34.08 -70.12
C GLN S 395 70.42 -35.33 -70.32
N ALA S 396 71.12 -36.48 -70.38
CA ALA S 396 70.50 -37.75 -70.65
C ALA S 396 69.51 -38.08 -69.59
N SER S 400 70.92 -37.34 -67.28
CA SER S 400 69.72 -37.83 -66.66
C SER S 400 69.24 -36.71 -65.80
N ASN S 401 68.51 -37.05 -64.71
CA ASN S 401 67.94 -36.07 -63.82
C ASN S 401 69.06 -35.29 -63.20
N ILE S 402 68.82 -34.01 -62.85
CA ILE S 402 69.86 -33.27 -62.18
C ILE S 402 69.40 -32.99 -60.78
N ARG S 403 70.06 -33.65 -59.80
CA ARG S 403 69.79 -33.48 -58.40
C ARG S 403 70.44 -32.26 -57.78
N ASP S 404 71.66 -31.86 -58.18
CA ASP S 404 72.26 -30.77 -57.45
C ASP S 404 73.18 -29.97 -58.35
N TYR S 405 73.48 -28.72 -57.94
CA TYR S 405 74.30 -27.84 -58.73
C TYR S 405 74.96 -26.82 -57.85
N LYS S 406 76.07 -26.22 -58.33
CA LYS S 406 76.75 -25.19 -57.58
C LYS S 406 77.38 -24.26 -58.57
N ARG S 407 77.52 -22.97 -58.21
CA ARG S 407 78.27 -22.12 -59.08
C ARG S 407 79.51 -21.74 -58.35
N ILE S 408 80.65 -21.75 -59.07
CA ILE S 408 81.93 -21.45 -58.47
C ILE S 408 81.94 -20.00 -58.10
N ASP S 409 82.40 -19.71 -56.86
CA ASP S 409 82.42 -18.38 -56.36
C ASP S 409 83.31 -17.54 -57.23
N ASP S 410 84.43 -18.10 -57.74
CA ASP S 410 85.27 -17.31 -58.58
C ASP S 410 84.47 -16.88 -59.74
N LYS S 411 83.87 -17.87 -60.43
CA LYS S 411 83.07 -17.73 -61.63
C LYS S 411 83.59 -18.75 -62.61
N ASN S 412 82.96 -18.80 -63.80
CA ASN S 412 83.36 -19.56 -64.93
C ASN S 412 83.27 -21.04 -64.69
N GLY S 413 82.53 -21.49 -63.66
CA GLY S 413 82.44 -22.90 -63.51
C GLY S 413 81.15 -23.25 -62.83
N ILE S 414 80.46 -24.28 -63.35
CA ILE S 414 79.22 -24.76 -62.81
C ILE S 414 79.37 -26.23 -62.56
N LEU S 415 79.05 -26.68 -61.33
CA LEU S 415 79.18 -28.08 -61.02
C LEU S 415 77.78 -28.64 -61.07
N LEU S 416 77.59 -29.76 -61.79
CA LEU S 416 76.29 -30.38 -61.90
C LEU S 416 76.39 -31.72 -61.26
N THR S 417 75.27 -32.17 -60.66
CA THR S 417 75.24 -33.35 -59.84
C THR S 417 74.23 -34.29 -60.49
N SER S 418 74.71 -35.44 -61.06
CA SER S 418 73.99 -36.53 -61.72
C SER S 418 74.72 -37.76 -61.18
N ARG S 419 74.82 -38.95 -61.84
CA ARG S 419 75.68 -39.98 -61.26
C ARG S 419 77.07 -39.46 -61.44
N GLU S 420 77.28 -38.86 -62.61
CA GLU S 420 78.52 -38.23 -62.94
C GLU S 420 78.42 -36.86 -62.39
N ILE S 421 79.58 -36.20 -62.22
CA ILE S 421 79.57 -34.84 -61.80
C ILE S 421 80.11 -34.11 -62.97
N ILE S 422 79.39 -33.11 -63.48
CA ILE S 422 79.95 -32.45 -64.62
C ILE S 422 80.20 -31.03 -64.28
N ILE S 423 81.40 -30.55 -64.64
CA ILE S 423 81.72 -29.17 -64.43
C ILE S 423 81.56 -28.54 -65.77
N VAL S 424 80.68 -27.52 -65.87
CA VAL S 424 80.44 -26.95 -67.16
C VAL S 424 81.08 -25.61 -67.19
N GLY S 425 81.79 -25.31 -68.31
CA GLY S 425 82.39 -24.02 -68.43
C GLY S 425 81.27 -23.09 -68.77
N ALA S 426 81.17 -21.97 -68.03
CA ALA S 426 80.09 -21.06 -68.27
C ALA S 426 80.29 -20.40 -69.60
N SER S 427 79.22 -20.35 -70.38
CA SER S 427 79.14 -19.68 -71.65
C SER S 427 79.99 -20.38 -72.64
N PRO S 432 82.12 -21.97 -71.86
CA PRO S 432 82.58 -22.48 -73.12
C PRO S 432 81.93 -23.80 -73.35
N VAL S 433 82.15 -24.39 -74.54
CA VAL S 433 81.58 -25.67 -74.86
C VAL S 433 82.18 -26.73 -73.97
N ARG S 434 83.50 -26.66 -73.72
CA ARG S 434 84.22 -27.70 -73.02
C ARG S 434 83.74 -27.81 -71.60
N ARG S 435 83.80 -29.07 -71.08
CA ARG S 435 83.37 -29.38 -69.74
C ARG S 435 84.31 -30.42 -69.23
N ILE S 436 84.17 -30.74 -67.92
CA ILE S 436 84.94 -31.81 -67.36
C ILE S 436 83.97 -32.73 -66.72
N SER S 437 84.19 -34.05 -66.86
CA SER S 437 83.26 -34.97 -66.27
C SER S 437 84.04 -35.84 -65.33
N TRP S 438 83.56 -35.96 -64.08
CA TRP S 438 84.28 -36.79 -63.16
C TRP S 438 83.44 -37.92 -62.67
N LYS S 439 84.07 -39.10 -62.55
CA LYS S 439 83.36 -40.28 -62.13
C LYS S 439 83.98 -40.79 -60.88
N HIS S 440 83.30 -40.60 -59.74
CA HIS S 440 83.77 -41.14 -58.50
C HIS S 440 82.56 -41.53 -57.70
N ASP S 441 81.37 -41.57 -58.35
CA ASP S 441 80.16 -41.94 -57.68
C ASP S 441 79.67 -43.17 -58.36
N LEU S 442 79.33 -44.21 -57.58
CA LEU S 442 78.94 -45.47 -58.13
C LEU S 442 77.65 -45.38 -58.87
N ASP S 446 76.25 -43.87 -56.99
CA ASP S 446 74.93 -43.73 -57.53
C ASP S 446 74.72 -42.29 -57.80
N THR S 447 73.47 -41.82 -57.63
CA THR S 447 73.17 -40.46 -57.95
C THR S 447 73.87 -39.52 -57.02
N THR S 448 74.27 -38.33 -57.54
CA THR S 448 74.86 -37.40 -56.65
C THR S 448 73.78 -36.45 -56.21
N LEU S 449 73.44 -36.60 -54.92
CA LEU S 449 72.39 -35.90 -54.25
C LEU S 449 72.69 -34.46 -54.01
N ARG S 450 73.93 -34.11 -53.63
CA ARG S 450 74.12 -32.72 -53.32
C ARG S 450 75.55 -32.32 -53.57
N ILE S 451 75.79 -31.01 -53.76
CA ILE S 451 77.12 -30.54 -54.00
C ILE S 451 77.23 -29.14 -53.48
N THR S 452 78.43 -28.76 -53.00
CA THR S 452 78.63 -27.39 -52.58
C THR S 452 80.06 -27.01 -52.80
N VAL S 453 80.28 -25.75 -53.26
CA VAL S 453 81.60 -25.24 -53.50
C VAL S 453 82.08 -24.57 -52.26
N GLN S 454 83.41 -24.60 -52.04
CA GLN S 454 83.97 -23.94 -50.90
C GLN S 454 83.86 -22.49 -51.20
N LYS S 455 83.91 -21.62 -50.17
CA LYS S 455 83.81 -20.22 -50.42
C LYS S 455 85.03 -19.72 -51.14
N VAL S 456 86.20 -20.32 -50.84
CA VAL S 456 87.48 -19.92 -51.33
C VAL S 456 87.54 -20.02 -52.78
N LEU S 464 85.83 -22.02 -53.74
CA LEU S 464 86.02 -21.84 -55.13
C LEU S 464 87.18 -22.68 -55.54
N VAL S 465 88.14 -22.91 -54.63
CA VAL S 465 89.29 -23.73 -54.91
C VAL S 465 88.88 -25.16 -55.02
N ALA S 466 87.84 -25.57 -54.27
CA ALA S 466 87.46 -26.95 -54.33
C ALA S 466 86.02 -27.03 -53.97
N PHE S 467 85.40 -28.21 -54.19
CA PHE S 467 84.02 -28.37 -53.85
C PHE S 467 83.78 -29.81 -53.45
N VAL S 468 82.60 -30.10 -52.90
CA VAL S 468 82.33 -31.45 -52.48
C VAL S 468 81.03 -31.90 -53.06
N TYR S 469 80.90 -33.22 -53.31
CA TYR S 469 79.63 -33.73 -53.73
C TYR S 469 79.32 -34.93 -52.89
N SER S 470 78.01 -35.21 -52.69
CA SER S 470 77.59 -36.31 -51.87
C SER S 470 76.80 -37.23 -52.73
N MET S 471 76.75 -38.52 -52.33
CA MET S 471 76.14 -39.48 -53.20
C MET S 471 75.32 -40.48 -52.44
N ARG S 472 74.44 -41.16 -53.21
CA ARG S 472 73.61 -42.20 -52.69
C ARG S 472 74.52 -43.31 -52.27
N HIS S 473 75.67 -43.45 -52.95
CA HIS S 473 76.52 -44.54 -52.56
C HIS S 473 77.40 -44.20 -51.40
N LYS S 474 76.84 -43.45 -50.43
CA LYS S 474 77.45 -43.18 -49.16
C LYS S 474 78.77 -42.50 -49.27
N ARG S 475 79.05 -41.70 -50.32
CA ARG S 475 80.37 -41.16 -50.31
C ARG S 475 80.35 -39.68 -50.43
N ILE S 476 81.28 -39.02 -49.73
CA ILE S 476 81.41 -37.60 -49.81
C ILE S 476 82.75 -37.40 -50.44
N TYR S 477 82.80 -36.65 -51.56
CA TYR S 477 84.05 -36.51 -52.26
C TYR S 477 84.42 -35.06 -52.29
N MET S 478 85.73 -34.78 -52.13
CA MET S 478 86.15 -33.41 -52.26
C MET S 478 86.93 -33.32 -53.53
N HIS S 479 86.68 -32.30 -54.33
CA HIS S 479 87.37 -32.14 -55.61
C HIS S 479 87.94 -30.76 -55.86
N VAL S 480 89.01 -30.72 -56.66
CA VAL S 480 89.68 -29.48 -57.02
C VAL S 480 88.80 -28.66 -57.97
N PHE S 481 89.01 -27.35 -57.99
CA PHE S 481 88.22 -26.47 -58.85
C PHE S 481 88.41 -26.84 -60.32
N SER S 482 87.30 -26.80 -61.06
CA SER S 482 87.29 -27.13 -62.48
C SER S 482 87.70 -28.58 -62.71
N HIS S 483 88.64 -28.79 -63.62
CA HIS S 483 89.12 -30.12 -63.94
C HIS S 483 90.07 -30.65 -62.86
N GLU S 499 88.26 -31.78 -61.21
CA GLU S 499 88.05 -32.54 -60.02
C GLU S 499 89.13 -33.53 -59.81
N ILE S 500 90.28 -33.10 -59.25
CA ILE S 500 91.26 -34.06 -58.86
C ILE S 500 90.82 -34.40 -57.46
N PRO S 501 90.76 -35.65 -57.12
CA PRO S 501 90.28 -36.02 -55.81
C PRO S 501 91.16 -35.63 -54.67
N GLY S 502 90.72 -34.66 -53.85
CA GLY S 502 91.43 -34.22 -52.67
C GLY S 502 91.32 -35.23 -51.58
N GLY S 503 90.09 -35.77 -51.35
CA GLY S 503 89.88 -36.69 -50.27
C GLY S 503 88.51 -37.27 -50.39
N THR S 504 88.27 -38.46 -49.82
CA THR S 504 86.96 -39.04 -49.92
C THR S 504 86.58 -39.71 -48.63
N PRO S 505 85.53 -39.23 -48.00
CA PRO S 505 85.03 -39.92 -46.85
C PRO S 505 84.00 -40.95 -47.21
N THR S 506 83.90 -42.04 -46.44
CA THR S 506 82.88 -43.02 -46.70
C THR S 506 81.98 -43.00 -45.50
N GLY S 507 80.68 -42.78 -45.73
CA GLY S 507 79.76 -42.73 -44.62
C GLY S 507 79.06 -44.04 -44.53
N ILE S 508 78.24 -44.19 -43.47
CA ILE S 508 77.47 -45.39 -43.23
C ILE S 508 76.39 -45.53 -44.26
N GLU S 509 75.71 -44.43 -44.63
CA GLU S 509 74.62 -44.55 -45.55
C GLU S 509 74.67 -43.42 -46.53
N THR S 510 73.56 -43.25 -47.30
CA THR S 510 73.54 -42.26 -48.35
C THR S 510 73.72 -40.90 -47.75
N ILE S 511 74.38 -40.00 -48.51
CA ILE S 511 74.58 -38.65 -48.05
C ILE S 511 73.71 -37.76 -48.87
N LEU S 512 72.58 -37.34 -48.27
CA LEU S 512 71.54 -36.53 -48.86
C LEU S 512 71.89 -35.08 -49.00
N THR S 513 72.58 -34.47 -48.01
CA THR S 513 72.76 -33.03 -48.13
C THR S 513 74.09 -32.65 -47.55
N LEU S 514 74.51 -31.38 -47.79
CA LEU S 514 75.77 -30.95 -47.28
C LEU S 514 75.83 -29.44 -47.27
N ASP S 515 76.73 -28.88 -46.42
CA ASP S 515 76.94 -27.46 -46.37
C ASP S 515 78.36 -27.24 -45.96
N HIS S 516 78.93 -26.07 -46.31
CA HIS S 516 80.26 -25.69 -45.89
C HIS S 516 80.09 -24.37 -45.20
N ILE S 517 80.85 -24.19 -44.11
CA ILE S 517 80.97 -23.01 -43.32
C ILE S 517 81.50 -21.90 -44.16
N ASP S 518 81.12 -20.64 -43.84
CA ASP S 518 81.50 -19.50 -44.62
C ASP S 518 82.97 -19.48 -44.71
N VAL S 534 84.64 -20.28 -42.57
CA VAL S 534 85.61 -19.96 -43.56
C VAL S 534 86.27 -21.24 -43.97
N VAL S 535 85.50 -22.07 -44.70
CA VAL S 535 85.92 -23.30 -45.31
C VAL S 535 86.49 -24.22 -44.27
N ASP S 536 86.22 -23.92 -42.98
CA ASP S 536 86.65 -24.72 -41.86
C ASP S 536 85.89 -26.02 -41.73
N PHE S 537 84.54 -25.99 -41.84
CA PHE S 537 83.80 -27.19 -41.53
C PHE S 537 82.85 -27.56 -42.63
N LEU S 538 82.50 -28.87 -42.64
CA LEU S 538 81.63 -29.49 -43.59
C LEU S 538 80.58 -30.22 -42.78
N VAL S 539 79.31 -30.14 -43.20
CA VAL S 539 78.26 -30.85 -42.52
C VAL S 539 77.56 -31.65 -43.56
N LYS S 540 77.21 -32.92 -43.25
CA LYS S 540 76.52 -33.73 -44.21
C LYS S 540 75.34 -34.35 -43.55
N LEU S 541 74.27 -34.59 -44.31
CA LEU S 541 73.13 -35.21 -43.73
C LEU S 541 73.02 -36.59 -44.28
N ARG S 542 72.55 -37.56 -43.45
CA ARG S 542 72.62 -38.91 -43.91
C ARG S 542 71.33 -39.65 -43.80
N ASN S 543 71.29 -40.77 -44.56
CA ASN S 543 70.21 -41.70 -44.66
C ASN S 543 70.05 -42.34 -43.31
N SER S 544 71.16 -42.40 -42.56
CA SER S 544 71.22 -43.01 -41.26
C SER S 544 70.49 -42.16 -40.27
N SER S 545 69.73 -41.15 -40.73
CA SER S 545 68.97 -40.29 -39.86
C SER S 545 69.86 -39.57 -38.91
N GLU S 546 70.98 -39.01 -39.41
CA GLU S 546 71.87 -38.24 -38.59
C GLU S 546 72.60 -37.28 -39.47
N VAL S 547 73.39 -36.38 -38.85
CA VAL S 547 74.21 -35.42 -39.53
C VAL S 547 75.60 -35.64 -39.04
N TYR S 548 76.62 -35.35 -39.89
CA TYR S 548 77.97 -35.54 -39.47
C TYR S 548 78.66 -34.22 -39.63
N TYR S 549 79.56 -33.87 -38.69
CA TYR S 549 80.21 -32.60 -38.76
C TYR S 549 81.67 -32.90 -38.95
N TYR S 550 82.31 -32.25 -39.94
CA TYR S 550 83.70 -32.52 -40.21
C TYR S 550 84.46 -31.24 -40.09
N ALA S 551 85.73 -31.36 -39.66
CA ALA S 551 86.57 -30.21 -39.61
C ALA S 551 87.56 -30.39 -40.72
N LEU S 552 87.65 -29.40 -41.63
CA LEU S 552 88.61 -29.51 -42.69
C LEU S 552 89.93 -29.16 -42.11
N SER S 553 91.00 -29.83 -42.56
CA SER S 553 92.29 -29.50 -42.04
C SER S 553 93.11 -28.99 -43.18
N ASN S 554 94.04 -28.06 -42.87
CA ASN S 554 94.87 -27.51 -43.89
C ASN S 554 95.71 -28.65 -44.45
N GLU T 204 35.33 -37.60 -55.50
CA GLU T 204 36.46 -36.74 -55.84
C GLU T 204 36.09 -35.27 -55.78
N VAL T 205 36.78 -34.47 -56.60
CA VAL T 205 36.54 -33.03 -56.67
C VAL T 205 35.17 -32.77 -57.29
N ARG T 206 34.53 -31.67 -56.88
CA ARG T 206 33.21 -31.34 -57.40
C ARG T 206 33.27 -31.15 -58.91
N ASN T 207 32.17 -31.35 -59.60
CA ASN T 207 32.30 -31.05 -61.01
C ASN T 207 32.64 -29.54 -61.09
N TYR T 208 31.71 -28.72 -61.56
CA TYR T 208 32.05 -27.30 -61.72
C TYR T 208 32.45 -26.48 -60.46
N ARG T 209 31.78 -26.69 -59.34
CA ARG T 209 32.00 -25.89 -58.12
C ARG T 209 33.37 -25.90 -57.39
N THR T 210 33.98 -27.06 -57.20
CA THR T 210 35.27 -27.11 -56.51
C THR T 210 36.38 -26.54 -57.37
N ARG T 211 36.37 -26.92 -58.64
CA ARG T 211 37.36 -26.44 -59.58
C ARG T 211 37.23 -24.95 -59.73
N HIS T 212 35.99 -24.45 -59.82
CA HIS T 212 35.82 -23.02 -59.98
C HIS T 212 36.39 -22.29 -58.77
N ILE T 213 36.12 -22.79 -57.57
CA ILE T 213 36.65 -22.11 -56.39
C ILE T 213 38.18 -22.10 -56.39
N VAL T 214 38.79 -23.23 -56.72
CA VAL T 214 40.25 -23.26 -56.70
C VAL T 214 40.82 -22.29 -57.72
N THR T 215 40.23 -22.28 -58.91
CA THR T 215 40.73 -21.39 -59.94
C THR T 215 40.56 -19.93 -59.55
N LEU T 216 39.43 -19.61 -58.92
CA LEU T 216 39.18 -18.25 -58.48
C LEU T 216 40.22 -17.84 -57.45
N THR T 217 40.55 -18.73 -56.52
CA THR T 217 41.55 -18.40 -55.51
C THR T 217 42.91 -18.14 -56.17
N ASP T 218 43.26 -18.97 -57.16
CA ASP T 218 44.52 -18.79 -57.85
C ASP T 218 44.57 -17.44 -58.56
N LEU T 219 43.45 -17.09 -59.19
CA LEU T 219 43.32 -15.83 -59.90
C LEU T 219 43.45 -14.65 -58.94
N LEU T 220 42.86 -14.79 -57.74
CA LEU T 220 42.94 -13.76 -56.72
C LEU T 220 44.38 -13.56 -56.31
N HIS T 221 45.13 -14.66 -56.16
CA HIS T 221 46.54 -14.55 -55.80
C HIS T 221 47.30 -13.81 -56.92
N LEU T 222 46.98 -14.13 -58.17
CA LEU T 222 47.63 -13.45 -59.29
C LEU T 222 47.31 -11.95 -59.27
N ASN T 223 46.06 -11.61 -58.95
CA ASN T 223 45.64 -10.22 -58.88
C ASN T 223 46.41 -9.50 -57.79
N VAL T 224 46.60 -10.13 -56.63
CA VAL T 224 47.37 -9.47 -55.57
C VAL T 224 48.82 -9.29 -56.01
N SER T 225 49.38 -10.26 -56.73
CA SER T 225 50.75 -10.12 -57.20
C SER T 225 50.85 -8.88 -58.11
N ARG T 226 49.89 -8.75 -59.01
CA ARG T 226 49.85 -7.61 -59.90
C ARG T 226 48.58 -6.90 -59.51
N HIS T 227 48.67 -5.59 -59.27
CA HIS T 227 47.47 -4.89 -58.86
C HIS T 227 46.46 -4.95 -59.99
N ASN T 228 45.27 -5.42 -59.67
CA ASN T 228 44.20 -5.53 -60.63
C ASN T 228 42.97 -4.99 -59.92
N TRP T 229 42.99 -3.68 -59.64
CA TRP T 229 41.87 -3.07 -58.95
C TRP T 229 40.55 -3.62 -59.46
N SER T 230 40.47 -3.82 -60.77
CA SER T 230 39.25 -4.33 -61.38
C SER T 230 39.13 -5.84 -61.14
N LEU T 231 40.24 -6.55 -61.31
CA LEU T 231 40.25 -7.99 -61.11
C LEU T 231 39.91 -8.35 -59.68
N ALA T 232 40.45 -7.58 -58.74
CA ALA T 232 40.20 -7.81 -57.33
C ALA T 232 38.74 -7.59 -57.02
N TYR T 233 38.16 -6.54 -57.61
CA TYR T 233 36.76 -6.23 -57.37
C TYR T 233 35.82 -7.32 -57.86
N LYS T 234 36.11 -7.90 -59.02
CA LYS T 234 35.25 -8.94 -59.56
C LYS T 234 35.68 -10.30 -59.01
N ILE T 235 36.99 -10.53 -58.95
CA ILE T 235 37.50 -11.77 -58.42
C ILE T 235 37.08 -11.92 -56.97
N PHE T 236 37.20 -10.85 -56.19
CA PHE T 236 36.79 -10.97 -54.78
C PHE T 236 35.29 -11.27 -54.64
N ALA T 237 34.50 -10.63 -55.48
CA ALA T 237 33.06 -10.84 -55.44
C ALA T 237 32.72 -12.29 -55.76
N THR T 238 33.40 -12.83 -56.76
CA THR T 238 33.19 -14.23 -57.16
C THR T 238 33.59 -15.17 -56.03
N LEU T 239 34.68 -14.82 -55.37
CA LEU T 239 35.25 -15.54 -54.23
C LEU T 239 34.34 -15.57 -53.00
N ILE T 240 33.45 -14.59 -52.84
CA ILE T 240 32.58 -14.61 -51.65
C ILE T 240 31.76 -15.91 -51.54
N ARG T 241 31.20 -16.37 -52.66
CA ARG T 241 30.45 -17.62 -52.77
C ARG T 241 30.77 -18.58 -51.63
N SER T 249 37.47 -18.21 -42.21
CA SER T 249 38.35 -17.09 -41.90
C SER T 249 39.05 -16.59 -43.16
N LEU T 250 39.95 -15.62 -42.98
CA LEU T 250 40.69 -15.04 -44.09
C LEU T 250 39.97 -13.81 -44.66
N TRP T 251 40.74 -12.89 -45.22
CA TRP T 251 40.19 -11.68 -45.79
C TRP T 251 41.25 -10.59 -45.83
N GLY T 252 42.50 -10.96 -45.52
CA GLY T 252 43.62 -10.03 -45.53
C GLY T 252 43.81 -9.46 -46.93
N ILE T 253 43.68 -10.32 -47.94
CA ILE T 253 43.79 -9.88 -49.32
C ILE T 253 42.65 -8.90 -49.62
N GLY T 254 41.45 -9.18 -49.12
CA GLY T 254 40.31 -8.30 -49.30
C GLY T 254 40.61 -6.97 -48.61
N VAL T 255 41.18 -7.03 -47.40
CA VAL T 255 41.56 -5.81 -46.72
C VAL T 255 42.66 -5.12 -47.53
N GLU T 256 43.61 -5.90 -48.03
CA GLU T 256 44.71 -5.37 -48.82
C GLU T 256 44.24 -4.72 -50.12
N ILE T 257 43.29 -5.34 -50.82
CA ILE T 257 42.83 -4.75 -52.07
C ILE T 257 42.17 -3.38 -51.87
N LEU T 258 41.38 -3.23 -50.82
CA LEU T 258 40.72 -1.96 -50.59
C LEU T 258 41.75 -0.86 -50.39
N ASP T 259 42.77 -1.13 -49.56
CA ASP T 259 43.81 -0.12 -49.38
C ASP T 259 44.68 0.10 -50.64
N ASN T 260 45.05 -1.00 -51.30
CA ASN T 260 45.87 -0.92 -52.50
C ASN T 260 45.18 -0.24 -53.67
N LEU T 261 43.92 -0.58 -53.88
CA LEU T 261 43.17 0.03 -54.97
C LEU T 261 41.90 0.64 -54.39
N SER T 262 41.83 1.96 -54.44
CA SER T 262 40.68 2.69 -53.91
C SER T 262 39.75 3.14 -55.04
N ASN T 263 38.51 3.47 -54.68
CA ASN T 263 37.53 3.92 -55.65
C ASN T 263 36.34 4.59 -54.97
N GLY T 267 39.46 5.76 -48.40
CA GLY T 267 38.28 5.14 -47.79
C GLY T 267 38.25 3.62 -47.78
N LEU T 268 39.33 2.99 -47.30
CA LEU T 268 39.40 1.53 -47.23
C LEU T 268 39.13 0.98 -45.82
N ASP T 269 38.80 1.87 -44.90
CA ASP T 269 38.55 1.50 -43.50
C ASP T 269 37.34 0.58 -43.26
N PHE T 270 36.24 0.60 -43.98
CA PHE T 270 35.12 -0.28 -43.49
C PHE T 270 35.18 -1.84 -43.35
N LEU T 271 35.73 -2.52 -44.34
CA LEU T 271 35.77 -3.99 -44.34
C LEU T 271 36.52 -4.57 -43.15
N GLN T 272 37.61 -3.92 -42.78
CA GLN T 272 38.40 -4.38 -41.65
C GLN T 272 37.56 -4.34 -40.38
N TRP T 273 36.78 -3.28 -40.21
CA TRP T 273 35.95 -3.18 -39.02
C TRP T 273 34.97 -4.35 -39.00
N MET T 274 34.34 -4.66 -40.13
CA MET T 274 33.39 -5.79 -40.09
C MET T 274 34.07 -7.13 -39.72
N CYS T 275 35.25 -7.34 -40.31
CA CYS T 275 35.99 -8.56 -40.05
C CYS T 275 36.35 -8.66 -38.57
N GLN T 276 36.78 -7.55 -38.00
CA GLN T 276 37.16 -7.49 -36.60
C GLN T 276 35.96 -7.80 -35.72
N ILE T 277 34.80 -7.29 -36.09
CA ILE T 277 33.59 -7.58 -35.32
C ILE T 277 33.20 -9.07 -35.29
N TYR T 278 33.35 -9.84 -36.37
CA TYR T 278 32.93 -11.28 -36.21
C TYR T 278 33.82 -12.26 -35.34
N SER T 279 33.24 -13.26 -34.63
CA SER T 279 34.05 -14.21 -33.85
C SER T 279 34.82 -13.72 -32.60
N SER T 280 34.24 -12.68 -31.99
CA SER T 280 34.74 -12.04 -30.77
C SER T 280 34.64 -12.86 -29.48
N LYS T 281 33.51 -13.55 -29.29
CA LYS T 281 33.20 -14.21 -28.02
C LYS T 281 34.23 -15.30 -27.81
N SER T 282 34.71 -15.52 -26.58
CA SER T 282 35.77 -16.53 -26.52
C SER T 282 36.83 -16.13 -25.49
N HIS T 304 49.71 -14.39 -30.79
CA HIS T 304 48.84 -14.47 -29.61
C HIS T 304 47.83 -13.32 -29.52
N THR T 305 46.72 -13.55 -28.85
CA THR T 305 45.66 -12.55 -28.89
C THR T 305 44.92 -12.78 -30.22
N ALA T 306 44.21 -11.78 -30.75
CA ALA T 306 43.49 -12.00 -32.00
C ALA T 306 44.09 -11.30 -33.22
N LYS T 307 44.33 -12.11 -34.25
CA LYS T 307 44.91 -11.70 -35.54
C LYS T 307 44.11 -10.70 -36.35
N PHE T 308 42.77 -10.80 -36.33
CA PHE T 308 41.92 -9.90 -37.09
C PHE T 308 42.24 -8.51 -36.58
N ALA T 309 42.06 -8.38 -35.26
CA ALA T 309 42.11 -7.12 -34.51
C ALA T 309 43.30 -6.19 -34.35
N ILE T 310 44.48 -6.74 -34.11
CA ILE T 310 45.59 -5.92 -33.67
C ILE T 310 45.96 -5.06 -34.86
N THR T 311 45.50 -5.52 -36.03
CA THR T 311 45.60 -4.78 -37.28
C THR T 311 44.66 -3.57 -37.34
N TYR T 312 43.41 -3.75 -36.89
CA TYR T 312 42.35 -2.76 -37.13
C TYR T 312 42.74 -1.48 -36.40
N LEU T 313 43.20 -1.67 -35.17
CA LEU T 313 43.76 -0.61 -34.35
C LEU T 313 44.86 0.21 -35.02
N TRP T 314 45.81 -0.45 -35.68
CA TRP T 314 46.89 0.29 -36.34
C TRP T 314 46.40 1.17 -37.46
N SER T 315 45.48 0.65 -38.26
CA SER T 315 44.91 1.40 -39.38
C SER T 315 44.31 2.71 -38.90
N SER T 316 43.62 2.64 -37.76
CA SER T 316 42.97 3.81 -37.18
C SER T 316 43.91 4.98 -36.93
N LEU T 317 44.99 4.75 -36.17
CA LEU T 317 45.91 5.83 -35.86
C LEU T 317 46.55 6.40 -37.12
N ILE T 318 46.95 5.51 -38.03
CA ILE T 318 47.57 5.93 -39.28
C ILE T 318 46.58 6.74 -40.11
N ASN T 319 45.33 6.31 -40.13
CA ASN T 319 44.28 7.00 -40.87
C ASN T 319 44.08 8.39 -40.31
N CYS T 320 44.09 8.50 -38.99
CA CYS T 320 43.94 9.78 -38.31
C CYS T 320 45.11 10.70 -38.66
N GLN T 321 46.31 10.13 -38.71
CA GLN T 321 47.52 10.88 -39.03
C GLN T 321 47.37 11.61 -40.36
N THR T 337 37.75 13.33 -38.25
CA THR T 337 36.67 12.79 -37.48
C THR T 337 37.11 12.94 -36.06
N GLU T 338 36.35 12.57 -35.04
CA GLU T 338 36.90 12.76 -33.67
C GLU T 338 37.74 11.59 -33.03
N ASN T 339 39.03 11.85 -32.72
CA ASN T 339 39.93 10.81 -32.14
C ASN T 339 39.61 10.28 -30.71
N ASP T 340 39.40 11.18 -29.76
CA ASP T 340 38.91 10.84 -28.46
C ASP T 340 38.08 9.59 -28.54
N LEU T 341 37.19 9.51 -29.56
CA LEU T 341 36.33 8.37 -29.64
C LEU T 341 37.15 7.14 -29.82
N LEU T 342 38.20 7.22 -30.66
CA LEU T 342 38.96 6.04 -30.91
C LEU T 342 39.64 5.61 -29.67
N GLN T 343 40.15 6.58 -28.89
CA GLN T 343 40.86 6.29 -27.69
C GLN T 343 39.92 5.57 -26.78
N GLU T 344 38.65 6.00 -26.75
CA GLU T 344 37.68 5.40 -25.89
C GLU T 344 37.48 3.97 -26.29
N LEU T 345 37.41 3.70 -27.62
CA LEU T 345 37.19 2.37 -28.09
C LEU T 345 38.33 1.50 -27.66
N ILE T 346 39.56 2.04 -27.75
CA ILE T 346 40.73 1.28 -27.47
C ILE T 346 40.65 0.83 -26.04
N ASP T 347 40.23 1.73 -25.13
CA ASP T 347 40.17 1.40 -23.73
C ASP T 347 39.18 0.29 -23.55
N LYS T 348 38.05 0.35 -24.27
CA LYS T 348 37.00 -0.62 -24.12
C LYS T 348 37.56 -1.98 -24.45
N ILE T 349 38.33 -2.07 -25.55
CA ILE T 349 38.84 -3.34 -25.97
C ILE T 349 39.74 -3.88 -24.91
N SER T 350 40.60 -3.01 -24.35
CA SER T 350 41.54 -3.46 -23.37
C SER T 350 40.79 -3.96 -22.17
N GLU T 351 39.66 -3.31 -21.83
CA GLU T 351 38.93 -3.73 -20.67
C GLU T 351 38.45 -5.11 -20.90
N TRP T 352 37.91 -5.38 -22.10
CA TRP T 352 37.35 -6.67 -22.32
C TRP T 352 38.46 -7.69 -22.26
N VAL T 353 39.58 -7.42 -22.95
CA VAL T 353 40.64 -8.39 -22.91
C VAL T 353 41.76 -7.85 -22.07
N LEU T 354 41.96 -8.45 -20.89
CA LEU T 354 43.10 -8.08 -20.09
C LEU T 354 44.02 -9.23 -20.30
N ALA T 362 53.10 -6.21 -28.52
CA ALA T 362 51.73 -6.68 -28.64
C ALA T 362 51.05 -6.73 -27.28
N GLU T 363 50.28 -5.68 -26.97
CA GLU T 363 49.57 -5.60 -25.71
C GLU T 363 48.42 -4.60 -25.78
N VAL T 364 48.25 -3.98 -26.95
CA VAL T 364 47.19 -3.01 -27.16
C VAL T 364 47.38 -1.79 -26.27
N TRP T 365 47.85 -2.01 -25.04
CA TRP T 365 48.11 -0.92 -24.11
C TRP T 365 49.17 -0.02 -24.70
N PHE T 366 50.18 -0.63 -25.31
CA PHE T 366 51.25 0.13 -25.93
C PHE T 366 50.70 0.98 -27.07
N ILE T 367 49.80 0.39 -27.85
CA ILE T 367 49.17 1.10 -28.96
C ILE T 367 48.34 2.25 -28.43
N TYR T 368 47.64 2.02 -27.33
CA TYR T 368 46.81 3.05 -26.73
C TYR T 368 47.69 4.21 -26.27
N ALA T 369 48.83 3.87 -25.66
CA ALA T 369 49.75 4.89 -25.17
C ALA T 369 50.28 5.74 -26.32
N SER T 370 50.59 5.08 -27.42
CA SER T 370 51.10 5.77 -28.60
C SER T 370 50.08 6.73 -29.17
N CYS T 371 48.81 6.34 -29.15
CA CYS T 371 47.75 7.18 -29.71
C CYS T 371 47.63 8.52 -28.99
N HIS T 372 47.71 8.53 -27.67
CA HIS T 372 47.61 9.77 -26.94
C HIS T 372 48.78 10.69 -27.31
N LEU T 373 49.95 10.10 -27.45
CA LEU T 373 51.15 10.85 -27.80
C LEU T 373 50.94 11.72 -29.03
N LEU T 374 50.21 11.20 -30.03
CA LEU T 374 49.96 11.96 -31.24
C LEU T 374 49.17 13.24 -30.94
N LYS T 375 48.18 13.11 -30.05
CA LYS T 375 47.36 14.26 -29.66
C LYS T 375 48.21 15.33 -28.96
N ALA T 376 49.16 14.87 -28.14
CA ALA T 376 50.03 15.76 -27.39
C ALA T 376 50.87 16.61 -28.33
N ASP T 377 51.37 16.02 -29.42
CA ASP T 377 52.19 16.75 -30.36
C ASP T 377 51.40 17.90 -30.98
N THR T 378 50.15 17.66 -31.32
CA THR T 378 49.29 18.68 -31.89
C THR T 378 49.07 19.79 -30.86
N LEU T 379 48.85 19.39 -29.62
CA LEU T 379 48.66 20.30 -28.51
C LEU T 379 49.91 21.15 -28.26
N SER T 380 51.07 20.53 -28.41
CA SER T 380 52.35 21.19 -28.17
C SER T 380 52.65 22.40 -29.06
N ARG T 381 52.33 22.31 -30.34
CA ARG T 381 52.62 23.43 -31.24
C ARG T 381 51.53 24.49 -31.16
N GLN T 382 50.29 24.06 -31.02
CA GLN T 382 49.20 25.01 -30.91
C GLN T 382 49.45 25.88 -29.68
N PHE T 383 49.86 25.24 -28.59
CA PHE T 383 50.17 25.95 -27.35
C PHE T 383 51.37 26.89 -27.47
N VAL T 384 52.38 26.47 -28.23
CA VAL T 384 53.58 27.28 -28.40
C VAL T 384 53.29 28.63 -29.02
N ASN T 385 52.38 28.65 -30.00
CA ASN T 385 52.01 29.88 -30.70
C ASN T 385 51.35 30.96 -29.84
N ASP T 386 51.70 32.21 -30.13
CA ASP T 386 51.16 33.39 -29.46
C ASP T 386 49.73 33.66 -29.90
N ASN T 387 49.46 33.52 -31.19
CA ASN T 387 48.12 33.73 -31.70
C ASN T 387 47.66 32.44 -32.37
N ASP T 398 49.17 34.51 -27.02
CA ASP T 398 49.89 34.80 -25.82
C ASP T 398 49.00 34.53 -24.65
N ILE T 399 49.08 33.32 -24.10
CA ILE T 399 48.29 32.91 -22.90
C ILE T 399 49.00 31.98 -21.88
N LYS T 400 49.04 32.38 -20.60
CA LYS T 400 49.70 31.62 -19.51
C LYS T 400 49.20 30.27 -18.88
N ILE T 401 47.92 30.00 -18.64
CA ILE T 401 47.68 28.68 -18.00
C ILE T 401 47.08 27.51 -18.82
N ASN T 402 45.75 27.52 -18.94
CA ASN T 402 44.91 26.57 -19.70
C ASN T 402 45.54 25.37 -20.43
N GLN T 403 45.91 25.63 -21.67
CA GLN T 403 46.47 24.62 -22.55
C GLN T 403 47.77 24.05 -22.01
N VAL T 404 48.62 24.89 -21.44
CA VAL T 404 49.87 24.37 -20.92
C VAL T 404 49.58 23.35 -19.81
N ILE T 405 48.67 23.70 -18.91
CA ILE T 405 48.38 22.72 -17.84
C ILE T 405 47.78 21.43 -18.41
N LYS T 406 46.90 21.57 -19.41
CA LYS T 406 46.29 20.40 -20.01
C LYS T 406 47.33 19.50 -20.64
N HIS T 407 48.29 20.11 -21.33
CA HIS T 407 49.35 19.38 -22.00
C HIS T 407 50.19 18.64 -20.98
N ILE T 408 50.48 19.30 -19.85
CA ILE T 408 51.28 18.64 -18.82
C ILE T 408 50.55 17.40 -18.29
N HIS T 409 49.24 17.55 -18.08
CA HIS T 409 48.47 16.41 -17.59
C HIS T 409 48.51 15.25 -18.59
N TYR T 410 48.38 15.59 -19.88
CA TYR T 410 48.40 14.57 -20.91
C TYR T 410 49.75 13.85 -20.92
N VAL T 411 50.83 14.61 -20.78
CA VAL T 411 52.15 14.02 -20.78
C VAL T 411 52.30 13.06 -19.61
N ARG T 412 51.83 13.44 -18.44
CA ARG T 412 51.94 12.54 -17.30
C ARG T 412 51.15 11.24 -17.53
N THR T 413 49.96 11.40 -18.10
CA THR T 413 49.13 10.23 -18.37
C THR T 413 49.84 9.29 -19.34
N PHE T 414 50.44 9.86 -20.38
CA PHE T 414 51.16 9.06 -21.37
C PHE T 414 52.34 8.33 -20.73
N LEU T 415 53.03 9.03 -19.85
CA LEU T 415 54.18 8.46 -19.16
C LEU T 415 53.78 7.26 -18.31
N LYS T 416 52.63 7.33 -17.66
CA LYS T 416 52.20 6.22 -16.80
C LYS T 416 51.97 4.86 -17.49
N ILE T 417 51.37 4.92 -18.68
CA ILE T 417 50.97 3.79 -19.50
C ILE T 417 52.22 3.09 -20.03
N CYS T 418 53.20 3.86 -20.50
CA CYS T 418 54.41 3.27 -21.04
C CYS T 418 55.17 2.49 -19.98
N LEU T 419 55.20 3.06 -18.79
CA LEU T 419 55.88 2.47 -17.66
C LEU T 419 55.27 1.14 -17.26
N ASP T 420 53.94 1.03 -17.27
CA ASP T 420 53.37 -0.25 -16.86
C ASP T 420 52.71 -1.04 -18.00
N ARG T 429 63.07 4.45 -24.01
CA ARG T 429 64.00 5.52 -23.85
C ARG T 429 63.81 6.52 -24.93
N LEU T 430 63.70 6.05 -26.19
CA LEU T 430 63.54 6.97 -27.28
C LEU T 430 62.25 7.68 -27.12
N ILE T 431 61.19 6.94 -26.76
CA ILE T 431 59.87 7.48 -26.65
C ILE T 431 59.85 8.54 -25.61
N GLU T 432 60.45 8.26 -24.43
CA GLU T 432 60.41 9.20 -23.35
C GLU T 432 61.12 10.46 -23.75
N ASN T 433 62.25 10.32 -24.48
CA ASN T 433 63.01 11.47 -24.86
C ASN T 433 62.17 12.35 -25.72
N GLN T 434 61.40 11.75 -26.65
CA GLN T 434 60.61 12.53 -27.56
C GLN T 434 59.59 13.32 -26.80
N LEU T 435 58.97 12.71 -25.77
CA LEU T 435 57.92 13.41 -25.09
C LEU T 435 58.48 14.64 -24.46
N LYS T 436 59.67 14.53 -23.86
CA LYS T 436 60.26 15.63 -23.15
C LYS T 436 60.49 16.78 -24.08
N SER T 437 61.00 16.49 -25.30
CA SER T 437 61.31 17.53 -26.22
C SER T 437 60.06 18.26 -26.53
N PHE T 438 58.97 17.50 -26.65
CA PHE T 438 57.72 18.04 -27.03
C PHE T 438 57.21 19.01 -26.00
N GLU T 439 57.34 18.66 -24.71
CA GLU T 439 56.82 19.52 -23.68
C GLU T 439 57.56 20.81 -23.68
N SER T 440 58.90 20.75 -23.88
CA SER T 440 59.69 21.94 -23.81
C SER T 440 59.26 22.90 -24.87
N ARG T 441 58.99 22.41 -26.09
CA ARG T 441 58.64 23.30 -27.16
C ARG T 441 57.37 24.01 -26.82
N LEU T 442 56.39 23.27 -26.27
CA LEU T 442 55.12 23.87 -25.97
C LEU T 442 55.35 25.05 -25.02
N ALA U 1 44.42 -50.47 -50.81
CA ALA U 1 45.06 -49.30 -51.44
C ALA U 1 45.64 -48.39 -50.37
N ALA U 2 44.82 -48.13 -49.37
CA ALA U 2 45.18 -47.27 -48.24
C ALA U 2 46.43 -47.82 -47.53
N ALA U 3 46.38 -49.11 -47.30
CA ALA U 3 47.48 -49.85 -46.65
C ALA U 3 48.78 -49.66 -47.43
N ALA U 4 48.65 -49.84 -48.73
CA ALA U 4 49.76 -49.72 -49.67
C ALA U 4 50.38 -48.32 -49.57
N ALA U 5 49.50 -47.35 -49.58
CA ALA U 5 49.87 -45.93 -49.48
C ALA U 5 50.68 -45.68 -48.20
N ALA U 6 50.16 -46.21 -47.13
CA ALA U 6 50.76 -46.10 -45.79
C ALA U 6 52.18 -46.67 -45.81
N ALA U 7 52.28 -47.85 -46.41
CA ALA U 7 53.55 -48.57 -46.54
C ALA U 7 54.57 -47.70 -47.28
N ALA U 8 54.10 -47.14 -48.38
CA ALA U 8 54.90 -46.27 -49.25
C ALA U 8 55.45 -45.09 -48.44
N ALA U 9 54.54 -44.50 -47.69
CA ALA U 9 54.85 -43.33 -46.84
C ALA U 9 55.96 -43.69 -45.84
N ALA U 10 55.78 -44.85 -45.23
CA ALA U 10 56.72 -45.39 -44.24
C ALA U 10 58.12 -45.53 -44.87
N ALA U 11 58.11 -46.10 -46.05
CA ALA U 11 59.33 -46.35 -46.83
C ALA U 11 60.06 -45.02 -47.07
N ALA U 12 59.27 -44.05 -47.50
CA ALA U 12 59.77 -42.70 -47.80
C ALA U 12 60.44 -42.10 -46.57
N ALA U 13 59.78 -42.22 -45.41
CA ALA U 13 60.31 -41.69 -44.17
C ALA U 13 61.67 -42.30 -43.85
N ALA V 1 69.15 -51.93 -32.92
CA ALA V 1 68.45 -53.22 -33.09
C ALA V 1 67.07 -53.16 -32.42
N ALA V 2 67.10 -52.65 -31.19
CA ALA V 2 65.89 -52.51 -30.36
C ALA V 2 64.87 -51.64 -31.07
N ALA V 3 65.36 -50.53 -31.59
CA ALA V 3 64.55 -49.56 -32.33
C ALA V 3 63.86 -50.23 -33.52
N ALA V 4 64.67 -50.98 -34.24
CA ALA V 4 64.23 -51.73 -35.43
C ALA V 4 63.09 -52.67 -35.06
N ALA V 5 63.32 -53.38 -33.97
CA ALA V 5 62.36 -54.37 -33.44
C ALA V 5 61.03 -53.68 -33.14
N ALA V 6 61.14 -52.54 -32.47
CA ALA V 6 59.99 -51.72 -32.08
C ALA V 6 59.19 -51.32 -33.32
N ALA V 7 59.92 -50.87 -34.32
CA ALA V 7 59.36 -50.43 -35.60
C ALA V 7 58.56 -51.58 -36.24
N ALA V 8 59.19 -52.73 -36.23
CA ALA V 8 58.60 -53.96 -36.79
C ALA V 8 57.28 -54.28 -36.09
N ALA V 9 57.33 -54.19 -34.77
CA ALA V 9 56.17 -54.45 -33.92
C ALA V 9 55.02 -53.52 -34.28
N ALA V 10 55.38 -52.26 -34.43
CA ALA V 10 54.43 -51.19 -34.78
C ALA V 10 53.75 -51.51 -36.10
N ALA V 11 54.59 -51.91 -37.06
CA ALA V 11 54.14 -52.27 -38.41
C ALA V 11 53.11 -53.41 -38.34
N ALA V 12 53.48 -54.40 -37.55
CA ALA V 12 52.64 -55.60 -37.34
C ALA V 12 51.28 -55.19 -36.80
N ALA V 13 51.32 -54.32 -35.80
CA ALA V 13 50.12 -53.80 -35.14
C ALA V 13 49.22 -53.12 -36.16
N ALA V 14 49.85 -52.29 -36.97
CA ALA V 14 49.16 -51.53 -38.03
C ALA V 14 48.44 -52.49 -38.98
N ALA V 15 49.18 -53.51 -39.37
CA ALA V 15 48.68 -54.55 -40.28
C ALA V 15 47.44 -55.22 -39.69
N ALA V 16 47.56 -55.56 -38.42
CA ALA V 16 46.48 -56.21 -37.66
C ALA V 16 45.22 -55.33 -37.68
N ALA V 17 45.45 -54.06 -37.41
CA ALA V 17 44.38 -53.05 -37.37
C ALA V 17 43.66 -53.00 -38.72
N ALA V 18 44.47 -52.97 -39.76
CA ALA V 18 43.99 -52.93 -41.14
C ALA V 18 43.08 -54.13 -41.43
N ALA V 19 43.58 -55.28 -41.01
CA ALA V 19 42.88 -56.56 -41.18
C ALA V 19 41.51 -56.51 -40.50
N ALA W 1 42.68 -40.93 -32.07
CA ALA W 1 44.12 -41.07 -32.27
C ALA W 1 44.77 -39.71 -32.50
N ALA W 2 44.17 -38.91 -33.38
CA ALA W 2 44.69 -37.58 -33.69
C ALA W 2 44.66 -36.68 -32.46
N ALA W 3 43.59 -36.77 -31.69
CA ALA W 3 43.44 -35.96 -30.49
C ALA W 3 44.52 -36.29 -29.46
N ALA W 4 44.82 -37.57 -29.33
CA ALA W 4 45.85 -38.01 -28.39
C ALA W 4 47.21 -37.46 -28.75
N ALA W 5 47.52 -37.44 -30.05
CA ALA W 5 48.80 -36.92 -30.52
C ALA W 5 48.95 -35.44 -30.18
N ALA W 6 47.87 -34.69 -30.34
CA ALA W 6 47.89 -33.25 -30.05
C ALA W 6 48.19 -32.99 -28.57
N ALA W 7 47.60 -33.81 -27.70
CA ALA W 7 47.81 -33.66 -26.27
C ALA W 7 49.27 -33.88 -25.89
N ALA W 8 49.89 -34.87 -26.53
CA ALA W 8 51.29 -35.19 -26.25
C ALA W 8 52.20 -34.02 -26.63
N ALA W 9 51.90 -33.38 -27.76
CA ALA W 9 52.70 -32.25 -28.22
C ALA W 9 52.53 -31.05 -27.31
N ALA X 1 36.36 -39.00 -52.87
CA ALA X 1 37.73 -38.49 -52.69
C ALA X 1 37.95 -38.06 -51.24
N ALA X 2 36.97 -37.30 -50.76
CA ALA X 2 36.97 -36.76 -49.39
C ALA X 2 37.06 -37.92 -48.38
N ALA X 3 36.23 -38.90 -48.63
CA ALA X 3 36.15 -40.11 -47.79
C ALA X 3 37.51 -40.80 -47.72
N ALA X 4 38.09 -40.94 -48.89
CA ALA X 4 39.41 -41.58 -49.06
C ALA X 4 40.46 -40.83 -48.22
N ALA X 5 40.41 -39.52 -48.35
CA ALA X 5 41.33 -38.62 -47.64
C ALA X 5 41.21 -38.83 -46.13
N ALA X 6 39.96 -38.87 -45.69
CA ALA X 6 39.62 -39.08 -44.28
C ALA X 6 40.22 -40.39 -43.76
N ALA X 7 40.02 -41.41 -44.57
CA ALA X 7 40.51 -42.77 -44.28
C ALA X 7 42.03 -42.75 -44.10
N ALA X 8 42.68 -42.07 -45.04
CA ALA X 8 44.14 -41.92 -45.06
C ALA X 8 44.62 -41.26 -43.75
N ALA X 9 43.91 -40.20 -43.41
CA ALA X 9 44.20 -39.42 -42.19
C ALA X 9 44.13 -40.33 -40.96
N ALA X 10 43.05 -41.09 -40.93
CA ALA X 10 42.78 -42.03 -39.83
C ALA X 10 43.94 -43.02 -39.68
N ALA X 11 44.34 -43.54 -40.83
CA ALA X 11 45.43 -44.52 -40.93
C ALA X 11 46.72 -43.92 -40.34
N ALA X 12 47.01 -42.70 -40.74
CA ALA X 12 48.20 -42.01 -40.25
C ALA X 12 48.18 -41.85 -38.74
N ALA X 13 47.01 -41.52 -38.20
CA ALA X 13 46.85 -41.34 -36.76
C ALA X 13 47.14 -42.65 -36.01
N ALA X 14 46.67 -43.75 -36.57
CA ALA X 14 46.87 -45.06 -35.95
C ALA X 14 48.36 -45.41 -35.87
N ALA X 15 49.09 -45.08 -36.94
CA ALA X 15 50.52 -45.36 -37.01
C ALA X 15 51.28 -44.58 -35.93
N ALA X 16 50.88 -43.34 -35.71
CA ALA X 16 51.52 -42.49 -34.71
C ALA X 16 51.34 -43.07 -33.31
N ALA X 17 50.15 -43.58 -33.03
CA ALA X 17 49.86 -44.16 -31.72
C ALA X 17 50.73 -45.37 -31.45
N ALA X 18 50.94 -46.20 -32.48
CA ALA X 18 51.77 -47.39 -32.35
C ALA X 18 53.21 -47.03 -32.01
N ALA X 19 53.72 -45.97 -32.64
CA ALA X 19 55.08 -45.52 -32.40
C ALA X 19 55.28 -45.08 -30.95
N ALA X 20 54.28 -44.39 -30.41
CA ALA X 20 54.34 -43.90 -29.04
C ALA X 20 54.42 -45.06 -28.05
N ALA X 21 53.65 -46.12 -28.32
CA ALA X 21 53.63 -47.29 -27.46
C ALA X 21 54.99 -47.97 -27.41
N ALA X 22 55.66 -48.04 -28.56
CA ALA X 22 56.97 -48.66 -28.67
C ALA X 22 58.00 -47.91 -27.82
N ALA X 23 57.92 -46.58 -27.86
CA ALA X 23 58.84 -45.74 -27.10
C ALA X 23 58.63 -45.90 -25.60
N ALA Y 1 40.12 -31.83 -61.98
CA ALA Y 1 41.05 -31.23 -62.95
C ALA Y 1 40.39 -31.18 -64.33
N ALA Y 2 39.81 -32.31 -64.69
CA ALA Y 2 39.11 -32.48 -65.97
C ALA Y 2 38.00 -31.44 -66.12
N ALA Y 3 37.23 -31.33 -65.04
CA ALA Y 3 36.11 -30.39 -64.96
C ALA Y 3 36.60 -28.96 -65.21
N ALA Y 4 37.68 -28.64 -64.52
CA ALA Y 4 38.32 -27.32 -64.61
C ALA Y 4 38.71 -27.02 -66.06
N ALA Y 5 39.33 -28.02 -66.66
CA ALA Y 5 39.80 -27.94 -68.05
C ALA Y 5 38.62 -27.63 -68.98
N ALA Y 6 37.55 -28.37 -68.75
CA ALA Y 6 36.31 -28.25 -69.53
C ALA Y 6 35.78 -26.82 -69.43
N ALA Y 7 35.75 -26.33 -68.20
CA ALA Y 7 35.29 -24.98 -67.89
C ALA Y 7 36.10 -23.95 -68.67
N ALA Y 8 37.40 -24.14 -68.63
CA ALA Y 8 38.37 -23.26 -69.30
C ALA Y 8 38.07 -23.22 -70.80
N ALA Y 9 37.87 -24.40 -71.35
CA ALA Y 9 37.56 -24.59 -72.77
C ALA Y 9 36.30 -23.80 -73.15
N ALA Y 10 35.30 -23.95 -72.30
CA ALA Y 10 34.00 -23.30 -72.47
C ALA Y 10 34.19 -21.78 -72.52
N ALA Y 11 34.97 -21.31 -71.57
CA ALA Y 11 35.28 -19.88 -71.42
C ALA Y 11 35.93 -19.36 -72.70
N ALA Y 12 36.89 -20.12 -73.18
CA ALA Y 12 37.64 -19.82 -74.40
C ALA Y 12 36.67 -19.67 -75.58
N ALA Y 13 35.79 -20.64 -75.67
CA ALA Y 13 34.77 -20.71 -76.73
C ALA Y 13 33.91 -19.45 -76.71
N ALA Y 14 33.50 -19.10 -75.51
CA ALA Y 14 32.65 -17.92 -75.26
C ALA Y 14 33.36 -16.66 -75.76
N ALA Y 15 34.63 -16.58 -75.39
CA ALA Y 15 35.49 -15.45 -75.76
C ALA Y 15 35.55 -15.32 -77.28
N ALA Y 16 35.77 -16.45 -77.91
CA ALA Y 16 35.87 -16.55 -79.37
C ALA Y 16 34.58 -16.03 -80.02
N ALA Z 1 26.44 -20.82 -82.96
CA ALA Z 1 25.39 -20.06 -83.64
C ALA Z 1 24.99 -20.77 -84.94
N ALA Z 2 26.02 -21.16 -85.68
CA ALA Z 2 25.86 -21.85 -86.96
C ALA Z 2 25.07 -23.14 -86.76
N ALA Z 3 25.48 -23.87 -85.74
CA ALA Z 3 24.86 -25.15 -85.37
C ALA Z 3 23.36 -24.94 -85.10
N ALA Z 4 23.11 -23.92 -84.32
CA ALA Z 4 21.74 -23.53 -83.92
C ALA Z 4 20.89 -23.26 -85.16
N ALA Z 5 21.48 -22.49 -86.06
CA ALA Z 5 20.84 -22.11 -87.33
C ALA Z 5 20.47 -23.37 -88.13
N ALA Z 6 21.42 -24.27 -88.20
CA ALA Z 6 21.28 -25.53 -88.92
C ALA Z 6 20.09 -26.32 -88.34
N ALA Z 7 20.08 -26.38 -87.02
CA ALA Z 7 19.03 -27.09 -86.26
C ALA Z 7 17.66 -26.52 -86.61
N ALA Z 8 17.60 -25.20 -86.61
CA ALA Z 8 16.38 -24.45 -86.92
C ALA Z 8 15.88 -24.81 -88.31
N ALA Z 9 16.82 -24.81 -89.23
CA ALA Z 9 16.55 -25.13 -90.65
C ALA Z 9 15.94 -26.53 -90.76
N ALA Z 10 16.57 -27.45 -90.05
CA ALA Z 10 16.15 -28.85 -90.02
C ALA Z 10 14.70 -28.95 -89.53
N ALA AA 1 55.36 -51.47 -94.99
CA ALA AA 1 55.31 -51.28 -96.45
C ALA AA 1 53.87 -51.38 -96.94
N ALA AA 2 53.22 -52.42 -96.47
CA ALA AA 2 51.82 -52.72 -96.81
C ALA AA 2 50.93 -51.54 -96.43
N ALA AA 3 51.15 -51.06 -95.22
CA ALA AA 3 50.40 -49.93 -94.65
C ALA AA 3 50.56 -48.69 -95.55
N ALA AA 4 51.81 -48.47 -95.92
CA ALA AA 4 52.18 -47.33 -96.78
C ALA AA 4 51.42 -47.41 -98.11
N ALA AA 5 51.44 -48.61 -98.67
CA ALA AA 5 50.77 -48.91 -99.94
C ALA AA 5 49.28 -48.57 -99.85
N ALA AA 6 48.70 -49.03 -98.75
CA ALA AA 6 47.28 -48.83 -98.46
C ALA AA 6 46.95 -47.33 -98.42
N ALA AA 7 47.80 -46.62 -97.72
CA ALA AA 7 47.69 -45.17 -97.56
C ALA AA 7 47.69 -44.48 -98.92
N ALA AA 8 48.65 -44.91 -99.73
CA ALA AA 8 48.83 -44.39 -101.09
C ALA AA 8 47.56 -44.59 -101.92
N ALA AA 9 47.04 -45.80 -101.80
CA ALA AA 9 45.81 -46.20 -102.51
C ALA AA 9 44.65 -45.29 -102.11
N ALA AA 10 44.54 -45.08 -100.82
CA ALA AA 10 43.51 -44.22 -100.22
C ALA AA 10 43.59 -42.82 -100.80
N ALA AA 11 44.82 -42.32 -100.83
CA ALA AA 11 45.12 -40.98 -101.34
C ALA AA 11 44.66 -40.85 -102.80
N ALA AA 12 45.00 -41.88 -103.56
CA ALA AA 12 44.66 -41.96 -104.99
C ALA AA 12 43.14 -41.89 -105.17
N ALA AA 13 42.47 -42.67 -104.34
CA ALA AA 13 40.99 -42.75 -104.34
C ALA AA 13 40.40 -41.36 -104.09
N ALA AA 14 40.95 -40.72 -103.08
CA ALA AA 14 40.53 -39.37 -102.67
C ALA AA 14 40.66 -38.39 -103.83
N ALA AA 15 41.81 -38.44 -104.51
CA ALA AA 15 42.06 -37.57 -105.65
C ALA AA 15 41.05 -37.81 -106.78
N ALA AA 16 40.74 -39.08 -107.02
CA ALA AA 16 39.80 -39.45 -108.07
C ALA AA 16 38.41 -38.89 -107.76
N ALA AA 17 38.00 -38.95 -106.50
CA ALA AA 17 36.71 -38.46 -106.08
C ALA AA 17 36.58 -36.96 -106.32
N ALA AA 18 37.66 -36.23 -106.03
CA ALA AA 18 37.68 -34.78 -106.21
C ALA AA 18 37.49 -34.41 -107.68
N ALA AA 19 38.14 -35.16 -108.55
CA ALA AA 19 38.05 -34.91 -109.99
C ALA AA 19 36.61 -35.08 -110.49
N ALA AA 20 35.93 -36.10 -109.99
CA ALA AA 20 34.56 -36.37 -110.39
C ALA AA 20 33.64 -35.22 -110.00
N ALA AA 21 33.85 -34.67 -108.81
CA ALA AA 21 33.04 -33.57 -108.31
C ALA AA 21 33.20 -32.33 -109.20
N ALA AA 22 34.42 -32.07 -109.64
CA ALA AA 22 34.70 -30.92 -110.49
C ALA AA 22 33.96 -31.03 -111.83
N ALA AA 23 33.93 -32.24 -112.38
CA ALA AA 23 33.26 -32.49 -113.65
C ALA AA 23 31.77 -32.20 -113.54
N ALA AA 24 31.17 -32.60 -112.43
CA ALA AA 24 29.74 -32.39 -112.20
C ALA AA 24 29.40 -30.91 -112.17
N ALA AA 25 30.26 -30.13 -111.52
CA ALA AA 25 30.06 -28.68 -111.41
C ALA AA 25 30.29 -27.99 -112.74
N ALA BA 1 44.70 -17.86 -92.01
CA ALA BA 1 43.57 -18.71 -92.38
C ALA BA 1 42.90 -19.29 -91.15
N ALA BA 2 43.70 -19.84 -90.24
CA ALA BA 2 43.19 -20.43 -89.01
C ALA BA 2 42.49 -19.39 -88.15
N ALA BA 3 43.08 -18.20 -88.07
CA ALA BA 3 42.52 -17.11 -87.28
C ALA BA 3 41.15 -16.70 -87.80
N ALA BA 4 41.01 -16.64 -89.13
CA ALA BA 4 39.75 -16.26 -89.76
C ALA BA 4 38.65 -17.25 -89.42
N ALA BA 5 38.98 -18.54 -89.42
CA ALA BA 5 38.02 -19.59 -89.11
C ALA BA 5 37.49 -19.45 -87.68
N ALA BA 6 38.39 -19.12 -86.76
CA ALA BA 6 38.01 -18.97 -85.35
C ALA BA 6 37.02 -17.82 -85.17
N ALA BA 7 37.25 -16.73 -85.90
CA ALA BA 7 36.37 -15.57 -85.82
C ALA BA 7 34.96 -15.91 -86.28
N ALA BA 8 34.87 -16.69 -87.35
CA ALA BA 8 33.58 -17.09 -87.90
C ALA BA 8 32.78 -17.92 -86.89
N ALA BA 9 33.47 -18.81 -86.19
CA ALA BA 9 32.83 -19.67 -85.20
C ALA BA 9 32.23 -18.83 -84.07
N ALA BA 10 32.96 -17.81 -83.64
CA ALA BA 10 32.51 -16.95 -82.56
C ALA BA 10 31.26 -16.17 -82.96
N ALA CA 1 38.64 -20.45 -96.78
CA ALA CA 1 37.75 -20.31 -97.94
C ALA CA 1 36.45 -21.06 -97.69
N ALA CA 2 36.61 -22.28 -97.22
CA ALA CA 2 35.48 -23.18 -96.91
C ALA CA 2 34.56 -22.52 -95.88
N ALA CA 3 35.18 -21.99 -94.85
CA ALA CA 3 34.48 -21.31 -93.76
C ALA CA 3 33.66 -20.14 -94.31
N ALA CA 4 34.31 -19.37 -95.15
CA ALA CA 4 33.69 -18.20 -95.80
C ALA CA 4 32.45 -18.62 -96.59
N ALA CA 5 32.62 -19.69 -97.35
CA ALA CA 5 31.56 -20.27 -98.18
C ALA CA 5 30.36 -20.65 -97.31
N ALA CA 6 30.68 -21.31 -96.21
CA ALA CA 6 29.68 -21.77 -95.24
C ALA CA 6 28.88 -20.58 -94.71
N ALA CA 7 29.62 -19.55 -94.35
CA ALA CA 7 29.06 -18.30 -93.81
C ALA CA 7 28.07 -17.70 -94.82
N ALA CA 8 28.53 -17.66 -96.05
CA ALA CA 8 27.74 -17.12 -97.17
C ALA CA 8 26.42 -17.88 -97.31
N ALA CA 9 26.55 -19.20 -97.26
CA ALA CA 9 25.41 -20.11 -97.36
C ALA CA 9 24.39 -19.82 -96.26
N ALA DA 1 22.72 -39.88 -93.61
CA ALA DA 1 22.95 -39.81 -95.07
C ALA DA 1 22.90 -38.36 -95.53
N ALA DA 2 21.88 -37.68 -95.07
CA ALA DA 2 21.64 -36.26 -95.39
C ALA DA 2 22.85 -35.43 -94.98
N ALA DA 3 23.30 -35.68 -93.76
CA ALA DA 3 24.45 -34.99 -93.17
C ALA DA 3 25.69 -35.19 -94.05
N ALA DA 4 25.88 -36.42 -94.43
CA ALA DA 4 27.01 -36.83 -95.28
C ALA DA 4 26.99 -36.05 -96.60
N ALA DA 5 25.80 -36.01 -97.17
CA ALA DA 5 25.55 -35.31 -98.44
C ALA DA 5 25.93 -33.84 -98.31
N ALA DA 6 25.47 -33.26 -97.21
CA ALA DA 6 25.73 -31.85 -96.89
C ALA DA 6 27.24 -31.58 -96.83
N ALA DA 7 27.90 -32.48 -96.13
CA ALA DA 7 29.36 -32.42 -95.94
C ALA DA 7 30.06 -32.43 -97.30
N ALA DA 8 27.09 -31.13 -102.11
CA ALA DA 8 27.12 -29.66 -102.20
C ALA DA 8 28.30 -29.11 -101.39
N ALA DA 9 28.41 -29.63 -100.19
CA ALA DA 9 29.48 -29.24 -99.24
C ALA DA 9 30.85 -29.51 -99.87
N ALA DA 10 30.97 -30.68 -100.44
CA ALA DA 10 32.19 -31.15 -101.10
C ALA DA 10 32.58 -30.17 -102.22
N ALA DA 11 31.57 -29.84 -103.01
CA ALA DA 11 31.72 -28.93 -104.15
C ALA DA 11 32.25 -27.57 -103.67
N ALA DA 12 31.63 -27.10 -102.60
CA ALA DA 12 31.98 -25.82 -101.98
C ALA DA 12 33.46 -25.83 -101.56
N ALA DA 13 33.83 -26.92 -100.91
CA ALA DA 13 35.20 -27.14 -100.42
C ALA DA 13 36.18 -27.06 -101.58
N ALA DA 14 35.83 -27.76 -102.65
CA ALA DA 14 36.64 -27.81 -103.87
C ALA DA 14 36.86 -26.40 -104.43
N ALA DA 15 35.76 -25.67 -104.48
CA ALA DA 15 35.75 -24.28 -104.97
C ALA DA 15 36.72 -23.43 -104.15
N ALA DA 16 36.61 -23.59 -102.84
CA ALA DA 16 37.44 -22.86 -101.88
C ALA DA 16 38.92 -23.14 -102.15
N ALA EA 1 16.08 -23.27 -107.36
CA ALA EA 1 15.25 -24.45 -107.61
C ALA EA 1 15.63 -25.57 -106.63
N ALA EA 2 16.92 -25.77 -106.51
CA ALA EA 2 17.50 -26.78 -105.63
C ALA EA 2 17.04 -26.54 -104.19
N ALA EA 3 17.16 -25.30 -103.79
CA ALA EA 3 16.78 -24.84 -102.44
C ALA EA 3 15.31 -25.18 -102.17
N ALA EA 4 14.49 -24.83 -103.16
CA ALA EA 4 13.04 -25.06 -103.12
C ALA EA 4 12.75 -26.55 -102.90
N ALA EA 5 13.45 -27.35 -103.69
CA ALA EA 5 13.32 -28.81 -103.65
C ALA EA 5 13.65 -29.33 -102.24
N ALA EA 6 14.73 -28.82 -101.72
CA ALA EA 6 15.22 -29.17 -100.37
C ALA EA 6 14.16 -28.87 -99.33
N ALA EA 7 13.60 -27.68 -99.46
CA ALA EA 7 12.54 -27.18 -98.57
C ALA EA 7 11.35 -28.14 -98.59
N ALA EA 8 10.97 -28.49 -99.80
CA ALA EA 8 9.84 -29.39 -100.05
C ALA EA 8 10.07 -30.74 -99.34
N ALA EA 9 11.28 -31.24 -99.52
CA ALA EA 9 11.72 -32.51 -98.93
C ALA EA 9 11.58 -32.46 -97.40
N ALA EA 10 12.07 -31.35 -96.86
CA ALA EA 10 12.03 -31.10 -95.41
C ALA EA 10 10.60 -31.14 -94.90
N ALA EA 11 9.74 -30.45 -95.64
CA ALA EA 11 8.31 -30.37 -95.34
C ALA EA 11 7.69 -31.76 -95.28
N ALA EA 12 8.03 -32.53 -96.30
CA ALA EA 12 7.55 -33.91 -96.46
C ALA EA 12 7.96 -34.74 -95.24
N ALA EA 13 9.21 -34.59 -94.88
CA ALA EA 13 9.80 -35.30 -93.73
C ALA EA 13 9.02 -34.97 -92.45
N ALA EA 14 8.78 -33.68 -92.29
CA ALA EA 14 8.03 -33.15 -91.13
C ALA EA 14 6.66 -33.79 -91.05
N ALA EA 15 6.00 -33.81 -92.20
CA ALA EA 15 4.66 -34.39 -92.35
C ALA EA 15 4.66 -35.86 -91.90
N ALA EA 16 5.65 -36.61 -92.38
CA ALA EA 16 5.78 -38.02 -92.03
C ALA EA 16 5.95 -38.21 -90.53
N ALA EA 17 6.74 -37.33 -89.92
CA ALA EA 17 7.00 -37.40 -88.49
C ALA EA 17 5.72 -37.20 -87.69
N ALA EA 18 4.89 -36.27 -88.14
CA ALA EA 18 3.63 -35.97 -87.47
C ALA EA 18 2.70 -37.18 -87.49
N ALA EA 19 2.67 -37.87 -88.62
CA ALA EA 19 1.82 -39.04 -88.78
C ALA EA 19 2.23 -40.15 -87.81
N ALA EA 20 3.53 -40.33 -87.63
CA ALA EA 20 4.05 -41.36 -86.73
C ALA EA 20 3.62 -41.08 -85.29
N ALA EA 21 3.66 -39.81 -84.90
CA ALA EA 21 3.29 -39.42 -83.54
C ALA EA 21 1.82 -39.74 -83.27
N ALA EA 22 0.97 -39.51 -84.25
CA ALA EA 22 -0.46 -39.77 -84.13
C ALA EA 22 -0.75 -41.26 -84.20
N ALA FA 1 1.38 -52.89 -63.81
CA ALA FA 1 1.56 -51.44 -63.73
C ALA FA 1 2.37 -50.92 -64.91
N ALA FA 2 3.48 -51.60 -65.21
CA ALA FA 2 4.34 -51.20 -66.31
C ALA FA 2 3.57 -51.19 -67.64
N ALA FA 3 2.81 -52.25 -67.88
CA ALA FA 3 2.02 -52.36 -69.11
C ALA FA 3 1.05 -51.18 -69.25
N ALA FA 4 0.34 -50.88 -68.16
CA ALA FA 4 -0.62 -49.77 -68.16
C ALA FA 4 0.08 -48.46 -68.53
N ALA FA 5 1.21 -48.25 -67.90
CA ALA FA 5 2.04 -47.07 -68.10
C ALA FA 5 2.45 -46.96 -69.57
N ALA FA 6 2.90 -48.08 -70.08
CA ALA FA 6 3.34 -48.21 -71.49
C ALA FA 6 2.20 -47.80 -72.43
N ALA FA 7 1.04 -48.35 -72.13
CA ALA FA 7 -0.18 -48.10 -72.91
C ALA FA 7 -0.49 -46.60 -72.94
N ALA FA 8 -0.41 -46.01 -71.76
CA ALA FA 8 -0.65 -44.58 -71.56
C ALA FA 8 0.29 -43.76 -72.44
N ALA FA 9 1.55 -44.14 -72.38
CA ALA FA 9 2.63 -43.49 -73.14
C ALA FA 9 2.31 -43.53 -74.63
N ALA FA 10 1.92 -44.71 -75.07
CA ALA FA 10 1.56 -44.97 -76.47
C ALA FA 10 0.43 -44.04 -76.90
N ALA FA 11 -0.57 -43.97 -76.05
CA ALA FA 11 -1.76 -43.13 -76.27
C ALA FA 11 -1.34 -41.67 -76.45
N ALA FA 12 -0.48 -41.24 -75.55
CA ALA FA 12 0.06 -39.87 -75.54
C ALA FA 12 0.75 -39.57 -76.87
N ALA FA 13 1.58 -40.52 -77.27
CA ALA FA 13 2.34 -40.43 -78.53
C ALA FA 13 1.39 -40.26 -79.71
N ALA FA 14 0.37 -41.08 -79.71
CA ALA FA 14 -0.67 -41.08 -80.75
C ALA FA 14 -1.33 -39.70 -80.84
N ALA FA 15 -1.67 -39.19 -79.67
CA ALA FA 15 -2.32 -37.88 -79.52
C ALA FA 15 -1.43 -36.79 -80.14
N ALA GA 1 4.31 -29.55 -68.85
CA ALA GA 1 5.01 -30.03 -67.66
C ALA GA 1 4.01 -30.67 -66.68
N ALA GA 2 2.92 -29.93 -66.48
CA ALA GA 2 1.83 -30.35 -65.59
C ALA GA 2 1.28 -31.70 -66.04
N ALA GA 3 1.04 -31.79 -67.34
CA ALA GA 3 0.51 -33.00 -67.97
C ALA GA 3 1.44 -34.18 -67.71
N ALA GA 4 2.71 -33.93 -67.91
CA ALA GA 4 3.77 -34.92 -67.71
C ALA GA 4 3.73 -35.45 -66.27
N ALA GA 5 3.64 -34.49 -65.36
CA ALA GA 5 3.60 -34.78 -63.92
C ALA GA 5 2.41 -35.70 -63.60
N ALA GA 6 1.28 -35.32 -64.17
CA ALA GA 6 0.02 -36.07 -63.99
C ALA GA 6 0.20 -37.52 -64.46
N ALA GA 7 0.80 -37.64 -65.63
CA ALA GA 7 1.07 -38.93 -66.26
C ALA GA 7 1.92 -39.80 -65.33
N ALA GA 8 2.95 -39.17 -64.81
CA ALA GA 8 3.91 -39.81 -63.89
C ALA GA 8 3.17 -40.35 -62.67
N ALA GA 9 2.31 -39.50 -62.13
CA ALA GA 9 1.50 -39.81 -60.95
C ALA GA 9 0.64 -41.04 -61.22
N ALA GA 10 0.01 -41.01 -62.38
CA ALA GA 10 -0.87 -42.10 -62.85
C ALA GA 10 -0.10 -43.42 -62.89
N ALA GA 11 1.08 -43.33 -63.48
CA ALA GA 11 1.99 -44.47 -63.62
C ALA GA 11 2.32 -45.07 -62.25
N ALA GA 12 2.65 -44.17 -61.35
CA ALA GA 12 3.00 -44.53 -59.96
C ALA GA 12 1.85 -45.29 -59.31
N ALA HA 1 -2.43 -51.21 -86.52
CA ALA HA 1 -1.07 -50.68 -86.45
C ALA HA 1 -0.30 -50.99 -87.72
N ALA HA 2 -0.38 -52.23 -88.17
CA ALA HA 2 0.32 -52.66 -89.38
C ALA HA 2 -0.11 -51.83 -90.59
N ALA HA 3 -1.41 -51.65 -90.74
CA ALA HA 3 -1.95 -50.87 -91.85
C ALA HA 3 -1.40 -49.45 -91.85
N ALA HA 4 -1.41 -48.82 -90.68
CA ALA HA 4 -0.92 -47.45 -90.55
C ALA HA 4 0.54 -47.35 -90.98
N ALA HA 5 1.37 -48.29 -90.52
CA ALA HA 5 2.79 -48.31 -90.87
C ALA HA 5 2.96 -48.38 -92.38
N ALA HA 6 2.20 -49.30 -92.96
CA ALA HA 6 2.20 -49.55 -94.41
C ALA HA 6 1.84 -48.26 -95.16
N ALA HA 7 0.79 -47.64 -94.67
CA ALA HA 7 0.27 -46.37 -95.24
C ALA HA 7 1.37 -45.31 -95.24
N ALA HA 8 2.01 -45.21 -94.08
CA ALA HA 8 3.11 -44.25 -93.86
C ALA HA 8 4.22 -44.47 -94.88
N ALA HA 9 4.57 -45.74 -95.02
CA ALA HA 9 5.62 -46.18 -95.96
C ALA HA 9 5.28 -45.73 -97.38
N ALA HA 10 4.03 -45.99 -97.74
CA ALA HA 10 3.49 -45.65 -99.05
C ALA HA 10 3.63 -44.15 -99.31
N ALA HA 11 3.24 -43.40 -98.30
CA ALA HA 11 3.28 -41.93 -98.33
C ALA HA 11 4.72 -41.45 -98.59
N ALA HA 12 5.62 -42.06 -97.85
CA ALA HA 12 7.07 -41.76 -97.93
C ALA HA 12 7.57 -41.99 -99.36
N ALA HA 13 7.17 -43.14 -99.89
CA ALA HA 13 7.53 -43.56 -101.25
C ALA HA 13 7.06 -42.52 -102.27
N ALA HA 14 5.82 -42.12 -102.09
CA ALA HA 14 5.17 -41.12 -102.95
C ALA HA 14 5.97 -39.81 -102.94
N ALA HA 15 6.31 -39.41 -101.73
CA ALA HA 15 7.10 -38.18 -101.49
C ALA HA 15 8.42 -38.25 -102.25
N ALA HA 16 9.07 -39.39 -102.11
CA ALA HA 16 10.36 -39.66 -102.75
C ALA HA 16 10.23 -39.50 -104.27
N ALA HA 17 9.18 -40.11 -104.78
CA ALA HA 17 8.87 -40.10 -106.22
C ALA HA 17 8.72 -38.65 -106.70
N ALA HA 18 7.97 -37.90 -105.93
CA ALA HA 18 7.69 -36.49 -106.21
C ALA HA 18 9.00 -35.70 -106.29
N ALA HA 19 9.84 -35.96 -105.30
CA ALA HA 19 11.16 -35.32 -105.19
C ALA HA 19 11.99 -35.59 -106.44
N ALA HA 20 12.01 -36.86 -106.87
CA ALA HA 20 12.76 -37.27 -108.05
C ALA HA 20 12.26 -36.55 -109.29
N ALA HA 21 10.95 -36.40 -109.40
CA ALA HA 21 10.33 -35.73 -110.55
C ALA HA 21 10.77 -34.27 -110.61
N ALA HA 22 10.83 -33.62 -109.46
CA ALA HA 22 11.23 -32.22 -109.39
C ALA HA 22 12.67 -32.03 -109.88
N ALA HA 23 13.54 -32.96 -109.49
CA ALA HA 23 14.94 -32.90 -109.89
C ALA HA 23 15.09 -33.00 -111.40
N ALA HA 24 14.30 -33.88 -112.01
CA ALA HA 24 14.34 -34.08 -113.46
C ALA HA 24 13.95 -32.80 -114.20
N ALA HA 25 12.94 -32.12 -113.69
CA ALA HA 25 12.46 -30.88 -114.31
C ALA HA 25 13.54 -29.80 -114.29
N ALA HA 26 14.27 -29.72 -113.17
CA ALA HA 26 15.34 -28.73 -113.03
C ALA HA 26 16.44 -28.97 -114.06
N ALA HA 27 16.78 -30.23 -114.27
CA ALA HA 27 17.82 -30.59 -115.23
C ALA HA 27 17.36 -30.36 -116.67
#